data_8IQI
#
_entry.id   8IQI
#
loop_
_entity.id
_entity.type
_entity.pdbx_description
1 polymer 'Putative primase C962R'
2 polymer 'DNA (32-MER)'
3 non-polymer 'PHOSPHOAMINOPHOSPHONIC ACID-ADENYLATE ESTER'
4 non-polymer 'MAGNESIUM ION'
#
loop_
_entity_poly.entity_id
_entity_poly.type
_entity_poly.pdbx_seq_one_letter_code
_entity_poly.pdbx_strand_id
1 'polypeptide(L)'
;GSMREESWEEHDTIQLTAQRKYLAEVQALETLLARELSVFLTEPGSKKTNIINRITGKTYALPSTELLRFYEHLEQCRKQ
GALMYFLERQGTYSGLMLDYDLKLNTNAAPSLESSVLSRLCHRIFVHIKNSSVLPEGSHKIHFFFTLKPEAVQGKYGFHV
LIPGLKMAASTKKSIIASLQHDATVQKILHEQGVANPESCLDPHSASVPSLLYGSSKLNHRPYQLKTGFELVFDSSDPDY
IPIHQIKNIESYNLVSELSLTNEQGSLVRPVYCAADIAAEKEEEIPADDHSLSILMLHDPEARYLHKILNLLPPEYYVEY
PLWSNVVFALANTSANYRPLAEWFSQKCPEKWNTGGKEKLEKLWNDASRHTEKKITKRSIMYWAHKHAPQQYKEIVEQGY
FSILAEYVYSYNGTLEHYMIAKVIYAMMGNKFVVDVDSNGKYVWFEFVLPGQPMNQGEIWKWRKEVNPDELHIYISENFS
RVMDRITEHIKYHLSQPHETNILNYYKKLLKAFERSKSKIFNDSFKKGVIRQAEFLFRQRSFIQTLDTNPYLLGVGNGVL
SIETIPAKLINHFHEHPIHQYTHICYEPFNPENPWTKLLLNALQDIIPELDARLWIMFYLSTAIFRGLKEALMLLWLGGG
CNGKTFLMRLVAMVLGDHYASKLNISLLTSYRETAEKPNSAFMRLKGRGYGYFEETNKSEILNTSRLKEMVNPGDVTARE
LNQKQESFQMTATMVAASNYNFIIDTTDHGTWRRLRHYRSKVKFCHNPDPNNSYEKKEDPRFIHEYIMDPNCQNAFFSIL
VYFWEKLQKEYNGQIKKVFCPTIESETEAYRKSQDTLHRFITERVVESPSAETVYNLSEVVTAYAEWYNANINVKRHIAL
ELSQELENSVLEKYLQWSPNKTRILKGCRILHKFETLQPGESYIGVSSTGTLLNTPICEPKNKWWEWSPNPSAPPEKEAS
APTP
;
A,B,C,D,E,F
2 'polydeoxyribonucleotide'
;(DT)(DT)(DT)(DT)(DT)(DT)(DT)(DT)(DT)(DT)(DT)(DT)(DT)(DT)(DT)(DT)(DT)(DT)(DT)(DT)
(DT)(DT)(DT)(DT)(DT)(DT)(DT)(DT)(DT)(DT)(DT)(DT)
;
G
#
# COMPACT_ATOMS: atom_id res chain seq x y z
N HIS A 11 8.92 36.09 -33.81
CA HIS A 11 9.81 34.96 -34.10
C HIS A 11 11.20 35.20 -33.52
N ASP A 12 11.50 36.46 -33.18
CA ASP A 12 12.82 36.82 -32.70
C ASP A 12 13.17 36.16 -31.37
N THR A 13 12.18 35.66 -30.64
CA THR A 13 12.45 35.02 -29.36
C THR A 13 13.32 33.78 -29.52
N ILE A 14 13.04 32.97 -30.54
CA ILE A 14 13.80 31.75 -30.77
C ILE A 14 15.25 32.09 -31.08
N GLN A 15 15.43 33.10 -31.94
CA GLN A 15 16.77 33.54 -32.36
C GLN A 15 17.51 34.09 -31.15
N LEU A 16 16.84 34.85 -30.29
CA LEU A 16 17.46 35.42 -29.10
C LEU A 16 17.92 34.34 -28.13
N THR A 17 17.04 33.36 -27.86
CA THR A 17 17.41 32.28 -26.96
C THR A 17 18.57 31.47 -27.52
N ALA A 18 18.52 31.15 -28.82
CA ALA A 18 19.60 30.37 -29.43
C ALA A 18 20.93 31.10 -29.33
N GLN A 19 20.94 32.40 -29.64
CA GLN A 19 22.18 33.16 -29.59
C GLN A 19 22.69 33.29 -28.17
N ARG A 20 21.80 33.50 -27.20
CA ARG A 20 22.23 33.53 -25.81
C ARG A 20 22.75 32.19 -25.35
N LYS A 21 22.38 31.10 -26.03
CA LYS A 21 22.90 29.77 -25.68
C LYS A 21 24.24 29.47 -26.32
N TYR A 22 24.31 29.49 -27.66
CA TYR A 22 25.52 29.02 -28.34
C TYR A 22 26.56 30.11 -28.61
N LEU A 23 26.26 31.38 -28.30
CA LEU A 23 27.23 32.46 -28.44
C LEU A 23 27.67 32.89 -27.04
N ALA A 24 28.93 32.60 -26.70
CA ALA A 24 29.44 32.99 -25.39
C ALA A 24 29.60 34.50 -25.27
N GLU A 25 29.86 35.19 -26.38
CA GLU A 25 30.03 36.64 -26.31
C GLU A 25 28.72 37.35 -25.97
N VAL A 26 27.60 36.85 -26.49
CA VAL A 26 26.30 37.42 -26.11
C VAL A 26 26.05 37.22 -24.63
N GLN A 27 26.40 36.05 -24.10
CA GLN A 27 26.25 35.80 -22.67
C GLN A 27 27.13 36.74 -21.86
N ALA A 28 28.36 36.99 -22.32
CA ALA A 28 29.24 37.92 -21.63
C ALA A 28 28.67 39.34 -21.66
N LEU A 29 28.11 39.76 -22.80
CA LEU A 29 27.50 41.07 -22.88
C LEU A 29 26.32 41.20 -21.93
N GLU A 30 25.48 40.16 -21.86
CA GLU A 30 24.34 40.20 -20.93
C GLU A 30 24.82 40.22 -19.49
N THR A 31 25.87 39.46 -19.18
CA THR A 31 26.42 39.48 -17.83
C THR A 31 26.94 40.87 -17.47
N LEU A 32 27.63 41.52 -18.40
CA LEU A 32 28.08 42.89 -18.18
C LEU A 32 26.88 43.81 -17.91
N LEU A 33 25.87 43.73 -18.78
CA LEU A 33 24.72 44.62 -18.68
C LEU A 33 23.95 44.41 -17.37
N ALA A 34 23.97 43.20 -16.82
CA ALA A 34 23.22 42.91 -15.61
C ALA A 34 24.04 42.97 -14.34
N ARG A 35 25.37 43.00 -14.44
CA ARG A 35 26.22 43.01 -13.25
C ARG A 35 27.10 44.23 -13.12
N GLU A 36 27.80 44.63 -14.18
CA GLU A 36 28.75 45.73 -14.13
C GLU A 36 28.13 47.06 -14.55
N LEU A 37 27.37 47.08 -15.64
CA LEU A 37 26.63 48.27 -16.03
C LEU A 37 25.39 48.48 -15.18
N SER A 38 25.10 47.56 -14.26
CA SER A 38 23.94 47.69 -13.39
C SER A 38 24.05 48.90 -12.46
N VAL A 39 25.25 49.45 -12.28
CA VAL A 39 25.43 50.63 -11.46
C VAL A 39 24.89 51.90 -12.10
N PHE A 40 24.47 51.83 -13.38
CA PHE A 40 24.01 53.00 -14.11
C PHE A 40 22.58 52.85 -14.60
N LEU A 41 21.74 52.15 -13.83
CA LEU A 41 20.33 52.04 -14.17
C LEU A 41 19.62 53.38 -13.99
N THR A 42 18.70 53.66 -14.89
CA THR A 42 17.84 54.84 -14.81
C THR A 42 16.41 54.43 -15.12
N GLU A 43 15.47 54.98 -14.35
CA GLU A 43 14.07 54.69 -14.57
C GLU A 43 13.61 55.33 -15.89
N PRO A 44 12.59 54.76 -16.54
CA PRO A 44 12.10 55.34 -17.78
C PRO A 44 11.62 56.77 -17.58
N GLY A 45 11.88 57.61 -18.57
CA GLY A 45 11.52 59.01 -18.52
C GLY A 45 12.55 59.92 -17.87
N SER A 46 13.62 59.36 -17.31
CA SER A 46 14.65 60.18 -16.70
C SER A 46 15.45 60.94 -17.75
N LYS A 47 15.89 62.15 -17.38
CA LYS A 47 16.66 62.97 -18.31
C LYS A 47 18.05 62.40 -18.53
N LYS A 48 18.58 61.64 -17.57
CA LYS A 48 19.93 61.11 -17.68
C LYS A 48 20.05 60.00 -18.72
N THR A 49 18.92 59.40 -19.14
CA THR A 49 18.95 58.27 -20.05
C THR A 49 19.60 58.64 -21.37
N ASN A 50 20.54 57.81 -21.82
CA ASN A 50 21.18 58.00 -23.12
C ASN A 50 21.21 56.76 -23.98
N ILE A 51 21.09 55.56 -23.41
CA ILE A 51 21.06 54.31 -24.16
C ILE A 51 19.93 53.44 -23.61
N ILE A 52 19.15 52.85 -24.50
CA ILE A 52 17.97 52.08 -24.14
C ILE A 52 18.03 50.73 -24.83
N ASN A 53 17.81 49.66 -24.07
CA ASN A 53 17.65 48.31 -24.61
C ASN A 53 16.16 47.97 -24.55
N ARG A 54 15.47 48.16 -25.67
CA ARG A 54 14.03 47.96 -25.71
C ARG A 54 13.64 46.49 -25.83
N ILE A 55 14.60 45.59 -26.05
CA ILE A 55 14.28 44.16 -26.01
C ILE A 55 13.81 43.77 -24.63
N THR A 56 14.51 44.24 -23.60
CA THR A 56 14.09 44.08 -22.22
C THR A 56 13.37 45.30 -21.66
N GLY A 57 13.39 46.42 -22.38
CA GLY A 57 12.70 47.62 -21.97
C GLY A 57 13.45 48.48 -20.98
N LYS A 58 14.65 48.10 -20.57
CA LYS A 58 15.40 48.85 -19.58
C LYS A 58 16.06 50.08 -20.20
N THR A 59 16.20 51.13 -19.39
CA THR A 59 16.87 52.35 -19.79
C THR A 59 18.14 52.54 -18.97
N TYR A 60 19.16 53.09 -19.61
CA TYR A 60 20.48 53.18 -19.00
C TYR A 60 21.06 54.57 -19.23
N ALA A 61 22.14 54.86 -18.49
CA ALA A 61 22.88 56.12 -18.61
C ALA A 61 24.36 55.82 -18.37
N LEU A 62 25.11 55.62 -19.45
CA LEU A 62 26.49 55.18 -19.27
C LEU A 62 27.45 56.31 -19.59
N PRO A 63 28.50 56.51 -18.78
CA PRO A 63 29.48 57.55 -19.10
C PRO A 63 30.41 57.14 -20.24
N SER A 64 31.40 57.99 -20.55
CA SER A 64 32.20 57.80 -21.76
C SER A 64 32.98 56.49 -21.72
N THR A 65 33.63 56.20 -20.59
CA THR A 65 34.42 54.97 -20.50
C THR A 65 33.53 53.74 -20.54
N GLU A 66 32.43 53.75 -19.78
CA GLU A 66 31.48 52.66 -19.82
C GLU A 66 30.80 52.56 -21.17
N LEU A 67 30.56 53.71 -21.83
CA LEU A 67 30.03 53.68 -23.19
C LEU A 67 30.99 52.99 -24.14
N LEU A 68 32.30 53.26 -23.99
CA LEU A 68 33.29 52.58 -24.82
C LEU A 68 33.30 51.08 -24.55
N ARG A 69 33.21 50.69 -23.28
CA ARG A 69 33.14 49.27 -22.94
C ARG A 69 31.91 48.61 -23.58
N PHE A 70 30.75 49.28 -23.48
CA PHE A 70 29.52 48.74 -24.04
C PHE A 70 29.63 48.61 -25.56
N TYR A 71 30.19 49.63 -26.22
CA TYR A 71 30.38 49.57 -27.66
C TYR A 71 31.32 48.43 -28.03
N GLU A 72 32.39 48.23 -27.25
CA GLU A 72 33.31 47.13 -27.50
C GLU A 72 32.59 45.79 -27.43
N HIS A 73 31.76 45.59 -26.40
CA HIS A 73 31.11 44.30 -26.25
C HIS A 73 30.04 44.05 -27.32
N LEU A 74 29.27 45.09 -27.71
CA LEU A 74 28.39 44.90 -28.86
C LEU A 74 29.16 44.62 -30.15
N GLU A 75 30.30 45.30 -30.35
CA GLU A 75 31.10 45.02 -31.54
C GLU A 75 31.60 43.59 -31.56
N GLN A 76 32.02 43.08 -30.40
CA GLN A 76 32.37 41.66 -30.30
C GLN A 76 31.16 40.78 -30.60
N CYS A 77 29.98 41.14 -30.07
CA CYS A 77 28.76 40.44 -30.44
C CYS A 77 28.42 40.65 -31.91
N ARG A 78 28.60 41.88 -32.41
CA ARG A 78 28.39 42.14 -33.83
C ARG A 78 29.39 41.37 -34.69
N LYS A 79 30.60 41.15 -34.17
CA LYS A 79 31.60 40.40 -34.92
C LYS A 79 31.16 38.97 -35.19
N GLN A 80 30.37 38.39 -34.28
CA GLN A 80 29.87 37.03 -34.43
C GLN A 80 28.51 36.95 -35.11
N GLY A 81 27.97 38.07 -35.57
CA GLY A 81 26.70 38.06 -36.25
C GLY A 81 25.48 37.96 -35.37
N ALA A 82 25.57 38.43 -34.13
CA ALA A 82 24.44 38.36 -33.20
C ALA A 82 23.39 39.40 -33.56
N LEU A 83 22.18 39.18 -33.06
CA LEU A 83 21.06 40.09 -33.25
C LEU A 83 20.73 40.78 -31.94
N MET A 84 20.56 42.09 -31.99
CA MET A 84 20.23 42.88 -30.81
C MET A 84 19.51 44.14 -31.24
N TYR A 85 19.06 44.93 -30.26
CA TYR A 85 18.31 46.17 -30.51
C TYR A 85 18.65 47.15 -29.40
N PHE A 86 19.61 48.04 -29.68
CA PHE A 86 20.02 49.09 -28.75
C PHE A 86 19.86 50.45 -29.43
N LEU A 87 19.22 51.37 -28.73
CA LEU A 87 18.99 52.72 -29.22
C LEU A 87 19.64 53.73 -28.29
N GLU A 88 20.44 54.62 -28.85
CA GLU A 88 21.00 55.73 -28.10
C GLU A 88 20.01 56.88 -28.08
N ARG A 89 19.81 57.46 -26.89
CA ARG A 89 18.83 58.52 -26.71
C ARG A 89 19.45 59.85 -27.15
N GLN A 90 18.98 60.38 -28.28
CA GLN A 90 19.45 61.67 -28.76
C GLN A 90 18.78 62.78 -27.97
N GLY A 91 19.56 63.52 -27.19
CA GLY A 91 19.05 64.60 -26.37
C GLY A 91 18.83 65.87 -27.16
N THR A 92 18.95 67.00 -26.46
CA THR A 92 18.80 68.29 -27.12
C THR A 92 19.89 68.49 -28.18
N TYR A 93 21.13 68.14 -27.85
CA TYR A 93 22.28 68.37 -28.72
C TYR A 93 22.90 67.03 -29.07
N SER A 94 22.96 66.72 -30.35
CA SER A 94 23.50 65.45 -30.84
C SER A 94 23.78 65.59 -32.33
N GLY A 95 24.13 64.47 -32.98
CA GLY A 95 24.40 64.49 -34.39
C GLY A 95 23.14 64.46 -35.24
N LEU A 96 23.25 65.04 -36.44
CA LEU A 96 22.11 65.08 -37.33
C LEU A 96 21.85 63.72 -37.96
N MET A 97 20.57 63.41 -38.16
CA MET A 97 20.13 62.12 -38.69
C MET A 97 19.17 62.33 -39.84
N LEU A 98 19.25 61.45 -40.84
CA LEU A 98 18.35 61.49 -41.98
C LEU A 98 17.93 60.06 -42.32
N ASP A 99 16.62 59.81 -42.26
CA ASP A 99 16.06 58.50 -42.57
C ASP A 99 15.17 58.61 -43.79
N TYR A 100 15.42 57.75 -44.78
CA TYR A 100 14.67 57.74 -46.03
C TYR A 100 14.01 56.39 -46.23
N ASP A 101 12.72 56.41 -46.57
CA ASP A 101 11.99 55.22 -46.97
C ASP A 101 11.61 55.38 -48.44
N LEU A 102 12.21 54.56 -49.30
CA LEU A 102 12.10 54.73 -50.74
C LEU A 102 11.02 53.82 -51.31
N LYS A 103 10.13 54.39 -52.10
CA LYS A 103 9.18 53.65 -52.91
C LYS A 103 9.60 53.78 -54.37
N LEU A 104 9.70 52.65 -55.06
CA LEU A 104 10.32 52.60 -56.38
C LEU A 104 9.30 52.19 -57.43
N ASN A 105 9.61 52.56 -58.68
CA ASN A 105 8.76 52.16 -59.80
C ASN A 105 8.77 50.65 -59.98
N THR A 106 9.93 50.02 -59.85
CA THR A 106 10.09 48.58 -59.97
C THR A 106 10.84 48.05 -58.76
N ASN A 107 11.15 46.75 -58.79
CA ASN A 107 11.89 46.13 -57.70
C ASN A 107 13.38 46.39 -57.77
N ALA A 108 13.86 47.03 -58.83
CA ALA A 108 15.28 47.31 -58.96
C ALA A 108 15.74 48.23 -57.83
N ALA A 109 16.84 47.85 -57.18
CA ALA A 109 17.35 48.61 -56.04
C ALA A 109 18.13 49.81 -56.56
N PRO A 110 17.85 51.02 -56.08
CA PRO A 110 18.69 52.17 -56.43
C PRO A 110 20.07 52.02 -55.83
N SER A 111 21.10 51.95 -56.67
CA SER A 111 22.46 51.64 -56.15
C SER A 111 22.99 52.67 -55.16
N LEU A 112 22.52 53.91 -55.21
CA LEU A 112 23.06 55.00 -54.40
C LEU A 112 24.57 55.09 -54.58
N GLU A 113 24.98 55.34 -55.83
CA GLU A 113 26.38 55.33 -56.21
C GLU A 113 27.14 56.44 -55.49
N SER A 114 28.43 56.23 -55.19
CA SER A 114 29.21 57.24 -54.50
C SER A 114 29.19 58.60 -55.19
N SER A 115 29.12 58.66 -56.53
CA SER A 115 28.85 59.97 -57.14
C SER A 115 27.52 60.58 -56.71
N VAL A 116 26.45 59.78 -56.71
CA VAL A 116 25.15 60.29 -56.28
C VAL A 116 25.17 60.66 -54.80
N LEU A 117 25.83 59.84 -53.98
CA LEU A 117 25.96 60.16 -52.56
C LEU A 117 26.75 61.45 -52.37
N SER A 118 27.78 61.67 -53.17
CA SER A 118 28.56 62.90 -53.08
C SER A 118 27.71 64.11 -53.46
N ARG A 119 26.91 63.99 -54.52
CA ARG A 119 26.03 65.09 -54.90
C ARG A 119 25.01 65.40 -53.82
N LEU A 120 24.41 64.34 -53.24
CA LEU A 120 23.44 64.53 -52.17
C LEU A 120 24.08 65.17 -50.95
N CYS A 121 25.30 64.74 -50.60
CA CYS A 121 26.00 65.32 -49.46
C CYS A 121 26.37 66.78 -49.73
N HIS A 122 26.74 67.10 -50.96
CA HIS A 122 27.04 68.48 -51.33
C HIS A 122 25.82 69.36 -51.15
N ARG A 123 24.66 68.92 -51.64
CA ARG A 123 23.44 69.71 -51.49
C ARG A 123 23.03 69.80 -50.03
N ILE A 124 23.19 68.72 -49.26
CA ILE A 124 22.88 68.74 -47.84
C ILE A 124 23.77 69.74 -47.11
N PHE A 125 25.06 69.78 -47.45
CA PHE A 125 25.95 70.75 -46.84
C PHE A 125 25.57 72.16 -47.21
N VAL A 126 25.18 72.39 -48.48
CA VAL A 126 24.71 73.72 -48.86
C VAL A 126 23.53 74.13 -47.98
N HIS A 127 22.56 73.22 -47.80
CA HIS A 127 21.39 73.52 -46.99
C HIS A 127 21.77 73.82 -45.54
N ILE A 128 22.63 72.99 -44.94
CA ILE A 128 22.95 73.17 -43.53
C ILE A 128 23.78 74.42 -43.31
N LYS A 129 24.65 74.76 -44.27
CA LYS A 129 25.49 75.94 -44.13
C LYS A 129 24.68 77.22 -44.33
N ASN A 130 23.72 77.19 -45.25
CA ASN A 130 22.87 78.37 -45.46
C ASN A 130 21.76 78.49 -44.43
N SER A 131 21.44 77.41 -43.71
CA SER A 131 20.37 77.43 -42.72
C SER A 131 20.89 77.41 -41.29
N SER A 132 22.20 77.34 -41.08
CA SER A 132 22.75 77.32 -39.73
C SER A 132 24.17 77.87 -39.77
N VAL A 133 24.63 78.34 -38.60
CA VAL A 133 25.98 78.87 -38.47
C VAL A 133 26.94 77.73 -38.20
N LEU A 134 28.19 77.90 -38.60
CA LEU A 134 29.22 76.90 -38.44
C LEU A 134 30.42 77.47 -37.69
N PRO A 135 31.16 76.64 -36.96
CA PRO A 135 32.34 77.14 -36.25
C PRO A 135 33.41 77.64 -37.21
N GLU A 136 34.15 78.65 -36.75
CA GLU A 136 35.17 79.26 -37.58
C GLU A 136 36.34 78.30 -37.81
N GLY A 137 37.09 78.54 -38.87
CA GLY A 137 38.22 77.70 -39.22
C GLY A 137 37.82 76.57 -40.15
N SER A 138 38.66 75.54 -40.16
CA SER A 138 38.47 74.37 -41.02
C SER A 138 38.09 73.17 -40.17
N HIS A 139 37.04 72.46 -40.60
CA HIS A 139 36.55 71.30 -39.88
C HIS A 139 36.19 70.21 -40.87
N LYS A 140 36.21 68.97 -40.39
CA LYS A 140 35.86 67.80 -41.19
C LYS A 140 34.63 67.13 -40.59
N ILE A 141 33.66 66.79 -41.45
CA ILE A 141 32.41 66.19 -41.04
C ILE A 141 32.32 64.81 -41.67
N HIS A 142 31.98 63.81 -40.87
CA HIS A 142 31.95 62.41 -41.31
C HIS A 142 30.52 62.01 -41.64
N PHE A 143 30.33 61.37 -42.79
CA PHE A 143 29.03 60.88 -43.24
C PHE A 143 29.09 59.37 -43.42
N PHE A 144 27.97 58.71 -43.15
CA PHE A 144 27.85 57.27 -43.32
C PHE A 144 26.47 56.96 -43.88
N PHE A 145 26.36 55.83 -44.57
CA PHE A 145 25.12 55.46 -45.25
C PHE A 145 24.86 53.97 -45.02
N THR A 146 23.77 53.66 -44.33
CA THR A 146 23.33 52.29 -44.10
C THR A 146 22.09 52.02 -44.96
N LEU A 147 22.12 50.89 -45.68
CA LEU A 147 21.10 50.58 -46.68
C LEU A 147 20.30 49.35 -46.25
N LYS A 148 19.04 49.31 -46.67
CA LYS A 148 18.18 48.17 -46.38
C LYS A 148 18.65 46.93 -47.14
N PRO A 149 18.46 45.74 -46.59
CA PRO A 149 18.96 44.54 -47.25
C PRO A 149 18.19 44.15 -48.51
N GLU A 150 16.92 44.54 -48.64
CA GLU A 150 16.12 44.10 -49.78
C GLU A 150 15.01 45.09 -50.03
N ALA A 151 14.40 44.96 -51.21
CA ALA A 151 13.24 45.75 -51.62
C ALA A 151 12.01 44.85 -51.58
N VAL A 152 10.99 45.28 -50.85
CA VAL A 152 9.76 44.51 -50.68
C VAL A 152 8.63 45.23 -51.38
N GLN A 153 8.08 44.61 -52.43
CA GLN A 153 6.95 45.15 -53.18
C GLN A 153 7.23 46.55 -53.71
N GLY A 154 8.47 46.79 -54.13
CA GLY A 154 8.86 48.08 -54.63
C GLY A 154 9.15 49.12 -53.58
N LYS A 155 9.29 48.73 -52.31
CA LYS A 155 9.58 49.65 -51.22
C LYS A 155 10.99 49.39 -50.70
N TYR A 156 11.73 50.47 -50.47
CA TYR A 156 13.12 50.39 -50.07
C TYR A 156 13.39 51.47 -49.03
N GLY A 157 14.62 51.52 -48.53
CA GLY A 157 15.00 52.53 -47.57
C GLY A 157 16.49 52.56 -47.37
N PHE A 158 16.97 53.71 -46.88
CA PHE A 158 18.37 53.89 -46.54
C PHE A 158 18.48 55.05 -45.56
N HIS A 159 19.62 55.10 -44.87
CA HIS A 159 19.84 56.10 -43.83
C HIS A 159 21.07 56.95 -44.16
N VAL A 160 21.01 58.21 -43.78
CA VAL A 160 22.14 59.13 -43.85
C VAL A 160 22.38 59.63 -42.44
N LEU A 161 23.38 59.07 -41.76
CA LEU A 161 23.70 59.42 -40.38
C LEU A 161 25.02 60.18 -40.33
N ILE A 162 25.04 61.26 -39.57
CA ILE A 162 26.19 62.17 -39.51
C ILE A 162 26.59 62.37 -38.05
N PRO A 163 27.39 61.46 -37.48
CA PRO A 163 27.79 61.64 -36.07
C PRO A 163 28.58 62.91 -35.80
N GLY A 164 29.38 63.37 -36.76
CA GLY A 164 30.26 64.49 -36.49
C GLY A 164 29.56 65.83 -36.37
N LEU A 165 28.43 66.01 -37.06
CA LEU A 165 27.73 67.29 -37.08
C LEU A 165 26.81 67.37 -35.88
N LYS A 166 27.33 67.90 -34.77
CA LYS A 166 26.55 68.03 -33.55
C LYS A 166 25.62 69.23 -33.65
N MET A 167 24.31 68.96 -33.72
CA MET A 167 23.31 70.01 -33.88
C MET A 167 22.20 69.84 -32.84
N ALA A 168 21.35 70.85 -32.77
CA ALA A 168 20.15 70.79 -31.95
C ALA A 168 18.98 70.25 -32.74
N ALA A 169 17.93 69.88 -32.02
CA ALA A 169 16.76 69.27 -32.66
C ALA A 169 16.08 70.24 -33.62
N SER A 170 15.97 71.52 -33.23
CA SER A 170 15.27 72.49 -34.06
C SER A 170 15.98 72.70 -35.39
N THR A 171 17.31 72.86 -35.36
CA THR A 171 18.06 73.07 -36.60
C THR A 171 17.99 71.83 -37.50
N LYS A 172 18.09 70.64 -36.91
CA LYS A 172 17.96 69.41 -37.70
C LYS A 172 16.58 69.33 -38.34
N LYS A 173 15.53 69.67 -37.59
CA LYS A 173 14.18 69.61 -38.14
C LYS A 173 14.01 70.62 -39.27
N SER A 174 14.55 71.83 -39.11
CA SER A 174 14.48 72.82 -40.18
C SER A 174 15.23 72.34 -41.42
N ILE A 175 16.39 71.74 -41.23
CA ILE A 175 17.16 71.20 -42.36
C ILE A 175 16.39 70.09 -43.04
N ILE A 176 15.75 69.22 -42.25
CA ILE A 176 14.97 68.12 -42.83
C ILE A 176 13.80 68.66 -43.64
N ALA A 177 13.11 69.67 -43.11
CA ALA A 177 12.00 70.25 -43.85
C ALA A 177 12.44 70.92 -45.14
N SER A 178 13.54 71.67 -45.08
CA SER A 178 14.06 72.31 -46.29
C SER A 178 14.50 71.26 -47.32
N LEU A 179 15.14 70.18 -46.86
CA LEU A 179 15.57 69.13 -47.76
C LEU A 179 14.38 68.43 -48.41
N GLN A 180 13.32 68.19 -47.62
CA GLN A 180 12.11 67.58 -48.17
C GLN A 180 11.46 68.49 -49.20
N HIS A 181 11.44 69.79 -48.94
CA HIS A 181 10.85 70.75 -49.86
C HIS A 181 11.83 71.25 -50.92
N ASP A 182 13.09 70.82 -50.88
CA ASP A 182 14.07 71.22 -51.88
C ASP A 182 13.85 70.43 -53.16
N ALA A 183 13.77 71.13 -54.29
CA ALA A 183 13.60 70.46 -55.57
C ALA A 183 14.89 69.80 -56.04
N THR A 184 16.05 70.35 -55.66
CA THR A 184 17.33 69.81 -56.13
C THR A 184 17.57 68.41 -55.55
N VAL A 185 17.39 68.26 -54.24
CA VAL A 185 17.59 66.96 -53.62
C VAL A 185 16.54 65.96 -54.11
N GLN A 186 15.31 66.43 -54.31
CA GLN A 186 14.27 65.57 -54.85
C GLN A 186 14.64 65.05 -56.23
N LYS A 187 15.15 65.93 -57.09
CA LYS A 187 15.57 65.50 -58.42
C LYS A 187 16.77 64.56 -58.35
N ILE A 188 17.71 64.84 -57.44
CA ILE A 188 18.88 63.98 -57.30
C ILE A 188 18.47 62.57 -56.90
N LEU A 189 17.54 62.46 -55.94
CA LEU A 189 17.05 61.15 -55.55
C LEU A 189 16.22 60.50 -56.66
N HIS A 190 15.43 61.30 -57.38
CA HIS A 190 14.57 60.76 -58.44
C HIS A 190 15.40 60.15 -59.57
N GLU A 191 16.47 60.85 -59.98
CA GLU A 191 17.31 60.33 -61.05
C GLU A 191 17.99 59.02 -60.68
N GLN A 192 18.21 58.76 -59.40
CA GLN A 192 18.80 57.51 -58.98
C GLN A 192 17.79 56.36 -59.01
N GLY A 193 16.51 56.66 -58.84
CA GLY A 193 15.49 55.63 -58.87
C GLY A 193 14.39 55.79 -57.82
N VAL A 194 14.46 56.86 -57.04
CA VAL A 194 13.47 57.13 -56.02
C VAL A 194 12.23 57.73 -56.68
N ALA A 195 11.09 57.05 -56.54
CA ALA A 195 9.84 57.53 -57.12
C ALA A 195 9.05 58.43 -56.18
N ASN A 196 9.45 58.53 -54.91
CA ASN A 196 8.78 59.41 -53.94
C ASN A 196 9.82 60.24 -53.19
N PRO A 197 10.53 61.14 -53.89
CA PRO A 197 11.54 61.95 -53.20
C PRO A 197 10.95 62.97 -52.24
N GLU A 198 9.69 63.38 -52.45
CA GLU A 198 9.10 64.42 -51.62
C GLU A 198 8.75 63.95 -50.22
N SER A 199 8.53 62.64 -50.03
CA SER A 199 8.13 62.12 -48.73
C SER A 199 9.03 60.98 -48.24
N CYS A 200 10.12 60.69 -48.95
CA CYS A 200 11.03 59.64 -48.51
C CYS A 200 11.68 59.97 -47.18
N LEU A 201 12.12 61.22 -47.02
CA LEU A 201 12.80 61.60 -45.79
C LEU A 201 11.81 61.72 -44.64
N ASP A 202 12.11 61.07 -43.53
CA ASP A 202 11.23 61.09 -42.37
C ASP A 202 11.40 62.41 -41.61
N PRO A 203 10.32 63.16 -41.38
CA PRO A 203 10.46 64.43 -40.66
C PRO A 203 10.99 64.29 -39.24
N HIS A 204 10.71 63.17 -38.58
CA HIS A 204 11.12 62.97 -37.19
C HIS A 204 12.53 62.43 -37.05
N SER A 205 13.29 62.33 -38.15
CA SER A 205 14.64 61.76 -38.08
C SER A 205 15.55 62.56 -37.17
N ALA A 206 15.21 63.82 -36.88
CA ALA A 206 16.05 64.66 -36.05
C ALA A 206 16.16 64.12 -34.62
N SER A 207 15.05 63.62 -34.07
CA SER A 207 14.97 63.30 -32.66
C SER A 207 14.76 61.81 -32.35
N VAL A 208 14.52 60.98 -33.36
CA VAL A 208 14.32 59.55 -33.11
C VAL A 208 15.63 58.94 -32.60
N PRO A 209 15.57 57.95 -31.73
CA PRO A 209 16.80 57.29 -31.27
C PRO A 209 17.52 56.62 -32.42
N SER A 210 18.85 56.60 -32.32
CA SER A 210 19.70 56.07 -33.38
C SER A 210 20.08 54.63 -33.08
N LEU A 211 20.00 53.79 -34.11
CA LEU A 211 20.37 52.39 -33.98
C LEU A 211 21.89 52.25 -34.00
N LEU A 212 22.45 51.68 -32.92
CA LEU A 212 23.85 51.31 -32.94
C LEU A 212 24.10 50.27 -34.02
N TYR A 213 25.23 50.39 -34.70
CA TYR A 213 25.50 49.51 -35.84
C TYR A 213 25.57 48.06 -35.38
N GLY A 214 24.96 47.17 -36.19
CA GLY A 214 24.82 45.78 -35.85
C GLY A 214 23.48 45.44 -35.22
N SER A 215 22.76 46.43 -34.70
CA SER A 215 21.45 46.22 -34.11
C SER A 215 20.36 46.36 -35.18
N SER A 216 19.21 45.76 -34.89
CA SER A 216 18.09 45.78 -35.82
C SER A 216 16.78 45.83 -35.05
N LYS A 217 15.77 46.40 -35.70
CA LYS A 217 14.46 46.54 -35.07
C LYS A 217 13.83 45.18 -34.81
N LEU A 218 12.88 45.17 -33.88
CA LEU A 218 12.19 43.94 -33.50
C LEU A 218 11.50 43.32 -34.71
N ASN A 219 11.86 42.08 -35.02
CA ASN A 219 11.35 41.37 -36.20
C ASN A 219 11.66 42.13 -37.48
N HIS A 220 12.86 42.71 -37.55
CA HIS A 220 13.33 43.39 -38.75
C HIS A 220 14.79 43.03 -38.97
N ARG A 221 15.20 43.01 -40.24
CA ARG A 221 16.58 42.69 -40.58
C ARG A 221 17.45 43.95 -40.51
N PRO A 222 18.72 43.80 -40.11
CA PRO A 222 19.58 44.97 -39.93
C PRO A 222 19.95 45.63 -41.25
N TYR A 223 20.22 46.93 -41.17
CA TYR A 223 20.70 47.67 -42.32
C TYR A 223 22.17 47.36 -42.59
N GLN A 224 22.57 47.53 -43.85
CA GLN A 224 23.94 47.26 -44.27
C GLN A 224 24.64 48.58 -44.59
N LEU A 225 25.80 48.79 -43.95
CA LEU A 225 26.59 49.99 -44.18
C LEU A 225 27.30 49.89 -45.53
N LYS A 226 26.94 50.78 -46.45
CA LYS A 226 27.52 50.72 -47.79
C LYS A 226 28.91 51.37 -47.82
N THR A 227 28.99 52.66 -47.51
CA THR A 227 30.25 53.38 -47.56
C THR A 227 30.16 54.60 -46.66
N GLY A 228 31.32 55.18 -46.36
CA GLY A 228 31.40 56.38 -45.56
C GLY A 228 32.01 57.51 -46.35
N PHE A 229 31.62 58.73 -46.03
CA PHE A 229 32.10 59.93 -46.70
C PHE A 229 32.51 60.97 -45.66
N GLU A 230 33.53 61.75 -46.00
CA GLU A 230 34.01 62.83 -45.14
C GLU A 230 33.98 64.14 -45.92
N LEU A 231 33.41 65.17 -45.31
CA LEU A 231 33.28 66.48 -45.93
C LEU A 231 34.17 67.47 -45.17
N VAL A 232 34.95 68.24 -45.91
CA VAL A 232 35.88 69.22 -45.34
C VAL A 232 35.42 70.61 -45.78
N PHE A 233 35.27 71.51 -44.81
CA PHE A 233 34.89 72.88 -45.08
C PHE A 233 35.77 73.82 -44.27
N ASP A 234 35.95 75.04 -44.80
CA ASP A 234 36.81 76.03 -44.18
C ASP A 234 36.08 77.38 -44.17
N SER A 235 36.38 78.18 -43.15
CA SER A 235 35.82 79.53 -43.10
C SER A 235 36.34 80.39 -44.25
N SER A 236 37.63 80.26 -44.57
CA SER A 236 38.21 81.02 -45.66
C SER A 236 37.76 80.54 -47.03
N ASP A 237 37.24 79.31 -47.11
CA ASP A 237 36.76 78.73 -48.36
C ASP A 237 35.37 78.16 -48.14
N PRO A 238 34.36 79.02 -48.01
CA PRO A 238 32.98 78.54 -47.83
C PRO A 238 32.27 78.16 -49.11
N ASP A 239 32.91 78.31 -50.27
CA ASP A 239 32.28 78.03 -51.55
C ASP A 239 32.48 76.59 -51.98
N TYR A 240 33.73 76.16 -52.14
CA TYR A 240 34.02 74.80 -52.55
C TYR A 240 33.69 73.81 -51.43
N ILE A 241 33.14 72.66 -51.82
CA ILE A 241 32.71 71.65 -50.86
C ILE A 241 33.33 70.31 -51.23
N PRO A 242 34.59 70.06 -50.88
CA PRO A 242 35.19 68.76 -51.17
C PRO A 242 34.63 67.67 -50.28
N ILE A 243 34.43 66.48 -50.86
CA ILE A 243 33.94 65.32 -50.15
C ILE A 243 34.85 64.15 -50.45
N HIS A 244 35.32 63.48 -49.41
CA HIS A 244 36.25 62.36 -49.54
C HIS A 244 35.58 61.09 -49.01
N GLN A 245 35.69 60.00 -49.77
CA GLN A 245 35.10 58.74 -49.37
C GLN A 245 35.97 58.07 -48.32
N ILE A 246 35.34 57.62 -47.24
CA ILE A 246 36.05 56.98 -46.13
C ILE A 246 36.41 55.55 -46.51
N LYS A 247 37.66 55.17 -46.29
CA LYS A 247 38.14 53.82 -46.53
C LYS A 247 38.54 53.18 -45.20
N ASN A 248 38.93 51.91 -45.28
CA ASN A 248 39.25 51.09 -44.09
C ASN A 248 38.06 51.00 -43.14
N ILE A 249 36.85 51.09 -43.69
CA ILE A 249 35.64 51.11 -42.87
C ILE A 249 35.38 49.76 -42.20
N GLU A 250 36.03 48.69 -42.67
CA GLU A 250 35.81 47.38 -42.10
C GLU A 250 36.58 47.16 -40.81
N SER A 251 37.59 47.98 -40.51
CA SER A 251 38.42 47.77 -39.35
C SER A 251 38.00 48.62 -38.15
N TYR A 252 37.31 49.73 -38.37
CA TYR A 252 36.91 50.61 -37.28
C TYR A 252 35.83 49.94 -36.43
N ASN A 253 35.76 50.36 -35.17
CA ASN A 253 34.66 49.95 -34.30
C ASN A 253 33.41 50.72 -34.71
N LEU A 254 32.68 50.17 -35.67
CA LEU A 254 31.56 50.88 -36.28
C LEU A 254 30.46 51.21 -35.26
N VAL A 255 30.37 50.46 -34.17
CA VAL A 255 29.39 50.78 -33.13
C VAL A 255 29.67 52.17 -32.55
N SER A 256 30.94 52.46 -32.26
CA SER A 256 31.30 53.77 -31.75
C SER A 256 31.28 54.84 -32.86
N GLU A 257 31.78 54.49 -34.04
CA GLU A 257 31.93 55.46 -35.11
C GLU A 257 30.62 55.86 -35.76
N LEU A 258 29.58 55.05 -35.65
CA LEU A 258 28.26 55.39 -36.17
C LEU A 258 27.33 55.93 -35.10
N SER A 259 27.79 56.05 -33.86
CA SER A 259 26.96 56.57 -32.78
C SER A 259 26.83 58.08 -32.93
N LEU A 260 25.59 58.57 -33.04
CA LEU A 260 25.37 60.01 -33.22
C LEU A 260 25.78 60.79 -31.98
N THR A 261 25.51 60.25 -30.80
CA THR A 261 25.78 60.91 -29.53
C THR A 261 27.22 60.68 -29.05
N ASN A 262 27.99 59.87 -29.76
CA ASN A 262 29.33 59.49 -29.32
C ASN A 262 30.22 60.71 -29.13
N GLU A 263 31.00 60.71 -28.05
CA GLU A 263 31.97 61.77 -27.78
C GLU A 263 33.41 61.31 -27.92
N GLN A 264 33.69 60.02 -27.79
CA GLN A 264 35.04 59.49 -27.77
C GLN A 264 35.28 58.56 -28.95
N GLY A 265 34.79 58.96 -30.13
CA GLY A 265 35.02 58.16 -31.32
C GLY A 265 36.47 58.19 -31.76
N SER A 266 36.89 57.10 -32.40
CA SER A 266 38.27 57.00 -32.87
C SER A 266 38.54 57.98 -34.01
N LEU A 267 37.58 58.13 -34.92
CA LEU A 267 37.72 59.05 -36.04
C LEU A 267 36.70 60.18 -36.04
N VAL A 268 35.50 59.96 -35.50
CA VAL A 268 34.48 60.99 -35.46
C VAL A 268 34.88 62.08 -34.48
N ARG A 269 34.84 63.34 -34.94
CA ARG A 269 35.16 64.47 -34.09
C ARG A 269 33.96 65.42 -34.07
N PRO A 270 33.53 65.87 -32.90
CA PRO A 270 32.32 66.69 -32.82
C PRO A 270 32.53 68.07 -33.44
N VAL A 271 31.55 68.50 -34.23
CA VAL A 271 31.53 69.84 -34.81
C VAL A 271 30.54 70.67 -33.97
N TYR A 272 31.07 71.58 -33.17
CA TYR A 272 30.26 72.34 -32.22
C TYR A 272 29.59 73.53 -32.93
N CYS A 273 28.70 73.20 -33.86
CA CYS A 273 27.95 74.19 -34.60
C CYS A 273 26.68 74.58 -33.82
N ALA A 274 25.74 75.21 -34.52
CA ALA A 274 24.64 75.92 -33.87
C ALA A 274 23.81 75.01 -32.97
N ALA A 275 23.35 75.58 -31.86
CA ALA A 275 22.40 74.95 -30.94
C ALA A 275 21.22 75.88 -30.73
N ASP A 276 20.06 75.30 -30.44
CA ASP A 276 18.81 76.03 -30.39
C ASP A 276 18.15 75.91 -29.02
N PRO A 286 4.80 58.99 -24.95
CA PRO A 286 3.81 58.81 -23.86
C PRO A 286 3.89 57.41 -23.26
N ALA A 287 3.73 57.34 -21.94
CA ALA A 287 3.85 56.09 -21.22
C ALA A 287 2.63 55.18 -21.39
N ASP A 288 1.51 55.73 -21.87
CA ASP A 288 0.32 54.91 -22.07
C ASP A 288 0.57 53.82 -23.11
N ASP A 289 1.26 54.17 -24.20
CA ASP A 289 1.63 53.16 -25.19
C ASP A 289 2.64 52.17 -24.60
N HIS A 290 3.47 52.60 -23.67
CA HIS A 290 4.45 51.71 -23.07
C HIS A 290 3.83 50.73 -22.09
N SER A 291 2.69 51.09 -21.49
CA SER A 291 2.07 50.22 -20.49
C SER A 291 1.63 48.89 -21.09
N LEU A 292 1.04 48.93 -22.29
CA LEU A 292 0.62 47.69 -22.93
C LEU A 292 1.82 46.80 -23.27
N SER A 293 2.90 47.40 -23.75
CA SER A 293 4.11 46.62 -24.04
C SER A 293 4.71 46.05 -22.76
N ILE A 294 4.66 46.80 -21.67
CA ILE A 294 5.14 46.31 -20.37
C ILE A 294 4.33 45.10 -19.94
N LEU A 295 3.01 45.19 -20.08
CA LEU A 295 2.14 44.06 -19.74
C LEU A 295 2.44 42.85 -20.61
N MET A 296 2.66 43.08 -21.91
CA MET A 296 3.00 41.97 -22.81
C MET A 296 4.32 41.32 -22.41
N LEU A 297 5.32 42.12 -22.08
CA LEU A 297 6.64 41.57 -21.74
C LEU A 297 6.61 40.81 -20.42
N HIS A 298 5.88 41.34 -19.43
CA HIS A 298 5.85 40.69 -18.13
C HIS A 298 4.80 39.58 -18.03
N ASP A 299 4.03 39.34 -19.10
CA ASP A 299 3.04 38.29 -19.09
C ASP A 299 2.87 37.72 -20.50
N PRO A 300 3.39 36.52 -20.77
CA PRO A 300 3.20 35.93 -22.11
C PRO A 300 1.75 35.72 -22.49
N GLU A 301 0.89 35.41 -21.51
CA GLU A 301 -0.52 35.19 -21.80
C GLU A 301 -1.17 36.46 -22.34
N ALA A 302 -0.75 37.64 -21.85
CA ALA A 302 -1.27 38.88 -22.39
C ALA A 302 -0.89 39.04 -23.86
N ARG A 303 0.35 38.70 -24.21
CA ARG A 303 0.77 38.75 -25.61
C ARG A 303 -0.04 37.78 -26.47
N TYR A 304 -0.26 36.57 -25.97
CA TYR A 304 -1.05 35.60 -26.72
C TYR A 304 -2.48 36.09 -26.92
N LEU A 305 -3.08 36.68 -25.89
CA LEU A 305 -4.43 37.21 -26.03
C LEU A 305 -4.48 38.38 -26.99
N HIS A 306 -3.46 39.25 -26.97
CA HIS A 306 -3.42 40.35 -27.92
C HIS A 306 -3.32 39.84 -29.35
N LYS A 307 -2.54 38.79 -29.57
CA LYS A 307 -2.51 38.16 -30.89
C LYS A 307 -3.86 37.57 -31.25
N ILE A 308 -4.53 36.95 -30.28
CA ILE A 308 -5.81 36.30 -30.55
C ILE A 308 -6.90 37.32 -30.81
N LEU A 309 -6.92 38.41 -30.03
CA LEU A 309 -8.03 39.36 -30.12
C LEU A 309 -8.13 40.01 -31.49
N ASN A 310 -7.03 40.05 -32.25
CA ASN A 310 -7.08 40.63 -33.58
C ASN A 310 -7.88 39.79 -34.56
N LEU A 311 -8.13 38.52 -34.24
CA LEU A 311 -8.89 37.66 -35.14
C LEU A 311 -10.39 37.87 -35.05
N LEU A 312 -10.87 38.56 -34.02
CA LEU A 312 -12.30 38.75 -33.86
C LEU A 312 -12.84 39.67 -34.95
N PRO A 313 -14.06 39.42 -35.43
CA PRO A 313 -14.65 40.30 -36.44
C PRO A 313 -15.02 41.64 -35.83
N PRO A 314 -15.28 42.66 -36.66
CA PRO A 314 -15.53 44.00 -36.12
C PRO A 314 -16.74 44.10 -35.20
N GLU A 315 -17.67 43.15 -35.27
CA GLU A 315 -18.87 43.24 -34.44
C GLU A 315 -18.56 43.23 -32.95
N TYR A 316 -17.45 42.59 -32.56
CA TYR A 316 -17.16 42.42 -31.14
C TYR A 316 -16.66 43.69 -30.47
N TYR A 317 -16.36 44.74 -31.21
CA TYR A 317 -16.02 46.03 -30.62
C TYR A 317 -16.93 47.16 -31.10
N VAL A 318 -17.89 46.87 -31.96
CA VAL A 318 -18.86 47.86 -32.41
C VAL A 318 -20.18 47.73 -31.67
N GLU A 319 -20.71 46.51 -31.58
CA GLU A 319 -21.96 46.28 -30.86
C GLU A 319 -21.72 46.28 -29.36
N TYR A 320 -22.62 46.92 -28.62
CA TYR A 320 -22.46 47.03 -27.17
C TYR A 320 -22.47 45.68 -26.46
N PRO A 321 -23.40 44.74 -26.73
CA PRO A 321 -23.38 43.48 -25.97
C PRO A 321 -22.09 42.69 -26.12
N LEU A 322 -21.60 42.53 -27.36
CA LEU A 322 -20.39 41.76 -27.58
C LEU A 322 -19.18 42.44 -26.94
N TRP A 323 -19.09 43.77 -27.08
CA TRP A 323 -17.98 44.49 -26.47
C TRP A 323 -18.01 44.37 -24.95
N SER A 324 -19.20 44.47 -24.36
CA SER A 324 -19.32 44.30 -22.91
C SER A 324 -18.93 42.89 -22.49
N ASN A 325 -19.32 41.88 -23.27
CA ASN A 325 -18.92 40.52 -22.95
C ASN A 325 -17.41 40.35 -23.00
N VAL A 326 -16.77 40.93 -24.02
CA VAL A 326 -15.31 40.85 -24.13
C VAL A 326 -14.66 41.54 -22.93
N VAL A 327 -15.17 42.71 -22.55
CA VAL A 327 -14.60 43.44 -21.41
C VAL A 327 -14.75 42.62 -20.14
N PHE A 328 -15.92 42.03 -19.92
CA PHE A 328 -16.13 41.21 -18.72
C PHE A 328 -15.20 40.01 -18.71
N ALA A 329 -15.03 39.36 -19.85
CA ALA A 329 -14.14 38.20 -19.92
C ALA A 329 -12.69 38.61 -19.61
N LEU A 330 -12.24 39.72 -20.18
CA LEU A 330 -10.88 40.19 -19.91
C LEU A 330 -10.71 40.53 -18.44
N ALA A 331 -11.69 41.20 -17.84
CA ALA A 331 -11.59 41.57 -16.43
C ALA A 331 -11.59 40.34 -15.53
N ASN A 332 -12.41 39.33 -15.86
CA ASN A 332 -12.44 38.12 -15.06
C ASN A 332 -11.15 37.32 -15.21
N THR A 333 -10.53 37.35 -16.39
CA THR A 333 -9.29 36.61 -16.59
C THR A 333 -8.19 37.13 -15.66
N SER A 334 -8.04 38.45 -15.56
CA SER A 334 -7.04 39.05 -14.70
C SER A 334 -7.46 40.46 -14.36
N ALA A 335 -7.07 40.92 -13.16
CA ALA A 335 -7.44 42.26 -12.73
C ALA A 335 -6.62 43.33 -13.44
N ASN A 336 -5.40 42.99 -13.87
CA ASN A 336 -4.50 43.96 -14.48
C ASN A 336 -4.52 43.90 -16.00
N TYR A 337 -5.49 43.20 -16.59
CA TYR A 337 -5.63 43.14 -18.04
C TYR A 337 -6.36 44.33 -18.63
N ARG A 338 -6.48 45.42 -17.87
CA ARG A 338 -7.17 46.60 -18.37
C ARG A 338 -6.55 47.19 -19.64
N PRO A 339 -5.22 47.29 -19.79
CA PRO A 339 -4.69 47.84 -21.05
C PRO A 339 -5.14 47.08 -22.29
N LEU A 340 -5.28 45.75 -22.19
CA LEU A 340 -5.78 44.98 -23.32
C LEU A 340 -7.20 45.40 -23.68
N ALA A 341 -8.06 45.58 -22.68
CA ALA A 341 -9.44 46.01 -22.94
C ALA A 341 -9.46 47.41 -23.53
N GLU A 342 -8.62 48.30 -23.02
CA GLU A 342 -8.58 49.67 -23.54
C GLU A 342 -8.12 49.68 -24.99
N TRP A 343 -7.10 48.89 -25.32
CA TRP A 343 -6.62 48.81 -26.70
C TRP A 343 -7.68 48.21 -27.62
N PHE A 344 -8.38 47.17 -27.14
CA PHE A 344 -9.41 46.54 -27.97
C PHE A 344 -10.56 47.49 -28.22
N SER A 345 -10.95 48.28 -27.21
CA SER A 345 -12.02 49.25 -27.40
C SER A 345 -11.63 50.35 -28.39
N GLN A 346 -10.33 50.59 -28.55
CA GLN A 346 -9.86 51.63 -29.47
C GLN A 346 -9.86 51.18 -30.93
N LYS A 347 -10.36 49.98 -31.22
CA LYS A 347 -10.44 49.54 -32.61
C LYS A 347 -11.34 50.45 -33.43
N CYS A 348 -12.38 51.01 -32.82
CA CYS A 348 -13.26 51.97 -33.48
C CYS A 348 -13.11 53.32 -32.80
N PRO A 349 -12.35 54.25 -33.38
CA PRO A 349 -12.13 55.54 -32.72
C PRO A 349 -13.41 56.34 -32.50
N GLU A 350 -14.37 56.25 -33.42
CA GLU A 350 -15.60 57.01 -33.27
C GLU A 350 -16.39 56.58 -32.05
N LYS A 351 -16.64 55.28 -31.92
CA LYS A 351 -17.41 54.77 -30.79
C LYS A 351 -16.67 54.99 -29.47
N TRP A 352 -15.35 54.78 -29.47
CA TRP A 352 -14.57 54.99 -28.27
C TRP A 352 -14.63 56.45 -27.82
N ASN A 353 -14.41 57.38 -28.76
CA ASN A 353 -14.42 58.79 -28.42
C ASN A 353 -15.80 59.26 -27.98
N THR A 354 -16.87 58.71 -28.56
CA THR A 354 -18.23 59.10 -28.20
C THR A 354 -18.74 58.29 -26.99
N GLY A 355 -18.10 58.53 -25.85
CA GLY A 355 -18.56 58.01 -24.58
C GLY A 355 -18.00 56.65 -24.19
N GLY A 356 -17.18 56.03 -25.04
CA GLY A 356 -16.65 54.71 -24.71
C GLY A 356 -15.77 54.70 -23.48
N LYS A 357 -15.05 55.80 -23.23
CA LYS A 357 -14.20 55.87 -22.05
C LYS A 357 -15.02 55.72 -20.77
N GLU A 358 -16.11 56.47 -20.65
CA GLU A 358 -16.97 56.36 -19.47
C GLU A 358 -17.61 54.98 -19.39
N LYS A 359 -18.04 54.44 -20.54
CA LYS A 359 -18.60 53.09 -20.56
C LYS A 359 -17.56 52.06 -20.11
N LEU A 360 -16.31 52.22 -20.56
CA LEU A 360 -15.26 51.31 -20.13
C LEU A 360 -15.02 51.42 -18.62
N GLU A 361 -15.01 52.65 -18.10
CA GLU A 361 -14.85 52.84 -16.66
C GLU A 361 -15.96 52.12 -15.89
N LYS A 362 -17.21 52.34 -16.31
CA LYS A 362 -18.35 51.75 -15.61
C LYS A 362 -18.32 50.24 -15.71
N LEU A 363 -17.98 49.70 -16.88
CA LEU A 363 -17.95 48.25 -17.05
C LEU A 363 -16.84 47.62 -16.22
N TRP A 364 -15.66 48.25 -16.16
CA TRP A 364 -14.59 47.71 -15.33
C TRP A 364 -14.98 47.76 -13.85
N ASN A 365 -15.61 48.84 -13.41
CA ASN A 365 -16.07 48.92 -12.03
C ASN A 365 -17.10 47.84 -11.73
N ASP A 366 -18.04 47.63 -12.65
CA ASP A 366 -19.04 46.58 -12.46
C ASP A 366 -18.40 45.19 -12.41
N ALA A 367 -17.42 44.94 -13.28
CA ALA A 367 -16.72 43.66 -13.27
C ALA A 367 -16.00 43.46 -11.94
N SER A 368 -15.41 44.52 -11.40
CA SER A 368 -14.87 44.45 -10.05
C SER A 368 -15.96 44.26 -9.00
N ARG A 369 -17.20 44.62 -9.32
CA ARG A 369 -18.33 44.47 -8.39
C ARG A 369 -19.16 43.24 -8.67
N HIS A 370 -19.70 43.12 -9.89
CA HIS A 370 -20.71 42.11 -10.17
C HIS A 370 -20.12 40.70 -10.17
N THR A 371 -21.00 39.71 -10.00
CA THR A 371 -20.60 38.31 -10.04
C THR A 371 -21.59 37.44 -10.82
N GLU A 372 -22.32 38.01 -11.78
CA GLU A 372 -23.34 37.27 -12.51
C GLU A 372 -22.95 36.93 -13.95
N LYS A 373 -22.06 37.70 -14.57
CA LYS A 373 -21.56 37.40 -15.91
C LYS A 373 -20.22 36.70 -15.75
N LYS A 374 -20.27 35.38 -15.62
CA LYS A 374 -19.07 34.58 -15.37
C LYS A 374 -18.54 34.04 -16.70
N ILE A 375 -17.76 34.87 -17.39
CA ILE A 375 -17.10 34.47 -18.62
C ILE A 375 -15.63 34.84 -18.52
N THR A 376 -14.79 34.05 -19.17
CA THR A 376 -13.33 34.17 -19.04
C THR A 376 -12.71 34.02 -20.43
N LYS A 377 -11.40 33.83 -20.46
CA LYS A 377 -10.67 33.73 -21.72
C LYS A 377 -11.09 32.51 -22.55
N ARG A 378 -11.76 31.53 -21.93
CA ARG A 378 -12.22 30.38 -22.69
C ARG A 378 -13.20 30.80 -23.78
N SER A 379 -14.13 31.71 -23.45
CA SER A 379 -15.09 32.18 -24.44
C SER A 379 -14.40 32.95 -25.55
N ILE A 380 -13.39 33.76 -25.22
CA ILE A 380 -12.66 34.50 -26.24
C ILE A 380 -11.94 33.54 -27.17
N MET A 381 -11.30 32.52 -26.61
CA MET A 381 -10.64 31.52 -27.45
C MET A 381 -11.64 30.80 -28.34
N TYR A 382 -12.81 30.46 -27.80
CA TYR A 382 -13.82 29.78 -28.60
C TYR A 382 -14.30 30.65 -29.75
N TRP A 383 -14.55 31.94 -29.47
CA TRP A 383 -14.99 32.85 -30.52
C TRP A 383 -13.93 33.00 -31.59
N ALA A 384 -12.67 33.16 -31.19
CA ALA A 384 -11.59 33.30 -32.17
C ALA A 384 -11.46 32.05 -33.02
N HIS A 385 -11.57 30.87 -32.40
CA HIS A 385 -11.49 29.63 -33.17
C HIS A 385 -12.66 29.50 -34.13
N LYS A 386 -13.86 29.89 -33.69
CA LYS A 386 -15.04 29.78 -34.56
C LYS A 386 -14.92 30.71 -35.76
N HIS A 387 -14.49 31.95 -35.53
CA HIS A 387 -14.47 32.93 -36.62
C HIS A 387 -13.30 32.73 -37.57
N ALA A 388 -12.14 32.31 -37.07
CA ALA A 388 -10.95 32.13 -37.90
C ALA A 388 -10.18 30.92 -37.41
N PRO A 389 -10.52 29.73 -37.89
CA PRO A 389 -9.87 28.51 -37.37
C PRO A 389 -8.40 28.39 -37.75
N GLN A 390 -8.06 28.63 -39.03
CA GLN A 390 -6.68 28.39 -39.46
C GLN A 390 -5.70 29.36 -38.81
N GLN A 391 -6.06 30.65 -38.74
CA GLN A 391 -5.17 31.63 -38.14
C GLN A 391 -5.02 31.39 -36.64
N TYR A 392 -6.12 31.04 -35.97
CA TYR A 392 -6.05 30.69 -34.56
C TYR A 392 -5.14 29.49 -34.33
N LYS A 393 -5.28 28.47 -35.17
CA LYS A 393 -4.43 27.29 -35.05
C LYS A 393 -2.96 27.64 -35.24
N GLU A 394 -2.66 28.45 -36.25
CA GLU A 394 -1.27 28.83 -36.51
C GLU A 394 -0.69 29.61 -35.34
N ILE A 395 -1.45 30.59 -34.82
CA ILE A 395 -0.95 31.40 -33.71
C ILE A 395 -0.71 30.53 -32.48
N VAL A 396 -1.66 29.66 -32.15
CA VAL A 396 -1.53 28.90 -30.91
C VAL A 396 -0.45 27.83 -31.04
N GLU A 397 -0.26 27.26 -32.23
CA GLU A 397 0.82 26.30 -32.42
C GLU A 397 2.18 26.98 -32.37
N GLN A 398 2.28 28.20 -32.89
CA GLN A 398 3.50 28.98 -32.72
C GLN A 398 3.76 29.24 -31.25
N GLY A 399 2.72 29.52 -30.48
CA GLY A 399 2.89 29.68 -29.04
C GLY A 399 3.40 28.43 -28.37
N TYR A 400 2.84 27.27 -28.74
CA TYR A 400 3.31 26.00 -28.17
C TYR A 400 4.78 25.76 -28.48
N PHE A 401 5.16 25.95 -29.74
CA PHE A 401 6.56 25.75 -30.13
C PHE A 401 7.46 26.72 -29.38
N SER A 402 7.05 27.98 -29.25
CA SER A 402 7.87 28.95 -28.54
C SER A 402 8.04 28.55 -27.08
N ILE A 403 6.96 28.10 -26.42
CA ILE A 403 7.06 27.73 -25.01
C ILE A 403 7.98 26.54 -24.82
N LEU A 404 7.88 25.54 -25.70
CA LEU A 404 8.76 24.38 -25.54
C LEU A 404 10.21 24.73 -25.88
N ALA A 405 10.42 25.79 -26.68
CA ALA A 405 11.77 26.12 -27.10
C ALA A 405 12.67 26.52 -25.95
N GLU A 406 12.18 27.34 -24.99
CA GLU A 406 13.04 27.75 -23.89
C GLU A 406 13.44 26.55 -23.04
N TYR A 407 12.50 25.63 -22.81
CA TYR A 407 12.81 24.46 -22.01
C TYR A 407 13.79 23.55 -22.72
N VAL A 408 13.67 23.43 -24.05
CA VAL A 408 14.62 22.61 -24.79
C VAL A 408 16.02 23.22 -24.74
N TYR A 409 16.11 24.54 -24.98
CA TYR A 409 17.43 25.16 -25.07
C TYR A 409 18.09 25.31 -23.71
N SER A 410 17.32 25.70 -22.69
CA SER A 410 17.93 26.04 -21.40
C SER A 410 18.53 24.84 -20.70
N TYR A 411 17.98 23.65 -20.91
CA TYR A 411 18.43 22.46 -20.20
C TYR A 411 19.05 21.42 -21.15
N ASN A 412 19.48 21.86 -22.33
CA ASN A 412 20.22 21.03 -23.27
C ASN A 412 19.46 19.76 -23.65
N GLY A 413 18.14 19.89 -23.78
CA GLY A 413 17.32 18.82 -24.29
C GLY A 413 16.84 17.80 -23.27
N THR A 414 17.36 17.84 -22.05
CA THR A 414 16.90 16.91 -21.00
C THR A 414 15.58 17.43 -20.46
N LEU A 415 14.49 17.01 -21.09
CA LEU A 415 13.16 17.36 -20.63
C LEU A 415 12.78 16.51 -19.42
N GLU A 416 11.96 17.13 -18.55
CA GLU A 416 11.54 16.51 -17.28
C GLU A 416 10.02 16.60 -17.16
N HIS A 417 9.43 16.10 -16.09
CA HIS A 417 7.98 16.06 -15.89
C HIS A 417 7.35 17.45 -15.88
N TYR A 418 7.94 18.37 -15.11
CA TYR A 418 7.39 19.75 -14.92
C TYR A 418 7.34 20.53 -16.23
N MET A 419 8.32 20.34 -17.11
CA MET A 419 8.39 21.04 -18.42
C MET A 419 7.21 20.56 -19.27
N ILE A 420 6.98 19.24 -19.36
CA ILE A 420 5.90 18.67 -20.14
C ILE A 420 4.55 19.06 -19.55
N ALA A 421 4.43 19.09 -18.22
CA ALA A 421 3.18 19.51 -17.60
C ALA A 421 2.86 20.96 -17.93
N LYS A 422 3.86 21.84 -17.92
CA LYS A 422 3.65 23.23 -18.27
C LYS A 422 3.17 23.38 -19.71
N VAL A 423 3.81 22.65 -20.63
CA VAL A 423 3.38 22.75 -22.04
C VAL A 423 1.98 22.17 -22.21
N ILE A 424 1.66 21.08 -21.51
CA ILE A 424 0.34 20.49 -21.62
C ILE A 424 -0.73 21.44 -21.09
N TYR A 425 -0.43 22.13 -19.98
CA TYR A 425 -1.37 23.11 -19.47
C TYR A 425 -1.56 24.26 -20.45
N ALA A 426 -0.47 24.72 -21.06
CA ALA A 426 -0.61 25.75 -22.09
C ALA A 426 -1.42 25.26 -23.27
N MET A 427 -1.34 23.96 -23.56
CA MET A 427 -2.00 23.38 -24.77
C MET A 427 -3.48 23.11 -24.54
N MET A 428 -3.88 22.64 -23.35
CA MET A 428 -5.26 22.26 -23.06
C MET A 428 -5.71 22.79 -21.71
N GLY A 429 -5.36 24.03 -21.38
CA GLY A 429 -5.70 24.56 -20.08
C GLY A 429 -7.17 24.93 -19.94
N ASN A 430 -7.87 25.09 -21.06
CA ASN A 430 -9.25 25.57 -21.05
C ASN A 430 -10.27 24.44 -21.16
N LYS A 431 -9.85 23.20 -20.99
CA LYS A 431 -10.75 22.06 -21.09
C LYS A 431 -10.76 21.17 -19.87
N PHE A 432 -9.69 21.16 -19.08
CA PHE A 432 -9.60 20.31 -17.90
C PHE A 432 -9.44 21.16 -16.65
N VAL A 433 -10.12 20.76 -15.58
CA VAL A 433 -10.02 21.41 -14.29
C VAL A 433 -9.96 20.33 -13.21
N VAL A 434 -9.04 20.48 -12.27
CA VAL A 434 -8.88 19.53 -11.17
C VAL A 434 -9.09 20.27 -9.85
N ASP A 435 -9.83 19.64 -8.95
CA ASP A 435 -10.10 20.21 -7.64
C ASP A 435 -10.09 19.09 -6.61
N VAL A 436 -9.83 19.47 -5.36
CA VAL A 436 -9.74 18.51 -4.26
C VAL A 436 -11.14 18.32 -3.66
N ASP A 437 -11.58 17.07 -3.60
CA ASP A 437 -12.89 16.76 -3.04
C ASP A 437 -12.81 16.68 -1.52
N SER A 438 -13.88 16.19 -0.89
CA SER A 438 -13.90 16.07 0.56
C SER A 438 -12.90 15.03 1.04
N ASN A 439 -12.65 14.00 0.24
CA ASN A 439 -11.74 12.93 0.63
C ASN A 439 -10.27 13.35 0.66
N GLY A 440 -9.96 14.55 0.15
CA GLY A 440 -8.58 14.95 0.03
C GLY A 440 -7.86 14.39 -1.17
N LYS A 441 -8.59 13.99 -2.21
CA LYS A 441 -8.03 13.42 -3.42
C LYS A 441 -8.32 14.34 -4.59
N TYR A 442 -7.34 14.48 -5.48
CA TYR A 442 -7.48 15.35 -6.63
C TYR A 442 -8.36 14.67 -7.67
N VAL A 443 -9.42 15.36 -8.09
CA VAL A 443 -10.41 14.81 -9.01
C VAL A 443 -10.40 15.65 -10.29
N TRP A 444 -10.28 14.98 -11.43
CA TRP A 444 -10.21 15.65 -12.72
C TRP A 444 -11.60 15.82 -13.32
N PHE A 445 -11.80 16.95 -14.00
CA PHE A 445 -13.03 17.24 -14.70
C PHE A 445 -12.71 17.65 -16.13
N GLU A 446 -13.59 17.27 -17.05
CA GLU A 446 -13.42 17.57 -18.46
C GLU A 446 -14.71 18.13 -19.04
N PHE A 447 -14.58 19.15 -19.89
CA PHE A 447 -15.71 19.73 -20.59
C PHE A 447 -15.93 18.95 -21.88
N VAL A 448 -17.11 18.35 -22.02
CA VAL A 448 -17.39 17.42 -23.11
C VAL A 448 -17.89 18.25 -24.29
N LEU A 449 -17.03 18.45 -25.28
CA LEU A 449 -17.41 19.07 -26.54
C LEU A 449 -17.98 18.01 -27.48
N PRO A 450 -18.75 18.43 -28.49
CA PRO A 450 -19.31 17.47 -29.43
C PRO A 450 -18.24 16.79 -30.27
N GLY A 451 -18.62 15.67 -30.88
CA GLY A 451 -17.72 14.91 -31.72
C GLY A 451 -16.59 14.23 -30.99
N GLN A 452 -16.85 13.68 -29.81
CA GLN A 452 -15.88 12.87 -29.08
C GLN A 452 -16.65 11.78 -28.36
N PRO A 453 -16.03 10.65 -28.05
CA PRO A 453 -16.73 9.59 -27.33
C PRO A 453 -17.24 10.08 -25.97
N MET A 454 -18.54 9.90 -25.72
CA MET A 454 -19.15 10.37 -24.45
C MET A 454 -20.43 9.60 -24.19
N ASN A 455 -20.82 9.47 -22.94
CA ASN A 455 -22.06 8.82 -22.57
C ASN A 455 -23.25 9.63 -23.04
N GLN A 456 -24.42 8.98 -23.07
CA GLN A 456 -25.62 9.65 -23.56
C GLN A 456 -26.02 10.79 -22.63
N GLY A 457 -26.14 11.99 -23.20
CA GLY A 457 -26.67 13.13 -22.50
C GLY A 457 -25.67 13.97 -21.73
N GLU A 458 -24.39 13.60 -21.72
CA GLU A 458 -23.38 14.34 -20.98
C GLU A 458 -22.67 15.40 -21.81
N ILE A 459 -23.28 15.84 -22.93
CA ILE A 459 -22.63 16.81 -23.85
C ILE A 459 -22.83 18.24 -23.34
N TRP A 460 -21.81 19.08 -23.41
CA TRP A 460 -21.80 20.48 -22.95
C TRP A 460 -21.77 20.58 -21.43
N LYS A 461 -21.17 19.61 -20.76
CA LYS A 461 -21.12 19.60 -19.30
C LYS A 461 -19.77 19.08 -18.83
N TRP A 462 -19.45 19.41 -17.58
CA TRP A 462 -18.23 18.93 -16.94
C TRP A 462 -18.48 17.52 -16.42
N ARG A 463 -17.77 16.54 -16.96
CA ARG A 463 -17.89 15.16 -16.51
C ARG A 463 -16.71 14.81 -15.60
N LYS A 464 -16.98 13.96 -14.63
CA LYS A 464 -15.96 13.53 -13.67
C LYS A 464 -15.22 12.32 -14.21
N GLU A 465 -13.90 12.34 -14.07
CA GLU A 465 -13.05 11.27 -14.53
C GLU A 465 -12.15 10.79 -13.40
N VAL A 466 -12.11 9.48 -13.19
CA VAL A 466 -11.19 8.90 -12.22
C VAL A 466 -9.74 9.11 -12.67
N ASN A 467 -9.49 8.94 -13.96
CA ASN A 467 -8.17 9.08 -14.54
C ASN A 467 -8.30 9.76 -15.90
N PRO A 468 -7.66 10.90 -16.12
CA PRO A 468 -7.84 11.63 -17.38
C PRO A 468 -7.23 10.91 -18.57
N ASP A 469 -7.90 9.87 -19.04
CA ASP A 469 -7.38 9.08 -20.16
C ASP A 469 -7.24 9.90 -21.43
N GLU A 470 -8.11 10.91 -21.60
CA GLU A 470 -7.99 11.78 -22.77
C GLU A 470 -6.68 12.54 -22.74
N LEU A 471 -6.26 13.00 -21.55
CA LEU A 471 -4.95 13.64 -21.43
C LEU A 471 -3.82 12.66 -21.69
N HIS A 472 -3.98 11.41 -21.25
CA HIS A 472 -2.98 10.39 -21.52
C HIS A 472 -2.80 10.19 -23.02
N ILE A 473 -3.90 10.10 -23.76
CA ILE A 473 -3.81 9.98 -25.21
C ILE A 473 -3.22 11.24 -25.82
N TYR A 474 -3.63 12.40 -25.31
CA TYR A 474 -3.17 13.67 -25.87
C TYR A 474 -1.67 13.85 -25.75
N ILE A 475 -1.09 13.38 -24.64
CA ILE A 475 0.35 13.54 -24.43
C ILE A 475 1.13 12.80 -25.52
N SER A 476 0.72 11.58 -25.86
CA SER A 476 1.46 10.76 -26.80
C SER A 476 1.07 11.00 -28.26
N GLU A 477 -0.04 11.69 -28.52
CA GLU A 477 -0.53 11.85 -29.88
C GLU A 477 -0.31 13.24 -30.45
N ASN A 478 -0.60 14.29 -29.69
CA ASN A 478 -0.51 15.66 -30.18
C ASN A 478 0.81 16.34 -29.79
N PHE A 479 1.31 16.08 -28.59
CA PHE A 479 2.58 16.65 -28.16
C PHE A 479 3.76 16.12 -28.97
N SER A 480 3.62 14.92 -29.53
CA SER A 480 4.67 14.38 -30.39
C SER A 480 4.84 15.23 -31.64
N ARG A 481 3.80 15.93 -32.08
CA ARG A 481 3.95 16.82 -33.22
C ARG A 481 4.82 18.03 -32.88
N VAL A 482 4.67 18.58 -31.68
CA VAL A 482 5.57 19.66 -31.25
C VAL A 482 6.99 19.14 -31.09
N MET A 483 7.12 17.90 -30.60
CA MET A 483 8.43 17.26 -30.55
C MET A 483 9.06 17.18 -31.94
N ASP A 484 8.26 16.79 -32.93
CA ASP A 484 8.75 16.70 -34.30
C ASP A 484 9.14 18.07 -34.83
N ARG A 485 8.38 19.10 -34.49
CA ARG A 485 8.74 20.46 -34.90
C ARG A 485 10.07 20.88 -34.30
N ILE A 486 10.30 20.55 -33.03
CA ILE A 486 11.59 20.86 -32.40
C ILE A 486 12.72 20.12 -33.10
N THR A 487 12.49 18.85 -33.42
CA THR A 487 13.52 18.08 -34.12
C THR A 487 13.82 18.67 -35.49
N GLU A 488 12.78 19.11 -36.20
CA GLU A 488 12.98 19.74 -37.51
C GLU A 488 13.78 21.04 -37.37
N HIS A 489 13.48 21.82 -36.33
CA HIS A 489 14.23 23.05 -36.09
C HIS A 489 15.71 22.74 -35.84
N ILE A 490 15.99 21.73 -35.02
CA ILE A 490 17.37 21.37 -34.72
C ILE A 490 18.08 20.90 -35.99
N LYS A 491 17.41 20.07 -36.79
CA LYS A 491 18.02 19.61 -38.03
C LYS A 491 18.30 20.77 -38.99
N TYR A 492 17.37 21.71 -39.08
CA TYR A 492 17.58 22.87 -39.94
C TYR A 492 18.78 23.69 -39.48
N HIS A 493 18.91 23.88 -38.15
CA HIS A 493 20.07 24.61 -37.66
C HIS A 493 21.36 23.85 -37.89
N LEU A 494 21.31 22.51 -37.84
CA LEU A 494 22.49 21.71 -38.18
C LEU A 494 22.88 21.90 -39.64
N SER A 495 21.90 21.91 -40.54
CA SER A 495 22.21 22.08 -41.96
C SER A 495 22.73 23.47 -42.28
N GLN A 496 22.45 24.45 -41.44
CA GLN A 496 22.90 25.82 -41.71
C GLN A 496 24.41 25.91 -41.49
N PRO A 497 25.13 26.63 -42.35
CA PRO A 497 26.58 26.79 -42.16
C PRO A 497 26.86 27.67 -40.94
N HIS A 498 27.56 27.09 -39.96
CA HIS A 498 27.87 27.77 -38.71
C HIS A 498 29.30 27.47 -38.31
N GLU A 499 29.72 28.07 -37.20
CA GLU A 499 31.03 27.77 -36.63
C GLU A 499 31.05 26.33 -36.13
N THR A 500 32.25 25.72 -36.19
CA THR A 500 32.39 24.32 -35.78
C THR A 500 31.90 24.11 -34.35
N ASN A 501 32.16 25.07 -33.46
CA ASN A 501 31.67 24.96 -32.09
C ASN A 501 30.15 24.95 -32.05
N ILE A 502 29.51 25.80 -32.86
CA ILE A 502 28.06 25.83 -32.92
C ILE A 502 27.50 24.51 -33.43
N LEU A 503 28.15 23.96 -34.46
CA LEU A 503 27.70 22.67 -35.00
C LEU A 503 27.85 21.56 -33.96
N ASN A 504 28.95 21.57 -33.21
CA ASN A 504 29.13 20.56 -32.17
C ASN A 504 28.07 20.69 -31.08
N TYR A 505 27.79 21.93 -30.67
CA TYR A 505 26.76 22.15 -29.66
C TYR A 505 25.40 21.67 -30.14
N TYR A 506 25.05 21.97 -31.40
CA TYR A 506 23.77 21.53 -31.93
C TYR A 506 23.72 20.01 -32.08
N LYS A 507 24.83 19.38 -32.43
CA LYS A 507 24.86 17.92 -32.50
C LYS A 507 24.62 17.31 -31.12
N LYS A 508 25.28 17.84 -30.09
CA LYS A 508 25.06 17.36 -28.73
C LYS A 508 23.62 17.57 -28.30
N LEU A 509 23.05 18.74 -28.62
CA LEU A 509 21.66 19.03 -28.28
C LEU A 509 20.72 18.05 -28.98
N LEU A 510 20.97 17.77 -30.26
CA LEU A 510 20.14 16.81 -30.97
C LEU A 510 20.21 15.42 -30.35
N LYS A 511 21.43 14.99 -29.99
CA LYS A 511 21.58 13.67 -29.37
C LYS A 511 20.81 13.60 -28.06
N ALA A 512 20.95 14.63 -27.22
CA ALA A 512 20.25 14.63 -25.95
C ALA A 512 18.74 14.66 -26.14
N PHE A 513 18.25 15.48 -27.07
CA PHE A 513 16.82 15.56 -27.32
C PHE A 513 16.27 14.25 -27.84
N GLU A 514 17.00 13.59 -28.75
CA GLU A 514 16.57 12.29 -29.25
C GLU A 514 16.53 11.26 -28.13
N ARG A 515 17.50 11.32 -27.21
CA ARG A 515 17.45 10.45 -26.05
C ARG A 515 16.22 10.73 -25.20
N SER A 516 15.86 12.01 -25.05
CA SER A 516 14.71 12.40 -24.25
C SER A 516 13.42 12.50 -25.05
N LYS A 517 13.44 12.16 -26.34
CA LYS A 517 12.24 12.29 -27.16
C LYS A 517 11.24 11.18 -26.91
N SER A 518 11.73 9.97 -26.63
CA SER A 518 10.85 8.81 -26.48
C SER A 518 10.30 8.64 -25.07
N LYS A 519 10.63 9.54 -24.14
CA LYS A 519 10.13 9.41 -22.78
C LYS A 519 8.62 9.62 -22.71
N ILE A 520 8.05 10.40 -23.63
CA ILE A 520 6.63 10.72 -23.57
C ILE A 520 5.74 9.52 -23.86
N PHE A 521 6.30 8.41 -24.34
CA PHE A 521 5.55 7.18 -24.56
C PHE A 521 5.63 6.22 -23.38
N ASN A 522 6.37 6.57 -22.33
CA ASN A 522 6.56 5.70 -21.18
C ASN A 522 5.42 5.90 -20.19
N ASP A 523 5.00 4.81 -19.54
CA ASP A 523 3.87 4.87 -18.63
C ASP A 523 4.22 5.67 -17.38
N SER A 524 5.38 5.38 -16.77
CA SER A 524 5.77 6.08 -15.54
C SER A 524 6.01 7.56 -15.80
N PHE A 525 6.61 7.89 -16.94
CA PHE A 525 6.85 9.30 -17.27
C PHE A 525 5.53 10.05 -17.43
N LYS A 526 4.56 9.44 -18.10
CA LYS A 526 3.26 10.08 -18.27
C LYS A 526 2.53 10.22 -16.94
N LYS A 527 2.64 9.21 -16.07
CA LYS A 527 2.06 9.31 -14.74
C LYS A 527 2.66 10.48 -13.97
N GLY A 528 3.99 10.61 -14.03
CA GLY A 528 4.63 11.73 -13.37
C GLY A 528 4.23 13.08 -13.94
N VAL A 529 4.11 13.16 -15.27
CA VAL A 529 3.72 14.40 -15.92
C VAL A 529 2.32 14.81 -15.47
N ILE A 530 1.39 13.86 -15.45
CA ILE A 530 0.02 14.18 -15.05
C ILE A 530 -0.05 14.51 -13.56
N ARG A 531 0.73 13.81 -12.74
CA ARG A 531 0.77 14.12 -11.32
C ARG A 531 1.29 15.54 -11.08
N GLN A 532 2.29 15.96 -11.86
CA GLN A 532 2.75 17.34 -11.77
C GLN A 532 1.75 18.32 -12.36
N ALA A 533 0.99 17.90 -13.36
CA ALA A 533 0.01 18.79 -13.99
C ALA A 533 -1.18 19.06 -13.09
N GLU A 534 -1.41 18.23 -12.07
CA GLU A 534 -2.52 18.47 -11.15
C GLU A 534 -2.36 19.79 -10.41
N PHE A 535 -1.13 20.26 -10.26
CA PHE A 535 -0.88 21.52 -9.56
C PHE A 535 -1.22 22.71 -10.44
N LEU A 536 -1.02 22.60 -11.75
CA LEU A 536 -1.26 23.71 -12.65
C LEU A 536 -2.73 23.84 -13.01
N PHE A 537 -3.42 22.72 -13.21
CA PHE A 537 -4.84 22.74 -13.55
C PHE A 537 -5.73 23.02 -12.35
N ARG A 538 -5.16 23.10 -11.15
CA ARG A 538 -5.96 23.27 -9.94
C ARG A 538 -6.71 24.59 -9.98
N GLN A 539 -8.02 24.54 -9.70
CA GLN A 539 -8.86 25.71 -9.62
C GLN A 539 -9.60 25.69 -8.29
N ARG A 540 -9.26 26.63 -7.42
CA ARG A 540 -9.82 26.73 -6.08
C ARG A 540 -11.32 26.97 -6.14
N SER A 541 -12.07 26.34 -5.25
CA SER A 541 -13.52 26.41 -5.11
C SER A 541 -14.33 25.96 -6.34
N PHE A 542 -13.79 25.11 -7.22
CA PHE A 542 -14.55 24.69 -8.39
C PHE A 542 -15.68 23.73 -8.00
N ILE A 543 -15.38 22.78 -7.10
CA ILE A 543 -16.40 21.84 -6.65
C ILE A 543 -17.47 22.56 -5.84
N GLN A 544 -17.08 23.58 -5.08
CA GLN A 544 -17.98 24.33 -4.22
C GLN A 544 -19.08 25.01 -5.02
N THR A 545 -18.76 25.55 -6.19
CA THR A 545 -19.70 26.22 -7.07
C THR A 545 -20.38 25.27 -8.06
N LEU A 546 -20.05 23.99 -8.02
CA LEU A 546 -20.61 23.03 -8.97
C LEU A 546 -22.09 22.78 -8.67
N ASP A 547 -22.93 22.97 -9.68
CA ASP A 547 -24.37 22.71 -9.60
C ASP A 547 -25.07 23.53 -8.52
N THR A 548 -24.53 24.70 -8.18
CA THR A 548 -25.16 25.53 -7.16
C THR A 548 -26.35 26.30 -7.71
N ASN A 549 -26.29 26.71 -8.97
CA ASN A 549 -27.35 27.53 -9.55
C ASN A 549 -28.61 26.70 -9.74
N PRO A 550 -29.73 27.05 -9.11
CA PRO A 550 -30.95 26.24 -9.27
C PRO A 550 -31.70 26.50 -10.56
N TYR A 551 -31.43 27.61 -11.24
CA TYR A 551 -32.13 27.93 -12.48
C TYR A 551 -31.52 27.31 -13.71
N LEU A 552 -30.45 26.53 -13.55
CA LEU A 552 -29.82 25.82 -14.66
C LEU A 552 -29.99 24.33 -14.46
N LEU A 553 -30.55 23.65 -15.46
CA LEU A 553 -30.83 22.23 -15.38
C LEU A 553 -30.20 21.54 -16.58
N GLY A 554 -29.41 20.50 -16.32
CA GLY A 554 -28.75 19.78 -17.40
C GLY A 554 -29.72 18.82 -18.07
N VAL A 555 -29.64 18.77 -19.40
CA VAL A 555 -30.51 17.93 -20.22
C VAL A 555 -29.65 17.12 -21.18
N GLY A 556 -30.31 16.23 -21.92
CA GLY A 556 -29.59 15.32 -22.79
C GLY A 556 -29.00 15.95 -24.03
N ASN A 557 -29.51 17.10 -24.45
CA ASN A 557 -29.04 17.76 -25.67
C ASN A 557 -28.42 19.12 -25.40
N GLY A 558 -27.92 19.33 -24.20
CA GLY A 558 -27.33 20.60 -23.82
C GLY A 558 -27.63 20.89 -22.36
N VAL A 559 -27.95 22.16 -22.08
CA VAL A 559 -28.38 22.57 -20.76
C VAL A 559 -29.58 23.50 -20.92
N LEU A 560 -30.57 23.33 -20.04
CA LEU A 560 -31.79 24.12 -20.08
C LEU A 560 -31.70 25.22 -19.03
N SER A 561 -32.00 26.45 -19.45
CA SER A 561 -31.95 27.62 -18.58
C SER A 561 -33.36 28.13 -18.37
N ILE A 562 -33.84 28.04 -17.12
CA ILE A 562 -35.15 28.56 -16.75
C ILE A 562 -35.04 29.92 -16.06
N GLU A 563 -33.92 30.63 -16.24
CA GLU A 563 -33.75 31.94 -15.64
C GLU A 563 -34.76 32.95 -16.15
N THR A 564 -35.20 32.82 -17.40
CA THR A 564 -36.11 33.78 -18.01
C THR A 564 -37.24 33.02 -18.70
N ILE A 565 -38.32 33.74 -18.95
CA ILE A 565 -39.50 33.21 -19.64
C ILE A 565 -39.49 33.76 -21.06
N PRO A 566 -39.49 32.91 -22.09
CA PRO A 566 -39.49 31.44 -22.03
C PRO A 566 -38.11 30.85 -21.75
N ALA A 567 -38.08 29.57 -21.40
CA ALA A 567 -36.82 28.89 -21.14
C ALA A 567 -36.01 28.75 -22.44
N LYS A 568 -34.70 28.81 -22.31
CA LYS A 568 -33.78 28.72 -23.43
C LYS A 568 -32.94 27.46 -23.33
N LEU A 569 -32.71 26.81 -24.47
CA LEU A 569 -31.83 25.65 -24.54
C LEU A 569 -30.49 26.08 -25.11
N ILE A 570 -29.42 25.75 -24.39
CA ILE A 570 -28.07 26.15 -24.76
C ILE A 570 -27.42 25.00 -25.50
N ASN A 571 -27.19 25.18 -26.80
CA ASN A 571 -26.51 24.19 -27.64
C ASN A 571 -25.13 24.68 -28.07
N HIS A 572 -24.55 25.62 -27.35
CA HIS A 572 -23.28 26.21 -27.74
C HIS A 572 -22.35 26.23 -26.52
N PHE A 573 -21.20 26.86 -26.68
CA PHE A 573 -20.22 26.91 -25.60
C PHE A 573 -20.73 27.75 -24.44
N HIS A 574 -20.41 27.32 -23.23
CA HIS A 574 -20.80 28.02 -22.02
C HIS A 574 -19.83 27.65 -20.92
N GLU A 575 -19.81 28.43 -19.84
CA GLU A 575 -18.87 28.22 -18.72
C GLU A 575 -19.65 28.01 -17.42
N HIS A 576 -20.93 27.66 -17.48
CA HIS A 576 -21.67 27.38 -16.26
C HIS A 576 -21.19 26.07 -15.64
N PRO A 577 -20.81 26.07 -14.37
CA PRO A 577 -20.30 24.83 -13.76
C PRO A 577 -21.41 23.84 -13.46
N ILE A 578 -21.80 23.06 -14.47
CA ILE A 578 -22.91 22.12 -14.38
C ILE A 578 -22.38 20.71 -14.63
N HIS A 579 -22.63 19.81 -13.69
CA HIS A 579 -22.15 18.44 -13.76
C HIS A 579 -23.29 17.43 -13.85
N GLN A 580 -24.25 17.49 -12.93
CA GLN A 580 -25.36 16.55 -12.95
C GLN A 580 -26.31 16.87 -14.11
N TYR A 581 -27.03 15.84 -14.56
CA TYR A 581 -27.89 16.00 -15.73
C TYR A 581 -28.92 14.88 -15.75
N THR A 582 -29.91 15.05 -16.62
CA THR A 582 -30.86 14.01 -16.94
C THR A 582 -30.77 13.68 -18.43
N HIS A 583 -31.04 12.42 -18.76
CA HIS A 583 -30.90 11.96 -20.14
C HIS A 583 -32.02 12.48 -21.04
N ILE A 584 -33.02 13.14 -20.49
CA ILE A 584 -34.16 13.60 -21.29
C ILE A 584 -33.75 14.80 -22.14
N CYS A 585 -34.03 14.72 -23.44
CA CYS A 585 -33.79 15.84 -24.34
C CYS A 585 -34.98 16.80 -24.30
N TYR A 586 -34.68 18.09 -24.16
CA TYR A 586 -35.73 19.10 -24.03
C TYR A 586 -36.23 19.54 -25.40
N GLU A 587 -37.55 19.63 -25.54
CA GLU A 587 -38.16 20.19 -26.74
C GLU A 587 -39.27 21.14 -26.33
N PRO A 588 -39.55 22.14 -27.17
CA PRO A 588 -40.61 23.10 -26.83
C PRO A 588 -41.96 22.41 -26.74
N PHE A 589 -42.80 22.94 -25.84
CA PHE A 589 -44.11 22.35 -25.61
C PHE A 589 -44.99 22.49 -26.85
N ASN A 590 -45.58 21.38 -27.27
CA ASN A 590 -46.43 21.36 -28.45
C ASN A 590 -47.64 20.47 -28.20
N PRO A 591 -48.84 21.06 -28.07
CA PRO A 591 -50.03 20.26 -27.79
C PRO A 591 -50.43 19.31 -28.89
N GLU A 592 -49.93 19.49 -30.12
CA GLU A 592 -50.30 18.65 -31.25
C GLU A 592 -49.42 17.42 -31.39
N ASN A 593 -48.38 17.29 -30.56
CA ASN A 593 -47.57 16.08 -30.58
C ASN A 593 -48.40 14.90 -30.10
N PRO A 594 -48.37 13.76 -30.79
CA PRO A 594 -49.22 12.63 -30.37
C PRO A 594 -48.96 12.17 -28.94
N TRP A 595 -47.70 12.16 -28.52
CA TRP A 595 -47.35 11.78 -27.16
C TRP A 595 -47.87 12.82 -26.18
N THR A 596 -47.81 14.10 -26.53
CA THR A 596 -48.37 15.14 -25.68
C THR A 596 -49.88 14.99 -25.52
N LYS A 597 -50.58 14.70 -26.62
CA LYS A 597 -52.02 14.47 -26.54
C LYS A 597 -52.33 13.26 -25.66
N LEU A 598 -51.56 12.19 -25.82
CA LEU A 598 -51.76 10.97 -25.06
C LEU A 598 -51.58 11.24 -23.57
N LEU A 599 -50.54 11.99 -23.20
CA LEU A 599 -50.26 12.33 -21.81
C LEU A 599 -51.33 13.26 -21.24
N LEU A 600 -51.79 14.25 -22.01
CA LEU A 600 -52.86 15.13 -21.54
C LEU A 600 -54.16 14.37 -21.32
N ASN A 601 -54.49 13.43 -22.21
CA ASN A 601 -55.67 12.61 -22.02
C ASN A 601 -55.55 11.71 -20.80
N ALA A 602 -54.35 11.20 -20.55
CA ALA A 602 -54.08 10.37 -19.38
C ALA A 602 -54.27 11.20 -18.11
N LEU A 603 -53.80 12.46 -18.11
CA LEU A 603 -53.99 13.35 -16.98
C LEU A 603 -55.46 13.66 -16.77
N GLN A 604 -56.20 13.86 -17.87
CA GLN A 604 -57.63 14.07 -17.76
C GLN A 604 -58.33 12.87 -17.15
N ASP A 605 -57.89 11.66 -17.49
CA ASP A 605 -58.44 10.41 -16.97
C ASP A 605 -58.07 10.16 -15.50
N ILE A 606 -56.83 10.44 -15.08
CA ILE A 606 -56.36 10.21 -13.71
C ILE A 606 -57.03 11.16 -12.70
N ILE A 607 -57.25 12.43 -13.04
CA ILE A 607 -57.79 13.44 -12.14
C ILE A 607 -59.01 14.07 -12.80
N PRO A 608 -60.22 13.70 -12.38
CA PRO A 608 -61.42 14.27 -13.02
C PRO A 608 -61.61 15.74 -12.76
N GLU A 609 -61.38 16.21 -11.53
CA GLU A 609 -61.64 17.60 -11.19
C GLU A 609 -60.65 18.51 -11.90
N LEU A 610 -61.14 19.57 -12.54
CA LEU A 610 -60.26 20.48 -13.31
C LEU A 610 -59.37 21.25 -12.33
N ASP A 611 -59.92 21.86 -11.27
CA ASP A 611 -59.09 22.64 -10.36
C ASP A 611 -58.06 21.77 -9.65
N ALA A 612 -58.46 20.56 -9.25
CA ALA A 612 -57.52 19.65 -8.62
C ALA A 612 -56.40 19.27 -9.59
N ARG A 613 -56.74 19.01 -10.86
CA ARG A 613 -55.72 18.67 -11.84
C ARG A 613 -54.76 19.83 -12.05
N LEU A 614 -55.28 21.04 -12.14
CA LEU A 614 -54.43 22.22 -12.31
C LEU A 614 -53.50 22.38 -11.13
N TRP A 615 -54.02 22.23 -9.90
CA TRP A 615 -53.19 22.38 -8.71
C TRP A 615 -52.11 21.30 -8.67
N ILE A 616 -52.48 20.06 -9.01
CA ILE A 616 -51.50 18.98 -8.99
C ILE A 616 -50.38 19.24 -10.00
N MET A 617 -50.75 19.67 -11.21
CA MET A 617 -49.73 19.93 -12.22
C MET A 617 -48.86 21.11 -11.84
N PHE A 618 -49.44 22.16 -11.24
CA PHE A 618 -48.62 23.27 -10.78
C PHE A 618 -47.67 22.84 -9.69
N TYR A 619 -48.14 22.00 -8.75
CA TYR A 619 -47.28 21.52 -7.68
C TYR A 619 -46.14 20.66 -8.22
N LEU A 620 -46.45 19.74 -9.14
CA LEU A 620 -45.42 18.89 -9.72
C LEU A 620 -44.47 19.67 -10.62
N SER A 621 -44.89 20.83 -11.13
CA SER A 621 -43.99 21.64 -11.95
C SER A 621 -42.86 22.23 -11.12
N THR A 622 -43.09 22.47 -9.84
CA THR A 622 -42.05 23.03 -8.97
C THR A 622 -40.90 22.05 -8.73
N ALA A 623 -41.06 20.79 -9.11
CA ALA A 623 -39.96 19.84 -8.99
C ALA A 623 -38.78 20.19 -9.89
N ILE A 624 -39.01 20.99 -10.93
CA ILE A 624 -37.91 21.44 -11.79
C ILE A 624 -36.96 22.31 -10.99
N PHE A 625 -37.50 23.25 -10.20
CA PHE A 625 -36.69 24.17 -9.43
C PHE A 625 -36.07 23.44 -8.24
N ARG A 626 -34.75 23.56 -8.09
CA ARG A 626 -34.01 22.88 -7.04
C ARG A 626 -33.64 23.82 -5.89
N GLY A 627 -34.34 24.94 -5.74
CA GLY A 627 -34.09 25.87 -4.66
C GLY A 627 -35.17 25.80 -3.59
N LEU A 628 -35.16 26.81 -2.73
CA LEU A 628 -36.14 26.90 -1.65
C LEU A 628 -37.54 27.12 -2.22
N LYS A 629 -38.54 26.60 -1.53
CA LYS A 629 -39.92 26.70 -2.00
C LYS A 629 -40.85 26.68 -0.80
N GLU A 630 -42.16 26.65 -1.10
CA GLU A 630 -43.19 27.02 -0.14
C GLU A 630 -43.47 25.98 0.95
N ALA A 631 -42.66 24.92 1.01
CA ALA A 631 -42.72 23.95 2.10
C ALA A 631 -44.09 23.30 2.22
N LEU A 632 -44.48 22.55 1.19
CA LEU A 632 -45.72 21.79 1.19
C LEU A 632 -45.44 20.32 0.90
N MET A 633 -46.28 19.44 1.41
CA MET A 633 -46.20 18.01 1.15
C MET A 633 -47.57 17.53 0.71
N LEU A 634 -47.60 16.66 -0.29
CA LEU A 634 -48.82 16.15 -0.88
C LEU A 634 -49.04 14.71 -0.43
N LEU A 635 -50.23 14.42 0.06
CA LEU A 635 -50.64 13.09 0.50
C LEU A 635 -51.70 12.60 -0.48
N TRP A 636 -51.52 11.41 -1.02
CA TRP A 636 -52.43 10.81 -1.97
C TRP A 636 -53.19 9.72 -1.24
N LEU A 637 -54.49 9.59 -1.51
CA LEU A 637 -55.28 8.48 -0.99
C LEU A 637 -55.98 7.74 -2.13
N GLY A 638 -55.82 6.42 -2.17
CA GLY A 638 -56.42 5.62 -3.22
C GLY A 638 -56.43 4.15 -2.92
N GLY A 639 -57.49 3.45 -3.31
CA GLY A 639 -57.62 2.01 -3.01
C GLY A 639 -56.74 1.09 -3.83
N GLY A 640 -56.25 1.53 -4.98
CA GLY A 640 -55.37 0.77 -5.87
C GLY A 640 -55.85 0.77 -7.32
N CYS A 641 -54.91 0.58 -8.24
CA CYS A 641 -55.15 0.59 -9.68
C CYS A 641 -55.81 1.87 -10.16
N ASN A 642 -55.28 3.01 -9.72
CA ASN A 642 -55.77 4.34 -10.07
C ASN A 642 -54.66 5.30 -10.48
N GLY A 643 -53.57 4.75 -11.01
CA GLY A 643 -52.45 5.51 -11.53
C GLY A 643 -51.51 6.13 -10.50
N LYS A 644 -51.52 5.73 -9.22
CA LYS A 644 -50.66 6.38 -8.21
C LYS A 644 -49.20 6.26 -8.63
N THR A 645 -48.75 5.03 -8.91
CA THR A 645 -47.37 4.72 -9.27
C THR A 645 -47.02 5.32 -10.63
N PHE A 646 -47.92 5.28 -11.62
CA PHE A 646 -47.63 5.80 -12.95
C PHE A 646 -47.19 7.27 -12.94
N LEU A 647 -47.96 8.17 -12.35
CA LEU A 647 -47.67 9.60 -12.47
C LEU A 647 -46.40 9.99 -11.71
N MET A 648 -46.29 9.54 -10.46
CA MET A 648 -45.13 9.83 -9.64
C MET A 648 -43.86 9.24 -10.23
N ARG A 649 -43.91 7.99 -10.72
CA ARG A 649 -42.74 7.38 -11.33
C ARG A 649 -42.44 8.06 -12.65
N LEU A 650 -43.43 8.52 -13.42
CA LEU A 650 -43.13 9.23 -14.65
C LEU A 650 -42.37 10.51 -14.30
N VAL A 651 -42.78 11.25 -13.26
CA VAL A 651 -42.05 12.45 -12.85
C VAL A 651 -40.62 12.11 -12.47
N ALA A 652 -40.42 11.04 -11.70
CA ALA A 652 -39.08 10.62 -11.30
C ALA A 652 -38.23 10.22 -12.50
N MET A 653 -38.80 9.52 -13.48
CA MET A 653 -38.08 9.10 -14.68
C MET A 653 -37.67 10.30 -15.52
N VAL A 654 -38.57 11.27 -15.70
CA VAL A 654 -38.23 12.42 -16.53
C VAL A 654 -37.23 13.31 -15.81
N LEU A 655 -37.27 13.36 -14.47
CA LEU A 655 -36.29 14.14 -13.74
C LEU A 655 -34.96 13.42 -13.56
N GLY A 656 -34.91 12.12 -13.81
CA GLY A 656 -33.67 11.38 -13.73
C GLY A 656 -33.28 11.04 -12.31
N ASP A 657 -32.17 10.31 -12.20
CA ASP A 657 -31.68 9.88 -10.89
C ASP A 657 -31.00 11.01 -10.14
N HIS A 658 -30.29 11.89 -10.86
CA HIS A 658 -29.53 12.94 -10.20
C HIS A 658 -30.42 13.99 -9.55
N TYR A 659 -31.63 14.19 -10.10
CA TYR A 659 -32.54 15.21 -9.58
C TYR A 659 -33.73 14.64 -8.83
N ALA A 660 -34.05 13.37 -9.02
CA ALA A 660 -35.16 12.73 -8.36
C ALA A 660 -34.79 11.33 -7.90
N SER A 661 -35.43 10.85 -6.85
CA SER A 661 -35.16 9.51 -6.34
C SER A 661 -36.33 9.02 -5.50
N LYS A 662 -36.59 7.73 -5.54
CA LYS A 662 -37.58 7.12 -4.66
C LYS A 662 -36.97 7.15 -3.25
N LEU A 663 -37.79 7.35 -2.23
CA LEU A 663 -37.34 7.41 -0.84
C LEU A 663 -37.98 6.31 0.00
N ASN A 664 -37.23 5.79 0.97
CA ASN A 664 -37.70 4.78 1.88
C ASN A 664 -38.68 5.42 2.87
N ILE A 665 -39.84 4.84 3.16
CA ILE A 665 -40.80 5.46 4.08
C ILE A 665 -40.30 5.49 5.52
N SER A 666 -39.42 4.56 5.91
CA SER A 666 -38.86 4.54 7.28
C SER A 666 -38.05 5.80 7.56
N LEU A 667 -37.53 6.48 6.54
CA LEU A 667 -36.80 7.74 6.66
C LEU A 667 -37.70 8.88 7.16
N LEU A 668 -39.02 8.76 6.98
CA LEU A 668 -40.03 9.74 7.39
C LEU A 668 -40.80 9.29 8.64
N THR A 669 -40.82 7.99 8.95
CA THR A 669 -41.59 7.43 10.07
C THR A 669 -40.74 6.74 11.16
N SER A 670 -39.54 7.24 11.46
CA SER A 670 -38.68 6.68 12.51
C SER A 670 -37.68 7.69 13.08
N TYR A 671 -37.15 7.39 14.27
CA TYR A 671 -36.17 8.21 14.97
C TYR A 671 -34.80 8.08 14.32
N ARG A 672 -34.17 9.21 13.98
CA ARG A 672 -32.93 9.23 13.16
C ARG A 672 -31.71 8.58 13.81
N GLU A 673 -30.77 8.12 12.98
CA GLU A 673 -29.48 7.55 13.40
C GLU A 673 -28.50 8.63 13.86
N THR A 674 -27.62 8.29 14.81
CA THR A 674 -26.57 9.19 15.29
C THR A 674 -25.85 9.88 14.12
N ALA A 675 -25.61 11.19 14.21
CA ALA A 675 -24.96 11.99 13.17
C ALA A 675 -23.79 11.31 12.43
N GLU A 676 -22.90 10.66 13.19
CA GLU A 676 -21.80 9.82 12.70
C GLU A 676 -22.26 8.75 11.70
N LYS A 677 -23.23 7.91 12.10
CA LYS A 677 -23.91 6.88 11.28
C LYS A 677 -24.24 7.54 9.92
N PRO A 678 -23.59 7.18 8.80
CA PRO A 678 -23.80 7.87 7.53
C PRO A 678 -25.25 8.17 7.13
N ASN A 679 -26.08 7.14 6.96
CA ASN A 679 -27.50 7.34 6.56
C ASN A 679 -27.56 7.80 5.10
N SER A 680 -26.98 7.02 4.19
CA SER A 680 -26.97 7.30 2.77
C SER A 680 -28.38 7.53 2.22
N ALA A 681 -29.42 6.95 2.84
CA ALA A 681 -30.79 7.19 2.42
C ALA A 681 -31.13 8.67 2.62
N PHE A 682 -30.72 9.25 3.74
CA PHE A 682 -30.92 10.67 3.98
C PHE A 682 -30.04 11.48 3.02
N MET A 683 -28.82 11.03 2.73
CA MET A 683 -27.96 11.74 1.78
C MET A 683 -28.52 11.71 0.36
N ARG A 684 -29.53 10.87 0.10
CA ARG A 684 -30.20 10.80 -1.22
C ARG A 684 -31.08 12.05 -1.45
N LEU A 685 -31.28 12.88 -0.42
CA LEU A 685 -32.07 14.11 -0.52
C LEU A 685 -31.23 15.29 -1.00
N LYS A 686 -29.90 15.15 -1.07
CA LYS A 686 -29.02 16.22 -1.48
C LYS A 686 -29.21 16.50 -2.95
N GLY A 687 -29.45 17.76 -3.29
CA GLY A 687 -29.55 18.17 -4.68
C GLY A 687 -30.77 17.66 -5.41
N ARG A 688 -31.73 17.05 -4.72
CA ARG A 688 -32.93 16.44 -5.36
C ARG A 688 -34.08 17.46 -5.39
N GLY A 689 -34.66 17.72 -6.57
CA GLY A 689 -35.79 18.63 -6.70
C GLY A 689 -37.12 17.95 -6.42
N TYR A 690 -37.12 16.62 -6.39
CA TYR A 690 -38.30 15.77 -6.18
C TYR A 690 -37.94 14.46 -5.51
N GLY A 691 -38.78 14.00 -4.58
CA GLY A 691 -38.61 12.75 -3.87
C GLY A 691 -39.97 12.24 -3.46
N TYR A 692 -40.20 10.93 -3.55
CA TYR A 692 -41.50 10.38 -3.21
C TYR A 692 -41.40 9.00 -2.59
N PHE A 693 -42.37 8.64 -1.75
CA PHE A 693 -42.45 7.34 -1.07
C PHE A 693 -43.69 6.63 -1.62
N GLU A 694 -43.48 5.58 -2.39
CA GLU A 694 -44.52 4.79 -3.06
C GLU A 694 -45.16 3.69 -2.20
N GLU A 695 -44.60 3.39 -1.03
CA GLU A 695 -45.05 2.30 -0.16
C GLU A 695 -45.17 2.66 1.32
N THR A 696 -46.23 2.22 1.98
CA THR A 696 -46.50 2.44 3.41
C THR A 696 -47.29 1.25 3.98
N ASN A 697 -47.52 1.24 5.28
CA ASN A 697 -48.31 0.20 5.97
C ASN A 697 -49.76 0.66 6.14
N LYS A 698 -50.63 -0.28 6.48
CA LYS A 698 -52.05 -0.03 6.78
C LYS A 698 -52.09 1.03 7.88
N SER A 699 -51.53 0.64 9.03
CA SER A 699 -51.39 1.44 10.24
C SER A 699 -50.06 2.24 10.17
N GLU A 700 -50.04 3.50 9.69
CA GLU A 700 -48.79 4.28 9.59
C GLU A 700 -48.86 5.65 10.29
N ILE A 701 -48.00 5.88 11.29
CA ILE A 701 -47.87 7.15 12.01
C ILE A 701 -46.65 7.89 11.47
N LEU A 702 -46.85 8.95 10.68
CA LEU A 702 -45.70 9.72 10.21
C LEU A 702 -45.14 10.52 11.39
N ASN A 703 -43.83 10.58 11.54
CA ASN A 703 -43.22 11.30 12.64
C ASN A 703 -43.27 12.81 12.35
N THR A 704 -43.94 13.58 13.20
CA THR A 704 -44.09 15.03 12.97
C THR A 704 -42.77 15.79 13.03
N SER A 705 -41.83 15.37 13.86
CA SER A 705 -40.51 16.01 13.94
C SER A 705 -39.74 15.77 12.64
N ARG A 706 -39.80 14.56 12.10
CA ARG A 706 -39.16 14.29 10.78
C ARG A 706 -39.85 15.16 9.74
N LEU A 707 -41.19 15.13 9.69
CA LEU A 707 -41.95 15.90 8.72
C LEU A 707 -41.52 17.37 8.72
N LYS A 708 -41.58 18.07 9.86
CA LYS A 708 -41.19 19.48 9.91
C LYS A 708 -39.70 19.65 9.64
N GLU A 709 -38.88 18.65 9.92
CA GLU A 709 -37.45 18.73 9.58
C GLU A 709 -37.18 18.63 8.07
N MET A 710 -37.96 17.84 7.33
CA MET A 710 -37.76 17.62 5.90
C MET A 710 -38.56 18.51 4.96
N VAL A 711 -39.70 19.07 5.37
CA VAL A 711 -40.44 19.95 4.46
C VAL A 711 -40.03 21.40 4.62
N ASN A 712 -39.36 21.78 5.72
CA ASN A 712 -38.98 23.16 5.96
C ASN A 712 -37.83 23.58 5.04
N PRO A 713 -37.80 24.85 4.63
CA PRO A 713 -36.61 25.36 3.94
C PRO A 713 -35.50 25.66 4.92
N GLY A 714 -34.47 24.81 4.93
CA GLY A 714 -33.40 24.96 5.91
C GLY A 714 -32.32 23.93 5.68
N ASP A 715 -31.42 23.85 6.66
CA ASP A 715 -30.25 23.00 6.56
C ASP A 715 -30.44 21.74 7.39
N VAL A 716 -29.93 20.64 6.85
CA VAL A 716 -29.91 19.33 7.48
C VAL A 716 -28.51 18.77 7.33
N THR A 717 -28.12 17.89 8.24
CA THR A 717 -26.77 17.30 8.24
C THR A 717 -26.76 15.79 8.44
N ALA A 718 -25.89 15.12 7.70
CA ALA A 718 -25.66 13.68 7.74
C ALA A 718 -24.32 13.38 7.04
N ARG A 719 -23.78 12.18 7.27
CA ARG A 719 -22.50 11.72 6.70
C ARG A 719 -22.73 10.86 5.46
N GLU A 720 -21.81 10.83 4.51
CA GLU A 720 -21.89 9.90 3.37
C GLU A 720 -20.74 8.88 3.44
N LEU A 721 -20.92 7.75 2.75
CA LEU A 721 -19.90 6.67 2.77
C LEU A 721 -18.56 7.22 2.26
N ASN A 722 -17.54 7.22 3.12
CA ASN A 722 -16.18 7.69 2.75
C ASN A 722 -16.17 9.22 2.79
N GLN A 723 -17.05 9.85 3.58
CA GLN A 723 -16.98 11.31 3.78
C GLN A 723 -17.32 11.71 5.24
N LYS A 724 -17.02 12.96 5.61
CA LYS A 724 -17.19 13.51 6.95
C LYS A 724 -18.53 14.24 7.06
N GLN A 725 -18.76 14.92 8.18
CA GLN A 725 -19.99 15.65 8.42
C GLN A 725 -20.19 16.72 7.35
N GLU A 726 -21.44 16.95 6.98
CA GLU A 726 -21.79 17.85 5.90
C GLU A 726 -23.22 18.34 6.09
N SER A 727 -23.46 19.60 5.78
CA SER A 727 -24.79 20.20 5.87
C SER A 727 -25.18 20.76 4.51
N PHE A 728 -26.45 20.61 4.16
CA PHE A 728 -26.97 21.06 2.88
C PHE A 728 -28.41 21.51 3.03
N GLN A 729 -28.85 22.39 2.13
CA GLN A 729 -30.21 22.89 2.15
C GLN A 729 -31.18 21.81 1.68
N MET A 730 -32.40 21.85 2.23
CA MET A 730 -33.44 20.89 1.88
C MET A 730 -34.36 21.52 0.84
N THR A 731 -34.27 21.04 -0.41
CA THR A 731 -34.98 21.65 -1.53
C THR A 731 -35.69 20.61 -2.38
N ALA A 732 -36.37 19.64 -1.80
CA ALA A 732 -37.06 18.60 -2.56
C ALA A 732 -38.59 18.76 -2.48
N THR A 733 -39.29 18.43 -3.56
CA THR A 733 -40.75 18.43 -3.56
C THR A 733 -41.13 17.04 -3.08
N MET A 734 -41.92 16.97 -2.01
CA MET A 734 -42.26 15.72 -1.36
C MET A 734 -43.66 15.24 -1.69
N VAL A 735 -43.78 14.00 -2.15
CA VAL A 735 -45.08 13.39 -2.46
C VAL A 735 -45.17 12.01 -1.82
N ALA A 736 -46.31 11.67 -1.23
CA ALA A 736 -46.54 10.39 -0.59
C ALA A 736 -47.84 9.77 -1.06
N ALA A 737 -47.86 8.45 -1.27
CA ALA A 737 -49.04 7.73 -1.70
C ALA A 737 -49.26 6.44 -0.93
N SER A 738 -50.52 6.13 -0.62
CA SER A 738 -50.87 4.94 0.16
C SER A 738 -52.32 4.52 -0.03
N ASN A 739 -52.60 3.29 0.37
CA ASN A 739 -53.93 2.70 0.37
C ASN A 739 -54.73 3.01 1.63
N TYR A 740 -54.10 3.55 2.67
CA TYR A 740 -54.71 3.89 3.95
C TYR A 740 -54.28 5.29 4.39
N ASN A 741 -55.17 6.00 5.08
CA ASN A 741 -54.89 7.34 5.58
C ASN A 741 -53.73 7.32 6.58
N PHE A 742 -52.79 8.27 6.47
CA PHE A 742 -51.71 8.38 7.43
C PHE A 742 -52.28 8.86 8.78
N ILE A 743 -51.58 8.57 9.86
CA ILE A 743 -51.98 8.99 11.20
C ILE A 743 -51.08 10.15 11.61
N ILE A 744 -51.68 11.27 11.94
CA ILE A 744 -51.00 12.49 12.35
C ILE A 744 -51.49 12.81 13.76
N ASP A 745 -50.67 12.47 14.75
CA ASP A 745 -50.98 12.60 16.18
C ASP A 745 -50.62 13.97 16.76
N THR A 746 -51.14 15.04 16.16
CA THR A 746 -50.87 16.40 16.60
C THR A 746 -51.97 17.32 16.12
N THR A 747 -52.17 18.42 16.85
CA THR A 747 -53.12 19.46 16.47
C THR A 747 -52.41 20.76 16.09
N ASP A 748 -51.11 20.70 15.83
CA ASP A 748 -50.32 21.90 15.57
C ASP A 748 -50.75 22.57 14.28
N HIS A 749 -51.16 23.84 14.36
CA HIS A 749 -51.51 24.59 13.17
C HIS A 749 -50.31 24.76 12.25
N GLY A 750 -49.11 24.88 12.82
CA GLY A 750 -47.91 24.96 11.99
C GLY A 750 -47.64 23.69 11.22
N THR A 751 -47.99 22.54 11.75
CA THR A 751 -47.81 21.26 11.04
C THR A 751 -48.86 21.11 9.96
N TRP A 752 -50.12 21.45 10.24
CA TRP A 752 -51.18 21.19 9.29
C TRP A 752 -51.11 22.10 8.07
N ARG A 753 -50.59 23.32 8.24
CA ARG A 753 -50.48 24.22 7.10
C ARG A 753 -49.45 23.72 6.09
N ARG A 754 -48.60 22.77 6.49
CA ARG A 754 -47.62 22.17 5.60
C ARG A 754 -48.20 21.03 4.78
N LEU A 755 -49.40 20.56 5.05
CA LEU A 755 -49.93 19.35 4.46
C LEU A 755 -51.09 19.61 3.53
N ARG A 756 -51.18 18.79 2.49
CA ARG A 756 -52.30 18.75 1.56
C ARG A 756 -52.67 17.30 1.30
N HIS A 757 -53.96 17.05 1.09
CA HIS A 757 -54.47 15.71 0.92
C HIS A 757 -55.42 15.65 -0.27
N TYR A 758 -55.31 14.59 -1.06
CA TYR A 758 -56.21 14.35 -2.18
C TYR A 758 -56.59 12.88 -2.20
N ARG A 759 -57.84 12.59 -2.57
CA ARG A 759 -58.35 11.22 -2.61
C ARG A 759 -58.71 10.85 -4.05
N SER A 760 -58.39 9.63 -4.44
CA SER A 760 -58.64 9.18 -5.80
C SER A 760 -60.13 8.97 -6.05
N LYS A 761 -60.52 9.11 -7.33
CA LYS A 761 -61.90 8.87 -7.79
C LYS A 761 -61.95 7.79 -8.86
N VAL A 762 -61.26 7.97 -9.98
CA VAL A 762 -61.23 7.02 -11.09
C VAL A 762 -60.38 5.81 -10.78
N LYS A 763 -60.91 4.61 -11.03
CA LYS A 763 -60.26 3.31 -10.88
C LYS A 763 -60.19 2.63 -12.23
N PHE A 764 -59.02 2.11 -12.59
CA PHE A 764 -58.81 1.37 -13.80
C PHE A 764 -58.97 -0.11 -13.52
N CYS A 765 -59.74 -0.82 -14.34
CA CYS A 765 -59.99 -2.24 -14.17
C CYS A 765 -60.14 -2.90 -15.54
N HIS A 766 -60.00 -4.23 -15.58
CA HIS A 766 -60.10 -4.97 -16.85
C HIS A 766 -61.53 -4.95 -17.41
N ASN A 767 -62.55 -4.99 -16.55
CA ASN A 767 -63.95 -4.97 -16.93
C ASN A 767 -64.73 -3.93 -16.10
N PRO A 768 -64.77 -2.66 -16.54
CA PRO A 768 -65.46 -1.59 -15.81
C PRO A 768 -66.98 -1.67 -15.95
N ASP A 769 -67.71 -1.22 -14.93
CA ASP A 769 -69.17 -1.12 -14.97
C ASP A 769 -69.58 0.13 -15.77
N PRO A 770 -70.32 0.02 -16.89
CA PRO A 770 -70.71 1.19 -17.67
C PRO A 770 -71.55 2.22 -16.91
N ASN A 771 -72.28 1.79 -15.86
CA ASN A 771 -73.10 2.69 -15.06
C ASN A 771 -72.27 3.52 -14.06
N ASN A 772 -70.96 3.24 -13.91
CA ASN A 772 -70.08 3.98 -13.01
C ASN A 772 -69.05 4.81 -13.80
N SER A 773 -69.17 6.14 -13.75
CA SER A 773 -68.22 7.02 -14.43
C SER A 773 -66.80 6.94 -13.86
N TYR A 774 -66.65 6.43 -12.63
CA TYR A 774 -65.36 6.26 -11.96
C TYR A 774 -64.68 4.93 -12.26
N GLU A 775 -65.20 4.09 -13.16
CA GLU A 775 -64.52 2.85 -13.58
C GLU A 775 -64.11 3.01 -15.05
N LYS A 776 -62.85 2.75 -15.37
CA LYS A 776 -62.29 2.89 -16.72
C LYS A 776 -61.55 1.63 -17.15
N LYS A 777 -61.50 1.34 -18.46
CA LYS A 777 -60.77 0.18 -18.97
C LYS A 777 -59.29 0.46 -18.81
N GLU A 778 -58.55 -0.45 -18.20
CA GLU A 778 -57.11 -0.27 -18.03
C GLU A 778 -56.37 -0.55 -19.35
N ASP A 779 -55.19 0.04 -19.50
CA ASP A 779 -54.32 -0.18 -20.64
C ASP A 779 -52.91 -0.48 -20.11
N PRO A 780 -52.48 -1.75 -20.05
CA PRO A 780 -51.19 -2.15 -19.52
C PRO A 780 -50.01 -1.35 -20.06
N ARG A 781 -50.08 -0.93 -21.32
CA ARG A 781 -49.04 -0.15 -22.00
C ARG A 781 -48.64 1.07 -21.20
N PHE A 782 -49.53 1.71 -20.45
CA PHE A 782 -49.12 2.96 -19.76
C PHE A 782 -47.89 2.73 -18.88
N ILE A 783 -47.86 1.65 -18.09
CA ILE A 783 -46.76 1.35 -17.16
C ILE A 783 -45.76 0.37 -17.75
N HIS A 784 -46.18 -0.44 -18.73
CA HIS A 784 -45.27 -1.47 -19.30
C HIS A 784 -44.46 -0.92 -20.48
N GLU A 785 -44.97 0.08 -21.20
CA GLU A 785 -44.31 0.65 -22.36
C GLU A 785 -44.28 2.19 -22.44
N TYR A 786 -45.36 2.87 -22.09
CA TYR A 786 -45.47 4.32 -22.20
C TYR A 786 -44.83 5.10 -21.05
N ILE A 787 -43.90 4.45 -20.35
CA ILE A 787 -43.06 5.04 -19.31
C ILE A 787 -41.60 4.79 -19.64
N MET A 788 -41.32 3.95 -20.64
CA MET A 788 -39.99 3.61 -21.11
C MET A 788 -39.66 4.22 -22.45
N ASP A 789 -40.67 4.60 -23.25
CA ASP A 789 -40.38 5.26 -24.52
C ASP A 789 -39.84 6.66 -24.21
N PRO A 790 -38.63 7.00 -24.65
CA PRO A 790 -38.06 8.34 -24.44
C PRO A 790 -38.95 9.45 -24.98
N ASN A 791 -39.73 9.19 -26.02
CA ASN A 791 -40.58 10.23 -26.60
C ASN A 791 -41.62 10.73 -25.59
N CYS A 792 -42.32 9.79 -24.95
CA CYS A 792 -43.29 10.20 -23.97
C CYS A 792 -42.62 10.87 -22.78
N GLN A 793 -41.45 10.37 -22.38
CA GLN A 793 -40.69 11.00 -21.28
C GLN A 793 -40.44 12.48 -21.59
N ASN A 794 -39.88 12.78 -22.78
CA ASN A 794 -39.53 14.15 -23.11
C ASN A 794 -40.78 15.00 -23.34
N ALA A 795 -41.87 14.40 -23.84
CA ALA A 795 -43.13 15.14 -23.93
C ALA A 795 -43.61 15.56 -22.54
N PHE A 796 -43.53 14.64 -21.57
CA PHE A 796 -43.94 14.98 -20.21
C PHE A 796 -43.03 16.03 -19.61
N PHE A 797 -41.73 15.98 -19.91
CA PHE A 797 -40.82 17.02 -19.44
C PHE A 797 -41.20 18.38 -20.03
N SER A 798 -41.56 18.41 -21.32
CA SER A 798 -42.01 19.65 -21.94
C SER A 798 -43.28 20.16 -21.26
N ILE A 799 -44.20 19.25 -20.92
CA ILE A 799 -45.41 19.64 -20.22
C ILE A 799 -45.08 20.26 -18.86
N LEU A 800 -44.14 19.63 -18.15
CA LEU A 800 -43.74 20.17 -16.85
C LEU A 800 -43.13 21.55 -16.97
N VAL A 801 -42.27 21.76 -17.99
CA VAL A 801 -41.68 23.08 -18.20
C VAL A 801 -42.75 24.11 -18.52
N TYR A 802 -43.71 23.74 -19.37
CA TYR A 802 -44.80 24.65 -19.70
C TYR A 802 -45.61 25.03 -18.47
N PHE A 803 -45.91 24.05 -17.61
CA PHE A 803 -46.68 24.34 -16.41
C PHE A 803 -45.89 25.19 -15.42
N TRP A 804 -44.57 24.97 -15.33
CA TRP A 804 -43.74 25.82 -14.50
C TRP A 804 -43.77 27.27 -15.00
N GLU A 805 -43.66 27.45 -16.32
CA GLU A 805 -43.72 28.79 -16.89
C GLU A 805 -45.08 29.44 -16.62
N LYS A 806 -46.16 28.67 -16.76
CA LYS A 806 -47.51 29.15 -16.51
C LYS A 806 -47.67 29.57 -15.05
N LEU A 807 -47.14 28.79 -14.11
CA LEU A 807 -47.19 29.14 -12.70
C LEU A 807 -46.40 30.42 -12.43
N GLN A 808 -45.21 30.54 -13.02
CA GLN A 808 -44.40 31.73 -12.81
C GLN A 808 -45.10 32.97 -13.35
N LYS A 809 -45.74 32.85 -14.52
CA LYS A 809 -46.34 34.03 -15.14
C LYS A 809 -47.73 34.35 -14.59
N GLU A 810 -48.40 33.46 -13.87
CA GLU A 810 -49.76 33.72 -13.35
C GLU A 810 -49.84 33.91 -11.83
N TYR A 811 -48.96 33.27 -11.06
CA TYR A 811 -48.94 33.34 -9.60
C TYR A 811 -47.59 33.76 -9.02
N ASN A 812 -46.68 34.30 -9.83
CA ASN A 812 -45.35 34.72 -9.38
C ASN A 812 -44.60 33.58 -8.70
N GLY A 813 -44.93 32.34 -9.06
CA GLY A 813 -44.25 31.19 -8.52
C GLY A 813 -44.69 30.73 -7.16
N GLN A 814 -45.67 31.40 -6.55
CA GLN A 814 -46.15 31.04 -5.21
C GLN A 814 -47.30 30.05 -5.33
N ILE A 815 -47.02 28.79 -4.96
CA ILE A 815 -48.05 27.76 -5.02
C ILE A 815 -49.12 27.98 -3.97
N LYS A 816 -48.85 28.78 -2.95
CA LYS A 816 -49.83 29.03 -1.89
C LYS A 816 -51.04 29.80 -2.40
N LYS A 817 -50.92 30.52 -3.51
CA LYS A 817 -51.99 31.36 -4.02
C LYS A 817 -52.82 30.70 -5.11
N VAL A 818 -52.61 29.41 -5.36
CA VAL A 818 -53.39 28.70 -6.37
C VAL A 818 -54.76 28.39 -5.81
N PHE A 819 -55.80 28.78 -6.55
CA PHE A 819 -57.18 28.53 -6.13
C PHE A 819 -57.58 27.10 -6.46
N CYS A 820 -57.98 26.35 -5.44
CA CYS A 820 -58.40 24.97 -5.63
C CYS A 820 -59.35 24.54 -4.52
N PRO A 821 -60.66 24.69 -4.72
CA PRO A 821 -61.61 24.30 -3.66
C PRO A 821 -61.56 22.82 -3.30
N THR A 822 -61.29 21.94 -4.26
CA THR A 822 -61.33 20.50 -3.98
C THR A 822 -60.22 20.10 -3.02
N ILE A 823 -58.99 20.54 -3.29
CA ILE A 823 -57.86 20.17 -2.45
C ILE A 823 -58.01 20.72 -1.05
N GLU A 824 -58.41 21.99 -0.93
CA GLU A 824 -58.57 22.59 0.39
C GLU A 824 -59.71 21.92 1.15
N SER A 825 -60.82 21.60 0.48
CA SER A 825 -61.92 20.93 1.15
C SER A 825 -61.52 19.54 1.63
N GLU A 826 -60.81 18.77 0.79
CA GLU A 826 -60.40 17.44 1.21
C GLU A 826 -59.36 17.48 2.32
N THR A 827 -58.43 18.44 2.27
CA THR A 827 -57.47 18.60 3.35
C THR A 827 -58.16 18.98 4.65
N GLU A 828 -59.14 19.88 4.58
CA GLU A 828 -59.89 20.26 5.77
C GLU A 828 -60.63 19.06 6.34
N ALA A 829 -61.24 18.24 5.47
CA ALA A 829 -61.93 17.04 5.94
C ALA A 829 -60.95 16.06 6.59
N TYR A 830 -59.79 15.87 5.97
CA TYR A 830 -58.78 14.97 6.50
C TYR A 830 -58.30 15.43 7.87
N ARG A 831 -58.06 16.73 8.05
CA ARG A 831 -57.65 17.28 9.34
C ARG A 831 -58.77 17.14 10.37
N LYS A 832 -60.01 17.41 9.95
CA LYS A 832 -61.15 17.33 10.85
C LYS A 832 -61.39 15.90 11.32
N SER A 833 -61.06 14.92 10.49
CA SER A 833 -61.21 13.52 10.89
C SER A 833 -60.24 13.10 11.97
N GLN A 834 -59.22 13.90 12.27
CA GLN A 834 -58.24 13.55 13.28
C GLN A 834 -58.09 14.61 14.36
N ASP A 835 -58.23 15.88 14.02
CA ASP A 835 -58.06 16.97 14.99
C ASP A 835 -59.40 17.26 15.65
N THR A 836 -59.53 16.88 16.92
CA THR A 836 -60.79 17.07 17.63
C THR A 836 -61.09 18.55 17.87
N LEU A 837 -60.08 19.30 18.30
CA LEU A 837 -60.28 20.72 18.57
C LEU A 837 -60.59 21.47 17.29
N HIS A 838 -60.06 21.01 16.15
CA HIS A 838 -60.46 21.58 14.88
C HIS A 838 -61.94 21.35 14.61
N ARG A 839 -62.45 20.16 14.95
CA ARG A 839 -63.88 19.92 14.84
C ARG A 839 -64.66 20.88 15.72
N PHE A 840 -64.20 21.06 16.96
CA PHE A 840 -64.84 21.98 17.88
C PHE A 840 -64.92 23.39 17.28
N ILE A 841 -63.81 23.90 16.77
CA ILE A 841 -63.80 25.25 16.22
C ILE A 841 -64.67 25.35 14.98
N THR A 842 -64.58 24.37 14.08
CA THR A 842 -65.31 24.46 12.82
C THR A 842 -66.81 24.35 13.03
N GLU A 843 -67.26 23.51 13.96
CA GLU A 843 -68.68 23.25 14.11
C GLU A 843 -69.35 24.11 15.17
N ARG A 844 -68.61 24.58 16.17
CA ARG A 844 -69.25 25.31 17.26
C ARG A 844 -68.74 26.74 17.41
N VAL A 845 -67.44 26.98 17.25
CA VAL A 845 -66.89 28.32 17.40
C VAL A 845 -67.02 29.07 16.08
N VAL A 846 -68.15 29.73 15.89
CA VAL A 846 -68.39 30.48 14.67
C VAL A 846 -67.79 31.87 14.80
N GLU A 847 -67.26 32.40 13.69
CA GLU A 847 -66.69 33.73 13.66
C GLU A 847 -67.79 34.73 13.32
N SER A 848 -68.48 35.18 14.38
CA SER A 848 -69.65 36.03 14.23
C SER A 848 -69.33 37.45 14.71
N PRO A 849 -69.13 38.41 13.81
CA PRO A 849 -68.91 39.80 14.24
C PRO A 849 -70.10 40.40 14.97
N SER A 850 -71.32 39.90 14.74
CA SER A 850 -72.50 40.38 15.44
C SER A 850 -72.64 39.77 16.83
N ALA A 851 -71.79 38.82 17.19
CA ALA A 851 -71.84 38.11 18.46
C ALA A 851 -70.46 38.05 19.09
N GLU A 852 -69.81 39.22 19.18
CA GLU A 852 -68.43 39.30 19.68
C GLU A 852 -68.29 38.58 21.02
N THR A 853 -68.97 39.08 22.05
CA THR A 853 -69.07 38.40 23.35
C THR A 853 -67.70 37.93 23.84
N VAL A 854 -66.85 38.90 24.18
CA VAL A 854 -65.46 38.62 24.54
C VAL A 854 -65.41 37.53 25.60
N TYR A 855 -64.64 36.48 25.32
CA TYR A 855 -64.50 35.34 26.21
C TYR A 855 -63.08 35.26 26.75
N ASN A 856 -62.95 34.69 27.94
CA ASN A 856 -61.64 34.33 28.46
C ASN A 856 -61.27 32.93 27.97
N LEU A 857 -59.96 32.64 28.02
CA LEU A 857 -59.48 31.35 27.53
C LEU A 857 -60.00 30.19 28.38
N SER A 858 -60.18 30.42 29.69
CA SER A 858 -60.74 29.38 30.53
C SER A 858 -62.18 29.05 30.15
N GLU A 859 -62.98 30.06 29.79
CA GLU A 859 -64.34 29.80 29.34
C GLU A 859 -64.35 28.94 28.10
N VAL A 860 -63.46 29.24 27.15
CA VAL A 860 -63.40 28.47 25.90
C VAL A 860 -62.92 27.05 26.18
N VAL A 861 -61.99 26.90 27.13
CA VAL A 861 -61.53 25.57 27.52
C VAL A 861 -62.66 24.76 28.14
N THR A 862 -63.47 25.39 28.99
CA THR A 862 -64.63 24.71 29.57
C THR A 862 -65.62 24.30 28.48
N ALA A 863 -65.84 25.19 27.50
CA ALA A 863 -66.73 24.85 26.39
C ALA A 863 -66.20 23.65 25.61
N TYR A 864 -64.90 23.61 25.34
CA TYR A 864 -64.30 22.47 24.65
C TYR A 864 -64.46 21.19 25.46
N ALA A 865 -64.23 21.26 26.78
CA ALA A 865 -64.38 20.08 27.62
C ALA A 865 -65.81 19.56 27.58
N GLU A 866 -66.78 20.47 27.69
CA GLU A 866 -68.18 20.07 27.64
C GLU A 866 -68.52 19.43 26.30
N TRP A 867 -68.07 20.04 25.20
CA TRP A 867 -68.37 19.51 23.88
C TRP A 867 -67.76 18.12 23.69
N TYR A 868 -66.49 17.95 24.10
CA TYR A 868 -65.85 16.66 23.92
C TYR A 868 -66.51 15.58 24.77
N ASN A 869 -66.88 15.91 26.01
CA ASN A 869 -67.54 14.95 26.87
C ASN A 869 -68.92 14.56 26.33
N ALA A 870 -69.70 15.55 25.88
CA ALA A 870 -71.07 15.28 25.48
C ALA A 870 -71.16 14.63 24.11
N ASN A 871 -70.30 15.02 23.17
CA ASN A 871 -70.45 14.64 21.78
C ASN A 871 -69.51 13.54 21.32
N ILE A 872 -68.31 13.44 21.90
CA ILE A 872 -67.29 12.51 21.44
C ILE A 872 -67.03 11.40 22.46
N ASN A 873 -66.54 11.76 23.65
CA ASN A 873 -66.15 10.76 24.63
C ASN A 873 -65.91 11.45 25.97
N VAL A 874 -66.25 10.76 27.05
CA VAL A 874 -65.99 11.28 28.40
C VAL A 874 -64.50 11.14 28.69
N LYS A 875 -63.88 12.23 29.16
CA LYS A 875 -62.46 12.22 29.43
C LYS A 875 -62.15 13.31 30.46
N ARG A 876 -61.17 13.04 31.32
CA ARG A 876 -60.71 14.02 32.30
C ARG A 876 -59.72 14.95 31.62
N HIS A 877 -60.09 16.22 31.50
CA HIS A 877 -59.29 17.20 30.79
C HIS A 877 -58.38 17.97 31.74
N ILE A 878 -57.36 18.60 31.17
CA ILE A 878 -56.42 19.46 31.89
C ILE A 878 -56.54 20.85 31.30
N ALA A 879 -56.78 21.85 32.17
CA ALA A 879 -57.05 23.20 31.69
C ALA A 879 -55.84 23.79 30.97
N LEU A 880 -54.64 23.61 31.52
CA LEU A 880 -53.45 24.19 30.91
C LEU A 880 -53.17 23.55 29.54
N GLU A 881 -53.29 22.23 29.44
CA GLU A 881 -53.07 21.56 28.17
C GLU A 881 -54.09 22.01 27.12
N LEU A 882 -55.36 22.11 27.51
CA LEU A 882 -56.39 22.57 26.58
C LEU A 882 -56.11 23.99 26.13
N SER A 883 -55.71 24.86 27.07
CA SER A 883 -55.42 26.25 26.71
C SER A 883 -54.25 26.33 25.73
N GLN A 884 -53.19 25.56 25.99
CA GLN A 884 -52.05 25.55 25.08
C GLN A 884 -52.46 25.02 23.71
N GLU A 885 -53.39 24.06 23.68
CA GLU A 885 -53.84 23.51 22.40
C GLU A 885 -54.77 24.45 21.62
N LEU A 886 -55.60 25.26 22.30
CA LEU A 886 -56.31 26.27 21.52
C LEU A 886 -55.41 27.46 21.18
N GLU A 887 -54.26 27.57 21.82
CA GLU A 887 -53.21 28.42 21.27
C GLU A 887 -52.56 27.80 20.04
N ASN A 888 -52.88 26.53 19.76
CA ASN A 888 -52.33 25.79 18.63
C ASN A 888 -53.27 25.77 17.43
N SER A 889 -54.31 26.60 17.43
CA SER A 889 -55.36 26.56 16.43
C SER A 889 -55.47 27.90 15.70
N VAL A 890 -56.51 28.02 14.87
CA VAL A 890 -56.76 29.23 14.11
C VAL A 890 -57.26 30.38 14.98
N LEU A 891 -57.44 30.17 16.28
CA LEU A 891 -57.94 31.20 17.17
C LEU A 891 -56.94 32.32 17.41
N GLU A 892 -55.69 32.18 16.98
CA GLU A 892 -54.72 33.26 17.13
C GLU A 892 -55.11 34.51 16.35
N LYS A 893 -55.97 34.37 15.33
CA LYS A 893 -56.52 35.53 14.63
C LYS A 893 -57.31 36.44 15.56
N TYR A 894 -57.86 35.91 16.65
CA TYR A 894 -58.70 36.67 17.56
C TYR A 894 -58.18 36.77 18.98
N LEU A 895 -57.23 35.93 19.39
CA LEU A 895 -56.77 35.94 20.78
C LEU A 895 -55.88 37.14 21.07
N GLN A 896 -56.48 38.22 21.56
CA GLN A 896 -55.75 39.42 21.91
C GLN A 896 -55.31 39.37 23.37
N TRP A 897 -54.78 40.49 23.86
CA TRP A 897 -54.32 40.61 25.24
C TRP A 897 -55.24 41.54 26.01
N SER A 898 -55.70 41.07 27.17
CA SER A 898 -56.54 41.85 28.07
C SER A 898 -55.67 42.87 28.80
N PRO A 899 -56.30 43.88 29.43
CA PRO A 899 -55.52 44.81 30.26
C PRO A 899 -54.72 44.13 31.35
N ASN A 900 -55.21 43.02 31.90
CA ASN A 900 -54.46 42.21 32.84
C ASN A 900 -53.54 41.20 32.15
N LYS A 901 -53.31 41.38 30.84
CA LYS A 901 -52.45 40.50 30.05
C LYS A 901 -52.91 39.05 30.07
N THR A 902 -54.21 38.83 30.13
CA THR A 902 -54.78 37.49 30.04
C THR A 902 -55.33 37.25 28.64
N ARG A 903 -55.17 36.03 28.15
CA ARG A 903 -55.63 35.71 26.81
C ARG A 903 -57.15 35.74 26.74
N ILE A 904 -57.69 36.54 25.82
CA ILE A 904 -59.12 36.73 25.67
C ILE A 904 -59.51 36.50 24.22
N LEU A 905 -60.55 35.71 24.00
CA LEU A 905 -61.10 35.53 22.66
C LEU A 905 -62.08 36.66 22.35
N LYS A 906 -62.02 37.17 21.13
CA LYS A 906 -62.80 38.32 20.73
C LYS A 906 -63.42 38.08 19.36
N GLY A 907 -64.64 38.59 19.18
CA GLY A 907 -65.29 38.56 17.89
C GLY A 907 -65.83 37.22 17.44
N CYS A 908 -66.05 36.28 18.37
CA CYS A 908 -66.58 34.97 18.02
C CYS A 908 -67.63 34.55 19.05
N ARG A 909 -68.55 33.70 18.61
CA ARG A 909 -69.61 33.17 19.45
C ARG A 909 -69.38 31.69 19.68
N ILE A 910 -69.54 31.25 20.92
CA ILE A 910 -69.36 29.85 21.28
C ILE A 910 -70.72 29.17 21.34
N LEU A 911 -70.90 28.11 20.55
CA LEU A 911 -72.04 27.21 20.71
C LEU A 911 -71.65 26.19 21.77
N HIS A 912 -72.07 26.48 23.01
CA HIS A 912 -71.49 25.82 24.17
C HIS A 912 -71.88 24.34 24.24
N LYS A 913 -73.17 24.05 24.23
CA LYS A 913 -73.62 22.67 24.45
C LYS A 913 -74.92 22.46 23.67
N PHE A 914 -74.85 21.62 22.63
CA PHE A 914 -76.02 21.19 21.87
C PHE A 914 -76.81 22.38 21.32
N GLU A 915 -76.12 23.48 21.03
CA GLU A 915 -76.78 24.66 20.50
C GLU A 915 -77.02 24.49 19.00
N THR A 916 -78.24 24.80 18.57
CA THR A 916 -78.53 24.87 17.15
C THR A 916 -77.80 26.05 16.54
N LEU A 917 -77.20 25.84 15.37
CA LEU A 917 -76.37 26.87 14.77
C LEU A 917 -77.19 28.11 14.45
N GLN A 918 -76.61 29.28 14.73
CA GLN A 918 -77.28 30.56 14.53
C GLN A 918 -76.55 31.38 13.48
N PRO A 919 -77.26 32.23 12.74
CA PRO A 919 -76.59 33.08 11.75
C PRO A 919 -75.78 34.17 12.42
N GLY A 920 -74.94 34.81 11.60
CA GLY A 920 -74.08 35.89 12.08
C GLY A 920 -72.61 35.63 11.84
N CYS A 938 -66.58 25.76 -12.63
CA CYS A 938 -66.07 25.89 -14.00
C CYS A 938 -65.66 24.54 -14.61
N GLU A 939 -65.92 24.38 -15.90
CA GLU A 939 -65.63 23.18 -16.66
C GLU A 939 -64.93 23.54 -17.97
N PRO A 940 -63.81 22.88 -18.28
CA PRO A 940 -63.04 23.28 -19.46
C PRO A 940 -63.75 22.97 -20.77
N LYS A 941 -63.54 23.83 -21.76
CA LYS A 941 -64.23 23.70 -23.03
C LYS A 941 -63.41 22.92 -24.06
N ASN A 942 -62.21 23.41 -24.37
CA ASN A 942 -61.42 22.79 -25.43
C ASN A 942 -60.00 22.46 -25.00
N LYS A 943 -59.35 23.32 -24.22
CA LYS A 943 -57.96 23.10 -23.81
C LYS A 943 -57.88 23.32 -22.29
N TRP A 944 -57.91 22.22 -21.54
CA TRP A 944 -57.91 22.33 -20.08
C TRP A 944 -56.58 22.87 -19.56
N TRP A 945 -55.48 22.62 -20.28
CA TRP A 945 -54.19 23.13 -19.82
C TRP A 945 -54.09 24.64 -19.96
N GLU A 946 -54.89 25.27 -20.83
CA GLU A 946 -54.96 26.73 -21.04
C GLU A 946 -56.20 27.31 -20.34
N TRP A 947 -56.72 26.62 -19.31
CA TRP A 947 -57.91 27.07 -18.60
C TRP A 947 -57.68 28.35 -17.82
N SER A 948 -58.64 29.25 -17.92
CA SER A 948 -58.75 30.54 -17.23
C SER A 948 -57.43 31.28 -17.06
N PRO A 949 -56.88 31.88 -18.13
CA PRO A 949 -55.70 32.76 -17.99
C PRO A 949 -56.04 34.12 -17.34
N ASN A 950 -57.32 34.52 -17.42
CA ASN A 950 -57.90 35.74 -16.83
C ASN A 950 -58.05 35.84 -15.27
N PRO A 951 -58.17 34.75 -14.48
CA PRO A 951 -58.20 34.87 -13.02
C PRO A 951 -56.80 35.11 -12.44
N HIS B 11 4.52 -2.48 -49.55
CA HIS B 11 5.96 -2.50 -49.36
C HIS B 11 6.56 -1.12 -49.65
N ASP B 12 5.93 -0.39 -50.57
CA ASP B 12 6.43 0.94 -50.92
C ASP B 12 6.23 1.94 -49.80
N THR B 13 5.17 1.80 -49.01
CA THR B 13 4.93 2.77 -47.93
C THR B 13 6.04 2.73 -46.89
N ILE B 14 6.49 1.53 -46.50
CA ILE B 14 7.57 1.41 -45.54
C ILE B 14 8.85 2.02 -46.09
N GLN B 15 9.15 1.74 -47.36
CA GLN B 15 10.37 2.27 -47.96
C GLN B 15 10.32 3.79 -48.04
N LEU B 16 9.15 4.34 -48.37
CA LEU B 16 8.95 5.79 -48.43
C LEU B 16 9.15 6.42 -47.06
N THR B 17 8.63 5.78 -46.01
CA THR B 17 8.91 6.24 -44.66
C THR B 17 10.40 6.10 -44.35
N ALA B 18 11.06 5.13 -44.98
CA ALA B 18 12.46 4.85 -44.66
C ALA B 18 13.41 5.91 -45.22
N GLN B 19 13.16 6.43 -46.44
CA GLN B 19 14.12 7.37 -47.02
C GLN B 19 14.35 8.58 -46.12
N ARG B 20 13.30 9.14 -45.53
CA ARG B 20 13.48 10.42 -44.82
C ARG B 20 14.40 10.30 -43.61
N LYS B 21 14.60 9.08 -43.10
CA LYS B 21 15.44 8.92 -41.91
C LYS B 21 16.93 8.99 -42.26
N TYR B 22 17.35 8.44 -43.40
CA TYR B 22 18.77 8.40 -43.74
C TYR B 22 19.15 9.28 -44.94
N LEU B 23 18.19 9.92 -45.60
CA LEU B 23 18.46 10.84 -46.70
C LEU B 23 18.08 12.24 -46.23
N ALA B 24 19.09 13.05 -45.89
CA ALA B 24 18.83 14.36 -45.32
C ALA B 24 18.23 15.32 -46.34
N GLU B 25 18.61 15.18 -47.61
CA GLU B 25 18.05 16.03 -48.67
C GLU B 25 16.56 15.76 -48.85
N VAL B 26 16.12 14.52 -48.64
CA VAL B 26 14.69 14.24 -48.67
C VAL B 26 13.99 14.99 -47.56
N GLN B 27 14.61 15.03 -46.38
CA GLN B 27 14.06 15.81 -45.28
C GLN B 27 13.99 17.29 -45.62
N ALA B 28 15.04 17.82 -46.26
CA ALA B 28 15.05 19.21 -46.65
C ALA B 28 13.96 19.52 -47.66
N LEU B 29 13.78 18.65 -48.66
CA LEU B 29 12.72 18.85 -49.65
C LEU B 29 11.35 18.80 -49.01
N GLU B 30 11.12 17.83 -48.11
CA GLU B 30 9.82 17.75 -47.44
C GLU B 30 9.57 18.97 -46.57
N THR B 31 10.59 19.44 -45.86
CA THR B 31 10.44 20.64 -45.03
C THR B 31 10.13 21.85 -45.89
N LEU B 32 10.84 22.02 -47.00
CA LEU B 32 10.55 23.13 -47.90
C LEU B 32 9.11 23.06 -48.40
N LEU B 33 8.69 21.88 -48.87
CA LEU B 33 7.36 21.75 -49.46
C LEU B 33 6.26 22.00 -48.42
N ALA B 34 6.46 21.52 -47.18
CA ALA B 34 5.42 21.60 -46.18
C ALA B 34 5.50 22.84 -45.29
N ARG B 35 6.54 23.66 -45.44
CA ARG B 35 6.66 24.86 -44.61
C ARG B 35 6.77 26.15 -45.41
N GLU B 36 7.54 26.16 -46.50
CA GLU B 36 7.76 27.37 -47.28
C GLU B 36 6.85 27.46 -48.49
N LEU B 37 6.67 26.34 -49.20
CA LEU B 37 5.78 26.32 -50.36
C LEU B 37 4.32 26.18 -49.99
N SER B 38 4.01 25.96 -48.70
CA SER B 38 2.62 25.81 -48.28
C SER B 38 1.81 27.07 -48.49
N VAL B 39 2.45 28.24 -48.58
CA VAL B 39 1.74 29.48 -48.85
C VAL B 39 1.13 29.50 -50.25
N PHE B 40 1.62 28.65 -51.16
CA PHE B 40 1.12 28.60 -52.52
C PHE B 40 0.18 27.42 -52.75
N LEU B 41 -0.36 26.84 -51.67
CA LEU B 41 -1.29 25.74 -51.80
C LEU B 41 -2.58 26.20 -52.48
N THR B 42 -3.09 25.35 -53.37
CA THR B 42 -4.30 25.66 -54.13
C THR B 42 -5.23 24.45 -54.08
N GLU B 43 -6.50 24.72 -54.36
CA GLU B 43 -7.49 23.65 -54.39
C GLU B 43 -7.20 22.71 -55.56
N PRO B 44 -7.42 21.41 -55.39
CA PRO B 44 -7.15 20.47 -56.49
C PRO B 44 -8.01 20.77 -57.71
N GLY B 45 -7.40 20.61 -58.89
CA GLY B 45 -8.09 20.85 -60.14
C GLY B 45 -8.19 22.30 -60.54
N SER B 46 -7.64 23.22 -59.76
CA SER B 46 -7.72 24.63 -60.09
C SER B 46 -6.84 24.95 -61.29
N LYS B 47 -7.27 25.96 -62.07
CA LYS B 47 -6.51 26.37 -63.24
C LYS B 47 -5.17 26.98 -62.85
N LYS B 48 -5.07 27.57 -61.66
CA LYS B 48 -3.83 28.19 -61.22
C LYS B 48 -2.76 27.15 -60.94
N THR B 49 -3.15 25.93 -60.60
CA THR B 49 -2.19 24.90 -60.20
C THR B 49 -1.28 24.52 -61.36
N ASN B 50 0.02 24.41 -61.07
CA ASN B 50 1.00 23.91 -62.02
C ASN B 50 1.86 22.78 -61.49
N ILE B 51 1.89 22.55 -60.18
CA ILE B 51 2.67 21.47 -59.58
C ILE B 51 1.75 20.68 -58.66
N ILE B 52 1.72 19.36 -58.83
CA ILE B 52 0.86 18.48 -58.05
C ILE B 52 1.71 17.38 -57.43
N ASN B 53 1.55 17.18 -56.13
CA ASN B 53 2.20 16.09 -55.39
C ASN B 53 1.12 15.07 -55.07
N ARG B 54 1.15 13.94 -55.77
CA ARG B 54 0.10 12.95 -55.66
C ARG B 54 0.23 12.04 -54.43
N ILE B 55 1.39 12.02 -53.79
CA ILE B 55 1.54 11.25 -52.55
C ILE B 55 0.61 11.79 -51.46
N THR B 56 0.60 13.12 -51.29
CA THR B 56 -0.27 13.76 -50.32
C THR B 56 -1.51 14.37 -50.95
N GLY B 57 -1.57 14.48 -52.27
CA GLY B 57 -2.69 15.10 -52.94
C GLY B 57 -2.65 16.61 -52.98
N LYS B 58 -1.62 17.23 -52.40
CA LYS B 58 -1.55 18.68 -52.35
C LYS B 58 -1.23 19.26 -53.73
N THR B 59 -1.74 20.46 -53.98
CA THR B 59 -1.53 21.16 -55.24
C THR B 59 -0.92 22.53 -54.97
N TYR B 60 0.08 22.89 -55.77
CA TYR B 60 0.83 24.12 -55.57
C TYR B 60 0.87 24.93 -56.87
N ALA B 61 0.58 26.21 -56.77
CA ALA B 61 0.77 27.15 -57.88
C ALA B 61 2.10 27.89 -57.69
N LEU B 62 3.18 27.13 -57.81
CA LEU B 62 4.50 27.66 -57.49
C LEU B 62 4.93 28.69 -58.53
N PRO B 63 5.35 29.89 -58.10
CA PRO B 63 5.91 30.86 -59.05
C PRO B 63 7.27 30.45 -59.58
N SER B 64 7.89 31.30 -60.40
CA SER B 64 9.11 30.91 -61.11
C SER B 64 10.26 30.61 -60.15
N THR B 65 10.50 31.49 -59.18
CA THR B 65 11.62 31.30 -58.26
C THR B 65 11.41 30.08 -57.38
N GLU B 66 10.20 29.91 -56.86
CA GLU B 66 9.91 28.71 -56.06
C GLU B 66 9.93 27.45 -56.92
N LEU B 67 9.55 27.57 -58.19
CA LEU B 67 9.67 26.43 -59.10
C LEU B 67 11.14 26.05 -59.30
N LEU B 68 12.03 27.04 -59.41
CA LEU B 68 13.45 26.76 -59.50
C LEU B 68 13.98 26.12 -58.22
N ARG B 69 13.51 26.59 -57.06
CA ARG B 69 13.92 25.99 -55.79
C ARG B 69 13.48 24.53 -55.72
N PHE B 70 12.24 24.25 -56.14
CA PHE B 70 11.77 22.87 -56.18
C PHE B 70 12.60 22.04 -57.15
N TYR B 71 12.95 22.62 -58.31
CA TYR B 71 13.82 21.92 -59.25
C TYR B 71 15.15 21.54 -58.59
N GLU B 72 15.75 22.48 -57.87
CA GLU B 72 17.03 22.21 -57.23
C GLU B 72 16.91 21.11 -56.19
N HIS B 73 15.92 21.21 -55.31
CA HIS B 73 15.77 20.21 -54.24
C HIS B 73 15.47 18.83 -54.82
N LEU B 74 14.59 18.76 -55.82
CA LEU B 74 14.26 17.47 -56.40
C LEU B 74 15.44 16.91 -57.20
N GLU B 75 16.27 17.78 -57.77
CA GLU B 75 17.49 17.32 -58.42
C GLU B 75 18.44 16.70 -57.41
N GLN B 76 18.59 17.32 -56.24
CA GLN B 76 19.42 16.70 -55.19
C GLN B 76 18.85 15.35 -54.78
N CYS B 77 17.54 15.28 -54.55
CA CYS B 77 16.93 14.02 -54.11
C CYS B 77 17.08 12.93 -55.17
N ARG B 78 16.92 13.29 -56.45
CA ARG B 78 17.14 12.33 -57.52
C ARG B 78 18.59 11.90 -57.59
N LYS B 79 19.52 12.83 -57.36
CA LYS B 79 20.93 12.49 -57.35
C LYS B 79 21.23 11.46 -56.28
N GLN B 80 20.57 11.57 -55.12
CA GLN B 80 20.69 10.51 -54.13
C GLN B 80 19.79 9.31 -54.43
N GLY B 81 18.95 9.40 -55.47
CA GLY B 81 18.15 8.26 -55.89
C GLY B 81 16.88 8.01 -55.10
N ALA B 82 16.30 9.04 -54.50
CA ALA B 82 15.10 8.85 -53.71
C ALA B 82 13.87 8.72 -54.59
N LEU B 83 12.76 8.34 -53.97
CA LEU B 83 11.50 8.16 -54.66
C LEU B 83 10.63 9.40 -54.52
N MET B 84 10.05 9.84 -55.64
CA MET B 84 9.14 10.97 -55.64
C MET B 84 8.07 10.73 -56.70
N TYR B 85 6.90 11.34 -56.49
CA TYR B 85 5.72 11.11 -57.31
C TYR B 85 5.05 12.44 -57.64
N PHE B 86 5.85 13.41 -58.07
CA PHE B 86 5.36 14.74 -58.40
C PHE B 86 4.86 14.78 -59.85
N LEU B 87 3.83 15.60 -60.06
CA LEU B 87 3.25 15.79 -61.38
C LEU B 87 3.10 17.28 -61.64
N GLU B 88 3.57 17.73 -62.80
CA GLU B 88 3.37 19.11 -63.24
C GLU B 88 2.20 19.16 -64.22
N ARG B 89 1.32 20.13 -64.02
CA ARG B 89 0.12 20.25 -64.82
C ARG B 89 0.46 20.84 -66.19
N GLN B 90 0.08 20.15 -67.26
CA GLN B 90 0.30 20.66 -68.60
C GLN B 90 -0.65 21.82 -68.88
N GLY B 91 -0.09 23.00 -69.11
CA GLY B 91 -0.89 24.18 -69.36
C GLY B 91 -1.48 24.18 -70.76
N THR B 92 -2.29 25.20 -71.04
CA THR B 92 -2.98 25.36 -72.34
C THR B 92 -1.94 25.51 -73.47
N TYR B 93 -0.87 26.25 -73.19
CA TYR B 93 0.28 26.51 -74.07
C TYR B 93 1.59 26.21 -73.31
N SER B 94 2.22 25.06 -73.58
CA SER B 94 3.42 24.61 -72.88
C SER B 94 4.18 23.65 -73.79
N GLY B 95 5.19 23.00 -73.22
CA GLY B 95 6.03 22.09 -73.99
C GLY B 95 5.29 20.82 -74.41
N LEU B 96 5.88 20.14 -75.37
CA LEU B 96 5.30 18.95 -75.96
C LEU B 96 5.95 17.69 -75.40
N MET B 97 5.13 16.67 -75.12
CA MET B 97 5.60 15.39 -74.63
C MET B 97 4.84 14.28 -75.32
N LEU B 98 5.56 13.23 -75.70
CA LEU B 98 5.00 12.06 -76.35
C LEU B 98 5.19 10.84 -75.46
N ASP B 99 4.09 10.15 -75.16
CA ASP B 99 4.12 8.97 -74.31
C ASP B 99 3.74 7.76 -75.16
N TYR B 100 4.59 6.73 -75.11
CA TYR B 100 4.39 5.52 -75.91
C TYR B 100 4.23 4.32 -74.98
N ASP B 101 3.17 3.55 -75.21
CA ASP B 101 2.98 2.25 -74.58
C ASP B 101 2.95 1.21 -75.70
N LEU B 102 4.05 0.47 -75.85
CA LEU B 102 4.27 -0.40 -76.99
C LEU B 102 4.36 -1.85 -76.56
N LYS B 103 3.71 -2.72 -77.34
CA LYS B 103 3.83 -4.16 -77.17
C LYS B 103 4.95 -4.68 -78.08
N LEU B 104 5.75 -5.59 -77.54
CA LEU B 104 6.90 -6.12 -78.24
C LEU B 104 6.71 -7.60 -78.54
N ASN B 105 7.18 -8.02 -79.72
CA ASN B 105 7.08 -9.42 -80.10
C ASN B 105 7.91 -10.32 -79.20
N THR B 106 9.02 -9.80 -78.67
CA THR B 106 9.89 -10.56 -77.78
C THR B 106 10.21 -9.71 -76.56
N ASN B 107 10.55 -10.39 -75.46
CA ASN B 107 10.89 -9.73 -74.21
C ASN B 107 12.33 -9.19 -74.25
N ALA B 108 12.56 -8.29 -75.21
CA ALA B 108 13.85 -7.66 -75.39
C ALA B 108 13.67 -6.16 -75.52
N ALA B 109 14.61 -5.40 -74.97
CA ALA B 109 14.55 -3.94 -75.04
C ALA B 109 14.70 -3.50 -76.49
N PRO B 110 13.86 -2.59 -76.98
CA PRO B 110 14.02 -2.12 -78.35
C PRO B 110 15.34 -1.41 -78.52
N SER B 111 15.97 -1.53 -79.70
CA SER B 111 17.30 -0.95 -79.90
C SER B 111 17.31 0.57 -79.84
N LEU B 112 16.37 1.21 -80.54
CA LEU B 112 16.31 2.66 -80.68
C LEU B 112 17.66 3.20 -81.17
N GLU B 113 18.03 2.77 -82.37
CA GLU B 113 19.30 3.17 -82.96
C GLU B 113 19.31 4.68 -83.20
N SER B 114 20.45 5.35 -83.00
CA SER B 114 20.50 6.80 -83.15
C SER B 114 20.01 7.28 -84.51
N SER B 115 20.30 6.57 -85.61
CA SER B 115 19.61 6.91 -86.87
C SER B 115 18.09 6.82 -86.78
N VAL B 116 17.57 5.81 -86.06
CA VAL B 116 16.12 5.69 -85.92
C VAL B 116 15.55 6.84 -85.10
N LEU B 117 16.25 7.24 -84.04
CA LEU B 117 15.82 8.39 -83.25
C LEU B 117 15.88 9.67 -84.08
N SER B 118 16.90 9.81 -84.92
CA SER B 118 16.98 10.97 -85.81
C SER B 118 15.82 11.00 -86.78
N ARG B 119 15.47 9.85 -87.36
CA ARG B 119 14.33 9.78 -88.25
C ARG B 119 13.03 10.12 -87.52
N LEU B 120 12.87 9.62 -86.30
CA LEU B 120 11.68 9.93 -85.52
C LEU B 120 11.59 11.43 -85.22
N CYS B 121 12.71 12.05 -84.85
CA CYS B 121 12.74 13.49 -84.60
C CYS B 121 12.41 14.28 -85.86
N HIS B 122 12.95 13.84 -87.01
CA HIS B 122 12.66 14.51 -88.27
C HIS B 122 11.17 14.43 -88.60
N ARG B 123 10.57 13.25 -88.39
CA ARG B 123 9.14 13.11 -88.66
C ARG B 123 8.30 13.91 -87.69
N ILE B 124 8.73 14.00 -86.42
CA ILE B 124 8.03 14.85 -85.46
C ILE B 124 8.06 16.30 -85.92
N PHE B 125 9.22 16.77 -86.37
CA PHE B 125 9.36 18.13 -86.86
C PHE B 125 8.49 18.36 -88.11
N VAL B 126 8.42 17.36 -88.99
CA VAL B 126 7.56 17.45 -90.18
C VAL B 126 6.10 17.57 -89.76
N HIS B 127 5.68 16.76 -88.79
CA HIS B 127 4.29 16.81 -88.34
C HIS B 127 3.94 18.13 -87.67
N ILE B 128 4.84 18.66 -86.82
CA ILE B 128 4.55 19.94 -86.17
C ILE B 128 4.50 21.02 -87.23
N LYS B 129 5.37 21.00 -88.26
CA LYS B 129 5.32 21.99 -89.32
C LYS B 129 4.02 21.88 -90.11
N ASN B 130 3.56 20.66 -90.37
CA ASN B 130 2.33 20.47 -91.12
C ASN B 130 1.12 20.97 -90.32
N SER B 131 1.06 20.67 -89.02
CA SER B 131 -0.10 21.02 -88.22
C SER B 131 -0.06 22.47 -87.75
N SER B 132 1.11 23.07 -87.53
CA SER B 132 1.26 24.43 -87.05
C SER B 132 2.33 25.23 -87.80
N VAL B 133 2.14 26.54 -87.91
CA VAL B 133 3.11 27.38 -88.62
C VAL B 133 4.38 27.52 -87.78
N LEU B 134 5.54 27.41 -88.43
CA LEU B 134 6.86 27.59 -87.81
C LEU B 134 7.20 29.08 -87.68
N PRO B 135 7.98 29.50 -86.66
CA PRO B 135 8.41 30.88 -86.51
C PRO B 135 9.38 31.30 -87.63
N GLU B 136 9.39 32.57 -88.01
CA GLU B 136 10.29 33.08 -89.05
C GLU B 136 11.75 33.12 -88.57
N GLY B 137 12.70 33.08 -89.52
CA GLY B 137 14.13 33.07 -89.24
C GLY B 137 14.69 31.65 -89.04
N SER B 138 15.94 31.56 -88.58
CA SER B 138 16.63 30.28 -88.32
C SER B 138 16.79 30.04 -86.82
N HIS B 139 16.42 28.84 -86.35
CA HIS B 139 16.45 28.45 -84.94
C HIS B 139 16.83 26.98 -84.75
N LYS B 140 17.16 26.62 -83.51
CA LYS B 140 17.53 25.25 -83.10
C LYS B 140 16.77 24.80 -81.84
N ILE B 141 16.38 23.53 -81.79
CA ILE B 141 15.59 22.91 -80.73
C ILE B 141 16.24 21.60 -80.26
N HIS B 142 16.29 21.35 -78.95
CA HIS B 142 16.83 20.10 -78.42
C HIS B 142 15.70 19.11 -78.12
N PHE B 143 15.94 17.82 -78.36
CA PHE B 143 15.01 16.71 -78.15
C PHE B 143 15.62 15.78 -77.09
N PHE B 144 14.74 15.21 -76.27
CA PHE B 144 15.12 14.33 -75.16
C PHE B 144 14.32 13.03 -75.24
N PHE B 145 14.95 11.95 -74.77
CA PHE B 145 14.36 10.61 -74.80
C PHE B 145 14.60 9.93 -73.46
N THR B 146 13.53 9.42 -72.84
CA THR B 146 13.63 8.66 -71.60
C THR B 146 13.03 7.27 -71.83
N LEU B 147 13.68 6.26 -71.26
CA LEU B 147 13.32 4.87 -71.49
C LEU B 147 13.02 4.15 -70.18
N LYS B 148 12.15 3.15 -70.26
CA LYS B 148 11.93 2.27 -69.13
C LYS B 148 13.14 1.36 -68.92
N PRO B 149 13.37 0.89 -67.70
CA PRO B 149 14.57 0.06 -67.45
C PRO B 149 14.48 -1.34 -68.02
N GLU B 150 13.29 -1.90 -68.21
CA GLU B 150 13.16 -3.27 -68.66
C GLU B 150 11.81 -3.49 -69.31
N ALA B 151 11.69 -4.60 -70.03
CA ALA B 151 10.43 -5.02 -70.63
C ALA B 151 9.77 -6.04 -69.71
N VAL B 152 8.51 -5.78 -69.34
CA VAL B 152 7.78 -6.62 -68.41
C VAL B 152 6.51 -7.13 -69.11
N GLN B 153 6.35 -8.45 -69.11
CA GLN B 153 5.16 -9.11 -69.66
C GLN B 153 4.92 -8.73 -71.11
N GLY B 154 5.98 -8.56 -71.89
CA GLY B 154 5.84 -8.18 -73.28
C GLY B 154 5.40 -6.75 -73.50
N LYS B 155 5.51 -5.89 -72.49
CA LYS B 155 5.11 -4.50 -72.60
C LYS B 155 6.26 -3.60 -72.20
N TYR B 156 6.32 -2.42 -72.81
CA TYR B 156 7.40 -1.48 -72.60
C TYR B 156 6.85 -0.07 -72.75
N GLY B 157 7.70 0.92 -72.42
CA GLY B 157 7.30 2.31 -72.55
C GLY B 157 8.50 3.22 -72.62
N PHE B 158 8.32 4.35 -73.30
CA PHE B 158 9.36 5.37 -73.38
C PHE B 158 8.70 6.70 -73.73
N HIS B 159 9.42 7.79 -73.47
CA HIS B 159 8.89 9.13 -73.67
C HIS B 159 9.78 9.92 -74.60
N VAL B 160 9.17 10.74 -75.45
CA VAL B 160 9.85 11.72 -76.27
C VAL B 160 9.24 13.08 -75.94
N LEU B 161 10.06 13.98 -75.38
CA LEU B 161 9.56 15.25 -74.90
C LEU B 161 10.48 16.38 -75.38
N ILE B 162 9.91 17.55 -75.64
CA ILE B 162 10.60 18.75 -76.12
C ILE B 162 10.19 19.92 -75.22
N PRO B 163 11.08 20.44 -74.36
CA PRO B 163 10.76 21.52 -73.43
C PRO B 163 10.90 22.93 -74.01
N GLY B 164 11.78 23.18 -75.00
CA GLY B 164 12.00 24.51 -75.58
C GLY B 164 10.83 25.05 -76.41
N LEU B 165 10.28 24.19 -77.27
CA LEU B 165 9.14 24.54 -78.12
C LEU B 165 7.84 24.48 -77.31
N LYS B 166 7.02 25.53 -77.42
CA LYS B 166 5.72 25.62 -76.73
C LYS B 166 4.59 25.52 -77.77
N MET B 167 3.58 24.70 -77.50
CA MET B 167 2.46 24.45 -78.42
C MET B 167 1.13 24.40 -77.65
N ALA B 168 0.00 24.50 -78.36
CA ALA B 168 -1.34 24.42 -77.76
C ALA B 168 -1.90 22.98 -77.78
N ALA B 169 -2.93 22.71 -76.97
CA ALA B 169 -3.51 21.37 -76.84
C ALA B 169 -4.12 20.83 -78.15
N SER B 170 -4.85 21.64 -78.92
CA SER B 170 -5.43 21.18 -80.20
C SER B 170 -4.32 20.85 -81.19
N THR B 171 -3.26 21.66 -81.25
CA THR B 171 -2.09 21.41 -82.11
C THR B 171 -1.39 20.12 -81.70
N LYS B 172 -1.21 19.88 -80.38
CA LYS B 172 -0.59 18.65 -79.88
C LYS B 172 -1.44 17.43 -80.25
N LYS B 173 -2.77 17.53 -80.19
CA LYS B 173 -3.67 16.46 -80.58
C LYS B 173 -3.55 16.17 -82.07
N SER B 174 -3.46 17.22 -82.89
CA SER B 174 -3.28 17.01 -84.33
C SER B 174 -1.95 16.32 -84.61
N ILE B 175 -0.90 16.70 -83.88
CA ILE B 175 0.40 16.06 -84.05
C ILE B 175 0.33 14.59 -83.69
N ILE B 176 -0.35 14.26 -82.58
CA ILE B 176 -0.49 12.87 -82.17
C ILE B 176 -1.25 12.07 -83.21
N ALA B 177 -2.35 12.63 -83.73
CA ALA B 177 -3.11 11.94 -84.76
C ALA B 177 -2.29 11.71 -86.02
N SER B 178 -1.54 12.73 -86.45
CA SER B 178 -0.70 12.59 -87.64
C SER B 178 0.40 11.55 -87.42
N LEU B 179 1.01 11.54 -86.24
CA LEU B 179 2.03 10.55 -85.93
C LEU B 179 1.46 9.14 -85.96
N GLN B 180 0.26 8.96 -85.39
CA GLN B 180 -0.36 7.64 -85.41
C GLN B 180 -0.71 7.21 -86.83
N HIS B 181 -1.21 8.14 -87.65
CA HIS B 181 -1.64 7.80 -89.00
C HIS B 181 -0.52 7.83 -90.03
N ASP B 182 0.66 8.34 -89.68
CA ASP B 182 1.75 8.43 -90.65
C ASP B 182 2.37 7.05 -90.85
N ALA B 183 2.56 6.68 -92.12
CA ALA B 183 3.19 5.40 -92.43
C ALA B 183 4.66 5.38 -92.05
N THR B 184 5.37 6.51 -92.20
CA THR B 184 6.78 6.56 -91.86
C THR B 184 7.00 6.38 -90.36
N VAL B 185 6.14 7.01 -89.54
CA VAL B 185 6.24 6.82 -88.09
C VAL B 185 5.95 5.37 -87.73
N GLN B 186 4.97 4.76 -88.40
CA GLN B 186 4.68 3.35 -88.17
C GLN B 186 5.87 2.47 -88.51
N LYS B 187 6.55 2.76 -89.62
CA LYS B 187 7.74 2.01 -89.99
C LYS B 187 8.86 2.20 -88.98
N ILE B 188 9.05 3.43 -88.51
CA ILE B 188 10.10 3.71 -87.53
C ILE B 188 9.84 2.95 -86.24
N LEU B 189 8.58 2.93 -85.79
CA LEU B 189 8.23 2.17 -84.59
C LEU B 189 8.40 0.67 -84.84
N HIS B 190 8.01 0.18 -86.02
CA HIS B 190 8.19 -1.23 -86.34
C HIS B 190 9.65 -1.63 -86.36
N GLU B 191 10.55 -0.67 -86.64
CA GLU B 191 11.97 -0.93 -86.52
C GLU B 191 12.37 -1.32 -85.10
N GLN B 192 11.55 -0.95 -84.11
CA GLN B 192 11.81 -1.30 -82.72
C GLN B 192 11.12 -2.61 -82.30
N GLY B 193 10.39 -3.25 -83.21
CA GLY B 193 9.71 -4.48 -82.88
C GLY B 193 8.33 -4.32 -82.30
N VAL B 194 7.65 -3.20 -82.58
CA VAL B 194 6.32 -2.96 -82.02
C VAL B 194 5.31 -3.85 -82.74
N ALA B 195 4.46 -4.52 -81.98
CA ALA B 195 3.39 -5.31 -82.57
C ALA B 195 2.27 -4.45 -83.12
N ASN B 196 2.04 -3.27 -82.52
CA ASN B 196 1.00 -2.33 -82.96
C ASN B 196 1.60 -0.94 -83.09
N PRO B 197 2.42 -0.72 -84.12
CA PRO B 197 3.06 0.60 -84.27
C PRO B 197 2.09 1.73 -84.55
N GLU B 198 0.87 1.43 -84.99
CA GLU B 198 -0.09 2.46 -85.33
C GLU B 198 -0.92 2.96 -84.14
N SER B 199 -0.75 2.36 -82.96
CA SER B 199 -1.54 2.74 -81.81
C SER B 199 -0.77 2.81 -80.50
N CYS B 200 0.56 2.64 -80.51
CA CYS B 200 1.33 2.66 -79.28
C CYS B 200 1.39 4.04 -78.65
N LEU B 201 1.25 5.11 -79.45
CA LEU B 201 1.31 6.46 -78.92
C LEU B 201 0.04 6.76 -78.12
N ASP B 202 0.22 7.39 -76.96
CA ASP B 202 -0.91 7.73 -76.11
C ASP B 202 -1.65 8.93 -76.69
N PRO B 203 -2.94 8.80 -77.05
CA PRO B 203 -3.67 9.95 -77.60
C PRO B 203 -3.87 11.08 -76.59
N HIS B 204 -3.77 10.81 -75.30
CA HIS B 204 -4.02 11.80 -74.27
C HIS B 204 -2.77 12.56 -73.85
N SER B 205 -1.65 12.37 -74.56
CA SER B 205 -0.41 13.03 -74.18
C SER B 205 -0.49 14.54 -74.27
N ALA B 206 -1.50 15.08 -74.95
CA ALA B 206 -1.64 16.53 -75.07
C ALA B 206 -2.14 17.15 -73.78
N SER B 207 -2.86 16.41 -72.94
CA SER B 207 -3.52 16.97 -71.77
C SER B 207 -3.18 16.29 -70.46
N VAL B 208 -2.55 15.11 -70.47
CA VAL B 208 -2.21 14.41 -69.23
C VAL B 208 -1.12 15.20 -68.50
N PRO B 209 -1.07 15.14 -67.16
CA PRO B 209 0.02 15.79 -66.44
C PRO B 209 1.36 15.17 -66.79
N SER B 210 2.40 15.99 -66.75
CA SER B 210 3.75 15.58 -67.13
C SER B 210 4.53 15.19 -65.89
N LEU B 211 5.20 14.03 -65.97
CA LEU B 211 6.05 13.59 -64.88
C LEU B 211 7.37 14.34 -64.91
N LEU B 212 7.74 14.96 -63.78
CA LEU B 212 9.06 15.54 -63.66
C LEU B 212 10.11 14.44 -63.69
N TYR B 213 11.29 14.78 -64.20
CA TYR B 213 12.34 13.78 -64.34
C TYR B 213 12.72 13.19 -62.99
N GLY B 214 12.81 11.87 -62.93
CA GLY B 214 13.04 11.14 -61.71
C GLY B 214 11.79 10.58 -61.06
N SER B 215 10.63 11.16 -61.35
CA SER B 215 9.38 10.68 -60.78
C SER B 215 8.90 9.44 -61.52
N SER B 216 8.02 8.69 -60.86
CA SER B 216 7.47 7.48 -61.42
C SER B 216 6.07 7.26 -60.86
N LYS B 217 5.21 6.63 -61.65
CA LYS B 217 3.84 6.38 -61.23
C LYS B 217 3.82 5.31 -60.14
N LEU B 218 2.61 5.06 -59.60
CA LEU B 218 2.46 4.11 -58.51
C LEU B 218 2.87 2.72 -58.95
N ASN B 219 3.76 2.11 -58.16
CA ASN B 219 4.29 0.77 -58.46
C ASN B 219 4.96 0.72 -59.82
N HIS B 220 5.65 1.79 -60.19
CA HIS B 220 6.41 1.87 -61.42
C HIS B 220 7.78 2.47 -61.15
N ARG B 221 8.75 2.15 -62.01
CA ARG B 221 10.09 2.67 -61.84
C ARG B 221 10.32 3.89 -62.73
N PRO B 222 11.14 4.84 -62.27
CA PRO B 222 11.33 6.08 -63.04
C PRO B 222 12.01 5.83 -64.38
N TYR B 223 11.63 6.66 -65.36
CA TYR B 223 12.24 6.58 -66.68
C TYR B 223 13.65 7.15 -66.64
N GLN B 224 14.55 6.52 -67.40
CA GLN B 224 15.95 6.90 -67.42
C GLN B 224 16.28 7.59 -68.74
N LEU B 225 16.95 8.73 -68.65
CA LEU B 225 17.32 9.49 -69.84
C LEU B 225 18.35 8.70 -70.65
N LYS B 226 17.98 8.35 -71.89
CA LYS B 226 18.89 7.59 -72.75
C LYS B 226 19.91 8.50 -73.43
N THR B 227 19.42 9.43 -74.24
CA THR B 227 20.27 10.34 -75.00
C THR B 227 19.40 11.46 -75.53
N GLY B 228 20.04 12.42 -76.22
CA GLY B 228 19.32 13.52 -76.81
C GLY B 228 19.89 13.86 -78.17
N PHE B 229 19.08 14.59 -78.94
CA PHE B 229 19.40 15.07 -80.28
C PHE B 229 19.06 16.56 -80.45
N GLU B 230 19.89 17.26 -81.20
CA GLU B 230 19.81 18.65 -81.55
C GLU B 230 19.29 18.77 -82.97
N LEU B 231 18.20 19.53 -83.13
CA LEU B 231 17.54 19.83 -84.38
C LEU B 231 17.80 21.29 -84.74
N VAL B 232 18.16 21.56 -85.99
CA VAL B 232 18.40 22.91 -86.52
C VAL B 232 17.53 23.11 -87.75
N PHE B 233 16.90 24.27 -87.89
CA PHE B 233 16.01 24.56 -89.02
C PHE B 233 16.05 26.05 -89.43
N ASP B 234 15.52 26.35 -90.61
CA ASP B 234 15.41 27.70 -91.14
C ASP B 234 14.03 27.89 -91.79
N SER B 235 13.43 29.06 -91.66
CA SER B 235 12.14 29.36 -92.28
C SER B 235 12.24 29.37 -93.80
N SER B 236 13.44 29.62 -94.36
CA SER B 236 13.66 29.58 -95.81
C SER B 236 13.54 28.15 -96.35
N ASP B 237 13.78 27.11 -95.54
CA ASP B 237 13.67 25.73 -96.02
C ASP B 237 13.32 24.83 -94.84
N PRO B 238 12.03 24.67 -94.54
CA PRO B 238 11.64 23.78 -93.43
C PRO B 238 11.97 22.32 -93.68
N ASP B 239 12.19 21.92 -94.93
CA ASP B 239 12.51 20.52 -95.24
C ASP B 239 13.95 20.17 -94.89
N TYR B 240 14.83 21.16 -94.78
CA TYR B 240 16.23 20.93 -94.42
C TYR B 240 16.33 20.85 -92.91
N ILE B 241 16.45 19.64 -92.38
CA ILE B 241 16.43 19.42 -90.94
C ILE B 241 17.65 18.60 -90.52
N PRO B 242 18.83 19.20 -90.41
CA PRO B 242 19.98 18.47 -89.89
C PRO B 242 19.77 18.11 -88.42
N ILE B 243 20.15 16.87 -88.07
CA ILE B 243 19.96 16.35 -86.72
C ILE B 243 21.28 15.74 -86.26
N HIS B 244 21.73 16.14 -85.07
CA HIS B 244 22.94 15.61 -84.47
C HIS B 244 22.68 15.23 -83.01
N GLN B 245 23.36 14.18 -82.56
CA GLN B 245 23.18 13.70 -81.21
C GLN B 245 23.88 14.62 -80.21
N ILE B 246 23.30 14.85 -79.05
CA ILE B 246 23.82 15.71 -77.99
C ILE B 246 24.74 14.87 -77.10
N LYS B 247 25.86 15.47 -76.70
CA LYS B 247 26.88 14.84 -75.86
C LYS B 247 26.89 15.49 -74.49
N ASN B 248 27.11 14.68 -73.45
CA ASN B 248 27.12 15.15 -72.06
C ASN B 248 25.82 15.86 -71.70
N ILE B 249 24.69 15.29 -72.13
CA ILE B 249 23.38 15.89 -71.87
C ILE B 249 22.97 15.80 -70.40
N GLU B 250 23.63 14.93 -69.60
CA GLU B 250 23.27 14.74 -68.21
C GLU B 250 24.03 15.69 -67.27
N SER B 251 24.84 16.59 -67.80
CA SER B 251 25.65 17.50 -67.00
C SER B 251 24.89 18.72 -66.50
N TYR B 252 23.56 18.71 -66.55
CA TYR B 252 22.75 19.84 -66.11
C TYR B 252 21.65 19.34 -65.17
N ASN B 253 20.92 20.30 -64.61
CA ASN B 253 19.78 19.98 -63.75
C ASN B 253 18.63 19.45 -64.62
N LEU B 254 18.56 18.13 -64.78
CA LEU B 254 17.59 17.55 -65.70
C LEU B 254 16.16 17.84 -65.27
N VAL B 255 15.93 18.06 -63.97
CA VAL B 255 14.57 18.34 -63.50
C VAL B 255 14.07 19.65 -64.11
N SER B 256 14.92 20.68 -64.10
CA SER B 256 14.53 21.95 -64.70
C SER B 256 14.58 21.89 -66.22
N GLU B 257 15.59 21.21 -66.77
CA GLU B 257 15.76 21.19 -68.23
C GLU B 257 14.62 20.47 -68.92
N LEU B 258 14.19 19.34 -68.38
CA LEU B 258 13.18 18.50 -69.03
C LEU B 258 11.76 18.89 -68.65
N SER B 259 11.57 19.88 -67.78
CA SER B 259 10.23 20.29 -67.39
C SER B 259 9.56 21.05 -68.52
N LEU B 260 8.34 20.65 -68.86
CA LEU B 260 7.60 21.31 -69.93
C LEU B 260 7.14 22.71 -69.51
N THR B 261 6.90 22.91 -68.23
CA THR B 261 6.43 24.19 -67.72
C THR B 261 7.56 25.11 -67.27
N ASN B 262 8.81 24.72 -67.52
CA ASN B 262 9.94 25.56 -67.15
C ASN B 262 10.09 26.71 -68.14
N GLU B 263 10.26 27.94 -67.61
CA GLU B 263 10.47 29.16 -68.39
C GLU B 263 11.83 29.81 -68.07
N GLN B 264 12.63 29.24 -67.15
CA GLN B 264 13.88 29.86 -66.71
C GLN B 264 15.01 28.84 -66.71
N GLY B 265 15.01 27.93 -67.68
CA GLY B 265 16.07 26.95 -67.76
C GLY B 265 17.35 27.54 -68.31
N SER B 266 18.47 26.89 -67.96
CA SER B 266 19.77 27.34 -68.45
C SER B 266 19.89 27.11 -69.95
N LEU B 267 19.51 25.92 -70.45
CA LEU B 267 19.54 25.57 -71.87
C LEU B 267 18.11 25.60 -72.45
N VAL B 268 17.07 25.75 -71.62
CA VAL B 268 15.68 25.83 -72.12
C VAL B 268 15.47 27.24 -72.66
N ARG B 269 15.01 27.36 -73.91
CA ARG B 269 14.75 28.64 -74.57
C ARG B 269 13.37 28.62 -75.23
N PRO B 270 12.59 29.71 -75.14
CA PRO B 270 11.22 29.72 -75.63
C PRO B 270 11.15 29.89 -77.15
N VAL B 271 10.43 28.96 -77.79
CA VAL B 271 10.13 29.00 -79.22
C VAL B 271 8.60 28.97 -79.34
N TYR B 272 8.04 29.98 -80.01
CA TYR B 272 6.60 30.21 -80.11
C TYR B 272 5.98 29.86 -81.48
N CYS B 273 4.83 29.19 -81.45
CA CYS B 273 4.00 28.82 -82.60
C CYS B 273 2.56 29.33 -82.39
N ALA B 274 1.65 29.05 -83.32
CA ALA B 274 0.26 29.49 -83.22
C ALA B 274 -0.49 28.80 -82.06
N ALA B 275 -1.31 29.58 -81.34
CA ALA B 275 -2.13 29.10 -80.22
C ALA B 275 -3.55 28.74 -80.69
N ASP B 276 -4.23 27.84 -79.98
CA ASP B 276 -5.59 27.36 -80.30
C ASP B 276 -6.64 27.86 -79.31
N ALA B 287 -13.27 17.17 -56.87
CA ALA B 287 -12.82 16.42 -55.70
C ALA B 287 -13.94 15.60 -55.06
N ASP B 288 -15.20 15.86 -55.41
CA ASP B 288 -16.30 15.09 -54.85
C ASP B 288 -16.20 13.62 -55.25
N ASP B 289 -15.84 13.35 -56.51
CA ASP B 289 -15.61 11.98 -56.93
C ASP B 289 -14.41 11.37 -56.23
N HIS B 290 -13.45 12.20 -55.82
CA HIS B 290 -12.25 11.75 -55.12
C HIS B 290 -12.38 11.81 -53.61
N SER B 291 -13.58 12.06 -53.09
CA SER B 291 -13.78 12.12 -51.65
C SER B 291 -13.42 10.79 -50.99
N LEU B 292 -13.59 9.68 -51.69
CA LEU B 292 -13.17 8.40 -51.15
C LEU B 292 -11.67 8.38 -50.89
N SER B 293 -10.88 8.85 -51.86
CA SER B 293 -9.44 8.94 -51.67
C SER B 293 -9.07 9.96 -50.60
N ILE B 294 -9.84 11.06 -50.50
CA ILE B 294 -9.60 12.03 -49.44
C ILE B 294 -9.75 11.38 -48.08
N LEU B 295 -10.78 10.55 -47.91
CA LEU B 295 -10.94 9.78 -46.68
C LEU B 295 -9.79 8.78 -46.51
N MET B 296 -9.34 8.17 -47.61
CA MET B 296 -8.28 7.18 -47.53
C MET B 296 -7.00 7.77 -46.97
N LEU B 297 -6.62 8.95 -47.46
CA LEU B 297 -5.35 9.55 -47.04
C LEU B 297 -5.36 9.97 -45.58
N HIS B 298 -6.54 10.19 -44.99
CA HIS B 298 -6.60 10.68 -43.61
C HIS B 298 -6.93 9.60 -42.59
N ASP B 299 -7.64 8.54 -42.97
CA ASP B 299 -8.04 7.49 -42.03
C ASP B 299 -7.43 6.16 -42.41
N PRO B 300 -6.40 5.68 -41.69
CA PRO B 300 -5.87 4.35 -42.00
C PRO B 300 -6.88 3.24 -41.83
N GLU B 301 -7.81 3.37 -40.87
CA GLU B 301 -8.82 2.34 -40.67
C GLU B 301 -9.74 2.24 -41.89
N ALA B 302 -10.06 3.38 -42.51
CA ALA B 302 -10.87 3.35 -43.73
C ALA B 302 -10.14 2.62 -44.86
N ARG B 303 -8.84 2.86 -44.99
CA ARG B 303 -8.05 2.15 -45.99
C ARG B 303 -8.04 0.64 -45.72
N TYR B 304 -7.89 0.26 -44.44
CA TYR B 304 -7.88 -1.16 -44.09
C TYR B 304 -9.23 -1.80 -44.40
N LEU B 305 -10.33 -1.09 -44.09
CA LEU B 305 -11.65 -1.60 -44.43
C LEU B 305 -11.84 -1.73 -45.93
N HIS B 306 -11.35 -0.75 -46.70
CA HIS B 306 -11.46 -0.82 -48.15
C HIS B 306 -10.73 -2.04 -48.69
N LYS B 307 -9.54 -2.31 -48.16
CA LYS B 307 -8.85 -3.55 -48.54
C LYS B 307 -9.65 -4.77 -48.12
N ILE B 308 -10.29 -4.70 -46.94
CA ILE B 308 -11.05 -5.83 -46.44
C ILE B 308 -12.32 -6.05 -47.25
N LEU B 309 -13.01 -4.95 -47.59
CA LEU B 309 -14.31 -5.06 -48.25
C LEU B 309 -14.23 -5.77 -49.59
N ASN B 310 -13.07 -5.69 -50.25
CA ASN B 310 -12.91 -6.36 -51.54
C ASN B 310 -12.93 -7.89 -51.40
N LEU B 311 -12.69 -8.41 -50.20
CA LEU B 311 -12.68 -9.85 -49.99
C LEU B 311 -14.07 -10.44 -49.82
N LEU B 312 -15.09 -9.62 -49.59
CA LEU B 312 -16.43 -10.14 -49.39
C LEU B 312 -16.95 -10.77 -50.69
N PRO B 313 -17.65 -11.90 -50.61
CA PRO B 313 -18.19 -12.53 -51.81
C PRO B 313 -19.31 -11.70 -52.40
N PRO B 314 -19.68 -11.94 -53.66
CA PRO B 314 -20.61 -11.04 -54.36
C PRO B 314 -21.99 -10.94 -53.71
N GLU B 315 -22.41 -11.93 -52.92
CA GLU B 315 -23.76 -11.91 -52.37
C GLU B 315 -23.97 -10.76 -51.39
N TYR B 316 -22.88 -10.22 -50.83
CA TYR B 316 -23.01 -9.17 -49.82
C TYR B 316 -23.35 -7.81 -50.42
N TYR B 317 -23.30 -7.66 -51.74
CA TYR B 317 -23.80 -6.45 -52.38
C TYR B 317 -24.90 -6.71 -53.40
N VAL B 318 -25.26 -7.97 -53.64
CA VAL B 318 -26.36 -8.29 -54.54
C VAL B 318 -27.68 -8.45 -53.78
N GLU B 319 -27.67 -9.19 -52.68
CA GLU B 319 -28.86 -9.41 -51.88
C GLU B 319 -29.10 -8.22 -50.96
N TYR B 320 -30.36 -7.80 -50.85
CA TYR B 320 -30.70 -6.65 -50.03
C TYR B 320 -30.36 -6.83 -48.56
N PRO B 321 -30.67 -7.95 -47.90
CA PRO B 321 -30.35 -8.05 -46.46
C PRO B 321 -28.87 -7.88 -46.14
N LEU B 322 -28.00 -8.58 -46.88
CA LEU B 322 -26.57 -8.49 -46.61
C LEU B 322 -26.04 -7.09 -46.91
N TRP B 323 -26.49 -6.49 -48.00
CA TRP B 323 -26.05 -5.13 -48.33
C TRP B 323 -26.50 -4.14 -47.26
N SER B 324 -27.73 -4.28 -46.77
CA SER B 324 -28.23 -3.40 -45.72
C SER B 324 -27.43 -3.60 -44.44
N ASN B 325 -27.08 -4.85 -44.12
CA ASN B 325 -26.25 -5.11 -42.94
C ASN B 325 -24.89 -4.44 -43.06
N VAL B 326 -24.27 -4.53 -44.24
CA VAL B 326 -22.97 -3.91 -44.46
C VAL B 326 -23.07 -2.40 -44.32
N VAL B 327 -24.13 -1.80 -44.90
CA VAL B 327 -24.31 -0.36 -44.81
C VAL B 327 -24.50 0.07 -43.36
N PHE B 328 -25.31 -0.68 -42.61
CA PHE B 328 -25.52 -0.36 -41.20
C PHE B 328 -24.23 -0.46 -40.40
N ALA B 329 -23.43 -1.49 -40.65
CA ALA B 329 -22.17 -1.63 -39.94
C ALA B 329 -21.22 -0.48 -40.27
N LEU B 330 -21.13 -0.10 -41.55
CA LEU B 330 -20.27 1.01 -41.93
C LEU B 330 -20.73 2.31 -41.29
N ALA B 331 -22.04 2.55 -41.28
CA ALA B 331 -22.56 3.78 -40.67
C ALA B 331 -22.32 3.81 -39.17
N ASN B 332 -22.50 2.67 -38.49
CA ASN B 332 -22.26 2.64 -37.06
C ASN B 332 -20.78 2.80 -36.71
N THR B 333 -19.89 2.26 -37.54
CA THR B 333 -18.47 2.37 -37.25
C THR B 333 -18.01 3.82 -37.25
N SER B 334 -18.43 4.60 -38.24
CA SER B 334 -18.06 6.00 -38.32
C SER B 334 -19.09 6.75 -39.13
N ALA B 335 -19.33 8.01 -38.77
CA ALA B 335 -20.33 8.81 -39.46
C ALA B 335 -19.86 9.24 -40.85
N ASN B 336 -18.55 9.39 -41.03
CA ASN B 336 -17.99 9.87 -42.29
C ASN B 336 -17.62 8.74 -43.26
N TYR B 337 -18.00 7.52 -42.94
CA TYR B 337 -17.68 6.37 -43.80
C TYR B 337 -18.64 6.22 -44.98
N ARG B 338 -19.44 7.25 -45.27
CA ARG B 338 -20.36 7.18 -46.38
C ARG B 338 -19.70 6.90 -47.74
N PRO B 339 -18.55 7.51 -48.07
CA PRO B 339 -17.92 7.16 -49.36
C PRO B 339 -17.61 5.68 -49.51
N LEU B 340 -17.20 5.02 -48.42
CA LEU B 340 -16.95 3.58 -48.49
C LEU B 340 -18.22 2.81 -48.82
N ALA B 341 -19.34 3.18 -48.18
CA ALA B 341 -20.60 2.52 -48.48
C ALA B 341 -21.04 2.76 -49.91
N GLU B 342 -20.85 3.99 -50.40
CA GLU B 342 -21.21 4.30 -51.78
C GLU B 342 -20.37 3.50 -52.77
N TRP B 343 -19.06 3.40 -52.52
CA TRP B 343 -18.20 2.62 -53.39
C TRP B 343 -18.57 1.14 -53.35
N PHE B 344 -18.86 0.62 -52.16
CA PHE B 344 -19.24 -0.79 -52.05
C PHE B 344 -20.56 -1.07 -52.76
N SER B 345 -21.51 -0.14 -52.66
CA SER B 345 -22.80 -0.33 -53.33
C SER B 345 -22.67 -0.30 -54.84
N GLN B 346 -21.58 0.27 -55.36
CA GLN B 346 -21.35 0.33 -56.79
C GLN B 346 -20.75 -0.96 -57.34
N LYS B 347 -20.46 -1.94 -56.48
CA LYS B 347 -20.01 -3.25 -56.96
C LYS B 347 -21.06 -3.93 -57.83
N CYS B 348 -22.32 -3.53 -57.71
CA CYS B 348 -23.41 -4.03 -58.55
C CYS B 348 -24.11 -2.81 -59.13
N PRO B 349 -23.56 -2.24 -60.22
CA PRO B 349 -24.11 -0.98 -60.73
C PRO B 349 -25.56 -1.05 -61.18
N GLU B 350 -26.01 -2.21 -61.66
CA GLU B 350 -27.40 -2.33 -62.11
C GLU B 350 -28.37 -2.11 -60.95
N LYS B 351 -28.07 -2.66 -59.77
CA LYS B 351 -28.92 -2.41 -58.61
C LYS B 351 -28.76 -0.99 -58.11
N TRP B 352 -27.54 -0.44 -58.20
CA TRP B 352 -27.31 0.92 -57.74
C TRP B 352 -28.09 1.94 -58.57
N ASN B 353 -28.14 1.73 -59.89
CA ASN B 353 -28.87 2.65 -60.75
C ASN B 353 -30.38 2.52 -60.55
N THR B 354 -30.86 1.30 -60.32
CA THR B 354 -32.28 1.04 -60.12
C THR B 354 -32.68 1.28 -58.66
N GLY B 355 -32.62 2.55 -58.26
CA GLY B 355 -33.03 2.95 -56.93
C GLY B 355 -31.99 2.77 -55.84
N GLY B 356 -30.77 2.33 -56.19
CA GLY B 356 -29.77 2.09 -55.17
C GLY B 356 -29.35 3.35 -54.43
N LYS B 357 -29.28 4.48 -55.15
CA LYS B 357 -28.87 5.73 -54.53
C LYS B 357 -29.85 6.16 -53.43
N GLU B 358 -31.14 6.15 -53.75
CA GLU B 358 -32.15 6.46 -52.75
C GLU B 358 -32.16 5.39 -51.65
N LYS B 359 -31.94 4.13 -52.04
CA LYS B 359 -31.81 3.08 -51.04
C LYS B 359 -30.67 3.37 -50.07
N LEU B 360 -29.51 3.74 -50.61
CA LEU B 360 -28.38 4.05 -49.74
C LEU B 360 -28.69 5.24 -48.85
N GLU B 361 -29.36 6.25 -49.41
CA GLU B 361 -29.68 7.45 -48.62
C GLU B 361 -30.59 7.12 -47.45
N LYS B 362 -31.69 6.38 -47.70
CA LYS B 362 -32.62 6.14 -46.60
C LYS B 362 -32.06 5.11 -45.62
N LEU B 363 -31.21 4.19 -46.10
CA LEU B 363 -30.51 3.31 -45.16
C LEU B 363 -29.55 4.09 -44.27
N TRP B 364 -28.85 5.08 -44.84
CA TRP B 364 -27.97 5.92 -44.03
C TRP B 364 -28.76 6.70 -43.00
N ASN B 365 -29.93 7.22 -43.39
CA ASN B 365 -30.77 7.93 -42.43
C ASN B 365 -31.29 6.99 -41.34
N ASP B 366 -31.73 5.79 -41.72
CA ASP B 366 -32.24 4.84 -40.76
C ASP B 366 -31.16 4.36 -39.81
N ALA B 367 -29.91 4.35 -40.26
CA ALA B 367 -28.80 3.95 -39.37
C ALA B 367 -28.72 4.88 -38.16
N SER B 368 -28.89 6.18 -38.39
CA SER B 368 -29.03 7.09 -37.26
C SER B 368 -30.37 6.90 -36.56
N ARG B 369 -31.43 6.57 -37.31
CA ARG B 369 -32.74 6.37 -36.71
C ARG B 369 -32.81 5.07 -35.93
N HIS B 370 -32.30 3.98 -36.49
CA HIS B 370 -32.47 2.66 -35.89
C HIS B 370 -31.53 2.49 -34.70
N THR B 371 -32.10 2.23 -33.53
CA THR B 371 -31.32 1.96 -32.32
C THR B 371 -31.22 0.47 -32.01
N GLU B 372 -31.79 -0.39 -32.84
CA GLU B 372 -31.77 -1.84 -32.59
C GLU B 372 -30.72 -2.57 -33.43
N LYS B 373 -30.40 -2.05 -34.61
CA LYS B 373 -29.43 -2.71 -35.49
C LYS B 373 -28.02 -2.28 -35.06
N LYS B 374 -27.50 -3.01 -34.08
CA LYS B 374 -26.21 -2.68 -33.46
C LYS B 374 -25.16 -3.66 -33.96
N ILE B 375 -24.56 -3.35 -35.12
CA ILE B 375 -23.39 -4.05 -35.62
C ILE B 375 -22.37 -3.02 -36.07
N THR B 376 -21.11 -3.41 -36.08
CA THR B 376 -20.01 -2.50 -36.38
C THR B 376 -19.02 -3.22 -37.28
N LYS B 377 -17.81 -2.67 -37.39
CA LYS B 377 -16.77 -3.25 -38.25
C LYS B 377 -16.37 -4.65 -37.81
N ARG B 378 -16.69 -5.04 -36.57
CA ARG B 378 -16.34 -6.37 -36.10
C ARG B 378 -17.00 -7.45 -36.95
N SER B 379 -18.28 -7.26 -37.29
CA SER B 379 -18.98 -8.22 -38.13
C SER B 379 -18.37 -8.28 -39.53
N ILE B 380 -17.99 -7.12 -40.09
CA ILE B 380 -17.38 -7.10 -41.41
C ILE B 380 -16.06 -7.87 -41.40
N MET B 381 -15.25 -7.63 -40.37
CA MET B 381 -13.99 -8.36 -40.25
C MET B 381 -14.23 -9.86 -40.11
N TYR B 382 -15.23 -10.25 -39.31
CA TYR B 382 -15.50 -11.67 -39.13
C TYR B 382 -15.95 -12.32 -40.44
N TRP B 383 -16.84 -11.64 -41.18
CA TRP B 383 -17.29 -12.17 -42.46
C TRP B 383 -16.13 -12.32 -43.44
N ALA B 384 -15.27 -11.30 -43.51
CA ALA B 384 -14.13 -11.37 -44.43
C ALA B 384 -13.19 -12.50 -44.04
N HIS B 385 -12.94 -12.67 -42.74
CA HIS B 385 -12.08 -13.76 -42.29
C HIS B 385 -12.69 -15.11 -42.60
N LYS B 386 -14.01 -15.24 -42.44
CA LYS B 386 -14.67 -16.50 -42.73
C LYS B 386 -14.61 -16.83 -44.22
N HIS B 387 -14.85 -15.84 -45.08
CA HIS B 387 -14.93 -16.10 -46.51
C HIS B 387 -13.58 -16.13 -47.20
N ALA B 388 -12.52 -15.65 -46.57
CA ALA B 388 -11.20 -15.64 -47.17
C ALA B 388 -10.13 -15.54 -46.10
N PRO B 389 -9.79 -16.63 -45.42
CA PRO B 389 -8.83 -16.54 -44.31
C PRO B 389 -7.44 -16.07 -44.73
N GLN B 390 -6.93 -16.56 -45.86
CA GLN B 390 -5.53 -16.28 -46.21
C GLN B 390 -5.34 -14.83 -46.63
N GLN B 391 -6.22 -14.32 -47.49
CA GLN B 391 -6.09 -12.93 -47.92
C GLN B 391 -6.30 -11.97 -46.77
N TYR B 392 -7.30 -12.24 -45.92
CA TYR B 392 -7.51 -11.43 -44.74
C TYR B 392 -6.29 -11.45 -43.83
N LYS B 393 -5.72 -12.64 -43.61
CA LYS B 393 -4.55 -12.76 -42.75
C LYS B 393 -3.38 -11.96 -43.29
N GLU B 394 -3.09 -12.10 -44.59
CA GLU B 394 -1.94 -11.38 -45.15
C GLU B 394 -2.15 -9.88 -45.14
N ILE B 395 -3.38 -9.42 -45.42
CA ILE B 395 -3.65 -7.99 -45.42
C ILE B 395 -3.47 -7.42 -44.01
N VAL B 396 -4.06 -8.08 -43.01
CA VAL B 396 -3.99 -7.52 -41.67
C VAL B 396 -2.56 -7.62 -41.11
N GLU B 397 -1.81 -8.67 -41.49
CA GLU B 397 -0.42 -8.77 -41.07
C GLU B 397 0.42 -7.67 -41.72
N GLN B 398 0.14 -7.35 -42.98
CA GLN B 398 0.83 -6.23 -43.63
C GLN B 398 0.52 -4.92 -42.90
N GLY B 399 -0.73 -4.74 -42.46
CA GLY B 399 -1.06 -3.56 -41.69
C GLY B 399 -0.30 -3.47 -40.37
N TYR B 400 -0.25 -4.58 -39.64
CA TYR B 400 0.54 -4.61 -38.40
C TYR B 400 1.99 -4.26 -38.66
N PHE B 401 2.57 -4.87 -39.70
CA PHE B 401 3.97 -4.61 -40.01
C PHE B 401 4.20 -3.16 -40.38
N SER B 402 3.29 -2.55 -41.13
CA SER B 402 3.44 -1.15 -41.50
C SER B 402 3.41 -0.26 -40.27
N ILE B 403 2.47 -0.50 -39.36
CA ILE B 403 2.38 0.33 -38.15
C ILE B 403 3.66 0.20 -37.33
N LEU B 404 4.10 -1.04 -37.09
CA LEU B 404 5.28 -1.24 -36.25
C LEU B 404 6.54 -0.68 -36.92
N ALA B 405 6.65 -0.83 -38.25
CA ALA B 405 7.82 -0.29 -38.94
C ALA B 405 7.85 1.22 -38.88
N GLU B 406 6.69 1.87 -39.02
CA GLU B 406 6.65 3.32 -38.89
C GLU B 406 7.09 3.75 -37.49
N TYR B 407 6.59 3.06 -36.45
CA TYR B 407 7.00 3.41 -35.10
C TYR B 407 8.48 3.19 -34.87
N VAL B 408 9.02 2.08 -35.41
CA VAL B 408 10.45 1.77 -35.21
C VAL B 408 11.32 2.81 -35.91
N TYR B 409 10.99 3.14 -37.16
CA TYR B 409 11.78 4.10 -37.91
C TYR B 409 11.71 5.50 -37.29
N SER B 410 10.53 5.88 -36.78
CA SER B 410 10.37 7.24 -36.27
C SER B 410 11.23 7.50 -35.04
N TYR B 411 11.53 6.46 -34.24
CA TYR B 411 12.24 6.66 -32.98
C TYR B 411 13.48 5.78 -32.85
N ASN B 412 14.06 5.35 -33.97
CA ASN B 412 15.35 4.66 -33.99
C ASN B 412 15.34 3.39 -33.13
N GLY B 413 14.22 2.68 -33.14
CA GLY B 413 14.16 1.37 -32.53
C GLY B 413 13.97 1.35 -31.03
N THR B 414 13.84 2.51 -30.38
CA THR B 414 13.62 2.57 -28.94
C THR B 414 12.12 2.51 -28.69
N LEU B 415 11.62 1.30 -28.47
CA LEU B 415 10.19 1.10 -28.24
C LEU B 415 9.82 1.41 -26.80
N GLU B 416 8.57 1.81 -26.61
CA GLU B 416 8.04 2.15 -25.29
C GLU B 416 6.62 1.63 -25.18
N HIS B 417 6.03 1.82 -24.01
CA HIS B 417 4.77 1.15 -23.67
C HIS B 417 3.65 1.52 -24.63
N TYR B 418 3.54 2.80 -24.96
CA TYR B 418 2.41 3.25 -25.78
C TYR B 418 2.48 2.69 -27.20
N MET B 419 3.69 2.48 -27.73
CA MET B 419 3.81 1.98 -29.09
C MET B 419 3.27 0.55 -29.19
N ILE B 420 3.74 -0.33 -28.31
CA ILE B 420 3.21 -1.69 -28.29
C ILE B 420 1.73 -1.70 -27.92
N ALA B 421 1.29 -0.76 -27.08
CA ALA B 421 -0.14 -0.68 -26.78
C ALA B 421 -0.93 -0.36 -28.04
N LYS B 422 -0.45 0.57 -28.86
CA LYS B 422 -1.12 0.91 -30.11
C LYS B 422 -1.16 -0.28 -31.05
N VAL B 423 -0.03 -0.98 -31.19
CA VAL B 423 0.01 -2.13 -32.10
C VAL B 423 -0.93 -3.24 -31.60
N ILE B 424 -0.96 -3.48 -30.29
CA ILE B 424 -1.83 -4.51 -29.75
C ILE B 424 -3.29 -4.13 -29.93
N TYR B 425 -3.63 -2.85 -29.78
CA TYR B 425 -4.99 -2.42 -30.07
C TYR B 425 -5.34 -2.66 -31.53
N ALA B 426 -4.39 -2.38 -32.43
CA ALA B 426 -4.64 -2.69 -33.84
C ALA B 426 -4.86 -4.18 -34.04
N MET B 427 -4.15 -5.01 -33.27
CA MET B 427 -4.22 -6.45 -33.48
C MET B 427 -5.53 -7.04 -32.95
N MET B 428 -5.99 -6.55 -31.81
CA MET B 428 -7.20 -7.10 -31.15
C MET B 428 -8.17 -5.98 -30.76
N GLY B 429 -8.36 -4.94 -31.59
CA GLY B 429 -9.29 -3.90 -31.23
C GLY B 429 -10.73 -4.37 -31.11
N ASN B 430 -11.05 -5.55 -31.65
CA ASN B 430 -12.41 -6.04 -31.69
C ASN B 430 -12.61 -7.31 -30.86
N LYS B 431 -11.72 -7.58 -29.90
CA LYS B 431 -11.88 -8.74 -29.04
C LYS B 431 -11.88 -8.41 -27.55
N PHE B 432 -11.33 -7.26 -27.15
CA PHE B 432 -11.29 -6.86 -25.75
C PHE B 432 -11.89 -5.47 -25.61
N VAL B 433 -12.65 -5.26 -24.54
CA VAL B 433 -13.25 -3.98 -24.22
C VAL B 433 -13.09 -3.72 -22.73
N VAL B 434 -12.63 -2.52 -22.38
CA VAL B 434 -12.43 -2.13 -21.00
C VAL B 434 -13.32 -0.93 -20.69
N ASP B 435 -13.94 -0.94 -19.51
CA ASP B 435 -14.77 0.16 -19.07
C ASP B 435 -14.64 0.30 -17.56
N VAL B 436 -14.93 1.49 -17.07
CA VAL B 436 -14.83 1.80 -15.64
C VAL B 436 -16.13 1.40 -14.96
N ASP B 437 -16.02 0.56 -13.93
CA ASP B 437 -17.18 0.10 -13.20
C ASP B 437 -17.61 1.14 -12.17
N SER B 438 -18.52 0.77 -11.28
CA SER B 438 -19.00 1.70 -10.26
C SER B 438 -17.94 2.02 -9.21
N ASN B 439 -16.91 1.18 -9.10
CA ASN B 439 -15.86 1.37 -8.11
C ASN B 439 -14.72 2.25 -8.61
N GLY B 440 -14.82 2.80 -9.82
CA GLY B 440 -13.73 3.59 -10.35
C GLY B 440 -12.53 2.78 -10.77
N LYS B 441 -12.71 1.49 -11.03
CA LYS B 441 -11.62 0.59 -11.41
C LYS B 441 -11.86 0.10 -12.83
N TYR B 442 -10.82 0.16 -13.65
CA TYR B 442 -10.93 -0.31 -15.03
C TYR B 442 -11.09 -1.82 -15.05
N VAL B 443 -12.09 -2.30 -15.77
CA VAL B 443 -12.45 -3.71 -15.81
C VAL B 443 -12.37 -4.20 -17.26
N TRP B 444 -11.65 -5.29 -17.48
CA TRP B 444 -11.45 -5.84 -18.81
C TRP B 444 -12.53 -6.87 -19.13
N PHE B 445 -12.99 -6.85 -20.39
CA PHE B 445 -13.95 -7.82 -20.89
C PHE B 445 -13.42 -8.46 -22.15
N GLU B 446 -13.71 -9.74 -22.33
CA GLU B 446 -13.23 -10.51 -23.48
C GLU B 446 -14.38 -11.29 -24.09
N PHE B 447 -14.44 -11.29 -25.42
CA PHE B 447 -15.42 -12.06 -26.16
C PHE B 447 -14.88 -13.48 -26.38
N VAL B 448 -15.65 -14.48 -25.96
CA VAL B 448 -15.19 -15.86 -25.97
C VAL B 448 -15.58 -16.50 -27.30
N LEU B 449 -14.60 -17.04 -28.00
CA LEU B 449 -14.76 -17.74 -29.26
C LEU B 449 -14.54 -19.24 -29.06
N PRO B 450 -15.08 -20.07 -29.95
CA PRO B 450 -14.88 -21.52 -29.81
C PRO B 450 -13.41 -21.89 -29.91
N GLY B 451 -13.03 -22.92 -29.14
CA GLY B 451 -11.68 -23.44 -29.19
C GLY B 451 -10.79 -23.00 -28.05
N GLN B 452 -10.87 -21.74 -27.66
CA GLN B 452 -10.02 -21.22 -26.60
C GLN B 452 -10.47 -21.78 -25.24
N PRO B 453 -9.54 -21.89 -24.29
CA PRO B 453 -9.92 -22.38 -22.96
C PRO B 453 -10.97 -21.48 -22.32
N MET B 454 -11.91 -22.10 -21.63
CA MET B 454 -13.06 -21.36 -21.09
C MET B 454 -13.76 -22.20 -20.04
N ASN B 455 -14.58 -21.54 -19.24
CA ASN B 455 -15.53 -22.25 -18.39
C ASN B 455 -16.66 -22.80 -19.24
N GLN B 456 -17.41 -23.73 -18.67
CA GLN B 456 -18.50 -24.36 -19.40
C GLN B 456 -19.69 -23.42 -19.50
N GLY B 457 -20.11 -23.13 -20.74
CA GLY B 457 -21.31 -22.35 -20.99
C GLY B 457 -21.09 -20.89 -21.27
N GLU B 458 -19.85 -20.41 -21.25
CA GLU B 458 -19.58 -18.98 -21.48
C GLU B 458 -19.18 -18.68 -22.92
N ILE B 459 -19.64 -19.50 -23.88
CA ILE B 459 -19.31 -19.33 -25.33
C ILE B 459 -20.19 -18.26 -25.98
N TRP B 460 -19.60 -17.40 -26.79
CA TRP B 460 -20.31 -16.32 -27.49
C TRP B 460 -20.80 -15.24 -26.53
N LYS B 461 -20.02 -14.95 -25.49
CA LYS B 461 -20.40 -13.96 -24.50
C LYS B 461 -19.16 -13.19 -24.04
N TRP B 462 -19.41 -12.03 -23.44
CA TRP B 462 -18.36 -11.18 -22.88
C TRP B 462 -18.11 -11.62 -21.45
N ARG B 463 -17.02 -12.35 -21.23
CA ARG B 463 -16.64 -12.73 -19.87
C ARG B 463 -15.77 -11.63 -19.26
N LYS B 464 -15.81 -11.53 -17.94
CA LYS B 464 -15.10 -10.50 -17.20
C LYS B 464 -13.75 -11.02 -16.75
N GLU B 465 -12.69 -10.28 -17.05
CA GLU B 465 -11.33 -10.67 -16.74
C GLU B 465 -10.79 -9.75 -15.65
N VAL B 466 -10.35 -10.34 -14.54
CA VAL B 466 -9.67 -9.57 -13.52
C VAL B 466 -8.36 -9.00 -14.05
N ASN B 467 -7.62 -9.82 -14.79
CA ASN B 467 -6.37 -9.43 -15.43
C ASN B 467 -6.38 -10.03 -16.83
N PRO B 468 -6.10 -9.25 -17.87
CA PRO B 468 -6.22 -9.78 -19.23
C PRO B 468 -5.18 -10.84 -19.55
N ASP B 469 -5.45 -12.08 -19.13
CA ASP B 469 -4.49 -13.16 -19.28
C ASP B 469 -4.12 -13.41 -20.73
N GLU B 470 -5.12 -13.47 -21.61
CA GLU B 470 -4.87 -13.75 -23.01
C GLU B 470 -4.08 -12.63 -23.66
N LEU B 471 -4.32 -11.39 -23.23
CA LEU B 471 -3.53 -10.27 -23.74
C LEU B 471 -2.07 -10.39 -23.30
N HIS B 472 -1.83 -10.81 -22.05
CA HIS B 472 -0.47 -11.02 -21.59
C HIS B 472 0.23 -12.10 -22.41
N ILE B 473 -0.47 -13.20 -22.71
CA ILE B 473 0.13 -14.25 -23.52
C ILE B 473 0.37 -13.74 -24.94
N TYR B 474 -0.57 -12.97 -25.48
CA TYR B 474 -0.48 -12.51 -26.86
C TYR B 474 0.67 -11.52 -27.05
N ILE B 475 0.96 -10.71 -26.04
CA ILE B 475 2.05 -9.74 -26.17
C ILE B 475 3.38 -10.44 -26.42
N SER B 476 3.60 -11.58 -25.75
CA SER B 476 4.88 -12.28 -25.85
C SER B 476 4.88 -13.33 -26.96
N GLU B 477 3.76 -14.01 -27.19
CA GLU B 477 3.73 -15.10 -28.16
C GLU B 477 3.56 -14.58 -29.58
N ASN B 478 2.44 -13.91 -29.84
CA ASN B 478 2.09 -13.55 -31.22
C ASN B 478 2.77 -12.25 -31.65
N PHE B 479 2.81 -11.25 -30.78
CA PHE B 479 3.40 -9.97 -31.17
C PHE B 479 4.89 -10.10 -31.45
N SER B 480 5.55 -11.11 -30.89
CA SER B 480 6.98 -11.26 -31.10
C SER B 480 7.32 -11.59 -32.54
N ARG B 481 6.40 -12.21 -33.28
CA ARG B 481 6.68 -12.56 -34.67
C ARG B 481 6.70 -11.35 -35.59
N VAL B 482 6.00 -10.28 -35.23
CA VAL B 482 6.08 -9.05 -36.02
C VAL B 482 7.46 -8.43 -35.86
N MET B 483 8.01 -8.46 -34.64
CA MET B 483 9.38 -8.02 -34.43
C MET B 483 10.37 -8.84 -35.24
N ASP B 484 10.07 -10.13 -35.44
CA ASP B 484 10.91 -10.95 -36.32
C ASP B 484 10.87 -10.43 -37.75
N ARG B 485 9.69 -9.99 -38.20
CA ARG B 485 9.59 -9.40 -39.53
C ARG B 485 10.39 -8.12 -39.62
N ILE B 486 10.36 -7.30 -38.55
CA ILE B 486 11.15 -6.08 -38.54
C ILE B 486 12.64 -6.40 -38.61
N THR B 487 13.08 -7.42 -37.86
CA THR B 487 14.48 -7.82 -37.90
C THR B 487 14.87 -8.33 -39.28
N GLU B 488 13.99 -9.10 -39.93
CA GLU B 488 14.26 -9.56 -41.27
C GLU B 488 14.39 -8.40 -42.25
N HIS B 489 13.50 -7.40 -42.12
CA HIS B 489 13.57 -6.22 -42.97
C HIS B 489 14.89 -5.48 -42.78
N ILE B 490 15.30 -5.29 -41.53
CA ILE B 490 16.54 -4.57 -41.25
C ILE B 490 17.73 -5.33 -41.80
N LYS B 491 17.77 -6.65 -41.61
CA LYS B 491 18.89 -7.44 -42.11
C LYS B 491 18.92 -7.46 -43.64
N TYR B 492 17.75 -7.50 -44.28
CA TYR B 492 17.71 -7.45 -45.73
C TYR B 492 18.24 -6.12 -46.25
N HIS B 493 17.88 -5.02 -45.59
CA HIS B 493 18.44 -3.73 -45.99
C HIS B 493 19.93 -3.65 -45.73
N LEU B 494 20.41 -4.30 -44.66
CA LEU B 494 21.85 -4.35 -44.43
C LEU B 494 22.57 -5.10 -45.54
N SER B 495 22.00 -6.22 -45.99
CA SER B 495 22.62 -6.97 -47.07
C SER B 495 22.58 -6.22 -48.39
N GLN B 496 21.59 -5.35 -48.58
CA GLN B 496 21.49 -4.60 -49.81
C GLN B 496 22.65 -3.61 -49.93
N PRO B 497 23.25 -3.50 -51.11
CA PRO B 497 24.36 -2.54 -51.28
C PRO B 497 23.84 -1.11 -51.21
N HIS B 498 24.43 -0.32 -50.31
CA HIS B 498 24.03 1.06 -50.09
C HIS B 498 25.26 1.90 -49.81
N GLU B 499 25.03 3.19 -49.59
CA GLU B 499 26.09 4.08 -49.15
C GLU B 499 26.55 3.68 -47.75
N THR B 500 27.84 3.91 -47.48
CA THR B 500 28.41 3.53 -46.19
C THR B 500 27.66 4.18 -45.03
N ASN B 501 27.24 5.44 -45.21
CA ASN B 501 26.47 6.12 -44.17
C ASN B 501 25.14 5.41 -43.93
N ILE B 502 24.47 4.99 -45.00
CA ILE B 502 23.21 4.27 -44.87
C ILE B 502 23.41 2.96 -44.13
N LEU B 503 24.49 2.23 -44.46
CA LEU B 503 24.76 0.98 -43.78
C LEU B 503 25.07 1.20 -42.31
N ASN B 504 25.80 2.26 -41.98
CA ASN B 504 26.07 2.56 -40.58
C ASN B 504 24.79 2.89 -39.83
N TYR B 505 23.90 3.68 -40.45
CA TYR B 505 22.63 4.01 -39.82
C TYR B 505 21.80 2.75 -39.59
N TYR B 506 21.76 1.86 -40.58
CA TYR B 506 20.99 0.63 -40.42
C TYR B 506 21.60 -0.28 -39.37
N LYS B 507 22.93 -0.32 -39.26
CA LYS B 507 23.57 -1.11 -38.22
C LYS B 507 23.24 -0.59 -36.84
N LYS B 508 23.27 0.74 -36.67
CA LYS B 508 22.91 1.32 -35.38
C LYS B 508 21.44 1.05 -35.06
N LEU B 509 20.57 1.17 -36.06
CA LEU B 509 19.16 0.86 -35.85
C LEU B 509 18.96 -0.60 -35.45
N LEU B 510 19.69 -1.51 -36.09
CA LEU B 510 19.59 -2.92 -35.73
C LEU B 510 20.05 -3.16 -34.30
N LYS B 511 21.15 -2.52 -33.90
CA LYS B 511 21.63 -2.69 -32.53
C LYS B 511 20.59 -2.20 -31.52
N ALA B 512 20.02 -1.01 -31.77
CA ALA B 512 19.00 -0.48 -30.86
C ALA B 512 17.77 -1.38 -30.82
N PHE B 513 17.35 -1.88 -31.99
CA PHE B 513 16.16 -2.73 -32.02
C PHE B 513 16.38 -4.06 -31.33
N GLU B 514 17.59 -4.63 -31.47
CA GLU B 514 17.90 -5.85 -30.75
C GLU B 514 17.92 -5.61 -29.24
N ARG B 515 18.45 -4.45 -28.81
CA ARG B 515 18.42 -4.12 -27.40
C ARG B 515 16.98 -4.00 -26.88
N SER B 516 16.11 -3.38 -27.68
CA SER B 516 14.73 -3.16 -27.26
C SER B 516 13.81 -4.35 -27.54
N LYS B 517 14.32 -5.40 -28.19
CA LYS B 517 13.45 -6.51 -28.61
C LYS B 517 13.06 -7.39 -27.43
N SER B 518 13.97 -7.57 -26.47
CA SER B 518 13.73 -8.50 -25.37
C SER B 518 12.85 -7.92 -24.26
N LYS B 519 12.51 -6.63 -24.34
CA LYS B 519 11.71 -6.03 -23.28
C LYS B 519 10.26 -6.48 -23.30
N ILE B 520 9.79 -7.07 -24.41
CA ILE B 520 8.42 -7.54 -24.47
C ILE B 520 8.18 -8.79 -23.64
N PHE B 521 9.24 -9.42 -23.14
CA PHE B 521 9.13 -10.56 -22.24
C PHE B 521 9.24 -10.15 -20.77
N ASN B 522 9.46 -8.87 -20.49
CA ASN B 522 9.60 -8.40 -19.12
C ASN B 522 8.24 -8.19 -18.49
N ASP B 523 8.12 -8.55 -17.21
CA ASP B 523 6.84 -8.44 -16.52
C ASP B 523 6.42 -6.98 -16.35
N SER B 524 7.35 -6.13 -15.89
CA SER B 524 7.01 -4.74 -15.67
C SER B 524 6.68 -4.03 -16.98
N PHE B 525 7.42 -4.32 -18.04
CA PHE B 525 7.14 -3.71 -19.34
C PHE B 525 5.77 -4.10 -19.85
N LYS B 526 5.41 -5.38 -19.73
CA LYS B 526 4.09 -5.82 -20.16
C LYS B 526 3.00 -5.20 -19.32
N LYS B 527 3.23 -5.08 -18.00
CA LYS B 527 2.24 -4.43 -17.14
C LYS B 527 2.03 -2.98 -17.56
N GLY B 528 3.11 -2.27 -17.85
CA GLY B 528 2.97 -0.89 -18.30
C GLY B 528 2.28 -0.80 -19.66
N VAL B 529 2.58 -1.73 -20.56
CA VAL B 529 1.95 -1.73 -21.88
C VAL B 529 0.44 -1.92 -21.73
N ILE B 530 0.02 -2.87 -20.90
CA ILE B 530 -1.41 -3.12 -20.72
C ILE B 530 -2.07 -1.95 -20.00
N ARG B 531 -1.36 -1.35 -19.04
CA ARG B 531 -1.91 -0.18 -18.35
C ARG B 531 -2.13 0.97 -19.33
N GLN B 532 -1.22 1.14 -20.28
CA GLN B 532 -1.42 2.17 -21.31
C GLN B 532 -2.49 1.77 -22.31
N ALA B 533 -2.67 0.47 -22.54
CA ALA B 533 -3.67 0.00 -23.50
C ALA B 533 -5.09 0.19 -23.00
N GLU B 534 -5.28 0.39 -21.69
CA GLU B 534 -6.62 0.58 -21.15
C GLU B 534 -7.28 1.83 -21.72
N PHE B 535 -6.48 2.84 -22.09
CA PHE B 535 -7.03 4.07 -22.64
C PHE B 535 -7.47 3.89 -24.09
N LEU B 536 -6.82 2.99 -24.83
CA LEU B 536 -7.18 2.74 -26.22
C LEU B 536 -8.36 1.79 -26.35
N PHE B 537 -8.45 0.80 -25.45
CA PHE B 537 -9.55 -0.15 -25.47
C PHE B 537 -10.80 0.39 -24.78
N ARG B 538 -10.74 1.59 -24.21
CA ARG B 538 -11.86 2.15 -23.48
C ARG B 538 -13.06 2.33 -24.39
N GLN B 539 -14.23 1.89 -23.92
CA GLN B 539 -15.49 2.05 -24.65
C GLN B 539 -16.51 2.63 -23.69
N ARG B 540 -16.87 3.90 -23.90
CA ARG B 540 -17.82 4.55 -23.01
C ARG B 540 -19.18 3.87 -23.07
N SER B 541 -19.84 3.79 -21.91
CA SER B 541 -21.20 3.27 -21.77
C SER B 541 -21.32 1.80 -22.14
N PHE B 542 -20.22 1.05 -22.08
CA PHE B 542 -20.30 -0.39 -22.33
C PHE B 542 -20.96 -1.10 -21.15
N ILE B 543 -20.54 -0.76 -19.92
CA ILE B 543 -21.11 -1.39 -18.74
C ILE B 543 -22.58 -1.00 -18.57
N GLN B 544 -22.93 0.23 -18.94
CA GLN B 544 -24.30 0.70 -18.76
C GLN B 544 -25.28 -0.16 -19.56
N THR B 545 -24.89 -0.57 -20.77
CA THR B 545 -25.77 -1.33 -21.66
C THR B 545 -25.59 -2.83 -21.52
N LEU B 546 -24.78 -3.29 -20.58
CA LEU B 546 -24.50 -4.72 -20.45
C LEU B 546 -25.69 -5.42 -19.79
N ASP B 547 -26.22 -6.45 -20.46
CA ASP B 547 -27.31 -7.28 -19.95
C ASP B 547 -28.58 -6.48 -19.68
N THR B 548 -28.79 -5.38 -20.39
CA THR B 548 -29.99 -4.58 -20.18
C THR B 548 -31.18 -5.08 -20.98
N ASN B 549 -30.94 -5.74 -22.11
CA ASN B 549 -32.04 -6.22 -22.94
C ASN B 549 -32.71 -7.40 -22.27
N PRO B 550 -34.00 -7.33 -21.96
CA PRO B 550 -34.66 -8.44 -21.31
C PRO B 550 -35.02 -9.58 -22.25
N TYR B 551 -35.08 -9.33 -23.54
CA TYR B 551 -35.48 -10.34 -24.52
C TYR B 551 -34.32 -11.21 -24.98
N LEU B 552 -33.11 -10.96 -24.51
CA LEU B 552 -31.94 -11.77 -24.83
C LEU B 552 -31.51 -12.53 -23.58
N LEU B 553 -31.40 -13.85 -23.70
CA LEU B 553 -31.13 -14.72 -22.57
C LEU B 553 -29.90 -15.58 -22.90
N GLY B 554 -28.90 -15.52 -22.03
CA GLY B 554 -27.67 -16.27 -22.27
C GLY B 554 -27.80 -17.70 -21.82
N VAL B 555 -27.44 -18.63 -22.71
CA VAL B 555 -27.56 -20.05 -22.42
C VAL B 555 -26.21 -20.73 -22.57
N GLY B 556 -26.17 -22.05 -22.35
CA GLY B 556 -24.91 -22.76 -22.32
C GLY B 556 -24.25 -22.91 -23.68
N ASN B 557 -25.05 -22.98 -24.74
CA ASN B 557 -24.53 -23.20 -26.08
C ASN B 557 -24.66 -21.98 -26.99
N GLY B 558 -24.72 -20.80 -26.41
CA GLY B 558 -24.85 -19.58 -27.18
C GLY B 558 -25.69 -18.57 -26.40
N VAL B 559 -26.58 -17.89 -27.12
CA VAL B 559 -27.52 -16.97 -26.51
C VAL B 559 -28.88 -17.17 -27.14
N LEU B 560 -29.93 -17.13 -26.32
CA LEU B 560 -31.29 -17.36 -26.76
C LEU B 560 -32.03 -16.03 -26.91
N SER B 561 -32.63 -15.82 -28.07
CA SER B 561 -33.37 -14.61 -28.36
C SER B 561 -34.86 -14.96 -28.41
N ILE B 562 -35.63 -14.36 -27.51
CA ILE B 562 -37.07 -14.60 -27.44
C ILE B 562 -37.85 -13.37 -27.89
N GLU B 563 -37.24 -12.51 -28.70
CA GLU B 563 -37.94 -11.31 -29.18
C GLU B 563 -39.13 -11.68 -30.05
N THR B 564 -38.96 -12.68 -30.92
CA THR B 564 -40.01 -13.10 -31.85
C THR B 564 -40.16 -14.61 -31.79
N ILE B 565 -41.38 -15.07 -32.02
CA ILE B 565 -41.70 -16.49 -32.03
C ILE B 565 -41.54 -17.02 -33.45
N PRO B 566 -40.92 -18.19 -33.65
CA PRO B 566 -40.30 -19.01 -32.60
C PRO B 566 -38.96 -18.47 -32.13
N ALA B 567 -38.56 -18.85 -30.91
CA ALA B 567 -37.28 -18.40 -30.39
C ALA B 567 -36.13 -18.96 -31.21
N LYS B 568 -35.07 -18.17 -31.33
CA LYS B 568 -33.91 -18.52 -32.13
C LYS B 568 -32.67 -18.62 -31.25
N LEU B 569 -31.79 -19.55 -31.59
CA LEU B 569 -30.52 -19.74 -30.89
C LEU B 569 -29.39 -19.18 -31.75
N ILE B 570 -28.56 -18.35 -31.16
CA ILE B 570 -27.47 -17.68 -31.86
C ILE B 570 -26.20 -18.47 -31.56
N ASN B 571 -25.77 -19.30 -32.51
CA ASN B 571 -24.54 -20.07 -32.40
C ASN B 571 -23.38 -19.42 -33.13
N HIS B 572 -23.58 -18.23 -33.69
CA HIS B 572 -22.58 -17.57 -34.52
C HIS B 572 -22.17 -16.25 -33.88
N PHE B 573 -21.30 -15.52 -34.58
CA PHE B 573 -20.79 -14.26 -34.07
C PHE B 573 -21.90 -13.23 -33.97
N HIS B 574 -21.86 -12.44 -32.91
CA HIS B 574 -22.86 -11.40 -32.68
C HIS B 574 -22.24 -10.30 -31.84
N GLU B 575 -22.90 -9.14 -31.82
CA GLU B 575 -22.40 -7.98 -31.09
C GLU B 575 -23.33 -7.58 -29.95
N HIS B 576 -24.16 -8.49 -29.47
CA HIS B 576 -25.01 -8.19 -28.32
C HIS B 576 -24.19 -8.18 -27.04
N PRO B 577 -24.26 -7.12 -26.23
CA PRO B 577 -23.50 -7.05 -24.98
C PRO B 577 -24.14 -7.87 -23.85
N ILE B 578 -23.84 -9.16 -23.85
CA ILE B 578 -24.42 -10.11 -22.90
C ILE B 578 -23.30 -10.77 -22.11
N HIS B 579 -23.42 -10.72 -20.78
CA HIS B 579 -22.41 -11.26 -19.89
C HIS B 579 -22.93 -12.40 -19.04
N GLN B 580 -24.03 -12.20 -18.34
CA GLN B 580 -24.60 -13.25 -17.51
C GLN B 580 -25.16 -14.38 -18.36
N TYR B 581 -25.24 -15.57 -17.79
CA TYR B 581 -25.69 -16.73 -18.54
C TYR B 581 -26.10 -17.84 -17.59
N THR B 582 -26.77 -18.84 -18.15
CA THR B 582 -27.09 -20.07 -17.45
C THR B 582 -26.37 -21.23 -18.13
N HIS B 583 -26.08 -22.27 -17.34
CA HIS B 583 -25.33 -23.41 -17.84
C HIS B 583 -26.19 -24.35 -18.68
N ILE B 584 -27.48 -24.09 -18.80
CA ILE B 584 -28.38 -24.96 -19.53
C ILE B 584 -28.21 -24.75 -21.03
N CYS B 585 -28.09 -25.85 -21.77
CA CYS B 585 -28.01 -25.81 -23.23
C CYS B 585 -29.42 -25.86 -23.79
N TYR B 586 -29.81 -24.83 -24.55
CA TYR B 586 -31.17 -24.74 -25.06
C TYR B 586 -31.38 -25.68 -26.25
N GLU B 587 -32.50 -26.38 -26.22
CA GLU B 587 -32.92 -27.21 -27.36
C GLU B 587 -34.39 -26.97 -27.63
N PRO B 588 -34.81 -27.11 -28.89
CA PRO B 588 -36.22 -26.92 -29.23
C PRO B 588 -37.10 -27.93 -28.51
N PHE B 589 -38.31 -27.48 -28.17
CA PHE B 589 -39.24 -28.33 -27.45
C PHE B 589 -39.62 -29.55 -28.27
N ASN B 590 -39.58 -30.72 -27.64
CA ASN B 590 -39.88 -31.98 -28.30
C ASN B 590 -40.60 -32.90 -27.33
N PRO B 591 -41.89 -33.16 -27.54
CA PRO B 591 -42.63 -34.02 -26.61
C PRO B 591 -42.19 -35.48 -26.62
N GLU B 592 -41.45 -35.92 -27.63
CA GLU B 592 -41.03 -37.31 -27.71
C GLU B 592 -39.72 -37.59 -26.99
N ASN B 593 -39.06 -36.56 -26.46
CA ASN B 593 -37.87 -36.77 -25.65
C ASN B 593 -38.27 -37.49 -24.36
N PRO B 594 -37.58 -38.57 -23.99
CA PRO B 594 -37.98 -39.29 -22.77
C PRO B 594 -37.99 -38.42 -21.52
N TRP B 595 -37.02 -37.51 -21.39
CA TRP B 595 -37.01 -36.60 -20.25
C TRP B 595 -38.20 -35.65 -20.31
N THR B 596 -38.54 -35.17 -21.51
CA THR B 596 -39.72 -34.31 -21.65
C THR B 596 -40.99 -35.07 -21.27
N LYS B 597 -41.11 -36.33 -21.69
CA LYS B 597 -42.27 -37.12 -21.30
C LYS B 597 -42.33 -37.29 -19.79
N LEU B 598 -41.18 -37.59 -19.16
CA LEU B 598 -41.16 -37.77 -17.72
C LEU B 598 -41.57 -36.49 -17.00
N LEU B 599 -41.05 -35.35 -17.46
CA LEU B 599 -41.39 -34.08 -16.82
C LEU B 599 -42.86 -33.73 -17.00
N LEU B 600 -43.41 -33.98 -18.19
CA LEU B 600 -44.82 -33.70 -18.43
C LEU B 600 -45.71 -34.59 -17.55
N ASN B 601 -45.35 -35.87 -17.43
CA ASN B 601 -46.11 -36.77 -16.55
C ASN B 601 -46.01 -36.33 -15.10
N ALA B 602 -44.83 -35.90 -14.67
CA ALA B 602 -44.68 -35.40 -13.30
C ALA B 602 -45.52 -34.16 -13.07
N LEU B 603 -45.54 -33.24 -14.04
CA LEU B 603 -46.36 -32.05 -13.91
C LEU B 603 -47.85 -32.40 -13.83
N GLN B 604 -48.28 -33.37 -14.65
CA GLN B 604 -49.67 -33.83 -14.57
C GLN B 604 -49.97 -34.44 -13.21
N ASP B 605 -49.02 -35.20 -12.64
CA ASP B 605 -49.24 -35.83 -11.35
C ASP B 605 -49.33 -34.79 -10.24
N ILE B 606 -48.47 -33.77 -10.27
CA ILE B 606 -48.43 -32.81 -9.18
C ILE B 606 -49.70 -31.96 -9.17
N ILE B 607 -50.14 -31.48 -10.31
CA ILE B 607 -51.30 -30.61 -10.43
C ILE B 607 -52.39 -31.34 -11.20
N PRO B 608 -53.42 -31.83 -10.52
CA PRO B 608 -54.47 -32.60 -11.22
C PRO B 608 -55.29 -31.77 -12.19
N GLU B 609 -55.82 -30.62 -11.75
CA GLU B 609 -56.72 -29.84 -12.58
C GLU B 609 -56.00 -29.29 -13.81
N LEU B 610 -56.64 -29.37 -14.97
CA LEU B 610 -56.05 -28.92 -16.22
C LEU B 610 -55.90 -27.40 -16.23
N ASP B 611 -56.95 -26.68 -15.89
CA ASP B 611 -56.88 -25.22 -15.93
C ASP B 611 -55.85 -24.69 -14.94
N ALA B 612 -55.82 -25.26 -13.74
CA ALA B 612 -54.81 -24.86 -12.77
C ALA B 612 -53.40 -25.17 -13.26
N ARG B 613 -53.21 -26.32 -13.89
CA ARG B 613 -51.90 -26.68 -14.42
C ARG B 613 -51.46 -25.71 -15.50
N LEU B 614 -52.36 -25.36 -16.42
CA LEU B 614 -52.04 -24.40 -17.48
C LEU B 614 -51.70 -23.04 -16.89
N TRP B 615 -52.47 -22.55 -15.91
CA TRP B 615 -52.16 -21.24 -15.33
C TRP B 615 -50.82 -21.25 -14.62
N ILE B 616 -50.51 -22.30 -13.84
CA ILE B 616 -49.24 -22.40 -13.14
C ILE B 616 -48.11 -22.43 -14.15
N MET B 617 -48.23 -23.21 -15.23
CA MET B 617 -47.15 -23.24 -16.22
C MET B 617 -46.99 -21.89 -16.91
N PHE B 618 -48.10 -21.19 -17.18
CA PHE B 618 -48.00 -19.86 -17.76
C PHE B 618 -47.32 -18.90 -16.80
N TYR B 619 -47.65 -18.91 -15.52
CA TYR B 619 -47.03 -17.99 -14.59
C TYR B 619 -45.55 -18.26 -14.44
N LEU B 620 -45.15 -19.53 -14.26
CA LEU B 620 -43.74 -19.88 -14.12
C LEU B 620 -42.96 -19.56 -15.39
N SER B 621 -43.58 -19.64 -16.56
CA SER B 621 -42.85 -19.36 -17.78
C SER B 621 -42.42 -17.90 -17.85
N THR B 622 -43.08 -16.96 -17.19
CA THR B 622 -42.68 -15.55 -17.22
C THR B 622 -41.34 -15.31 -16.55
N ALA B 623 -40.77 -16.31 -15.88
CA ALA B 623 -39.48 -16.19 -15.25
C ALA B 623 -38.35 -16.06 -16.27
N ILE B 624 -38.57 -16.49 -17.52
CA ILE B 624 -37.61 -16.42 -18.61
C ILE B 624 -37.30 -14.94 -18.93
N PHE B 625 -38.34 -14.11 -18.98
CA PHE B 625 -38.25 -12.68 -19.28
C PHE B 625 -37.79 -11.86 -18.07
N ARG B 626 -36.75 -11.04 -18.22
CA ARG B 626 -36.17 -10.22 -17.13
C ARG B 626 -36.62 -8.76 -17.06
N GLY B 627 -37.73 -8.39 -17.69
CA GLY B 627 -38.23 -7.01 -17.73
C GLY B 627 -39.43 -6.78 -16.83
N LEU B 628 -40.14 -5.67 -17.03
CA LEU B 628 -41.33 -5.38 -16.25
C LEU B 628 -42.44 -6.36 -16.62
N LYS B 629 -43.19 -6.81 -15.64
CA LYS B 629 -44.29 -7.74 -15.81
C LYS B 629 -45.35 -7.51 -14.75
N GLU B 630 -46.50 -8.14 -14.92
CA GLU B 630 -47.67 -7.98 -14.08
C GLU B 630 -47.36 -8.10 -12.58
N ALA B 631 -47.99 -7.26 -11.76
CA ALA B 631 -47.83 -7.27 -10.32
C ALA B 631 -48.54 -8.48 -9.69
N LEU B 632 -48.00 -9.68 -9.85
CA LEU B 632 -48.56 -10.94 -9.31
C LEU B 632 -47.55 -11.74 -8.50
N MET B 633 -48.09 -12.45 -7.53
CA MET B 633 -47.39 -13.36 -6.65
C MET B 633 -48.26 -14.59 -6.45
N LEU B 634 -47.66 -15.78 -6.44
CA LEU B 634 -48.37 -17.02 -6.26
C LEU B 634 -48.09 -17.60 -4.87
N LEU B 635 -49.15 -17.91 -4.12
CA LEU B 635 -49.08 -18.52 -2.80
C LEU B 635 -49.55 -19.97 -2.95
N TRP B 636 -48.71 -20.93 -2.63
CA TRP B 636 -48.99 -22.36 -2.78
C TRP B 636 -49.01 -23.04 -1.42
N LEU B 637 -50.15 -23.63 -1.05
CA LEU B 637 -50.37 -24.26 0.23
C LEU B 637 -50.48 -25.78 0.06
N GLY B 638 -49.84 -26.51 0.97
CA GLY B 638 -49.87 -27.96 0.93
C GLY B 638 -49.61 -28.60 2.27
N GLY B 639 -50.18 -29.78 2.50
CA GLY B 639 -49.99 -30.46 3.77
C GLY B 639 -48.57 -30.90 4.04
N GLY B 640 -47.80 -31.16 3.00
CA GLY B 640 -46.42 -31.60 3.14
C GLY B 640 -46.17 -32.87 2.35
N CYS B 641 -44.94 -33.02 1.88
CA CYS B 641 -44.52 -34.16 1.07
C CYS B 641 -45.44 -34.33 -0.13
N ASN B 642 -45.66 -33.23 -0.84
CA ASN B 642 -46.59 -33.21 -1.96
C ASN B 642 -46.00 -32.50 -3.17
N GLY B 643 -44.68 -32.49 -3.29
CA GLY B 643 -44.03 -32.02 -4.50
C GLY B 643 -43.88 -30.53 -4.65
N LYS B 644 -44.15 -29.74 -3.60
CA LYS B 644 -44.08 -28.29 -3.73
C LYS B 644 -42.66 -27.83 -4.06
N THR B 645 -41.68 -28.26 -3.26
CA THR B 645 -40.33 -27.75 -3.43
C THR B 645 -39.65 -28.32 -4.67
N PHE B 646 -40.14 -29.44 -5.20
CA PHE B 646 -39.54 -30.05 -6.37
C PHE B 646 -39.59 -29.11 -7.57
N LEU B 647 -40.81 -28.73 -7.96
CA LEU B 647 -41.03 -27.85 -9.11
C LEU B 647 -40.44 -26.47 -8.88
N MET B 648 -40.64 -25.88 -7.69
CA MET B 648 -40.12 -24.55 -7.40
C MET B 648 -38.61 -24.49 -7.52
N ARG B 649 -37.90 -25.50 -6.99
CA ARG B 649 -36.45 -25.53 -7.08
C ARG B 649 -35.98 -25.94 -8.45
N LEU B 650 -36.70 -26.77 -9.18
CA LEU B 650 -36.31 -27.10 -10.55
C LEU B 650 -36.29 -25.86 -11.42
N VAL B 651 -37.25 -24.93 -11.25
CA VAL B 651 -37.26 -23.68 -12.03
C VAL B 651 -35.99 -22.88 -11.75
N ALA B 652 -35.60 -22.72 -10.49
CA ALA B 652 -34.37 -22.00 -10.18
C ALA B 652 -33.15 -22.76 -10.65
N MET B 653 -33.15 -24.09 -10.61
CA MET B 653 -32.00 -24.84 -11.11
C MET B 653 -31.81 -24.62 -12.60
N VAL B 654 -32.90 -24.64 -13.37
CA VAL B 654 -32.76 -24.46 -14.81
C VAL B 654 -32.50 -23.00 -15.16
N LEU B 655 -32.82 -22.01 -14.34
CA LEU B 655 -32.50 -20.61 -14.65
C LEU B 655 -31.06 -20.22 -14.27
N GLY B 656 -30.40 -20.96 -13.38
CA GLY B 656 -29.04 -20.66 -12.92
C GLY B 656 -28.98 -19.55 -11.86
N ASP B 657 -27.83 -19.33 -11.24
CA ASP B 657 -27.72 -18.35 -10.15
C ASP B 657 -27.81 -16.89 -10.61
N HIS B 658 -27.30 -16.57 -11.80
CA HIS B 658 -27.36 -15.19 -12.29
C HIS B 658 -28.77 -14.71 -12.59
N TYR B 659 -29.71 -15.59 -12.91
CA TYR B 659 -31.09 -15.22 -13.24
C TYR B 659 -32.12 -15.60 -12.19
N ALA B 660 -31.86 -16.54 -11.29
CA ALA B 660 -32.80 -16.96 -10.26
C ALA B 660 -32.14 -17.12 -8.90
N SER B 661 -32.89 -16.97 -7.82
CA SER B 661 -32.35 -17.12 -6.47
C SER B 661 -33.41 -17.43 -5.43
N LYS B 662 -33.05 -18.22 -4.42
CA LYS B 662 -33.93 -18.44 -3.27
C LYS B 662 -33.92 -17.15 -2.46
N LEU B 663 -35.03 -16.78 -1.84
CA LEU B 663 -35.15 -15.56 -1.03
C LEU B 663 -35.49 -15.89 0.42
N ASN B 664 -34.97 -15.11 1.36
CA ASN B 664 -35.20 -15.33 2.79
C ASN B 664 -36.62 -14.95 3.14
N ILE B 665 -37.29 -15.79 3.94
CA ILE B 665 -38.66 -15.51 4.34
C ILE B 665 -38.75 -14.28 5.24
N SER B 666 -37.69 -13.96 5.98
CA SER B 666 -37.71 -12.78 6.82
C SER B 666 -37.78 -11.51 6.00
N LEU B 667 -37.41 -11.57 4.72
CA LEU B 667 -37.49 -10.46 3.77
C LEU B 667 -38.93 -10.10 3.47
N LEU B 668 -39.90 -10.96 3.82
CA LEU B 668 -41.32 -10.78 3.51
C LEU B 668 -42.23 -10.70 4.73
N THR B 669 -41.82 -11.21 5.90
CA THR B 669 -42.69 -11.23 7.07
C THR B 669 -42.08 -10.51 8.28
N SER B 670 -41.07 -9.66 8.07
CA SER B 670 -40.45 -8.94 9.17
C SER B 670 -40.42 -7.45 8.85
N TYR B 671 -40.37 -6.61 9.89
CA TYR B 671 -40.33 -5.17 9.72
C TYR B 671 -39.04 -4.72 9.03
N ARG B 672 -39.12 -3.61 8.29
CA ARG B 672 -37.98 -3.06 7.55
C ARG B 672 -36.92 -2.58 8.53
N GLU B 673 -35.65 -2.69 8.15
CA GLU B 673 -34.54 -2.21 8.96
C GLU B 673 -34.66 -0.71 9.19
N THR B 674 -34.14 -0.23 10.32
CA THR B 674 -34.22 1.17 10.72
C THR B 674 -33.39 2.08 9.82
N ALA B 675 -34.03 3.08 9.21
CA ALA B 675 -33.40 4.07 8.35
C ALA B 675 -32.52 3.42 7.27
N GLU B 676 -31.21 3.62 7.39
CA GLU B 676 -30.20 3.10 6.48
C GLU B 676 -29.27 2.11 7.18
N LYS B 677 -29.30 0.88 6.68
CA LYS B 677 -28.43 -0.24 7.01
C LYS B 677 -28.25 -1.02 5.72
N PRO B 678 -27.10 -1.64 5.48
CA PRO B 678 -26.90 -2.48 4.30
C PRO B 678 -27.78 -3.71 4.37
N ASN B 679 -28.35 -4.09 3.22
CA ASN B 679 -29.26 -5.22 3.15
C ASN B 679 -28.91 -6.02 1.89
N SER B 680 -28.02 -7.00 2.06
CA SER B 680 -27.63 -7.85 0.95
C SER B 680 -28.74 -8.83 0.55
N ALA B 681 -29.66 -9.20 1.44
CA ALA B 681 -30.76 -10.09 1.07
C ALA B 681 -31.66 -9.42 0.03
N PHE B 682 -31.99 -8.16 0.22
CA PHE B 682 -32.79 -7.43 -0.76
C PHE B 682 -31.99 -7.19 -2.05
N MET B 683 -30.67 -7.04 -1.96
CA MET B 683 -29.81 -6.84 -3.13
C MET B 683 -29.83 -8.03 -4.09
N ARG B 684 -30.21 -9.22 -3.60
CA ARG B 684 -30.27 -10.43 -4.47
C ARG B 684 -31.31 -10.27 -5.57
N LEU B 685 -32.27 -9.35 -5.40
CA LEU B 685 -33.36 -9.14 -6.35
C LEU B 685 -32.90 -8.47 -7.65
N LYS B 686 -31.71 -7.85 -7.70
CA LYS B 686 -31.24 -7.17 -8.92
C LYS B 686 -30.94 -8.12 -10.07
N GLY B 687 -31.51 -7.84 -11.23
CA GLY B 687 -31.24 -8.57 -12.47
C GLY B 687 -31.79 -9.98 -12.58
N ARG B 688 -32.56 -10.40 -11.57
CA ARG B 688 -33.08 -11.80 -11.55
C ARG B 688 -34.54 -11.86 -12.00
N GLY B 689 -34.88 -12.85 -12.82
CA GLY B 689 -36.23 -13.05 -13.35
C GLY B 689 -37.13 -13.89 -12.45
N TYR B 690 -36.60 -14.60 -11.47
CA TYR B 690 -37.32 -15.49 -10.55
C TYR B 690 -36.81 -15.45 -9.12
N GLY B 691 -37.71 -15.62 -8.16
CA GLY B 691 -37.41 -15.65 -6.74
C GLY B 691 -38.48 -16.45 -5.99
N TYR B 692 -38.10 -17.30 -5.03
CA TYR B 692 -39.07 -18.10 -4.29
C TYR B 692 -38.75 -18.23 -2.81
N PHE B 693 -39.79 -18.50 -2.03
CA PHE B 693 -39.72 -18.65 -0.58
C PHE B 693 -40.34 -19.99 -0.15
N GLU B 694 -39.70 -20.72 0.77
CA GLU B 694 -40.20 -21.99 1.30
C GLU B 694 -39.81 -22.19 2.75
N GLU B 695 -39.92 -21.14 3.57
CA GLU B 695 -39.42 -21.18 4.94
C GLU B 695 -40.42 -20.66 5.97
N THR B 696 -41.71 -20.92 5.80
CA THR B 696 -42.71 -20.37 6.70
C THR B 696 -42.65 -21.04 8.07
N ASN B 697 -43.17 -20.33 9.08
CA ASN B 697 -43.41 -20.90 10.40
C ASN B 697 -44.82 -21.47 10.47
N LYS B 698 -45.27 -21.80 11.68
CA LYS B 698 -46.62 -22.34 11.82
C LYS B 698 -47.68 -21.31 11.44
N SER B 699 -47.39 -20.03 11.65
CA SER B 699 -48.27 -18.94 11.19
C SER B 699 -47.53 -17.62 11.29
N GLU B 700 -47.50 -16.86 10.20
CA GLU B 700 -46.80 -15.60 10.16
C GLU B 700 -47.65 -14.55 9.47
N ILE B 701 -47.63 -13.33 10.01
CA ILE B 701 -48.39 -12.24 9.43
C ILE B 701 -47.63 -11.68 8.23
N LEU B 702 -48.25 -11.65 7.06
CA LEU B 702 -47.62 -11.13 5.85
C LEU B 702 -47.55 -9.61 5.93
N ASN B 703 -46.32 -9.09 5.80
CA ASN B 703 -46.05 -7.66 5.80
C ASN B 703 -46.47 -7.07 4.46
N THR B 704 -47.69 -6.51 4.40
CA THR B 704 -48.23 -5.95 3.16
C THR B 704 -47.45 -4.74 2.69
N SER B 705 -46.78 -3.99 3.58
CA SER B 705 -45.96 -2.85 3.15
C SER B 705 -44.83 -3.36 2.30
N ARG B 706 -44.21 -4.47 2.71
CA ARG B 706 -43.15 -5.03 1.89
C ARG B 706 -43.71 -5.67 0.62
N LEU B 707 -44.93 -6.19 0.63
CA LEU B 707 -45.52 -6.79 -0.59
C LEU B 707 -45.67 -5.72 -1.69
N LYS B 708 -46.18 -4.54 -1.35
CA LYS B 708 -46.34 -3.44 -2.32
C LYS B 708 -44.99 -3.04 -2.90
N GLU B 709 -43.95 -3.03 -2.08
CA GLU B 709 -42.60 -2.70 -2.50
C GLU B 709 -42.01 -3.76 -3.43
N MET B 710 -42.21 -5.05 -3.16
CA MET B 710 -41.64 -6.12 -3.99
C MET B 710 -42.43 -6.39 -5.27
N VAL B 711 -43.67 -6.88 -5.24
CA VAL B 711 -44.39 -7.18 -6.49
C VAL B 711 -45.05 -5.96 -7.08
N ASN B 712 -44.28 -5.21 -7.87
CA ASN B 712 -44.71 -3.97 -8.49
C ASN B 712 -43.80 -3.58 -9.66
N PRO B 713 -44.31 -3.17 -10.83
CA PRO B 713 -43.49 -2.73 -11.94
C PRO B 713 -42.98 -1.30 -11.70
N GLY B 714 -41.95 -1.18 -10.89
CA GLY B 714 -41.35 0.11 -10.53
C GLY B 714 -40.00 -0.03 -9.88
N ASP B 715 -39.40 1.10 -9.53
CA ASP B 715 -38.10 1.13 -8.86
C ASP B 715 -38.23 0.88 -7.36
N VAL B 716 -37.16 0.37 -6.75
CA VAL B 716 -37.06 0.13 -5.29
C VAL B 716 -35.71 0.62 -4.81
N THR B 717 -35.62 1.09 -3.56
CA THR B 717 -34.35 1.57 -3.03
C THR B 717 -33.78 0.57 -2.02
N ALA B 718 -32.50 0.28 -2.17
CA ALA B 718 -31.79 -0.64 -1.31
C ALA B 718 -30.30 -0.37 -1.42
N ARG B 719 -29.54 -0.94 -0.48
CA ARG B 719 -28.09 -0.65 -0.45
C ARG B 719 -27.26 -1.92 -0.19
N GLU B 720 -26.25 -2.16 -1.02
CA GLU B 720 -25.31 -3.28 -0.88
C GLU B 720 -24.18 -2.91 0.08
N LEU B 721 -23.50 -3.91 0.61
CA LEU B 721 -22.37 -3.72 1.51
C LEU B 721 -21.30 -2.86 0.87
N ASN B 722 -20.84 -1.85 1.63
CA ASN B 722 -19.77 -0.95 1.20
C ASN B 722 -20.08 -0.25 -0.11
N GLN B 723 -21.36 -0.09 -0.44
CA GLN B 723 -21.78 0.55 -1.68
C GLN B 723 -22.79 1.65 -1.36
N LYS B 724 -22.84 2.64 -2.25
CA LYS B 724 -23.75 3.77 -2.17
C LYS B 724 -25.18 3.29 -2.39
N GLN B 725 -26.13 3.97 -1.77
CA GLN B 725 -27.56 3.64 -1.92
C GLN B 725 -27.93 3.69 -3.41
N GLU B 726 -28.68 2.71 -3.88
CA GLU B 726 -29.00 2.60 -5.30
C GLU B 726 -30.43 2.17 -5.50
N SER B 727 -31.02 2.62 -6.60
CA SER B 727 -32.39 2.26 -6.97
C SER B 727 -32.35 1.33 -8.17
N PHE B 728 -33.21 0.32 -8.22
CA PHE B 728 -33.25 -0.59 -9.36
C PHE B 728 -34.68 -1.05 -9.64
N GLN B 729 -34.93 -1.53 -10.85
CA GLN B 729 -36.26 -2.04 -11.23
C GLN B 729 -36.50 -3.44 -10.71
N MET B 730 -37.75 -3.74 -10.37
CA MET B 730 -38.09 -5.08 -9.91
C MET B 730 -38.65 -5.86 -11.09
N THR B 731 -38.02 -6.99 -11.40
CA THR B 731 -38.40 -7.83 -12.55
C THR B 731 -38.46 -9.32 -12.22
N ALA B 732 -38.72 -9.67 -10.98
CA ALA B 732 -38.75 -11.05 -10.53
C ALA B 732 -40.16 -11.64 -10.39
N THR B 733 -40.34 -12.85 -10.90
CA THR B 733 -41.57 -13.64 -10.77
C THR B 733 -41.49 -14.28 -9.39
N MET B 734 -42.51 -14.11 -8.54
CA MET B 734 -42.50 -14.59 -7.14
C MET B 734 -43.39 -15.80 -6.86
N VAL B 735 -42.89 -16.80 -6.13
CA VAL B 735 -43.68 -17.97 -5.70
C VAL B 735 -43.42 -18.22 -4.22
N ALA B 736 -44.46 -18.43 -3.38
CA ALA B 736 -44.29 -18.73 -1.97
C ALA B 736 -44.98 -20.05 -1.62
N ALA B 737 -44.27 -20.94 -0.95
CA ALA B 737 -44.74 -22.25 -0.52
C ALA B 737 -44.84 -22.28 1.00
N SER B 738 -45.86 -22.96 1.50
CA SER B 738 -46.11 -23.01 2.93
C SER B 738 -47.00 -24.20 3.25
N ASN B 739 -46.84 -24.70 4.47
CA ASN B 739 -47.75 -25.69 5.03
C ASN B 739 -48.86 -25.05 5.85
N TYR B 740 -48.88 -23.72 5.93
CA TYR B 740 -49.90 -23.01 6.69
C TYR B 740 -50.23 -21.71 5.97
N ASN B 741 -51.44 -21.22 6.18
CA ASN B 741 -51.88 -20.00 5.53
C ASN B 741 -51.19 -18.79 6.13
N PHE B 742 -50.89 -17.81 5.27
CA PHE B 742 -50.36 -16.53 5.73
C PHE B 742 -51.48 -15.68 6.30
N ILE B 743 -51.17 -14.96 7.37
CA ILE B 743 -52.15 -14.04 7.98
C ILE B 743 -52.08 -12.71 7.25
N ILE B 744 -53.19 -12.28 6.66
CA ILE B 744 -53.29 -11.03 5.90
C ILE B 744 -54.45 -10.22 6.47
N ASP B 745 -54.13 -9.16 7.19
CA ASP B 745 -55.10 -8.29 7.86
C ASP B 745 -55.73 -7.20 6.97
N THR B 746 -54.99 -6.69 5.97
CA THR B 746 -55.47 -5.62 5.11
C THR B 746 -56.61 -6.02 4.17
N THR B 747 -57.45 -5.06 3.79
CA THR B 747 -58.59 -5.30 2.91
C THR B 747 -58.58 -4.41 1.67
N ASP B 748 -57.55 -3.59 1.47
CA ASP B 748 -57.46 -2.72 0.30
C ASP B 748 -57.33 -3.53 -1.00
N HIS B 749 -57.93 -3.02 -2.07
CA HIS B 749 -57.83 -3.66 -3.38
C HIS B 749 -56.38 -3.71 -3.86
N GLY B 750 -55.54 -2.77 -3.44
CA GLY B 750 -54.13 -2.72 -3.80
C GLY B 750 -53.32 -3.93 -3.35
N THR B 751 -53.81 -4.68 -2.35
CA THR B 751 -53.16 -5.89 -1.86
C THR B 751 -53.72 -7.11 -2.58
N TRP B 752 -55.03 -7.29 -2.59
CA TRP B 752 -55.65 -8.46 -3.21
C TRP B 752 -55.54 -8.48 -4.73
N ARG B 753 -55.15 -7.37 -5.37
CA ARG B 753 -54.90 -7.33 -6.82
C ARG B 753 -53.68 -8.16 -7.19
N ARG B 754 -52.72 -8.28 -6.28
CA ARG B 754 -51.43 -8.95 -6.64
C ARG B 754 -51.34 -10.41 -6.14
N LEU B 755 -52.26 -10.88 -5.30
CA LEU B 755 -52.10 -12.24 -4.73
C LEU B 755 -52.82 -13.34 -5.54
N ARG B 756 -52.19 -14.51 -5.66
CA ARG B 756 -52.82 -15.66 -6.34
C ARG B 756 -52.67 -16.87 -5.40
N HIS B 757 -53.67 -17.76 -5.33
CA HIS B 757 -53.59 -18.86 -4.33
C HIS B 757 -53.92 -20.22 -4.93
N TYR B 758 -53.22 -21.27 -4.48
CA TYR B 758 -53.52 -22.63 -4.92
C TYR B 758 -53.29 -23.63 -3.77
N ARG B 759 -54.25 -24.51 -3.45
CA ARG B 759 -54.10 -25.57 -2.47
C ARG B 759 -53.87 -26.89 -3.18
N SER B 760 -52.81 -27.59 -2.80
CA SER B 760 -52.47 -28.86 -3.44
C SER B 760 -53.43 -29.96 -3.00
N LYS B 761 -53.66 -30.93 -3.88
CA LYS B 761 -54.53 -32.06 -3.61
C LYS B 761 -53.75 -33.36 -3.46
N VAL B 762 -52.88 -33.67 -4.43
CA VAL B 762 -52.15 -34.94 -4.41
C VAL B 762 -51.11 -34.94 -3.30
N LYS B 763 -51.02 -36.05 -2.57
CA LYS B 763 -50.01 -36.26 -1.55
C LYS B 763 -49.16 -37.47 -1.93
N PHE B 764 -47.85 -37.31 -1.87
CA PHE B 764 -46.91 -38.37 -2.21
C PHE B 764 -46.38 -39.01 -0.93
N CYS B 765 -46.51 -40.33 -0.83
CA CYS B 765 -46.10 -41.04 0.36
C CYS B 765 -45.91 -42.51 0.03
N HIS B 766 -45.25 -43.22 0.94
CA HIS B 766 -45.14 -44.66 0.83
C HIS B 766 -46.49 -45.32 1.07
N ASN B 767 -46.60 -46.57 0.61
CA ASN B 767 -47.78 -47.43 0.75
C ASN B 767 -49.11 -46.66 0.76
N PRO B 768 -49.42 -45.93 -0.31
CA PRO B 768 -50.64 -45.12 -0.31
C PRO B 768 -51.89 -45.97 -0.40
N ASP B 769 -53.01 -45.38 0.00
CA ASP B 769 -54.30 -46.05 -0.07
C ASP B 769 -54.71 -46.22 -1.52
N PRO B 770 -54.93 -47.45 -2.00
CA PRO B 770 -55.38 -47.63 -3.39
C PRO B 770 -56.72 -46.97 -3.68
N ASN B 771 -57.60 -46.86 -2.69
CA ASN B 771 -58.90 -46.27 -2.90
C ASN B 771 -58.92 -44.76 -2.99
N ASN B 772 -57.84 -44.10 -2.62
CA ASN B 772 -57.77 -42.64 -2.68
C ASN B 772 -56.88 -42.21 -3.83
N SER B 773 -57.43 -41.63 -4.89
CA SER B 773 -56.59 -41.20 -6.02
C SER B 773 -55.61 -40.09 -5.68
N TYR B 774 -55.83 -39.36 -4.58
CA TYR B 774 -54.99 -38.23 -4.22
C TYR B 774 -53.78 -38.62 -3.38
N GLU B 775 -53.59 -39.91 -3.11
CA GLU B 775 -52.38 -40.41 -2.47
C GLU B 775 -51.67 -41.34 -3.44
N LYS B 776 -50.41 -41.04 -3.74
CA LYS B 776 -49.66 -41.73 -4.78
C LYS B 776 -48.29 -42.13 -4.24
N LYS B 777 -47.72 -43.17 -4.85
CA LYS B 777 -46.39 -43.64 -4.46
C LYS B 777 -45.35 -42.58 -4.81
N GLU B 778 -44.61 -42.13 -3.79
CA GLU B 778 -43.56 -41.17 -4.03
C GLU B 778 -42.33 -41.85 -4.63
N ASP B 779 -41.55 -41.06 -5.36
CA ASP B 779 -40.35 -41.58 -6.06
C ASP B 779 -39.18 -40.71 -5.62
N PRO B 780 -38.34 -41.11 -4.64
CA PRO B 780 -37.30 -40.22 -4.09
C PRO B 780 -36.35 -39.66 -5.13
N ARG B 781 -36.12 -40.38 -6.23
CA ARG B 781 -35.13 -39.92 -7.21
C ARG B 781 -35.58 -38.66 -7.95
N PHE B 782 -36.86 -38.29 -7.85
CA PHE B 782 -37.30 -37.04 -8.45
C PHE B 782 -36.61 -35.85 -7.80
N ILE B 783 -36.52 -35.84 -6.47
CA ILE B 783 -35.87 -34.75 -5.77
C ILE B 783 -34.39 -35.05 -5.50
N HIS B 784 -34.02 -36.32 -5.46
CA HIS B 784 -32.64 -36.70 -5.15
C HIS B 784 -31.76 -36.87 -6.38
N GLU B 785 -32.32 -37.35 -7.50
CA GLU B 785 -31.51 -37.68 -8.66
C GLU B 785 -31.89 -36.87 -9.90
N TYR B 786 -33.19 -36.82 -10.21
CA TYR B 786 -33.63 -36.22 -11.47
C TYR B 786 -33.37 -34.73 -11.53
N ILE B 787 -33.48 -34.04 -10.39
CA ILE B 787 -33.29 -32.60 -10.37
C ILE B 787 -31.86 -32.20 -10.70
N MET B 788 -30.91 -33.13 -10.54
CA MET B 788 -29.50 -32.85 -10.79
C MET B 788 -29.04 -33.26 -12.18
N ASP B 789 -29.87 -33.95 -12.94
CA ASP B 789 -29.47 -34.43 -14.26
C ASP B 789 -29.55 -33.29 -15.27
N PRO B 790 -28.47 -32.96 -15.98
CA PRO B 790 -28.54 -31.88 -16.97
C PRO B 790 -29.58 -32.10 -18.06
N ASN B 791 -29.81 -33.34 -18.48
CA ASN B 791 -30.80 -33.61 -19.50
C ASN B 791 -32.20 -33.21 -19.05
N CYS B 792 -32.56 -33.57 -17.82
CA CYS B 792 -33.85 -33.18 -17.28
C CYS B 792 -33.96 -31.66 -17.18
N GLN B 793 -32.88 -31.01 -16.77
CA GLN B 793 -32.90 -29.55 -16.62
C GLN B 793 -33.13 -28.87 -17.96
N ASN B 794 -32.43 -29.32 -19.02
CA ASN B 794 -32.62 -28.67 -20.31
C ASN B 794 -33.96 -29.01 -20.93
N ALA B 795 -34.49 -30.22 -20.65
CA ALA B 795 -35.85 -30.53 -21.10
C ALA B 795 -36.86 -29.60 -20.44
N PHE B 796 -36.70 -29.36 -19.13
CA PHE B 796 -37.61 -28.44 -18.45
C PHE B 796 -37.46 -27.02 -18.96
N PHE B 797 -36.23 -26.62 -19.31
CA PHE B 797 -36.03 -25.30 -19.89
C PHE B 797 -36.75 -25.18 -21.23
N SER B 798 -36.69 -26.23 -22.04
CA SER B 798 -37.43 -26.24 -23.30
C SER B 798 -38.93 -26.13 -23.06
N ILE B 799 -39.43 -26.84 -22.04
CA ILE B 799 -40.85 -26.77 -21.72
C ILE B 799 -41.24 -25.34 -21.31
N LEU B 800 -40.40 -24.70 -20.49
CA LEU B 800 -40.67 -23.33 -20.07
C LEU B 800 -40.70 -22.38 -21.26
N VAL B 801 -39.74 -22.54 -22.19
CA VAL B 801 -39.72 -21.68 -23.37
C VAL B 801 -40.97 -21.90 -24.21
N TYR B 802 -41.38 -23.16 -24.38
CA TYR B 802 -42.58 -23.45 -25.16
C TYR B 802 -43.81 -22.81 -24.53
N PHE B 803 -43.94 -22.91 -23.21
CA PHE B 803 -45.09 -22.30 -22.54
C PHE B 803 -45.05 -20.78 -22.63
N TRP B 804 -43.85 -20.18 -22.56
CA TRP B 804 -43.75 -18.74 -22.74
C TRP B 804 -44.23 -18.33 -24.12
N GLU B 805 -43.81 -19.07 -25.16
CA GLU B 805 -44.25 -18.76 -26.51
C GLU B 805 -45.75 -18.93 -26.65
N LYS B 806 -46.32 -19.98 -26.04
CA LYS B 806 -47.76 -20.21 -26.08
C LYS B 806 -48.49 -19.06 -25.42
N LEU B 807 -48.03 -18.59 -24.26
CA LEU B 807 -48.66 -17.46 -23.59
C LEU B 807 -48.57 -16.19 -24.44
N GLN B 808 -47.41 -15.97 -25.07
CA GLN B 808 -47.24 -14.78 -25.89
C GLN B 808 -48.18 -14.80 -27.10
N LYS B 809 -48.34 -15.96 -27.73
CA LYS B 809 -49.12 -16.05 -28.96
C LYS B 809 -50.61 -16.25 -28.72
N GLU B 810 -51.07 -16.59 -27.53
CA GLU B 810 -52.50 -16.80 -27.29
C GLU B 810 -53.17 -15.73 -26.45
N TYR B 811 -52.47 -15.13 -25.48
CA TYR B 811 -53.01 -14.11 -24.59
C TYR B 811 -52.22 -12.79 -24.68
N ASN B 812 -51.40 -12.63 -25.72
CA ASN B 812 -50.61 -11.43 -25.94
C ASN B 812 -49.69 -11.10 -24.75
N GLY B 813 -49.27 -12.11 -24.00
CA GLY B 813 -48.35 -11.91 -22.89
C GLY B 813 -48.97 -11.32 -21.65
N GLN B 814 -50.29 -11.36 -21.51
CA GLN B 814 -50.98 -10.81 -20.35
C GLN B 814 -51.51 -11.96 -19.49
N ILE B 815 -50.86 -12.22 -18.36
CA ILE B 815 -51.22 -13.33 -17.48
C ILE B 815 -52.62 -13.14 -16.87
N LYS B 816 -53.09 -11.89 -16.77
CA LYS B 816 -54.43 -11.56 -16.26
C LYS B 816 -55.54 -12.09 -17.17
N LYS B 817 -55.26 -12.35 -18.44
CA LYS B 817 -56.24 -12.87 -19.41
C LYS B 817 -56.43 -14.38 -19.34
N VAL B 818 -55.64 -15.12 -18.57
CA VAL B 818 -55.72 -16.58 -18.53
C VAL B 818 -56.98 -16.98 -17.79
N PHE B 819 -57.76 -17.88 -18.40
CA PHE B 819 -59.01 -18.38 -17.83
C PHE B 819 -58.69 -19.55 -16.90
N CYS B 820 -59.06 -19.44 -15.62
CA CYS B 820 -58.82 -20.50 -14.65
C CYS B 820 -59.78 -20.38 -13.48
N PRO B 821 -60.91 -21.09 -13.52
CA PRO B 821 -61.87 -20.99 -12.40
C PRO B 821 -61.31 -21.45 -11.06
N THR B 822 -60.42 -22.45 -11.07
CA THR B 822 -59.96 -23.03 -9.81
C THR B 822 -59.16 -22.02 -8.99
N ILE B 823 -58.20 -21.35 -9.65
CA ILE B 823 -57.34 -20.34 -9.01
C ILE B 823 -58.17 -19.16 -8.51
N GLU B 824 -59.14 -18.71 -9.30
CA GLU B 824 -60.00 -17.60 -8.88
C GLU B 824 -60.86 -18.00 -7.68
N SER B 825 -61.46 -19.19 -7.69
CA SER B 825 -62.33 -19.63 -6.59
C SER B 825 -61.54 -19.83 -5.31
N GLU B 826 -60.36 -20.45 -5.39
CA GLU B 826 -59.57 -20.67 -4.20
C GLU B 826 -59.05 -19.35 -3.62
N THR B 827 -58.67 -18.42 -4.49
CA THR B 827 -58.22 -17.10 -4.06
C THR B 827 -59.37 -16.37 -3.38
N GLU B 828 -60.60 -16.46 -3.90
CA GLU B 828 -61.75 -15.83 -3.27
C GLU B 828 -62.05 -16.45 -1.92
N ALA B 829 -61.97 -17.77 -1.81
CA ALA B 829 -62.20 -18.43 -0.53
C ALA B 829 -61.14 -18.00 0.49
N TYR B 830 -59.89 -17.93 0.05
CA TYR B 830 -58.79 -17.53 0.89
C TYR B 830 -59.01 -16.09 1.35
N ARG B 831 -59.40 -15.17 0.47
CA ARG B 831 -59.66 -13.79 0.86
C ARG B 831 -60.84 -13.72 1.84
N LYS B 832 -61.91 -14.50 1.62
CA LYS B 832 -63.08 -14.49 2.49
C LYS B 832 -62.75 -15.01 3.88
N SER B 833 -61.82 -15.96 3.98
CA SER B 833 -61.42 -16.46 5.29
C SER B 833 -60.66 -15.42 6.10
N GLN B 834 -59.99 -14.46 5.45
CA GLN B 834 -59.16 -13.43 6.09
C GLN B 834 -59.94 -12.17 6.47
N ASP B 835 -61.21 -12.02 6.06
CA ASP B 835 -61.98 -10.81 6.34
C ASP B 835 -62.60 -10.94 7.73
N THR B 836 -61.92 -10.37 8.71
CA THR B 836 -62.32 -10.42 10.11
C THR B 836 -63.61 -9.65 10.31
N LEU B 837 -63.77 -8.47 9.72
CA LEU B 837 -64.99 -7.70 9.84
C LEU B 837 -66.17 -8.46 9.23
N HIS B 838 -65.92 -9.15 8.12
CA HIS B 838 -66.99 -10.01 7.54
C HIS B 838 -67.38 -11.08 8.56
N ARG B 839 -66.39 -11.76 9.14
CA ARG B 839 -66.65 -12.84 10.12
C ARG B 839 -67.47 -12.26 11.28
N PHE B 840 -67.08 -11.11 11.82
CA PHE B 840 -67.80 -10.43 12.90
C PHE B 840 -69.27 -10.22 12.52
N ILE B 841 -69.53 -9.66 11.34
CA ILE B 841 -70.88 -9.37 10.87
C ILE B 841 -71.67 -10.67 10.71
N THR B 842 -71.12 -11.72 10.12
CA THR B 842 -71.86 -12.99 9.99
C THR B 842 -72.10 -13.69 11.34
N GLU B 843 -71.16 -13.58 12.29
CA GLU B 843 -71.23 -14.23 13.59
C GLU B 843 -72.11 -13.49 14.60
N ARG B 844 -72.09 -12.15 14.61
CA ARG B 844 -72.82 -11.43 15.69
C ARG B 844 -73.82 -10.38 15.19
N VAL B 845 -73.90 -10.14 13.88
CA VAL B 845 -74.92 -9.18 13.39
C VAL B 845 -75.93 -9.88 12.49
N VAL B 846 -77.20 -9.94 12.89
CA VAL B 846 -78.26 -10.63 12.11
C VAL B 846 -79.54 -9.84 11.95
N GLU B 847 -80.17 -9.92 10.77
CA GLU B 847 -81.46 -9.25 10.51
C GLU B 847 -82.50 -9.81 11.50
N SER B 848 -83.18 -8.93 12.23
CA SER B 848 -84.16 -9.33 13.25
C SER B 848 -85.51 -8.61 13.16
N PRO B 849 -86.50 -9.19 12.46
CA PRO B 849 -87.84 -8.63 12.38
C PRO B 849 -88.56 -8.52 13.74
N SER B 850 -88.13 -9.26 14.78
CA SER B 850 -88.73 -9.19 16.13
C SER B 850 -88.42 -7.86 16.82
N ALA B 851 -87.19 -7.36 16.69
CA ALA B 851 -86.77 -6.09 17.31
C ALA B 851 -85.66 -5.40 16.50
N GLU B 852 -85.96 -4.20 15.97
CA GLU B 852 -85.03 -3.40 15.18
C GLU B 852 -83.77 -3.02 15.97
N THR B 853 -83.95 -2.65 17.25
CA THR B 853 -82.88 -2.39 18.24
C THR B 853 -81.76 -1.46 17.74
N VAL B 854 -82.04 -0.17 17.54
CA VAL B 854 -81.05 0.79 17.01
C VAL B 854 -79.73 0.84 17.82
N TYR B 855 -78.59 0.65 17.15
CA TYR B 855 -77.22 0.69 17.72
C TYR B 855 -76.38 1.75 17.00
N ASN B 856 -75.43 2.40 17.68
CA ASN B 856 -74.56 3.41 17.08
C ASN B 856 -73.25 2.76 16.58
N LEU B 857 -72.51 3.47 15.74
CA LEU B 857 -71.27 2.98 15.16
C LEU B 857 -70.21 2.71 16.23
N SER B 858 -70.16 3.54 17.27
CA SER B 858 -69.20 3.33 18.35
C SER B 858 -69.46 2.01 19.06
N GLU B 859 -70.73 1.62 19.21
CA GLU B 859 -71.11 0.34 19.81
C GLU B 859 -70.61 -0.81 18.93
N VAL B 860 -70.77 -0.68 17.61
CA VAL B 860 -70.28 -1.66 16.63
C VAL B 860 -68.76 -1.79 16.75
N VAL B 861 -68.02 -0.67 16.88
CA VAL B 861 -66.57 -0.72 16.97
C VAL B 861 -66.14 -1.40 18.27
N THR B 862 -66.78 -1.04 19.38
CA THR B 862 -66.43 -1.66 20.67
C THR B 862 -66.73 -3.15 20.66
N ALA B 863 -67.87 -3.55 20.10
CA ALA B 863 -68.23 -4.96 20.00
C ALA B 863 -67.24 -5.70 19.10
N TYR B 864 -66.76 -5.06 18.03
CA TYR B 864 -65.75 -5.65 17.14
C TYR B 864 -64.43 -5.86 17.90
N ALA B 865 -64.03 -4.88 18.71
CA ALA B 865 -62.80 -5.01 19.48
C ALA B 865 -62.90 -6.14 20.49
N GLU B 866 -64.03 -6.20 21.22
CA GLU B 866 -64.21 -7.26 22.20
C GLU B 866 -64.24 -8.63 21.53
N TRP B 867 -64.91 -8.73 20.38
CA TRP B 867 -64.95 -9.94 19.61
C TRP B 867 -63.52 -10.37 19.23
N TYR B 868 -62.70 -9.44 18.69
CA TYR B 868 -61.39 -9.82 18.18
C TYR B 868 -60.49 -10.25 19.32
N ASN B 869 -60.63 -9.59 20.48
CA ASN B 869 -59.87 -10.02 21.65
C ASN B 869 -60.28 -11.41 22.11
N ALA B 870 -61.58 -11.72 22.12
CA ALA B 870 -62.06 -12.95 22.73
C ALA B 870 -62.14 -14.13 21.78
N ASN B 871 -62.07 -13.91 20.46
CA ASN B 871 -62.30 -14.95 19.45
C ASN B 871 -61.27 -15.00 18.32
N ILE B 872 -60.29 -14.09 18.23
CA ILE B 872 -59.27 -14.16 17.20
C ILE B 872 -57.90 -14.12 17.85
N ASN B 873 -57.59 -13.00 18.52
CA ASN B 873 -56.34 -12.82 19.23
C ASN B 873 -56.43 -11.53 20.04
N VAL B 874 -55.75 -11.52 21.18
CA VAL B 874 -55.71 -10.32 22.01
C VAL B 874 -54.80 -9.31 21.33
N LYS B 875 -55.39 -8.23 20.82
CA LYS B 875 -54.64 -7.25 20.03
C LYS B 875 -55.28 -5.89 20.18
N ARG B 876 -54.49 -4.86 19.89
CA ARG B 876 -54.96 -3.48 19.92
C ARG B 876 -55.44 -3.08 18.52
N HIS B 877 -56.54 -2.32 18.49
CA HIS B 877 -57.16 -1.89 17.24
C HIS B 877 -57.10 -0.39 17.10
N ILE B 878 -56.88 0.11 15.89
CA ILE B 878 -56.87 1.55 15.60
C ILE B 878 -58.27 1.90 15.13
N ALA B 879 -58.97 2.75 15.89
CA ALA B 879 -60.37 3.08 15.63
C ALA B 879 -60.57 3.68 14.25
N LEU B 880 -59.63 4.50 13.75
CA LEU B 880 -59.76 5.12 12.45
C LEU B 880 -59.81 4.06 11.34
N GLU B 881 -58.99 3.01 11.43
CA GLU B 881 -58.97 1.91 10.45
C GLU B 881 -60.28 1.13 10.52
N LEU B 882 -60.79 0.85 11.73
CA LEU B 882 -62.07 0.16 11.87
C LEU B 882 -63.19 0.98 11.25
N SER B 883 -63.19 2.31 11.47
CA SER B 883 -64.21 3.14 10.86
C SER B 883 -64.09 3.16 9.34
N GLN B 884 -62.86 3.23 8.79
CA GLN B 884 -62.64 3.21 7.34
C GLN B 884 -63.12 1.89 6.71
N GLU B 885 -62.82 0.76 7.34
CA GLU B 885 -63.26 -0.54 6.83
C GLU B 885 -64.78 -0.71 7.02
N LEU B 886 -65.37 -0.14 8.08
CA LEU B 886 -66.82 -0.18 8.29
C LEU B 886 -67.52 0.68 7.23
N GLU B 887 -66.88 1.74 6.74
CA GLU B 887 -67.43 2.54 5.65
C GLU B 887 -67.52 1.76 4.34
N ASN B 888 -66.81 0.65 4.22
CA ASN B 888 -66.90 -0.23 3.05
C ASN B 888 -67.50 -1.58 3.41
N SER B 889 -68.01 -1.78 4.62
CA SER B 889 -68.56 -3.05 5.06
C SER B 889 -69.95 -3.34 4.49
N VAL B 890 -70.40 -4.60 4.59
CA VAL B 890 -71.72 -5.01 4.12
C VAL B 890 -72.86 -4.44 4.99
N LEU B 891 -72.53 -3.92 6.19
CA LEU B 891 -73.49 -3.27 7.09
C LEU B 891 -73.72 -1.80 6.73
N GLU B 892 -72.94 -1.20 5.82
CA GLU B 892 -73.06 0.22 5.53
C GLU B 892 -74.45 0.58 5.02
N LYS B 893 -75.08 -0.30 4.25
CA LYS B 893 -76.43 -0.04 3.78
C LYS B 893 -77.42 -0.02 4.94
N TYR B 894 -77.28 -0.90 5.93
CA TYR B 894 -78.15 -1.00 7.12
C TYR B 894 -77.90 0.13 8.13
N LEU B 895 -76.65 0.54 8.30
CA LEU B 895 -76.25 1.65 9.16
C LEU B 895 -76.81 2.96 8.57
N GLN B 896 -78.00 3.40 8.98
CA GLN B 896 -78.59 4.65 8.46
C GLN B 896 -77.97 5.89 9.12
N TRP B 897 -78.44 7.09 8.75
CA TRP B 897 -77.95 8.34 9.31
C TRP B 897 -78.85 8.80 10.44
N SER B 898 -78.25 9.10 11.59
CA SER B 898 -78.96 9.61 12.75
C SER B 898 -79.13 11.12 12.64
N PRO B 899 -80.03 11.71 13.43
CA PRO B 899 -80.12 13.18 13.46
C PRO B 899 -78.82 13.86 13.85
N ASN B 900 -77.98 13.19 14.63
CA ASN B 900 -76.65 13.70 14.96
C ASN B 900 -75.61 13.36 13.90
N LYS B 901 -76.04 12.89 12.72
CA LYS B 901 -75.16 12.49 11.64
C LYS B 901 -74.18 11.40 12.07
N THR B 902 -74.65 10.46 12.88
CA THR B 902 -73.88 9.29 13.27
C THR B 902 -74.49 8.05 12.64
N ARG B 903 -73.63 7.13 12.20
CA ARG B 903 -74.11 5.91 11.57
C ARG B 903 -74.81 5.03 12.60
N ILE B 904 -76.07 4.69 12.36
CA ILE B 904 -76.92 3.87 13.27
C ILE B 904 -77.47 2.61 12.59
N LEU B 905 -77.17 1.45 13.14
CA LEU B 905 -77.61 0.15 12.61
C LEU B 905 -79.07 -0.11 13.00
N LYS B 906 -79.92 -0.40 12.01
CA LYS B 906 -81.35 -0.67 12.20
C LYS B 906 -81.82 -1.92 11.42
N GLY B 907 -82.82 -2.62 11.95
CA GLY B 907 -83.38 -3.84 11.36
C GLY B 907 -82.56 -5.12 11.65
N CYS B 908 -81.49 -5.00 12.45
CA CYS B 908 -80.58 -6.08 12.80
C CYS B 908 -80.24 -6.08 14.30
N ARG B 909 -79.83 -7.26 14.79
CA ARG B 909 -79.51 -7.41 16.23
C ARG B 909 -78.03 -7.72 16.44
N ILE B 910 -77.33 -6.87 17.20
CA ILE B 910 -75.92 -7.06 17.53
C ILE B 910 -75.95 -8.02 18.71
N LEU B 911 -75.56 -9.26 18.45
CA LEU B 911 -75.51 -10.32 19.44
C LEU B 911 -74.29 -10.08 20.33
N HIS B 912 -74.46 -10.00 21.65
CA HIS B 912 -73.34 -9.80 22.57
C HIS B 912 -72.48 -11.08 22.69
N LYS B 913 -71.47 -11.08 23.57
CA LYS B 913 -70.49 -12.16 23.75
C LYS B 913 -71.06 -13.57 23.99
N PHE B 914 -72.28 -13.68 24.53
CA PHE B 914 -72.92 -14.97 24.85
C PHE B 914 -74.34 -15.14 24.26
N GLU B 915 -74.75 -14.31 23.31
CA GLU B 915 -76.07 -14.39 22.68
C GLU B 915 -76.08 -15.33 21.45
N THR B 916 -77.25 -15.86 21.13
CA THR B 916 -77.49 -16.79 20.01
C THR B 916 -78.73 -16.39 19.22
N LEU B 917 -78.91 -16.95 18.01
CA LEU B 917 -80.08 -16.63 17.19
C LEU B 917 -81.36 -17.14 17.86
N GLN B 918 -82.42 -16.35 17.72
CA GLN B 918 -83.75 -16.59 18.26
C GLN B 918 -84.81 -16.28 17.18
N PRO B 919 -86.03 -16.85 17.26
CA PRO B 919 -87.05 -16.62 16.23
C PRO B 919 -87.37 -15.14 16.07
N GLY B 920 -87.41 -14.66 14.83
CA GLY B 920 -87.63 -13.25 14.46
C GLY B 920 -86.32 -12.48 14.27
N CYS B 938 -62.65 -29.63 -17.69
CA CYS B 938 -61.74 -30.00 -18.77
C CYS B 938 -61.45 -31.51 -18.78
N GLU B 939 -60.63 -31.98 -19.73
CA GLU B 939 -60.26 -33.40 -19.87
C GLU B 939 -58.90 -33.60 -20.56
N PRO B 940 -57.91 -34.22 -19.89
CA PRO B 940 -56.57 -34.47 -20.45
C PRO B 940 -56.48 -35.87 -21.10
N LYS B 941 -57.32 -36.19 -22.09
CA LYS B 941 -57.19 -37.42 -22.86
C LYS B 941 -56.07 -37.34 -23.90
N ASN B 942 -55.56 -36.15 -24.18
CA ASN B 942 -54.64 -35.93 -25.29
C ASN B 942 -53.52 -35.01 -24.80
N LYS B 943 -52.74 -34.44 -25.72
CA LYS B 943 -51.60 -33.57 -25.42
C LYS B 943 -52.10 -32.29 -24.74
N TRP B 944 -52.12 -32.30 -23.41
CA TRP B 944 -52.66 -31.21 -22.62
C TRP B 944 -51.88 -29.91 -22.77
N TRP B 945 -50.61 -29.96 -23.16
CA TRP B 945 -49.86 -28.72 -23.38
C TRP B 945 -50.38 -27.98 -24.62
N GLU B 946 -51.06 -28.64 -25.54
CA GLU B 946 -51.65 -28.03 -26.73
C GLU B 946 -53.12 -27.65 -26.52
N TRP B 947 -53.67 -27.83 -25.31
CA TRP B 947 -55.07 -27.57 -25.02
C TRP B 947 -55.49 -26.11 -25.17
N SER B 948 -56.34 -25.84 -26.13
CA SER B 948 -57.03 -24.55 -26.28
C SER B 948 -58.35 -24.68 -27.05
N PRO B 949 -59.25 -25.68 -26.81
CA PRO B 949 -60.48 -25.77 -27.62
C PRO B 949 -61.52 -24.73 -27.20
N ASN B 950 -61.75 -24.56 -25.90
CA ASN B 950 -62.69 -23.57 -25.38
C ASN B 950 -62.13 -22.13 -25.55
N PRO B 951 -60.84 -21.85 -25.25
CA PRO B 951 -60.26 -20.51 -25.45
C PRO B 951 -60.33 -20.07 -26.93
N SER B 952 -60.00 -20.97 -27.86
CA SER B 952 -60.03 -20.67 -29.31
C SER B 952 -61.42 -20.32 -29.85
N HIS C 11 19.84 -33.02 -30.65
CA HIS C 11 21.15 -32.42 -30.86
C HIS C 11 21.21 -31.61 -32.15
N ASP C 12 20.59 -32.15 -33.21
CA ASP C 12 20.66 -31.49 -34.51
C ASP C 12 19.91 -30.16 -34.50
N THR C 13 18.71 -30.13 -33.91
CA THR C 13 17.87 -28.94 -33.99
C THR C 13 18.60 -27.71 -33.42
N ILE C 14 19.33 -27.89 -32.31
CA ILE C 14 20.14 -26.81 -31.76
C ILE C 14 21.19 -26.37 -32.76
N GLN C 15 21.80 -27.32 -33.48
CA GLN C 15 22.81 -26.98 -34.46
C GLN C 15 22.21 -26.18 -35.61
N LEU C 16 21.03 -26.57 -36.09
CA LEU C 16 20.36 -25.80 -37.13
C LEU C 16 20.01 -24.39 -36.66
N THR C 17 19.52 -24.26 -35.43
CA THR C 17 19.24 -22.92 -34.90
C THR C 17 20.50 -22.07 -34.82
N ALA C 18 21.60 -22.67 -34.35
CA ALA C 18 22.85 -21.94 -34.24
C ALA C 18 23.33 -21.49 -35.63
N GLN C 19 23.31 -22.39 -36.61
CA GLN C 19 23.78 -22.03 -37.94
C GLN C 19 22.85 -21.01 -38.60
N ARG C 20 21.55 -21.05 -38.28
CA ARG C 20 20.66 -19.99 -38.72
C ARG C 20 21.02 -18.66 -38.09
N LYS C 21 21.54 -18.68 -36.86
CA LYS C 21 21.91 -17.44 -36.20
C LYS C 21 23.22 -16.86 -36.74
N TYR C 22 24.30 -17.64 -36.70
CA TYR C 22 25.63 -17.08 -36.95
C TYR C 22 26.07 -17.15 -38.41
N LEU C 23 25.24 -17.64 -39.31
CA LEU C 23 25.55 -17.64 -40.74
C LEU C 23 24.59 -16.71 -41.47
N ALA C 24 25.14 -15.73 -42.18
CA ALA C 24 24.30 -14.77 -42.90
C ALA C 24 23.69 -15.38 -44.15
N GLU C 25 24.44 -16.24 -44.84
CA GLU C 25 23.93 -16.86 -46.06
C GLU C 25 22.78 -17.81 -45.77
N VAL C 26 22.82 -18.53 -44.65
CA VAL C 26 21.71 -19.40 -44.27
C VAL C 26 20.46 -18.55 -44.03
N GLN C 27 20.62 -17.42 -43.34
CA GLN C 27 19.48 -16.54 -43.10
C GLN C 27 18.93 -15.99 -44.41
N ALA C 28 19.82 -15.61 -45.33
CA ALA C 28 19.38 -15.10 -46.63
C ALA C 28 18.61 -16.16 -47.41
N LEU C 29 19.12 -17.39 -47.41
CA LEU C 29 18.43 -18.47 -48.10
C LEU C 29 17.07 -18.75 -47.49
N GLU C 30 16.99 -18.77 -46.15
CA GLU C 30 15.71 -19.00 -45.50
C GLU C 30 14.72 -17.89 -45.80
N THR C 31 15.17 -16.63 -45.77
CA THR C 31 14.29 -15.51 -46.09
C THR C 31 13.81 -15.59 -47.53
N LEU C 32 14.71 -15.91 -48.47
CA LEU C 32 14.33 -16.04 -49.86
C LEU C 32 13.29 -17.13 -50.04
N LEU C 33 13.53 -18.30 -49.44
CA LEU C 33 12.62 -19.44 -49.61
C LEU C 33 11.27 -19.17 -48.94
N ALA C 34 11.26 -18.39 -47.86
CA ALA C 34 10.01 -18.15 -47.13
C ALA C 34 9.21 -16.96 -47.67
N ARG C 35 9.85 -16.02 -48.36
CA ARG C 35 9.15 -14.84 -48.86
C ARG C 35 9.05 -14.80 -50.37
N GLU C 36 10.17 -14.96 -51.09
CA GLU C 36 10.15 -14.84 -52.55
C GLU C 36 9.77 -16.15 -53.21
N LEU C 37 10.51 -17.22 -52.92
CA LEU C 37 10.24 -18.52 -53.53
C LEU C 37 8.99 -19.19 -52.98
N SER C 38 8.41 -18.66 -51.90
CA SER C 38 7.18 -19.22 -51.35
C SER C 38 5.98 -19.03 -52.26
N VAL C 39 6.06 -18.15 -53.26
CA VAL C 39 4.96 -17.96 -54.19
C VAL C 39 4.73 -19.17 -55.08
N PHE C 40 5.70 -20.08 -55.15
CA PHE C 40 5.58 -21.30 -55.94
C PHE C 40 5.33 -22.53 -55.07
N LEU C 41 4.82 -22.32 -53.85
CA LEU C 41 4.50 -23.45 -52.98
C LEU C 41 3.39 -24.30 -53.60
N THR C 42 3.56 -25.62 -53.51
CA THR C 42 2.66 -26.56 -54.14
C THR C 42 1.70 -27.17 -53.14
N GLU C 43 0.49 -27.48 -53.60
CA GLU C 43 -0.41 -28.30 -52.82
C GLU C 43 0.13 -29.73 -52.74
N PRO C 44 -0.11 -30.43 -51.64
CA PRO C 44 0.44 -31.77 -51.49
C PRO C 44 -0.04 -32.72 -52.60
N GLY C 45 0.87 -33.58 -53.04
CA GLY C 45 0.57 -34.54 -54.09
C GLY C 45 0.60 -33.99 -55.49
N SER C 46 1.03 -32.74 -55.67
CA SER C 46 1.07 -32.15 -57.01
C SER C 46 2.22 -32.75 -57.82
N LYS C 47 1.93 -33.09 -59.08
CA LYS C 47 2.96 -33.62 -59.96
C LYS C 47 3.95 -32.55 -60.40
N LYS C 48 3.57 -31.28 -60.35
CA LYS C 48 4.46 -30.20 -60.77
C LYS C 48 5.60 -29.96 -59.78
N THR C 49 5.56 -30.60 -58.61
CA THR C 49 6.61 -30.41 -57.62
C THR C 49 7.96 -30.87 -58.15
N ASN C 50 8.99 -30.05 -57.93
CA ASN C 50 10.36 -30.39 -58.31
C ASN C 50 11.37 -30.22 -57.18
N ILE C 51 11.05 -29.49 -56.12
CA ILE C 51 11.94 -29.30 -54.98
C ILE C 51 11.17 -29.64 -53.70
N ILE C 52 11.75 -30.51 -52.88
CA ILE C 52 11.13 -30.95 -51.64
C ILE C 52 12.01 -30.51 -50.48
N ASN C 53 11.43 -29.75 -49.55
CA ASN C 53 12.12 -29.32 -48.33
C ASN C 53 11.65 -30.21 -47.19
N ARG C 54 12.40 -31.30 -46.96
CA ARG C 54 12.01 -32.25 -45.93
C ARG C 54 12.19 -31.68 -44.53
N ILE C 55 13.13 -30.74 -44.35
CA ILE C 55 13.38 -30.17 -43.03
C ILE C 55 12.15 -29.44 -42.52
N THR C 56 11.55 -28.61 -43.36
CA THR C 56 10.34 -27.88 -43.00
C THR C 56 9.07 -28.58 -43.48
N GLY C 57 9.20 -29.71 -44.17
CA GLY C 57 8.02 -30.41 -44.68
C GLY C 57 7.26 -29.63 -45.73
N LYS C 58 7.96 -29.02 -46.68
CA LYS C 58 7.34 -28.21 -47.72
C LYS C 58 7.85 -28.64 -49.09
N THR C 59 7.04 -28.40 -50.11
CA THR C 59 7.37 -28.74 -51.48
C THR C 59 7.23 -27.50 -52.37
N TYR C 60 8.05 -27.46 -53.42
CA TYR C 60 8.11 -26.29 -54.29
C TYR C 60 8.12 -26.72 -55.76
N ALA C 61 7.66 -25.81 -56.62
CA ALA C 61 7.67 -25.98 -58.07
C ALA C 61 8.35 -24.78 -58.73
N LEU C 62 9.54 -24.45 -58.24
CA LEU C 62 10.24 -23.26 -58.70
C LEU C 62 10.54 -23.37 -60.19
N PRO C 63 10.19 -22.36 -60.99
CA PRO C 63 10.52 -22.39 -62.42
C PRO C 63 12.02 -22.24 -62.66
N SER C 64 12.42 -22.19 -63.94
CA SER C 64 13.83 -22.30 -64.30
C SER C 64 14.67 -21.20 -63.66
N THR C 65 14.25 -19.94 -63.80
CA THR C 65 15.05 -18.83 -63.30
C THR C 65 15.12 -18.84 -61.77
N GLU C 66 13.98 -19.06 -61.11
CA GLU C 66 13.98 -19.14 -59.65
C GLU C 66 14.71 -20.38 -59.15
N LEU C 67 14.65 -21.48 -59.91
CA LEU C 67 15.45 -22.65 -59.55
C LEU C 67 16.94 -22.34 -59.63
N LEU C 68 17.35 -21.58 -60.65
CA LEU C 68 18.75 -21.18 -60.77
C LEU C 68 19.15 -20.25 -59.62
N ARG C 69 18.26 -19.35 -59.22
CA ARG C 69 18.57 -18.48 -58.08
C ARG C 69 18.69 -19.28 -56.79
N PHE C 70 17.82 -20.26 -56.59
CA PHE C 70 17.92 -21.14 -55.44
C PHE C 70 19.23 -21.92 -55.45
N TYR C 71 19.63 -22.40 -56.63
CA TYR C 71 20.91 -23.08 -56.75
C TYR C 71 22.07 -22.13 -56.42
N GLU C 72 21.96 -20.88 -56.87
CA GLU C 72 23.01 -19.89 -56.58
C GLU C 72 23.17 -19.68 -55.08
N HIS C 73 22.06 -19.53 -54.36
CA HIS C 73 22.14 -19.33 -52.92
C HIS C 73 22.60 -20.58 -52.19
N LEU C 74 22.07 -21.74 -52.58
CA LEU C 74 22.44 -22.98 -51.90
C LEU C 74 23.88 -23.37 -52.19
N GLU C 75 24.45 -22.88 -53.30
CA GLU C 75 25.89 -23.07 -53.54
C GLU C 75 26.71 -22.39 -52.45
N GLN C 76 26.38 -21.13 -52.14
CA GLN C 76 27.08 -20.44 -51.05
C GLN C 76 26.83 -21.13 -49.72
N CYS C 77 25.59 -21.56 -49.48
CA CYS C 77 25.27 -22.24 -48.22
C CYS C 77 26.08 -23.52 -48.06
N ARG C 78 26.21 -24.30 -49.14
CA ARG C 78 27.04 -25.50 -49.11
C ARG C 78 28.51 -25.16 -48.96
N LYS C 79 28.96 -24.07 -49.60
CA LYS C 79 30.35 -23.65 -49.48
C LYS C 79 30.70 -23.33 -48.03
N GLN C 80 29.77 -22.72 -47.30
CA GLN C 80 29.98 -22.49 -45.87
C GLN C 80 29.74 -23.74 -45.04
N GLY C 81 29.28 -24.84 -45.64
CA GLY C 81 29.16 -26.10 -44.93
C GLY C 81 27.93 -26.22 -44.05
N ALA C 82 26.90 -25.43 -44.30
CA ALA C 82 25.68 -25.52 -43.50
C ALA C 82 24.96 -26.83 -43.74
N LEU C 83 24.42 -27.41 -42.67
CA LEU C 83 23.69 -28.66 -42.76
C LEU C 83 22.27 -28.39 -43.26
N MET C 84 21.89 -29.06 -44.34
CA MET C 84 20.57 -28.89 -44.93
C MET C 84 20.20 -30.18 -45.65
N TYR C 85 18.90 -30.37 -45.85
CA TYR C 85 18.38 -31.60 -46.47
C TYR C 85 17.35 -31.22 -47.53
N PHE C 86 17.82 -31.11 -48.78
CA PHE C 86 16.98 -30.83 -49.93
C PHE C 86 16.89 -32.04 -50.83
N LEU C 87 15.70 -32.28 -51.37
CA LEU C 87 15.47 -33.39 -52.31
C LEU C 87 14.81 -32.82 -53.56
N GLU C 88 15.41 -33.07 -54.71
CA GLU C 88 14.84 -32.67 -55.98
C GLU C 88 13.98 -33.81 -56.53
N ARG C 89 12.69 -33.53 -56.73
CA ARG C 89 11.78 -34.56 -57.19
C ARG C 89 12.05 -34.91 -58.64
N GLN C 90 12.05 -36.21 -58.93
CA GLN C 90 12.26 -36.69 -60.29
C GLN C 90 10.99 -36.49 -61.11
N GLY C 91 11.14 -35.88 -62.28
CA GLY C 91 10.03 -35.71 -63.20
C GLY C 91 9.76 -36.96 -64.02
N THR C 92 8.77 -36.85 -64.90
CA THR C 92 8.46 -37.95 -65.79
C THR C 92 9.63 -38.24 -66.73
N TYR C 93 10.27 -37.19 -67.24
CA TYR C 93 11.41 -37.31 -68.14
C TYR C 93 12.50 -36.36 -67.66
N SER C 94 13.55 -36.92 -67.06
CA SER C 94 14.63 -36.12 -66.49
C SER C 94 15.91 -36.95 -66.48
N GLY C 95 16.92 -36.47 -65.77
CA GLY C 95 18.21 -37.13 -65.76
C GLY C 95 18.22 -38.39 -64.92
N LEU C 96 19.32 -39.14 -65.06
CA LEU C 96 19.50 -40.42 -64.40
C LEU C 96 20.62 -40.34 -63.38
N MET C 97 20.47 -41.10 -62.29
CA MET C 97 21.48 -41.21 -61.26
C MET C 97 21.69 -42.69 -60.93
N LEU C 98 22.84 -42.98 -60.34
CA LEU C 98 23.20 -44.35 -59.97
C LEU C 98 23.70 -44.35 -58.52
N ASP C 99 22.91 -44.94 -57.62
CA ASP C 99 23.27 -45.06 -56.22
C ASP C 99 23.66 -46.50 -55.94
N TYR C 100 24.89 -46.71 -55.44
CA TYR C 100 25.43 -48.04 -55.17
C TYR C 100 25.51 -48.22 -53.66
N ASP C 101 24.65 -49.10 -53.13
CA ASP C 101 24.69 -49.47 -51.72
C ASP C 101 25.70 -50.60 -51.56
N LEU C 102 26.96 -50.22 -51.39
CA LEU C 102 28.06 -51.19 -51.36
C LEU C 102 28.07 -51.93 -50.03
N LYS C 103 28.04 -53.26 -50.10
CA LYS C 103 28.25 -54.12 -48.94
C LYS C 103 29.56 -54.86 -49.14
N LEU C 104 30.49 -54.71 -48.21
CA LEU C 104 31.86 -55.17 -48.38
C LEU C 104 32.09 -56.47 -47.62
N ASN C 105 33.00 -57.29 -48.16
CA ASN C 105 33.38 -58.52 -47.49
C ASN C 105 34.03 -58.24 -46.13
N THR C 106 34.93 -57.27 -46.09
CA THR C 106 35.61 -56.84 -44.88
C THR C 106 35.52 -55.32 -44.78
N ASN C 107 36.26 -54.76 -43.82
CA ASN C 107 36.26 -53.32 -43.62
C ASN C 107 37.18 -52.56 -44.57
N ALA C 108 37.66 -53.18 -45.66
CA ALA C 108 38.55 -52.51 -46.58
C ALA C 108 37.80 -51.40 -47.32
N ALA C 109 38.39 -50.21 -47.33
CA ALA C 109 37.78 -49.03 -47.96
C ALA C 109 37.93 -49.14 -49.47
N PRO C 110 36.85 -48.94 -50.23
CA PRO C 110 36.95 -48.97 -51.70
C PRO C 110 37.74 -47.77 -52.20
N SER C 111 38.70 -47.99 -53.10
CA SER C 111 39.51 -46.88 -53.60
C SER C 111 38.72 -45.92 -54.48
N LEU C 112 38.03 -46.45 -55.49
CA LEU C 112 37.31 -45.64 -56.48
C LEU C 112 38.21 -44.58 -57.09
N GLU C 113 39.38 -45.03 -57.56
CA GLU C 113 40.36 -44.13 -58.15
C GLU C 113 39.82 -43.56 -59.46
N SER C 114 40.26 -42.37 -59.85
CA SER C 114 39.77 -41.74 -61.09
C SER C 114 39.95 -42.63 -62.31
N SER C 115 41.02 -43.43 -62.40
CA SER C 115 41.02 -44.47 -63.46
C SER C 115 39.87 -45.45 -63.34
N VAL C 116 39.56 -45.90 -62.12
CA VAL C 116 38.42 -46.79 -61.93
C VAL C 116 37.11 -46.08 -62.23
N LEU C 117 37.01 -44.79 -61.87
CA LEU C 117 35.82 -44.02 -62.21
C LEU C 117 35.66 -43.89 -63.72
N SER C 118 36.77 -43.69 -64.44
CA SER C 118 36.72 -43.61 -65.90
C SER C 118 36.29 -44.93 -66.51
N ARG C 119 36.80 -46.05 -65.99
CA ARG C 119 36.37 -47.36 -66.48
C ARG C 119 34.89 -47.58 -66.22
N LEU C 120 34.42 -47.20 -65.03
CA LEU C 120 33.00 -47.34 -64.70
C LEU C 120 32.15 -46.46 -65.61
N CYS C 121 32.61 -45.24 -65.91
CA CYS C 121 31.89 -44.36 -66.82
C CYS C 121 31.83 -44.95 -68.23
N HIS C 122 32.94 -45.55 -68.68
CA HIS C 122 32.95 -46.19 -69.98
C HIS C 122 31.93 -47.32 -70.04
N ARG C 123 31.88 -48.15 -69.00
CA ARG C 123 30.90 -49.24 -68.97
C ARG C 123 29.48 -48.70 -68.89
N ILE C 124 29.28 -47.60 -68.14
CA ILE C 124 27.97 -46.99 -68.03
C ILE C 124 27.50 -46.49 -69.39
N PHE C 125 28.40 -45.86 -70.14
CA PHE C 125 28.03 -45.42 -71.49
C PHE C 125 27.73 -46.61 -72.39
N VAL C 126 28.52 -47.68 -72.27
CA VAL C 126 28.23 -48.90 -73.02
C VAL C 126 26.81 -49.36 -72.75
N HIS C 127 26.42 -49.41 -71.48
CA HIS C 127 25.12 -49.96 -71.12
C HIS C 127 23.99 -49.03 -71.52
N ILE C 128 24.17 -47.71 -71.37
CA ILE C 128 23.11 -46.79 -71.78
C ILE C 128 22.94 -46.80 -73.29
N LYS C 129 24.03 -46.98 -74.04
CA LYS C 129 23.91 -47.10 -75.49
C LYS C 129 23.24 -48.41 -75.89
N ASN C 130 23.55 -49.49 -75.18
CA ASN C 130 22.98 -50.79 -75.52
C ASN C 130 21.49 -50.85 -75.19
N SER C 131 21.08 -50.30 -74.05
CA SER C 131 19.70 -50.40 -73.59
C SER C 131 18.84 -49.21 -73.99
N SER C 132 19.44 -48.08 -74.35
CA SER C 132 18.71 -46.89 -74.74
C SER C 132 19.32 -46.30 -76.00
N VAL C 133 18.48 -45.60 -76.77
CA VAL C 133 18.91 -44.99 -78.03
C VAL C 133 19.27 -43.53 -77.77
N LEU C 134 20.48 -43.15 -78.14
CA LEU C 134 20.92 -41.77 -78.02
C LEU C 134 20.35 -40.92 -79.16
N PRO C 135 20.20 -39.62 -78.95
CA PRO C 135 19.72 -38.75 -80.03
C PRO C 135 20.72 -38.71 -81.18
N GLU C 136 20.18 -38.52 -82.38
CA GLU C 136 21.02 -38.48 -83.58
C GLU C 136 21.94 -37.27 -83.58
N GLY C 137 23.08 -37.42 -84.24
CA GLY C 137 24.06 -36.35 -84.31
C GLY C 137 25.17 -36.50 -83.28
N SER C 138 25.70 -35.37 -82.82
CA SER C 138 26.78 -35.36 -81.84
C SER C 138 26.40 -34.46 -80.68
N HIS C 139 26.50 -35.00 -79.46
CA HIS C 139 26.19 -34.25 -78.25
C HIS C 139 27.22 -34.61 -77.18
N LYS C 140 27.18 -33.86 -76.08
CA LYS C 140 28.11 -34.05 -74.97
C LYS C 140 27.36 -34.49 -73.73
N ILE C 141 27.95 -35.41 -72.98
CA ILE C 141 27.39 -35.93 -71.74
C ILE C 141 28.39 -35.72 -70.62
N HIS C 142 27.90 -35.24 -69.49
CA HIS C 142 28.73 -34.92 -68.33
C HIS C 142 28.52 -35.94 -67.23
N PHE C 143 29.63 -36.37 -66.61
CA PHE C 143 29.60 -37.35 -65.53
C PHE C 143 30.21 -36.74 -64.27
N PHE C 144 29.67 -37.16 -63.12
CA PHE C 144 30.16 -36.69 -61.83
C PHE C 144 30.11 -37.86 -60.84
N PHE C 145 30.97 -37.78 -59.82
CA PHE C 145 31.07 -38.84 -58.82
C PHE C 145 31.11 -38.21 -57.43
N THR C 146 30.21 -38.64 -56.55
CA THR C 146 30.19 -38.24 -55.16
C THR C 146 30.31 -39.48 -54.28
N LEU C 147 31.12 -39.38 -53.23
CA LEU C 147 31.46 -40.52 -52.40
C LEU C 147 31.09 -40.27 -50.94
N LYS C 148 30.88 -41.36 -50.22
CA LYS C 148 30.63 -41.28 -48.79
C LYS C 148 31.89 -40.83 -48.05
N PRO C 149 31.73 -40.13 -46.91
CA PRO C 149 32.93 -39.68 -46.18
C PRO C 149 33.67 -40.80 -45.48
N GLU C 150 32.99 -41.87 -45.09
CA GLU C 150 33.64 -42.95 -44.34
C GLU C 150 32.85 -44.23 -44.51
N ALA C 151 33.49 -45.34 -44.13
CA ALA C 151 32.86 -46.66 -44.17
C ALA C 151 32.23 -46.94 -42.81
N VAL C 152 30.96 -47.35 -42.82
CA VAL C 152 30.23 -47.64 -41.59
C VAL C 152 29.72 -49.08 -41.67
N GLN C 153 30.05 -49.87 -40.66
CA GLN C 153 29.60 -51.26 -40.54
C GLN C 153 29.98 -52.10 -41.75
N GLY C 154 31.16 -51.83 -42.33
CA GLY C 154 31.58 -52.54 -43.52
C GLY C 154 30.77 -52.23 -44.75
N LYS C 155 30.11 -51.08 -44.80
CA LYS C 155 29.28 -50.69 -45.93
C LYS C 155 29.71 -49.31 -46.42
N TYR C 156 29.52 -49.09 -47.72
CA TYR C 156 29.90 -47.83 -48.36
C TYR C 156 28.83 -47.44 -49.36
N GLY C 157 28.90 -46.19 -49.81
CA GLY C 157 27.99 -45.70 -50.83
C GLY C 157 28.63 -44.62 -51.65
N PHE C 158 28.25 -44.55 -52.92
CA PHE C 158 28.73 -43.49 -53.80
C PHE C 158 27.75 -43.36 -54.97
N HIS C 159 27.54 -42.11 -55.39
CA HIS C 159 26.55 -41.79 -56.42
C HIS C 159 27.25 -41.48 -57.74
N VAL C 160 26.77 -42.11 -58.81
CA VAL C 160 27.17 -41.76 -60.17
C VAL C 160 25.97 -41.05 -60.80
N LEU C 161 26.05 -39.73 -60.87
CA LEU C 161 24.93 -38.90 -61.30
C LEU C 161 25.26 -38.24 -62.63
N ILE C 162 24.30 -38.28 -63.55
CA ILE C 162 24.48 -37.72 -64.89
C ILE C 162 23.31 -36.78 -65.19
N PRO C 163 23.43 -35.50 -64.88
CA PRO C 163 22.30 -34.57 -65.12
C PRO C 163 21.92 -34.43 -66.58
N GLY C 164 22.88 -34.51 -67.51
CA GLY C 164 22.60 -34.23 -68.90
C GLY C 164 21.81 -35.31 -69.62
N LEU C 165 21.87 -36.55 -69.13
CA LEU C 165 21.24 -37.68 -69.81
C LEU C 165 19.78 -37.77 -69.37
N LYS C 166 18.92 -37.03 -70.07
CA LYS C 166 17.49 -37.06 -69.76
C LYS C 166 16.88 -38.37 -70.22
N MET C 167 16.08 -38.99 -69.36
CA MET C 167 15.54 -40.31 -69.64
C MET C 167 14.17 -40.45 -68.99
N ALA C 168 13.44 -41.48 -69.40
CA ALA C 168 12.16 -41.84 -68.81
C ALA C 168 12.37 -42.88 -67.72
N ALA C 169 11.36 -43.04 -66.86
CA ALA C 169 11.47 -43.92 -65.71
C ALA C 169 11.71 -45.37 -66.15
N SER C 170 10.95 -45.84 -67.15
CA SER C 170 11.14 -47.20 -67.63
C SER C 170 12.51 -47.38 -68.25
N THR C 171 12.96 -46.39 -69.03
CA THR C 171 14.29 -46.47 -69.62
C THR C 171 15.38 -46.46 -68.55
N LYS C 172 15.20 -45.66 -67.49
CA LYS C 172 16.14 -45.66 -66.39
C LYS C 172 16.18 -47.02 -65.71
N LYS C 173 15.01 -47.64 -65.51
CA LYS C 173 14.97 -48.96 -64.90
C LYS C 173 15.67 -50.00 -65.78
N SER C 174 15.46 -49.92 -67.09
CA SER C 174 16.13 -50.83 -68.01
C SER C 174 17.65 -50.64 -67.95
N ILE C 175 18.11 -49.39 -67.89
CA ILE C 175 19.54 -49.12 -67.80
C ILE C 175 20.10 -49.66 -66.50
N ILE C 176 19.36 -49.49 -65.40
CA ILE C 176 19.81 -50.00 -64.11
C ILE C 176 19.91 -51.52 -64.14
N ALA C 177 18.92 -52.18 -64.75
CA ALA C 177 18.98 -53.63 -64.87
C ALA C 177 20.15 -54.11 -65.71
N SER C 178 20.40 -53.41 -66.83
CA SER C 178 21.54 -53.77 -67.67
C SER C 178 22.85 -53.59 -66.93
N LEU C 179 22.99 -52.52 -66.16
CA LEU C 179 24.19 -52.32 -65.36
C LEU C 179 24.33 -53.41 -64.29
N GLN C 180 23.22 -53.78 -63.64
CA GLN C 180 23.26 -54.78 -62.59
C GLN C 180 23.66 -56.15 -63.14
N HIS C 181 23.14 -56.52 -64.31
CA HIS C 181 23.38 -57.84 -64.88
C HIS C 181 24.69 -57.93 -65.65
N ASP C 182 25.46 -56.86 -65.73
CA ASP C 182 26.72 -56.88 -66.46
C ASP C 182 27.79 -57.63 -65.69
N ALA C 183 28.58 -58.43 -66.41
CA ALA C 183 29.70 -59.14 -65.78
C ALA C 183 30.88 -58.21 -65.50
N THR C 184 31.11 -57.24 -66.39
CA THR C 184 32.26 -56.34 -66.22
C THR C 184 32.08 -55.45 -64.99
N VAL C 185 30.88 -54.89 -64.81
CA VAL C 185 30.61 -54.07 -63.63
C VAL C 185 30.75 -54.91 -62.36
N GLN C 186 30.25 -56.15 -62.41
CA GLN C 186 30.37 -57.04 -61.26
C GLN C 186 31.84 -57.31 -60.92
N LYS C 187 32.66 -57.56 -61.94
CA LYS C 187 34.08 -57.80 -61.70
C LYS C 187 34.77 -56.56 -61.14
N ILE C 188 34.45 -55.39 -61.68
CA ILE C 188 35.07 -54.15 -61.21
C ILE C 188 34.71 -53.91 -59.74
N LEU C 189 33.44 -54.12 -59.39
CA LEU C 189 33.03 -53.89 -58.00
C LEU C 189 33.54 -54.98 -57.07
N HIS C 190 33.74 -56.20 -57.58
CA HIS C 190 34.21 -57.30 -56.75
C HIS C 190 35.71 -57.18 -56.46
N GLU C 191 36.48 -56.65 -57.42
CA GLU C 191 37.92 -56.54 -57.22
C GLU C 191 38.26 -55.63 -56.04
N GLN C 192 37.39 -54.68 -55.72
CA GLN C 192 37.60 -53.79 -54.58
C GLN C 192 36.78 -54.17 -53.36
N GLY C 193 36.15 -55.35 -53.35
CA GLY C 193 35.66 -55.96 -52.13
C GLY C 193 34.18 -55.92 -51.86
N VAL C 194 33.34 -55.60 -52.84
CA VAL C 194 31.89 -55.59 -52.60
C VAL C 194 31.36 -57.01 -52.67
N ALA C 195 30.63 -57.41 -51.62
CA ALA C 195 30.06 -58.75 -51.56
C ALA C 195 28.91 -58.95 -52.54
N ASN C 196 28.24 -57.87 -52.95
CA ASN C 196 27.09 -57.94 -53.85
C ASN C 196 27.29 -56.95 -55.00
N PRO C 197 28.24 -57.22 -55.89
CA PRO C 197 28.47 -56.31 -57.02
C PRO C 197 27.32 -56.23 -58.00
N GLU C 198 26.44 -57.24 -58.04
CA GLU C 198 25.33 -57.26 -58.99
C GLU C 198 24.05 -56.66 -58.43
N SER C 199 24.01 -56.33 -57.14
CA SER C 199 22.80 -55.79 -56.53
C SER C 199 23.06 -54.56 -55.67
N CYS C 200 24.31 -54.08 -55.58
CA CYS C 200 24.58 -52.89 -54.79
C CYS C 200 23.89 -51.67 -55.37
N LEU C 201 23.85 -51.57 -56.69
CA LEU C 201 23.18 -50.46 -57.36
C LEU C 201 21.69 -50.44 -56.99
N ASP C 202 21.18 -49.28 -56.61
CA ASP C 202 19.81 -49.17 -56.13
C ASP C 202 18.86 -49.03 -57.31
N PRO C 203 17.94 -49.97 -57.53
CA PRO C 203 16.92 -49.78 -58.58
C PRO C 203 15.91 -48.69 -58.25
N HIS C 204 15.79 -48.30 -56.98
CA HIS C 204 14.83 -47.26 -56.60
C HIS C 204 15.24 -45.88 -57.11
N SER C 205 16.50 -45.71 -57.52
CA SER C 205 16.96 -44.40 -57.97
C SER C 205 16.15 -43.90 -59.16
N ALA C 206 15.64 -44.80 -60.00
CA ALA C 206 14.89 -44.41 -61.19
C ALA C 206 13.55 -43.76 -60.85
N SER C 207 13.10 -43.83 -59.60
CA SER C 207 11.79 -43.29 -59.24
C SER C 207 11.78 -42.43 -57.98
N VAL C 208 12.87 -42.34 -57.23
CA VAL C 208 12.88 -41.58 -55.99
C VAL C 208 13.63 -40.27 -56.19
N PRO C 209 13.31 -39.21 -55.45
CA PRO C 209 14.03 -37.95 -55.59
C PRO C 209 15.50 -38.10 -55.20
N SER C 210 16.34 -37.29 -55.85
CA SER C 210 17.78 -37.33 -55.64
C SER C 210 18.23 -36.21 -54.72
N LEU C 211 19.38 -36.41 -54.09
CA LEU C 211 19.92 -35.42 -53.17
C LEU C 211 20.64 -34.31 -53.93
N LEU C 212 20.32 -33.06 -53.61
CA LEU C 212 21.11 -31.94 -54.07
C LEU C 212 22.49 -32.00 -53.41
N TYR C 213 23.52 -31.61 -54.16
CA TYR C 213 24.87 -31.67 -53.61
C TYR C 213 25.00 -30.75 -52.41
N GLY C 214 25.60 -31.28 -51.34
CA GLY C 214 25.70 -30.59 -50.07
C GLY C 214 24.64 -30.99 -49.07
N SER C 215 23.54 -31.61 -49.51
CA SER C 215 22.52 -32.08 -48.61
C SER C 215 22.91 -33.41 -47.98
N SER C 216 22.28 -33.71 -46.85
CA SER C 216 22.58 -34.95 -46.13
C SER C 216 21.38 -35.33 -45.28
N LYS C 217 21.27 -36.64 -45.02
CA LYS C 217 20.24 -37.12 -44.11
C LYS C 217 20.49 -36.58 -42.71
N LEU C 218 19.40 -36.39 -41.96
CA LEU C 218 19.52 -35.90 -40.60
C LEU C 218 20.37 -36.86 -39.76
N ASN C 219 21.31 -36.29 -39.01
CA ASN C 219 22.32 -37.01 -38.24
C ASN C 219 23.32 -37.76 -39.12
N HIS C 220 23.45 -37.39 -40.39
CA HIS C 220 24.42 -37.99 -41.29
C HIS C 220 25.17 -36.90 -42.04
N ARG C 221 26.43 -37.21 -42.41
CA ARG C 221 27.27 -36.25 -43.11
C ARG C 221 27.00 -36.30 -44.62
N PRO C 222 27.20 -35.18 -45.32
CA PRO C 222 26.96 -35.16 -46.76
C PRO C 222 28.05 -35.87 -47.54
N TYR C 223 27.70 -36.23 -48.77
CA TYR C 223 28.65 -36.86 -49.68
C TYR C 223 29.56 -35.80 -50.31
N GLN C 224 30.76 -36.22 -50.66
CA GLN C 224 31.77 -35.32 -51.20
C GLN C 224 32.01 -35.62 -52.68
N LEU C 225 31.94 -34.57 -53.50
CA LEU C 225 32.22 -34.73 -54.93
C LEU C 225 33.70 -34.97 -55.14
N LYS C 226 34.03 -35.98 -55.95
CA LYS C 226 35.42 -36.33 -56.21
C LYS C 226 35.95 -35.64 -57.47
N THR C 227 35.32 -35.90 -58.61
CA THR C 227 35.75 -35.32 -59.87
C THR C 227 34.60 -35.40 -60.87
N GLY C 228 34.77 -34.67 -61.98
CA GLY C 228 33.77 -34.68 -63.03
C GLY C 228 34.40 -35.04 -64.36
N PHE C 229 33.56 -35.57 -65.25
CA PHE C 229 33.98 -35.98 -66.57
C PHE C 229 33.03 -35.42 -67.63
N GLU C 230 33.59 -35.11 -68.79
CA GLU C 230 32.81 -34.71 -69.96
C GLU C 230 33.03 -35.74 -71.06
N LEU C 231 31.95 -36.22 -71.64
CA LEU C 231 32.00 -37.27 -72.65
C LEU C 231 31.28 -36.80 -73.89
N VAL C 232 31.88 -37.06 -75.06
CA VAL C 232 31.32 -36.67 -76.35
C VAL C 232 31.09 -37.92 -77.17
N PHE C 233 29.90 -38.04 -77.75
CA PHE C 233 29.55 -39.15 -78.62
C PHE C 233 29.11 -38.63 -79.98
N ASP C 234 29.36 -39.42 -81.01
CA ASP C 234 29.06 -39.04 -82.38
C ASP C 234 28.29 -40.17 -83.07
N SER C 235 27.42 -39.79 -84.00
CA SER C 235 26.64 -40.77 -84.74
C SER C 235 27.50 -41.63 -85.66
N SER C 236 28.72 -41.19 -85.96
CA SER C 236 29.61 -41.98 -86.81
C SER C 236 29.96 -43.30 -86.15
N ASP C 237 30.23 -43.28 -84.84
CA ASP C 237 30.56 -44.50 -84.10
C ASP C 237 30.00 -44.37 -82.69
N PRO C 238 28.79 -44.86 -82.45
CA PRO C 238 28.20 -44.80 -81.10
C PRO C 238 28.95 -45.65 -80.09
N ASP C 239 29.78 -46.59 -80.52
CA ASP C 239 30.54 -47.44 -79.62
C ASP C 239 31.86 -46.81 -79.18
N TYR C 240 32.22 -45.66 -79.75
CA TYR C 240 33.44 -44.96 -79.36
C TYR C 240 33.16 -44.10 -78.14
N ILE C 241 33.99 -44.24 -77.11
CA ILE C 241 33.76 -43.59 -75.83
C ILE C 241 34.99 -42.78 -75.41
N PRO C 242 35.15 -41.56 -75.90
CA PRO C 242 36.23 -40.70 -75.39
C PRO C 242 35.80 -40.04 -74.08
N ILE C 243 36.61 -40.21 -73.04
CA ILE C 243 36.31 -39.69 -71.71
C ILE C 243 37.33 -38.62 -71.37
N HIS C 244 36.84 -37.43 -71.04
CA HIS C 244 37.69 -36.29 -70.70
C HIS C 244 37.28 -35.75 -69.33
N GLN C 245 38.25 -35.56 -68.46
CA GLN C 245 37.99 -35.06 -67.11
C GLN C 245 37.77 -33.55 -67.14
N ILE C 246 36.79 -33.09 -66.36
CA ILE C 246 36.46 -31.67 -66.33
C ILE C 246 37.56 -30.91 -65.58
N LYS C 247 38.07 -29.86 -66.19
CA LYS C 247 39.11 -29.03 -65.58
C LYS C 247 38.47 -27.86 -64.84
N ASN C 248 38.98 -27.58 -63.64
CA ASN C 248 38.50 -26.48 -62.81
C ASN C 248 37.00 -26.57 -62.57
N ILE C 249 36.54 -27.77 -62.20
CA ILE C 249 35.13 -27.99 -61.94
C ILE C 249 34.67 -27.18 -60.73
N GLU C 250 35.58 -26.93 -59.78
CA GLU C 250 35.22 -26.20 -58.57
C GLU C 250 34.86 -24.74 -58.85
N SER C 251 35.29 -24.20 -59.99
CA SER C 251 35.02 -22.79 -60.28
C SER C 251 33.56 -22.53 -60.63
N TYR C 252 32.82 -23.55 -61.03
CA TYR C 252 31.43 -23.38 -61.43
C TYR C 252 30.51 -23.67 -60.24
N ASN C 253 29.23 -23.34 -60.42
CA ASN C 253 28.22 -23.62 -59.41
C ASN C 253 28.01 -25.13 -59.35
N LEU C 254 28.56 -25.76 -58.30
CA LEU C 254 28.48 -27.21 -58.18
C LEU C 254 27.03 -27.69 -58.05
N VAL C 255 26.22 -26.93 -57.30
CA VAL C 255 24.83 -27.34 -57.06
C VAL C 255 24.05 -27.33 -58.37
N SER C 256 24.19 -26.26 -59.16
CA SER C 256 23.46 -26.16 -60.42
C SER C 256 23.92 -27.22 -61.42
N GLU C 257 25.23 -27.43 -61.54
CA GLU C 257 25.73 -28.40 -62.50
C GLU C 257 25.38 -29.84 -62.09
N LEU C 258 25.43 -30.14 -60.80
CA LEU C 258 25.10 -31.47 -60.31
C LEU C 258 23.60 -31.70 -60.16
N SER C 259 22.80 -30.65 -60.33
CA SER C 259 21.35 -30.80 -60.24
C SER C 259 20.85 -31.61 -61.43
N LEU C 260 20.31 -32.79 -61.16
CA LEU C 260 19.92 -33.71 -62.23
C LEU C 260 18.67 -33.22 -62.95
N THR C 261 17.83 -32.44 -62.28
CA THR C 261 16.65 -31.87 -62.90
C THR C 261 16.89 -30.49 -63.50
N ASN C 262 18.11 -29.98 -63.41
CA ASN C 262 18.42 -28.66 -63.95
C ASN C 262 18.37 -28.68 -65.47
N GLU C 263 17.67 -27.71 -66.06
CA GLU C 263 17.55 -27.60 -67.50
C GLU C 263 18.32 -26.43 -68.08
N GLN C 264 18.85 -25.54 -67.24
CA GLN C 264 19.55 -24.34 -67.69
C GLN C 264 20.89 -24.22 -66.96
N GLY C 265 21.63 -25.33 -66.90
CA GLY C 265 22.95 -25.29 -66.30
C GLY C 265 23.94 -24.49 -67.11
N SER C 266 24.95 -23.98 -66.41
CA SER C 266 26.00 -23.20 -67.09
C SER C 266 26.76 -24.04 -68.09
N LEU C 267 27.10 -25.28 -67.72
CA LEU C 267 27.80 -26.19 -68.60
C LEU C 267 27.03 -27.46 -68.93
N VAL C 268 26.07 -27.86 -68.10
CA VAL C 268 25.29 -29.06 -68.34
C VAL C 268 24.18 -28.75 -69.34
N ARG C 269 24.08 -29.55 -70.39
CA ARG C 269 23.06 -29.40 -71.41
C ARG C 269 22.28 -30.69 -71.55
N PRO C 270 20.97 -30.59 -71.81
CA PRO C 270 20.15 -31.80 -71.87
C PRO C 270 20.49 -32.68 -73.07
N VAL C 271 20.30 -33.98 -72.89
CA VAL C 271 20.43 -34.97 -73.95
C VAL C 271 19.11 -35.71 -74.04
N TYR C 272 18.44 -35.61 -75.18
CA TYR C 272 17.10 -36.14 -75.35
C TYR C 272 17.19 -37.60 -75.79
N CYS C 273 17.04 -38.52 -74.84
CA CYS C 273 17.03 -39.93 -75.13
C CYS C 273 15.58 -40.40 -75.34
N ALA C 274 15.38 -41.71 -75.39
CA ALA C 274 14.04 -42.26 -75.60
C ALA C 274 13.15 -41.98 -74.39
N ALA C 275 11.85 -41.89 -74.65
CA ALA C 275 10.85 -41.66 -73.62
C ALA C 275 9.78 -42.73 -73.68
N ASP C 276 9.16 -43.00 -72.53
CA ASP C 276 8.15 -44.03 -72.41
C ASP C 276 6.85 -43.45 -71.86
N ALA C 287 -1.73 -37.52 -48.05
CA ALA C 287 -1.25 -36.97 -46.79
C ALA C 287 -1.84 -37.66 -45.56
N ASP C 288 -2.81 -38.57 -45.74
CA ASP C 288 -3.38 -39.27 -44.59
C ASP C 288 -2.29 -40.05 -43.84
N ASP C 289 -1.33 -40.62 -44.58
CA ASP C 289 -0.18 -41.25 -43.93
C ASP C 289 0.73 -40.20 -43.28
N HIS C 290 0.75 -38.99 -43.81
CA HIS C 290 1.59 -37.91 -43.30
C HIS C 290 0.92 -37.07 -42.22
N SER C 291 -0.30 -37.44 -41.81
CA SER C 291 -1.02 -36.64 -40.81
C SER C 291 -0.26 -36.62 -39.48
N LEU C 292 0.29 -37.76 -39.07
CA LEU C 292 1.04 -37.81 -37.82
C LEU C 292 2.29 -36.94 -37.89
N SER C 293 2.99 -36.96 -39.02
CA SER C 293 4.16 -36.10 -39.19
C SER C 293 3.79 -34.63 -39.18
N ILE C 294 2.65 -34.29 -39.81
CA ILE C 294 2.18 -32.90 -39.79
C ILE C 294 1.87 -32.47 -38.37
N LEU C 295 1.21 -33.34 -37.59
CA LEU C 295 0.90 -33.02 -36.21
C LEU C 295 2.16 -32.84 -35.38
N MET C 296 3.17 -33.70 -35.61
CA MET C 296 4.44 -33.55 -34.90
C MET C 296 5.11 -32.23 -35.25
N LEU C 297 5.10 -31.87 -36.54
CA LEU C 297 5.75 -30.64 -36.96
C LEU C 297 5.07 -29.42 -36.38
N HIS C 298 3.73 -29.39 -36.38
CA HIS C 298 3.02 -28.21 -35.90
C HIS C 298 2.85 -28.18 -34.38
N ASP C 299 2.90 -29.32 -33.71
CA ASP C 299 2.69 -29.38 -32.26
C ASP C 299 3.87 -30.04 -31.58
N PRO C 300 4.72 -29.29 -30.86
CA PRO C 300 5.82 -29.92 -30.12
C PRO C 300 5.35 -30.89 -29.05
N GLU C 301 4.17 -30.65 -28.46
CA GLU C 301 3.66 -31.55 -27.43
C GLU C 301 3.42 -32.95 -27.98
N ALA C 302 2.86 -33.04 -29.18
CA ALA C 302 2.66 -34.35 -29.81
C ALA C 302 4.01 -35.01 -30.12
N ARG C 303 4.99 -34.21 -30.54
CA ARG C 303 6.31 -34.75 -30.82
C ARG C 303 6.94 -35.36 -29.57
N TYR C 304 6.80 -34.68 -28.42
CA TYR C 304 7.32 -35.22 -27.17
C TYR C 304 6.53 -36.45 -26.73
N LEU C 305 5.20 -36.42 -26.88
CA LEU C 305 4.38 -37.54 -26.45
C LEU C 305 4.65 -38.78 -27.27
N HIS C 306 4.99 -38.62 -28.55
CA HIS C 306 5.33 -39.78 -29.37
C HIS C 306 6.55 -40.51 -28.80
N LYS C 307 7.56 -39.76 -28.40
CA LYS C 307 8.71 -40.38 -27.73
C LYS C 307 8.30 -40.97 -26.39
N ILE C 308 7.44 -40.27 -25.65
CA ILE C 308 7.00 -40.77 -24.34
C ILE C 308 6.20 -42.05 -24.48
N LEU C 309 5.29 -42.10 -25.46
CA LEU C 309 4.42 -43.27 -25.61
C LEU C 309 5.20 -44.53 -25.94
N ASN C 310 6.36 -44.38 -26.60
CA ASN C 310 7.16 -45.55 -26.95
C ASN C 310 7.74 -46.25 -25.72
N LEU C 311 7.81 -45.57 -24.58
CA LEU C 311 8.35 -46.15 -23.38
C LEU C 311 7.36 -47.06 -22.64
N LEU C 312 6.08 -47.00 -23.00
CA LEU C 312 5.09 -47.84 -22.34
C LEU C 312 5.33 -49.31 -22.69
N PRO C 313 5.15 -50.21 -21.73
CA PRO C 313 5.33 -51.64 -22.01
C PRO C 313 4.25 -52.15 -22.94
N PRO C 314 4.44 -53.34 -23.54
CA PRO C 314 3.46 -53.83 -24.52
C PRO C 314 2.06 -54.05 -23.96
N GLU C 315 1.92 -54.17 -22.63
CA GLU C 315 0.60 -54.43 -22.06
C GLU C 315 -0.37 -53.29 -22.32
N TYR C 316 0.14 -52.07 -22.55
CA TYR C 316 -0.74 -50.91 -22.69
C TYR C 316 -1.43 -50.84 -24.04
N TYR C 317 -1.05 -51.68 -25.01
CA TYR C 317 -1.81 -51.79 -26.25
C TYR C 317 -2.29 -53.19 -26.55
N VAL C 318 -1.93 -54.18 -25.72
CA VAL C 318 -2.46 -55.53 -25.87
C VAL C 318 -3.73 -55.72 -25.05
N GLU C 319 -3.74 -55.24 -23.81
CA GLU C 319 -4.90 -55.36 -22.94
C GLU C 319 -5.89 -54.23 -23.23
N TYR C 320 -7.17 -54.59 -23.27
CA TYR C 320 -8.20 -53.59 -23.59
C TYR C 320 -8.30 -52.48 -22.56
N PRO C 321 -8.33 -52.73 -21.25
CA PRO C 321 -8.50 -51.60 -20.30
C PRO C 321 -7.39 -50.56 -20.38
N LEU C 322 -6.14 -50.99 -20.45
CA LEU C 322 -5.04 -50.04 -20.52
C LEU C 322 -5.08 -49.24 -21.82
N TRP C 323 -5.36 -49.91 -22.94
CA TRP C 323 -5.45 -49.22 -24.21
C TRP C 323 -6.59 -48.20 -24.21
N SER C 324 -7.73 -48.57 -23.64
CA SER C 324 -8.86 -47.63 -23.54
C SER C 324 -8.50 -46.45 -22.67
N ASN C 325 -7.78 -46.69 -21.56
CA ASN C 325 -7.36 -45.58 -20.70
C ASN C 325 -6.41 -44.64 -21.45
N VAL C 326 -5.47 -45.20 -22.21
CA VAL C 326 -4.55 -44.37 -22.97
C VAL C 326 -5.28 -43.55 -24.02
N VAL C 327 -6.24 -44.17 -24.72
CA VAL C 327 -7.01 -43.45 -25.72
C VAL C 327 -7.82 -42.33 -25.08
N PHE C 328 -8.43 -42.62 -23.92
CA PHE C 328 -9.21 -41.60 -23.23
C PHE C 328 -8.33 -40.44 -22.78
N ALA C 329 -7.14 -40.72 -22.26
CA ALA C 329 -6.23 -39.65 -21.85
C ALA C 329 -5.80 -38.80 -23.03
N LEU C 330 -5.47 -39.45 -24.15
CA LEU C 330 -5.07 -38.70 -25.34
C LEU C 330 -6.21 -37.83 -25.85
N ALA C 331 -7.43 -38.36 -25.85
CA ALA C 331 -8.58 -37.59 -26.30
C ALA C 331 -8.85 -36.40 -25.37
N ASN C 332 -8.74 -36.61 -24.06
CA ASN C 332 -8.97 -35.52 -23.13
C ASN C 332 -7.89 -34.46 -23.22
N THR C 333 -6.65 -34.84 -23.54
CA THR C 333 -5.59 -33.84 -23.69
C THR C 333 -5.90 -32.88 -24.83
N SER C 334 -6.30 -33.42 -25.98
CA SER C 334 -6.65 -32.59 -27.13
C SER C 334 -7.45 -33.43 -28.11
N ALA C 335 -8.40 -32.79 -28.80
CA ALA C 335 -9.27 -33.50 -29.72
C ALA C 335 -8.56 -33.88 -31.01
N ASN C 336 -7.48 -33.19 -31.35
CA ASN C 336 -6.78 -33.41 -32.62
C ASN C 336 -5.64 -34.42 -32.51
N TYR C 337 -5.48 -35.06 -31.36
CA TYR C 337 -4.44 -36.07 -31.17
C TYR C 337 -4.86 -37.45 -31.66
N ARG C 338 -5.89 -37.53 -32.51
CA ARG C 338 -6.32 -38.81 -33.05
C ARG C 338 -5.22 -39.56 -33.80
N PRO C 339 -4.36 -38.92 -34.62
CA PRO C 339 -3.27 -39.68 -35.23
C PRO C 339 -2.37 -40.38 -34.23
N LEU C 340 -2.09 -39.74 -33.09
CA LEU C 340 -1.30 -40.41 -32.06
C LEU C 340 -2.03 -41.64 -31.53
N ALA C 341 -3.35 -41.53 -31.32
CA ALA C 341 -4.12 -42.66 -30.83
C ALA C 341 -4.10 -43.81 -31.82
N GLU C 342 -4.25 -43.51 -33.12
CA GLU C 342 -4.26 -44.58 -34.10
C GLU C 342 -2.87 -45.18 -34.28
N TRP C 343 -1.83 -44.37 -34.14
CA TRP C 343 -0.47 -44.91 -34.19
C TRP C 343 -0.21 -45.85 -33.01
N PHE C 344 -0.65 -45.46 -31.82
CA PHE C 344 -0.48 -46.32 -30.65
C PHE C 344 -1.30 -47.60 -30.78
N SER C 345 -2.51 -47.49 -31.33
CA SER C 345 -3.35 -48.67 -31.52
C SER C 345 -2.76 -49.62 -32.54
N GLN C 346 -1.97 -49.10 -33.48
CA GLN C 346 -1.35 -49.93 -34.51
C GLN C 346 -0.10 -50.65 -34.01
N LYS C 347 0.31 -50.41 -32.75
CA LYS C 347 1.45 -51.14 -32.21
C LYS C 347 1.21 -52.64 -32.18
N CYS C 348 -0.05 -53.06 -32.04
CA CYS C 348 -0.42 -54.46 -32.07
C CYS C 348 -1.23 -54.72 -33.34
N PRO C 349 -0.62 -55.29 -34.39
CA PRO C 349 -1.35 -55.39 -35.67
C PRO C 349 -2.58 -56.28 -35.62
N GLU C 350 -2.56 -57.35 -34.83
CA GLU C 350 -3.70 -58.26 -34.81
C GLU C 350 -4.92 -57.63 -34.15
N LYS C 351 -4.72 -56.97 -33.01
CA LYS C 351 -5.83 -56.29 -32.36
C LYS C 351 -6.34 -55.13 -33.19
N TRP C 352 -5.46 -54.46 -33.95
CA TRP C 352 -5.89 -53.41 -34.85
C TRP C 352 -6.76 -53.96 -35.96
N ASN C 353 -6.30 -55.04 -36.61
CA ASN C 353 -7.04 -55.62 -37.72
C ASN C 353 -8.35 -56.25 -37.28
N THR C 354 -8.42 -56.71 -36.03
CA THR C 354 -9.66 -57.31 -35.53
C THR C 354 -10.60 -56.23 -34.98
N GLY C 355 -11.01 -55.34 -35.89
CA GLY C 355 -12.00 -54.33 -35.57
C GLY C 355 -11.51 -53.19 -34.70
N GLY C 356 -10.19 -52.99 -34.59
CA GLY C 356 -9.68 -51.91 -33.77
C GLY C 356 -10.09 -50.53 -34.26
N LYS C 357 -10.23 -50.37 -35.58
CA LYS C 357 -10.67 -49.10 -36.13
C LYS C 357 -12.04 -48.70 -35.60
N GLU C 358 -12.98 -49.64 -35.59
CA GLU C 358 -14.31 -49.35 -35.06
C GLU C 358 -14.24 -49.06 -33.56
N LYS C 359 -13.47 -49.85 -32.82
CA LYS C 359 -13.36 -49.62 -31.38
C LYS C 359 -12.71 -48.28 -31.09
N LEU C 360 -11.65 -47.93 -31.81
CA LEU C 360 -10.99 -46.65 -31.61
C LEU C 360 -11.93 -45.50 -31.97
N GLU C 361 -12.68 -45.63 -33.05
CA GLU C 361 -13.63 -44.58 -33.44
C GLU C 361 -14.70 -44.39 -32.38
N LYS C 362 -15.26 -45.50 -31.88
CA LYS C 362 -16.28 -45.40 -30.84
C LYS C 362 -15.72 -44.77 -29.56
N LEU C 363 -14.51 -45.16 -29.16
CA LEU C 363 -13.92 -44.59 -27.96
C LEU C 363 -13.65 -43.10 -28.13
N TRP C 364 -13.14 -42.70 -29.31
CA TRP C 364 -12.88 -41.29 -29.54
C TRP C 364 -14.17 -40.47 -29.55
N ASN C 365 -15.23 -41.01 -30.14
CA ASN C 365 -16.51 -40.31 -30.12
C ASN C 365 -17.08 -40.21 -28.72
N ASP C 366 -16.97 -41.29 -27.92
CA ASP C 366 -17.52 -41.30 -26.58
C ASP C 366 -16.71 -40.47 -25.59
N ALA C 367 -15.42 -40.23 -25.89
CA ALA C 367 -14.60 -39.42 -24.99
C ALA C 367 -15.13 -37.99 -24.88
N SER C 368 -15.61 -37.42 -25.97
CA SER C 368 -16.22 -36.10 -25.94
C SER C 368 -17.63 -36.11 -25.36
N ARG C 369 -18.22 -37.29 -25.15
CA ARG C 369 -19.54 -37.42 -24.57
C ARG C 369 -19.50 -37.79 -23.09
N HIS C 370 -18.65 -38.75 -22.73
CA HIS C 370 -18.57 -39.20 -21.34
C HIS C 370 -17.89 -38.14 -20.48
N THR C 371 -18.32 -38.08 -19.21
CA THR C 371 -17.77 -37.13 -18.25
C THR C 371 -17.24 -37.83 -17.00
N GLU C 372 -16.84 -39.10 -17.13
CA GLU C 372 -16.33 -39.87 -15.99
C GLU C 372 -14.84 -40.14 -16.06
N LYS C 373 -14.29 -40.34 -17.25
CA LYS C 373 -12.87 -40.65 -17.41
C LYS C 373 -12.05 -39.36 -17.46
N LYS C 374 -11.95 -38.72 -16.30
CA LYS C 374 -11.22 -37.45 -16.16
C LYS C 374 -9.73 -37.74 -15.95
N ILE C 375 -9.09 -38.22 -17.02
CA ILE C 375 -7.67 -38.49 -17.04
C ILE C 375 -7.07 -37.81 -18.26
N THR C 376 -5.82 -37.38 -18.13
CA THR C 376 -5.15 -36.60 -19.16
C THR C 376 -3.73 -37.12 -19.31
N LYS C 377 -2.89 -36.34 -19.99
CA LYS C 377 -1.50 -36.74 -20.25
C LYS C 377 -0.69 -36.91 -18.98
N ARG C 378 -1.16 -36.38 -17.85
CA ARG C 378 -0.44 -36.55 -16.59
C ARG C 378 -0.31 -38.02 -16.24
N SER C 379 -1.38 -38.79 -16.41
CA SER C 379 -1.32 -40.21 -16.13
C SER C 379 -0.36 -40.93 -17.08
N ILE C 380 -0.36 -40.53 -18.36
CA ILE C 380 0.55 -41.14 -19.33
C ILE C 380 2.00 -40.90 -18.92
N MET C 381 2.32 -39.65 -18.54
CA MET C 381 3.68 -39.34 -18.14
C MET C 381 4.05 -40.09 -16.85
N TYR C 382 3.11 -40.21 -15.92
CA TYR C 382 3.37 -40.96 -14.70
C TYR C 382 3.67 -42.42 -14.99
N TRP C 383 2.88 -43.03 -15.88
CA TRP C 383 3.12 -44.43 -16.25
C TRP C 383 4.49 -44.58 -16.92
N ALA C 384 4.83 -43.66 -17.83
CA ALA C 384 6.11 -43.74 -18.50
C ALA C 384 7.26 -43.61 -17.52
N HIS C 385 7.15 -42.68 -16.56
CA HIS C 385 8.19 -42.53 -15.55
C HIS C 385 8.29 -43.75 -14.66
N LYS C 386 7.15 -44.35 -14.31
CA LYS C 386 7.16 -45.53 -13.46
C LYS C 386 7.82 -46.72 -14.16
N HIS C 387 7.53 -46.91 -15.45
CA HIS C 387 8.04 -48.09 -16.16
C HIS C 387 9.49 -47.89 -16.60
N ALA C 388 9.81 -46.75 -17.20
CA ALA C 388 11.15 -46.49 -17.74
C ALA C 388 11.64 -45.14 -17.23
N PRO C 389 12.15 -45.08 -16.00
CA PRO C 389 12.57 -43.79 -15.45
C PRO C 389 13.75 -43.15 -16.18
N GLN C 390 14.76 -43.96 -16.54
CA GLN C 390 15.97 -43.39 -17.14
C GLN C 390 15.68 -42.78 -18.51
N GLN C 391 15.00 -43.53 -19.38
CA GLN C 391 14.71 -43.02 -20.71
C GLN C 391 13.78 -41.81 -20.66
N TYR C 392 12.78 -41.86 -19.79
CA TYR C 392 11.89 -40.72 -19.62
C TYR C 392 12.65 -39.49 -19.16
N LYS C 393 13.55 -39.66 -18.19
CA LYS C 393 14.35 -38.55 -17.71
C LYS C 393 15.21 -37.97 -18.83
N GLU C 394 15.85 -38.83 -19.61
CA GLU C 394 16.69 -38.36 -20.70
C GLU C 394 15.87 -37.57 -21.72
N ILE C 395 14.70 -38.11 -22.10
CA ILE C 395 13.87 -37.45 -23.11
C ILE C 395 13.40 -36.09 -22.62
N VAL C 396 12.92 -36.03 -21.37
CA VAL C 396 12.35 -34.78 -20.89
C VAL C 396 13.45 -33.75 -20.64
N GLU C 397 14.63 -34.19 -20.21
CA GLU C 397 15.76 -33.28 -20.07
C GLU C 397 16.19 -32.73 -21.43
N GLN C 398 16.17 -33.58 -22.46
CA GLN C 398 16.47 -33.11 -23.81
C GLN C 398 15.46 -32.07 -24.26
N GLY C 399 14.18 -32.28 -23.93
CA GLY C 399 13.17 -31.29 -24.27
C GLY C 399 13.42 -29.95 -23.58
N TYR C 400 13.71 -29.99 -22.27
CA TYR C 400 14.04 -28.76 -21.55
C TYR C 400 15.22 -28.04 -22.20
N PHE C 401 16.27 -28.79 -22.51
CA PHE C 401 17.47 -28.21 -23.10
C PHE C 401 17.15 -27.59 -24.46
N SER C 402 16.33 -28.27 -25.26
CA SER C 402 15.97 -27.73 -26.58
C SER C 402 15.22 -26.41 -26.44
N ILE C 403 14.26 -26.36 -25.53
CA ILE C 403 13.48 -25.13 -25.35
C ILE C 403 14.38 -23.99 -24.90
N LEU C 404 15.21 -24.24 -23.89
CA LEU C 404 16.05 -23.17 -23.36
C LEU C 404 17.11 -22.74 -24.37
N ALA C 405 17.65 -23.69 -25.14
CA ALA C 405 18.62 -23.34 -26.17
C ALA C 405 17.99 -22.49 -27.26
N GLU C 406 16.76 -22.82 -27.66
CA GLU C 406 16.07 -21.99 -28.64
C GLU C 406 15.88 -20.57 -28.12
N TYR C 407 15.44 -20.45 -26.86
CA TYR C 407 15.25 -19.12 -26.30
C TYR C 407 16.56 -18.35 -26.21
N VAL C 408 17.64 -19.02 -25.82
CA VAL C 408 18.93 -18.35 -25.67
C VAL C 408 19.46 -17.89 -27.03
N TYR C 409 19.39 -18.76 -28.04
CA TYR C 409 19.90 -18.41 -29.35
C TYR C 409 19.08 -17.31 -30.00
N SER C 410 17.76 -17.32 -29.79
CA SER C 410 16.90 -16.33 -30.44
C SER C 410 17.21 -14.91 -29.99
N TYR C 411 17.55 -14.73 -28.71
CA TYR C 411 17.71 -13.38 -28.14
C TYR C 411 19.12 -13.14 -27.59
N ASN C 412 20.10 -13.93 -28.02
CA ASN C 412 21.51 -13.71 -27.70
C ASN C 412 21.78 -13.69 -26.20
N GLY C 413 21.06 -14.55 -25.46
CA GLY C 413 21.37 -14.77 -24.07
C GLY C 413 20.75 -13.81 -23.08
N THR C 414 20.03 -12.79 -23.54
CA THR C 414 19.34 -11.87 -22.63
C THR C 414 18.00 -12.47 -22.25
N LEU C 415 18.05 -13.40 -21.31
CA LEU C 415 16.84 -14.07 -20.83
C LEU C 415 15.97 -13.09 -20.04
N GLU C 416 14.67 -13.32 -20.09
CA GLU C 416 13.70 -12.47 -19.41
C GLU C 416 12.63 -13.35 -18.77
N HIS C 417 11.72 -12.71 -18.02
CA HIS C 417 10.82 -13.44 -17.14
C HIS C 417 10.00 -14.48 -17.89
N TYR C 418 9.48 -14.12 -19.06
CA TYR C 418 8.57 -15.02 -19.76
C TYR C 418 9.26 -16.29 -20.23
N MET C 419 10.53 -16.22 -20.63
CA MET C 419 11.22 -17.41 -21.10
C MET C 419 11.43 -18.42 -19.98
N ILE C 420 11.92 -17.97 -18.83
CA ILE C 420 12.07 -18.87 -17.68
C ILE C 420 10.70 -19.37 -17.22
N ALA C 421 9.67 -18.53 -17.32
CA ALA C 421 8.32 -19.00 -16.97
C ALA C 421 7.88 -20.12 -17.89
N LYS C 422 8.14 -19.99 -19.19
CA LYS C 422 7.79 -21.04 -20.15
C LYS C 422 8.54 -22.33 -19.85
N VAL C 423 9.83 -22.22 -19.55
CA VAL C 423 10.61 -23.44 -19.26
C VAL C 423 10.14 -24.09 -17.96
N ILE C 424 9.80 -23.27 -16.95
CA ILE C 424 9.30 -23.81 -15.70
C ILE C 424 7.97 -24.52 -15.90
N TYR C 425 7.10 -23.94 -16.74
CA TYR C 425 5.85 -24.62 -17.06
C TYR C 425 6.12 -25.94 -17.78
N ALA C 426 7.12 -25.96 -18.67
CA ALA C 426 7.47 -27.20 -19.33
C ALA C 426 7.93 -28.25 -18.31
N MET C 427 8.70 -27.83 -17.31
CA MET C 427 9.23 -28.80 -16.35
C MET C 427 8.17 -29.31 -15.38
N MET C 428 7.34 -28.41 -14.85
CA MET C 428 6.36 -28.78 -13.82
C MET C 428 4.96 -28.30 -14.17
N GLY C 429 4.54 -28.49 -15.42
CA GLY C 429 3.19 -28.13 -15.79
C GLY C 429 2.13 -29.09 -15.30
N ASN C 430 2.53 -30.30 -14.92
CA ASN C 430 1.59 -31.32 -14.46
C ASN C 430 1.58 -31.50 -12.95
N LYS C 431 2.14 -30.53 -12.21
CA LYS C 431 2.15 -30.58 -10.76
C LYS C 431 1.52 -29.37 -10.09
N PHE C 432 1.42 -28.24 -10.79
CA PHE C 432 0.87 -27.01 -10.22
C PHE C 432 -0.31 -26.54 -11.05
N VAL C 433 -1.32 -26.01 -10.38
CA VAL C 433 -2.49 -25.42 -11.04
C VAL C 433 -2.85 -24.14 -10.29
N VAL C 434 -3.11 -23.07 -11.03
CA VAL C 434 -3.52 -21.80 -10.47
C VAL C 434 -4.86 -21.41 -11.06
N ASP C 435 -5.76 -20.91 -10.20
CA ASP C 435 -7.07 -20.44 -10.64
C ASP C 435 -7.46 -19.24 -9.81
N VAL C 436 -8.34 -18.42 -10.38
CA VAL C 436 -8.82 -17.21 -9.73
C VAL C 436 -10.01 -17.56 -8.85
N ASP C 437 -9.94 -17.19 -7.57
CA ASP C 437 -11.02 -17.46 -6.64
C ASP C 437 -12.11 -16.40 -6.78
N SER C 438 -13.08 -16.45 -5.87
CA SER C 438 -14.18 -15.50 -5.91
C SER C 438 -13.72 -14.07 -5.60
N ASN C 439 -12.65 -13.93 -4.82
CA ASN C 439 -12.14 -12.62 -4.45
C ASN C 439 -11.37 -11.93 -5.55
N GLY C 440 -11.13 -12.60 -6.68
CA GLY C 440 -10.36 -12.00 -7.75
C GLY C 440 -8.87 -12.06 -7.57
N LYS C 441 -8.37 -13.05 -6.82
CA LYS C 441 -6.94 -13.22 -6.58
C LYS C 441 -6.51 -14.60 -7.05
N TYR C 442 -5.35 -14.66 -7.70
CA TYR C 442 -4.84 -15.93 -8.19
C TYR C 442 -4.38 -16.79 -7.03
N VAL C 443 -4.82 -18.04 -7.00
CA VAL C 443 -4.53 -18.97 -5.92
C VAL C 443 -3.78 -20.16 -6.51
N TRP C 444 -2.64 -20.50 -5.90
CA TRP C 444 -1.82 -21.60 -6.37
C TRP C 444 -2.21 -22.90 -5.66
N PHE C 445 -2.19 -24.00 -6.43
CA PHE C 445 -2.44 -25.33 -5.90
C PHE C 445 -1.31 -26.25 -6.32
N GLU C 446 -0.96 -27.18 -5.43
CA GLU C 446 0.11 -28.14 -5.69
C GLU C 446 -0.34 -29.53 -5.32
N PHE C 447 -0.04 -30.49 -6.20
CA PHE C 447 -0.33 -31.89 -5.96
C PHE C 447 0.79 -32.50 -5.12
N VAL C 448 0.43 -33.14 -4.01
CA VAL C 448 1.41 -33.62 -3.04
C VAL C 448 1.76 -35.07 -3.39
N LEU C 449 3.03 -35.31 -3.64
CA LEU C 449 3.59 -36.63 -3.93
C LEU C 449 4.28 -37.18 -2.69
N PRO C 450 4.49 -38.49 -2.63
CA PRO C 450 5.17 -39.07 -1.47
C PRO C 450 6.62 -38.61 -1.37
N GLY C 451 7.13 -38.65 -0.14
CA GLY C 451 8.51 -38.29 0.12
C GLY C 451 8.85 -36.82 -0.05
N GLN C 452 7.95 -35.94 0.35
CA GLN C 452 8.21 -34.51 0.37
C GLN C 452 7.57 -33.92 1.61
N PRO C 453 8.08 -32.79 2.11
CA PRO C 453 7.50 -32.19 3.31
C PRO C 453 6.04 -31.83 3.10
N MET C 454 5.22 -32.10 4.12
CA MET C 454 3.78 -31.92 4.03
C MET C 454 3.18 -32.03 5.42
N ASN C 455 1.94 -31.59 5.54
CA ASN C 455 1.17 -31.83 6.76
C ASN C 455 0.76 -33.30 6.84
N GLN C 456 0.27 -33.69 8.01
CA GLN C 456 -0.10 -35.08 8.25
C GLN C 456 -1.42 -35.38 7.54
N GLY C 457 -1.36 -36.24 6.52
CA GLY C 457 -2.55 -36.75 5.88
C GLY C 457 -2.96 -36.06 4.59
N GLU C 458 -2.15 -35.16 4.06
CA GLU C 458 -2.49 -34.44 2.83
C GLU C 458 -1.83 -35.03 1.60
N ILE C 459 -1.40 -36.30 1.66
CA ILE C 459 -0.78 -36.94 0.52
C ILE C 459 -1.83 -37.21 -0.57
N TRP C 460 -1.37 -37.21 -1.82
CA TRP C 460 -2.21 -37.52 -2.99
C TRP C 460 -3.38 -36.54 -3.14
N LYS C 461 -3.19 -35.30 -2.69
CA LYS C 461 -4.24 -34.30 -2.80
C LYS C 461 -3.63 -32.95 -3.15
N TRP C 462 -4.46 -32.06 -3.68
CA TRP C 462 -4.05 -30.70 -3.96
C TRP C 462 -4.11 -29.88 -2.67
N ARG C 463 -3.05 -29.14 -2.39
CA ARG C 463 -2.98 -28.28 -1.21
C ARG C 463 -2.90 -26.82 -1.65
N LYS C 464 -3.65 -25.97 -0.97
CA LYS C 464 -3.66 -24.54 -1.28
C LYS C 464 -2.39 -23.89 -0.74
N GLU C 465 -1.74 -23.10 -1.57
CA GLU C 465 -0.50 -22.41 -1.21
C GLU C 465 -0.69 -20.91 -1.36
N VAL C 466 -0.38 -20.17 -0.29
CA VAL C 466 -0.38 -18.72 -0.38
C VAL C 466 0.67 -18.24 -1.36
N ASN C 467 1.86 -18.82 -1.30
CA ASN C 467 2.97 -18.48 -2.17
C ASN C 467 3.70 -19.77 -2.56
N PRO C 468 3.84 -20.07 -3.85
CA PRO C 468 4.43 -21.35 -4.24
C PRO C 468 5.91 -21.42 -3.93
N ASP C 469 6.24 -21.70 -2.67
CA ASP C 469 7.64 -21.78 -2.25
C ASP C 469 8.37 -22.91 -2.94
N GLU C 470 7.68 -24.01 -3.23
CA GLU C 470 8.33 -25.13 -3.92
C GLU C 470 8.80 -24.72 -5.30
N LEU C 471 7.98 -23.95 -6.03
CA LEU C 471 8.39 -23.46 -7.34
C LEU C 471 9.53 -22.46 -7.21
N HIS C 472 9.50 -21.64 -6.15
CA HIS C 472 10.60 -20.71 -5.92
C HIS C 472 11.92 -21.46 -5.71
N ILE C 473 11.89 -22.53 -4.94
CA ILE C 473 13.09 -23.35 -4.76
C ILE C 473 13.48 -24.00 -6.08
N TYR C 474 12.50 -24.53 -6.82
CA TYR C 474 12.79 -25.22 -8.07
C TYR C 474 13.46 -24.31 -9.09
N ILE C 475 13.09 -23.03 -9.11
CA ILE C 475 13.70 -22.10 -10.06
C ILE C 475 15.20 -21.98 -9.82
N SER C 476 15.61 -21.88 -8.55
CA SER C 476 17.01 -21.67 -8.23
C SER C 476 17.79 -22.96 -8.06
N GLU C 477 17.14 -24.06 -7.69
CA GLU C 477 17.84 -25.30 -7.37
C GLU C 477 17.91 -26.27 -8.54
N ASN C 478 16.80 -26.51 -9.23
CA ASN C 478 16.75 -27.48 -10.31
C ASN C 478 16.94 -26.85 -11.69
N PHE C 479 16.33 -25.69 -11.93
CA PHE C 479 16.47 -25.03 -13.22
C PHE C 479 17.88 -24.56 -13.49
N SER C 480 18.70 -24.37 -12.45
CA SER C 480 20.06 -23.89 -12.65
C SER C 480 20.95 -24.94 -13.33
N ARG C 481 20.55 -26.21 -13.32
CA ARG C 481 21.36 -27.22 -13.99
C ARG C 481 21.18 -27.17 -15.50
N VAL C 482 20.00 -26.79 -15.99
CA VAL C 482 19.82 -26.57 -17.42
C VAL C 482 20.66 -25.39 -17.88
N MET C 483 20.80 -24.38 -17.02
CA MET C 483 21.75 -23.29 -17.29
C MET C 483 23.16 -23.83 -17.44
N ASP C 484 23.54 -24.78 -16.58
CA ASP C 484 24.86 -25.39 -16.68
C ASP C 484 25.02 -26.15 -17.99
N ARG C 485 23.96 -26.85 -18.43
CA ARG C 485 24.02 -27.53 -19.72
C ARG C 485 24.20 -26.54 -20.87
N ILE C 486 23.49 -25.41 -20.81
CA ILE C 486 23.64 -24.39 -21.85
C ILE C 486 25.06 -23.84 -21.86
N THR C 487 25.60 -23.56 -20.68
CA THR C 487 26.98 -23.08 -20.60
C THR C 487 27.96 -24.10 -21.15
N GLU C 488 27.73 -25.39 -20.86
CA GLU C 488 28.59 -26.44 -21.41
C GLU C 488 28.52 -26.48 -22.93
N HIS C 489 27.31 -26.34 -23.49
CA HIS C 489 27.16 -26.31 -24.94
C HIS C 489 27.92 -25.13 -25.55
N ILE C 490 27.79 -23.95 -24.93
CA ILE C 490 28.47 -22.76 -25.45
C ILE C 490 29.98 -22.94 -25.38
N LYS C 491 30.48 -23.47 -24.26
CA LYS C 491 31.92 -23.70 -24.13
C LYS C 491 32.42 -24.70 -25.15
N TYR C 492 31.65 -25.77 -25.39
CA TYR C 492 32.05 -26.77 -26.37
C TYR C 492 32.13 -26.17 -27.77
N HIS C 493 31.14 -25.35 -28.14
CA HIS C 493 31.22 -24.69 -29.43
C HIS C 493 32.35 -23.67 -29.49
N LEU C 494 32.68 -23.05 -28.37
CA LEU C 494 33.79 -22.12 -28.33
C LEU C 494 35.11 -22.83 -28.58
N SER C 495 35.28 -24.02 -27.99
CA SER C 495 36.52 -24.77 -28.19
C SER C 495 36.61 -25.40 -29.57
N GLN C 496 35.49 -25.55 -30.26
CA GLN C 496 35.49 -26.17 -31.58
C GLN C 496 36.20 -25.26 -32.59
N PRO C 497 36.97 -25.82 -33.52
CA PRO C 497 37.62 -24.99 -34.53
C PRO C 497 36.63 -24.41 -35.53
N HIS C 498 36.42 -23.09 -35.47
CA HIS C 498 35.49 -22.39 -36.34
C HIS C 498 36.17 -21.16 -36.91
N GLU C 499 35.46 -20.46 -37.79
CA GLU C 499 35.93 -19.19 -38.31
C GLU C 499 35.95 -18.15 -37.20
N THR C 500 36.88 -17.19 -37.32
CA THR C 500 37.09 -16.21 -36.26
C THR C 500 35.82 -15.42 -35.95
N ASN C 501 35.04 -15.09 -36.98
CA ASN C 501 33.82 -14.32 -36.75
C ASN C 501 32.82 -15.10 -35.90
N ILE C 502 32.63 -16.39 -36.20
CA ILE C 502 31.72 -17.21 -35.41
C ILE C 502 32.25 -17.39 -33.99
N LEU C 503 33.57 -17.50 -33.84
CA LEU C 503 34.15 -17.58 -32.50
C LEU C 503 33.88 -16.31 -31.70
N ASN C 504 34.01 -15.15 -32.34
CA ASN C 504 33.70 -13.89 -31.67
C ASN C 504 32.23 -13.81 -31.29
N TYR C 505 31.35 -14.26 -32.20
CA TYR C 505 29.93 -14.29 -31.90
C TYR C 505 29.63 -15.17 -30.69
N TYR C 506 30.25 -16.35 -30.64
CA TYR C 506 30.03 -17.26 -29.52
C TYR C 506 30.60 -16.68 -28.23
N LYS C 507 31.73 -15.98 -28.31
CA LYS C 507 32.28 -15.34 -27.13
C LYS C 507 31.35 -14.26 -26.59
N LYS C 508 30.78 -13.44 -27.48
CA LYS C 508 29.83 -12.43 -27.05
C LYS C 508 28.58 -13.07 -26.45
N LEU C 509 28.09 -14.14 -27.06
CA LEU C 509 26.94 -14.84 -26.52
C LEU C 509 27.22 -15.42 -25.15
N LEU C 510 28.43 -15.98 -24.97
CA LEU C 510 28.81 -16.52 -23.66
C LEU C 510 28.88 -15.42 -22.62
N LYS C 511 29.44 -14.26 -22.97
CA LYS C 511 29.50 -13.15 -22.03
C LYS C 511 28.10 -12.71 -21.62
N ALA C 512 27.20 -12.57 -22.59
CA ALA C 512 25.83 -12.16 -22.28
C ALA C 512 25.13 -13.21 -21.42
N PHE C 513 25.32 -14.50 -21.72
CA PHE C 513 24.66 -15.54 -20.95
C PHE C 513 25.20 -15.61 -19.54
N GLU C 514 26.50 -15.40 -19.36
CA GLU C 514 27.05 -15.36 -18.00
C GLU C 514 26.52 -14.15 -17.24
N ARG C 515 26.34 -13.02 -17.92
CA ARG C 515 25.74 -11.86 -17.27
C ARG C 515 24.31 -12.17 -16.82
N SER C 516 23.55 -12.86 -17.66
CA SER C 516 22.15 -13.16 -17.35
C SER C 516 21.97 -14.42 -16.51
N LYS C 517 23.05 -15.14 -16.20
CA LYS C 517 22.92 -16.43 -15.52
C LYS C 517 22.53 -16.26 -14.06
N SER C 518 23.08 -15.25 -13.40
CA SER C 518 22.88 -15.07 -11.97
C SER C 518 21.54 -14.43 -11.62
N LYS C 519 20.75 -14.01 -12.61
CA LYS C 519 19.49 -13.35 -12.32
C LYS C 519 18.43 -14.32 -11.81
N ILE C 520 18.63 -15.63 -11.98
CA ILE C 520 17.65 -16.60 -11.48
C ILE C 520 17.69 -16.76 -9.97
N PHE C 521 18.68 -16.17 -9.30
CA PHE C 521 18.77 -16.17 -7.85
C PHE C 521 18.24 -14.89 -7.23
N ASN C 522 17.74 -13.96 -8.05
CA ASN C 522 17.27 -12.67 -7.56
C ASN C 522 15.82 -12.76 -7.13
N ASP C 523 15.51 -12.14 -6.00
CA ASP C 523 14.15 -12.21 -5.47
C ASP C 523 13.14 -11.53 -6.40
N SER C 524 13.49 -10.34 -6.91
CA SER C 524 12.58 -9.63 -7.81
C SER C 524 12.40 -10.38 -9.12
N PHE C 525 13.49 -10.92 -9.68
CA PHE C 525 13.39 -11.69 -10.91
C PHE C 525 12.52 -12.92 -10.72
N LYS C 526 12.71 -13.64 -9.61
CA LYS C 526 11.90 -14.83 -9.36
C LYS C 526 10.44 -14.46 -9.13
N LYS C 527 10.18 -13.34 -8.45
CA LYS C 527 8.80 -12.89 -8.28
C LYS C 527 8.16 -12.56 -9.63
N GLY C 528 8.90 -11.91 -10.52
CA GLY C 528 8.39 -11.64 -11.85
C GLY C 528 8.12 -12.91 -12.63
N VAL C 529 9.02 -13.90 -12.52
CA VAL C 529 8.82 -15.17 -13.20
C VAL C 529 7.58 -15.87 -12.69
N ILE C 530 7.39 -15.89 -11.37
CA ILE C 530 6.19 -16.51 -10.80
C ILE C 530 4.94 -15.78 -11.26
N ARG C 531 4.97 -14.44 -11.27
CA ARG C 531 3.81 -13.68 -11.70
C ARG C 531 3.47 -13.96 -13.15
N GLN C 532 4.48 -14.06 -14.01
CA GLN C 532 4.23 -14.40 -15.41
C GLN C 532 3.84 -15.85 -15.58
N ALA C 533 4.30 -16.73 -14.68
CA ALA C 533 3.94 -18.14 -14.76
C ALA C 533 2.48 -18.38 -14.38
N GLU C 534 1.84 -17.42 -13.70
CA GLU C 534 0.43 -17.56 -13.37
C GLU C 534 -0.42 -17.61 -14.63
N PHE C 535 0.04 -17.02 -15.71
CA PHE C 535 -0.74 -17.00 -16.95
C PHE C 535 -0.71 -18.36 -17.65
N LEU C 536 0.39 -19.10 -17.52
CA LEU C 536 0.54 -20.38 -18.20
C LEU C 536 -0.08 -21.53 -17.41
N PHE C 537 0.04 -21.51 -16.09
CA PHE C 537 -0.53 -22.57 -15.26
C PHE C 537 -2.03 -22.42 -15.06
N ARG C 538 -2.62 -21.34 -15.54
CA ARG C 538 -4.04 -21.09 -15.33
C ARG C 538 -4.88 -22.20 -15.94
N GLN C 539 -5.78 -22.77 -15.15
CA GLN C 539 -6.70 -23.81 -15.59
C GLN C 539 -8.11 -23.35 -15.27
N ARG C 540 -8.89 -23.05 -16.30
CA ARG C 540 -10.25 -22.57 -16.11
C ARG C 540 -11.11 -23.65 -15.47
N SER C 541 -12.03 -23.22 -14.60
CA SER C 541 -13.02 -24.05 -13.94
C SER C 541 -12.41 -25.09 -13.00
N PHE C 542 -11.17 -24.89 -12.55
CA PHE C 542 -10.58 -25.82 -11.60
C PHE C 542 -11.20 -25.68 -10.22
N ILE C 543 -11.36 -24.44 -9.76
CA ILE C 543 -11.88 -24.21 -8.42
C ILE C 543 -13.33 -24.64 -8.32
N GLN C 544 -14.14 -24.32 -9.33
CA GLN C 544 -15.57 -24.60 -9.24
C GLN C 544 -15.85 -26.11 -9.19
N THR C 545 -14.94 -26.93 -9.71
CA THR C 545 -15.09 -28.37 -9.66
C THR C 545 -14.37 -29.00 -8.47
N LEU C 546 -13.72 -28.20 -7.64
CA LEU C 546 -12.94 -28.74 -6.53
C LEU C 546 -13.87 -29.19 -5.41
N ASP C 547 -13.67 -30.42 -4.94
CA ASP C 547 -14.44 -30.99 -3.83
C ASP C 547 -15.93 -30.99 -4.09
N THR C 548 -16.34 -31.24 -5.34
CA THR C 548 -17.75 -31.26 -5.68
C THR C 548 -18.33 -32.67 -5.73
N ASN C 549 -17.52 -33.66 -6.04
CA ASN C 549 -18.03 -35.03 -6.11
C ASN C 549 -18.28 -35.55 -4.70
N PRO C 550 -19.52 -35.92 -4.35
CA PRO C 550 -19.77 -36.40 -2.99
C PRO C 550 -19.33 -37.84 -2.76
N TYR C 551 -19.04 -38.60 -3.81
CA TYR C 551 -18.63 -39.99 -3.67
C TYR C 551 -17.14 -40.16 -3.46
N LEU C 552 -16.37 -39.08 -3.40
CA LEU C 552 -14.94 -39.12 -3.13
C LEU C 552 -14.66 -38.42 -1.81
N LEU C 553 -13.96 -39.11 -0.92
CA LEU C 553 -13.66 -38.61 0.41
C LEU C 553 -12.16 -38.68 0.65
N GLY C 554 -11.57 -37.55 1.05
CA GLY C 554 -10.14 -37.52 1.30
C GLY C 554 -9.83 -38.06 2.68
N VAL C 555 -8.88 -38.99 2.75
CA VAL C 555 -8.49 -39.65 3.99
C VAL C 555 -7.01 -39.40 4.23
N GLY C 556 -6.50 -39.98 5.33
CA GLY C 556 -5.14 -39.70 5.75
C GLY C 556 -4.08 -40.32 4.86
N ASN C 557 -4.41 -41.44 4.20
CA ASN C 557 -3.44 -42.16 3.40
C ASN C 557 -3.81 -42.17 1.91
N GLY C 558 -4.57 -41.20 1.46
CA GLY C 558 -4.98 -41.12 0.07
C GLY C 558 -6.36 -40.51 -0.02
N VAL C 559 -7.10 -40.92 -1.06
CA VAL C 559 -8.49 -40.51 -1.25
C VAL C 559 -9.35 -41.76 -1.34
N LEU C 560 -10.46 -41.77 -0.62
CA LEU C 560 -11.35 -42.93 -0.56
C LEU C 560 -12.49 -42.74 -1.54
N SER C 561 -12.76 -43.77 -2.34
CA SER C 561 -13.80 -43.73 -3.37
C SER C 561 -14.91 -44.69 -2.98
N ILE C 562 -16.08 -44.14 -2.69
CA ILE C 562 -17.26 -44.94 -2.40
C ILE C 562 -18.23 -44.96 -3.59
N GLU C 563 -17.71 -44.71 -4.81
CA GLU C 563 -18.57 -44.74 -5.99
C GLU C 563 -19.16 -46.11 -6.24
N THR C 564 -18.40 -47.16 -6.00
CA THR C 564 -18.85 -48.52 -6.23
C THR C 564 -18.49 -49.39 -5.02
N ILE C 565 -19.24 -50.47 -4.86
CA ILE C 565 -19.02 -51.44 -3.79
C ILE C 565 -18.08 -52.52 -4.31
N PRO C 566 -17.00 -52.85 -3.59
CA PRO C 566 -16.58 -52.27 -2.31
C PRO C 566 -15.83 -50.95 -2.47
N ALA C 567 -15.70 -50.20 -1.37
CA ALA C 567 -14.98 -48.94 -1.41
C ALA C 567 -13.51 -49.17 -1.75
N LYS C 568 -12.94 -48.24 -2.50
CA LYS C 568 -11.56 -48.34 -2.96
C LYS C 568 -10.71 -47.25 -2.33
N LEU C 569 -9.47 -47.60 -1.99
CA LEU C 569 -8.49 -46.66 -1.49
C LEU C 569 -7.47 -46.38 -2.59
N ILE C 570 -7.26 -45.10 -2.87
CA ILE C 570 -6.37 -44.68 -3.95
C ILE C 570 -5.05 -44.27 -3.33
N ASN C 571 -4.05 -45.15 -3.39
CA ASN C 571 -2.71 -44.89 -2.91
C ASN C 571 -1.75 -44.54 -4.02
N HIS C 572 -2.24 -44.32 -5.24
CA HIS C 572 -1.40 -44.07 -6.40
C HIS C 572 -1.83 -42.76 -7.06
N PHE C 573 -1.22 -42.48 -8.21
CA PHE C 573 -1.51 -41.24 -8.92
C PHE C 573 -2.95 -41.22 -9.40
N HIS C 574 -3.57 -40.05 -9.31
CA HIS C 574 -4.95 -39.85 -9.76
C HIS C 574 -5.14 -38.41 -10.15
N GLU C 575 -6.23 -38.14 -10.87
CA GLU C 575 -6.53 -36.79 -11.32
C GLU C 575 -7.85 -36.27 -10.77
N HIS C 576 -8.41 -36.92 -9.76
CA HIS C 576 -9.62 -36.42 -9.13
C HIS C 576 -9.28 -35.22 -8.24
N PRO C 577 -9.98 -34.09 -8.42
CA PRO C 577 -9.66 -32.86 -7.65
C PRO C 577 -10.23 -32.81 -6.24
N ILE C 578 -9.49 -33.41 -5.29
CA ILE C 578 -9.84 -33.37 -3.88
C ILE C 578 -8.86 -32.46 -3.16
N HIS C 579 -9.39 -31.52 -2.37
CA HIS C 579 -8.59 -30.64 -1.53
C HIS C 579 -8.79 -30.89 -0.05
N GLN C 580 -10.04 -30.88 0.42
CA GLN C 580 -10.31 -31.15 1.82
C GLN C 580 -10.06 -32.61 2.16
N TYR C 581 -9.76 -32.87 3.43
CA TYR C 581 -9.42 -34.22 3.84
C TYR C 581 -9.62 -34.35 5.35
N THR C 582 -9.64 -35.59 5.81
CA THR C 582 -9.62 -35.92 7.23
C THR C 582 -8.31 -36.63 7.57
N HIS C 583 -7.89 -36.50 8.82
CA HIS C 583 -6.64 -37.10 9.26
C HIS C 583 -6.75 -38.60 9.50
N ILE C 584 -7.94 -39.17 9.36
CA ILE C 584 -8.15 -40.58 9.66
C ILE C 584 -7.72 -41.42 8.47
N CYS C 585 -6.86 -42.41 8.72
CA CYS C 585 -6.45 -43.35 7.70
C CYS C 585 -7.49 -44.44 7.55
N TYR C 586 -7.75 -44.85 6.31
CA TYR C 586 -8.77 -45.84 6.03
C TYR C 586 -8.16 -47.24 5.95
N GLU C 587 -8.79 -48.18 6.64
CA GLU C 587 -8.44 -49.59 6.56
C GLU C 587 -9.72 -50.40 6.37
N PRO C 588 -9.67 -51.56 5.72
CA PRO C 588 -10.89 -52.36 5.56
C PRO C 588 -11.45 -52.80 6.91
N PHE C 589 -12.77 -52.95 6.95
CA PHE C 589 -13.46 -53.31 8.19
C PHE C 589 -13.09 -54.75 8.57
N ASN C 590 -12.26 -54.88 9.60
CA ASN C 590 -11.86 -56.18 10.12
C ASN C 590 -12.44 -56.37 11.51
N PRO C 591 -13.46 -57.21 11.69
CA PRO C 591 -14.08 -57.37 13.00
C PRO C 591 -13.15 -57.97 14.05
N GLU C 592 -12.05 -58.60 13.64
CA GLU C 592 -11.13 -59.24 14.58
C GLU C 592 -10.10 -58.29 15.16
N ASN C 593 -10.05 -57.05 14.69
CA ASN C 593 -9.13 -56.08 15.27
C ASN C 593 -9.56 -55.75 16.70
N PRO C 594 -8.61 -55.64 17.63
CA PRO C 594 -8.99 -55.35 19.03
C PRO C 594 -9.81 -54.08 19.19
N TRP C 595 -9.44 -53.01 18.47
CA TRP C 595 -10.22 -51.77 18.58
C TRP C 595 -11.60 -51.92 17.97
N THR C 596 -11.70 -52.66 16.86
CA THR C 596 -13.01 -52.90 16.27
C THR C 596 -13.90 -53.71 17.19
N LYS C 597 -13.32 -54.72 17.86
CA LYS C 597 -14.08 -55.48 18.86
C LYS C 597 -14.52 -54.58 20.01
N LEU C 598 -13.64 -53.71 20.48
CA LEU C 598 -13.96 -52.83 21.60
C LEU C 598 -15.11 -51.89 21.26
N LEU C 599 -15.05 -51.27 20.08
CA LEU C 599 -16.10 -50.34 19.66
C LEU C 599 -17.41 -51.07 19.44
N LEU C 600 -17.39 -52.25 18.82
CA LEU C 600 -18.64 -52.97 18.61
C LEU C 600 -19.30 -53.35 19.92
N ASN C 601 -18.51 -53.74 20.92
CA ASN C 601 -19.06 -54.04 22.24
C ASN C 601 -19.65 -52.79 22.88
N ALA C 602 -18.99 -51.64 22.72
CA ALA C 602 -19.49 -50.40 23.27
C ALA C 602 -20.81 -50.02 22.57
N LEU C 603 -20.95 -50.30 21.27
CA LEU C 603 -22.21 -50.04 20.58
C LEU C 603 -23.33 -50.89 21.15
N GLN C 604 -23.04 -52.16 21.45
CA GLN C 604 -24.05 -53.04 22.01
C GLN C 604 -24.49 -52.58 23.40
N ASP C 605 -23.58 -51.97 24.16
CA ASP C 605 -23.93 -51.52 25.50
C ASP C 605 -24.83 -50.30 25.47
N ILE C 606 -24.54 -49.35 24.58
CA ILE C 606 -25.30 -48.09 24.54
C ILE C 606 -26.71 -48.33 24.03
N ILE C 607 -26.86 -49.10 22.96
CA ILE C 607 -28.18 -49.37 22.39
C ILE C 607 -28.49 -50.85 22.56
N PRO C 608 -29.33 -51.22 23.53
CA PRO C 608 -29.64 -52.65 23.73
C PRO C 608 -30.41 -53.27 22.59
N GLU C 609 -31.45 -52.61 22.10
CA GLU C 609 -32.30 -53.19 21.07
C GLU C 609 -31.53 -53.38 19.77
N LEU C 610 -31.68 -54.54 19.14
CA LEU C 610 -30.99 -54.87 17.90
C LEU C 610 -31.47 -54.02 16.73
N ASP C 611 -32.77 -53.93 16.51
CA ASP C 611 -33.31 -53.15 15.40
C ASP C 611 -32.96 -51.67 15.59
N ALA C 612 -33.07 -51.15 16.82
CA ALA C 612 -32.72 -49.76 17.05
C ALA C 612 -31.24 -49.51 16.79
N ARG C 613 -30.38 -50.43 17.22
CA ARG C 613 -28.95 -50.28 16.99
C ARG C 613 -28.63 -50.26 15.49
N LEU C 614 -29.21 -51.18 14.72
CA LEU C 614 -29.01 -51.23 13.27
C LEU C 614 -29.52 -49.95 12.63
N TRP C 615 -30.68 -49.44 13.04
CA TRP C 615 -31.20 -48.21 12.46
C TRP C 615 -30.29 -47.03 12.77
N ILE C 616 -29.81 -46.94 14.02
CA ILE C 616 -28.93 -45.84 14.39
C ILE C 616 -27.64 -45.89 13.59
N MET C 617 -27.06 -47.07 13.44
CA MET C 617 -25.81 -47.19 12.68
C MET C 617 -26.04 -46.86 11.21
N PHE C 618 -27.16 -47.29 10.63
CA PHE C 618 -27.43 -46.96 9.25
C PHE C 618 -27.59 -45.45 9.12
N TYR C 619 -28.30 -44.78 10.03
CA TYR C 619 -28.48 -43.33 9.95
C TYR C 619 -27.15 -42.62 10.02
N LEU C 620 -26.26 -43.06 10.92
CA LEU C 620 -24.99 -42.38 11.13
C LEU C 620 -24.03 -42.61 9.97
N SER C 621 -24.16 -43.75 9.28
CA SER C 621 -23.27 -44.03 8.16
C SER C 621 -23.48 -43.06 7.00
N THR C 622 -24.66 -42.44 6.92
CA THR C 622 -24.92 -41.45 5.87
C THR C 622 -24.12 -40.17 6.06
N ALA C 623 -23.49 -39.98 7.23
CA ALA C 623 -22.65 -38.81 7.43
C ALA C 623 -21.42 -38.83 6.52
N ILE C 624 -21.04 -39.99 5.99
CA ILE C 624 -19.94 -40.07 5.05
C ILE C 624 -20.30 -39.36 3.76
N PHE C 625 -21.54 -39.53 3.30
CA PHE C 625 -21.98 -38.98 2.02
C PHE C 625 -22.34 -37.51 2.21
N ARG C 626 -21.77 -36.65 1.36
CA ARG C 626 -22.00 -35.21 1.43
C ARG C 626 -22.91 -34.71 0.32
N GLY C 627 -23.81 -35.56 -0.17
CA GLY C 627 -24.82 -35.16 -1.13
C GLY C 627 -26.18 -35.00 -0.49
N LEU C 628 -27.21 -35.04 -1.34
CA LEU C 628 -28.58 -34.95 -0.85
C LEU C 628 -28.99 -36.25 -0.19
N LYS C 629 -29.93 -36.16 0.75
CA LYS C 629 -30.41 -37.34 1.46
C LYS C 629 -31.84 -37.09 1.93
N GLU C 630 -32.36 -38.06 2.69
CA GLU C 630 -33.80 -38.18 2.91
C GLU C 630 -34.34 -37.23 3.98
N ALA C 631 -33.55 -36.24 4.38
CA ALA C 631 -34.00 -35.15 5.25
C ALA C 631 -34.56 -35.64 6.58
N LEU C 632 -33.97 -36.66 7.18
CA LEU C 632 -34.38 -37.08 8.50
C LEU C 632 -33.56 -36.38 9.58
N MET C 633 -34.11 -36.30 10.78
CA MET C 633 -33.44 -35.75 11.95
C MET C 633 -33.72 -36.66 13.12
N LEU C 634 -32.71 -36.87 13.94
CA LEU C 634 -32.79 -37.79 15.07
C LEU C 634 -32.76 -37.03 16.38
N LEU C 635 -33.76 -37.26 17.23
CA LEU C 635 -33.80 -36.71 18.57
C LEU C 635 -33.48 -37.81 19.56
N TRP C 636 -32.47 -37.58 20.40
CA TRP C 636 -31.97 -38.59 21.34
C TRP C 636 -32.13 -38.04 22.75
N LEU C 637 -32.96 -38.71 23.56
CA LEU C 637 -33.21 -38.28 24.92
C LEU C 637 -32.64 -39.28 25.91
N GLY C 638 -32.05 -38.78 26.99
CA GLY C 638 -31.49 -39.62 28.03
C GLY C 638 -31.43 -38.91 29.36
N GLY C 639 -31.46 -39.67 30.46
CA GLY C 639 -31.46 -39.08 31.78
C GLY C 639 -30.10 -38.65 32.26
N GLY C 640 -29.06 -38.94 31.47
CA GLY C 640 -27.71 -38.57 31.84
C GLY C 640 -26.80 -39.78 31.99
N CYS C 641 -25.53 -39.61 31.62
CA CYS C 641 -24.53 -40.67 31.58
C CYS C 641 -25.06 -41.89 30.83
N ASN C 642 -25.58 -41.65 29.63
CA ASN C 642 -26.08 -42.69 28.75
C ASN C 642 -25.18 -42.94 27.55
N GLY C 643 -24.03 -42.27 27.47
CA GLY C 643 -23.09 -42.43 26.37
C GLY C 643 -23.48 -41.67 25.10
N LYS C 644 -24.53 -40.85 25.13
CA LYS C 644 -25.00 -40.18 23.94
C LYS C 644 -24.07 -39.08 23.47
N THR C 645 -23.11 -38.60 24.28
CA THR C 645 -22.13 -37.59 23.87
C THR C 645 -20.91 -38.30 23.31
N PHE C 646 -20.52 -39.45 23.89
CA PHE C 646 -19.34 -40.20 23.42
C PHE C 646 -19.45 -40.58 21.95
N LEU C 647 -20.50 -41.31 21.56
CA LEU C 647 -20.69 -41.72 20.18
C LEU C 647 -20.85 -40.53 19.24
N MET C 648 -21.67 -39.54 19.61
CA MET C 648 -21.91 -38.37 18.76
C MET C 648 -20.66 -37.56 18.51
N ARG C 649 -19.81 -37.38 19.51
CA ARG C 649 -18.55 -36.67 19.31
C ARG C 649 -17.57 -37.58 18.59
N LEU C 650 -17.61 -38.90 18.78
CA LEU C 650 -16.68 -39.78 18.06
C LEU C 650 -16.92 -39.71 16.56
N VAL C 651 -18.19 -39.60 16.15
CA VAL C 651 -18.48 -39.44 14.72
C VAL C 651 -17.82 -38.18 14.18
N ALA C 652 -17.91 -37.07 14.92
CA ALA C 652 -17.29 -35.83 14.48
C ALA C 652 -15.76 -35.94 14.49
N MET C 653 -15.17 -36.62 15.47
CA MET C 653 -13.72 -36.81 15.49
C MET C 653 -13.26 -37.60 14.28
N VAL C 654 -13.98 -38.67 13.92
CA VAL C 654 -13.53 -39.46 12.78
C VAL C 654 -13.79 -38.71 11.47
N LEU C 655 -14.80 -37.85 11.43
CA LEU C 655 -15.05 -37.09 10.21
C LEU C 655 -14.20 -35.83 10.10
N GLY C 656 -13.60 -35.37 11.19
CA GLY C 656 -12.74 -34.20 11.15
C GLY C 656 -13.52 -32.90 11.11
N ASP C 657 -12.76 -31.80 11.11
CA ASP C 657 -13.36 -30.47 11.12
C ASP C 657 -13.95 -30.08 9.78
N HIS C 658 -13.41 -30.58 8.67
CA HIS C 658 -13.87 -30.17 7.35
C HIS C 658 -15.25 -30.75 7.02
N TYR C 659 -15.55 -31.95 7.52
CA TYR C 659 -16.79 -32.64 7.16
C TYR C 659 -17.83 -32.62 8.25
N ALA C 660 -17.44 -32.45 9.50
CA ALA C 660 -18.35 -32.46 10.63
C ALA C 660 -18.10 -31.29 11.56
N SER C 661 -19.13 -30.89 12.27
CA SER C 661 -19.02 -29.79 13.21
C SER C 661 -20.11 -29.78 14.27
N LYS C 662 -19.82 -29.26 15.46
CA LYS C 662 -20.85 -29.04 16.47
C LYS C 662 -21.60 -27.76 16.09
N LEU C 663 -22.89 -27.68 16.36
CA LEU C 663 -23.74 -26.54 16.00
C LEU C 663 -24.33 -25.87 17.23
N ASN C 664 -24.40 -24.54 17.23
CA ASN C 664 -24.98 -23.80 18.34
C ASN C 664 -26.48 -24.09 18.35
N ILE C 665 -27.05 -24.59 19.43
CA ILE C 665 -28.48 -24.93 19.44
C ILE C 665 -29.37 -23.69 19.46
N SER C 666 -28.82 -22.50 19.69
CA SER C 666 -29.60 -21.27 19.55
C SER C 666 -30.08 -21.10 18.11
N LEU C 667 -29.43 -21.74 17.14
CA LEU C 667 -29.84 -21.78 15.75
C LEU C 667 -31.12 -22.60 15.51
N LEU C 668 -31.42 -23.55 16.39
CA LEU C 668 -32.56 -24.45 16.30
C LEU C 668 -33.76 -24.02 17.16
N THR C 669 -33.58 -23.21 18.20
CA THR C 669 -34.70 -22.81 19.09
C THR C 669 -35.08 -21.34 19.08
N SER C 670 -34.18 -20.43 18.72
CA SER C 670 -34.49 -19.01 18.69
C SER C 670 -35.18 -18.64 17.38
N TYR C 671 -35.90 -17.51 17.41
CA TYR C 671 -36.57 -17.01 16.23
C TYR C 671 -35.56 -16.53 15.20
N ARG C 672 -35.95 -16.57 13.93
CA ARG C 672 -35.07 -16.17 12.85
C ARG C 672 -34.77 -14.67 12.94
N GLU C 673 -33.54 -14.32 12.59
CA GLU C 673 -33.11 -12.92 12.65
C GLU C 673 -33.60 -12.16 11.42
N THR C 674 -33.37 -10.84 11.44
CA THR C 674 -33.70 -10.02 10.29
C THR C 674 -32.78 -10.36 9.12
N ALA C 675 -33.23 -10.00 7.92
CA ALA C 675 -32.58 -10.47 6.70
C ALA C 675 -31.17 -9.91 6.50
N GLU C 676 -30.87 -8.73 7.05
CA GLU C 676 -29.59 -8.10 6.75
C GLU C 676 -28.48 -8.55 7.69
N LYS C 677 -28.80 -8.98 8.90
CA LYS C 677 -27.76 -9.36 9.84
C LYS C 677 -27.09 -10.66 9.41
N PRO C 678 -25.77 -10.79 9.60
CA PRO C 678 -25.09 -12.03 9.23
C PRO C 678 -25.37 -13.13 10.24
N ASN C 679 -25.03 -14.36 9.84
CA ASN C 679 -25.20 -15.52 10.73
C ASN C 679 -24.08 -16.52 10.39
N SER C 680 -22.99 -16.44 11.16
CA SER C 680 -21.88 -17.36 10.95
C SER C 680 -22.18 -18.76 11.48
N ALA C 681 -22.98 -18.86 12.54
CA ALA C 681 -23.33 -20.17 13.08
C ALA C 681 -24.05 -21.01 12.03
N PHE C 682 -25.00 -20.41 11.31
CA PHE C 682 -25.66 -21.12 10.22
C PHE C 682 -24.70 -21.34 9.06
N MET C 683 -23.87 -20.35 8.76
CA MET C 683 -22.94 -20.45 7.64
C MET C 683 -21.91 -21.56 7.85
N ARG C 684 -21.72 -22.01 9.09
CA ARG C 684 -20.84 -23.13 9.35
C ARG C 684 -21.34 -24.43 8.74
N LEU C 685 -22.64 -24.55 8.40
CA LEU C 685 -23.19 -25.76 7.80
C LEU C 685 -22.72 -25.97 6.38
N LYS C 686 -22.11 -24.97 5.75
CA LYS C 686 -21.74 -25.09 4.34
C LYS C 686 -20.66 -26.15 4.17
N GLY C 687 -20.95 -27.17 3.35
CA GLY C 687 -19.99 -28.21 3.07
C GLY C 687 -19.87 -29.29 4.12
N ARG C 688 -20.72 -29.25 5.15
CA ARG C 688 -20.65 -30.24 6.25
C ARG C 688 -21.57 -31.44 5.95
N GLY C 689 -21.07 -32.66 6.15
CA GLY C 689 -21.89 -33.86 5.97
C GLY C 689 -22.55 -34.35 7.25
N TYR C 690 -22.13 -33.84 8.41
CA TYR C 690 -22.64 -34.20 9.74
C TYR C 690 -22.64 -33.00 10.67
N GLY C 691 -23.69 -32.85 11.46
CA GLY C 691 -23.86 -31.77 12.42
C GLY C 691 -24.66 -32.26 13.61
N TYR C 692 -24.22 -31.91 14.81
CA TYR C 692 -24.89 -32.36 16.02
C TYR C 692 -25.06 -31.22 17.02
N PHE C 693 -26.12 -31.31 17.80
CA PHE C 693 -26.51 -30.33 18.81
C PHE C 693 -26.55 -30.95 20.21
N GLU C 694 -26.14 -30.17 21.20
CA GLU C 694 -26.11 -30.51 22.63
C GLU C 694 -26.39 -29.23 23.45
N GLU C 695 -26.19 -29.26 24.77
CA GLU C 695 -26.37 -28.10 25.64
C GLU C 695 -27.79 -27.50 25.66
N THR C 696 -28.81 -28.33 25.50
CA THR C 696 -30.23 -27.92 25.51
C THR C 696 -30.70 -27.54 26.91
N ASN C 697 -31.45 -26.45 27.05
CA ASN C 697 -32.03 -26.00 28.33
C ASN C 697 -33.33 -26.76 28.65
N LYS C 698 -33.92 -26.51 29.82
CA LYS C 698 -35.16 -27.18 30.22
C LYS C 698 -36.33 -26.76 29.34
N SER C 699 -37.10 -27.74 28.85
CA SER C 699 -38.29 -27.52 28.02
C SER C 699 -38.16 -26.45 26.91
N GLU C 700 -37.10 -26.48 26.10
CA GLU C 700 -36.94 -25.52 24.98
C GLU C 700 -37.93 -25.79 23.84
N ILE C 701 -38.37 -24.71 23.19
CA ILE C 701 -39.31 -24.80 22.06
C ILE C 701 -38.53 -24.99 20.76
N LEU C 702 -38.90 -26.02 20.01
CA LEU C 702 -38.26 -26.33 18.75
C LEU C 702 -38.87 -25.41 17.70
N ASN C 703 -38.03 -24.58 17.11
CA ASN C 703 -38.43 -23.69 16.02
C ASN C 703 -38.57 -24.52 14.75
N THR C 704 -39.81 -24.85 14.39
CA THR C 704 -40.05 -25.70 13.22
C THR C 704 -39.72 -25.00 11.91
N SER C 705 -39.74 -23.66 11.88
CA SER C 705 -39.35 -22.95 10.66
C SER C 705 -37.89 -23.22 10.32
N ARG C 706 -37.02 -23.24 11.33
CA ARG C 706 -35.63 -23.61 11.09
C ARG C 706 -35.50 -25.10 10.77
N LEU C 707 -36.40 -25.93 11.29
CA LEU C 707 -36.35 -27.36 11.01
C LEU C 707 -36.58 -27.63 9.53
N LYS C 708 -37.61 -27.02 8.95
CA LYS C 708 -37.88 -27.19 7.53
C LYS C 708 -36.74 -26.69 6.67
N GLU C 709 -35.88 -25.82 7.21
CA GLU C 709 -34.83 -25.18 6.45
C GLU C 709 -33.49 -25.88 6.57
N MET C 710 -33.25 -26.64 7.64
CA MET C 710 -31.99 -27.35 7.84
C MET C 710 -32.06 -28.82 7.46
N VAL C 711 -33.24 -29.46 7.45
CA VAL C 711 -33.35 -30.81 6.92
C VAL C 711 -34.28 -30.79 5.72
N ASN C 712 -33.69 -30.60 4.54
CA ASN C 712 -34.44 -30.45 3.30
C ASN C 712 -33.50 -30.63 2.13
N PRO C 713 -33.80 -31.52 1.18
CA PRO C 713 -32.93 -31.63 -0.02
C PRO C 713 -33.11 -30.46 -0.97
N GLY C 714 -32.65 -29.29 -0.52
CA GLY C 714 -32.79 -28.08 -1.31
C GLY C 714 -31.80 -27.03 -0.87
N ASP C 715 -31.78 -25.92 -1.61
CA ASP C 715 -30.86 -24.84 -1.33
C ASP C 715 -31.29 -24.07 -0.09
N VAL C 716 -30.32 -23.43 0.56
CA VAL C 716 -30.55 -22.57 1.70
C VAL C 716 -29.71 -21.30 1.52
N THR C 717 -30.15 -20.22 2.14
CA THR C 717 -29.53 -18.91 1.96
C THR C 717 -29.11 -18.35 3.30
N ALA C 718 -27.88 -17.88 3.40
CA ALA C 718 -27.33 -17.30 4.63
C ALA C 718 -26.26 -16.28 4.25
N ARG C 719 -25.56 -15.78 5.27
CA ARG C 719 -24.56 -14.74 5.06
C ARG C 719 -23.51 -14.80 6.15
N GLU C 720 -22.25 -14.59 5.75
CA GLU C 720 -21.14 -14.55 6.68
C GLU C 720 -20.70 -13.10 6.91
N LEU C 721 -19.90 -12.89 7.96
CA LEU C 721 -19.44 -11.54 8.31
C LEU C 721 -18.68 -10.91 7.15
N ASN C 722 -19.00 -9.65 6.86
CA ASN C 722 -18.36 -8.86 5.82
C ASN C 722 -18.42 -9.55 4.46
N GLN C 723 -19.46 -10.34 4.23
CA GLN C 723 -19.62 -11.10 3.00
C GLN C 723 -21.02 -10.91 2.46
N LYS C 724 -21.17 -11.07 1.15
CA LYS C 724 -22.46 -10.93 0.50
C LYS C 724 -23.32 -12.17 0.71
N GLN C 725 -24.58 -12.07 0.33
CA GLN C 725 -25.48 -13.21 0.36
C GLN C 725 -25.00 -14.29 -0.60
N GLU C 726 -25.23 -15.55 -0.22
CA GLU C 726 -24.94 -16.66 -1.11
C GLU C 726 -25.80 -17.84 -0.68
N SER C 727 -25.96 -18.80 -1.59
CA SER C 727 -26.79 -19.97 -1.35
C SER C 727 -25.98 -21.23 -1.61
N PHE C 728 -26.30 -22.28 -0.87
CA PHE C 728 -25.62 -23.56 -1.00
C PHE C 728 -26.59 -24.69 -0.69
N GLN C 729 -26.26 -25.88 -1.18
CA GLN C 729 -27.08 -27.04 -0.92
C GLN C 729 -26.96 -27.46 0.54
N MET C 730 -28.07 -27.95 1.09
CA MET C 730 -28.10 -28.41 2.47
C MET C 730 -27.88 -29.92 2.49
N THR C 731 -26.78 -30.36 3.10
CA THR C 731 -26.39 -31.76 3.02
C THR C 731 -25.84 -32.29 4.35
N ALA C 732 -26.33 -31.83 5.48
CA ALA C 732 -25.81 -32.30 6.77
C ALA C 732 -26.77 -33.27 7.46
N THR C 733 -26.23 -34.35 8.03
CA THR C 733 -27.02 -35.29 8.84
C THR C 733 -27.11 -34.71 10.22
N MET C 734 -28.31 -34.65 10.79
CA MET C 734 -28.54 -33.99 12.07
C MET C 734 -28.84 -34.91 13.24
N VAL C 735 -28.17 -34.71 14.37
CA VAL C 735 -28.45 -35.44 15.60
C VAL C 735 -28.57 -34.44 16.75
N ALA C 736 -29.60 -34.55 17.57
CA ALA C 736 -29.80 -33.68 18.71
C ALA C 736 -29.86 -34.52 19.98
N ALA C 737 -29.12 -34.16 21.01
CA ALA C 737 -29.10 -34.88 22.29
C ALA C 737 -29.53 -33.97 23.42
N SER C 738 -30.37 -34.47 24.31
CA SER C 738 -30.89 -33.68 25.42
C SER C 738 -31.45 -34.51 26.56
N ASN C 739 -31.63 -33.92 27.74
CA ASN C 739 -32.26 -34.57 28.89
C ASN C 739 -33.75 -34.22 29.03
N TYR C 740 -34.25 -33.33 28.17
CA TYR C 740 -35.63 -32.85 28.17
C TYR C 740 -36.22 -32.96 26.74
N ASN C 741 -37.49 -33.33 26.64
CA ASN C 741 -38.24 -33.39 25.41
C ASN C 741 -38.35 -31.98 24.83
N PHE C 742 -38.15 -31.83 23.53
CA PHE C 742 -38.37 -30.55 22.87
C PHE C 742 -39.86 -30.22 22.88
N ILE C 743 -40.23 -28.94 22.82
CA ILE C 743 -41.64 -28.56 22.73
C ILE C 743 -41.94 -28.30 21.26
N ILE C 744 -42.81 -29.11 20.66
CA ILE C 744 -43.21 -28.98 19.26
C ILE C 744 -44.65 -28.52 19.23
N ASP C 745 -44.89 -27.35 18.63
CA ASP C 745 -46.20 -26.71 18.65
C ASP C 745 -46.91 -26.78 17.29
N THR C 746 -46.54 -27.75 16.45
CA THR C 746 -47.17 -27.90 15.14
C THR C 746 -47.51 -29.37 14.91
N THR C 747 -48.51 -29.59 14.05
CA THR C 747 -48.98 -30.94 13.76
C THR C 747 -49.03 -31.25 12.28
N ASP C 748 -48.50 -30.37 11.43
CA ASP C 748 -48.54 -30.60 9.99
C ASP C 748 -47.65 -31.79 9.62
N HIS C 749 -48.06 -32.51 8.56
CA HIS C 749 -47.30 -33.66 8.11
C HIS C 749 -45.90 -33.27 7.64
N GLY C 750 -45.73 -32.02 7.20
CA GLY C 750 -44.41 -31.58 6.75
C GLY C 750 -43.38 -31.57 7.88
N THR C 751 -43.83 -31.46 9.12
CA THR C 751 -42.92 -31.45 10.25
C THR C 751 -42.59 -32.86 10.73
N TRP C 752 -43.63 -33.64 11.07
CA TRP C 752 -43.42 -34.92 11.71
C TRP C 752 -42.90 -36.00 10.77
N ARG C 753 -42.90 -35.76 9.46
CA ARG C 753 -42.30 -36.73 8.54
C ARG C 753 -40.78 -36.68 8.62
N ARG C 754 -40.22 -35.64 9.24
CA ARG C 754 -38.78 -35.47 9.30
C ARG C 754 -38.18 -35.88 10.63
N LEU C 755 -39.01 -36.04 11.67
CA LEU C 755 -38.50 -36.25 13.01
C LEU C 755 -38.49 -37.73 13.39
N ARG C 756 -37.46 -38.11 14.15
CA ARG C 756 -37.38 -39.41 14.78
C ARG C 756 -36.90 -39.24 16.21
N HIS C 757 -37.47 -40.02 17.12
CA HIS C 757 -37.18 -39.88 18.54
C HIS C 757 -36.78 -41.23 19.13
N TYR C 758 -35.72 -41.22 19.92
CA TYR C 758 -35.24 -42.41 20.61
C TYR C 758 -34.89 -42.04 22.05
N ARG C 759 -35.20 -42.94 22.98
CA ARG C 759 -34.93 -42.73 24.40
C ARG C 759 -33.87 -43.72 24.86
N SER C 760 -32.88 -43.22 25.59
CA SER C 760 -31.81 -44.07 26.08
C SER C 760 -32.29 -44.92 27.25
N LYS C 761 -31.96 -46.21 27.23
CA LYS C 761 -32.41 -47.16 28.28
C LYS C 761 -31.29 -47.38 29.31
N VAL C 762 -30.06 -47.60 28.86
CA VAL C 762 -28.98 -47.94 29.79
C VAL C 762 -28.45 -46.68 30.48
N LYS C 763 -27.87 -46.88 31.66
CA LYS C 763 -27.21 -45.82 32.41
C LYS C 763 -25.84 -46.31 32.88
N PHE C 764 -24.83 -45.47 32.74
CA PHE C 764 -23.45 -45.75 33.13
C PHE C 764 -23.13 -44.96 34.40
N CYS C 765 -22.73 -45.64 35.46
CA CYS C 765 -22.42 -45.02 36.74
C CYS C 765 -21.44 -45.85 37.57
N HIS C 766 -21.27 -45.47 38.84
CA HIS C 766 -20.48 -46.20 39.81
C HIS C 766 -21.42 -47.07 40.64
N ASN C 767 -20.97 -48.29 40.94
CA ASN C 767 -21.70 -49.28 41.72
C ASN C 767 -23.09 -49.54 41.14
N PRO C 768 -23.19 -50.09 39.91
CA PRO C 768 -24.48 -50.34 39.29
C PRO C 768 -25.27 -51.37 40.10
N ASP C 769 -26.59 -51.18 40.21
CA ASP C 769 -27.46 -52.10 40.90
C ASP C 769 -27.53 -53.42 40.13
N PRO C 770 -27.18 -54.55 40.77
CA PRO C 770 -27.29 -55.83 40.05
C PRO C 770 -28.71 -56.18 39.63
N ASN C 771 -29.73 -55.61 40.30
CA ASN C 771 -31.10 -55.88 39.92
C ASN C 771 -31.60 -55.11 38.73
N ASN C 772 -30.81 -54.16 38.22
CA ASN C 772 -31.20 -53.37 37.05
C ASN C 772 -30.38 -53.80 35.85
N SER C 773 -30.95 -54.53 34.89
CA SER C 773 -30.20 -54.88 33.69
C SER C 773 -29.75 -53.67 32.87
N TYR C 774 -30.48 -52.56 32.97
CA TYR C 774 -30.17 -51.35 32.21
C TYR C 774 -29.29 -50.39 33.00
N GLU C 775 -28.47 -50.89 33.92
CA GLU C 775 -27.51 -50.09 34.63
C GLU C 775 -26.14 -50.76 34.53
N LYS C 776 -25.10 -50.03 34.16
CA LYS C 776 -23.76 -50.55 33.90
C LYS C 776 -22.66 -49.74 34.59
N LYS C 777 -21.51 -50.38 34.79
CA LYS C 777 -20.31 -49.75 35.37
C LYS C 777 -19.68 -48.89 34.29
N GLU C 778 -19.40 -47.62 34.57
CA GLU C 778 -18.79 -46.76 33.56
C GLU C 778 -17.25 -46.91 33.53
N ASP C 779 -16.65 -46.65 32.37
CA ASP C 779 -15.21 -46.66 32.17
C ASP C 779 -14.83 -45.27 31.65
N PRO C 780 -14.23 -44.39 32.47
CA PRO C 780 -13.89 -43.03 32.07
C PRO C 780 -13.08 -42.94 30.80
N ARG C 781 -12.22 -43.93 30.55
CA ARG C 781 -11.33 -43.94 29.36
C ARG C 781 -12.17 -43.71 28.10
N PHE C 782 -13.39 -44.26 28.02
CA PHE C 782 -14.11 -44.09 26.77
C PHE C 782 -14.13 -42.65 26.28
N ILE C 783 -14.34 -41.67 27.16
CA ILE C 783 -14.30 -40.25 26.77
C ILE C 783 -12.92 -39.64 27.02
N HIS C 784 -12.19 -40.07 28.03
CA HIS C 784 -10.88 -39.49 28.33
C HIS C 784 -9.75 -39.96 27.42
N GLU C 785 -9.84 -41.15 26.83
CA GLU C 785 -8.79 -41.72 25.98
C GLU C 785 -9.27 -42.31 24.65
N TYR C 786 -10.30 -43.15 24.67
CA TYR C 786 -10.79 -43.86 23.49
C TYR C 786 -11.52 -43.00 22.46
N ILE C 787 -11.46 -41.68 22.58
CA ILE C 787 -12.02 -40.73 21.63
C ILE C 787 -10.89 -39.94 20.95
N MET C 788 -9.68 -39.99 21.50
CA MET C 788 -8.48 -39.31 21.00
C MET C 788 -7.45 -40.25 20.39
N ASP C 789 -7.53 -41.55 20.65
CA ASP C 789 -6.59 -42.50 20.08
C ASP C 789 -6.86 -42.64 18.58
N PRO C 790 -5.86 -42.47 17.73
CA PRO C 790 -6.10 -42.64 16.28
C PRO C 790 -6.58 -44.02 15.89
N ASN C 791 -6.15 -45.07 16.60
CA ASN C 791 -6.50 -46.43 16.21
C ASN C 791 -8.00 -46.67 16.33
N CYS C 792 -8.59 -46.31 17.46
CA CYS C 792 -10.03 -46.48 17.60
C CYS C 792 -10.80 -45.58 16.65
N GLN C 793 -10.27 -44.39 16.38
CA GLN C 793 -10.92 -43.49 15.42
C GLN C 793 -10.98 -44.12 14.04
N ASN C 794 -9.88 -44.69 13.56
CA ASN C 794 -9.92 -45.29 12.24
C ASN C 794 -10.70 -46.60 12.22
N ALA C 795 -10.72 -47.33 13.34
CA ALA C 795 -11.59 -48.49 13.42
C ALA C 795 -13.06 -48.09 13.30
N PHE C 796 -13.45 -47.01 13.99
CA PHE C 796 -14.83 -46.53 13.89
C PHE C 796 -15.14 -46.03 12.49
N PHE C 797 -14.16 -45.40 11.83
CA PHE C 797 -14.36 -44.98 10.45
C PHE C 797 -14.59 -46.19 9.54
N SER C 798 -13.83 -47.26 9.75
CA SER C 798 -14.04 -48.48 8.99
C SER C 798 -15.42 -49.06 9.24
N ILE C 799 -15.88 -49.02 10.48
CA ILE C 799 -17.23 -49.49 10.81
C ILE C 799 -18.27 -48.68 10.06
N LEU C 800 -18.09 -47.35 10.04
CA LEU C 800 -19.05 -46.48 9.34
C LEU C 800 -19.06 -46.79 7.85
N VAL C 801 -17.89 -47.00 7.25
CA VAL C 801 -17.84 -47.32 5.82
C VAL C 801 -18.53 -48.64 5.55
N TYR C 802 -18.30 -49.65 6.41
CA TYR C 802 -18.95 -50.94 6.22
C TYR C 802 -20.47 -50.80 6.32
N PHE C 803 -20.95 -50.02 7.29
CA PHE C 803 -22.39 -49.85 7.42
C PHE C 803 -22.98 -49.08 6.25
N TRP C 804 -22.25 -48.11 5.72
CA TRP C 804 -22.72 -47.41 4.52
C TRP C 804 -22.83 -48.37 3.34
N GLU C 805 -21.84 -49.24 3.16
CA GLU C 805 -21.91 -50.23 2.09
C GLU C 805 -23.08 -51.18 2.29
N LYS C 806 -23.32 -51.58 3.53
CA LYS C 806 -24.44 -52.46 3.87
C LYS C 806 -25.75 -51.77 3.54
N LEU C 807 -25.90 -50.49 3.86
CA LEU C 807 -27.11 -49.75 3.54
C LEU C 807 -27.30 -49.64 2.04
N GLN C 808 -26.23 -49.39 1.30
CA GLN C 808 -26.34 -49.30 -0.15
C GLN C 808 -26.77 -50.64 -0.77
N LYS C 809 -26.21 -51.74 -0.28
CA LYS C 809 -26.49 -53.04 -0.89
C LYS C 809 -27.78 -53.67 -0.39
N GLU C 810 -28.36 -53.22 0.71
CA GLU C 810 -29.58 -53.83 1.26
C GLU C 810 -30.86 -53.08 0.89
N TYR C 811 -30.84 -51.75 0.95
CA TYR C 811 -32.01 -50.92 0.70
C TYR C 811 -31.84 -49.90 -0.42
N ASN C 812 -30.86 -50.07 -1.29
CA ASN C 812 -30.56 -49.13 -2.36
C ASN C 812 -30.32 -47.73 -1.84
N GLY C 813 -29.83 -47.61 -0.60
CA GLY C 813 -29.48 -46.34 -0.02
C GLY C 813 -30.62 -45.59 0.63
N GLN C 814 -31.84 -46.12 0.61
CA GLN C 814 -32.99 -45.44 1.19
C GLN C 814 -33.07 -45.78 2.67
N ILE C 815 -32.83 -44.78 3.52
CA ILE C 815 -32.90 -45.00 4.97
C ILE C 815 -34.35 -45.23 5.40
N LYS C 816 -35.32 -44.73 4.64
CA LYS C 816 -36.72 -44.90 5.00
C LYS C 816 -37.15 -46.36 4.99
N LYS C 817 -36.52 -47.20 4.16
CA LYS C 817 -36.87 -48.62 4.02
C LYS C 817 -36.34 -49.51 5.15
N VAL C 818 -35.51 -48.99 6.05
CA VAL C 818 -35.01 -49.79 7.17
C VAL C 818 -36.16 -50.10 8.12
N PHE C 819 -36.31 -51.37 8.48
CA PHE C 819 -37.35 -51.84 9.38
C PHE C 819 -36.92 -51.64 10.85
N CYS C 820 -37.70 -50.92 11.65
CA CYS C 820 -37.35 -50.68 13.04
C CYS C 820 -38.60 -50.35 13.86
N PRO C 821 -39.22 -51.35 14.50
CA PRO C 821 -40.42 -51.06 15.30
C PRO C 821 -40.18 -50.11 16.45
N THR C 822 -39.00 -50.16 17.08
CA THR C 822 -38.77 -49.38 18.29
C THR C 822 -38.78 -47.88 17.99
N ILE C 823 -38.07 -47.46 16.95
CA ILE C 823 -38.02 -46.04 16.60
C ILE C 823 -39.40 -45.54 16.20
N GLU C 824 -40.12 -46.32 15.40
CA GLU C 824 -41.46 -45.92 14.97
C GLU C 824 -42.40 -45.77 16.16
N SER C 825 -42.38 -46.75 17.07
CA SER C 825 -43.26 -46.70 18.22
C SER C 825 -42.93 -45.52 19.14
N GLU C 826 -41.64 -45.28 19.39
CA GLU C 826 -41.27 -44.18 20.26
C GLU C 826 -41.59 -42.84 19.63
N THR C 827 -41.37 -42.70 18.33
CA THR C 827 -41.73 -41.45 17.65
C THR C 827 -43.24 -41.23 17.68
N GLU C 828 -44.02 -42.28 17.47
CA GLU C 828 -45.47 -42.16 17.53
C GLU C 828 -45.93 -41.76 18.93
N ALA C 829 -45.34 -42.35 19.96
CA ALA C 829 -45.68 -41.98 21.33
C ALA C 829 -45.33 -40.52 21.62
N TYR C 830 -44.16 -40.09 21.15
CA TYR C 830 -43.75 -38.70 21.35
C TYR C 830 -44.72 -37.73 20.65
N ARG C 831 -45.09 -38.05 19.41
CA ARG C 831 -46.03 -37.19 18.69
C ARG C 831 -47.39 -37.15 19.37
N LYS C 832 -47.86 -38.31 19.84
CA LYS C 832 -49.15 -38.36 20.53
C LYS C 832 -49.11 -37.56 21.83
N SER C 833 -47.99 -37.62 22.56
CA SER C 833 -47.85 -36.81 23.76
C SER C 833 -47.82 -35.33 23.44
N GLN C 834 -47.21 -34.95 22.31
CA GLN C 834 -47.15 -33.55 21.92
C GLN C 834 -48.47 -33.01 21.40
N ASP C 835 -49.46 -33.88 21.15
CA ASP C 835 -50.75 -33.45 20.61
C ASP C 835 -51.61 -32.94 21.76
N THR C 836 -51.57 -31.62 21.98
CA THR C 836 -52.34 -31.03 23.07
C THR C 836 -53.84 -31.09 22.79
N LEU C 837 -54.25 -30.85 21.54
CA LEU C 837 -55.67 -30.80 21.22
C LEU C 837 -56.34 -32.16 21.45
N HIS C 838 -55.68 -33.25 21.05
CA HIS C 838 -56.25 -34.57 21.26
C HIS C 838 -56.39 -34.88 22.74
N ARG C 839 -55.39 -34.51 23.53
CA ARG C 839 -55.48 -34.72 24.98
C ARG C 839 -56.62 -33.92 25.59
N PHE C 840 -56.79 -32.67 25.17
CA PHE C 840 -57.90 -31.87 25.66
C PHE C 840 -59.24 -32.48 25.28
N ILE C 841 -59.36 -32.96 24.03
CA ILE C 841 -60.61 -33.56 23.57
C ILE C 841 -60.92 -34.80 24.38
N THR C 842 -59.91 -35.65 24.62
CA THR C 842 -60.14 -36.86 25.39
C THR C 842 -60.53 -36.54 26.84
N GLU C 843 -59.90 -35.52 27.42
CA GLU C 843 -60.16 -35.20 28.82
C GLU C 843 -61.50 -34.52 29.03
N ARG C 844 -61.88 -33.60 28.14
CA ARG C 844 -63.00 -32.71 28.40
C ARG C 844 -64.21 -32.94 27.50
N VAL C 845 -64.02 -33.40 26.26
CA VAL C 845 -65.10 -33.52 25.29
C VAL C 845 -65.54 -34.99 25.23
N VAL C 846 -66.78 -35.25 25.63
CA VAL C 846 -67.35 -36.59 25.59
C VAL C 846 -68.74 -36.51 24.96
N GLU C 847 -69.18 -37.62 24.39
CA GLU C 847 -70.48 -37.67 23.76
C GLU C 847 -71.59 -37.67 24.80
N SER C 848 -72.74 -37.12 24.42
CA SER C 848 -73.92 -37.08 25.29
C SER C 848 -75.17 -37.03 24.43
N PRO C 849 -75.60 -38.17 23.90
CA PRO C 849 -76.84 -38.17 23.08
C PRO C 849 -78.08 -37.74 23.83
N SER C 850 -78.13 -37.93 25.15
CA SER C 850 -79.32 -37.55 25.92
C SER C 850 -79.48 -36.03 26.01
N ALA C 851 -78.38 -35.28 25.87
CA ALA C 851 -78.43 -33.81 25.90
C ALA C 851 -77.45 -33.32 24.82
N GLU C 852 -78.00 -32.97 23.66
CA GLU C 852 -77.15 -32.50 22.55
C GLU C 852 -76.39 -31.25 22.93
N THR C 853 -77.09 -30.24 23.46
CA THR C 853 -76.48 -29.01 23.98
C THR C 853 -75.48 -28.42 22.99
N VAL C 854 -76.00 -27.96 21.84
CA VAL C 854 -75.20 -27.42 20.74
C VAL C 854 -74.29 -26.28 21.19
N TYR C 855 -72.98 -26.42 20.93
CA TYR C 855 -71.97 -25.41 21.23
C TYR C 855 -71.38 -24.85 19.94
N ASN C 856 -71.10 -23.56 19.89
CA ASN C 856 -70.43 -22.96 18.75
C ASN C 856 -68.96 -23.37 18.76
N LEU C 857 -68.29 -23.26 17.61
CA LEU C 857 -66.87 -23.61 17.53
C LEU C 857 -66.03 -22.74 18.47
N SER C 858 -66.36 -21.46 18.58
CA SER C 858 -65.67 -20.52 19.47
C SER C 858 -65.77 -20.92 20.95
N GLU C 859 -66.86 -21.57 21.37
CA GLU C 859 -66.96 -22.06 22.73
C GLU C 859 -65.96 -23.19 22.98
N VAL C 860 -65.83 -24.10 22.01
CA VAL C 860 -64.86 -25.19 22.14
C VAL C 860 -63.44 -24.64 22.16
N VAL C 861 -63.17 -23.63 21.34
CA VAL C 861 -61.84 -23.01 21.32
C VAL C 861 -61.52 -22.38 22.67
N THR C 862 -62.49 -21.66 23.25
CA THR C 862 -62.28 -21.05 24.55
C THR C 862 -62.08 -22.11 25.64
N ALA C 863 -62.84 -23.20 25.55
CA ALA C 863 -62.64 -24.30 26.50
C ALA C 863 -61.24 -24.88 26.38
N TYR C 864 -60.76 -25.06 25.15
CA TYR C 864 -59.39 -25.55 24.97
C TYR C 864 -58.38 -24.57 25.54
N ALA C 865 -58.61 -23.26 25.33
CA ALA C 865 -57.67 -22.26 25.82
C ALA C 865 -57.59 -22.28 27.33
N GLU C 866 -58.74 -22.33 28.01
CA GLU C 866 -58.73 -22.36 29.47
C GLU C 866 -58.15 -23.67 29.99
N TRP C 867 -58.43 -24.79 29.30
CA TRP C 867 -57.85 -26.06 29.69
C TRP C 867 -56.34 -26.03 29.57
N TYR C 868 -55.81 -25.46 28.50
CA TYR C 868 -54.37 -25.34 28.34
C TYR C 868 -53.78 -24.43 29.40
N ASN C 869 -54.45 -23.32 29.72
CA ASN C 869 -53.95 -22.41 30.73
C ASN C 869 -53.92 -23.04 32.11
N ALA C 870 -54.93 -23.85 32.44
CA ALA C 870 -55.02 -24.42 33.79
C ALA C 870 -54.25 -25.73 33.94
N ASN C 871 -54.07 -26.49 32.86
CA ASN C 871 -53.50 -27.82 32.94
C ASN C 871 -52.13 -27.96 32.30
N ILE C 872 -51.71 -27.02 31.45
CA ILE C 872 -50.44 -27.15 30.77
C ILE C 872 -49.56 -25.94 31.07
N ASN C 873 -49.98 -24.76 30.63
CA ASN C 873 -49.19 -23.55 30.77
C ASN C 873 -50.05 -22.35 30.39
N VAL C 874 -49.79 -21.22 31.05
CA VAL C 874 -50.44 -19.97 30.69
C VAL C 874 -49.88 -19.52 29.34
N LYS C 875 -50.66 -19.69 28.28
CA LYS C 875 -50.18 -19.45 26.93
C LYS C 875 -51.25 -18.67 26.16
N ARG C 876 -50.79 -17.92 25.16
CA ARG C 876 -51.68 -17.20 24.26
C ARG C 876 -51.84 -18.00 22.98
N HIS C 877 -53.09 -18.35 22.65
CA HIS C 877 -53.40 -19.18 21.51
C HIS C 877 -54.24 -18.38 20.51
N ILE C 878 -53.91 -18.53 19.22
CA ILE C 878 -54.72 -17.97 18.16
C ILE C 878 -55.92 -18.89 17.95
N ALA C 879 -57.12 -18.32 18.04
CA ALA C 879 -58.33 -19.15 18.00
C ALA C 879 -58.58 -19.71 16.61
N LEU C 880 -58.15 -19.02 15.56
CA LEU C 880 -58.36 -19.53 14.22
C LEU C 880 -57.60 -20.83 13.97
N GLU C 881 -56.33 -20.87 14.41
CA GLU C 881 -55.55 -22.09 14.27
C GLU C 881 -56.22 -23.25 14.98
N LEU C 882 -56.72 -23.00 16.19
CA LEU C 882 -57.48 -24.02 16.90
C LEU C 882 -58.75 -24.39 16.13
N SER C 883 -59.32 -23.44 15.39
CA SER C 883 -60.50 -23.74 14.58
C SER C 883 -60.17 -24.77 13.49
N GLN C 884 -59.10 -24.53 12.72
CA GLN C 884 -58.76 -25.54 11.72
C GLN C 884 -58.33 -26.86 12.37
N GLU C 885 -57.61 -26.79 13.50
CA GLU C 885 -57.19 -28.03 14.16
C GLU C 885 -58.38 -28.84 14.64
N LEU C 886 -59.40 -28.18 15.20
CA LEU C 886 -60.61 -28.88 15.60
C LEU C 886 -61.35 -29.43 14.39
N GLU C 887 -61.39 -28.67 13.28
CA GLU C 887 -62.01 -29.16 12.05
C GLU C 887 -61.29 -30.40 11.54
N ASN C 888 -59.98 -30.52 11.80
CA ASN C 888 -59.22 -31.71 11.42
C ASN C 888 -59.14 -32.74 12.55
N SER C 889 -59.79 -32.48 13.68
CA SER C 889 -59.70 -33.38 14.83
C SER C 889 -60.74 -34.50 14.71
N VAL C 890 -60.81 -35.32 15.75
CA VAL C 890 -61.76 -36.43 15.79
C VAL C 890 -63.19 -35.96 16.03
N LEU C 891 -63.39 -34.69 16.36
CA LEU C 891 -64.71 -34.14 16.59
C LEU C 891 -65.39 -33.66 15.31
N GLU C 892 -64.79 -33.90 14.15
CA GLU C 892 -65.36 -33.48 12.87
C GLU C 892 -66.73 -34.14 12.64
N LYS C 893 -66.90 -35.42 13.03
CA LYS C 893 -68.18 -36.09 12.87
C LYS C 893 -69.27 -35.44 13.72
N TYR C 894 -68.92 -34.91 14.90
CA TYR C 894 -69.84 -34.19 15.78
C TYR C 894 -69.92 -32.69 15.45
N LEU C 895 -69.02 -32.16 14.62
CA LEU C 895 -68.96 -30.75 14.23
C LEU C 895 -69.92 -30.52 13.04
N GLN C 896 -71.21 -30.46 13.34
CA GLN C 896 -72.28 -30.28 12.37
C GLN C 896 -72.42 -28.83 11.89
N TRP C 897 -73.42 -28.58 11.05
CA TRP C 897 -73.72 -27.26 10.47
C TRP C 897 -75.02 -26.70 11.06
N SER C 898 -74.96 -25.43 11.47
CA SER C 898 -76.09 -24.70 12.05
C SER C 898 -76.75 -23.72 11.06
N PRO C 899 -77.97 -23.20 11.36
CA PRO C 899 -78.63 -22.20 10.53
C PRO C 899 -77.82 -20.89 10.42
N ASN C 900 -76.87 -20.68 11.36
CA ASN C 900 -75.97 -19.52 11.42
C ASN C 900 -74.89 -19.56 10.31
N LYS C 901 -74.80 -20.67 9.55
CA LYS C 901 -73.79 -20.95 8.52
C LYS C 901 -72.37 -21.15 9.10
N THR C 902 -72.30 -21.51 10.38
CA THR C 902 -71.08 -21.78 11.17
C THR C 902 -71.05 -23.22 11.71
N ARG C 903 -69.82 -23.68 11.95
CA ARG C 903 -69.64 -25.06 12.47
C ARG C 903 -70.03 -25.10 13.94
N ILE C 904 -70.70 -26.17 14.35
CA ILE C 904 -71.18 -26.36 15.73
C ILE C 904 -70.92 -27.76 16.27
N LEU C 905 -70.48 -27.88 17.52
CA LEU C 905 -70.30 -29.19 18.16
C LEU C 905 -71.71 -29.62 18.59
N LYS C 906 -72.13 -30.82 18.17
CA LYS C 906 -73.47 -31.38 18.44
C LYS C 906 -73.37 -32.80 18.99
N GLY C 907 -74.30 -33.15 19.89
CA GLY C 907 -74.35 -34.48 20.46
C GLY C 907 -73.29 -34.78 21.49
N CYS C 908 -72.61 -33.75 21.99
CA CYS C 908 -71.53 -33.92 22.95
C CYS C 908 -71.66 -32.88 24.04
N ARG C 909 -70.99 -33.12 25.17
CA ARG C 909 -70.97 -32.21 26.30
C ARG C 909 -69.53 -31.90 26.66
N ILE C 910 -69.23 -30.62 26.84
CA ILE C 910 -67.91 -30.17 27.24
C ILE C 910 -67.85 -30.22 28.77
N LEU C 911 -67.11 -31.19 29.30
CA LEU C 911 -66.98 -31.35 30.74
C LEU C 911 -66.12 -30.24 31.32
N HIS C 912 -66.55 -29.71 32.46
CA HIS C 912 -65.76 -28.70 33.17
C HIS C 912 -64.67 -29.40 33.99
N LYS C 913 -64.00 -28.63 34.86
CA LYS C 913 -62.94 -29.21 35.68
C LYS C 913 -63.47 -30.27 36.62
N PHE C 914 -64.64 -30.03 37.23
CA PHE C 914 -65.20 -30.95 38.20
C PHE C 914 -66.14 -31.99 37.60
N GLU C 915 -66.46 -31.88 36.31
CA GLU C 915 -67.35 -32.84 35.67
C GLU C 915 -66.60 -34.11 35.29
N THR C 916 -67.32 -35.23 35.33
CA THR C 916 -66.76 -36.53 34.98
C THR C 916 -67.73 -37.25 34.06
N LEU C 917 -67.34 -38.45 33.64
CA LEU C 917 -68.20 -39.27 32.80
C LEU C 917 -69.49 -39.63 33.53
N GLN C 918 -70.61 -39.46 32.85
CA GLN C 918 -71.92 -39.82 33.38
C GLN C 918 -72.75 -40.46 32.27
N PRO C 919 -73.67 -41.36 32.62
CA PRO C 919 -74.52 -41.97 31.60
C PRO C 919 -75.37 -40.94 30.88
N GLY C 920 -75.61 -41.20 29.60
CA GLY C 920 -76.40 -40.29 28.78
C GLY C 920 -75.64 -39.73 27.60
N ILE C 937 -37.52 -58.59 20.67
CA ILE C 937 -36.26 -58.11 20.09
C ILE C 937 -35.51 -59.28 19.47
N CYS C 938 -34.87 -59.05 18.32
CA CYS C 938 -34.14 -60.07 17.59
C CYS C 938 -32.93 -60.61 18.39
N GLU C 939 -32.34 -61.70 17.92
CA GLU C 939 -31.26 -62.38 18.67
C GLU C 939 -29.85 -62.14 18.09
N PRO C 940 -28.98 -61.39 18.80
CA PRO C 940 -27.59 -61.18 18.40
C PRO C 940 -26.78 -62.38 18.90
N LYS C 941 -26.72 -63.47 18.13
CA LYS C 941 -26.04 -64.72 18.51
C LYS C 941 -24.55 -64.49 18.77
N ASN C 942 -23.84 -64.12 17.71
CA ASN C 942 -22.42 -63.83 17.73
C ASN C 942 -22.06 -62.51 17.06
N LYS C 943 -22.55 -62.17 15.87
CA LYS C 943 -22.19 -60.98 15.07
C LYS C 943 -23.43 -60.21 14.66
N TRP C 944 -23.84 -59.26 15.48
CA TRP C 944 -25.06 -58.51 15.22
C TRP C 944 -24.93 -57.60 13.99
N TRP C 945 -23.74 -57.15 13.63
CA TRP C 945 -23.56 -56.29 12.45
C TRP C 945 -23.82 -57.04 11.14
N GLU C 946 -23.73 -58.37 11.11
CA GLU C 946 -24.03 -59.16 9.90
C GLU C 946 -25.50 -59.58 9.85
N TRP C 947 -26.31 -59.21 10.84
CA TRP C 947 -27.72 -59.57 10.92
C TRP C 947 -28.55 -58.86 9.87
N SER C 948 -29.09 -59.62 8.93
CA SER C 948 -29.99 -59.12 7.89
C SER C 948 -30.77 -60.29 7.27
N PRO C 949 -31.57 -61.02 8.06
CA PRO C 949 -32.36 -62.14 7.57
C PRO C 949 -33.42 -61.64 6.56
N ASN C 950 -34.01 -62.53 5.76
CA ASN C 950 -35.01 -62.18 4.75
C ASN C 950 -36.13 -61.23 5.25
N PRO C 951 -36.66 -61.36 6.49
CA PRO C 951 -37.69 -60.45 7.00
C PRO C 951 -37.21 -59.02 7.31
N SER C 952 -35.90 -58.80 7.47
CA SER C 952 -35.31 -57.49 7.78
C SER C 952 -35.39 -56.54 6.58
N HIS D 11 39.63 -30.05 2.10
CA HIS D 11 40.71 -29.20 1.64
C HIS D 11 40.76 -29.12 0.12
N ASP D 12 40.85 -30.29 -0.52
CA ASP D 12 41.09 -30.33 -1.96
C ASP D 12 39.91 -29.76 -2.75
N THR D 13 38.70 -29.81 -2.19
CA THR D 13 37.51 -29.47 -2.98
C THR D 13 37.57 -28.06 -3.54
N ILE D 14 38.07 -27.11 -2.76
CA ILE D 14 38.19 -25.74 -3.25
C ILE D 14 39.15 -25.69 -4.44
N GLN D 15 40.27 -26.39 -4.35
CA GLN D 15 41.25 -26.38 -5.43
C GLN D 15 40.69 -27.04 -6.69
N LEU D 16 39.98 -28.17 -6.53
CA LEU D 16 39.36 -28.80 -7.69
C LEU D 16 38.31 -27.90 -8.33
N THR D 17 37.50 -27.22 -7.52
CA THR D 17 36.51 -26.30 -8.08
C THR D 17 37.19 -25.16 -8.84
N ALA D 18 38.25 -24.59 -8.25
CA ALA D 18 38.96 -23.51 -8.89
C ALA D 18 39.56 -23.96 -10.22
N GLN D 19 40.26 -25.08 -10.24
CA GLN D 19 40.89 -25.61 -11.45
C GLN D 19 39.84 -25.99 -12.48
N ARG D 20 38.66 -26.46 -12.05
CA ARG D 20 37.55 -26.66 -12.96
C ARG D 20 37.13 -25.34 -13.61
N LYS D 21 37.15 -24.26 -12.83
CA LYS D 21 36.67 -22.98 -13.34
C LYS D 21 37.66 -22.32 -14.30
N TYR D 22 38.94 -22.24 -13.92
CA TYR D 22 39.88 -21.43 -14.69
C TYR D 22 40.76 -22.23 -15.65
N LEU D 23 40.59 -23.56 -15.81
CA LEU D 23 41.36 -24.37 -16.78
C LEU D 23 40.42 -24.98 -17.84
N ALA D 24 40.64 -24.67 -19.12
CA ALA D 24 39.79 -25.18 -20.19
C ALA D 24 40.05 -26.67 -20.46
N GLU D 25 41.28 -27.14 -20.24
CA GLU D 25 41.68 -28.53 -20.43
C GLU D 25 40.89 -29.45 -19.48
N VAL D 26 40.74 -29.04 -18.22
CA VAL D 26 39.98 -29.80 -17.22
C VAL D 26 38.50 -29.82 -17.60
N GLN D 27 37.94 -28.71 -18.08
CA GLN D 27 36.55 -28.68 -18.55
C GLN D 27 36.36 -29.64 -19.73
N ALA D 28 37.28 -29.65 -20.69
CA ALA D 28 37.19 -30.55 -21.84
C ALA D 28 37.32 -32.03 -21.40
N LEU D 29 38.20 -32.32 -20.45
CA LEU D 29 38.36 -33.68 -19.93
C LEU D 29 37.07 -34.13 -19.23
N GLU D 30 36.44 -33.28 -18.42
CA GLU D 30 35.18 -33.66 -17.78
C GLU D 30 34.05 -33.80 -18.80
N THR D 31 34.06 -32.96 -19.85
CA THR D 31 33.09 -33.11 -20.93
C THR D 31 33.25 -34.45 -21.62
N LEU D 32 34.49 -34.90 -21.88
CA LEU D 32 34.76 -36.22 -22.45
C LEU D 32 34.26 -37.31 -21.50
N LEU D 33 34.57 -37.18 -20.20
CA LEU D 33 34.20 -38.17 -19.20
C LEU D 33 32.69 -38.31 -19.02
N ALA D 34 31.92 -37.23 -19.14
CA ALA D 34 30.48 -37.27 -18.85
C ALA D 34 29.64 -37.30 -20.13
N ARG D 35 29.79 -36.29 -20.98
CA ARG D 35 28.95 -36.19 -22.18
C ARG D 35 29.25 -37.33 -23.16
N GLU D 36 30.53 -37.66 -23.37
CA GLU D 36 30.93 -38.65 -24.38
C GLU D 36 31.07 -40.08 -23.86
N LEU D 37 31.72 -40.26 -22.71
CA LEU D 37 31.99 -41.59 -22.14
C LEU D 37 30.87 -42.12 -21.24
N SER D 38 29.69 -41.49 -21.17
CA SER D 38 28.61 -41.99 -20.33
C SER D 38 28.14 -43.37 -20.76
N VAL D 39 28.21 -43.67 -22.06
CA VAL D 39 27.75 -44.95 -22.58
C VAL D 39 28.65 -46.11 -22.17
N PHE D 40 29.86 -45.85 -21.65
CA PHE D 40 30.82 -46.87 -21.24
C PHE D 40 30.78 -47.11 -19.72
N LEU D 41 29.73 -46.61 -19.02
CA LEU D 41 29.62 -46.83 -17.59
C LEU D 41 29.40 -48.30 -17.27
N THR D 42 29.92 -48.73 -16.12
CA THR D 42 29.81 -50.11 -15.68
C THR D 42 29.23 -50.16 -14.27
N GLU D 43 28.61 -51.28 -13.95
CA GLU D 43 28.04 -51.46 -12.62
C GLU D 43 29.16 -51.61 -11.59
N PRO D 44 28.91 -51.20 -10.34
CA PRO D 44 29.93 -51.36 -9.30
C PRO D 44 30.31 -52.82 -9.10
N GLY D 45 31.61 -53.07 -8.99
CA GLY D 45 32.11 -54.42 -8.79
C GLY D 45 32.13 -55.30 -10.02
N SER D 46 31.77 -54.76 -11.18
CA SER D 46 31.76 -55.56 -12.41
C SER D 46 33.18 -55.83 -12.89
N LYS D 47 33.36 -56.98 -13.54
CA LYS D 47 34.66 -57.34 -14.08
C LYS D 47 35.05 -56.48 -15.28
N LYS D 48 34.09 -55.80 -15.91
CA LYS D 48 34.39 -54.91 -17.03
C LYS D 48 35.17 -53.68 -16.57
N THR D 49 35.21 -53.41 -15.27
CA THR D 49 35.85 -52.21 -14.75
C THR D 49 37.35 -52.19 -15.00
N ASN D 50 37.82 -51.22 -15.78
CA ASN D 50 39.29 -51.08 -16.03
C ASN D 50 39.72 -49.67 -15.66
N ILE D 51 38.84 -48.70 -15.81
CA ILE D 51 39.11 -47.28 -15.51
C ILE D 51 38.23 -46.86 -14.35
N ILE D 52 38.83 -46.27 -13.30
CA ILE D 52 38.12 -45.89 -12.08
C ILE D 52 38.45 -44.45 -11.74
N ASN D 53 37.40 -43.68 -11.41
CA ASN D 53 37.58 -42.28 -10.94
C ASN D 53 36.83 -42.16 -9.61
N ARG D 54 37.55 -42.19 -8.49
CA ARG D 54 36.94 -42.15 -7.17
C ARG D 54 36.37 -40.78 -6.81
N ILE D 55 36.69 -39.75 -7.60
CA ILE D 55 36.13 -38.42 -7.33
C ILE D 55 34.61 -38.44 -7.44
N THR D 56 34.11 -39.04 -8.52
CA THR D 56 32.67 -39.19 -8.70
C THR D 56 32.18 -40.61 -8.44
N GLY D 57 33.09 -41.56 -8.22
CA GLY D 57 32.71 -42.92 -7.92
C GLY D 57 32.28 -43.76 -9.11
N LYS D 58 32.43 -43.25 -10.32
CA LYS D 58 32.00 -43.97 -11.52
C LYS D 58 33.11 -44.89 -12.02
N THR D 59 32.70 -46.01 -12.61
CA THR D 59 33.60 -46.97 -13.22
C THR D 59 33.26 -47.10 -14.70
N TYR D 60 34.29 -47.35 -15.51
CA TYR D 60 34.14 -47.38 -16.95
C TYR D 60 34.87 -48.59 -17.52
N ALA D 61 34.43 -49.00 -18.72
CA ALA D 61 35.08 -50.05 -19.51
C ALA D 61 35.45 -49.41 -20.85
N LEU D 62 36.64 -48.80 -20.89
CA LEU D 62 37.09 -48.07 -22.08
C LEU D 62 37.91 -48.98 -23.02
N PRO D 63 37.50 -49.14 -24.30
CA PRO D 63 38.27 -49.91 -25.28
C PRO D 63 39.54 -49.12 -25.67
N SER D 64 40.35 -49.63 -26.59
CA SER D 64 41.62 -49.02 -26.99
C SER D 64 41.49 -47.58 -27.52
N THR D 65 40.50 -47.29 -28.37
CA THR D 65 40.29 -45.93 -28.92
C THR D 65 39.91 -44.94 -27.82
N GLU D 66 38.93 -45.29 -26.99
CA GLU D 66 38.48 -44.41 -25.91
C GLU D 66 39.57 -44.22 -24.86
N LEU D 67 40.34 -45.28 -24.58
CA LEU D 67 41.45 -45.23 -23.64
C LEU D 67 42.53 -44.25 -24.15
N LEU D 68 42.83 -44.27 -25.44
CA LEU D 68 43.80 -43.34 -26.03
C LEU D 68 43.26 -41.89 -25.98
N ARG D 69 42.01 -41.65 -26.36
CA ARG D 69 41.52 -40.24 -26.22
C ARG D 69 41.64 -39.82 -24.75
N PHE D 70 41.11 -40.64 -23.84
CA PHE D 70 41.12 -40.36 -22.41
C PHE D 70 42.56 -40.05 -21.95
N TYR D 71 43.55 -40.85 -22.37
CA TYR D 71 44.96 -40.63 -22.05
C TYR D 71 45.47 -39.32 -22.64
N GLU D 72 45.08 -38.96 -23.86
CA GLU D 72 45.48 -37.69 -24.47
C GLU D 72 44.93 -36.51 -23.64
N HIS D 73 43.66 -36.54 -23.25
CA HIS D 73 43.03 -35.50 -22.44
C HIS D 73 43.63 -35.43 -21.03
N LEU D 74 43.94 -36.58 -20.41
CA LEU D 74 44.56 -36.60 -19.09
C LEU D 74 45.94 -35.94 -19.19
N GLU D 75 46.71 -36.28 -20.22
CA GLU D 75 48.04 -35.73 -20.42
C GLU D 75 47.97 -34.20 -20.60
N GLN D 76 46.92 -33.66 -21.23
CA GLN D 76 46.76 -32.20 -21.38
C GLN D 76 46.55 -31.53 -20.00
N CYS D 77 45.77 -32.15 -19.10
CA CYS D 77 45.56 -31.62 -17.76
C CYS D 77 46.85 -31.77 -16.93
N ARG D 78 47.52 -32.92 -17.05
CA ARG D 78 48.78 -33.15 -16.32
C ARG D 78 49.82 -32.10 -16.70
N LYS D 79 49.92 -31.77 -18.00
CA LYS D 79 50.90 -30.79 -18.51
C LYS D 79 50.84 -29.46 -17.74
N GLN D 80 49.68 -29.10 -17.21
CA GLN D 80 49.47 -27.88 -16.39
C GLN D 80 49.66 -28.13 -14.89
N GLY D 81 49.97 -29.36 -14.48
CA GLY D 81 50.15 -29.74 -13.07
C GLY D 81 48.82 -29.78 -12.30
N ALA D 82 47.68 -29.96 -12.98
CA ALA D 82 46.37 -29.99 -12.35
C ALA D 82 46.15 -31.24 -11.48
N LEU D 83 45.46 -31.08 -10.35
CA LEU D 83 45.14 -32.17 -9.43
C LEU D 83 44.00 -33.01 -10.03
N MET D 84 44.18 -34.32 -10.11
CA MET D 84 43.21 -35.24 -10.69
C MET D 84 43.37 -36.64 -10.05
N TYR D 85 42.37 -37.51 -10.17
CA TYR D 85 42.48 -38.88 -9.63
C TYR D 85 41.77 -39.86 -10.55
N PHE D 86 42.60 -40.59 -11.32
CA PHE D 86 42.10 -41.65 -12.22
C PHE D 86 42.88 -42.93 -11.93
N LEU D 87 42.21 -44.08 -11.87
CA LEU D 87 42.82 -45.37 -11.59
C LEU D 87 42.55 -46.33 -12.73
N GLU D 88 43.51 -47.19 -13.04
CA GLU D 88 43.35 -48.27 -13.99
C GLU D 88 43.46 -49.56 -13.15
N ARG D 89 42.54 -50.50 -13.34
CA ARG D 89 42.50 -51.72 -12.55
C ARG D 89 43.54 -52.72 -13.02
N GLN D 90 44.18 -53.38 -12.07
CA GLN D 90 45.11 -54.45 -12.38
C GLN D 90 44.33 -55.68 -12.81
N GLY D 91 44.45 -56.05 -14.08
CA GLY D 91 43.66 -57.12 -14.64
C GLY D 91 44.17 -58.49 -14.24
N THR D 92 43.48 -59.51 -14.77
CA THR D 92 43.88 -60.89 -14.50
C THR D 92 45.28 -61.17 -15.04
N TYR D 93 45.59 -60.68 -16.23
CA TYR D 93 46.87 -60.93 -16.89
C TYR D 93 47.37 -59.58 -17.41
N SER D 94 48.11 -58.87 -16.57
CA SER D 94 48.54 -57.51 -16.88
C SER D 94 49.93 -57.28 -16.30
N GLY D 95 50.39 -56.03 -16.41
CA GLY D 95 51.75 -55.71 -16.02
C GLY D 95 51.96 -55.79 -14.52
N LEU D 96 53.21 -56.00 -14.13
CA LEU D 96 53.61 -56.11 -12.73
C LEU D 96 53.96 -54.75 -12.16
N MET D 97 53.66 -54.57 -10.87
CA MET D 97 54.03 -53.36 -10.15
C MET D 97 54.46 -53.74 -8.73
N LEU D 98 55.43 -53.00 -8.21
CA LEU D 98 55.88 -53.15 -6.83
C LEU D 98 55.67 -51.84 -6.09
N ASP D 99 55.11 -51.93 -4.89
CA ASP D 99 54.83 -50.77 -4.05
C ASP D 99 55.80 -50.77 -2.88
N TYR D 100 56.49 -49.65 -2.68
CA TYR D 100 57.48 -49.51 -1.63
C TYR D 100 57.08 -48.39 -0.68
N ASP D 101 57.20 -48.65 0.62
CA ASP D 101 57.03 -47.64 1.66
C ASP D 101 58.21 -47.78 2.61
N LEU D 102 59.12 -46.80 2.57
CA LEU D 102 60.45 -46.94 3.15
C LEU D 102 60.55 -46.14 4.43
N LYS D 103 61.06 -46.78 5.49
CA LYS D 103 61.48 -46.08 6.68
C LYS D 103 62.99 -45.88 6.62
N LEU D 104 63.42 -44.64 6.87
CA LEU D 104 64.80 -44.23 6.63
C LEU D 104 65.50 -43.95 7.95
N ASN D 105 66.78 -44.33 8.00
CA ASN D 105 67.60 -44.05 9.18
C ASN D 105 67.90 -42.55 9.32
N THR D 106 67.85 -41.80 8.22
CA THR D 106 68.08 -40.37 8.23
C THR D 106 66.99 -39.66 7.45
N ASN D 107 66.83 -38.36 7.71
CA ASN D 107 65.82 -37.59 7.02
C ASN D 107 66.15 -37.31 5.56
N ALA D 108 67.37 -37.63 5.13
CA ALA D 108 67.77 -37.37 3.76
C ALA D 108 67.05 -38.29 2.78
N ALA D 109 66.78 -37.77 1.59
CA ALA D 109 66.13 -38.56 0.53
C ALA D 109 67.07 -39.68 0.11
N PRO D 110 66.59 -40.91 -0.05
CA PRO D 110 67.47 -41.99 -0.48
C PRO D 110 68.03 -41.71 -1.87
N SER D 111 69.24 -42.17 -2.16
CA SER D 111 69.85 -41.84 -3.46
C SER D 111 69.11 -42.44 -4.65
N LEU D 112 68.86 -43.74 -4.63
CA LEU D 112 68.25 -44.45 -5.75
C LEU D 112 69.02 -44.17 -7.04
N GLU D 113 70.33 -44.37 -6.97
CA GLU D 113 71.20 -44.09 -8.09
C GLU D 113 70.86 -45.01 -9.27
N SER D 114 70.99 -44.52 -10.50
CA SER D 114 70.62 -45.34 -11.67
C SER D 114 71.36 -46.67 -11.71
N SER D 115 72.63 -46.74 -11.30
CA SER D 115 73.22 -48.08 -11.09
C SER D 115 72.49 -48.92 -10.08
N VAL D 116 72.05 -48.32 -8.96
CA VAL D 116 71.30 -49.09 -7.96
C VAL D 116 69.94 -49.51 -8.50
N LEU D 117 69.28 -48.63 -9.24
CA LEU D 117 68.01 -49.00 -9.88
C LEU D 117 68.21 -50.13 -10.87
N SER D 118 69.29 -50.09 -11.64
CA SER D 118 69.58 -51.16 -12.59
C SER D 118 69.85 -52.47 -11.85
N ARG D 119 70.57 -52.42 -10.74
CA ARG D 119 70.80 -53.63 -9.96
C ARG D 119 69.50 -54.20 -9.40
N LEU D 120 68.63 -53.34 -8.89
CA LEU D 120 67.34 -53.80 -8.39
C LEU D 120 66.49 -54.39 -9.50
N CYS D 121 66.50 -53.77 -10.68
CA CYS D 121 65.77 -54.30 -11.82
C CYS D 121 66.34 -55.65 -12.26
N HIS D 122 67.66 -55.80 -12.22
CA HIS D 122 68.28 -57.07 -12.55
C HIS D 122 67.85 -58.16 -11.58
N ARG D 123 67.82 -57.85 -10.28
CA ARG D 123 67.37 -58.83 -9.30
C ARG D 123 65.90 -59.19 -9.52
N ILE D 124 65.08 -58.18 -9.82
CA ILE D 124 63.66 -58.43 -10.08
C ILE D 124 63.49 -59.33 -11.29
N PHE D 125 64.24 -59.06 -12.37
CA PHE D 125 64.14 -59.88 -13.57
C PHE D 125 64.65 -61.29 -13.33
N VAL D 126 65.69 -61.46 -12.51
CA VAL D 126 66.14 -62.80 -12.14
C VAL D 126 65.02 -63.54 -11.42
N HIS D 127 64.33 -62.87 -10.50
CA HIS D 127 63.20 -63.49 -9.83
C HIS D 127 62.09 -63.85 -10.83
N ILE D 128 61.81 -62.96 -11.78
CA ILE D 128 60.77 -63.22 -12.78
C ILE D 128 61.11 -64.46 -13.59
N LYS D 129 62.35 -64.54 -14.07
CA LYS D 129 62.76 -65.64 -14.92
C LYS D 129 62.90 -66.95 -14.15
N ASN D 130 63.26 -66.88 -12.87
CA ASN D 130 63.36 -68.10 -12.08
C ASN D 130 61.98 -68.62 -11.69
N SER D 131 61.02 -67.74 -11.48
CA SER D 131 59.66 -68.17 -11.13
C SER D 131 58.83 -68.44 -12.39
N SER D 132 58.65 -67.43 -13.24
CA SER D 132 57.87 -67.56 -14.44
C SER D 132 58.77 -68.01 -15.60
N VAL D 133 58.20 -68.09 -16.80
CA VAL D 133 58.95 -68.47 -18.00
C VAL D 133 58.73 -67.41 -19.07
N LEU D 134 59.82 -66.98 -19.69
CA LEU D 134 59.75 -65.98 -20.74
C LEU D 134 59.27 -66.60 -22.06
N PRO D 135 58.53 -65.84 -22.87
CA PRO D 135 58.00 -66.40 -24.12
C PRO D 135 59.06 -66.55 -25.20
N GLU D 136 58.66 -67.06 -26.36
CA GLU D 136 59.59 -67.25 -27.47
C GLU D 136 59.99 -65.91 -28.07
N GLY D 137 61.15 -65.89 -28.70
CA GLY D 137 61.66 -64.70 -29.34
C GLY D 137 62.30 -63.74 -28.36
N SER D 138 62.71 -62.59 -28.90
CA SER D 138 63.34 -61.53 -28.13
C SER D 138 62.44 -60.30 -28.13
N HIS D 139 62.18 -59.78 -26.93
CA HIS D 139 61.30 -58.63 -26.77
C HIS D 139 61.89 -57.67 -25.74
N LYS D 140 61.45 -56.42 -25.80
CA LYS D 140 61.91 -55.39 -24.89
C LYS D 140 61.02 -55.31 -23.66
N ILE D 141 61.64 -55.11 -22.51
CA ILE D 141 60.94 -54.94 -21.24
C ILE D 141 61.33 -53.58 -20.67
N HIS D 142 60.33 -52.76 -20.33
CA HIS D 142 60.55 -51.40 -19.87
C HIS D 142 60.24 -51.31 -18.38
N PHE D 143 61.20 -50.83 -17.61
CA PHE D 143 61.02 -50.59 -16.19
C PHE D 143 60.86 -49.09 -15.97
N PHE D 144 59.76 -48.70 -15.32
CA PHE D 144 59.48 -47.30 -15.01
C PHE D 144 59.56 -47.08 -13.51
N PHE D 145 60.34 -46.09 -13.10
CA PHE D 145 60.55 -45.77 -11.70
C PHE D 145 59.93 -44.42 -11.37
N THR D 146 58.91 -44.44 -10.53
CA THR D 146 58.25 -43.22 -10.07
C THR D 146 58.56 -43.02 -8.60
N LEU D 147 59.03 -41.82 -8.26
CA LEU D 147 59.50 -41.52 -6.91
C LEU D 147 58.61 -40.50 -6.23
N LYS D 148 58.46 -40.64 -4.92
CA LYS D 148 57.77 -39.64 -4.14
C LYS D 148 58.56 -38.33 -4.15
N PRO D 149 57.90 -37.18 -4.18
CA PRO D 149 58.63 -35.91 -4.30
C PRO D 149 59.63 -35.66 -3.18
N GLU D 150 59.29 -36.03 -1.95
CA GLU D 150 60.17 -35.75 -0.82
C GLU D 150 59.79 -36.65 0.34
N ALA D 151 60.63 -36.61 1.39
CA ALA D 151 60.37 -37.39 2.59
C ALA D 151 59.33 -36.67 3.44
N VAL D 152 58.26 -37.38 3.79
CA VAL D 152 57.18 -36.84 4.60
C VAL D 152 57.01 -37.75 5.81
N GLN D 153 57.01 -37.15 7.01
CA GLN D 153 56.86 -37.89 8.28
C GLN D 153 57.95 -38.94 8.45
N GLY D 154 59.13 -38.70 7.88
CA GLY D 154 60.22 -39.63 7.97
C GLY D 154 60.10 -40.83 7.05
N LYS D 155 59.10 -40.87 6.17
CA LYS D 155 58.87 -42.00 5.28
C LYS D 155 59.11 -41.61 3.84
N TYR D 156 59.50 -42.60 3.03
CA TYR D 156 59.71 -42.42 1.60
C TYR D 156 59.15 -43.63 0.88
N GLY D 157 58.93 -43.47 -0.42
CA GLY D 157 58.40 -44.56 -1.22
C GLY D 157 58.62 -44.33 -2.70
N PHE D 158 58.51 -45.41 -3.45
CA PHE D 158 58.61 -45.34 -4.91
C PHE D 158 57.89 -46.55 -5.49
N HIS D 159 57.39 -46.39 -6.71
CA HIS D 159 56.64 -47.44 -7.40
C HIS D 159 57.42 -47.90 -8.63
N VAL D 160 57.65 -49.20 -8.72
CA VAL D 160 58.30 -49.81 -9.88
C VAL D 160 57.25 -50.64 -10.61
N LEU D 161 56.91 -50.22 -11.83
CA LEU D 161 55.85 -50.84 -12.60
C LEU D 161 56.36 -51.18 -13.99
N ILE D 162 55.98 -52.35 -14.49
CA ILE D 162 56.39 -52.83 -15.80
C ILE D 162 55.16 -53.10 -16.65
N PRO D 163 54.74 -52.16 -17.49
CA PRO D 163 53.53 -52.40 -18.30
C PRO D 163 53.64 -53.57 -19.26
N GLY D 164 54.83 -53.85 -19.79
CA GLY D 164 54.96 -54.87 -20.81
C GLY D 164 54.92 -56.29 -20.29
N LEU D 165 55.40 -56.51 -19.06
CA LEU D 165 55.51 -57.86 -18.50
C LEU D 165 54.14 -58.27 -17.95
N LYS D 166 53.34 -58.92 -18.78
CA LYS D 166 52.00 -59.36 -18.39
C LYS D 166 52.12 -60.60 -17.52
N MET D 167 51.69 -60.51 -16.27
CA MET D 167 51.73 -61.62 -15.34
C MET D 167 50.40 -61.74 -14.61
N ALA D 168 50.16 -62.92 -14.04
CA ALA D 168 48.93 -63.20 -13.32
C ALA D 168 49.10 -62.95 -11.83
N ALA D 169 48.00 -63.07 -11.08
CA ALA D 169 48.01 -62.69 -9.67
C ALA D 169 48.90 -63.62 -8.84
N SER D 170 48.79 -64.93 -9.06
CA SER D 170 49.54 -65.89 -8.24
C SER D 170 51.04 -65.75 -8.45
N THR D 171 51.48 -65.65 -9.71
CA THR D 171 52.90 -65.50 -9.99
C THR D 171 53.43 -64.19 -9.43
N LYS D 172 52.65 -63.11 -9.56
CA LYS D 172 53.06 -61.82 -8.99
C LYS D 172 53.19 -61.91 -7.47
N LYS D 173 52.24 -62.57 -6.81
CA LYS D 173 52.32 -62.71 -5.36
C LYS D 173 53.53 -63.52 -4.94
N SER D 174 53.83 -64.61 -5.65
CA SER D 174 55.01 -65.41 -5.34
C SER D 174 56.28 -64.60 -5.53
N ILE D 175 56.34 -63.81 -6.61
CA ILE D 175 57.52 -62.98 -6.86
C ILE D 175 57.67 -61.91 -5.79
N ILE D 176 56.55 -61.32 -5.35
CA ILE D 176 56.60 -60.31 -4.29
C ILE D 176 57.11 -60.94 -3.00
N ALA D 177 56.63 -62.14 -2.67
CA ALA D 177 57.11 -62.82 -1.48
C ALA D 177 58.60 -63.14 -1.57
N SER D 178 59.06 -63.60 -2.74
CA SER D 178 60.48 -63.88 -2.92
C SER D 178 61.31 -62.61 -2.77
N LEU D 179 60.83 -61.50 -3.34
CA LEU D 179 61.55 -60.23 -3.20
C LEU D 179 61.62 -59.78 -1.75
N GLN D 180 60.52 -59.95 -1.01
CA GLN D 180 60.52 -59.60 0.41
C GLN D 180 61.49 -60.46 1.19
N HIS D 181 61.55 -61.76 0.87
CA HIS D 181 62.45 -62.67 1.56
C HIS D 181 63.85 -62.68 0.96
N ASP D 182 64.08 -62.00 -0.15
CA ASP D 182 65.39 -62.00 -0.79
C ASP D 182 66.40 -61.21 0.05
N ALA D 183 67.58 -61.79 0.25
CA ALA D 183 68.63 -61.09 0.99
C ALA D 183 69.28 -59.99 0.16
N THR D 184 69.41 -60.21 -1.15
CA THR D 184 70.02 -59.19 -2.01
C THR D 184 69.17 -57.93 -2.06
N VAL D 185 67.84 -58.09 -2.16
CA VAL D 185 66.95 -56.94 -2.18
C VAL D 185 67.05 -56.17 -0.86
N GLN D 186 67.07 -56.90 0.26
CA GLN D 186 67.20 -56.25 1.56
C GLN D 186 68.52 -55.49 1.68
N LYS D 187 69.62 -56.10 1.21
CA LYS D 187 70.90 -55.41 1.24
C LYS D 187 70.89 -54.16 0.39
N ILE D 188 70.30 -54.24 -0.81
CA ILE D 188 70.21 -53.07 -1.68
C ILE D 188 69.41 -51.97 -1.01
N LEU D 189 68.28 -52.33 -0.40
CA LEU D 189 67.47 -51.34 0.30
C LEU D 189 68.24 -50.71 1.47
N HIS D 190 68.96 -51.53 2.23
CA HIS D 190 69.75 -51.00 3.34
C HIS D 190 70.84 -50.05 2.85
N GLU D 191 71.39 -50.33 1.66
CA GLU D 191 72.35 -49.40 1.07
C GLU D 191 71.72 -48.05 0.77
N GLN D 192 70.44 -48.04 0.41
CA GLN D 192 69.71 -46.80 0.17
C GLN D 192 69.30 -46.09 1.45
N GLY D 193 69.51 -46.71 2.61
CA GLY D 193 69.11 -46.13 3.88
C GLY D 193 67.80 -46.63 4.43
N VAL D 194 67.23 -47.70 3.88
CA VAL D 194 65.95 -48.21 4.35
C VAL D 194 66.14 -48.95 5.66
N ALA D 195 65.35 -48.58 6.66
CA ALA D 195 65.42 -49.21 7.97
C ALA D 195 64.55 -50.46 8.09
N ASN D 196 63.64 -50.70 7.15
CA ASN D 196 62.76 -51.87 7.17
C ASN D 196 62.73 -52.53 5.80
N PRO D 197 63.85 -53.09 5.35
CA PRO D 197 63.85 -53.77 4.04
C PRO D 197 63.01 -55.03 4.01
N GLU D 198 62.70 -55.62 5.17
CA GLU D 198 61.98 -56.89 5.22
C GLU D 198 60.47 -56.72 5.04
N SER D 199 59.95 -55.51 5.16
CA SER D 199 58.51 -55.30 5.04
C SER D 199 58.14 -54.06 4.24
N CYS D 200 59.10 -53.36 3.64
CA CYS D 200 58.78 -52.15 2.87
C CYS D 200 57.92 -52.48 1.65
N LEU D 201 58.23 -53.58 0.96
CA LEU D 201 57.47 -53.96 -0.22
C LEU D 201 56.07 -54.39 0.17
N ASP D 202 55.07 -53.86 -0.52
CA ASP D 202 53.69 -54.16 -0.22
C ASP D 202 53.32 -55.55 -0.74
N PRO D 203 52.89 -56.48 0.13
CA PRO D 203 52.42 -57.78 -0.38
C PRO D 203 51.17 -57.68 -1.23
N HIS D 204 50.42 -56.58 -1.14
CA HIS D 204 49.20 -56.40 -1.91
C HIS D 204 49.44 -55.72 -3.26
N SER D 205 50.70 -55.55 -3.66
CA SER D 205 51.01 -54.89 -4.92
C SER D 205 50.44 -55.61 -6.13
N ALA D 206 50.16 -56.91 -6.01
CA ALA D 206 49.66 -57.70 -7.13
C ALA D 206 48.17 -57.46 -7.41
N SER D 207 47.45 -56.80 -6.51
CA SER D 207 46.02 -56.59 -6.68
C SER D 207 45.56 -55.15 -6.53
N VAL D 208 46.38 -54.25 -5.99
CA VAL D 208 45.98 -52.86 -5.79
C VAL D 208 45.81 -52.18 -7.14
N PRO D 209 44.89 -51.23 -7.27
CA PRO D 209 44.72 -50.53 -8.54
C PRO D 209 45.95 -49.71 -8.89
N SER D 210 46.15 -49.53 -10.20
CA SER D 210 47.31 -48.82 -10.72
C SER D 210 46.96 -47.35 -10.94
N LEU D 211 47.78 -46.47 -10.37
CA LEU D 211 47.57 -45.03 -10.51
C LEU D 211 48.09 -44.55 -11.86
N LEU D 212 47.23 -43.84 -12.60
CA LEU D 212 47.67 -43.19 -13.84
C LEU D 212 48.61 -42.04 -13.44
N TYR D 213 49.62 -41.78 -14.26
CA TYR D 213 50.62 -40.76 -13.92
C TYR D 213 50.02 -39.37 -13.74
N GLY D 214 50.44 -38.69 -12.68
CA GLY D 214 49.95 -37.38 -12.28
C GLY D 214 48.76 -37.44 -11.31
N SER D 215 48.18 -38.63 -11.05
CA SER D 215 47.07 -38.76 -10.11
C SER D 215 47.59 -38.91 -8.69
N SER D 216 46.80 -38.45 -7.74
CA SER D 216 47.15 -38.52 -6.33
C SER D 216 45.90 -38.61 -5.49
N LYS D 217 46.03 -39.23 -4.32
CA LYS D 217 44.91 -39.36 -3.40
C LYS D 217 44.49 -38.00 -2.86
N LEU D 218 43.30 -37.97 -2.27
CA LEU D 218 42.77 -36.74 -1.70
C LEU D 218 43.71 -36.22 -0.61
N ASN D 219 44.00 -34.91 -0.67
CA ASN D 219 44.91 -34.27 0.28
C ASN D 219 46.29 -34.93 0.28
N HIS D 220 46.76 -35.30 -0.91
CA HIS D 220 48.08 -35.89 -1.08
C HIS D 220 48.67 -35.47 -2.42
N ARG D 221 50.01 -35.61 -2.53
CA ARG D 221 50.74 -35.22 -3.73
C ARG D 221 51.08 -36.45 -4.58
N PRO D 222 51.14 -36.30 -5.89
CA PRO D 222 51.46 -37.43 -6.76
C PRO D 222 52.95 -37.73 -6.79
N TYR D 223 53.27 -38.91 -7.32
CA TYR D 223 54.67 -39.31 -7.47
C TYR D 223 55.32 -38.56 -8.62
N GLN D 224 56.65 -38.56 -8.63
CA GLN D 224 57.44 -37.92 -9.67
C GLN D 224 58.22 -38.99 -10.42
N LEU D 225 58.08 -39.01 -11.74
CA LEU D 225 58.79 -39.98 -12.56
C LEU D 225 60.26 -39.59 -12.67
N LYS D 226 61.13 -40.45 -12.15
CA LYS D 226 62.57 -40.16 -12.18
C LYS D 226 63.16 -40.46 -13.55
N THR D 227 63.09 -41.71 -13.98
CA THR D 227 63.66 -42.14 -15.26
C THR D 227 63.09 -43.52 -15.58
N GLY D 228 63.47 -44.03 -16.74
CA GLY D 228 63.04 -45.36 -17.15
C GLY D 228 64.20 -46.13 -17.77
N PHE D 229 64.07 -47.45 -17.72
CA PHE D 229 65.09 -48.35 -18.25
C PHE D 229 64.43 -49.39 -19.15
N GLU D 230 65.16 -49.79 -20.19
CA GLU D 230 64.69 -50.79 -21.15
C GLU D 230 65.51 -52.06 -20.97
N LEU D 231 64.83 -53.14 -20.59
CA LEU D 231 65.47 -54.45 -20.45
C LEU D 231 65.27 -55.25 -21.72
N VAL D 232 66.32 -55.95 -22.15
CA VAL D 232 66.31 -56.75 -23.36
C VAL D 232 66.60 -58.20 -22.97
N PHE D 233 65.78 -59.12 -23.47
CA PHE D 233 65.96 -60.53 -23.19
C PHE D 233 65.76 -61.33 -24.47
N ASP D 234 66.24 -62.57 -24.46
CA ASP D 234 66.05 -63.49 -25.57
C ASP D 234 65.55 -64.82 -25.02
N SER D 235 64.69 -65.49 -25.80
CA SER D 235 64.17 -66.78 -25.39
C SER D 235 65.28 -67.82 -25.26
N SER D 236 66.21 -67.83 -26.21
CA SER D 236 67.34 -68.76 -26.16
C SER D 236 68.48 -68.27 -25.28
N ASP D 237 68.47 -66.99 -24.88
CA ASP D 237 69.54 -66.43 -24.06
C ASP D 237 68.97 -65.37 -23.14
N PRO D 238 68.35 -65.79 -22.03
CA PRO D 238 67.91 -64.83 -21.01
C PRO D 238 68.96 -64.50 -19.96
N ASP D 239 70.10 -65.18 -19.96
CA ASP D 239 71.15 -64.90 -18.99
C ASP D 239 71.73 -63.50 -19.19
N TYR D 240 71.96 -63.11 -20.45
CA TYR D 240 72.47 -61.78 -20.74
C TYR D 240 71.36 -60.76 -20.56
N ILE D 241 71.55 -59.86 -19.59
CA ILE D 241 70.50 -58.91 -19.21
C ILE D 241 71.03 -57.49 -19.36
N PRO D 242 70.95 -56.89 -20.55
CA PRO D 242 71.34 -55.48 -20.68
C PRO D 242 70.21 -54.56 -20.23
N ILE D 243 70.60 -53.46 -19.60
CA ILE D 243 69.65 -52.45 -19.11
C ILE D 243 70.06 -51.11 -19.71
N HIS D 244 69.17 -50.52 -20.51
CA HIS D 244 69.43 -49.27 -21.21
C HIS D 244 68.45 -48.21 -20.72
N GLN D 245 68.99 -47.09 -20.24
CA GLN D 245 68.14 -46.00 -19.78
C GLN D 245 67.42 -45.35 -20.95
N ILE D 246 66.17 -44.98 -20.74
CA ILE D 246 65.36 -44.37 -21.79
C ILE D 246 65.75 -42.90 -21.91
N LYS D 247 66.17 -42.50 -23.10
CA LYS D 247 66.58 -41.12 -23.35
C LYS D 247 65.36 -40.26 -23.65
N ASN D 248 65.24 -39.13 -22.94
CA ASN D 248 64.13 -38.20 -23.10
C ASN D 248 62.79 -38.91 -22.92
N ILE D 249 62.64 -39.60 -21.79
CA ILE D 249 61.41 -40.33 -21.52
C ILE D 249 60.25 -39.37 -21.32
N GLU D 250 60.50 -38.16 -20.82
CA GLU D 250 59.48 -37.16 -20.57
C GLU D 250 58.89 -36.56 -21.85
N SER D 251 59.52 -36.82 -23.02
CA SER D 251 59.03 -36.25 -24.27
C SER D 251 57.76 -36.92 -24.77
N TYR D 252 57.48 -38.18 -24.38
CA TYR D 252 56.29 -38.92 -24.82
C TYR D 252 55.07 -38.71 -23.89
N ASN D 253 53.91 -39.27 -24.27
CA ASN D 253 52.70 -39.25 -23.46
C ASN D 253 52.92 -40.17 -22.25
N LEU D 254 53.28 -39.60 -21.10
CA LEU D 254 53.58 -40.40 -19.93
C LEU D 254 52.39 -41.25 -19.47
N VAL D 255 51.16 -40.76 -19.52
CA VAL D 255 49.99 -41.57 -19.12
C VAL D 255 49.85 -42.80 -20.03
N SER D 256 50.01 -42.64 -21.34
CA SER D 256 49.92 -43.74 -22.28
C SER D 256 51.02 -44.78 -22.05
N GLU D 257 52.26 -44.35 -21.84
CA GLU D 257 53.37 -45.30 -21.70
C GLU D 257 53.37 -45.97 -20.35
N LEU D 258 53.12 -45.21 -19.27
CA LEU D 258 53.14 -45.77 -17.93
C LEU D 258 51.91 -46.63 -17.64
N SER D 259 50.87 -46.61 -18.46
CA SER D 259 49.67 -47.41 -18.22
C SER D 259 49.97 -48.91 -18.38
N LEU D 260 49.69 -49.67 -17.33
CA LEU D 260 49.86 -51.12 -17.34
C LEU D 260 48.92 -51.77 -18.34
N THR D 261 47.68 -51.30 -18.49
CA THR D 261 46.73 -51.94 -19.41
C THR D 261 46.81 -51.48 -20.87
N ASN D 262 47.64 -50.49 -21.21
CA ASN D 262 47.71 -50.00 -22.58
C ASN D 262 48.33 -51.04 -23.55
N GLU D 263 47.71 -51.19 -24.72
CA GLU D 263 48.14 -52.11 -25.78
C GLU D 263 48.71 -51.37 -27.02
N GLN D 264 48.42 -50.06 -27.15
CA GLN D 264 48.88 -49.19 -28.24
C GLN D 264 49.94 -48.18 -27.78
N GLY D 265 50.82 -48.56 -26.85
CA GLY D 265 51.88 -47.67 -26.37
C GLY D 265 52.87 -47.36 -27.50
N SER D 266 53.40 -46.14 -27.54
CA SER D 266 54.38 -45.76 -28.56
C SER D 266 55.65 -46.58 -28.45
N LEU D 267 56.12 -46.83 -27.23
CA LEU D 267 57.33 -47.62 -27.02
C LEU D 267 57.11 -48.88 -26.20
N VAL D 268 56.00 -49.01 -25.49
CA VAL D 268 55.75 -50.18 -24.66
C VAL D 268 55.26 -51.33 -25.53
N ARG D 269 55.92 -52.47 -25.43
CA ARG D 269 55.54 -53.68 -26.17
C ARG D 269 55.24 -54.78 -25.17
N PRO D 270 54.02 -55.34 -25.17
CA PRO D 270 53.68 -56.37 -24.18
C PRO D 270 54.51 -57.63 -24.36
N VAL D 271 54.75 -58.30 -23.24
CA VAL D 271 55.49 -59.56 -23.20
C VAL D 271 54.55 -60.63 -22.65
N TYR D 272 54.38 -61.71 -23.40
CA TYR D 272 53.40 -62.74 -23.05
C TYR D 272 54.10 -63.91 -22.34
N CYS D 273 54.51 -63.64 -21.10
CA CYS D 273 55.14 -64.66 -20.27
C CYS D 273 54.05 -65.50 -19.60
N ALA D 274 54.45 -66.29 -18.60
CA ALA D 274 53.56 -67.29 -18.00
C ALA D 274 52.33 -66.64 -17.38
N ALA D 275 51.22 -67.38 -17.41
CA ALA D 275 49.95 -66.93 -16.87
C ALA D 275 49.38 -67.99 -15.93
N ASP D 276 48.45 -67.57 -15.08
CA ASP D 276 47.81 -68.45 -14.12
C ASP D 276 46.30 -68.38 -14.27
N ALA D 287 27.99 -53.78 -2.57
CA ALA D 287 27.66 -52.37 -2.44
C ALA D 287 27.05 -52.03 -1.08
N ASP D 288 26.62 -53.03 -0.31
CA ASP D 288 26.04 -52.76 1.01
C ASP D 288 27.06 -52.11 1.93
N ASP D 289 28.30 -52.59 1.93
CA ASP D 289 29.34 -51.98 2.74
C ASP D 289 29.68 -50.58 2.24
N HIS D 290 29.69 -50.39 0.91
CA HIS D 290 29.99 -49.09 0.33
C HIS D 290 28.81 -48.13 0.36
N SER D 291 27.63 -48.58 0.77
CA SER D 291 26.45 -47.72 0.76
C SER D 291 26.65 -46.48 1.62
N LEU D 292 27.42 -46.60 2.70
CA LEU D 292 27.74 -45.43 3.51
C LEU D 292 28.43 -44.36 2.68
N SER D 293 29.50 -44.74 1.97
CA SER D 293 30.23 -43.78 1.16
C SER D 293 29.40 -43.29 -0.02
N ILE D 294 28.54 -44.14 -0.57
CA ILE D 294 27.67 -43.71 -1.67
C ILE D 294 26.72 -42.62 -1.20
N LEU D 295 26.13 -42.80 -0.01
CA LEU D 295 25.28 -41.75 0.56
C LEU D 295 26.11 -40.51 0.91
N MET D 296 27.34 -40.71 1.38
CA MET D 296 28.27 -39.60 1.54
C MET D 296 28.42 -38.82 0.24
N LEU D 297 28.44 -39.53 -0.89
CA LEU D 297 28.58 -38.88 -2.19
C LEU D 297 27.33 -38.08 -2.53
N HIS D 298 26.14 -38.66 -2.33
CA HIS D 298 24.93 -37.92 -2.69
C HIS D 298 24.69 -36.74 -1.75
N ASP D 299 24.77 -36.96 -0.44
CA ASP D 299 24.25 -35.99 0.52
C ASP D 299 25.39 -35.24 1.19
N PRO D 300 25.59 -33.94 0.89
CA PRO D 300 26.55 -33.16 1.67
C PRO D 300 26.19 -33.05 3.14
N GLU D 301 24.89 -32.99 3.44
CA GLU D 301 24.47 -32.93 4.84
C GLU D 301 24.84 -34.20 5.59
N ALA D 302 24.75 -35.35 4.92
CA ALA D 302 25.21 -36.60 5.53
C ALA D 302 26.70 -36.54 5.82
N ARG D 303 27.47 -35.94 4.90
CA ARG D 303 28.90 -35.79 5.13
C ARG D 303 29.19 -34.91 6.33
N TYR D 304 28.45 -33.79 6.46
CA TYR D 304 28.64 -32.92 7.61
C TYR D 304 28.27 -33.64 8.90
N LEU D 305 27.18 -34.39 8.89
CA LEU D 305 26.78 -35.14 10.09
C LEU D 305 27.82 -36.18 10.46
N HIS D 306 28.36 -36.88 9.45
CA HIS D 306 29.39 -37.88 9.71
C HIS D 306 30.63 -37.26 10.32
N LYS D 307 31.03 -36.08 9.82
CA LYS D 307 32.13 -35.36 10.44
C LYS D 307 31.77 -34.96 11.87
N ILE D 308 30.52 -34.58 12.11
CA ILE D 308 30.09 -34.19 13.45
C ILE D 308 30.02 -35.40 14.37
N LEU D 309 29.52 -36.53 13.86
CA LEU D 309 29.30 -37.71 14.70
C LEU D 309 30.60 -38.22 15.31
N ASN D 310 31.73 -37.99 14.65
CA ASN D 310 33.02 -38.43 15.18
C ASN D 310 33.40 -37.69 16.45
N LEU D 311 32.82 -36.51 16.70
CA LEU D 311 33.17 -35.72 17.86
C LEU D 311 32.51 -36.22 19.15
N LEU D 312 31.51 -37.07 19.05
CA LEU D 312 30.80 -37.52 20.23
C LEU D 312 31.71 -38.40 21.09
N PRO D 313 31.64 -38.27 22.41
CA PRO D 313 32.44 -39.13 23.30
C PRO D 313 31.96 -40.57 23.24
N PRO D 314 32.78 -41.52 23.69
CA PRO D 314 32.41 -42.95 23.55
C PRO D 314 31.14 -43.32 24.29
N GLU D 315 30.69 -42.53 25.27
CA GLU D 315 29.49 -42.86 26.03
C GLU D 315 28.24 -42.90 25.15
N TYR D 316 28.27 -42.27 23.98
CA TYR D 316 27.09 -42.21 23.13
C TYR D 316 26.88 -43.45 22.28
N TYR D 317 27.81 -44.41 22.31
CA TYR D 317 27.58 -45.71 21.69
C TYR D 317 27.83 -46.89 22.61
N VAL D 318 28.31 -46.65 23.83
CA VAL D 318 28.49 -47.73 24.80
C VAL D 318 27.27 -47.89 25.69
N GLU D 319 26.70 -46.78 26.15
CA GLU D 319 25.51 -46.81 27.01
C GLU D 319 24.27 -46.81 26.14
N TYR D 320 23.31 -47.67 26.49
CA TYR D 320 22.12 -47.82 25.66
C TYR D 320 21.27 -46.56 25.51
N PRO D 321 20.98 -45.79 26.56
CA PRO D 321 20.08 -44.63 26.36
C PRO D 321 20.61 -43.62 25.35
N LEU D 322 21.87 -43.22 25.47
CA LEU D 322 22.44 -42.25 24.54
C LEU D 322 22.49 -42.79 23.11
N TRP D 323 22.87 -44.05 22.95
CA TRP D 323 22.92 -44.64 21.62
C TRP D 323 21.53 -44.71 20.99
N SER D 324 20.52 -45.08 21.78
CA SER D 324 19.16 -45.11 21.29
C SER D 324 18.69 -43.71 20.90
N ASN D 325 19.03 -42.70 21.70
CA ASN D 325 18.66 -41.33 21.36
C ASN D 325 19.31 -40.89 20.05
N VAL D 326 20.60 -41.22 19.87
CA VAL D 326 21.28 -40.86 18.63
C VAL D 326 20.64 -41.56 17.44
N VAL D 327 20.29 -42.84 17.59
CA VAL D 327 19.64 -43.57 16.51
C VAL D 327 18.29 -42.94 16.17
N PHE D 328 17.52 -42.57 17.20
CA PHE D 328 16.23 -41.94 16.96
C PHE D 328 16.39 -40.60 16.25
N ALA D 329 17.38 -39.80 16.65
CA ALA D 329 17.61 -38.52 15.99
C ALA D 329 18.00 -38.71 14.54
N LEU D 330 18.88 -39.67 14.26
CA LEU D 330 19.29 -39.94 12.89
C LEU D 330 18.11 -40.41 12.04
N ALA D 331 17.25 -41.26 12.62
CA ALA D 331 16.08 -41.74 11.88
C ALA D 331 15.09 -40.60 11.62
N ASN D 332 14.95 -39.69 12.58
CA ASN D 332 13.99 -38.60 12.40
C ASN D 332 14.50 -37.55 11.42
N THR D 333 15.81 -37.31 11.38
CA THR D 333 16.35 -36.32 10.45
C THR D 333 16.09 -36.72 9.01
N SER D 334 16.32 -37.99 8.68
CA SER D 334 16.01 -38.50 7.35
C SER D 334 15.80 -40.01 7.44
N ALA D 335 15.07 -40.54 6.47
CA ALA D 335 14.75 -41.96 6.46
C ALA D 335 15.87 -42.82 5.88
N ASN D 336 16.89 -42.21 5.27
CA ASN D 336 17.93 -42.96 4.59
C ASN D 336 19.30 -42.82 5.26
N TYR D 337 19.35 -42.28 6.49
CA TYR D 337 20.61 -42.15 7.21
C TYR D 337 20.94 -43.38 8.05
N ARG D 338 20.34 -44.53 7.73
CA ARG D 338 20.69 -45.75 8.45
C ARG D 338 22.17 -46.12 8.38
N PRO D 339 22.85 -46.01 7.23
CA PRO D 339 24.29 -46.32 7.22
C PRO D 339 25.10 -45.49 8.21
N LEU D 340 24.73 -44.23 8.43
CA LEU D 340 25.44 -43.42 9.43
C LEU D 340 25.30 -44.02 10.82
N ALA D 341 24.09 -44.43 11.19
CA ALA D 341 23.89 -45.07 12.49
C ALA D 341 24.63 -46.40 12.58
N GLU D 342 24.64 -47.16 11.48
CA GLU D 342 25.35 -48.43 11.47
C GLU D 342 26.84 -48.23 11.70
N TRP D 343 27.43 -47.24 11.01
CA TRP D 343 28.85 -46.94 11.20
C TRP D 343 29.11 -46.43 12.60
N PHE D 344 28.22 -45.60 13.13
CA PHE D 344 28.37 -45.12 14.50
C PHE D 344 28.28 -46.27 15.50
N SER D 345 27.36 -47.20 15.29
CA SER D 345 27.23 -48.34 16.18
C SER D 345 28.43 -49.28 16.08
N GLN D 346 29.08 -49.34 14.91
CA GLN D 346 30.23 -50.21 14.72
C GLN D 346 31.47 -49.72 15.47
N LYS D 347 31.44 -48.52 16.03
CA LYS D 347 32.57 -48.06 16.84
C LYS D 347 32.79 -48.96 18.04
N CYS D 348 31.74 -49.60 18.53
CA CYS D 348 31.85 -50.60 19.59
C CYS D 348 31.56 -51.98 18.99
N PRO D 349 32.56 -52.63 18.40
CA PRO D 349 32.29 -53.89 17.69
C PRO D 349 31.75 -55.00 18.58
N GLU D 350 32.17 -55.05 19.85
CA GLU D 350 31.68 -56.09 20.75
C GLU D 350 30.18 -55.97 20.96
N LYS D 351 29.67 -54.74 21.15
CA LYS D 351 28.24 -54.55 21.27
C LYS D 351 27.53 -54.84 19.95
N TRP D 352 28.11 -54.41 18.83
CA TRP D 352 27.46 -54.59 17.53
C TRP D 352 27.30 -56.07 17.20
N ASN D 353 28.33 -56.87 17.45
CA ASN D 353 28.24 -58.30 17.14
C ASN D 353 27.31 -59.03 18.10
N THR D 354 27.32 -58.63 19.37
CA THR D 354 26.49 -59.27 20.39
C THR D 354 25.10 -58.63 20.39
N GLY D 355 24.38 -58.85 19.29
CA GLY D 355 23.03 -58.36 19.16
C GLY D 355 22.89 -56.91 18.78
N GLY D 356 24.00 -56.21 18.53
CA GLY D 356 23.92 -54.80 18.20
C GLY D 356 23.22 -54.55 16.88
N LYS D 357 23.48 -55.40 15.88
CA LYS D 357 22.82 -55.25 14.59
C LYS D 357 21.30 -55.45 14.73
N GLU D 358 20.91 -56.48 15.47
CA GLU D 358 19.48 -56.75 15.67
C GLU D 358 18.81 -55.60 16.42
N LYS D 359 19.46 -55.12 17.49
CA LYS D 359 18.89 -54.01 18.25
C LYS D 359 18.76 -52.76 17.40
N LEU D 360 19.79 -52.47 16.60
CA LEU D 360 19.74 -51.29 15.73
C LEU D 360 18.63 -51.42 14.70
N GLU D 361 18.46 -52.61 14.11
CA GLU D 361 17.40 -52.80 13.14
C GLU D 361 16.02 -52.65 13.76
N LYS D 362 15.84 -53.22 14.97
CA LYS D 362 14.56 -53.06 15.66
C LYS D 362 14.28 -51.60 15.99
N LEU D 363 15.30 -50.88 16.46
CA LEU D 363 15.11 -49.47 16.78
C LEU D 363 14.80 -48.65 15.55
N TRP D 364 15.46 -48.95 14.42
CA TRP D 364 15.17 -48.23 13.19
C TRP D 364 13.74 -48.49 12.72
N ASN D 365 13.30 -49.74 12.78
CA ASN D 365 11.92 -50.05 12.41
C ASN D 365 10.93 -49.34 13.33
N ASP D 366 11.21 -49.34 14.63
CA ASP D 366 10.32 -48.69 15.58
C ASP D 366 10.24 -47.19 15.32
N ALA D 367 11.39 -46.55 15.06
CA ALA D 367 11.38 -45.13 14.74
C ALA D 367 10.64 -44.86 13.43
N SER D 368 10.76 -45.76 12.45
CA SER D 368 9.99 -45.61 11.22
C SER D 368 8.49 -45.75 11.48
N ARG D 369 8.12 -46.54 12.49
CA ARG D 369 6.71 -46.74 12.82
C ARG D 369 6.21 -45.71 13.83
N HIS D 370 6.95 -45.53 14.93
CA HIS D 370 6.50 -44.67 16.01
C HIS D 370 6.63 -43.20 15.63
N THR D 371 5.93 -42.34 16.41
CA THR D 371 5.89 -40.91 16.14
C THR D 371 5.98 -40.11 17.43
N GLU D 372 6.72 -40.58 18.43
CA GLU D 372 6.92 -39.84 19.67
C GLU D 372 8.37 -39.63 20.07
N LYS D 373 9.34 -40.14 19.31
CA LYS D 373 10.74 -39.74 19.48
C LYS D 373 11.03 -38.43 18.72
N LYS D 374 10.49 -37.34 19.26
CA LYS D 374 10.55 -36.03 18.59
C LYS D 374 11.86 -35.33 18.91
N ILE D 375 12.95 -35.93 18.44
CA ILE D 375 14.28 -35.30 18.45
C ILE D 375 14.92 -35.53 17.10
N THR D 376 15.77 -34.58 16.70
CA THR D 376 16.36 -34.57 15.36
C THR D 376 17.83 -34.20 15.47
N LYS D 377 18.42 -33.85 14.33
CA LYS D 377 19.86 -33.56 14.27
C LYS D 377 20.25 -32.35 15.10
N ARG D 378 19.29 -31.51 15.49
CA ARG D 378 19.60 -30.38 16.35
C ARG D 378 20.19 -30.85 17.67
N SER D 379 19.61 -31.90 18.26
CA SER D 379 20.16 -32.46 19.49
C SER D 379 21.56 -33.02 19.28
N ILE D 380 21.79 -33.66 18.13
CA ILE D 380 23.12 -34.20 17.84
C ILE D 380 24.14 -33.07 17.78
N MET D 381 23.81 -31.98 17.08
CA MET D 381 24.71 -30.85 17.00
C MET D 381 24.94 -30.22 18.37
N TYR D 382 23.89 -30.14 19.19
CA TYR D 382 24.03 -29.59 20.53
C TYR D 382 24.99 -30.44 21.37
N TRP D 383 24.83 -31.77 21.30
CA TRP D 383 25.72 -32.65 22.05
C TRP D 383 27.16 -32.51 21.57
N ALA D 384 27.36 -32.44 20.25
CA ALA D 384 28.70 -32.30 19.71
C ALA D 384 29.34 -30.99 20.14
N HIS D 385 28.57 -29.90 20.13
CA HIS D 385 29.09 -28.62 20.57
C HIS D 385 29.42 -28.64 22.06
N LYS D 386 28.57 -29.29 22.86
CA LYS D 386 28.83 -29.37 24.29
C LYS D 386 30.09 -30.17 24.59
N HIS D 387 30.29 -31.29 23.90
CA HIS D 387 31.40 -32.18 24.21
C HIS D 387 32.68 -31.81 23.49
N ALA D 388 32.61 -31.08 22.39
CA ALA D 388 33.80 -30.69 21.62
C ALA D 388 33.54 -29.35 20.96
N PRO D 389 33.75 -28.25 21.68
CA PRO D 389 33.45 -26.93 21.13
C PRO D 389 34.36 -26.51 19.98
N GLN D 390 35.68 -26.62 20.16
CA GLN D 390 36.60 -26.14 19.14
C GLN D 390 36.50 -26.95 17.86
N GLN D 391 36.41 -28.28 17.96
CA GLN D 391 36.35 -29.11 16.76
C GLN D 391 35.05 -28.90 16.01
N TYR D 392 33.92 -28.84 16.74
CA TYR D 392 32.65 -28.52 16.10
C TYR D 392 32.71 -27.16 15.41
N LYS D 393 33.30 -26.17 16.08
CA LYS D 393 33.40 -24.83 15.52
C LYS D 393 34.18 -24.84 14.22
N GLU D 394 35.37 -25.46 14.23
CA GLU D 394 36.20 -25.44 13.01
C GLU D 394 35.54 -26.23 11.88
N ILE D 395 34.91 -27.37 12.20
CA ILE D 395 34.26 -28.17 11.16
C ILE D 395 33.13 -27.38 10.52
N VAL D 396 32.27 -26.76 11.33
CA VAL D 396 31.13 -26.07 10.77
C VAL D 396 31.55 -24.80 10.03
N GLU D 397 32.60 -24.13 10.52
CA GLU D 397 33.14 -22.98 9.79
C GLU D 397 33.70 -23.39 8.45
N GLN D 398 34.40 -24.53 8.39
CA GLN D 398 34.88 -25.04 7.11
C GLN D 398 33.72 -25.38 6.18
N GLY D 399 32.62 -25.89 6.74
CA GLY D 399 31.45 -26.14 5.91
C GLY D 399 30.88 -24.87 5.30
N TYR D 400 30.73 -23.82 6.13
CA TYR D 400 30.28 -22.53 5.62
C TYR D 400 31.20 -22.03 4.52
N PHE D 401 32.51 -22.09 4.77
CA PHE D 401 33.47 -21.58 3.79
C PHE D 401 33.39 -22.37 2.49
N SER D 402 33.24 -23.69 2.57
CA SER D 402 33.14 -24.51 1.37
C SER D 402 31.91 -24.14 0.56
N ILE D 403 30.77 -23.98 1.23
CA ILE D 403 29.54 -23.64 0.51
C ILE D 403 29.68 -22.29 -0.18
N LEU D 404 30.15 -21.28 0.57
CA LEU D 404 30.25 -19.95 0.00
C LEU D 404 31.29 -19.89 -1.12
N ALA D 405 32.40 -20.62 -0.97
CA ALA D 405 33.42 -20.63 -2.00
C ALA D 405 32.92 -21.29 -3.28
N GLU D 406 32.16 -22.39 -3.14
CA GLU D 406 31.57 -23.00 -4.32
C GLU D 406 30.62 -22.05 -5.02
N TYR D 407 29.78 -21.34 -4.25
CA TYR D 407 28.86 -20.39 -4.85
C TYR D 407 29.61 -19.25 -5.54
N VAL D 408 30.69 -18.75 -4.93
CA VAL D 408 31.44 -17.65 -5.51
C VAL D 408 32.13 -18.09 -6.79
N TYR D 409 32.76 -19.26 -6.77
CA TYR D 409 33.46 -19.75 -7.95
C TYR D 409 32.50 -20.06 -9.09
N SER D 410 31.31 -20.56 -8.78
CA SER D 410 30.37 -20.93 -9.84
C SER D 410 29.94 -19.71 -10.65
N TYR D 411 29.71 -18.58 -9.98
CA TYR D 411 29.13 -17.40 -10.64
C TYR D 411 30.06 -16.20 -10.61
N ASN D 412 31.37 -16.42 -10.46
CA ASN D 412 32.38 -15.37 -10.59
C ASN D 412 32.13 -14.21 -9.62
N GLY D 413 31.71 -14.54 -8.41
CA GLY D 413 31.59 -13.56 -7.35
C GLY D 413 30.34 -12.70 -7.38
N THR D 414 29.43 -12.92 -8.31
CA THR D 414 28.19 -12.16 -8.38
C THR D 414 27.17 -12.81 -7.45
N LEU D 415 27.33 -12.55 -6.16
CA LEU D 415 26.45 -13.10 -5.15
C LEU D 415 25.07 -12.46 -5.24
N GLU D 416 24.05 -13.23 -4.83
CA GLU D 416 22.67 -12.79 -4.99
C GLU D 416 21.87 -13.31 -3.78
N HIS D 417 20.57 -13.00 -3.76
CA HIS D 417 19.76 -13.20 -2.56
C HIS D 417 19.71 -14.67 -2.15
N TYR D 418 19.37 -15.56 -3.08
CA TYR D 418 19.26 -16.97 -2.74
C TYR D 418 20.61 -17.54 -2.36
N MET D 419 21.68 -17.06 -3.01
CA MET D 419 23.01 -17.55 -2.71
C MET D 419 23.38 -17.25 -1.26
N ILE D 420 23.05 -16.05 -0.78
CA ILE D 420 23.32 -15.70 0.61
C ILE D 420 22.39 -16.46 1.55
N ALA D 421 21.13 -16.60 1.15
CA ALA D 421 20.13 -17.23 2.01
C ALA D 421 20.47 -18.69 2.28
N LYS D 422 21.03 -19.37 1.28
CA LYS D 422 21.43 -20.77 1.50
C LYS D 422 22.47 -20.89 2.61
N VAL D 423 23.48 -20.02 2.57
CA VAL D 423 24.51 -20.05 3.61
C VAL D 423 23.95 -19.62 4.95
N ILE D 424 23.04 -18.65 4.95
CA ILE D 424 22.43 -18.21 6.21
C ILE D 424 21.65 -19.34 6.85
N TYR D 425 20.91 -20.10 6.03
CA TYR D 425 20.21 -21.28 6.56
C TYR D 425 21.20 -22.33 7.05
N ALA D 426 22.29 -22.53 6.32
CA ALA D 426 23.30 -23.49 6.77
C ALA D 426 23.89 -23.08 8.11
N MET D 427 23.93 -21.79 8.39
CA MET D 427 24.51 -21.31 9.65
C MET D 427 23.50 -21.38 10.79
N MET D 428 22.35 -20.75 10.63
CA MET D 428 21.33 -20.65 11.67
C MET D 428 20.11 -21.51 11.37
N GLY D 429 20.32 -22.72 10.85
CA GLY D 429 19.20 -23.57 10.50
C GLY D 429 18.50 -24.22 11.66
N ASN D 430 19.13 -24.27 12.84
CA ASN D 430 18.55 -24.91 14.01
C ASN D 430 18.16 -23.90 15.09
N LYS D 431 17.87 -22.66 14.70
CA LYS D 431 17.46 -21.63 15.64
C LYS D 431 16.23 -20.85 15.21
N PHE D 432 15.89 -20.82 13.93
CA PHE D 432 14.73 -20.09 13.43
C PHE D 432 13.82 -21.02 12.65
N VAL D 433 12.51 -20.85 12.83
CA VAL D 433 11.50 -21.62 12.11
C VAL D 433 10.41 -20.66 11.66
N VAL D 434 10.00 -20.75 10.41
CA VAL D 434 8.95 -19.91 9.85
C VAL D 434 7.82 -20.79 9.35
N ASP D 435 6.59 -20.39 9.65
CA ASP D 435 5.40 -21.11 9.20
C ASP D 435 4.29 -20.11 8.91
N VAL D 436 3.36 -20.53 8.06
CA VAL D 436 2.26 -19.68 7.64
C VAL D 436 1.12 -19.81 8.65
N ASP D 437 0.66 -18.66 9.17
CA ASP D 437 -0.42 -18.64 10.14
C ASP D 437 -1.76 -18.75 9.42
N SER D 438 -2.85 -18.55 10.17
CA SER D 438 -4.18 -18.65 9.59
C SER D 438 -4.51 -17.48 8.66
N ASN D 439 -3.81 -16.37 8.79
CA ASN D 439 -4.05 -15.19 7.98
C ASN D 439 -3.32 -15.21 6.64
N GLY D 440 -2.55 -16.27 6.37
CA GLY D 440 -1.78 -16.32 5.14
C GLY D 440 -0.51 -15.51 5.16
N LYS D 441 0.05 -15.26 6.34
CA LYS D 441 1.28 -14.50 6.48
C LYS D 441 2.37 -15.38 7.05
N TYR D 442 3.59 -15.21 6.55
CA TYR D 442 4.73 -15.97 7.05
C TYR D 442 5.18 -15.38 8.38
N VAL D 443 5.25 -16.23 9.41
CA VAL D 443 5.54 -15.81 10.77
C VAL D 443 6.85 -16.46 11.20
N TRP D 444 7.78 -15.64 11.70
CA TRP D 444 9.08 -16.13 12.14
C TRP D 444 9.06 -16.48 13.62
N PHE D 445 9.74 -17.58 13.96
CA PHE D 445 9.88 -18.02 15.35
C PHE D 445 11.36 -18.21 15.65
N GLU D 446 11.76 -17.79 16.84
CA GLU D 446 13.16 -17.87 17.28
C GLU D 446 13.24 -18.63 18.59
N PHE D 447 14.17 -19.58 18.66
CA PHE D 447 14.44 -20.30 19.90
C PHE D 447 15.39 -19.46 20.76
N VAL D 448 14.96 -19.16 21.98
CA VAL D 448 15.70 -18.24 22.85
C VAL D 448 16.68 -19.02 23.70
N LEU D 449 17.96 -18.66 23.58
CA LEU D 449 19.06 -19.23 24.35
C LEU D 449 19.48 -18.28 25.45
N PRO D 450 20.15 -18.78 26.49
CA PRO D 450 20.60 -17.89 27.56
C PRO D 450 21.66 -16.91 27.07
N GLY D 451 21.72 -15.75 27.71
CA GLY D 451 22.73 -14.77 27.41
C GLY D 451 22.44 -13.88 26.22
N GLN D 452 21.18 -13.70 25.87
CA GLN D 452 20.78 -12.79 24.80
C GLN D 452 19.59 -11.97 25.26
N PRO D 453 19.39 -10.79 24.70
CA PRO D 453 18.25 -9.95 25.11
C PRO D 453 16.93 -10.69 24.92
N MET D 454 16.09 -10.64 25.95
CA MET D 454 14.85 -11.38 25.94
C MET D 454 13.93 -10.82 27.02
N ASN D 455 12.64 -11.17 26.91
CA ASN D 455 11.69 -10.87 27.96
C ASN D 455 11.89 -11.83 29.13
N GLN D 456 11.25 -11.50 30.25
CA GLN D 456 11.39 -12.34 31.45
C GLN D 456 10.61 -13.63 31.27
N GLY D 457 11.30 -14.75 31.49
CA GLY D 457 10.66 -16.06 31.51
C GLY D 457 10.48 -16.73 30.16
N GLU D 458 10.97 -16.14 29.07
CA GLU D 458 10.82 -16.73 27.75
C GLU D 458 12.05 -17.52 27.33
N ILE D 459 12.87 -17.96 28.29
CA ILE D 459 14.07 -18.74 27.97
C ILE D 459 13.66 -20.15 27.55
N TRP D 460 14.48 -20.75 26.68
CA TRP D 460 14.30 -22.13 26.22
C TRP D 460 12.94 -22.34 25.56
N LYS D 461 12.41 -21.31 24.90
CA LYS D 461 11.12 -21.40 24.23
C LYS D 461 11.17 -20.65 22.91
N TRP D 462 10.25 -21.01 22.02
CA TRP D 462 10.11 -20.30 20.76
C TRP D 462 9.28 -19.03 20.98
N ARG D 463 9.80 -17.89 20.52
CA ARG D 463 9.10 -16.63 20.61
C ARG D 463 8.73 -16.13 19.22
N LYS D 464 7.54 -15.56 19.10
CA LYS D 464 7.07 -15.05 17.82
C LYS D 464 7.73 -13.72 17.51
N GLU D 465 8.33 -13.63 16.33
CA GLU D 465 9.03 -12.43 15.88
C GLU D 465 8.26 -11.80 14.73
N VAL D 466 7.90 -10.52 14.89
CA VAL D 466 7.25 -9.79 13.80
C VAL D 466 8.22 -9.64 12.64
N ASN D 467 9.47 -9.30 12.93
CA ASN D 467 10.52 -9.15 11.94
C ASN D 467 11.81 -9.70 12.52
N PRO D 468 12.44 -10.69 11.87
CA PRO D 468 13.63 -11.31 12.48
C PRO D 468 14.83 -10.38 12.53
N ASP D 469 14.81 -9.45 13.48
CA ASP D 469 15.91 -8.50 13.60
C ASP D 469 17.22 -9.19 13.97
N GLU D 470 17.16 -10.30 14.70
CA GLU D 470 18.38 -11.04 15.02
C GLU D 470 19.05 -11.56 13.75
N LEU D 471 18.26 -12.07 12.81
CA LEU D 471 18.83 -12.49 11.53
C LEU D 471 19.34 -11.32 10.72
N HIS D 472 18.68 -10.16 10.81
CA HIS D 472 19.17 -8.96 10.15
C HIS D 472 20.55 -8.59 10.66
N ILE D 473 20.74 -8.63 11.98
CA ILE D 473 22.05 -8.35 12.55
C ILE D 473 23.06 -9.43 12.15
N TYR D 474 22.63 -10.70 12.15
CA TYR D 474 23.54 -11.79 11.84
C TYR D 474 24.06 -11.71 10.41
N ILE D 475 23.21 -11.26 9.48
CA ILE D 475 23.64 -11.15 8.08
C ILE D 475 24.81 -10.19 7.95
N SER D 476 24.74 -9.04 8.64
CA SER D 476 25.76 -8.02 8.51
C SER D 476 26.93 -8.20 9.48
N GLU D 477 26.67 -8.74 10.67
CA GLU D 477 27.72 -8.81 11.69
C GLU D 477 28.52 -10.11 11.62
N ASN D 478 27.85 -11.26 11.64
CA ASN D 478 28.53 -12.55 11.67
C ASN D 478 28.85 -13.10 10.30
N PHE D 479 27.93 -12.98 9.34
CA PHE D 479 28.17 -13.53 8.01
C PHE D 479 29.29 -12.79 7.28
N SER D 480 29.54 -11.53 7.64
CA SER D 480 30.58 -10.76 6.97
C SER D 480 31.98 -11.30 7.23
N ARG D 481 32.17 -12.06 8.32
CA ARG D 481 33.50 -12.60 8.60
C ARG D 481 33.85 -13.74 7.66
N VAL D 482 32.86 -14.47 7.15
CA VAL D 482 33.11 -15.48 6.13
C VAL D 482 33.54 -14.81 4.83
N MET D 483 32.94 -13.66 4.51
CA MET D 483 33.36 -12.90 3.35
C MET D 483 34.83 -12.51 3.46
N ASP D 484 35.30 -12.19 4.66
CA ASP D 484 36.72 -11.91 4.87
C ASP D 484 37.56 -13.15 4.58
N ARG D 485 37.07 -14.33 4.94
CA ARG D 485 37.78 -15.56 4.61
C ARG D 485 37.88 -15.76 3.12
N ILE D 486 36.79 -15.49 2.39
CA ILE D 486 36.82 -15.63 0.93
C ILE D 486 37.81 -14.64 0.33
N THR D 487 37.80 -13.39 0.82
CA THR D 487 38.74 -12.39 0.31
C THR D 487 40.18 -12.80 0.58
N GLU D 488 40.45 -13.32 1.79
CA GLU D 488 41.81 -13.76 2.12
C GLU D 488 42.23 -14.93 1.22
N HIS D 489 41.32 -15.86 0.96
CA HIS D 489 41.63 -16.97 0.07
C HIS D 489 41.96 -16.48 -1.34
N ILE D 490 41.17 -15.53 -1.85
CA ILE D 490 41.42 -14.99 -3.18
C ILE D 490 42.77 -14.29 -3.22
N LYS D 491 43.08 -13.50 -2.19
CA LYS D 491 44.37 -12.81 -2.14
C LYS D 491 45.53 -13.80 -2.09
N TYR D 492 45.38 -14.87 -1.30
CA TYR D 492 46.44 -15.87 -1.21
C TYR D 492 46.65 -16.56 -2.56
N HIS D 493 45.56 -16.91 -3.24
CA HIS D 493 45.71 -17.54 -4.55
C HIS D 493 46.34 -16.57 -5.55
N LEU D 494 46.02 -15.29 -5.45
CA LEU D 494 46.62 -14.30 -6.34
C LEU D 494 48.11 -14.12 -6.03
N SER D 495 48.52 -14.35 -4.79
CA SER D 495 49.91 -14.16 -4.41
C SER D 495 50.83 -15.18 -5.09
N GLN D 496 50.38 -16.43 -5.21
CA GLN D 496 51.21 -17.46 -5.77
C GLN D 496 51.50 -17.20 -7.25
N PRO D 497 52.69 -17.58 -7.73
CA PRO D 497 53.07 -17.31 -9.14
C PRO D 497 52.43 -18.28 -10.11
N HIS D 498 51.13 -18.14 -10.32
CA HIS D 498 50.42 -18.95 -11.29
C HIS D 498 50.67 -18.41 -12.69
N GLU D 499 50.01 -19.02 -13.68
CA GLU D 499 50.09 -18.54 -15.05
C GLU D 499 49.39 -17.19 -15.18
N THR D 500 49.83 -16.40 -16.16
CA THR D 500 49.40 -15.01 -16.27
C THR D 500 47.89 -14.91 -16.45
N ASN D 501 47.31 -15.74 -17.32
CA ASN D 501 45.87 -15.68 -17.53
C ASN D 501 45.11 -16.11 -16.29
N ILE D 502 45.66 -17.06 -15.53
CA ILE D 502 45.07 -17.49 -14.26
C ILE D 502 45.08 -16.29 -13.30
N LEU D 503 46.17 -15.52 -13.27
CA LEU D 503 46.23 -14.33 -12.41
C LEU D 503 45.22 -13.28 -12.86
N ASN D 504 45.05 -13.11 -14.17
CA ASN D 504 44.05 -12.16 -14.66
C ASN D 504 42.64 -12.59 -14.26
N TYR D 505 42.34 -13.89 -14.37
CA TYR D 505 41.05 -14.40 -13.94
C TYR D 505 40.83 -14.15 -12.46
N TYR D 506 41.85 -14.40 -11.64
CA TYR D 506 41.71 -14.18 -10.21
C TYR D 506 41.53 -12.69 -9.89
N LYS D 507 42.22 -11.82 -10.63
CA LYS D 507 42.04 -10.39 -10.42
C LYS D 507 40.62 -9.94 -10.77
N LYS D 508 40.09 -10.45 -11.88
CA LYS D 508 38.71 -10.12 -12.25
C LYS D 508 37.73 -10.65 -11.20
N LEU D 509 37.96 -11.87 -10.72
CA LEU D 509 37.11 -12.43 -9.68
C LEU D 509 37.16 -11.60 -8.41
N LEU D 510 38.36 -11.15 -8.03
CA LEU D 510 38.50 -10.31 -6.84
C LEU D 510 37.76 -8.99 -7.02
N LYS D 511 37.87 -8.37 -8.19
CA LYS D 511 37.16 -7.11 -8.43
C LYS D 511 35.66 -7.31 -8.33
N ALA D 512 35.13 -8.37 -8.96
CA ALA D 512 33.70 -8.62 -8.91
C ALA D 512 33.23 -8.90 -7.49
N PHE D 513 33.99 -9.71 -6.75
CA PHE D 513 33.61 -10.04 -5.38
C PHE D 513 33.64 -8.79 -4.49
N GLU D 514 34.65 -7.94 -4.66
CA GLU D 514 34.74 -6.71 -3.89
C GLU D 514 33.56 -5.79 -4.21
N ARG D 515 33.17 -5.73 -5.49
CA ARG D 515 31.97 -4.96 -5.83
C ARG D 515 30.74 -5.53 -5.16
N SER D 516 30.62 -6.86 -5.12
CA SER D 516 29.47 -7.51 -4.50
C SER D 516 29.62 -7.71 -3.00
N LYS D 517 30.78 -7.37 -2.42
CA LYS D 517 31.00 -7.62 -1.00
C LYS D 517 30.15 -6.71 -0.12
N SER D 518 29.96 -5.46 -0.53
CA SER D 518 29.30 -4.47 0.32
C SER D 518 27.79 -4.52 0.24
N LYS D 519 27.21 -5.39 -0.59
CA LYS D 519 25.76 -5.42 -0.72
C LYS D 519 25.07 -6.04 0.49
N ILE D 520 25.80 -6.76 1.34
CA ILE D 520 25.20 -7.37 2.52
C ILE D 520 24.85 -6.35 3.59
N PHE D 521 25.32 -5.11 3.44
CA PHE D 521 24.96 -4.03 4.36
C PHE D 521 23.80 -3.19 3.85
N ASN D 522 23.22 -3.54 2.71
CA ASN D 522 22.14 -2.78 2.12
C ASN D 522 20.79 -3.28 2.65
N ASP D 523 19.88 -2.35 2.90
CA ASP D 523 18.58 -2.70 3.47
C ASP D 523 17.77 -3.55 2.50
N SER D 524 17.70 -3.12 1.23
CA SER D 524 16.91 -3.85 0.24
C SER D 524 17.47 -5.24 0.00
N PHE D 525 18.79 -5.36 -0.08
CA PHE D 525 19.41 -6.66 -0.29
C PHE D 525 19.12 -7.60 0.88
N LYS D 526 19.20 -7.11 2.10
CA LYS D 526 18.90 -7.94 3.26
C LYS D 526 17.42 -8.33 3.29
N LYS D 527 16.53 -7.41 2.92
CA LYS D 527 15.11 -7.75 2.83
C LYS D 527 14.89 -8.86 1.81
N GLY D 528 15.53 -8.76 0.65
CA GLY D 528 15.39 -9.81 -0.35
C GLY D 528 15.95 -11.14 0.12
N VAL D 529 17.08 -11.10 0.81
CA VAL D 529 17.68 -12.33 1.33
C VAL D 529 16.75 -13.00 2.32
N ILE D 530 16.15 -12.22 3.22
CA ILE D 530 15.28 -12.81 4.23
C ILE D 530 13.98 -13.30 3.61
N ARG D 531 13.44 -12.58 2.63
CA ARG D 531 12.24 -13.07 1.95
C ARG D 531 12.53 -14.37 1.22
N GLN D 532 13.72 -14.49 0.62
CA GLN D 532 14.10 -15.76 0.00
C GLN D 532 14.39 -16.83 1.04
N ALA D 533 14.86 -16.43 2.22
CA ALA D 533 15.16 -17.39 3.27
C ALA D 533 13.90 -18.00 3.88
N GLU D 534 12.75 -17.34 3.73
CA GLU D 534 11.51 -17.86 4.30
C GLU D 534 11.14 -19.20 3.71
N PHE D 535 11.57 -19.50 2.48
CA PHE D 535 11.27 -20.79 1.88
C PHE D 535 12.15 -21.89 2.44
N LEU D 536 13.41 -21.60 2.76
CA LEU D 536 14.32 -22.60 3.27
C LEU D 536 14.03 -22.93 4.73
N PHE D 537 13.69 -21.92 5.53
CA PHE D 537 13.39 -22.14 6.94
C PHE D 537 11.99 -22.67 7.17
N ARG D 538 11.19 -22.80 6.12
CA ARG D 538 9.81 -23.28 6.26
C ARG D 538 9.77 -24.68 6.86
N GLN D 539 8.90 -24.86 7.85
CA GLN D 539 8.67 -26.16 8.47
C GLN D 539 7.18 -26.40 8.52
N ARG D 540 6.72 -27.39 7.77
CA ARG D 540 5.29 -27.67 7.67
C ARG D 540 4.74 -28.15 9.01
N SER D 541 3.52 -27.70 9.33
CA SER D 541 2.78 -28.14 10.51
C SER D 541 3.46 -27.77 11.81
N PHE D 542 4.30 -26.73 11.81
CA PHE D 542 4.91 -26.28 13.06
C PHE D 542 3.89 -25.56 13.93
N ILE D 543 3.10 -24.66 13.34
CA ILE D 543 2.09 -23.93 14.09
C ILE D 543 1.00 -24.86 14.59
N GLN D 544 0.65 -25.88 13.81
CA GLN D 544 -0.42 -26.80 14.21
C GLN D 544 -0.09 -27.51 15.51
N THR D 545 1.16 -27.94 15.66
CA THR D 545 1.59 -28.67 16.85
C THR D 545 2.05 -27.75 17.98
N LEU D 546 2.01 -26.45 17.78
CA LEU D 546 2.52 -25.51 18.78
C LEU D 546 1.56 -25.45 19.97
N ASP D 547 2.10 -25.64 21.18
CA ASP D 547 1.36 -25.62 22.44
C ASP D 547 0.21 -26.64 22.48
N THR D 548 0.36 -27.78 21.80
CA THR D 548 -0.71 -28.80 21.78
C THR D 548 -0.51 -29.89 22.80
N ASN D 549 0.71 -30.18 23.24
CA ASN D 549 0.92 -31.20 24.26
C ASN D 549 0.46 -30.65 25.61
N PRO D 550 -0.56 -31.23 26.26
CA PRO D 550 -1.05 -30.70 27.52
C PRO D 550 -0.14 -31.04 28.71
N TYR D 551 0.75 -32.02 28.57
CA TYR D 551 1.65 -32.44 29.62
C TYR D 551 2.93 -31.60 29.68
N LEU D 552 3.12 -30.62 28.79
CA LEU D 552 4.26 -29.70 28.79
C LEU D 552 3.75 -28.31 29.12
N LEU D 553 4.37 -27.65 30.10
CA LEU D 553 3.98 -26.34 30.58
C LEU D 553 5.17 -25.38 30.58
N GLY D 554 5.09 -24.21 29.96
CA GLY D 554 6.24 -23.31 29.97
C GLY D 554 6.30 -22.51 31.26
N VAL D 555 7.43 -22.50 31.97
CA VAL D 555 7.64 -21.82 33.22
C VAL D 555 8.70 -20.73 33.01
N GLY D 556 9.00 -20.01 34.10
CA GLY D 556 9.89 -18.87 33.98
C GLY D 556 11.33 -19.23 33.74
N ASN D 557 11.76 -20.42 34.17
CA ASN D 557 13.15 -20.84 34.04
C ASN D 557 13.33 -22.03 33.13
N GLY D 558 12.43 -22.22 32.17
CA GLY D 558 12.51 -23.34 31.26
C GLY D 558 11.11 -23.83 30.91
N VAL D 559 11.01 -25.13 30.67
CA VAL D 559 9.72 -25.78 30.43
C VAL D 559 9.57 -26.94 31.40
N LEU D 560 8.40 -27.04 32.02
CA LEU D 560 8.11 -28.07 33.00
C LEU D 560 7.35 -29.21 32.34
N SER D 561 7.83 -30.43 32.54
CA SER D 561 7.24 -31.62 31.93
C SER D 561 6.63 -32.48 33.02
N ILE D 562 5.30 -32.63 32.97
CA ILE D 562 4.59 -33.49 33.91
C ILE D 562 4.18 -34.81 33.24
N GLU D 563 4.88 -35.22 32.19
CA GLU D 563 4.55 -36.45 31.49
C GLU D 563 4.69 -37.66 32.40
N THR D 564 5.75 -37.70 33.21
CA THR D 564 6.01 -38.82 34.10
C THR D 564 6.35 -38.29 35.49
N ILE D 565 6.14 -39.14 36.48
CA ILE D 565 6.44 -38.82 37.88
C ILE D 565 7.89 -39.21 38.16
N PRO D 566 8.71 -38.32 38.73
CA PRO D 566 8.38 -36.95 39.11
C PRO D 566 8.50 -35.96 37.95
N ALA D 567 7.95 -34.76 38.14
CA ALA D 567 8.05 -33.73 37.11
C ALA D 567 9.49 -33.30 36.91
N LYS D 568 9.86 -33.08 35.65
CA LYS D 568 11.22 -32.74 35.27
C LYS D 568 11.26 -31.33 34.72
N LEU D 569 12.25 -30.55 35.16
CA LEU D 569 12.48 -29.22 34.61
C LEU D 569 13.57 -29.31 33.54
N ILE D 570 13.26 -28.79 32.36
CA ILE D 570 14.17 -28.84 31.22
C ILE D 570 14.91 -27.51 31.17
N ASN D 571 16.16 -27.51 31.63
CA ASN D 571 17.00 -26.31 31.61
C ASN D 571 17.96 -26.30 30.44
N HIS D 572 17.82 -27.24 29.50
CA HIS D 572 18.76 -27.38 28.41
C HIS D 572 18.06 -27.39 27.06
N PHE D 573 18.79 -27.71 26.00
CA PHE D 573 18.21 -27.72 24.67
C PHE D 573 17.13 -28.78 24.55
N HIS D 574 16.07 -28.46 23.81
CA HIS D 574 14.97 -29.39 23.58
C HIS D 574 14.29 -29.02 22.27
N GLU D 575 13.50 -29.96 21.75
CA GLU D 575 12.81 -29.77 20.48
C GLU D 575 11.29 -29.75 20.64
N HIS D 576 10.79 -29.73 21.86
CA HIS D 576 9.35 -29.64 22.07
C HIS D 576 8.87 -28.22 21.78
N PRO D 577 7.84 -28.04 20.95
CA PRO D 577 7.37 -26.69 20.56
C PRO D 577 6.46 -26.00 21.58
N ILE D 578 7.08 -25.34 22.55
CA ILE D 578 6.35 -24.55 23.54
C ILE D 578 6.53 -23.07 23.21
N HIS D 579 5.43 -22.34 23.14
CA HIS D 579 5.45 -20.91 22.91
C HIS D 579 4.90 -20.13 24.09
N GLN D 580 3.70 -20.44 24.55
CA GLN D 580 3.12 -19.77 25.71
C GLN D 580 3.81 -20.24 26.98
N TYR D 581 3.77 -19.41 28.02
CA TYR D 581 4.46 -19.72 29.27
C TYR D 581 3.88 -18.87 30.39
N THR D 582 4.25 -19.22 31.62
CA THR D 582 3.97 -18.43 32.79
C THR D 582 5.28 -17.90 33.36
N HIS D 583 5.19 -16.80 34.09
CA HIS D 583 6.37 -16.12 34.62
C HIS D 583 6.89 -16.76 35.90
N ILE D 584 6.24 -17.80 36.40
CA ILE D 584 6.64 -18.43 37.66
C ILE D 584 7.79 -19.39 37.42
N CYS D 585 8.86 -19.24 38.19
CA CYS D 585 10.00 -20.14 38.12
C CYS D 585 9.74 -21.36 38.99
N TYR D 586 9.84 -22.55 38.40
CA TYR D 586 9.49 -23.77 39.11
C TYR D 586 10.66 -24.25 39.97
N GLU D 587 10.33 -24.69 41.18
CA GLU D 587 11.30 -25.32 42.07
C GLU D 587 10.69 -26.56 42.68
N PRO D 588 11.51 -27.56 42.98
CA PRO D 588 10.98 -28.78 43.61
C PRO D 588 10.34 -28.48 44.95
N PHE D 589 9.28 -29.24 45.25
CA PHE D 589 8.50 -29.01 46.46
C PHE D 589 9.35 -29.29 47.69
N ASN D 590 9.64 -28.26 48.46
CA ASN D 590 10.40 -28.38 49.71
C ASN D 590 9.52 -27.90 50.86
N PRO D 591 9.03 -28.80 51.71
CA PRO D 591 8.15 -28.36 52.81
C PRO D 591 8.84 -27.47 53.82
N GLU D 592 10.17 -27.47 53.87
CA GLU D 592 10.90 -26.68 54.86
C GLU D 592 11.17 -25.25 54.42
N ASN D 593 10.81 -24.89 53.19
CA ASN D 593 10.96 -23.50 52.76
C ASN D 593 10.02 -22.61 53.55
N PRO D 594 10.48 -21.44 54.00
CA PRO D 594 9.61 -20.58 54.82
C PRO D 594 8.31 -20.19 54.14
N TRP D 595 8.36 -19.85 52.86
CA TRP D 595 7.13 -19.51 52.14
C TRP D 595 6.22 -20.72 52.02
N THR D 596 6.80 -21.89 51.77
CA THR D 596 5.99 -23.11 51.70
C THR D 596 5.33 -23.40 53.05
N LYS D 597 6.07 -23.23 54.15
CA LYS D 597 5.48 -23.42 55.46
C LYS D 597 4.34 -22.44 55.71
N LEU D 598 4.55 -21.17 55.34
CA LEU D 598 3.50 -20.16 55.54
C LEU D 598 2.25 -20.50 54.74
N LEU D 599 2.43 -20.90 53.47
CA LEU D 599 1.29 -21.23 52.63
C LEU D 599 0.57 -22.47 53.15
N LEU D 600 1.32 -23.47 53.61
CA LEU D 600 0.68 -24.67 54.15
C LEU D 600 -0.09 -24.36 55.42
N ASN D 601 0.45 -23.50 56.28
CA ASN D 601 -0.28 -23.08 57.47
C ASN D 601 -1.55 -22.32 57.10
N ALA D 602 -1.47 -21.45 56.09
CA ALA D 602 -2.65 -20.73 55.65
C ALA D 602 -3.71 -21.68 55.11
N LEU D 603 -3.30 -22.68 54.33
CA LEU D 603 -4.24 -23.66 53.82
C LEU D 603 -4.88 -24.45 54.95
N GLN D 604 -4.09 -24.85 55.94
CA GLN D 604 -4.63 -25.55 57.10
C GLN D 604 -5.62 -24.69 57.86
N ASP D 605 -5.37 -23.38 57.94
CA ASP D 605 -6.28 -22.48 58.65
C ASP D 605 -7.57 -22.27 57.89
N ILE D 606 -7.51 -22.09 56.57
CA ILE D 606 -8.78 -21.79 55.85
C ILE D 606 -9.68 -23.02 55.90
N ILE D 607 -9.15 -24.18 55.52
CA ILE D 607 -10.00 -25.37 55.44
C ILE D 607 -9.71 -26.27 56.64
N PRO D 608 -10.57 -26.29 57.68
CA PRO D 608 -10.32 -27.07 58.88
C PRO D 608 -10.33 -28.58 58.64
N GLU D 609 -11.32 -29.11 57.91
CA GLU D 609 -11.45 -30.54 57.71
C GLU D 609 -10.32 -31.07 56.85
N LEU D 610 -9.66 -32.15 57.30
CA LEU D 610 -8.53 -32.70 56.56
C LEU D 610 -8.96 -33.33 55.25
N ASP D 611 -10.00 -34.16 55.23
CA ASP D 611 -10.47 -34.77 53.99
C ASP D 611 -10.92 -33.69 53.01
N ALA D 612 -11.62 -32.67 53.50
CA ALA D 612 -12.04 -31.57 52.63
C ALA D 612 -10.84 -30.81 52.08
N ARG D 613 -9.84 -30.57 52.93
CA ARG D 613 -8.65 -29.86 52.47
C ARG D 613 -7.92 -30.65 51.39
N LEU D 614 -7.76 -31.95 51.57
CA LEU D 614 -7.12 -32.82 50.60
C LEU D 614 -7.92 -32.82 49.28
N TRP D 615 -9.25 -32.90 49.35
CA TRP D 615 -10.06 -32.89 48.15
C TRP D 615 -9.93 -31.56 47.44
N ILE D 616 -9.93 -30.44 48.17
CA ILE D 616 -9.82 -29.13 47.56
C ILE D 616 -8.48 -28.98 46.85
N MET D 617 -7.41 -29.41 47.52
CA MET D 617 -6.08 -29.29 46.91
C MET D 617 -5.92 -30.20 45.70
N PHE D 618 -6.50 -31.41 45.75
CA PHE D 618 -6.48 -32.28 44.59
C PHE D 618 -7.24 -31.65 43.43
N TYR D 619 -8.38 -31.04 43.69
CA TYR D 619 -9.17 -30.44 42.65
C TYR D 619 -8.41 -29.27 42.03
N LEU D 620 -7.86 -28.37 42.85
CA LEU D 620 -7.16 -27.21 42.32
C LEU D 620 -5.88 -27.60 41.59
N SER D 621 -5.29 -28.75 41.95
CA SER D 621 -4.07 -29.19 41.27
C SER D 621 -4.32 -29.51 39.82
N THR D 622 -5.52 -29.91 39.43
CA THR D 622 -5.84 -30.25 38.04
C THR D 622 -5.84 -29.02 37.14
N ALA D 623 -5.75 -27.80 37.68
CA ALA D 623 -5.71 -26.58 36.90
C ALA D 623 -4.44 -26.48 36.03
N ILE D 624 -3.37 -27.19 36.40
CA ILE D 624 -2.11 -27.27 35.66
C ILE D 624 -2.27 -27.96 34.30
N PHE D 625 -3.01 -29.07 34.27
CA PHE D 625 -3.25 -29.87 33.08
C PHE D 625 -4.26 -29.20 32.15
N ARG D 626 -3.98 -29.08 30.85
CA ARG D 626 -4.87 -28.40 29.88
C ARG D 626 -5.59 -29.35 28.90
N GLY D 627 -5.85 -30.59 29.31
CA GLY D 627 -6.55 -31.60 28.50
C GLY D 627 -7.95 -31.88 29.02
N LEU D 628 -8.58 -32.98 28.60
CA LEU D 628 -9.91 -33.35 29.06
C LEU D 628 -9.90 -33.66 30.56
N LYS D 629 -10.96 -33.30 31.28
CA LYS D 629 -11.09 -33.49 32.74
C LYS D 629 -12.38 -34.19 33.14
N GLU D 630 -12.55 -34.47 34.42
CA GLU D 630 -13.73 -35.16 34.97
C GLU D 630 -15.03 -34.34 35.01
N ALA D 631 -15.01 -33.11 34.50
CA ALA D 631 -16.17 -32.23 34.39
C ALA D 631 -16.96 -31.98 35.69
N LEU D 632 -16.24 -31.65 36.77
CA LEU D 632 -16.80 -31.30 38.06
C LEU D 632 -16.60 -29.82 38.32
N MET D 633 -17.59 -29.14 38.85
CA MET D 633 -17.50 -27.73 39.25
C MET D 633 -17.61 -27.64 40.77
N LEU D 634 -16.82 -26.78 41.39
CA LEU D 634 -16.86 -26.57 42.83
C LEU D 634 -17.61 -25.28 43.14
N LEU D 635 -18.61 -25.39 44.00
CA LEU D 635 -19.37 -24.27 44.52
C LEU D 635 -18.87 -24.04 45.94
N TRP D 636 -18.35 -22.85 46.22
CA TRP D 636 -17.77 -22.50 47.51
C TRP D 636 -18.60 -21.39 48.12
N LEU D 637 -19.28 -21.71 49.22
CA LEU D 637 -20.15 -20.76 49.91
C LEU D 637 -19.52 -20.31 51.21
N GLY D 638 -19.56 -19.00 51.44
CA GLY D 638 -19.03 -18.45 52.68
C GLY D 638 -19.43 -17.00 52.88
N GLY D 639 -19.97 -16.68 54.06
CA GLY D 639 -20.36 -15.31 54.36
C GLY D 639 -19.20 -14.55 54.97
N GLY D 640 -19.01 -13.31 54.53
CA GLY D 640 -17.95 -12.50 55.08
C GLY D 640 -16.57 -12.96 54.61
N CYS D 641 -15.57 -12.47 55.33
CA CYS D 641 -14.17 -12.75 55.01
C CYS D 641 -13.84 -14.18 55.40
N ASN D 642 -13.70 -15.06 54.40
CA ASN D 642 -13.29 -16.43 54.62
C ASN D 642 -12.01 -16.77 53.89
N GLY D 643 -11.37 -15.79 53.26
CA GLY D 643 -10.18 -16.04 52.47
C GLY D 643 -10.45 -16.68 51.12
N LYS D 644 -11.69 -16.61 50.63
CA LYS D 644 -12.03 -17.28 49.37
C LYS D 644 -11.25 -16.68 48.20
N THR D 645 -11.32 -15.36 48.03
CA THR D 645 -10.71 -14.76 46.85
C THR D 645 -9.18 -14.80 46.91
N PHE D 646 -8.60 -14.92 48.11
CA PHE D 646 -7.16 -15.04 48.23
C PHE D 646 -6.67 -16.34 47.61
N LEU D 647 -7.16 -17.48 48.13
CA LEU D 647 -6.77 -18.77 47.59
C LEU D 647 -7.20 -18.93 46.13
N MET D 648 -8.40 -18.47 45.82
CA MET D 648 -8.94 -18.65 44.47
C MET D 648 -8.22 -17.77 43.45
N ARG D 649 -7.67 -16.64 43.91
CA ARG D 649 -6.91 -15.77 43.01
C ARG D 649 -5.44 -16.16 42.93
N LEU D 650 -4.91 -16.82 43.97
CA LEU D 650 -3.50 -17.20 43.95
C LEU D 650 -3.22 -18.21 42.85
N VAL D 651 -4.17 -19.12 42.60
CA VAL D 651 -4.00 -20.09 41.52
C VAL D 651 -3.90 -19.37 40.17
N ALA D 652 -4.78 -18.40 39.94
CA ALA D 652 -4.71 -17.64 38.70
C ALA D 652 -3.43 -16.81 38.61
N MET D 653 -2.95 -16.31 39.75
CA MET D 653 -1.70 -15.56 39.74
C MET D 653 -0.52 -16.44 39.35
N VAL D 654 -0.45 -17.64 39.92
CA VAL D 654 0.69 -18.51 39.63
C VAL D 654 0.58 -19.13 38.23
N LEU D 655 -0.64 -19.32 37.73
CA LEU D 655 -0.80 -19.90 36.40
C LEU D 655 -0.67 -18.88 35.28
N GLY D 656 -0.65 -17.59 35.60
CA GLY D 656 -0.46 -16.57 34.59
C GLY D 656 -1.73 -16.30 33.79
N ASP D 657 -1.61 -15.33 32.89
CA ASP D 657 -2.74 -14.94 32.06
C ASP D 657 -3.00 -15.93 30.94
N HIS D 658 -1.96 -16.58 30.42
CA HIS D 658 -2.13 -17.48 29.29
C HIS D 658 -2.91 -18.74 29.66
N TYR D 659 -2.81 -19.20 30.91
CA TYR D 659 -3.44 -20.43 31.34
C TYR D 659 -4.63 -20.24 32.28
N ALA D 660 -4.75 -19.11 32.96
CA ALA D 660 -5.86 -18.85 33.87
C ALA D 660 -6.41 -17.45 33.62
N SER D 661 -7.70 -17.28 33.91
CA SER D 661 -8.35 -15.99 33.71
C SER D 661 -9.63 -15.96 34.53
N LYS D 662 -9.98 -14.76 35.00
CA LYS D 662 -11.24 -14.56 35.68
C LYS D 662 -12.38 -14.58 34.65
N LEU D 663 -13.50 -15.16 35.05
CA LEU D 663 -14.66 -15.32 34.18
C LEU D 663 -15.83 -14.52 34.71
N ASN D 664 -16.60 -13.93 33.79
CA ASN D 664 -17.75 -13.14 34.18
C ASN D 664 -18.83 -14.04 34.76
N ILE D 665 -19.44 -13.59 35.87
CA ILE D 665 -20.47 -14.40 36.54
C ILE D 665 -21.73 -14.51 35.70
N SER D 666 -21.99 -13.51 34.85
CA SER D 666 -23.23 -13.51 34.06
C SER D 666 -23.30 -14.69 33.10
N LEU D 667 -22.19 -15.37 32.78
CA LEU D 667 -22.20 -16.55 31.89
C LEU D 667 -23.01 -17.68 32.50
N LEU D 668 -22.97 -17.85 33.82
CA LEU D 668 -23.69 -18.90 34.51
C LEU D 668 -25.08 -18.43 34.94
N THR D 669 -25.46 -17.18 34.76
CA THR D 669 -26.76 -16.69 35.24
C THR D 669 -27.71 -16.28 34.13
N SER D 670 -27.22 -15.60 33.10
CA SER D 670 -28.04 -15.13 31.98
C SER D 670 -28.35 -16.23 30.96
N TYR D 671 -29.38 -16.02 30.15
CA TYR D 671 -29.79 -16.96 29.10
C TYR D 671 -28.83 -16.92 27.91
N ARG D 672 -28.91 -17.91 27.02
CA ARG D 672 -28.06 -17.98 25.82
C ARG D 672 -28.35 -16.82 24.88
N GLU D 673 -27.34 -16.37 24.15
CA GLU D 673 -27.49 -15.29 23.18
C GLU D 673 -28.08 -15.87 21.88
N THR D 674 -28.45 -15.01 20.94
CA THR D 674 -28.81 -15.50 19.61
C THR D 674 -27.56 -16.03 18.91
N ALA D 675 -27.78 -16.89 17.90
CA ALA D 675 -26.69 -17.63 17.30
C ALA D 675 -25.66 -16.73 16.61
N GLU D 676 -26.04 -15.52 16.22
CA GLU D 676 -25.11 -14.68 15.46
C GLU D 676 -24.33 -13.72 16.35
N LYS D 677 -24.82 -13.42 17.55
CA LYS D 677 -24.13 -12.45 18.39
C LYS D 677 -22.88 -13.06 19.01
N PRO D 678 -21.75 -12.36 18.95
CA PRO D 678 -20.53 -12.87 19.57
C PRO D 678 -20.53 -12.67 21.08
N ASN D 679 -19.63 -13.38 21.76
CA ASN D 679 -19.50 -13.29 23.21
C ASN D 679 -18.06 -13.51 23.64
N SER D 680 -17.29 -12.43 23.76
CA SER D 680 -15.88 -12.53 24.12
C SER D 680 -15.69 -13.05 25.54
N ALA D 681 -16.62 -12.73 26.45
CA ALA D 681 -16.52 -13.24 27.81
C ALA D 681 -16.53 -14.76 27.83
N PHE D 682 -17.24 -15.37 26.89
CA PHE D 682 -17.20 -16.82 26.69
C PHE D 682 -15.95 -17.18 25.88
N MET D 683 -15.45 -16.29 25.01
CA MET D 683 -14.28 -16.62 24.22
C MET D 683 -13.04 -16.76 25.07
N ARG D 684 -13.02 -16.13 26.25
CA ARG D 684 -11.84 -16.18 27.09
C ARG D 684 -11.54 -17.60 27.60
N LEU D 685 -12.47 -18.54 27.51
CA LEU D 685 -12.24 -19.92 27.94
C LEU D 685 -11.29 -20.65 27.00
N LYS D 686 -11.02 -20.12 25.80
CA LYS D 686 -10.24 -20.86 24.81
C LYS D 686 -8.80 -21.02 25.26
N GLY D 687 -8.35 -22.26 25.41
CA GLY D 687 -6.98 -22.60 25.77
C GLY D 687 -6.62 -22.46 27.24
N ARG D 688 -7.62 -22.13 28.07
CA ARG D 688 -7.38 -21.90 29.52
C ARG D 688 -7.49 -23.21 30.31
N GLY D 689 -6.65 -23.38 31.34
CA GLY D 689 -6.71 -24.54 32.22
C GLY D 689 -7.47 -24.26 33.52
N TYR D 690 -7.63 -22.99 33.89
CA TYR D 690 -8.31 -22.56 35.12
C TYR D 690 -9.18 -21.33 34.89
N GLY D 691 -10.33 -21.29 35.54
CA GLY D 691 -11.20 -20.13 35.54
C GLY D 691 -11.97 -20.09 36.84
N TYR D 692 -12.36 -18.89 37.26
CA TYR D 692 -13.03 -18.70 38.58
C TYR D 692 -14.03 -17.55 38.53
N PHE D 693 -15.13 -17.67 39.27
CA PHE D 693 -16.19 -16.66 39.38
C PHE D 693 -16.15 -16.09 40.79
N GLU D 694 -16.24 -14.76 40.89
CA GLU D 694 -15.97 -14.08 42.14
C GLU D 694 -17.09 -13.09 42.46
N GLU D 695 -17.38 -12.96 43.75
CA GLU D 695 -18.25 -11.91 44.30
C GLU D 695 -19.68 -11.99 43.77
N THR D 696 -20.24 -13.19 43.74
CA THR D 696 -21.67 -13.33 43.46
C THR D 696 -22.47 -12.95 44.70
N ASN D 697 -23.37 -11.98 44.56
CA ASN D 697 -24.00 -11.35 45.71
C ASN D 697 -25.51 -11.54 45.78
N LYS D 698 -26.24 -11.24 44.71
CA LYS D 698 -27.69 -11.07 44.85
C LYS D 698 -28.45 -12.38 44.70
N SER D 699 -27.79 -13.51 44.95
CA SER D 699 -28.43 -14.83 44.92
C SER D 699 -29.03 -15.12 43.55
N GLU D 700 -28.15 -15.32 42.58
CA GLU D 700 -28.57 -15.61 41.21
C GLU D 700 -29.11 -17.02 41.09
N ILE D 701 -29.85 -17.29 40.02
CA ILE D 701 -30.34 -18.61 39.63
C ILE D 701 -29.40 -19.07 38.50
N LEU D 702 -28.71 -20.20 38.64
CA LEU D 702 -27.76 -20.61 37.60
C LEU D 702 -28.45 -21.24 36.37
N ASN D 703 -27.99 -20.89 35.18
CA ASN D 703 -28.48 -21.41 33.91
C ASN D 703 -27.83 -22.78 33.67
N THR D 704 -28.60 -23.85 33.80
CA THR D 704 -28.06 -25.20 33.63
C THR D 704 -27.56 -25.49 32.23
N SER D 705 -28.11 -24.89 31.17
CA SER D 705 -27.61 -25.14 29.82
C SER D 705 -26.17 -24.65 29.66
N ARG D 706 -25.89 -23.46 30.17
CA ARG D 706 -24.49 -22.95 30.14
C ARG D 706 -23.61 -23.88 30.98
N LEU D 707 -24.06 -24.21 32.19
CA LEU D 707 -23.29 -25.11 33.06
C LEU D 707 -22.90 -26.37 32.29
N LYS D 708 -23.87 -27.07 31.69
CA LYS D 708 -23.63 -28.29 30.91
C LYS D 708 -22.76 -28.04 29.68
N GLU D 709 -22.76 -26.84 29.12
CA GLU D 709 -21.90 -26.48 27.99
C GLU D 709 -20.45 -26.28 28.45
N MET D 710 -20.25 -25.69 29.64
CA MET D 710 -18.93 -25.35 30.18
C MET D 710 -18.23 -26.46 30.95
N VAL D 711 -18.91 -27.27 31.77
CA VAL D 711 -18.27 -28.42 32.42
C VAL D 711 -18.66 -29.67 31.64
N ASN D 712 -17.89 -29.94 30.58
CA ASN D 712 -18.15 -31.03 29.67
C ASN D 712 -16.87 -31.47 28.95
N PRO D 713 -16.49 -32.75 28.96
CA PRO D 713 -15.29 -33.21 28.27
C PRO D 713 -15.58 -33.33 26.75
N GLY D 714 -15.69 -32.21 26.05
CA GLY D 714 -16.00 -32.18 24.62
C GLY D 714 -15.78 -30.82 23.98
N ASP D 715 -16.14 -30.73 22.70
CA ASP D 715 -16.01 -29.50 21.93
C ASP D 715 -17.16 -28.55 22.29
N VAL D 716 -16.87 -27.27 22.14
CA VAL D 716 -17.82 -26.20 22.36
C VAL D 716 -17.71 -25.25 21.19
N THR D 717 -18.84 -24.90 20.59
CA THR D 717 -18.91 -23.95 19.48
C THR D 717 -18.82 -22.53 20.02
N ALA D 718 -18.27 -21.62 19.23
CA ALA D 718 -17.84 -20.32 19.74
C ALA D 718 -17.94 -19.28 18.63
N ARG D 719 -18.11 -18.02 19.04
CA ARG D 719 -18.25 -16.90 18.08
C ARG D 719 -17.58 -15.65 18.66
N GLU D 720 -16.43 -15.24 18.13
CA GLU D 720 -15.70 -14.08 18.58
C GLU D 720 -16.01 -12.87 17.69
N LEU D 721 -15.87 -11.67 18.27
CA LEU D 721 -16.16 -10.45 17.54
C LEU D 721 -15.34 -10.34 16.27
N ASN D 722 -16.02 -10.00 15.16
CA ASN D 722 -15.38 -9.72 13.88
C ASN D 722 -14.55 -10.90 13.38
N GLN D 723 -14.91 -12.11 13.79
CA GLN D 723 -14.19 -13.31 13.36
C GLN D 723 -15.19 -14.44 13.11
N LYS D 724 -14.70 -15.47 12.44
CA LYS D 724 -15.54 -16.58 12.02
C LYS D 724 -16.05 -17.38 13.22
N GLN D 725 -17.09 -18.17 12.97
CA GLN D 725 -17.56 -19.12 13.97
C GLN D 725 -16.48 -20.16 14.23
N GLU D 726 -16.28 -20.51 15.50
CA GLU D 726 -15.16 -21.34 15.91
C GLU D 726 -15.62 -22.40 16.89
N SER D 727 -14.91 -23.51 16.93
CA SER D 727 -15.12 -24.56 17.91
C SER D 727 -13.79 -24.96 18.52
N PHE D 728 -13.78 -25.22 19.82
CA PHE D 728 -12.57 -25.65 20.50
C PHE D 728 -12.95 -26.57 21.65
N GLN D 729 -11.96 -27.32 22.12
CA GLN D 729 -12.13 -28.27 23.20
C GLN D 729 -12.19 -27.56 24.55
N MET D 730 -13.11 -27.96 25.41
CA MET D 730 -13.26 -27.37 26.73
C MET D 730 -12.34 -28.08 27.72
N THR D 731 -11.31 -27.40 28.22
CA THR D 731 -10.31 -28.00 29.14
C THR D 731 -10.01 -27.13 30.35
N ALA D 732 -11.05 -26.53 30.92
CA ALA D 732 -10.93 -25.61 32.06
C ALA D 732 -11.52 -26.16 33.35
N THR D 733 -10.79 -25.98 34.44
CA THR D 733 -11.21 -26.34 35.81
C THR D 733 -11.82 -25.06 36.37
N MET D 734 -13.03 -25.11 36.92
CA MET D 734 -13.73 -23.90 37.36
C MET D 734 -14.25 -23.93 38.79
N VAL D 735 -14.12 -22.81 39.50
CA VAL D 735 -14.59 -22.72 40.88
C VAL D 735 -15.43 -21.46 41.02
N ALA D 736 -16.58 -21.59 41.66
CA ALA D 736 -17.49 -20.48 41.88
C ALA D 736 -17.61 -20.20 43.37
N ALA D 737 -17.37 -18.94 43.76
CA ALA D 737 -17.43 -18.52 45.15
C ALA D 737 -18.47 -17.44 45.31
N SER D 738 -19.27 -17.55 46.37
CA SER D 738 -20.35 -16.60 46.62
C SER D 738 -20.64 -16.53 48.11
N ASN D 739 -21.23 -15.41 48.52
CA ASN D 739 -21.66 -15.24 49.90
C ASN D 739 -23.05 -15.78 50.17
N TYR D 740 -23.83 -16.04 49.11
CA TYR D 740 -25.18 -16.57 49.25
C TYR D 740 -25.39 -17.69 48.24
N ASN D 741 -26.31 -18.59 48.57
CA ASN D 741 -26.50 -19.81 47.81
C ASN D 741 -27.01 -19.53 46.40
N PHE D 742 -26.51 -20.29 45.44
CA PHE D 742 -27.11 -20.34 44.12
C PHE D 742 -28.42 -21.12 44.18
N ILE D 743 -29.35 -20.77 43.29
CA ILE D 743 -30.65 -21.42 43.21
C ILE D 743 -30.65 -22.32 41.99
N ILE D 744 -30.90 -23.61 42.17
CA ILE D 744 -30.94 -24.61 41.09
C ILE D 744 -32.40 -25.02 40.91
N ASP D 745 -32.92 -24.78 39.72
CA ASP D 745 -34.32 -25.05 39.36
C ASP D 745 -34.53 -26.42 38.68
N THR D 746 -33.73 -27.44 39.03
CA THR D 746 -33.88 -28.78 38.46
C THR D 746 -33.43 -29.90 39.41
N THR D 747 -34.04 -31.08 39.27
CA THR D 747 -33.65 -32.32 39.96
C THR D 747 -33.01 -33.29 38.98
N ASP D 748 -32.68 -32.86 37.75
CA ASP D 748 -32.06 -33.68 36.72
C ASP D 748 -30.68 -34.20 37.13
N HIS D 749 -30.46 -35.50 36.95
CA HIS D 749 -29.21 -36.13 37.32
C HIS D 749 -28.03 -35.56 36.54
N GLY D 750 -28.23 -35.15 35.30
CA GLY D 750 -27.18 -34.59 34.46
C GLY D 750 -26.61 -33.29 34.99
N THR D 751 -27.32 -32.61 35.89
CA THR D 751 -26.85 -31.37 36.53
C THR D 751 -26.16 -31.68 37.86
N TRP D 752 -26.77 -32.47 38.73
CA TRP D 752 -26.21 -32.69 40.06
C TRP D 752 -24.99 -33.59 40.03
N ARG D 753 -24.75 -34.25 38.89
CA ARG D 753 -23.56 -35.14 38.75
C ARG D 753 -22.31 -34.31 38.48
N ARG D 754 -22.47 -33.02 38.15
CA ARG D 754 -21.32 -32.14 37.81
C ARG D 754 -21.11 -31.03 38.84
N LEU D 755 -21.75 -31.13 40.01
CA LEU D 755 -21.62 -30.15 41.08
C LEU D 755 -21.11 -30.75 42.37
N ARG D 756 -20.29 -29.98 43.09
CA ARG D 756 -19.78 -30.28 44.41
C ARG D 756 -19.89 -28.99 45.21
N HIS D 757 -20.32 -29.07 46.45
CA HIS D 757 -20.60 -27.90 47.28
C HIS D 757 -19.80 -27.96 48.57
N TYR D 758 -19.21 -26.83 48.95
CA TYR D 758 -18.47 -26.70 50.19
C TYR D 758 -18.84 -25.39 50.86
N ARG D 759 -18.99 -25.41 52.17
CA ARG D 759 -19.35 -24.24 52.96
C ARG D 759 -18.21 -23.87 53.89
N SER D 760 -17.82 -22.60 53.87
CA SER D 760 -16.70 -22.14 54.68
C SER D 760 -17.09 -22.12 56.16
N LYS D 761 -16.15 -22.49 57.02
CA LYS D 761 -16.39 -22.48 58.46
C LYS D 761 -15.69 -21.31 59.15
N VAL D 762 -14.39 -21.14 58.91
CA VAL D 762 -13.63 -20.13 59.64
C VAL D 762 -13.96 -18.73 59.13
N LYS D 763 -13.75 -17.74 59.99
CA LYS D 763 -13.94 -16.34 59.65
C LYS D 763 -12.76 -15.54 60.16
N PHE D 764 -12.23 -14.66 59.31
CA PHE D 764 -11.11 -13.80 59.69
C PHE D 764 -11.65 -12.45 60.12
N CYS D 765 -11.44 -12.10 61.39
CA CYS D 765 -11.97 -10.86 61.94
C CYS D 765 -10.92 -10.23 62.83
N HIS D 766 -11.06 -8.91 63.04
CA HIS D 766 -10.06 -8.15 63.79
C HIS D 766 -10.04 -8.54 65.27
N ASN D 767 -11.19 -8.84 65.86
CA ASN D 767 -11.26 -9.28 67.26
C ASN D 767 -11.99 -10.61 67.33
N PRO D 768 -11.27 -11.71 67.16
CA PRO D 768 -11.90 -13.04 67.25
C PRO D 768 -12.27 -13.40 68.67
N ASP D 769 -13.26 -14.27 68.80
CA ASP D 769 -13.63 -14.81 70.10
C ASP D 769 -12.67 -15.92 70.48
N PRO D 770 -11.96 -15.82 71.60
CA PRO D 770 -11.05 -16.90 72.00
C PRO D 770 -11.75 -18.24 72.20
N ASN D 771 -13.01 -18.22 72.64
CA ASN D 771 -13.74 -19.46 72.83
C ASN D 771 -14.30 -20.08 71.56
N ASN D 772 -14.21 -19.36 70.44
CA ASN D 772 -14.70 -19.88 69.16
C ASN D 772 -13.51 -20.23 68.28
N SER D 773 -13.21 -21.52 68.07
CA SER D 773 -12.07 -21.87 67.21
C SER D 773 -12.21 -21.42 65.77
N TYR D 774 -13.43 -21.16 65.30
CA TYR D 774 -13.67 -20.78 63.91
C TYR D 774 -13.50 -19.29 63.65
N GLU D 775 -12.95 -18.54 64.59
CA GLU D 775 -12.66 -17.12 64.41
C GLU D 775 -11.15 -16.91 64.47
N LYS D 776 -10.61 -16.20 63.48
CA LYS D 776 -9.17 -16.01 63.35
C LYS D 776 -8.86 -14.53 63.19
N LYS D 777 -7.59 -14.18 63.44
CA LYS D 777 -7.17 -12.78 63.40
C LYS D 777 -6.98 -12.31 61.96
N GLU D 778 -7.40 -11.08 61.70
CA GLU D 778 -7.18 -10.46 60.39
C GLU D 778 -5.70 -10.20 60.16
N ASP D 779 -5.27 -10.31 58.90
CA ASP D 779 -3.86 -10.09 58.54
C ASP D 779 -3.80 -9.62 57.10
N PRO D 780 -4.02 -8.32 56.86
CA PRO D 780 -4.22 -7.82 55.49
C PRO D 780 -3.06 -8.09 54.54
N ARG D 781 -1.85 -8.32 55.05
CA ARG D 781 -0.71 -8.55 54.17
C ARG D 781 -0.86 -9.83 53.36
N PHE D 782 -1.75 -10.74 53.77
CA PHE D 782 -1.99 -11.94 52.97
C PHE D 782 -2.58 -11.58 51.61
N ILE D 783 -3.56 -10.69 51.58
CA ILE D 783 -4.18 -10.29 50.33
C ILE D 783 -3.45 -9.10 49.69
N HIS D 784 -2.67 -8.34 50.46
CA HIS D 784 -2.00 -7.16 49.93
C HIS D 784 -0.53 -7.39 49.60
N GLU D 785 0.14 -8.33 50.28
CA GLU D 785 1.57 -8.51 50.07
C GLU D 785 1.92 -9.94 49.69
N TYR D 786 1.27 -10.91 50.33
CA TYR D 786 1.62 -12.32 50.14
C TYR D 786 0.98 -12.92 48.91
N ILE D 787 0.57 -12.09 47.95
CA ILE D 787 -0.01 -12.59 46.71
C ILE D 787 0.66 -11.91 45.52
N MET D 788 1.46 -10.88 45.79
CA MET D 788 2.30 -10.26 44.78
C MET D 788 3.74 -10.74 44.81
N ASP D 789 4.20 -11.33 45.91
CA ASP D 789 5.60 -11.72 46.02
C ASP D 789 5.88 -12.92 45.13
N PRO D 790 6.90 -12.86 44.27
CA PRO D 790 7.21 -14.02 43.42
C PRO D 790 7.56 -15.28 44.20
N ASN D 791 8.20 -15.14 45.36
CA ASN D 791 8.65 -16.31 46.11
C ASN D 791 7.46 -17.14 46.59
N CYS D 792 6.45 -16.48 47.18
CA CYS D 792 5.27 -17.22 47.62
C CYS D 792 4.53 -17.81 46.43
N GLN D 793 4.52 -17.10 45.30
CA GLN D 793 3.84 -17.62 44.11
C GLN D 793 4.51 -18.91 43.62
N ASN D 794 5.84 -18.93 43.56
CA ASN D 794 6.49 -20.14 43.09
C ASN D 794 6.42 -21.26 44.12
N ALA D 795 6.38 -20.91 45.41
CA ALA D 795 6.15 -21.93 46.43
C ALA D 795 4.77 -22.58 46.26
N PHE D 796 3.75 -21.75 45.98
CA PHE D 796 2.42 -22.30 45.75
C PHE D 796 2.38 -23.13 44.48
N PHE D 797 3.13 -22.72 43.45
CA PHE D 797 3.23 -23.53 42.24
C PHE D 797 3.84 -24.89 42.52
N SER D 798 4.89 -24.92 43.35
CA SER D 798 5.48 -26.19 43.76
C SER D 798 4.47 -27.04 44.52
N ILE D 799 3.68 -26.42 45.39
CA ILE D 799 2.66 -27.15 46.13
C ILE D 799 1.65 -27.77 45.17
N LEU D 800 1.20 -27.00 44.18
CA LEU D 800 0.25 -27.50 43.20
C LEU D 800 0.82 -28.67 42.41
N VAL D 801 2.08 -28.56 41.99
CA VAL D 801 2.71 -29.65 41.24
C VAL D 801 2.80 -30.90 42.11
N TYR D 802 3.18 -30.73 43.38
CA TYR D 802 3.27 -31.89 44.27
C TYR D 802 1.92 -32.55 44.46
N PHE D 803 0.86 -31.76 44.63
CA PHE D 803 -0.46 -32.34 44.82
C PHE D 803 -0.95 -33.03 43.55
N TRP D 804 -0.64 -32.46 42.38
CA TRP D 804 -0.98 -33.14 41.13
C TRP D 804 -0.26 -34.47 41.02
N GLU D 805 1.02 -34.52 41.38
CA GLU D 805 1.76 -35.78 41.35
C GLU D 805 1.15 -36.79 42.32
N LYS D 806 0.77 -36.33 43.51
CA LYS D 806 0.15 -37.20 44.51
C LYS D 806 -1.17 -37.76 44.00
N LEU D 807 -2.00 -36.95 43.35
CA LEU D 807 -3.25 -37.41 42.79
C LEU D 807 -3.02 -38.42 41.67
N GLN D 808 -2.03 -38.15 40.81
CA GLN D 808 -1.75 -39.07 39.71
C GLN D 808 -1.23 -40.41 40.22
N LYS D 809 -0.40 -40.41 41.25
CA LYS D 809 0.22 -41.64 41.72
C LYS D 809 -0.69 -42.44 42.63
N GLU D 810 -1.63 -41.82 43.33
CA GLU D 810 -2.50 -42.52 44.30
C GLU D 810 -3.88 -42.90 43.76
N TYR D 811 -4.56 -42.00 43.05
CA TYR D 811 -5.90 -42.23 42.51
C TYR D 811 -5.92 -42.32 40.98
N ASN D 812 -4.78 -42.51 40.34
CA ASN D 812 -4.68 -42.62 38.88
C ASN D 812 -5.26 -41.39 38.18
N GLY D 813 -5.24 -40.23 38.84
CA GLY D 813 -5.71 -38.97 38.26
C GLY D 813 -7.22 -38.80 38.24
N GLN D 814 -8.00 -39.78 38.73
CA GLN D 814 -9.45 -39.68 38.71
C GLN D 814 -9.92 -39.01 39.99
N ILE D 815 -10.30 -37.73 39.91
CA ILE D 815 -10.76 -36.97 41.07
C ILE D 815 -12.05 -37.55 41.67
N LYS D 816 -12.80 -38.32 40.88
CA LYS D 816 -14.04 -38.98 41.30
C LYS D 816 -13.82 -39.99 42.43
N LYS D 817 -12.63 -40.61 42.47
CA LYS D 817 -12.31 -41.66 43.44
C LYS D 817 -11.77 -41.12 44.76
N VAL D 818 -11.62 -39.80 44.88
CA VAL D 818 -11.09 -39.23 46.12
C VAL D 818 -12.11 -39.42 47.24
N PHE D 819 -11.66 -39.97 48.36
CA PHE D 819 -12.51 -40.23 49.51
C PHE D 819 -12.66 -38.93 50.31
N CYS D 820 -13.88 -38.41 50.40
CA CYS D 820 -14.14 -37.17 51.13
C CYS D 820 -15.59 -37.12 51.59
N PRO D 821 -15.90 -37.62 52.79
CA PRO D 821 -17.29 -37.60 53.26
C PRO D 821 -17.88 -36.20 53.39
N THR D 822 -17.06 -35.21 53.77
CA THR D 822 -17.59 -33.88 54.03
C THR D 822 -18.20 -33.26 52.77
N ILE D 823 -17.47 -33.32 51.66
CA ILE D 823 -17.96 -32.72 50.42
C ILE D 823 -19.22 -33.42 49.95
N GLU D 824 -19.23 -34.75 50.00
CA GLU D 824 -20.41 -35.50 49.55
C GLU D 824 -21.62 -35.18 50.42
N SER D 825 -21.43 -35.14 51.74
CA SER D 825 -22.55 -34.86 52.64
C SER D 825 -23.09 -33.46 52.43
N GLU D 826 -22.20 -32.47 52.27
CA GLU D 826 -22.67 -31.10 52.04
C GLU D 826 -23.37 -30.97 50.69
N THR D 827 -22.87 -31.65 49.67
CA THR D 827 -23.53 -31.62 48.36
C THR D 827 -24.92 -32.26 48.43
N GLU D 828 -25.04 -33.38 49.14
CA GLU D 828 -26.34 -34.02 49.31
C GLU D 828 -27.30 -33.11 50.07
N ALA D 829 -26.82 -32.45 51.12
CA ALA D 829 -27.67 -31.53 51.86
C ALA D 829 -28.13 -30.37 50.99
N TYR D 830 -27.22 -29.83 50.18
CA TYR D 830 -27.58 -28.73 49.28
C TYR D 830 -28.61 -29.18 48.25
N ARG D 831 -28.43 -30.39 47.70
CA ARG D 831 -29.40 -30.91 46.73
C ARG D 831 -30.76 -31.11 47.37
N LYS D 832 -30.80 -31.65 48.60
CA LYS D 832 -32.07 -31.82 49.29
C LYS D 832 -32.73 -30.48 49.57
N SER D 833 -31.93 -29.47 49.93
CA SER D 833 -32.48 -28.14 50.14
C SER D 833 -33.06 -27.56 48.86
N GLN D 834 -32.42 -27.81 47.72
CA GLN D 834 -32.92 -27.28 46.46
C GLN D 834 -34.16 -28.01 45.94
N ASP D 835 -34.54 -29.13 46.56
CA ASP D 835 -35.71 -29.91 46.12
C ASP D 835 -36.97 -29.28 46.72
N THR D 836 -37.45 -28.23 46.06
CA THR D 836 -38.63 -27.47 46.47
C THR D 836 -39.91 -28.28 46.44
N LEU D 837 -40.11 -29.13 45.42
CA LEU D 837 -41.31 -29.96 45.34
C LEU D 837 -41.34 -30.93 46.53
N HIS D 838 -40.22 -31.54 46.87
CA HIS D 838 -40.16 -32.44 48.03
C HIS D 838 -40.45 -31.67 49.31
N ARG D 839 -39.95 -30.43 49.44
CA ARG D 839 -40.24 -29.60 50.61
C ARG D 839 -41.73 -29.30 50.68
N PHE D 840 -42.39 -28.93 49.58
CA PHE D 840 -43.84 -28.70 49.61
C PHE D 840 -44.58 -29.96 50.02
N ILE D 841 -44.22 -31.11 49.44
CA ILE D 841 -44.87 -32.38 49.72
C ILE D 841 -44.71 -32.75 51.19
N THR D 842 -43.51 -32.67 51.74
CA THR D 842 -43.27 -33.00 53.16
C THR D 842 -43.88 -31.99 54.13
N GLU D 843 -44.10 -30.75 53.72
CA GLU D 843 -44.70 -29.72 54.56
C GLU D 843 -46.23 -29.64 54.49
N ARG D 844 -46.85 -29.91 53.33
CA ARG D 844 -48.31 -29.78 53.14
C ARG D 844 -49.06 -30.96 52.54
N VAL D 845 -48.42 -32.01 52.01
CA VAL D 845 -49.15 -33.16 51.45
C VAL D 845 -49.03 -34.37 52.37
N VAL D 846 -50.16 -34.92 52.81
CA VAL D 846 -50.22 -36.06 53.74
C VAL D 846 -51.16 -37.16 53.25
N GLU D 847 -50.91 -38.41 53.60
CA GLU D 847 -51.82 -39.50 53.26
C GLU D 847 -52.99 -39.49 54.26
N SER D 848 -54.23 -39.73 53.81
CA SER D 848 -55.37 -39.78 54.73
C SER D 848 -56.40 -40.85 54.35
N PRO D 849 -56.24 -42.08 54.84
CA PRO D 849 -57.22 -43.12 54.62
C PRO D 849 -58.61 -42.75 55.19
N SER D 850 -58.69 -41.87 56.20
CA SER D 850 -59.98 -41.47 56.76
C SER D 850 -60.73 -40.50 55.87
N ALA D 851 -60.02 -39.54 55.27
CA ALA D 851 -60.60 -38.58 54.33
C ALA D 851 -59.73 -38.62 53.07
N GLU D 852 -60.10 -39.48 52.14
CA GLU D 852 -59.29 -39.65 50.93
C GLU D 852 -59.20 -38.35 50.13
N THR D 853 -60.34 -37.72 49.86
CA THR D 853 -60.41 -36.42 49.19
C THR D 853 -59.56 -36.41 47.92
N VAL D 854 -59.98 -37.24 46.96
CA VAL D 854 -59.22 -37.40 45.73
C VAL D 854 -59.07 -36.07 45.03
N TYR D 855 -57.82 -35.70 44.74
CA TYR D 855 -57.50 -34.48 44.02
C TYR D 855 -57.00 -34.81 42.63
N ASN D 856 -57.39 -33.99 41.66
CA ASN D 856 -56.79 -34.08 40.34
C ASN D 856 -55.35 -33.57 40.38
N LEU D 857 -54.56 -33.98 39.39
CA LEU D 857 -53.15 -33.60 39.37
C LEU D 857 -52.99 -32.09 39.23
N SER D 858 -53.86 -31.45 38.45
CA SER D 858 -53.78 -30.00 38.29
C SER D 858 -54.06 -29.27 39.60
N GLU D 859 -54.95 -29.80 40.43
CA GLU D 859 -55.22 -29.17 41.72
C GLU D 859 -53.97 -29.17 42.60
N VAL D 860 -53.28 -30.33 42.64
CA VAL D 860 -52.06 -30.46 43.43
C VAL D 860 -50.98 -29.55 42.85
N VAL D 861 -50.94 -29.41 41.52
CA VAL D 861 -49.97 -28.54 40.87
C VAL D 861 -50.22 -27.09 41.25
N THR D 862 -51.48 -26.66 41.24
CA THR D 862 -51.81 -25.29 41.63
C THR D 862 -51.50 -25.05 43.10
N ALA D 863 -51.73 -26.04 43.96
CA ALA D 863 -51.40 -25.95 45.38
C ALA D 863 -49.88 -25.80 45.57
N TYR D 864 -49.09 -26.56 44.81
CA TYR D 864 -47.63 -26.42 44.85
C TYR D 864 -47.24 -25.03 44.37
N ALA D 865 -47.89 -24.54 43.30
CA ALA D 865 -47.54 -23.24 42.74
C ALA D 865 -47.78 -22.12 43.75
N GLU D 866 -48.94 -22.09 44.39
CA GLU D 866 -49.23 -21.05 45.38
C GLU D 866 -48.34 -21.22 46.62
N TRP D 867 -48.02 -22.47 47.01
CA TRP D 867 -47.10 -22.67 48.12
C TRP D 867 -45.74 -22.08 47.77
N TYR D 868 -45.25 -22.33 46.55
CA TYR D 868 -43.97 -21.80 46.13
C TYR D 868 -43.98 -20.28 46.11
N ASN D 869 -45.08 -19.69 45.65
CA ASN D 869 -45.18 -18.24 45.59
C ASN D 869 -45.24 -17.62 46.99
N ALA D 870 -45.93 -18.24 47.94
CA ALA D 870 -46.11 -17.71 49.29
C ALA D 870 -44.97 -18.04 50.25
N ASN D 871 -44.26 -19.16 50.04
CA ASN D 871 -43.18 -19.63 50.91
C ASN D 871 -41.79 -19.47 50.30
N ILE D 872 -41.64 -19.43 48.97
CA ILE D 872 -40.31 -19.42 48.37
C ILE D 872 -40.12 -18.17 47.54
N ASN D 873 -40.88 -18.04 46.45
CA ASN D 873 -40.70 -16.92 45.53
C ASN D 873 -41.88 -16.85 44.58
N VAL D 874 -42.28 -15.62 44.23
CA VAL D 874 -43.33 -15.44 43.23
C VAL D 874 -42.70 -15.70 41.86
N LYS D 875 -43.10 -16.78 41.20
CA LYS D 875 -42.48 -17.19 39.95
C LYS D 875 -43.51 -17.90 39.08
N ARG D 876 -43.26 -17.90 37.78
CA ARG D 876 -44.13 -18.57 36.84
C ARG D 876 -44.07 -20.08 37.04
N HIS D 877 -45.23 -20.73 36.88
CA HIS D 877 -45.36 -22.16 37.10
C HIS D 877 -45.99 -22.81 35.88
N ILE D 878 -45.46 -23.98 35.48
CA ILE D 878 -45.94 -24.74 34.32
C ILE D 878 -46.46 -26.09 34.80
N ALA D 879 -47.75 -26.35 34.59
CA ALA D 879 -48.37 -27.56 35.12
C ALA D 879 -47.88 -28.81 34.41
N LEU D 880 -47.53 -28.71 33.11
CA LEU D 880 -47.04 -29.85 32.33
C LEU D 880 -45.80 -30.46 32.98
N GLU D 881 -44.81 -29.64 33.30
CA GLU D 881 -43.59 -30.13 33.96
C GLU D 881 -43.94 -30.76 35.30
N LEU D 882 -44.67 -30.01 36.13
CA LEU D 882 -44.94 -30.43 37.49
C LEU D 882 -45.71 -31.74 37.53
N SER D 883 -46.46 -32.06 36.46
CA SER D 883 -47.06 -33.38 36.34
C SER D 883 -45.99 -34.47 36.43
N GLN D 884 -44.94 -34.38 35.60
CA GLN D 884 -43.93 -35.43 35.60
C GLN D 884 -43.06 -35.38 36.84
N GLU D 885 -42.71 -34.19 37.35
CA GLU D 885 -41.94 -34.11 38.62
C GLU D 885 -42.74 -34.80 39.73
N LEU D 886 -44.05 -34.55 39.83
CA LEU D 886 -44.88 -35.13 40.87
C LEU D 886 -45.02 -36.63 40.62
N GLU D 887 -45.07 -37.08 39.35
CA GLU D 887 -45.15 -38.51 39.05
C GLU D 887 -43.84 -39.25 39.32
N ASN D 888 -42.85 -38.58 39.94
CA ASN D 888 -41.60 -39.22 40.29
C ASN D 888 -41.23 -39.06 41.76
N SER D 889 -41.93 -38.20 42.49
CA SER D 889 -41.68 -37.92 43.89
C SER D 889 -42.21 -39.03 44.80
N VAL D 890 -42.21 -38.81 46.12
CA VAL D 890 -42.72 -39.77 47.09
C VAL D 890 -44.23 -40.03 46.94
N LEU D 891 -44.95 -39.22 46.16
CA LEU D 891 -46.39 -39.40 45.92
C LEU D 891 -46.75 -40.32 44.75
N GLU D 892 -45.79 -40.82 43.97
CA GLU D 892 -46.04 -41.55 42.73
C GLU D 892 -46.93 -42.76 42.96
N LYS D 893 -46.76 -43.45 44.10
CA LYS D 893 -47.49 -44.66 44.46
C LYS D 893 -48.99 -44.41 44.65
N TYR D 894 -49.38 -43.18 44.99
CA TYR D 894 -50.76 -42.77 45.22
C TYR D 894 -51.49 -42.25 43.96
N LEU D 895 -50.86 -42.27 42.78
CA LEU D 895 -51.45 -41.68 41.59
C LEU D 895 -52.14 -42.76 40.77
N GLN D 896 -53.44 -42.93 41.01
CA GLN D 896 -54.24 -43.89 40.28
C GLN D 896 -54.88 -43.21 39.07
N TRP D 897 -55.79 -43.90 38.40
CA TRP D 897 -56.45 -43.40 37.20
C TRP D 897 -57.91 -43.08 37.49
N SER D 898 -58.34 -41.90 37.02
CA SER D 898 -59.72 -41.48 37.14
C SER D 898 -60.57 -42.15 36.07
N PRO D 899 -61.90 -42.13 36.21
CA PRO D 899 -62.75 -42.62 35.12
C PRO D 899 -62.52 -41.91 33.81
N ASN D 900 -62.13 -40.63 33.84
CA ASN D 900 -61.75 -39.89 32.65
C ASN D 900 -60.33 -40.20 32.19
N LYS D 901 -59.68 -41.19 32.80
CA LYS D 901 -58.29 -41.53 32.52
C LYS D 901 -57.35 -40.36 32.76
N THR D 902 -57.69 -39.51 33.73
CA THR D 902 -56.87 -38.37 34.09
C THR D 902 -56.07 -38.67 35.36
N ARG D 903 -54.91 -38.03 35.47
CA ARG D 903 -54.04 -38.25 36.61
C ARG D 903 -54.67 -37.64 37.87
N ILE D 904 -54.85 -38.47 38.89
CA ILE D 904 -55.51 -38.06 40.13
C ILE D 904 -54.70 -38.54 41.32
N LEU D 905 -54.52 -37.75 42.36
CA LEU D 905 -53.87 -38.12 43.61
C LEU D 905 -54.94 -38.71 44.53
N LYS D 906 -54.83 -40.00 44.82
CA LYS D 906 -55.82 -40.78 45.56
C LYS D 906 -55.34 -41.05 46.98
N GLY D 907 -56.25 -40.95 47.95
CA GLY D 907 -56.00 -41.22 49.37
C GLY D 907 -55.04 -40.25 50.08
N CYS D 908 -54.94 -39.00 49.65
CA CYS D 908 -54.05 -37.99 50.24
C CYS D 908 -54.73 -36.63 50.39
N ARG D 909 -54.40 -35.96 51.49
CA ARG D 909 -55.00 -34.64 51.80
C ARG D 909 -53.95 -33.52 51.70
N ILE D 910 -54.28 -32.46 50.97
CA ILE D 910 -53.43 -31.26 50.83
C ILE D 910 -53.80 -30.36 52.01
N LEU D 911 -52.91 -30.18 52.97
CA LEU D 911 -53.11 -29.33 54.13
C LEU D 911 -53.16 -27.84 53.78
N HIS D 912 -54.11 -27.11 54.37
CA HIS D 912 -54.20 -25.65 54.20
C HIS D 912 -53.19 -24.95 55.14
N LYS D 913 -53.30 -23.63 55.32
CA LYS D 913 -52.39 -22.78 56.11
C LYS D 913 -52.12 -23.28 57.54
N PHE D 914 -53.10 -23.94 58.20
CA PHE D 914 -52.98 -24.37 59.58
C PHE D 914 -53.53 -25.77 59.83
N GLU D 915 -53.77 -26.56 58.78
CA GLU D 915 -54.20 -27.93 58.99
C GLU D 915 -53.07 -28.76 59.59
N THR D 916 -53.38 -29.76 60.40
CA THR D 916 -52.37 -30.62 61.05
C THR D 916 -52.61 -32.09 60.76
N LEU D 917 -51.59 -32.92 60.99
CA LEU D 917 -51.70 -34.38 60.83
C LEU D 917 -52.77 -34.87 61.82
N GLN D 918 -53.62 -35.78 61.37
CA GLN D 918 -54.71 -36.37 62.16
C GLN D 918 -54.78 -37.89 61.94
N PRO D 919 -55.36 -38.67 62.86
CA PRO D 919 -55.36 -40.13 62.70
C PRO D 919 -56.11 -40.55 61.45
N GLY D 920 -55.55 -41.50 60.69
CA GLY D 920 -56.08 -41.93 59.38
C GLY D 920 -55.78 -40.86 58.32
N ILE D 937 -13.57 -36.64 61.74
CA ILE D 937 -12.49 -36.01 61.00
C ILE D 937 -11.20 -36.78 61.21
N CYS D 938 -10.27 -36.66 60.27
CA CYS D 938 -9.00 -37.37 60.29
C CYS D 938 -8.00 -36.64 61.20
N GLU D 939 -6.84 -37.23 61.47
CA GLU D 939 -5.84 -36.64 62.37
C GLU D 939 -5.00 -35.52 61.71
N PRO D 940 -4.99 -34.26 62.23
CA PRO D 940 -4.13 -33.23 61.62
C PRO D 940 -2.82 -32.97 62.35
N LYS D 941 -2.46 -33.78 63.36
CA LYS D 941 -1.35 -33.45 64.25
C LYS D 941 0.02 -33.47 63.58
N ASN D 942 0.10 -33.75 62.29
CA ASN D 942 1.40 -33.89 61.63
C ASN D 942 1.27 -33.39 60.19
N LYS D 943 2.27 -33.67 59.34
CA LYS D 943 2.31 -33.21 57.94
C LYS D 943 1.21 -33.87 57.11
N TRP D 944 0.07 -33.21 57.09
CA TRP D 944 -1.14 -33.66 56.42
C TRP D 944 -1.00 -33.77 54.92
N TRP D 945 -0.05 -33.09 54.28
CA TRP D 945 0.10 -33.23 52.84
C TRP D 945 0.58 -34.64 52.46
N GLU D 946 1.16 -35.41 53.39
CA GLU D 946 1.57 -36.80 53.14
C GLU D 946 0.51 -37.81 53.60
N TRP D 947 -0.65 -37.37 54.08
CA TRP D 947 -1.70 -38.27 54.58
C TRP D 947 -2.28 -39.15 53.46
N SER D 948 -2.33 -40.45 53.70
CA SER D 948 -2.97 -41.42 52.81
C SER D 948 -4.25 -41.90 53.48
N PRO D 949 -5.25 -42.42 52.74
CA PRO D 949 -6.45 -42.97 53.35
C PRO D 949 -6.04 -44.12 54.27
N ASN D 950 -6.86 -44.51 55.25
CA ASN D 950 -6.55 -45.63 56.15
C ASN D 950 -6.03 -46.87 55.38
N PRO D 951 -6.66 -47.30 54.26
CA PRO D 951 -6.12 -48.37 53.40
C PRO D 951 -5.05 -47.78 52.46
N SER D 952 -4.02 -47.16 53.02
CA SER D 952 -2.91 -46.50 52.34
C SER D 952 -3.36 -45.58 51.19
N HIS E 11 45.53 6.55 18.68
CA HIS E 11 45.39 7.14 17.36
C HIS E 11 46.06 6.27 16.30
N ASP E 12 47.00 5.43 16.74
CA ASP E 12 47.73 4.56 15.82
C ASP E 12 46.88 3.41 15.30
N THR E 13 45.68 3.20 15.85
CA THR E 13 44.81 2.14 15.34
C THR E 13 44.40 2.42 13.90
N ILE E 14 44.08 3.67 13.58
CA ILE E 14 43.75 4.03 12.21
C ILE E 14 44.94 3.81 11.30
N GLN E 15 46.15 4.14 11.79
CA GLN E 15 47.36 3.92 11.01
C GLN E 15 47.56 2.44 10.72
N LEU E 16 47.34 1.59 11.72
CA LEU E 16 47.46 0.14 11.51
C LEU E 16 46.43 -0.36 10.52
N THR E 17 45.19 0.13 10.63
CA THR E 17 44.14 -0.27 9.70
C THR E 17 44.50 0.12 8.28
N ALA E 18 45.05 1.32 8.09
CA ALA E 18 45.47 1.75 6.76
C ALA E 18 46.62 0.90 6.25
N GLN E 19 47.65 0.69 7.07
CA GLN E 19 48.84 -0.06 6.69
C GLN E 19 48.49 -1.49 6.30
N ARG E 20 47.54 -2.13 6.99
CA ARG E 20 47.13 -3.49 6.61
C ARG E 20 46.39 -3.50 5.28
N LYS E 21 45.97 -2.35 4.77
CA LYS E 21 45.24 -2.26 3.51
C LYS E 21 46.12 -1.86 2.34
N TYR E 22 46.95 -0.82 2.48
CA TYR E 22 47.72 -0.31 1.35
C TYR E 22 49.12 -0.89 1.26
N LEU E 23 49.54 -1.86 2.11
CA LEU E 23 50.86 -2.52 2.01
C LEU E 23 50.65 -4.03 1.83
N ALA E 24 51.04 -4.57 0.67
CA ALA E 24 50.87 -6.00 0.38
C ALA E 24 51.74 -6.89 1.28
N GLU E 25 52.96 -6.46 1.60
CA GLU E 25 53.87 -7.19 2.48
C GLU E 25 53.28 -7.35 3.87
N VAL E 26 52.53 -6.35 4.35
CA VAL E 26 51.90 -6.42 5.66
C VAL E 26 50.84 -7.51 5.68
N GLN E 27 49.80 -7.46 4.84
CA GLN E 27 48.75 -8.48 4.81
C GLN E 27 49.33 -9.86 4.51
N ALA E 28 50.46 -9.97 3.79
CA ALA E 28 51.15 -11.24 3.61
C ALA E 28 51.69 -11.73 4.98
N LEU E 29 52.26 -10.87 5.80
CA LEU E 29 52.71 -11.23 7.14
C LEU E 29 51.52 -11.67 8.01
N GLU E 30 50.36 -10.98 8.04
CA GLU E 30 49.27 -11.54 8.83
C GLU E 30 48.78 -12.88 8.26
N THR E 31 48.77 -13.07 6.94
CA THR E 31 48.37 -14.38 6.40
C THR E 31 49.33 -15.48 6.84
N LEU E 32 50.65 -15.25 6.81
CA LEU E 32 51.65 -16.22 7.27
C LEU E 32 51.41 -16.53 8.76
N LEU E 33 51.35 -15.47 9.59
CA LEU E 33 51.19 -15.57 11.03
C LEU E 33 49.86 -16.19 11.47
N ALA E 34 48.83 -16.16 10.63
CA ALA E 34 47.55 -16.77 10.97
C ALA E 34 47.42 -18.17 10.37
N ARG E 35 47.53 -18.30 9.05
CA ARG E 35 47.31 -19.58 8.40
C ARG E 35 48.44 -20.57 8.69
N GLU E 36 49.69 -20.14 8.61
CA GLU E 36 50.82 -21.07 8.74
C GLU E 36 51.30 -21.23 10.18
N LEU E 37 51.36 -20.14 10.94
CA LEU E 37 51.85 -20.19 12.32
C LEU E 37 50.77 -20.56 13.35
N SER E 38 49.54 -20.89 12.92
CA SER E 38 48.50 -21.31 13.85
C SER E 38 48.86 -22.59 14.60
N VAL E 39 49.79 -23.38 14.07
CA VAL E 39 50.15 -24.64 14.72
C VAL E 39 50.99 -24.42 15.97
N PHE E 40 51.52 -23.23 16.22
CA PHE E 40 52.44 -22.99 17.32
C PHE E 40 51.86 -22.16 18.46
N LEU E 41 50.55 -21.93 18.50
CA LEU E 41 49.98 -21.16 19.60
C LEU E 41 50.24 -21.85 20.94
N THR E 42 50.45 -21.03 21.97
CA THR E 42 50.68 -21.53 23.31
C THR E 42 50.09 -20.53 24.31
N GLU E 43 49.78 -21.04 25.51
CA GLU E 43 49.19 -20.16 26.50
C GLU E 43 50.26 -19.34 27.22
N PRO E 44 49.90 -18.17 27.74
CA PRO E 44 50.87 -17.35 28.48
C PRO E 44 51.39 -18.10 29.71
N GLY E 45 52.67 -17.87 30.00
CA GLY E 45 53.32 -18.55 31.10
C GLY E 45 53.88 -19.92 30.77
N SER E 46 53.68 -20.41 29.56
CA SER E 46 54.21 -21.70 29.16
C SER E 46 55.70 -21.59 28.83
N LYS E 47 56.44 -22.65 29.14
CA LYS E 47 57.88 -22.65 28.91
C LYS E 47 58.23 -22.65 27.43
N LYS E 48 57.33 -23.15 26.58
CA LYS E 48 57.59 -23.20 25.14
C LYS E 48 57.46 -21.85 24.46
N THR E 49 56.92 -20.84 25.14
CA THR E 49 56.72 -19.53 24.53
C THR E 49 58.06 -18.86 24.26
N ASN E 50 58.20 -18.34 23.03
CA ASN E 50 59.44 -17.64 22.63
C ASN E 50 59.06 -16.33 21.92
N ILE E 51 58.01 -16.35 21.09
CA ILE E 51 57.57 -15.17 20.35
C ILE E 51 56.16 -14.76 20.80
N ILE E 52 55.92 -13.49 21.12
CA ILE E 52 54.63 -13.01 21.58
C ILE E 52 54.18 -11.88 20.65
N ASN E 53 52.94 -11.98 20.17
CA ASN E 53 52.32 -10.93 19.36
C ASN E 53 51.27 -10.26 20.24
N ARG E 54 51.68 -9.19 20.92
CA ARG E 54 50.81 -8.54 21.89
C ARG E 54 49.62 -7.85 21.22
N ILE E 55 49.77 -7.45 19.95
CA ILE E 55 48.69 -6.74 19.26
C ILE E 55 47.44 -7.60 19.23
N THR E 56 47.58 -8.87 18.85
CA THR E 56 46.49 -9.82 18.93
C THR E 56 46.50 -10.61 20.25
N GLY E 57 47.50 -10.41 21.09
CA GLY E 57 47.60 -11.12 22.35
C GLY E 57 48.04 -12.56 22.25
N LYS E 58 48.44 -13.01 21.06
CA LYS E 58 48.78 -14.41 20.85
C LYS E 58 50.26 -14.65 21.12
N THR E 59 50.56 -15.84 21.63
CA THR E 59 51.93 -16.28 21.87
C THR E 59 52.20 -17.54 21.05
N TYR E 60 53.44 -17.65 20.56
CA TYR E 60 53.80 -18.72 19.63
C TYR E 60 55.06 -19.42 20.09
N ALA E 61 55.08 -20.75 19.90
CA ALA E 61 56.28 -21.55 20.10
C ALA E 61 56.93 -21.83 18.75
N LEU E 62 57.47 -20.80 18.09
CA LEU E 62 58.01 -20.95 16.74
C LEU E 62 59.37 -21.67 16.70
N PRO E 63 59.59 -22.64 15.77
CA PRO E 63 60.89 -23.30 15.64
C PRO E 63 61.84 -22.41 14.82
N SER E 64 63.11 -22.82 14.67
CA SER E 64 64.15 -22.02 13.98
C SER E 64 63.80 -21.64 12.54
N THR E 65 63.23 -22.55 11.75
CA THR E 65 62.82 -22.23 10.36
C THR E 65 61.76 -21.14 10.36
N GLU E 66 60.79 -21.22 11.26
CA GLU E 66 59.75 -20.20 11.33
C GLU E 66 60.34 -18.87 11.80
N LEU E 67 61.34 -18.87 12.70
CA LEU E 67 62.02 -17.65 13.13
C LEU E 67 62.68 -16.96 11.92
N LEU E 68 63.36 -17.72 11.05
CA LEU E 68 63.98 -17.14 9.86
C LEU E 68 62.92 -16.52 8.94
N ARG E 69 61.79 -17.21 8.71
CA ARG E 69 60.70 -16.69 7.88
C ARG E 69 60.09 -15.43 8.52
N PHE E 70 59.95 -15.44 9.85
CA PHE E 70 59.44 -14.33 10.65
C PHE E 70 60.33 -13.10 10.45
N TYR E 71 61.65 -13.26 10.62
CA TYR E 71 62.63 -12.19 10.43
C TYR E 71 62.65 -11.70 9.00
N GLU E 72 62.50 -12.60 8.02
CA GLU E 72 62.45 -12.23 6.61
C GLU E 72 61.20 -11.39 6.30
N HIS E 73 60.01 -11.88 6.69
CA HIS E 73 58.78 -11.07 6.49
C HIS E 73 58.88 -9.74 7.24
N LEU E 74 59.23 -9.79 8.53
CA LEU E 74 59.27 -8.59 9.36
C LEU E 74 60.21 -7.57 8.71
N GLU E 75 61.34 -7.99 8.16
CA GLU E 75 62.26 -7.08 7.47
C GLU E 75 61.60 -6.46 6.24
N GLN E 76 60.84 -7.22 5.45
CA GLN E 76 60.17 -6.66 4.27
C GLN E 76 59.17 -5.56 4.68
N CYS E 77 58.42 -5.78 5.76
CA CYS E 77 57.47 -4.79 6.27
C CYS E 77 58.20 -3.60 6.92
N ARG E 78 59.30 -3.86 7.65
CA ARG E 78 60.11 -2.86 8.34
C ARG E 78 60.79 -1.91 7.36
N LYS E 79 61.17 -2.40 6.17
CA LYS E 79 61.76 -1.57 5.10
C LYS E 79 60.78 -0.50 4.59
N GLN E 80 59.48 -0.81 4.58
CA GLN E 80 58.43 0.13 4.16
C GLN E 80 58.02 1.09 5.27
N GLY E 81 58.50 0.88 6.50
CA GLY E 81 58.20 1.72 7.66
C GLY E 81 56.91 1.34 8.40
N ALA E 82 56.39 0.12 8.21
CA ALA E 82 55.18 -0.31 8.88
C ALA E 82 55.39 -0.44 10.40
N LEU E 83 54.33 -0.24 11.19
CA LEU E 83 54.40 -0.36 12.65
C LEU E 83 54.07 -1.79 13.08
N MET E 84 54.83 -2.30 14.04
CA MET E 84 54.70 -3.66 14.58
C MET E 84 55.04 -3.70 16.07
N TYR E 85 54.71 -4.80 16.74
CA TYR E 85 55.07 -4.99 18.15
C TYR E 85 55.24 -6.49 18.38
N PHE E 86 56.47 -6.97 18.33
CA PHE E 86 56.80 -8.37 18.57
C PHE E 86 57.82 -8.48 19.70
N LEU E 87 57.55 -9.39 20.63
CA LEU E 87 58.38 -9.62 21.80
C LEU E 87 58.96 -11.03 21.75
N GLU E 88 60.27 -11.16 21.96
CA GLU E 88 60.95 -12.46 22.04
C GLU E 88 61.20 -12.70 23.53
N ARG E 89 60.73 -13.83 24.06
CA ARG E 89 60.82 -14.13 25.49
C ARG E 89 62.22 -14.62 25.82
N GLN E 90 62.87 -13.95 26.76
CA GLN E 90 64.21 -14.33 27.18
C GLN E 90 64.12 -15.46 28.19
N GLY E 91 64.79 -16.57 27.88
CA GLY E 91 64.78 -17.74 28.74
C GLY E 91 65.83 -17.65 29.83
N THR E 92 66.05 -18.81 30.48
CA THR E 92 67.06 -18.88 31.53
C THR E 92 68.45 -18.58 30.97
N TYR E 93 68.78 -19.13 29.80
CA TYR E 93 70.04 -18.90 29.12
C TYR E 93 69.74 -18.19 27.81
N SER E 94 70.15 -16.93 27.70
CA SER E 94 69.84 -16.12 26.53
C SER E 94 70.86 -15.01 26.41
N GLY E 95 70.66 -14.12 25.44
CA GLY E 95 71.57 -13.03 25.21
C GLY E 95 71.45 -11.92 26.25
N LEU E 96 72.37 -10.98 26.15
CA LEU E 96 72.45 -9.86 27.09
C LEU E 96 72.14 -8.55 26.38
N MET E 97 71.29 -7.73 27.02
CA MET E 97 70.93 -6.43 26.51
C MET E 97 71.05 -5.40 27.62
N LEU E 98 71.48 -4.20 27.25
CA LEU E 98 71.68 -3.10 28.20
C LEU E 98 70.86 -1.90 27.73
N ASP E 99 69.81 -1.57 28.48
CA ASP E 99 68.94 -0.45 28.15
C ASP E 99 69.29 0.72 29.06
N TYR E 100 69.80 1.80 28.47
CA TYR E 100 70.17 3.00 29.22
C TYR E 100 69.10 4.06 28.97
N ASP E 101 68.25 4.27 29.97
CA ASP E 101 67.22 5.32 29.91
C ASP E 101 67.79 6.56 30.59
N LEU E 102 68.21 7.54 29.79
CA LEU E 102 68.98 8.67 30.26
C LEU E 102 68.10 9.88 30.50
N LYS E 103 68.26 10.50 31.67
CA LYS E 103 67.79 11.86 31.89
C LYS E 103 68.92 12.82 31.54
N LEU E 104 68.62 13.82 30.74
CA LEU E 104 69.64 14.71 30.19
C LEU E 104 69.61 16.06 30.88
N ASN E 105 70.80 16.65 31.04
CA ASN E 105 70.91 17.97 31.64
C ASN E 105 70.19 19.02 30.80
N THR E 106 70.33 18.95 29.48
CA THR E 106 69.67 19.84 28.56
C THR E 106 68.81 19.03 27.60
N ASN E 107 68.09 19.73 26.74
CA ASN E 107 67.21 19.08 25.77
C ASN E 107 67.94 18.64 24.50
N ALA E 108 69.24 18.87 24.41
CA ALA E 108 70.00 18.50 23.22
C ALA E 108 70.21 17.00 23.14
N ALA E 109 70.39 16.51 21.93
CA ALA E 109 70.65 15.09 21.70
C ALA E 109 72.05 14.74 22.19
N PRO E 110 72.23 13.66 22.94
CA PRO E 110 73.59 13.29 23.35
C PRO E 110 74.43 12.93 22.15
N SER E 111 75.74 13.23 22.20
CA SER E 111 76.60 12.97 21.04
C SER E 111 76.76 11.49 20.73
N LEU E 112 77.15 10.70 21.73
CA LEU E 112 77.43 9.28 21.56
C LEU E 112 78.42 9.04 20.43
N GLU E 113 79.56 9.72 20.52
CA GLU E 113 80.59 9.62 19.50
C GLU E 113 81.16 8.21 19.46
N SER E 114 81.53 7.69 18.29
CA SER E 114 82.02 6.31 18.19
C SER E 114 83.21 6.04 19.09
N SER E 115 84.15 6.99 19.29
CA SER E 115 85.17 6.76 20.33
C SER E 115 84.58 6.58 21.72
N VAL E 116 83.56 7.36 22.08
CA VAL E 116 82.93 7.19 23.39
C VAL E 116 82.25 5.84 23.50
N LEU E 117 81.58 5.41 22.43
CA LEU E 117 80.96 4.09 22.43
C LEU E 117 82.00 2.98 22.51
N SER E 118 83.16 3.17 21.88
CA SER E 118 84.25 2.20 21.99
C SER E 118 84.77 2.11 23.42
N ARG E 119 84.92 3.27 24.08
CA ARG E 119 85.34 3.25 25.49
C ARG E 119 84.31 2.56 26.37
N LEU E 120 83.02 2.83 26.11
CA LEU E 120 81.96 2.15 26.86
C LEU E 120 81.98 0.65 26.63
N CYS E 121 82.22 0.23 25.39
CA CYS E 121 82.33 -1.20 25.06
C CYS E 121 83.50 -1.83 25.80
N HIS E 122 84.65 -1.15 25.81
CA HIS E 122 85.82 -1.66 26.52
C HIS E 122 85.53 -1.81 28.01
N ARG E 123 84.90 -0.80 28.61
CA ARG E 123 84.57 -0.89 30.03
C ARG E 123 83.59 -2.02 30.31
N ILE E 124 82.57 -2.18 29.45
CA ILE E 124 81.59 -3.23 29.64
C ILE E 124 82.25 -4.61 29.56
N PHE E 125 83.12 -4.81 28.57
CA PHE E 125 83.78 -6.11 28.45
C PHE E 125 84.74 -6.35 29.58
N VAL E 126 85.42 -5.30 30.08
CA VAL E 126 86.27 -5.45 31.25
C VAL E 126 85.45 -5.90 32.45
N HIS E 127 84.28 -5.29 32.64
CA HIS E 127 83.43 -5.67 33.76
C HIS E 127 82.94 -7.11 33.63
N ILE E 128 82.50 -7.51 32.44
CA ILE E 128 82.00 -8.88 32.29
C ILE E 128 83.14 -9.88 32.44
N LYS E 129 84.35 -9.54 32.01
CA LYS E 129 85.50 -10.39 32.25
C LYS E 129 85.78 -10.52 33.74
N ASN E 130 85.69 -9.42 34.47
CA ASN E 130 85.91 -9.44 35.91
C ASN E 130 84.81 -10.16 36.67
N SER E 131 83.62 -10.31 36.06
CA SER E 131 82.49 -10.94 36.72
C SER E 131 81.97 -12.17 36.00
N SER E 132 82.68 -12.65 34.97
CA SER E 132 82.27 -13.87 34.28
C SER E 132 83.49 -14.51 33.64
N VAL E 133 83.35 -15.78 33.30
CA VAL E 133 84.42 -16.55 32.69
C VAL E 133 84.36 -16.41 31.18
N LEU E 134 85.51 -16.11 30.57
CA LEU E 134 85.59 -15.98 29.12
C LEU E 134 86.01 -17.29 28.48
N PRO E 135 85.55 -17.56 27.26
CA PRO E 135 85.96 -18.80 26.57
C PRO E 135 87.43 -18.78 26.22
N GLU E 136 88.02 -19.98 26.14
CA GLU E 136 89.43 -20.11 25.80
C GLU E 136 89.66 -19.71 24.34
N GLY E 137 90.88 -19.25 24.07
CA GLY E 137 91.24 -18.81 22.74
C GLY E 137 90.74 -17.40 22.46
N SER E 138 90.58 -17.12 21.17
CA SER E 138 90.12 -15.83 20.69
C SER E 138 88.78 -15.99 19.98
N HIS E 139 87.85 -15.08 20.27
CA HIS E 139 86.53 -15.10 19.68
C HIS E 139 86.06 -13.67 19.46
N LYS E 140 85.03 -13.54 18.62
CA LYS E 140 84.48 -12.23 18.27
C LYS E 140 83.03 -12.15 18.72
N ILE E 141 82.65 -11.00 19.27
CA ILE E 141 81.29 -10.73 19.73
C ILE E 141 80.81 -9.44 19.08
N HIS E 142 79.60 -9.46 18.55
CA HIS E 142 79.04 -8.31 17.86
C HIS E 142 78.17 -7.50 18.81
N PHE E 143 78.44 -6.19 18.89
CA PHE E 143 77.64 -5.25 19.65
C PHE E 143 76.88 -4.35 18.69
N PHE E 144 75.73 -3.85 19.16
CA PHE E 144 74.91 -2.96 18.36
C PHE E 144 74.35 -1.85 19.23
N PHE E 145 74.12 -0.69 18.62
CA PHE E 145 73.58 0.48 19.32
C PHE E 145 72.32 0.95 18.59
N THR E 146 71.19 0.87 19.28
CA THR E 146 69.92 1.39 18.78
C THR E 146 69.50 2.56 19.65
N LEU E 147 69.21 3.70 19.00
CA LEU E 147 68.96 4.95 19.70
C LEU E 147 67.52 5.38 19.53
N LYS E 148 67.00 6.08 20.55
CA LYS E 148 65.68 6.66 20.46
C LYS E 148 65.66 7.74 19.37
N PRO E 149 64.55 7.87 18.63
CA PRO E 149 64.56 8.83 17.51
C PRO E 149 64.77 10.28 17.93
N GLU E 150 64.26 10.70 19.08
CA GLU E 150 64.40 12.08 19.51
C GLU E 150 64.25 12.18 21.01
N ALA E 151 64.65 13.33 21.55
CA ALA E 151 64.52 13.58 22.98
C ALA E 151 63.06 13.84 23.32
N VAL E 152 62.55 13.15 24.33
CA VAL E 152 61.17 13.27 24.76
C VAL E 152 61.16 13.82 26.18
N GLN E 153 60.61 15.03 26.35
CA GLN E 153 60.48 15.67 27.66
C GLN E 153 61.82 15.78 28.38
N GLY E 154 62.88 16.04 27.61
CA GLY E 154 64.21 16.14 28.18
C GLY E 154 64.90 14.81 28.43
N LYS E 155 64.26 13.69 28.12
CA LYS E 155 64.82 12.37 28.36
C LYS E 155 65.31 11.74 27.06
N TYR E 156 66.17 10.74 27.20
CA TYR E 156 66.72 10.02 26.08
C TYR E 156 66.95 8.56 26.50
N GLY E 157 67.09 7.70 25.51
CA GLY E 157 67.34 6.30 25.79
C GLY E 157 67.95 5.61 24.59
N PHE E 158 68.61 4.49 24.86
CA PHE E 158 69.20 3.68 23.81
C PHE E 158 69.48 2.28 24.37
N HIS E 159 69.44 1.29 23.48
CA HIS E 159 69.68 -0.09 23.85
C HIS E 159 71.08 -0.51 23.43
N VAL E 160 71.79 -1.16 24.35
CA VAL E 160 73.07 -1.80 24.05
C VAL E 160 72.81 -3.31 24.10
N LEU E 161 72.53 -3.90 22.95
CA LEU E 161 72.16 -5.30 22.85
C LEU E 161 73.32 -6.11 22.32
N ILE E 162 73.56 -7.26 22.94
CA ILE E 162 74.68 -8.14 22.58
C ILE E 162 74.12 -9.53 22.33
N PRO E 163 73.68 -9.82 21.10
CA PRO E 163 73.17 -11.18 20.80
C PRO E 163 74.24 -12.25 20.91
N GLY E 164 75.51 -11.91 20.69
CA GLY E 164 76.56 -12.92 20.70
C GLY E 164 76.79 -13.53 22.06
N LEU E 165 76.71 -12.73 23.11
CA LEU E 165 77.03 -13.19 24.46
C LEU E 165 75.79 -13.86 25.08
N LYS E 166 75.90 -15.15 25.36
CA LYS E 166 74.85 -15.90 26.04
C LYS E 166 75.23 -16.04 27.51
N MET E 167 74.27 -15.81 28.40
CA MET E 167 74.57 -15.75 29.83
C MET E 167 73.32 -16.05 30.62
N ALA E 168 73.50 -16.34 31.91
CA ALA E 168 72.42 -16.65 32.83
C ALA E 168 72.02 -15.42 33.63
N ALA E 169 70.86 -15.52 34.29
CA ALA E 169 70.24 -14.35 34.90
C ALA E 169 71.07 -13.77 36.03
N SER E 170 71.63 -14.62 36.89
CA SER E 170 72.34 -14.11 38.07
C SER E 170 73.61 -13.35 37.67
N THR E 171 74.40 -13.92 36.76
CA THR E 171 75.59 -13.21 36.29
C THR E 171 75.22 -11.95 35.53
N LYS E 172 74.10 -11.97 34.81
CA LYS E 172 73.61 -10.75 34.17
C LYS E 172 73.29 -9.67 35.19
N LYS E 173 72.63 -10.05 36.29
CA LYS E 173 72.32 -9.08 37.34
C LYS E 173 73.60 -8.52 37.95
N SER E 174 74.58 -9.38 38.22
CA SER E 174 75.85 -8.92 38.78
C SER E 174 76.54 -7.95 37.82
N ILE E 175 76.54 -8.28 36.52
CA ILE E 175 77.20 -7.44 35.53
C ILE E 175 76.53 -6.09 35.44
N ILE E 176 75.19 -6.08 35.41
CA ILE E 176 74.47 -4.81 35.30
C ILE E 176 74.68 -3.97 36.55
N ALA E 177 74.70 -4.60 37.73
CA ALA E 177 74.99 -3.86 38.94
C ALA E 177 76.37 -3.25 38.93
N SER E 178 77.37 -4.02 38.48
CA SER E 178 78.73 -3.49 38.39
C SER E 178 78.81 -2.33 37.41
N LEU E 179 78.12 -2.45 36.26
CA LEU E 179 78.10 -1.36 35.29
C LEU E 179 77.44 -0.11 35.87
N GLN E 180 76.32 -0.29 36.57
CA GLN E 180 75.61 0.85 37.15
C GLN E 180 76.44 1.54 38.21
N HIS E 181 77.13 0.79 39.06
CA HIS E 181 77.90 1.36 40.15
C HIS E 181 79.35 1.63 39.78
N ASP E 182 79.74 1.39 38.54
CA ASP E 182 81.10 1.70 38.11
C ASP E 182 81.30 3.20 37.95
N ALA E 183 82.48 3.68 38.38
CA ALA E 183 82.79 5.10 38.25
C ALA E 183 83.06 5.48 36.79
N THR E 184 83.73 4.60 36.03
CA THR E 184 84.07 4.93 34.66
C THR E 184 82.82 5.06 33.79
N VAL E 185 81.86 4.14 33.95
CA VAL E 185 80.63 4.20 33.16
C VAL E 185 79.85 5.47 33.51
N GLN E 186 79.77 5.80 34.80
CA GLN E 186 79.09 7.01 35.21
C GLN E 186 79.77 8.26 34.65
N LYS E 187 81.10 8.27 34.64
CA LYS E 187 81.82 9.40 34.07
C LYS E 187 81.58 9.52 32.56
N ILE E 188 81.55 8.39 31.85
CA ILE E 188 81.27 8.41 30.43
C ILE E 188 79.87 8.96 30.17
N LEU E 189 78.89 8.52 30.97
CA LEU E 189 77.54 9.04 30.83
C LEU E 189 77.48 10.52 31.15
N HIS E 190 78.27 10.96 32.13
CA HIS E 190 78.34 12.38 32.44
C HIS E 190 78.90 13.18 31.26
N GLU E 191 79.89 12.62 30.57
CA GLU E 191 80.38 13.26 29.35
C GLU E 191 79.29 13.36 28.30
N GLN E 192 78.35 12.42 28.29
CA GLN E 192 77.23 12.44 27.36
C GLN E 192 76.10 13.35 27.82
N GLY E 193 76.18 13.91 29.02
CA GLY E 193 75.12 14.75 29.54
C GLY E 193 74.04 14.04 30.31
N VAL E 194 74.29 12.82 30.77
CA VAL E 194 73.28 12.05 31.50
C VAL E 194 73.18 12.59 32.92
N ALA E 195 71.96 12.93 33.34
CA ALA E 195 71.73 13.43 34.69
C ALA E 195 71.58 12.32 35.72
N ASN E 196 71.38 11.07 35.29
CA ASN E 196 71.25 9.92 36.20
C ASN E 196 72.14 8.78 35.74
N PRO E 197 73.47 8.97 35.77
CA PRO E 197 74.35 7.89 35.32
C PRO E 197 74.27 6.63 36.18
N GLU E 198 73.97 6.77 37.47
CA GLU E 198 73.96 5.63 38.38
C GLU E 198 72.72 4.78 38.28
N SER E 199 71.67 5.24 37.59
CA SER E 199 70.43 4.47 37.48
C SER E 199 69.83 4.46 36.09
N CYS E 200 70.51 5.02 35.09
CA CYS E 200 69.96 5.03 33.73
C CYS E 200 69.86 3.61 33.17
N LEU E 201 70.85 2.78 33.44
CA LEU E 201 70.86 1.42 32.91
C LEU E 201 69.78 0.59 33.59
N ASP E 202 68.92 -0.02 32.79
CA ASP E 202 67.83 -0.84 33.33
C ASP E 202 68.36 -2.22 33.70
N PRO E 203 68.26 -2.65 34.96
CA PRO E 203 68.70 -4.00 35.32
C PRO E 203 67.75 -5.10 34.86
N HIS E 204 66.47 -4.78 34.65
CA HIS E 204 65.51 -5.79 34.23
C HIS E 204 65.67 -6.20 32.77
N SER E 205 66.46 -5.45 31.98
CA SER E 205 66.63 -5.78 30.58
C SER E 205 67.24 -7.15 30.37
N ALA E 206 67.91 -7.70 31.39
CA ALA E 206 68.51 -9.02 31.26
C ALA E 206 67.45 -10.13 31.17
N SER E 207 66.26 -9.89 31.72
CA SER E 207 65.24 -10.93 31.80
C SER E 207 63.91 -10.58 31.14
N VAL E 208 63.60 -9.30 30.94
CA VAL E 208 62.33 -8.90 30.33
C VAL E 208 62.35 -9.32 28.86
N PRO E 209 61.19 -9.54 28.24
CA PRO E 209 61.18 -9.89 26.81
C PRO E 209 61.83 -8.79 25.97
N SER E 210 62.57 -9.23 24.95
CA SER E 210 63.29 -8.31 24.08
C SER E 210 62.43 -7.91 22.89
N LEU E 211 62.61 -6.66 22.47
CA LEU E 211 61.88 -6.13 21.32
C LEU E 211 62.63 -6.43 20.03
N LEU E 212 61.95 -7.05 19.07
CA LEU E 212 62.54 -7.27 17.75
C LEU E 212 62.70 -5.90 17.07
N TYR E 213 63.73 -5.75 16.25
CA TYR E 213 64.03 -4.48 15.58
C TYR E 213 62.84 -3.99 14.74
N GLY E 214 62.46 -2.73 14.94
CA GLY E 214 61.31 -2.10 14.29
C GLY E 214 60.06 -2.08 15.17
N SER E 215 59.99 -2.86 16.27
CA SER E 215 58.85 -2.85 17.16
C SER E 215 58.98 -1.73 18.20
N SER E 216 57.83 -1.24 18.67
CA SER E 216 57.82 -0.16 19.63
C SER E 216 56.50 -0.17 20.39
N LYS E 217 56.51 0.46 21.57
CA LYS E 217 55.36 0.44 22.46
C LYS E 217 54.23 1.32 21.93
N LEU E 218 53.20 1.47 22.75
CA LEU E 218 52.00 2.20 22.35
C LEU E 218 52.34 3.65 22.04
N ASN E 219 52.10 4.05 20.79
CA ASN E 219 52.29 5.42 20.32
C ASN E 219 53.73 5.90 20.49
N HIS E 220 54.69 4.99 20.50
CA HIS E 220 56.11 5.32 20.58
C HIS E 220 56.80 4.87 19.30
N ARG E 221 57.80 5.64 18.88
CA ARG E 221 58.56 5.27 17.70
C ARG E 221 59.69 4.30 18.08
N PRO E 222 60.06 3.39 17.18
CA PRO E 222 61.08 2.38 17.51
C PRO E 222 62.47 2.98 17.61
N TYR E 223 63.33 2.27 18.32
CA TYR E 223 64.73 2.65 18.41
C TYR E 223 65.40 2.52 17.05
N GLN E 224 66.31 3.45 16.76
CA GLN E 224 67.01 3.51 15.48
C GLN E 224 68.45 3.02 15.65
N LEU E 225 68.84 2.05 14.84
CA LEU E 225 70.19 1.49 14.91
C LEU E 225 71.20 2.54 14.48
N LYS E 226 71.97 3.05 15.44
CA LYS E 226 72.98 4.07 15.13
C LYS E 226 74.23 3.43 14.54
N THR E 227 74.88 2.54 15.28
CA THR E 227 76.10 1.89 14.84
C THR E 227 76.28 0.63 15.67
N GLY E 228 77.41 -0.05 15.48
CA GLY E 228 77.71 -1.27 16.20
C GLY E 228 79.19 -1.52 16.25
N PHE E 229 79.57 -2.53 17.03
CA PHE E 229 80.98 -2.88 17.21
C PHE E 229 81.14 -4.39 17.19
N GLU E 230 82.20 -4.85 16.54
CA GLU E 230 82.55 -6.28 16.49
C GLU E 230 83.73 -6.49 17.42
N LEU E 231 83.44 -6.77 18.69
CA LEU E 231 84.48 -6.90 19.69
C LEU E 231 85.34 -8.15 19.42
N VAL E 232 86.63 -8.01 19.72
CA VAL E 232 87.58 -9.12 19.62
C VAL E 232 88.34 -9.19 20.94
N PHE E 233 88.54 -10.41 21.45
CA PHE E 233 89.25 -10.61 22.71
C PHE E 233 90.07 -11.87 22.64
N ASP E 234 91.07 -11.96 23.51
CA ASP E 234 91.95 -13.11 23.61
C ASP E 234 92.01 -13.60 25.04
N SER E 235 91.97 -14.92 25.21
CA SER E 235 92.04 -15.51 26.54
C SER E 235 93.43 -15.42 27.14
N SER E 236 94.47 -15.31 26.30
CA SER E 236 95.83 -15.21 26.81
C SER E 236 96.10 -13.89 27.50
N ASP E 237 95.30 -12.86 27.22
CA ASP E 237 95.48 -11.55 27.84
C ASP E 237 94.11 -10.91 28.09
N PRO E 238 93.69 -10.81 29.35
CA PRO E 238 92.39 -10.18 29.64
C PRO E 238 92.34 -8.71 29.25
N ASP E 239 93.48 -8.03 29.17
CA ASP E 239 93.52 -6.62 28.79
C ASP E 239 93.58 -6.39 27.29
N TYR E 240 93.76 -7.45 26.50
CA TYR E 240 93.83 -7.34 25.05
C TYR E 240 92.41 -7.36 24.51
N ILE E 241 91.84 -6.17 24.32
CA ILE E 241 90.46 -6.05 23.86
C ILE E 241 90.42 -5.10 22.66
N PRO E 242 90.78 -5.57 21.46
CA PRO E 242 90.61 -4.72 20.27
C PRO E 242 89.13 -4.63 19.89
N ILE E 243 88.69 -3.40 19.63
CA ILE E 243 87.29 -3.12 19.30
C ILE E 243 87.25 -2.34 17.99
N HIS E 244 86.43 -2.80 17.05
CA HIS E 244 86.27 -2.16 15.76
C HIS E 244 84.80 -1.92 15.47
N GLN E 245 84.52 -0.81 14.79
CA GLN E 245 83.15 -0.43 14.47
C GLN E 245 82.62 -1.25 13.30
N ILE E 246 81.35 -1.64 13.40
CA ILE E 246 80.71 -2.43 12.34
C ILE E 246 80.33 -1.51 11.19
N LYS E 247 80.63 -1.95 9.97
CA LYS E 247 80.34 -1.19 8.76
C LYS E 247 79.62 -2.07 7.75
N ASN E 248 78.86 -1.43 6.86
CA ASN E 248 78.12 -2.12 5.81
C ASN E 248 77.17 -3.17 6.39
N ILE E 249 76.43 -2.80 7.45
CA ILE E 249 75.49 -3.71 8.08
C ILE E 249 74.24 -3.94 7.25
N GLU E 250 74.03 -3.14 6.19
CA GLU E 250 72.84 -3.29 5.37
C GLU E 250 72.81 -4.61 4.62
N SER E 251 73.96 -5.26 4.43
CA SER E 251 74.01 -6.51 3.69
C SER E 251 73.39 -7.68 4.46
N TYR E 252 73.09 -7.51 5.74
CA TYR E 252 72.52 -8.57 6.56
C TYR E 252 71.11 -8.17 6.99
N ASN E 253 70.30 -9.20 7.30
CA ASN E 253 68.91 -8.96 7.80
C ASN E 253 69.00 -8.48 9.24
N LEU E 254 68.71 -7.20 9.48
CA LEU E 254 68.79 -6.64 10.83
C LEU E 254 67.88 -7.33 11.85
N VAL E 255 66.69 -7.78 11.46
CA VAL E 255 65.76 -8.43 12.38
C VAL E 255 66.38 -9.73 12.93
N SER E 256 66.97 -10.54 12.06
CA SER E 256 67.62 -11.78 12.43
C SER E 256 68.88 -11.50 13.26
N GLU E 257 69.69 -10.50 12.90
CA GLU E 257 70.93 -10.27 13.63
C GLU E 257 70.70 -9.65 15.00
N LEU E 258 69.78 -8.69 15.10
CA LEU E 258 69.53 -8.03 16.37
C LEU E 258 68.64 -8.86 17.30
N SER E 259 68.05 -9.97 16.84
CA SER E 259 67.25 -10.85 17.69
C SER E 259 68.18 -11.63 18.61
N LEU E 260 68.05 -11.44 19.93
CA LEU E 260 68.91 -12.12 20.89
C LEU E 260 68.73 -13.63 20.83
N THR E 261 67.49 -14.08 20.68
CA THR E 261 67.16 -15.51 20.66
C THR E 261 67.53 -16.21 19.34
N ASN E 262 67.95 -15.45 18.33
CA ASN E 262 68.32 -16.04 17.03
C ASN E 262 69.75 -16.61 17.09
N GLU E 263 69.90 -17.92 17.39
CA GLU E 263 71.24 -18.52 17.36
C GLU E 263 71.70 -18.76 15.92
N GLN E 264 70.75 -18.92 14.99
CA GLN E 264 71.00 -19.10 13.56
C GLN E 264 71.15 -17.74 12.84
N GLY E 265 71.98 -16.84 13.37
CA GLY E 265 72.21 -15.52 12.76
C GLY E 265 73.19 -15.61 11.59
N SER E 266 73.04 -14.74 10.59
CA SER E 266 73.90 -14.73 9.41
C SER E 266 75.32 -14.29 9.76
N LEU E 267 75.48 -13.43 10.76
CA LEU E 267 76.79 -12.95 11.15
C LEU E 267 77.02 -13.15 12.65
N VAL E 268 75.95 -13.10 13.44
CA VAL E 268 76.07 -13.21 14.89
C VAL E 268 76.41 -14.64 15.27
N ARG E 269 77.45 -14.80 16.08
CA ARG E 269 77.89 -16.09 16.56
C ARG E 269 77.84 -16.14 18.09
N PRO E 270 77.34 -17.23 18.67
CA PRO E 270 77.20 -17.29 20.13
C PRO E 270 78.55 -17.38 20.82
N VAL E 271 78.59 -16.88 22.05
CA VAL E 271 79.74 -17.01 22.94
C VAL E 271 79.23 -17.60 24.24
N TYR E 272 79.81 -18.73 24.65
CA TYR E 272 79.32 -19.50 25.78
C TYR E 272 80.17 -19.26 27.02
N CYS E 273 79.57 -19.48 28.18
CA CYS E 273 80.24 -19.34 29.47
C CYS E 273 79.43 -20.10 30.51
N ALA E 274 79.95 -20.10 31.74
CA ALA E 274 79.30 -20.83 32.82
C ALA E 274 77.92 -20.25 33.13
N ALA E 275 76.94 -21.13 33.30
CA ALA E 275 75.57 -20.73 33.59
C ALA E 275 75.35 -20.69 35.10
N ASP E 276 74.14 -20.28 35.50
CA ASP E 276 73.76 -20.19 36.90
C ASP E 276 72.55 -21.08 37.16
N ALA E 287 48.77 -14.12 34.81
CA ALA E 287 47.84 -13.52 33.87
C ALA E 287 46.67 -12.80 34.56
N ASP E 288 46.74 -12.58 35.87
CA ASP E 288 45.67 -11.85 36.54
C ASP E 288 45.56 -10.42 36.02
N ASP E 289 46.70 -9.75 35.83
CA ASP E 289 46.68 -8.40 35.28
C ASP E 289 46.29 -8.38 33.82
N HIS E 290 46.43 -9.50 33.11
CA HIS E 290 46.15 -9.56 31.68
C HIS E 290 44.67 -9.74 31.36
N SER E 291 43.85 -10.11 32.35
CA SER E 291 42.44 -10.38 32.08
C SER E 291 41.72 -9.13 31.60
N LEU E 292 41.99 -7.99 32.25
CA LEU E 292 41.35 -6.74 31.85
C LEU E 292 41.79 -6.33 30.44
N SER E 293 43.07 -6.52 30.13
CA SER E 293 43.55 -6.19 28.78
C SER E 293 42.91 -7.10 27.73
N ILE E 294 42.74 -8.38 28.05
CA ILE E 294 42.06 -9.30 27.14
C ILE E 294 40.62 -8.86 26.92
N LEU E 295 39.94 -8.48 28.00
CA LEU E 295 38.57 -7.99 27.88
C LEU E 295 38.50 -6.74 27.00
N MET E 296 39.45 -5.82 27.19
CA MET E 296 39.50 -4.62 26.35
C MET E 296 39.71 -4.98 24.89
N LEU E 297 40.63 -5.92 24.63
CA LEU E 297 40.93 -6.30 23.24
C LEU E 297 39.73 -6.95 22.57
N HIS E 298 39.01 -7.82 23.29
CA HIS E 298 37.89 -8.53 22.70
C HIS E 298 36.58 -7.76 22.79
N ASP E 299 36.53 -6.65 23.51
CA ASP E 299 35.31 -5.86 23.65
C ASP E 299 35.62 -4.38 23.43
N PRO E 300 35.26 -3.80 22.29
CA PRO E 300 35.48 -2.35 22.11
C PRO E 300 34.75 -1.50 23.14
N GLU E 301 33.55 -1.90 23.56
CA GLU E 301 32.84 -1.15 24.58
C GLU E 301 33.58 -1.19 25.91
N ALA E 302 34.31 -2.28 26.18
CA ALA E 302 35.07 -2.35 27.43
C ALA E 302 36.15 -1.29 27.48
N ARG E 303 36.99 -1.20 26.43
CA ARG E 303 38.02 -0.17 26.40
C ARG E 303 37.40 1.22 26.32
N TYR E 304 36.24 1.33 25.66
CA TYR E 304 35.56 2.62 25.58
C TYR E 304 35.15 3.11 26.96
N LEU E 305 34.52 2.23 27.76
CA LEU E 305 34.16 2.60 29.12
C LEU E 305 35.39 2.82 29.99
N HIS E 306 36.46 2.06 29.74
CA HIS E 306 37.71 2.30 30.44
C HIS E 306 38.20 3.73 30.21
N LYS E 307 38.15 4.20 28.96
CA LYS E 307 38.49 5.58 28.69
C LYS E 307 37.51 6.53 29.37
N ILE E 308 36.23 6.19 29.37
CA ILE E 308 35.23 7.04 30.00
C ILE E 308 35.37 7.03 31.52
N LEU E 309 35.63 5.85 32.10
CA LEU E 309 35.67 5.74 33.56
C LEU E 309 36.78 6.58 34.16
N ASN E 310 37.90 6.73 33.45
CA ASN E 310 39.04 7.49 33.98
C ASN E 310 38.70 8.95 34.21
N LEU E 311 37.68 9.48 33.54
CA LEU E 311 37.30 10.87 33.71
C LEU E 311 36.53 11.12 35.00
N LEU E 312 36.12 10.09 35.71
CA LEU E 312 35.37 10.27 36.95
C LEU E 312 36.26 10.93 38.01
N PRO E 313 35.77 11.95 38.70
CA PRO E 313 36.56 12.60 39.75
C PRO E 313 36.79 11.67 40.91
N PRO E 314 37.78 11.96 41.77
CA PRO E 314 38.18 10.98 42.80
C PRO E 314 37.08 10.58 43.77
N GLU E 315 36.08 11.42 44.02
CA GLU E 315 35.08 11.10 45.02
C GLU E 315 34.17 9.95 44.60
N TYR E 316 34.25 9.51 43.34
CA TYR E 316 33.43 8.40 42.88
C TYR E 316 33.96 7.03 43.31
N TYR E 317 35.12 6.96 43.96
CA TYR E 317 35.60 5.72 44.52
C TYR E 317 36.00 5.80 45.99
N VAL E 318 36.25 7.00 46.52
CA VAL E 318 36.50 7.12 47.96
C VAL E 318 35.21 7.29 48.75
N GLU E 319 34.11 7.60 48.08
CA GLU E 319 32.81 7.74 48.74
C GLU E 319 31.96 6.52 48.39
N TYR E 320 31.42 5.87 49.42
CA TYR E 320 30.73 4.59 49.21
C TYR E 320 29.51 4.69 48.31
N PRO E 321 28.60 5.68 48.45
CA PRO E 321 27.43 5.69 47.56
C PRO E 321 27.78 5.79 46.09
N LEU E 322 28.67 6.70 45.71
CA LEU E 322 29.03 6.85 44.31
C LEU E 322 29.73 5.61 43.77
N TRP E 323 30.64 5.03 44.56
CA TRP E 323 31.33 3.82 44.13
C TRP E 323 30.35 2.66 43.96
N SER E 324 29.40 2.53 44.88
CA SER E 324 28.38 1.48 44.76
C SER E 324 27.52 1.69 43.53
N ASN E 325 27.15 2.95 43.24
CA ASN E 325 26.37 3.23 42.04
C ASN E 325 27.15 2.86 40.78
N VAL E 326 28.43 3.19 40.74
CA VAL E 326 29.26 2.84 39.58
C VAL E 326 29.35 1.33 39.43
N VAL E 327 29.54 0.61 40.54
CA VAL E 327 29.62 -0.84 40.49
C VAL E 327 28.31 -1.44 39.98
N PHE E 328 27.18 -0.93 40.48
CA PHE E 328 25.88 -1.43 40.03
C PHE E 328 25.66 -1.16 38.55
N ALA E 329 26.04 0.03 38.08
CA ALA E 329 25.88 0.35 36.67
C ALA E 329 26.74 -0.56 35.80
N LEU E 330 27.99 -0.79 36.21
CA LEU E 330 28.85 -1.70 35.44
C LEU E 330 28.29 -3.11 35.43
N ALA E 331 27.77 -3.57 36.57
CA ALA E 331 27.20 -4.91 36.62
C ALA E 331 25.96 -5.04 35.74
N ASN E 332 25.10 -4.01 35.75
CA ASN E 332 23.89 -4.07 34.93
C ASN E 332 24.21 -3.98 33.45
N THR E 333 25.22 -3.19 33.08
CA THR E 333 25.59 -3.08 31.68
C THR E 333 26.06 -4.41 31.12
N SER E 334 26.90 -5.12 31.86
CA SER E 334 27.41 -6.41 31.43
C SER E 334 27.97 -7.15 32.64
N ALA E 335 27.61 -8.43 32.77
CA ALA E 335 28.08 -9.22 33.91
C ALA E 335 29.57 -9.52 33.84
N ASN E 336 30.16 -9.47 32.65
CA ASN E 336 31.58 -9.79 32.48
C ASN E 336 32.48 -8.58 32.67
N TYR E 337 31.92 -7.41 32.99
CA TYR E 337 32.70 -6.20 33.21
C TYR E 337 33.31 -6.15 34.61
N ARG E 338 33.36 -7.27 35.31
CA ARG E 338 33.96 -7.29 36.65
C ARG E 338 35.39 -6.79 36.69
N PRO E 339 36.29 -7.13 35.76
CA PRO E 339 37.63 -6.54 35.80
C PRO E 339 37.63 -5.02 35.75
N LEU E 340 36.69 -4.41 35.00
CA LEU E 340 36.61 -2.96 34.98
C LEU E 340 36.27 -2.40 36.36
N ALA E 341 35.32 -3.03 37.05
CA ALA E 341 34.96 -2.57 38.39
C ALA E 341 36.11 -2.79 39.37
N GLU E 342 36.83 -3.91 39.25
CA GLU E 342 37.97 -4.15 40.11
C GLU E 342 39.06 -3.12 39.89
N TRP E 343 39.33 -2.78 38.63
CA TRP E 343 40.34 -1.77 38.34
C TRP E 343 39.91 -0.39 38.83
N PHE E 344 38.62 -0.06 38.67
CA PHE E 344 38.12 1.23 39.14
C PHE E 344 38.22 1.34 40.66
N SER E 345 37.91 0.26 41.37
CA SER E 345 37.99 0.28 42.83
C SER E 345 39.44 0.32 43.32
N GLN E 346 40.41 0.10 42.43
CA GLN E 346 41.81 0.11 42.81
C GLN E 346 42.45 1.49 42.67
N LYS E 347 41.68 2.54 42.37
CA LYS E 347 42.24 3.89 42.33
C LYS E 347 42.79 4.28 43.69
N CYS E 348 42.06 3.95 44.76
CA CYS E 348 42.55 4.11 46.12
C CYS E 348 42.99 2.74 46.62
N PRO E 349 44.27 2.39 46.49
CA PRO E 349 44.70 1.04 46.87
C PRO E 349 44.45 0.69 48.33
N GLU E 350 44.49 1.68 49.21
CA GLU E 350 44.26 1.42 50.63
C GLU E 350 42.85 0.89 50.86
N LYS E 351 41.84 1.55 50.26
CA LYS E 351 40.47 1.11 50.44
C LYS E 351 40.25 -0.27 49.84
N TRP E 352 40.84 -0.54 48.67
CA TRP E 352 40.70 -1.85 48.05
C TRP E 352 41.31 -2.93 48.93
N ASN E 353 42.53 -2.71 49.42
CA ASN E 353 43.19 -3.70 50.25
C ASN E 353 42.45 -3.92 51.56
N THR E 354 41.91 -2.85 52.15
CA THR E 354 41.20 -2.95 53.43
C THR E 354 39.73 -3.30 53.20
N GLY E 355 39.50 -4.52 52.70
CA GLY E 355 38.17 -5.06 52.56
C GLY E 355 37.44 -4.67 51.29
N GLY E 356 38.04 -3.85 50.43
CA GLY E 356 37.37 -3.46 49.20
C GLY E 356 37.11 -4.62 48.27
N LYS E 357 38.03 -5.59 48.22
CA LYS E 357 37.81 -6.78 47.41
C LYS E 357 36.58 -7.55 47.87
N GLU E 358 36.43 -7.73 49.19
CA GLU E 358 35.25 -8.40 49.72
C GLU E 358 33.99 -7.60 49.45
N LYS E 359 34.06 -6.28 49.62
CA LYS E 359 32.90 -5.43 49.35
C LYS E 359 32.50 -5.49 47.88
N LEU E 360 33.49 -5.44 46.99
CA LEU E 360 33.19 -5.55 45.56
C LEU E 360 32.60 -6.90 45.22
N GLU E 361 33.13 -7.97 45.82
CA GLU E 361 32.58 -9.31 45.58
C GLU E 361 31.13 -9.39 46.04
N LYS E 362 30.84 -8.87 47.23
CA LYS E 362 29.48 -8.90 47.76
C LYS E 362 28.54 -8.09 46.87
N LEU E 363 28.98 -6.91 46.43
CA LEU E 363 28.12 -6.07 45.59
C LEU E 363 27.86 -6.73 44.24
N TRP E 364 28.89 -7.34 43.64
CA TRP E 364 28.71 -8.01 42.36
C TRP E 364 27.76 -9.20 42.50
N ASN E 365 27.90 -9.97 43.59
CA ASN E 365 26.94 -11.04 43.83
C ASN E 365 25.54 -10.49 44.07
N ASP E 366 25.44 -9.38 44.80
CA ASP E 366 24.13 -8.79 45.09
C ASP E 366 23.54 -8.07 43.89
N ALA E 367 24.32 -7.87 42.82
CA ALA E 367 23.81 -7.20 41.63
C ALA E 367 22.69 -8.00 40.99
N SER E 368 22.82 -9.32 40.93
CA SER E 368 21.77 -10.17 40.39
C SER E 368 20.60 -10.33 41.35
N ARG E 369 20.73 -9.87 42.58
CA ARG E 369 19.65 -9.93 43.57
C ARG E 369 18.93 -8.60 43.73
N HIS E 370 19.67 -7.48 43.74
CA HIS E 370 19.07 -6.15 43.75
C HIS E 370 18.82 -5.66 42.33
N THR E 371 17.96 -6.39 41.62
CA THR E 371 17.68 -6.10 40.23
C THR E 371 16.96 -4.77 40.04
N GLU E 372 16.30 -4.26 41.08
CA GLU E 372 15.53 -3.02 40.94
C GLU E 372 16.41 -1.80 40.72
N LYS E 373 17.70 -1.89 40.99
CA LYS E 373 18.62 -0.76 40.79
C LYS E 373 18.94 -0.65 39.30
N LYS E 374 17.96 -0.12 38.56
CA LYS E 374 18.04 -0.04 37.10
C LYS E 374 18.84 1.19 36.69
N ILE E 375 20.15 1.05 36.72
CA ILE E 375 21.08 2.04 36.20
C ILE E 375 22.11 1.31 35.34
N THR E 376 22.49 1.93 34.22
CA THR E 376 23.36 1.29 33.23
C THR E 376 24.43 2.29 32.83
N LYS E 377 25.15 1.97 31.75
CA LYS E 377 26.27 2.78 31.30
C LYS E 377 25.86 4.20 30.94
N ARG E 378 24.58 4.44 30.65
CA ARG E 378 24.13 5.79 30.34
C ARG E 378 24.37 6.73 31.52
N SER E 379 24.10 6.25 32.74
CA SER E 379 24.38 7.06 33.92
C SER E 379 25.87 7.36 34.06
N ILE E 380 26.72 6.37 33.75
CA ILE E 380 28.16 6.57 33.85
C ILE E 380 28.61 7.65 32.87
N MET E 381 28.12 7.57 31.63
CA MET E 381 28.48 8.57 30.63
C MET E 381 27.95 9.94 31.03
N TYR E 382 26.75 9.99 31.61
CA TYR E 382 26.20 11.25 32.08
C TYR E 382 27.08 11.87 33.16
N TRP E 383 27.51 11.06 34.12
CA TRP E 383 28.38 11.57 35.18
C TRP E 383 29.71 12.06 34.60
N ALA E 384 30.29 11.29 33.68
CA ALA E 384 31.56 11.69 33.07
C ALA E 384 31.41 13.00 32.32
N HIS E 385 30.32 13.16 31.57
CA HIS E 385 30.09 14.41 30.85
C HIS E 385 29.88 15.57 31.82
N LYS E 386 29.16 15.33 32.92
CA LYS E 386 28.92 16.39 33.89
C LYS E 386 30.21 16.86 34.54
N HIS E 387 31.08 15.92 34.92
CA HIS E 387 32.30 16.27 35.64
C HIS E 387 33.47 16.60 34.73
N ALA E 388 33.37 16.33 33.43
CA ALA E 388 34.45 16.62 32.49
C ALA E 388 33.88 16.73 31.09
N PRO E 389 33.41 17.91 30.70
CA PRO E 389 32.74 18.06 29.40
C PRO E 389 33.66 17.88 28.21
N GLN E 390 34.78 18.61 28.17
CA GLN E 390 35.60 18.65 26.97
C GLN E 390 36.39 17.36 26.77
N GLN E 391 36.88 16.74 27.86
CA GLN E 391 37.55 15.45 27.74
C GLN E 391 36.60 14.40 27.21
N TYR E 392 35.38 14.36 27.74
CA TYR E 392 34.37 13.42 27.26
C TYR E 392 34.04 13.69 25.79
N LYS E 393 33.92 14.96 25.40
CA LYS E 393 33.63 15.28 24.01
C LYS E 393 34.74 14.82 23.08
N GLU E 394 36.00 15.04 23.48
CA GLU E 394 37.11 14.63 22.64
C GLU E 394 37.18 13.11 22.52
N ILE E 395 36.96 12.41 23.63
CA ILE E 395 37.00 10.94 23.60
C ILE E 395 35.89 10.39 22.73
N VAL E 396 34.68 10.94 22.87
CA VAL E 396 33.54 10.43 22.10
C VAL E 396 33.72 10.74 20.61
N GLU E 397 34.29 11.91 20.29
CA GLU E 397 34.55 12.23 18.89
C GLU E 397 35.61 11.31 18.30
N GLN E 398 36.65 11.01 19.06
CA GLN E 398 37.67 10.08 18.58
C GLN E 398 37.08 8.69 18.37
N GLY E 399 36.19 8.26 19.25
CA GLY E 399 35.52 6.98 19.06
C GLY E 399 34.68 6.95 17.80
N TYR E 400 33.90 8.01 17.56
CA TYR E 400 33.14 8.10 16.32
C TYR E 400 34.05 8.02 15.10
N PHE E 401 35.14 8.78 15.12
CA PHE E 401 36.05 8.80 13.97
C PHE E 401 36.65 7.43 13.72
N SER E 402 37.07 6.73 14.79
CA SER E 402 37.64 5.40 14.61
C SER E 402 36.62 4.42 14.06
N ILE E 403 35.39 4.46 14.58
CA ILE E 403 34.37 3.54 14.11
C ILE E 403 34.07 3.76 12.65
N LEU E 404 33.96 5.04 12.23
CA LEU E 404 33.67 5.31 10.82
C LEU E 404 34.86 4.96 9.93
N ALA E 405 36.08 5.26 10.38
CA ALA E 405 37.26 5.02 9.55
C ALA E 405 37.49 3.53 9.35
N GLU E 406 37.15 2.70 10.33
CA GLU E 406 37.26 1.25 10.14
C GLU E 406 36.43 0.80 8.96
N TYR E 407 35.16 1.23 8.90
CA TYR E 407 34.30 0.86 7.79
C TYR E 407 34.78 1.47 6.47
N VAL E 408 35.26 2.71 6.51
CA VAL E 408 35.71 3.36 5.29
C VAL E 408 36.90 2.62 4.69
N TYR E 409 37.85 2.23 5.53
CA TYR E 409 39.03 1.53 5.02
C TYR E 409 38.69 0.10 4.62
N SER E 410 37.75 -0.54 5.33
CA SER E 410 37.45 -1.94 5.05
C SER E 410 36.83 -2.13 3.67
N TYR E 411 35.94 -1.23 3.27
CA TYR E 411 35.16 -1.42 2.06
C TYR E 411 35.44 -0.36 0.99
N ASN E 412 36.63 0.25 1.03
CA ASN E 412 37.08 1.18 -0.01
C ASN E 412 36.11 2.36 -0.18
N GLY E 413 35.57 2.85 0.93
CA GLY E 413 34.78 4.06 0.92
C GLY E 413 33.35 3.91 0.46
N THR E 414 32.90 2.70 0.12
CA THR E 414 31.52 2.49 -0.31
C THR E 414 30.66 2.26 0.91
N LEU E 415 30.07 3.34 1.41
CA LEU E 415 29.22 3.25 2.60
C LEU E 415 27.85 2.67 2.24
N GLU E 416 27.17 2.17 3.26
CA GLU E 416 25.90 1.47 3.08
C GLU E 416 25.10 1.60 4.37
N HIS E 417 23.81 1.26 4.29
CA HIS E 417 22.87 1.63 5.34
C HIS E 417 23.30 1.14 6.72
N TYR E 418 23.75 -0.12 6.81
CA TYR E 418 24.05 -0.69 8.13
C TYR E 418 25.22 0.01 8.80
N MET E 419 26.21 0.45 8.03
CA MET E 419 27.39 1.08 8.62
C MET E 419 27.05 2.45 9.22
N ILE E 420 26.34 3.29 8.47
CA ILE E 420 25.87 4.55 9.03
C ILE E 420 24.92 4.31 10.19
N ALA E 421 24.11 3.25 10.12
CA ALA E 421 23.23 2.93 11.24
C ALA E 421 24.03 2.60 12.48
N LYS E 422 25.11 1.83 12.34
CA LYS E 422 25.97 1.50 13.47
C LYS E 422 26.62 2.76 14.06
N VAL E 423 27.11 3.65 13.21
CA VAL E 423 27.73 4.87 13.70
C VAL E 423 26.70 5.76 14.41
N ILE E 424 25.49 5.85 13.86
CA ILE E 424 24.44 6.64 14.47
C ILE E 424 24.03 6.05 15.82
N TYR E 425 24.00 4.72 15.93
CA TYR E 425 23.75 4.10 17.22
C TYR E 425 24.86 4.40 18.21
N ALA E 426 26.11 4.40 17.74
CA ALA E 426 27.22 4.77 18.62
C ALA E 426 27.07 6.20 19.11
N MET E 427 26.54 7.09 18.27
CA MET E 427 26.39 8.48 18.65
C MET E 427 25.21 8.69 19.60
N MET E 428 23.99 8.40 19.14
CA MET E 428 22.77 8.73 19.85
C MET E 428 22.10 7.50 20.48
N GLY E 429 22.87 6.48 20.82
CA GLY E 429 22.30 5.28 21.38
C GLY E 429 21.69 5.46 22.76
N ASN E 430 22.09 6.50 23.48
CA ASN E 430 21.60 6.76 24.82
C ASN E 430 20.40 7.69 24.85
N LYS E 431 19.86 8.08 23.69
CA LYS E 431 18.76 9.02 23.62
C LYS E 431 17.50 8.48 22.98
N PHE E 432 17.58 7.42 22.17
CA PHE E 432 16.44 6.88 21.46
C PHE E 432 16.29 5.39 21.77
N VAL E 433 15.04 4.95 21.90
CA VAL E 433 14.70 3.56 22.16
C VAL E 433 13.51 3.18 21.29
N VAL E 434 13.57 2.01 20.66
CA VAL E 434 12.50 1.52 19.81
C VAL E 434 12.06 0.16 20.29
N ASP E 435 10.75 -0.07 20.32
CA ASP E 435 10.19 -1.36 20.70
C ASP E 435 8.92 -1.61 19.91
N VAL E 436 8.54 -2.88 19.81
CA VAL E 436 7.38 -3.30 19.04
C VAL E 436 6.15 -3.24 19.93
N ASP E 437 5.11 -2.54 19.45
CA ASP E 437 3.89 -2.38 20.23
C ASP E 437 2.98 -3.59 20.02
N SER E 438 1.75 -3.51 20.52
CA SER E 438 0.81 -4.61 20.38
C SER E 438 0.40 -4.80 18.93
N ASN E 439 0.25 -3.71 18.17
CA ASN E 439 -0.15 -3.79 16.78
C ASN E 439 0.88 -4.46 15.89
N GLY E 440 2.12 -4.60 16.37
CA GLY E 440 3.16 -5.21 15.56
C GLY E 440 3.91 -4.19 14.71
N LYS E 441 4.12 -3.00 15.27
CA LYS E 441 4.81 -1.93 14.56
C LYS E 441 5.91 -1.38 15.46
N TYR E 442 7.06 -1.08 14.86
CA TYR E 442 8.19 -0.53 15.59
C TYR E 442 7.92 0.93 15.90
N VAL E 443 7.98 1.30 17.18
CA VAL E 443 7.63 2.63 17.65
C VAL E 443 8.87 3.25 18.28
N TRP E 444 9.19 4.48 17.88
CA TRP E 444 10.37 5.17 18.39
C TRP E 444 10.01 5.99 19.62
N PHE E 445 10.90 5.98 20.61
CA PHE E 445 10.76 6.78 21.81
C PHE E 445 12.00 7.64 21.99
N GLU E 446 11.79 8.90 22.35
CA GLU E 446 12.88 9.85 22.49
C GLU E 446 12.87 10.45 23.89
N PHE E 447 14.06 10.55 24.48
CA PHE E 447 14.21 11.20 25.78
C PHE E 447 14.37 12.70 25.58
N VAL E 448 13.56 13.47 26.30
CA VAL E 448 13.49 14.91 26.10
C VAL E 448 14.43 15.61 27.07
N LEU E 449 15.34 16.40 26.54
CA LEU E 449 16.28 17.21 27.30
C LEU E 449 15.92 18.68 27.18
N PRO E 450 16.32 19.50 28.16
CA PRO E 450 16.02 20.94 28.08
C PRO E 450 16.69 21.59 26.88
N GLY E 451 16.02 22.59 26.32
CA GLY E 451 16.56 23.38 25.23
C GLY E 451 16.05 23.00 23.85
N GLN E 452 15.49 21.81 23.70
CA GLN E 452 14.99 21.40 22.39
C GLN E 452 13.50 21.66 22.28
N PRO E 453 12.99 21.83 21.07
CA PRO E 453 11.54 22.05 20.90
C PRO E 453 10.75 20.88 21.46
N MET E 454 9.63 21.20 22.10
CA MET E 454 8.89 20.22 22.88
C MET E 454 7.55 20.81 23.29
N ASN E 455 6.60 19.92 23.57
CA ASN E 455 5.37 20.34 24.22
C ASN E 455 5.65 20.70 25.67
N GLN E 456 4.72 21.46 26.25
CA GLN E 456 4.89 21.90 27.63
C GLN E 456 4.65 20.75 28.59
N GLY E 457 5.63 20.44 29.44
CA GLY E 457 5.47 19.47 30.50
C GLY E 457 6.10 18.12 30.26
N GLU E 458 6.56 17.82 29.04
CA GLU E 458 7.14 16.52 28.74
C GLU E 458 8.65 16.47 28.92
N ILE E 459 9.18 17.24 29.88
CA ILE E 459 10.66 17.37 30.07
C ILE E 459 11.19 16.26 30.99
N TRP E 460 12.28 15.61 30.61
CA TRP E 460 12.90 14.50 31.36
C TRP E 460 12.08 13.21 31.27
N LYS E 461 11.35 13.02 30.17
CA LYS E 461 10.56 11.82 29.97
C LYS E 461 10.67 11.37 28.53
N TRP E 462 10.24 10.14 28.28
CA TRP E 462 10.18 9.59 26.93
C TRP E 462 8.89 10.03 26.26
N ARG E 463 9.00 10.43 24.99
CA ARG E 463 7.84 10.82 24.20
C ARG E 463 7.74 9.93 22.96
N LYS E 464 6.52 9.50 22.65
CA LYS E 464 6.32 8.64 21.50
C LYS E 464 6.46 9.43 20.21
N GLU E 465 7.22 8.89 19.26
CA GLU E 465 7.48 9.54 17.99
C GLU E 465 6.93 8.68 16.86
N VAL E 466 6.07 9.26 16.02
CA VAL E 466 5.62 8.57 14.83
C VAL E 466 6.78 8.32 13.88
N ASN E 467 7.63 9.32 13.70
CA ASN E 467 8.80 9.23 12.85
C ASN E 467 9.91 10.09 13.46
N PRO E 468 11.08 9.51 13.76
CA PRO E 468 12.11 10.27 14.47
C PRO E 468 12.75 11.35 13.59
N ASP E 469 12.07 12.48 13.46
CA ASP E 469 12.60 13.57 12.64
C ASP E 469 13.91 14.11 13.19
N GLU E 470 14.10 14.05 14.52
CA GLU E 470 15.36 14.50 15.10
C GLU E 470 16.52 13.64 14.60
N LEU E 471 16.30 12.33 14.48
CA LEU E 471 17.34 11.46 13.92
C LEU E 471 17.57 11.77 12.45
N HIS E 472 16.51 12.10 11.72
CA HIS E 472 16.65 12.49 10.32
C HIS E 472 17.54 13.72 10.19
N ILE E 473 17.33 14.72 11.06
CA ILE E 473 18.17 15.91 11.03
C ILE E 473 19.59 15.58 11.46
N TYR E 474 19.73 14.71 12.47
CA TYR E 474 21.05 14.36 12.99
C TYR E 474 21.90 13.67 11.92
N ILE E 475 21.28 12.81 11.11
CA ILE E 475 22.04 12.09 10.09
C ILE E 475 22.65 13.06 9.10
N SER E 476 21.93 14.13 8.76
CA SER E 476 22.43 15.08 7.76
C SER E 476 23.34 16.15 8.36
N GLU E 477 23.04 16.63 9.57
CA GLU E 477 23.78 17.74 10.13
C GLU E 477 25.07 17.28 10.82
N ASN E 478 24.94 16.51 11.89
CA ASN E 478 26.10 16.19 12.73
C ASN E 478 27.00 15.15 12.09
N PHE E 479 26.42 14.13 11.45
CA PHE E 479 27.22 13.07 10.86
C PHE E 479 28.07 13.58 9.71
N SER E 480 27.62 14.65 9.04
CA SER E 480 28.40 15.26 7.97
C SER E 480 29.73 15.77 8.48
N ARG E 481 29.81 16.14 9.76
CA ARG E 481 31.08 16.61 10.31
C ARG E 481 32.09 15.47 10.45
N VAL E 482 31.63 14.28 10.85
CA VAL E 482 32.53 13.12 10.86
C VAL E 482 32.92 12.75 9.44
N MET E 483 31.99 12.88 8.48
CA MET E 483 32.35 12.70 7.08
C MET E 483 33.45 13.66 6.66
N ASP E 484 33.35 14.92 7.10
CA ASP E 484 34.37 15.91 6.79
C ASP E 484 35.71 15.55 7.44
N ARG E 485 35.66 15.00 8.65
CA ARG E 485 36.90 14.55 9.30
C ARG E 485 37.56 13.43 8.50
N ILE E 486 36.76 12.48 7.99
CA ILE E 486 37.32 11.42 7.17
C ILE E 486 37.94 11.99 5.91
N THR E 487 37.26 12.95 5.28
CA THR E 487 37.81 13.58 4.08
C THR E 487 39.13 14.28 4.38
N GLU E 488 39.20 14.98 5.52
CA GLU E 488 40.43 15.66 5.90
C GLU E 488 41.56 14.66 6.14
N HIS E 489 41.25 13.53 6.77
CA HIS E 489 42.25 12.49 6.99
C HIS E 489 42.77 11.95 5.66
N ILE E 490 41.88 11.69 4.71
CA ILE E 490 42.29 11.19 3.41
C ILE E 490 43.17 12.22 2.69
N LYS E 491 42.77 13.49 2.75
CA LYS E 491 43.56 14.54 2.10
C LYS E 491 44.95 14.64 2.73
N TYR E 492 45.02 14.56 4.06
CA TYR E 492 46.32 14.63 4.74
C TYR E 492 47.20 13.47 4.34
N HIS E 493 46.64 12.26 4.25
CA HIS E 493 47.43 11.13 3.80
C HIS E 493 47.88 11.29 2.35
N LEU E 494 47.05 11.91 1.50
CA LEU E 494 47.47 12.19 0.13
C LEU E 494 48.64 13.17 0.11
N SER E 495 48.60 14.20 0.97
CA SER E 495 49.65 15.20 0.96
C SER E 495 51.00 14.66 1.40
N GLN E 496 51.02 13.63 2.23
CA GLN E 496 52.29 13.09 2.71
C GLN E 496 53.05 12.40 1.57
N PRO E 497 54.38 12.39 1.63
CA PRO E 497 55.15 11.66 0.62
C PRO E 497 55.10 10.15 0.82
N HIS E 498 54.51 9.45 -0.14
CA HIS E 498 54.31 8.01 -0.05
C HIS E 498 54.70 7.35 -1.36
N GLU E 499 54.65 6.03 -1.37
CA GLU E 499 54.88 5.27 -2.59
C GLU E 499 53.78 5.58 -3.60
N THR E 500 54.13 5.56 -4.88
CA THR E 500 53.18 5.88 -5.94
C THR E 500 51.96 4.97 -5.89
N ASN E 501 52.16 3.69 -5.58
CA ASN E 501 51.03 2.77 -5.43
C ASN E 501 50.13 3.21 -4.28
N ILE E 502 50.72 3.64 -3.16
CA ILE E 502 49.97 4.11 -2.01
C ILE E 502 49.18 5.34 -2.39
N LEU E 503 49.79 6.26 -3.14
CA LEU E 503 49.10 7.47 -3.57
C LEU E 503 47.93 7.15 -4.51
N ASN E 504 48.14 6.20 -5.43
CA ASN E 504 47.04 5.80 -6.32
C ASN E 504 45.89 5.18 -5.53
N TYR E 505 46.22 4.31 -4.57
CA TYR E 505 45.18 3.70 -3.74
C TYR E 505 44.40 4.76 -2.98
N TYR E 506 45.11 5.73 -2.40
CA TYR E 506 44.43 6.78 -1.64
C TYR E 506 43.59 7.67 -2.55
N LYS E 507 44.06 7.93 -3.77
CA LYS E 507 43.26 8.71 -4.71
C LYS E 507 41.98 7.98 -5.09
N LYS E 508 42.07 6.68 -5.36
CA LYS E 508 40.88 5.90 -5.66
C LYS E 508 39.93 5.88 -4.47
N LEU E 509 40.47 5.72 -3.26
CA LEU E 509 39.64 5.75 -2.07
C LEU E 509 38.94 7.09 -1.91
N LEU E 510 39.66 8.18 -2.17
CA LEU E 510 39.05 9.51 -2.09
C LEU E 510 37.94 9.67 -3.10
N LYS E 511 38.14 9.20 -4.33
CA LYS E 511 37.09 9.32 -5.34
C LYS E 511 35.86 8.53 -4.94
N ALA E 512 36.04 7.29 -4.47
CA ALA E 512 34.89 6.49 -4.04
C ALA E 512 34.19 7.13 -2.85
N PHE E 513 34.96 7.66 -1.90
CA PHE E 513 34.39 8.28 -0.71
C PHE E 513 33.62 9.56 -1.06
N GLU E 514 34.11 10.34 -2.02
CA GLU E 514 33.37 11.51 -2.46
C GLU E 514 32.09 11.09 -3.19
N ARG E 515 32.14 10.01 -3.96
CA ARG E 515 30.93 9.50 -4.59
C ARG E 515 29.90 9.10 -3.53
N SER E 516 30.35 8.46 -2.45
CA SER E 516 29.45 8.00 -1.41
C SER E 516 29.12 9.07 -0.37
N LYS E 517 29.75 10.25 -0.45
CA LYS E 517 29.59 11.24 0.60
C LYS E 517 28.23 11.92 0.53
N SER E 518 27.78 12.27 -0.67
CA SER E 518 26.52 13.00 -0.82
C SER E 518 25.30 12.13 -0.58
N LYS E 519 25.48 10.81 -0.43
CA LYS E 519 24.33 9.92 -0.30
C LYS E 519 23.58 10.11 1.01
N ILE E 520 24.22 10.71 2.02
CA ILE E 520 23.55 10.88 3.32
C ILE E 520 22.48 11.95 3.29
N PHE E 521 22.37 12.71 2.21
CA PHE E 521 21.33 13.72 2.05
C PHE E 521 20.16 13.23 1.22
N ASN E 522 20.15 11.94 0.85
CA ASN E 522 19.10 11.37 0.04
C ASN E 522 18.00 10.79 0.93
N ASP E 523 16.74 11.02 0.54
CA ASP E 523 15.62 10.59 1.37
C ASP E 523 15.56 9.07 1.48
N SER E 524 15.71 8.36 0.35
CA SER E 524 15.64 6.91 0.36
C SER E 524 16.77 6.31 1.17
N PHE E 525 17.98 6.85 1.03
CA PHE E 525 19.11 6.35 1.80
C PHE E 525 18.90 6.55 3.29
N LYS E 526 18.36 7.72 3.68
CA LYS E 526 18.12 7.98 5.10
C LYS E 526 17.03 7.06 5.64
N LYS E 527 15.98 6.81 4.85
CA LYS E 527 14.95 5.87 5.26
C LYS E 527 15.52 4.48 5.45
N GLY E 528 16.39 4.04 4.53
CA GLY E 528 17.03 2.74 4.69
C GLY E 528 17.93 2.68 5.90
N VAL E 529 18.63 3.78 6.19
CA VAL E 529 19.51 3.82 7.36
C VAL E 529 18.71 3.71 8.65
N ILE E 530 17.63 4.48 8.76
CA ILE E 530 16.83 4.46 9.99
C ILE E 530 16.09 3.13 10.13
N ARG E 531 15.63 2.57 9.02
CA ARG E 531 14.97 1.26 9.10
C ARG E 531 15.92 0.19 9.62
N GLN E 532 17.19 0.23 9.18
CA GLN E 532 18.18 -0.68 9.72
C GLN E 532 18.52 -0.36 11.16
N ALA E 533 18.48 0.93 11.54
CA ALA E 533 18.81 1.32 12.91
C ALA E 533 17.78 0.83 13.91
N GLU E 534 16.58 0.48 13.46
CA GLU E 534 15.57 -0.03 14.38
C GLU E 534 16.01 -1.32 15.04
N PHE E 535 16.82 -2.12 14.35
CA PHE E 535 17.30 -3.37 14.91
C PHE E 535 18.41 -3.18 15.94
N LEU E 536 19.10 -2.04 15.90
CA LEU E 536 20.16 -1.75 16.85
C LEU E 536 19.66 -1.01 18.08
N PHE E 537 18.72 -0.08 17.90
CA PHE E 537 18.13 0.65 19.00
C PHE E 537 17.09 -0.17 19.76
N ARG E 538 16.80 -1.39 19.30
CA ARG E 538 15.76 -2.20 19.91
C ARG E 538 16.09 -2.50 21.38
N GLN E 539 15.08 -2.35 22.23
CA GLN E 539 15.20 -2.67 23.65
C GLN E 539 14.02 -3.53 24.04
N ARG E 540 14.29 -4.78 24.42
CA ARG E 540 13.22 -5.71 24.77
C ARG E 540 12.53 -5.28 26.05
N SER E 541 11.22 -5.52 26.12
CA SER E 541 10.39 -5.28 27.30
C SER E 541 10.39 -3.81 27.73
N PHE E 542 10.66 -2.89 26.82
CA PHE E 542 10.56 -1.48 27.17
C PHE E 542 9.10 -1.03 27.30
N ILE E 543 8.26 -1.46 26.36
CA ILE E 543 6.84 -1.08 26.39
C ILE E 543 6.14 -1.75 27.56
N GLN E 544 6.48 -3.01 27.84
CA GLN E 544 5.83 -3.73 28.93
C GLN E 544 6.09 -3.06 30.27
N THR E 545 7.31 -2.60 30.50
CA THR E 545 7.66 -1.96 31.76
C THR E 545 7.35 -0.46 31.79
N LEU E 546 6.75 0.07 30.72
CA LEU E 546 6.47 1.50 30.66
C LEU E 546 5.33 1.84 31.60
N ASP E 547 5.59 2.77 32.53
CA ASP E 547 4.59 3.30 33.47
C ASP E 547 3.99 2.23 34.35
N THR E 548 4.70 1.12 34.57
CA THR E 548 4.18 0.08 35.45
C THR E 548 4.54 0.29 36.90
N ASN E 549 5.55 1.10 37.20
CA ASN E 549 5.91 1.37 38.58
C ASN E 549 4.88 2.32 39.18
N PRO E 550 4.15 1.91 40.24
CA PRO E 550 3.13 2.79 40.82
C PRO E 550 3.69 3.87 41.72
N TYR E 551 4.95 3.77 42.12
CA TYR E 551 5.57 4.73 43.02
C TYR E 551 6.29 5.86 42.29
N LEU E 552 6.20 5.91 40.97
CA LEU E 552 6.80 6.97 40.18
C LEU E 552 5.69 7.73 39.47
N LEU E 553 5.73 9.06 39.56
CA LEU E 553 4.67 9.91 39.04
C LEU E 553 5.29 11.03 38.24
N GLY E 554 4.92 11.13 36.96
CA GLY E 554 5.45 12.19 36.11
C GLY E 554 4.75 13.52 36.38
N VAL E 555 5.55 14.58 36.43
CA VAL E 555 5.06 15.93 36.71
C VAL E 555 5.54 16.87 35.61
N GLY E 556 5.08 18.12 35.69
CA GLY E 556 5.35 19.08 34.64
C GLY E 556 6.78 19.56 34.57
N ASN E 557 7.52 19.50 35.68
CA ASN E 557 8.90 19.98 35.72
C ASN E 557 9.90 18.85 35.92
N GLY E 558 9.51 17.60 35.68
CA GLY E 558 10.39 16.47 35.87
C GLY E 558 9.62 15.21 36.17
N VAL E 559 10.10 14.42 37.11
CA VAL E 559 9.38 13.23 37.58
C VAL E 559 9.48 13.17 39.10
N LEU E 560 8.37 12.81 39.74
CA LEU E 560 8.28 12.74 41.19
C LEU E 560 8.31 11.29 41.64
N SER E 561 9.18 10.99 42.59
CA SER E 561 9.37 9.64 43.11
C SER E 561 8.87 9.60 44.56
N ILE E 562 7.83 8.83 44.80
CA ILE E 562 7.31 8.62 46.15
C ILE E 562 7.73 7.25 46.70
N GLU E 563 8.81 6.68 46.17
CA GLU E 563 9.30 5.39 46.67
C GLU E 563 9.77 5.49 48.11
N THR E 564 10.38 6.61 48.49
CA THR E 564 10.92 6.78 49.84
C THR E 564 10.48 8.13 50.38
N ILE E 565 10.43 8.22 51.69
CA ILE E 565 10.10 9.46 52.39
C ILE E 565 11.39 10.16 52.78
N PRO E 566 11.58 11.45 52.44
CA PRO E 566 10.63 12.30 51.72
C PRO E 566 10.62 12.06 50.21
N ALA E 567 9.54 12.48 49.55
CA ALA E 567 9.45 12.35 48.09
C ALA E 567 10.51 13.20 47.42
N LYS E 568 11.13 12.65 46.39
CA LYS E 568 12.24 13.29 45.69
C LYS E 568 11.83 13.66 44.28
N LEU E 569 12.09 14.90 43.89
CA LEU E 569 11.88 15.36 42.52
C LEU E 569 13.19 15.23 41.74
N ILE E 570 13.07 14.71 40.51
CA ILE E 570 14.23 14.45 39.66
C ILE E 570 14.25 15.50 38.56
N ASN E 571 15.34 16.27 38.50
CA ASN E 571 15.54 17.28 37.47
C ASN E 571 16.81 17.00 36.67
N HIS E 572 17.13 15.73 36.46
CA HIS E 572 18.35 15.34 35.78
C HIS E 572 18.09 14.04 35.03
N PHE E 573 19.15 13.48 34.44
CA PHE E 573 19.02 12.26 33.67
C PHE E 573 18.64 11.09 34.57
N HIS E 574 17.84 10.19 34.02
CA HIS E 574 17.40 9.00 34.74
C HIS E 574 17.05 7.93 33.72
N GLU E 575 16.98 6.68 34.20
CA GLU E 575 16.68 5.54 33.34
C GLU E 575 15.31 4.93 33.62
N HIS E 576 14.43 5.67 34.28
CA HIS E 576 13.09 5.17 34.56
C HIS E 576 12.22 5.26 33.30
N PRO E 577 11.61 4.15 32.88
CA PRO E 577 10.74 4.18 31.67
C PRO E 577 9.36 4.78 31.97
N ILE E 578 9.30 6.11 31.94
CA ILE E 578 8.10 6.85 32.28
C ILE E 578 7.69 7.70 31.09
N HIS E 579 6.44 7.55 30.67
CA HIS E 579 5.91 8.25 29.50
C HIS E 579 4.78 9.20 29.87
N GLN E 580 3.74 8.71 30.54
CA GLN E 580 2.61 9.56 30.90
C GLN E 580 3.00 10.52 32.02
N TYR E 581 2.31 11.65 32.06
CA TYR E 581 2.63 12.69 33.02
C TYR E 581 1.42 13.60 33.22
N THR E 582 1.49 14.42 34.26
CA THR E 582 0.52 15.47 34.51
C THR E 582 1.19 16.83 34.37
N HIS E 583 0.42 17.82 33.93
CA HIS E 583 0.96 19.15 33.66
C HIS E 583 1.32 19.91 34.93
N ILE E 584 0.94 19.40 36.10
CA ILE E 584 1.21 20.11 37.34
C ILE E 584 2.69 20.04 37.69
N CYS E 585 3.29 21.19 37.96
CA CYS E 585 4.68 21.23 38.40
C CYS E 585 4.74 20.99 39.91
N TYR E 586 5.60 20.06 40.32
CA TYR E 586 5.69 19.68 41.72
C TYR E 586 6.60 20.63 42.49
N GLU E 587 6.14 21.01 43.68
CA GLU E 587 6.97 21.78 44.62
C GLU E 587 6.82 21.19 46.01
N PRO E 588 7.86 21.31 46.83
CA PRO E 588 7.77 20.82 48.21
C PRO E 588 6.70 21.56 48.99
N PHE E 589 6.04 20.85 49.91
CA PHE E 589 4.96 21.42 50.71
C PHE E 589 5.49 22.55 51.58
N ASN E 590 5.14 23.77 51.21
CA ASN E 590 5.52 24.96 51.97
C ASN E 590 4.27 25.58 52.57
N PRO E 591 4.04 25.46 53.90
CA PRO E 591 2.84 26.00 54.52
C PRO E 591 2.77 27.52 54.46
N GLU E 592 3.89 28.22 54.21
CA GLU E 592 3.91 29.67 54.19
C GLU E 592 3.53 30.25 52.85
N ASN E 593 3.37 29.44 51.81
CA ASN E 593 2.96 29.94 50.51
C ASN E 593 1.54 30.50 50.61
N PRO E 594 1.27 31.66 50.01
CA PRO E 594 -0.09 32.23 50.11
C PRO E 594 -1.18 31.31 49.59
N TRP E 595 -0.93 30.63 48.47
CA TRP E 595 -1.93 29.69 47.95
C TRP E 595 -2.11 28.51 48.89
N THR E 596 -1.01 28.01 49.47
CA THR E 596 -1.12 26.92 50.43
C THR E 596 -1.91 27.36 51.66
N LYS E 597 -1.67 28.58 52.14
CA LYS E 597 -2.43 29.08 53.28
C LYS E 597 -3.91 29.20 52.94
N LEU E 598 -4.23 29.72 51.75
CA LEU E 598 -5.62 29.85 51.34
C LEU E 598 -6.29 28.49 51.26
N LEU E 599 -5.61 27.51 50.67
CA LEU E 599 -6.19 26.17 50.54
C LEU E 599 -6.36 25.52 51.90
N LEU E 600 -5.41 25.70 52.81
CA LEU E 600 -5.53 25.13 54.14
C LEU E 600 -6.70 25.76 54.89
N ASN E 601 -6.87 27.08 54.78
CA ASN E 601 -8.00 27.73 55.43
C ASN E 601 -9.32 27.23 54.84
N ALA E 602 -9.39 27.08 53.52
CA ALA E 602 -10.60 26.58 52.89
C ALA E 602 -10.92 25.16 53.35
N LEU E 603 -9.90 24.31 53.44
CA LEU E 603 -10.10 22.94 53.90
C LEU E 603 -10.55 22.91 55.35
N GLN E 604 -9.98 23.77 56.19
CA GLN E 604 -10.44 23.85 57.58
C GLN E 604 -11.89 24.32 57.67
N ASP E 605 -12.30 25.23 56.79
CA ASP E 605 -13.67 25.71 56.80
C ASP E 605 -14.65 24.64 56.31
N ILE E 606 -14.26 23.89 55.28
CA ILE E 606 -15.17 22.92 54.68
C ILE E 606 -15.49 21.80 55.67
N ILE E 607 -14.48 21.26 56.34
CA ILE E 607 -14.69 20.14 57.26
C ILE E 607 -14.38 20.61 58.67
N PRO E 608 -15.40 20.94 59.47
CA PRO E 608 -15.13 21.47 60.82
C PRO E 608 -14.40 20.50 61.73
N GLU E 609 -14.75 19.22 61.70
CA GLU E 609 -14.18 18.27 62.64
C GLU E 609 -12.73 17.98 62.29
N LEU E 610 -11.83 18.07 63.28
CA LEU E 610 -10.41 17.83 63.07
C LEU E 610 -10.12 16.38 62.69
N ASP E 611 -10.64 15.41 63.43
CA ASP E 611 -10.42 14.00 63.11
C ASP E 611 -11.02 13.67 61.73
N ALA E 612 -12.21 14.20 61.42
CA ALA E 612 -12.81 13.96 60.11
C ALA E 612 -11.96 14.58 59.00
N ARG E 613 -11.45 15.78 59.22
CA ARG E 613 -10.61 16.42 58.22
C ARG E 613 -9.34 15.62 57.97
N LEU E 614 -8.68 15.16 59.03
CA LEU E 614 -7.47 14.35 58.91
C LEU E 614 -7.81 13.06 58.16
N TRP E 615 -8.91 12.39 58.49
CA TRP E 615 -9.26 11.15 57.80
C TRP E 615 -9.53 11.40 56.33
N ILE E 616 -10.24 12.49 56.01
CA ILE E 616 -10.55 12.81 54.62
C ILE E 616 -9.27 13.05 53.84
N MET E 617 -8.35 13.83 54.41
CA MET E 617 -7.13 14.14 53.68
C MET E 617 -6.22 12.92 53.54
N PHE E 618 -6.18 12.05 54.54
CA PHE E 618 -5.42 10.85 54.39
C PHE E 618 -6.06 10.01 53.29
N TYR E 619 -7.39 9.88 53.23
CA TYR E 619 -8.04 9.10 52.19
C TYR E 619 -7.79 9.68 50.81
N LEU E 620 -7.91 11.01 50.67
CA LEU E 620 -7.75 11.63 49.36
C LEU E 620 -6.31 11.54 48.86
N SER E 621 -5.34 11.52 49.77
CA SER E 621 -3.94 11.47 49.36
C SER E 621 -3.59 10.15 48.67
N THR E 622 -4.36 9.10 48.93
CA THR E 622 -4.09 7.79 48.34
C THR E 622 -4.39 7.79 46.85
N ALA E 623 -5.03 8.85 46.35
CA ALA E 623 -5.29 8.97 44.92
C ALA E 623 -4.02 9.07 44.10
N ILE E 624 -2.91 9.49 44.71
CA ILE E 624 -1.64 9.54 44.00
C ILE E 624 -1.14 8.14 43.69
N PHE E 625 -1.25 7.23 44.65
CA PHE E 625 -0.76 5.87 44.48
C PHE E 625 -1.69 5.08 43.55
N ARG E 626 -1.09 4.40 42.57
CA ARG E 626 -1.84 3.68 41.56
C ARG E 626 -1.76 2.17 41.73
N GLY E 627 -1.57 1.69 42.96
CA GLY E 627 -1.54 0.27 43.24
C GLY E 627 -2.75 -0.19 44.03
N LEU E 628 -2.65 -1.39 44.57
CA LEU E 628 -3.72 -1.94 45.40
C LEU E 628 -3.85 -1.14 46.69
N LYS E 629 -5.08 -1.02 47.19
CA LYS E 629 -5.34 -0.30 48.42
C LYS E 629 -6.49 -0.97 49.16
N GLU E 630 -6.86 -0.38 50.29
CA GLU E 630 -7.63 -1.08 51.31
C GLU E 630 -9.13 -1.14 51.03
N ALA E 631 -9.52 -0.84 49.79
CA ALA E 631 -10.88 -1.09 49.31
C ALA E 631 -11.95 -0.41 50.17
N LEU E 632 -11.73 0.86 50.52
CA LEU E 632 -12.72 1.65 51.23
C LEU E 632 -13.31 2.71 50.30
N MET E 633 -14.63 2.83 50.31
CA MET E 633 -15.35 3.77 49.48
C MET E 633 -16.05 4.79 50.37
N LEU E 634 -15.89 6.07 50.04
CA LEU E 634 -16.39 7.15 50.87
C LEU E 634 -17.71 7.67 50.32
N LEU E 635 -18.70 7.79 51.20
CA LEU E 635 -19.99 8.38 50.86
C LEU E 635 -20.11 9.72 51.56
N TRP E 636 -20.24 10.78 50.78
CA TRP E 636 -20.28 12.15 51.30
C TRP E 636 -21.66 12.73 51.01
N LEU E 637 -22.38 13.09 52.05
CA LEU E 637 -23.76 13.57 51.93
C LEU E 637 -23.85 15.04 52.30
N GLY E 638 -24.58 15.80 51.49
CA GLY E 638 -24.74 17.23 51.71
C GLY E 638 -25.28 17.93 50.48
N GLY E 639 -26.16 18.92 50.69
CA GLY E 639 -26.79 19.60 49.59
C GLY E 639 -26.19 20.98 49.33
N GLY E 640 -26.40 21.47 48.11
CA GLY E 640 -25.93 22.78 47.72
C GLY E 640 -24.50 22.84 47.24
N CYS E 641 -23.87 21.70 46.96
CA CYS E 641 -22.48 21.65 46.48
C CYS E 641 -21.54 22.44 47.42
N ASN E 642 -21.75 22.35 48.75
CA ASN E 642 -21.00 23.14 49.72
C ASN E 642 -19.61 22.55 49.87
N GLY E 643 -18.75 22.84 48.91
CA GLY E 643 -17.36 22.39 48.97
C GLY E 643 -17.08 21.01 48.44
N LYS E 644 -18.07 20.11 48.52
CA LYS E 644 -17.88 18.73 48.09
C LYS E 644 -17.48 18.64 46.62
N THR E 645 -18.19 19.34 45.76
CA THR E 645 -17.93 19.35 44.31
C THR E 645 -16.59 19.99 44.00
N PHE E 646 -16.29 21.10 44.67
CA PHE E 646 -15.06 21.85 44.39
C PHE E 646 -13.83 21.04 44.74
N LEU E 647 -13.83 20.40 45.92
CA LEU E 647 -12.66 19.67 46.37
C LEU E 647 -12.36 18.48 45.48
N MET E 648 -13.37 17.67 45.16
CA MET E 648 -13.15 16.50 44.33
C MET E 648 -12.77 16.90 42.91
N ARG E 649 -13.37 17.96 42.36
CA ARG E 649 -13.01 18.42 41.02
C ARG E 649 -11.57 18.95 41.04
N LEU E 650 -11.13 19.59 42.13
CA LEU E 650 -9.74 20.02 42.21
C LEU E 650 -8.79 18.82 42.25
N VAL E 651 -9.15 17.78 42.99
CA VAL E 651 -8.34 16.57 43.01
C VAL E 651 -8.23 15.98 41.61
N ALA E 652 -9.36 15.88 40.91
CA ALA E 652 -9.35 15.33 39.56
C ALA E 652 -8.51 16.19 38.63
N MET E 653 -8.58 17.50 38.77
CA MET E 653 -7.82 18.43 37.95
C MET E 653 -6.32 18.29 38.19
N VAL E 654 -5.89 18.20 39.45
CA VAL E 654 -4.46 18.13 39.74
C VAL E 654 -3.88 16.76 39.38
N LEU E 655 -4.66 15.69 39.54
CA LEU E 655 -4.16 14.38 39.11
C LEU E 655 -4.16 14.23 37.59
N GLY E 656 -4.95 15.04 36.88
CA GLY E 656 -4.96 14.99 35.43
C GLY E 656 -5.84 13.89 34.88
N ASP E 657 -6.00 13.88 33.56
CA ASP E 657 -6.83 12.91 32.86
C ASP E 657 -6.22 11.51 32.85
N HIS E 658 -4.89 11.42 32.83
CA HIS E 658 -4.22 10.12 32.77
C HIS E 658 -4.34 9.34 34.08
N TYR E 659 -4.51 10.04 35.21
CA TYR E 659 -4.52 9.40 36.51
C TYR E 659 -5.84 9.52 37.26
N ALA E 660 -6.71 10.46 36.89
CA ALA E 660 -8.01 10.61 37.52
C ALA E 660 -9.07 10.79 36.43
N SER E 661 -10.28 10.35 36.71
CA SER E 661 -11.40 10.47 35.78
C SER E 661 -12.75 10.49 36.48
N LYS E 662 -13.69 11.22 35.89
CA LYS E 662 -15.08 11.25 36.34
C LYS E 662 -15.71 9.89 36.05
N LEU E 663 -16.79 9.54 36.74
CA LEU E 663 -17.50 8.27 36.57
C LEU E 663 -19.02 8.52 36.55
N ASN E 664 -19.73 7.79 35.71
CA ASN E 664 -21.18 7.98 35.55
C ASN E 664 -21.90 7.37 36.74
N ILE E 665 -22.91 8.04 37.29
CA ILE E 665 -23.63 7.47 38.45
C ILE E 665 -24.38 6.19 38.09
N SER E 666 -24.80 6.03 36.83
CA SER E 666 -25.52 4.84 36.36
C SER E 666 -24.68 3.57 36.53
N LEU E 667 -23.35 3.67 36.47
CA LEU E 667 -22.44 2.57 36.69
C LEU E 667 -22.57 2.00 38.10
N LEU E 668 -22.97 2.81 39.09
CA LEU E 668 -23.06 2.31 40.45
C LEU E 668 -24.43 1.70 40.77
N THR E 669 -25.48 2.07 40.03
CA THR E 669 -26.86 1.63 40.30
C THR E 669 -27.48 0.68 39.27
N SER E 670 -26.97 0.62 38.05
CA SER E 670 -27.49 -0.29 37.03
C SER E 670 -27.18 -1.75 37.40
N TYR E 671 -28.10 -2.66 37.06
CA TYR E 671 -27.93 -4.07 37.36
C TYR E 671 -26.93 -4.70 36.40
N ARG E 672 -26.69 -6.00 36.60
CA ARG E 672 -25.74 -6.74 35.78
C ARG E 672 -26.19 -6.76 34.31
N GLU E 673 -25.26 -6.45 33.42
CA GLU E 673 -25.51 -6.58 32.00
C GLU E 673 -25.24 -8.02 31.55
N THR E 674 -25.62 -8.32 30.32
CA THR E 674 -25.36 -9.64 29.77
C THR E 674 -23.86 -9.80 29.48
N ALA E 675 -23.45 -11.04 29.24
CA ALA E 675 -22.06 -11.38 29.05
C ALA E 675 -21.39 -10.65 27.89
N GLU E 676 -22.09 -10.46 26.76
CA GLU E 676 -21.45 -9.89 25.58
C GLU E 676 -21.54 -8.37 25.49
N LYS E 677 -22.48 -7.73 26.20
CA LYS E 677 -22.62 -6.27 26.13
C LYS E 677 -21.42 -5.57 26.76
N PRO E 678 -20.81 -4.59 26.07
CA PRO E 678 -19.66 -3.86 26.59
C PRO E 678 -20.10 -2.84 27.64
N ASN E 679 -19.14 -2.20 28.30
CA ASN E 679 -19.38 -1.17 29.30
C ASN E 679 -18.21 -0.17 29.32
N SER E 680 -18.34 0.89 28.52
CA SER E 680 -17.30 1.91 28.42
C SER E 680 -17.11 2.66 29.72
N ALA E 681 -18.17 2.96 30.47
CA ALA E 681 -18.03 3.64 31.75
C ALA E 681 -17.21 2.77 32.70
N PHE E 682 -17.39 1.46 32.66
CA PHE E 682 -16.61 0.56 33.50
C PHE E 682 -15.14 0.56 33.12
N MET E 683 -14.85 0.58 31.82
CA MET E 683 -13.45 0.56 31.37
C MET E 683 -12.69 1.82 31.75
N ARG E 684 -13.35 2.90 32.19
CA ARG E 684 -12.66 4.12 32.60
C ARG E 684 -11.81 3.88 33.83
N LEU E 685 -12.05 2.80 34.59
CA LEU E 685 -11.26 2.51 35.78
C LEU E 685 -9.91 1.89 35.47
N LYS E 686 -9.63 1.56 34.21
CA LYS E 686 -8.39 0.89 33.85
C LYS E 686 -7.23 1.86 33.95
N GLY E 687 -6.34 1.62 34.91
CA GLY E 687 -5.14 2.42 35.07
C GLY E 687 -5.32 3.73 35.80
N ARG E 688 -6.54 4.04 36.25
CA ARG E 688 -6.80 5.29 36.95
C ARG E 688 -6.63 5.10 38.45
N GLY E 689 -6.08 6.11 39.11
CA GLY E 689 -5.89 6.06 40.55
C GLY E 689 -7.02 6.69 41.34
N TYR E 690 -7.89 7.44 40.67
CA TYR E 690 -8.93 8.19 41.36
C TYR E 690 -10.17 8.30 40.49
N GLY E 691 -11.33 8.08 41.09
CA GLY E 691 -12.60 8.22 40.40
C GLY E 691 -13.67 8.69 41.35
N TYR E 692 -14.66 9.40 40.82
CA TYR E 692 -15.67 10.03 41.66
C TYR E 692 -17.01 10.15 40.94
N PHE E 693 -18.08 10.17 41.74
CA PHE E 693 -19.43 10.39 41.25
C PHE E 693 -19.99 11.65 41.91
N GLU E 694 -20.66 12.51 41.16
CA GLU E 694 -21.23 13.75 41.67
C GLU E 694 -22.42 14.20 40.83
N GLU E 695 -23.20 15.15 41.35
CA GLU E 695 -24.42 15.69 40.71
C GLU E 695 -25.48 14.61 40.47
N THR E 696 -25.83 13.91 41.53
CA THR E 696 -26.93 12.96 41.55
C THR E 696 -28.23 13.79 41.64
N ASN E 697 -29.39 13.24 41.26
CA ASN E 697 -30.66 14.00 41.36
C ASN E 697 -31.84 13.20 41.89
N LYS E 698 -31.79 11.87 41.86
CA LYS E 698 -32.93 11.05 42.25
C LYS E 698 -32.77 10.31 43.58
N SER E 699 -31.73 10.59 44.39
CA SER E 699 -31.44 9.78 45.57
C SER E 699 -31.41 8.29 45.19
N GLU E 700 -30.55 7.98 44.23
CA GLU E 700 -30.46 6.68 43.60
C GLU E 700 -30.15 5.55 44.58
N ILE E 701 -30.77 4.40 44.35
CA ILE E 701 -30.48 3.19 45.12
C ILE E 701 -29.27 2.51 44.49
N LEU E 702 -28.18 2.39 45.26
CA LEU E 702 -26.95 1.82 44.73
C LEU E 702 -27.04 0.30 44.66
N ASN E 703 -26.40 -0.26 43.64
CA ASN E 703 -26.37 -1.71 43.47
C ASN E 703 -25.24 -2.30 44.32
N THR E 704 -25.61 -3.10 45.31
CA THR E 704 -24.60 -3.68 46.20
C THR E 704 -23.69 -4.64 45.46
N SER E 705 -24.25 -5.45 44.55
CA SER E 705 -23.43 -6.40 43.80
C SER E 705 -22.39 -5.68 42.97
N ARG E 706 -22.75 -4.52 42.42
CA ARG E 706 -21.74 -3.72 41.70
C ARG E 706 -20.76 -3.18 42.74
N LEU E 707 -21.27 -2.76 43.89
CA LEU E 707 -20.40 -2.20 44.93
C LEU E 707 -19.41 -3.24 45.44
N LYS E 708 -19.85 -4.48 45.59
CA LYS E 708 -18.98 -5.52 46.13
C LYS E 708 -17.76 -5.75 45.25
N GLU E 709 -17.94 -5.70 43.92
CA GLU E 709 -16.82 -5.95 43.02
C GLU E 709 -16.01 -4.70 42.70
N MET E 710 -16.46 -3.52 43.15
CA MET E 710 -15.65 -2.32 42.99
C MET E 710 -14.50 -2.30 43.99
N VAL E 711 -14.81 -2.32 45.27
CA VAL E 711 -13.80 -2.25 46.32
C VAL E 711 -13.30 -3.64 46.67
N ASN E 712 -12.36 -4.15 45.87
CA ASN E 712 -11.69 -5.43 46.07
C ASN E 712 -10.29 -5.37 45.49
N PRO E 713 -9.27 -5.76 46.25
CA PRO E 713 -7.92 -5.84 45.69
C PRO E 713 -7.76 -7.09 44.83
N GLY E 714 -8.24 -7.04 43.60
CA GLY E 714 -8.17 -8.20 42.73
C GLY E 714 -8.47 -7.82 41.29
N ASP E 715 -8.35 -8.81 40.42
CA ASP E 715 -8.58 -8.62 39.00
C ASP E 715 -10.05 -8.39 38.71
N VAL E 716 -10.32 -7.54 37.71
CA VAL E 716 -11.68 -7.21 37.29
C VAL E 716 -11.73 -7.24 35.77
N THR E 717 -12.78 -7.83 35.22
CA THR E 717 -12.92 -7.99 33.79
C THR E 717 -14.13 -7.21 33.27
N ALA E 718 -13.98 -6.63 32.08
CA ALA E 718 -15.04 -5.87 31.43
C ALA E 718 -14.68 -5.72 29.97
N ARG E 719 -15.58 -5.08 29.21
CA ARG E 719 -15.42 -4.91 27.77
C ARG E 719 -15.53 -3.44 27.39
N GLU E 720 -14.69 -3.00 26.46
CA GLU E 720 -14.77 -1.68 25.85
C GLU E 720 -15.58 -1.80 24.54
N LEU E 721 -16.24 -0.73 24.09
CA LEU E 721 -17.00 -0.74 22.83
C LEU E 721 -16.05 -1.19 21.68
N ASN E 722 -16.45 -2.19 20.90
CA ASN E 722 -15.82 -2.63 19.66
C ASN E 722 -14.40 -3.15 19.89
N GLN E 723 -14.12 -3.68 21.08
CA GLN E 723 -12.87 -4.36 21.36
C GLN E 723 -13.14 -5.60 22.22
N LYS E 724 -12.15 -6.48 22.26
CA LYS E 724 -12.29 -7.80 22.86
C LYS E 724 -12.34 -7.69 24.40
N GLN E 725 -12.43 -8.85 25.05
CA GLN E 725 -12.44 -8.91 26.50
C GLN E 725 -11.10 -8.45 27.06
N GLU E 726 -11.15 -7.83 28.24
CA GLU E 726 -9.96 -7.35 28.92
C GLU E 726 -10.14 -7.51 30.42
N SER E 727 -9.06 -7.88 31.10
CA SER E 727 -9.04 -7.98 32.55
C SER E 727 -7.91 -7.11 33.08
N PHE E 728 -8.19 -6.38 34.17
CA PHE E 728 -7.23 -5.45 34.72
C PHE E 728 -7.34 -5.43 36.23
N GLN E 729 -6.26 -5.00 36.88
CA GLN E 729 -6.25 -4.85 38.33
C GLN E 729 -6.93 -3.54 38.71
N MET E 730 -7.73 -3.60 39.77
CA MET E 730 -8.48 -2.43 40.24
C MET E 730 -7.60 -1.64 41.21
N THR E 731 -7.22 -0.42 40.81
CA THR E 731 -6.32 0.41 41.59
C THR E 731 -6.82 1.85 41.72
N ALA E 732 -8.13 2.04 41.82
CA ALA E 732 -8.71 3.38 41.84
C ALA E 732 -9.32 3.69 43.20
N THR E 733 -9.07 4.90 43.68
CA THR E 733 -9.72 5.39 44.89
C THR E 733 -11.14 5.84 44.56
N MET E 734 -12.11 5.36 45.33
CA MET E 734 -13.52 5.53 45.00
C MET E 734 -14.15 6.49 46.00
N VAL E 735 -14.66 7.61 45.51
CA VAL E 735 -15.36 8.60 46.32
C VAL E 735 -16.69 8.91 45.65
N ALA E 736 -17.78 8.83 46.42
CA ALA E 736 -19.11 9.14 45.93
C ALA E 736 -19.76 10.18 46.82
N ALA E 737 -20.33 11.21 46.22
CA ALA E 737 -21.01 12.27 46.94
C ALA E 737 -22.36 12.54 46.29
N SER E 738 -23.35 12.85 47.14
CA SER E 738 -24.71 13.05 46.67
C SER E 738 -25.40 14.11 47.52
N ASN E 739 -26.25 14.91 46.86
CA ASN E 739 -27.09 15.89 47.55
C ASN E 739 -28.14 15.19 48.42
N TYR E 740 -28.47 13.95 48.06
CA TYR E 740 -29.52 13.18 48.71
C TYR E 740 -28.99 11.83 49.17
N ASN E 741 -29.57 11.32 50.25
CA ASN E 741 -29.08 10.10 50.88
C ASN E 741 -29.16 8.92 49.93
N PHE E 742 -28.09 8.12 49.91
CA PHE E 742 -28.08 6.88 49.15
C PHE E 742 -28.94 5.84 49.85
N ILE E 743 -29.54 4.95 49.06
CA ILE E 743 -30.35 3.85 49.58
C ILE E 743 -29.59 2.55 49.34
N ILE E 744 -29.36 1.80 50.41
CA ILE E 744 -28.66 0.52 50.35
C ILE E 744 -29.67 -0.58 50.60
N ASP E 745 -29.73 -1.56 49.69
CA ASP E 745 -30.74 -2.59 49.69
C ASP E 745 -30.28 -3.91 50.33
N THR E 746 -29.38 -3.84 51.31
CA THR E 746 -28.93 -5.05 51.97
C THR E 746 -28.43 -4.71 53.37
N THR E 747 -28.42 -5.73 54.23
CA THR E 747 -27.81 -5.65 55.56
C THR E 747 -26.55 -6.49 55.65
N ASP E 748 -26.01 -6.94 54.52
CA ASP E 748 -24.84 -7.81 54.50
C ASP E 748 -23.65 -7.13 55.17
N HIS E 749 -22.98 -7.87 56.05
CA HIS E 749 -21.78 -7.34 56.69
C HIS E 749 -20.63 -7.22 55.69
N GLY E 750 -20.64 -8.03 54.64
CA GLY E 750 -19.62 -7.92 53.61
C GLY E 750 -19.71 -6.65 52.79
N THR E 751 -20.84 -5.96 52.84
CA THR E 751 -21.02 -4.70 52.14
C THR E 751 -20.79 -3.50 53.06
N TRP E 752 -21.33 -3.56 54.28
CA TRP E 752 -21.21 -2.43 55.19
C TRP E 752 -19.79 -2.24 55.70
N ARG E 753 -19.02 -3.32 55.79
CA ARG E 753 -17.64 -3.20 56.24
C ARG E 753 -16.77 -2.44 55.25
N ARG E 754 -17.22 -2.28 54.01
CA ARG E 754 -16.44 -1.64 52.97
C ARG E 754 -16.84 -0.19 52.72
N LEU E 755 -17.80 0.35 53.47
CA LEU E 755 -18.29 1.70 53.25
C LEU E 755 -17.96 2.62 54.41
N ARG E 756 -17.75 3.89 54.08
CA ARG E 756 -17.59 4.95 55.06
C ARG E 756 -18.45 6.13 54.66
N HIS E 757 -19.13 6.75 55.63
CA HIS E 757 -20.10 7.79 55.36
C HIS E 757 -19.79 9.04 56.16
N TYR E 758 -19.93 10.20 55.51
CA TYR E 758 -19.72 11.49 56.14
C TYR E 758 -20.80 12.46 55.67
N ARG E 759 -21.32 13.27 56.57
CA ARG E 759 -22.32 14.27 56.26
C ARG E 759 -21.76 15.67 56.47
N SER E 760 -22.01 16.55 55.51
CA SER E 760 -21.50 17.92 55.60
C SER E 760 -22.33 18.74 56.60
N LYS E 761 -21.66 19.72 57.21
CA LYS E 761 -22.31 20.63 58.15
C LYS E 761 -22.29 22.06 57.67
N VAL E 762 -21.13 22.57 57.26
CA VAL E 762 -21.01 23.98 56.90
C VAL E 762 -21.75 24.26 55.59
N LYS E 763 -22.57 25.30 55.60
CA LYS E 763 -23.28 25.78 54.42
C LYS E 763 -22.70 27.11 53.98
N PHE E 764 -22.21 27.17 52.75
CA PHE E 764 -21.76 28.42 52.16
C PHE E 764 -22.91 29.04 51.39
N CYS E 765 -23.35 30.23 51.81
CA CYS E 765 -24.53 30.84 51.22
C CYS E 765 -24.43 32.36 51.33
N HIS E 766 -25.24 33.03 50.52
CA HIS E 766 -25.31 34.49 50.53
C HIS E 766 -26.00 34.97 51.80
N ASN E 767 -25.50 36.09 52.34
CA ASN E 767 -25.98 36.66 53.59
C ASN E 767 -25.94 35.63 54.73
N PRO E 768 -24.75 35.26 55.19
CA PRO E 768 -24.68 34.30 56.31
C PRO E 768 -25.17 34.92 57.61
N ASP E 769 -26.01 34.18 58.32
CA ASP E 769 -26.52 34.64 59.59
C ASP E 769 -25.46 34.42 60.68
N PRO E 770 -25.04 35.47 61.38
CA PRO E 770 -24.04 35.27 62.45
C PRO E 770 -24.54 34.38 63.57
N ASN E 771 -25.85 34.22 63.74
CA ASN E 771 -26.37 33.35 64.78
C ASN E 771 -26.22 31.87 64.49
N ASN E 772 -25.87 31.50 63.26
CA ASN E 772 -25.66 30.11 62.89
C ASN E 772 -24.16 29.86 62.74
N SER E 773 -23.56 29.02 63.59
CA SER E 773 -22.11 28.78 63.48
C SER E 773 -21.69 28.10 62.18
N TYR E 774 -22.60 27.49 61.46
CA TYR E 774 -22.26 26.74 60.25
C TYR E 774 -22.61 27.47 58.96
N GLU E 775 -23.02 28.73 59.01
CA GLU E 775 -23.26 29.52 57.82
C GLU E 775 -22.03 30.37 57.50
N LYS E 776 -21.63 30.35 56.23
CA LYS E 776 -20.44 31.06 55.79
C LYS E 776 -20.71 31.70 54.43
N LYS E 777 -19.91 32.71 54.10
CA LYS E 777 -20.07 33.43 52.84
C LYS E 777 -19.53 32.60 51.69
N GLU E 778 -20.37 32.38 50.67
CA GLU E 778 -19.93 31.67 49.47
C GLU E 778 -19.16 32.62 48.55
N ASP E 779 -18.29 32.03 47.72
CA ASP E 779 -17.41 32.82 46.85
C ASP E 779 -17.27 32.11 45.52
N PRO E 780 -17.86 32.66 44.45
CA PRO E 780 -17.78 32.00 43.14
C PRO E 780 -16.36 31.84 42.61
N ARG E 781 -15.44 32.72 42.98
CA ARG E 781 -14.10 32.68 42.42
C ARG E 781 -13.34 31.42 42.82
N PHE E 782 -13.80 30.70 43.84
CA PHE E 782 -13.17 29.44 44.21
C PHE E 782 -13.28 28.43 43.08
N ILE E 783 -14.43 28.39 42.39
CA ILE E 783 -14.70 27.47 41.29
C ILE E 783 -14.50 28.16 39.93
N HIS E 784 -14.56 29.49 39.88
CA HIS E 784 -14.34 30.23 38.63
C HIS E 784 -12.88 30.62 38.43
N GLU E 785 -12.08 30.75 39.50
CA GLU E 785 -10.69 31.15 39.35
C GLU E 785 -9.73 30.22 40.09
N TYR E 786 -10.12 29.77 41.28
CA TYR E 786 -9.20 29.02 42.14
C TYR E 786 -9.19 27.53 41.80
N ILE E 787 -9.60 27.17 40.60
CA ILE E 787 -9.50 25.78 40.15
C ILE E 787 -8.76 25.78 38.82
N MET E 788 -8.54 26.94 38.20
CA MET E 788 -7.85 27.11 36.92
C MET E 788 -6.46 27.70 37.08
N ASP E 789 -6.14 28.31 38.23
CA ASP E 789 -4.81 28.87 38.43
C ASP E 789 -3.81 27.75 38.66
N PRO E 790 -2.72 27.68 37.89
CA PRO E 790 -1.72 26.62 38.13
C PRO E 790 -1.10 26.69 39.52
N ASN E 791 -0.99 27.88 40.10
CA ASN E 791 -0.36 28.01 41.41
C ASN E 791 -1.15 27.25 42.48
N CYS E 792 -2.46 27.47 42.53
CA CYS E 792 -3.28 26.76 43.51
C CYS E 792 -3.29 25.26 43.24
N GLN E 793 -3.28 24.88 41.96
CA GLN E 793 -3.26 23.46 41.61
C GLN E 793 -2.00 22.78 42.13
N ASN E 794 -0.84 23.40 41.91
CA ASN E 794 0.39 22.78 42.40
C ASN E 794 0.50 22.86 43.92
N ALA E 795 -0.06 23.89 44.53
CA ALA E 795 -0.12 23.94 45.99
C ALA E 795 -0.94 22.77 46.54
N PHE E 796 -2.09 22.50 45.92
CA PHE E 796 -2.92 21.38 46.35
C PHE E 796 -2.20 20.06 46.11
N PHE E 797 -1.47 19.94 45.00
CA PHE E 797 -0.68 18.74 44.75
C PHE E 797 0.38 18.54 45.84
N SER E 798 1.04 19.63 46.25
CA SER E 798 2.01 19.53 47.33
C SER E 798 1.35 19.11 48.64
N ILE E 799 0.16 19.64 48.91
CA ILE E 799 -0.56 19.24 50.12
C ILE E 799 -0.89 17.76 50.09
N LEU E 800 -1.34 17.27 48.93
CA LEU E 800 -1.65 15.85 48.79
C LEU E 800 -0.41 14.99 49.01
N VAL E 801 0.73 15.40 48.46
CA VAL E 801 1.96 14.65 48.64
C VAL E 801 2.36 14.62 50.11
N TYR E 802 2.26 15.77 50.80
CA TYR E 802 2.61 15.83 52.21
C TYR E 802 1.70 14.91 53.03
N PHE E 803 0.41 14.92 52.74
CA PHE E 803 -0.50 14.05 53.49
C PHE E 803 -0.25 12.58 53.19
N TRP E 804 0.13 12.25 51.96
CA TRP E 804 0.53 10.87 51.65
C TRP E 804 1.74 10.46 52.47
N GLU E 805 2.74 11.35 52.55
CA GLU E 805 3.92 11.06 53.35
C GLU E 805 3.56 10.87 54.82
N LYS E 806 2.69 11.72 55.36
CA LYS E 806 2.24 11.62 56.73
C LYS E 806 1.50 10.31 56.98
N LEU E 807 0.65 9.89 56.07
CA LEU E 807 -0.06 8.62 56.20
C LEU E 807 0.92 7.44 56.18
N GLN E 808 1.90 7.48 55.28
CA GLN E 808 2.87 6.39 55.19
C GLN E 808 3.72 6.31 56.44
N LYS E 809 4.14 7.46 56.98
CA LYS E 809 5.06 7.45 58.12
C LYS E 809 4.33 7.13 59.43
N GLU E 810 3.09 7.57 59.62
CA GLU E 810 2.38 7.42 60.90
C GLU E 810 1.51 6.17 61.03
N TYR E 811 0.92 5.67 59.94
CA TYR E 811 0.02 4.51 59.98
C TYR E 811 0.44 3.38 59.03
N ASN E 812 1.69 3.35 58.57
CA ASN E 812 2.19 2.31 57.66
C ASN E 812 1.35 2.21 56.39
N GLY E 813 0.71 3.30 56.01
CA GLY E 813 -0.08 3.34 54.80
C GLY E 813 -1.45 2.71 54.89
N GLN E 814 -1.85 2.24 56.07
CA GLN E 814 -3.15 1.59 56.25
C GLN E 814 -4.17 2.64 56.66
N ILE E 815 -5.07 2.99 55.74
CA ILE E 815 -6.14 3.94 56.05
C ILE E 815 -7.10 3.36 57.06
N LYS E 816 -7.15 2.03 57.16
CA LYS E 816 -8.07 1.38 58.11
C LYS E 816 -7.72 1.75 59.55
N LYS E 817 -6.43 1.95 59.84
CA LYS E 817 -5.98 2.20 61.20
C LYS E 817 -6.11 3.65 61.64
N VAL E 818 -6.60 4.53 60.76
CA VAL E 818 -6.70 5.94 61.11
C VAL E 818 -7.76 6.13 62.19
N PHE E 819 -7.39 6.83 63.26
CA PHE E 819 -8.28 7.12 64.39
C PHE E 819 -9.24 8.23 63.98
N CYS E 820 -10.54 7.96 63.96
CA CYS E 820 -11.54 8.97 63.64
C CYS E 820 -12.91 8.56 64.15
N PRO E 821 -13.26 8.91 65.38
CA PRO E 821 -14.58 8.52 65.91
C PRO E 821 -15.75 9.09 65.12
N THR E 822 -15.61 10.29 64.56
CA THR E 822 -16.74 10.93 63.88
C THR E 822 -17.19 10.12 62.66
N ILE E 823 -16.24 9.67 61.85
CA ILE E 823 -16.60 8.93 60.63
C ILE E 823 -17.29 7.62 60.97
N GLU E 824 -16.73 6.86 61.93
CA GLU E 824 -17.34 5.58 62.28
C GLU E 824 -18.70 5.77 62.94
N SER E 825 -18.84 6.79 63.78
CA SER E 825 -20.13 7.05 64.41
C SER E 825 -21.19 7.42 63.39
N GLU E 826 -20.85 8.30 62.44
CA GLU E 826 -21.80 8.66 61.40
C GLU E 826 -22.13 7.47 60.52
N THR E 827 -21.14 6.63 60.19
CA THR E 827 -21.40 5.45 59.37
C THR E 827 -22.32 4.47 60.08
N GLU E 828 -22.11 4.27 61.39
CA GLU E 828 -22.99 3.38 62.14
C GLU E 828 -24.39 3.94 62.25
N ALA E 829 -24.53 5.26 62.46
CA ALA E 829 -25.86 5.86 62.49
C ALA E 829 -26.57 5.70 61.15
N TYR E 830 -25.84 5.90 60.06
CA TYR E 830 -26.43 5.72 58.73
C TYR E 830 -26.84 4.27 58.50
N ARG E 831 -26.01 3.33 58.96
CA ARG E 831 -26.34 1.91 58.82
C ARG E 831 -27.61 1.57 59.60
N LYS E 832 -27.72 2.10 60.82
CA LYS E 832 -28.94 1.89 61.60
C LYS E 832 -30.15 2.50 60.89
N SER E 833 -29.99 3.68 60.31
CA SER E 833 -31.08 4.31 59.57
C SER E 833 -31.47 3.49 58.35
N GLN E 834 -30.52 2.76 57.76
CA GLN E 834 -30.82 1.97 56.57
C GLN E 834 -31.50 0.64 56.88
N ASP E 835 -31.63 0.28 58.15
CA ASP E 835 -32.26 -0.99 58.54
C ASP E 835 -33.78 -0.80 58.54
N THR E 836 -34.40 -1.06 57.38
CA THR E 836 -35.84 -0.90 57.26
C THR E 836 -36.59 -2.01 57.98
N LEU E 837 -36.00 -3.20 58.06
CA LEU E 837 -36.63 -4.30 58.78
C LEU E 837 -36.79 -3.98 60.25
N HIS E 838 -35.77 -3.37 60.86
CA HIS E 838 -35.89 -2.91 62.23
C HIS E 838 -36.97 -1.85 62.36
N ARG E 839 -37.08 -0.97 61.38
CA ARG E 839 -38.17 0.02 61.38
C ARG E 839 -39.53 -0.68 61.41
N PHE E 840 -39.70 -1.70 60.58
CA PHE E 840 -40.97 -2.43 60.53
C PHE E 840 -41.26 -3.12 61.86
N ILE E 841 -40.25 -3.77 62.44
CA ILE E 841 -40.43 -4.56 63.66
C ILE E 841 -40.38 -3.63 64.87
N THR E 842 -40.26 -2.32 64.64
CA THR E 842 -40.38 -1.39 65.75
C THR E 842 -41.65 -0.55 65.64
N GLU E 843 -42.22 -0.43 64.45
CA GLU E 843 -43.42 0.39 64.31
C GLU E 843 -44.70 -0.42 64.17
N ARG E 844 -44.67 -1.59 63.54
CA ARG E 844 -45.90 -2.37 63.39
C ARG E 844 -45.84 -3.74 64.04
N VAL E 845 -44.69 -4.19 64.52
CA VAL E 845 -44.57 -5.43 65.29
C VAL E 845 -44.02 -5.07 66.66
N VAL E 846 -44.80 -5.34 67.70
CA VAL E 846 -44.41 -5.03 69.07
C VAL E 846 -44.68 -6.25 69.94
N GLU E 847 -43.80 -6.47 70.91
CA GLU E 847 -43.99 -7.56 71.85
C GLU E 847 -45.31 -7.37 72.59
N SER E 848 -46.12 -8.42 72.60
CA SER E 848 -47.49 -8.35 73.13
C SER E 848 -47.68 -9.46 74.15
N PRO E 849 -47.27 -9.24 75.40
CA PRO E 849 -47.55 -10.23 76.45
C PRO E 849 -49.03 -10.50 76.64
N SER E 850 -49.89 -9.52 76.37
CA SER E 850 -51.32 -9.71 76.50
C SER E 850 -51.89 -10.68 75.47
N ALA E 851 -51.25 -10.81 74.30
CA ALA E 851 -51.73 -11.73 73.27
C ALA E 851 -50.54 -12.11 72.40
N GLU E 852 -50.11 -13.37 72.49
CA GLU E 852 -48.99 -13.83 71.67
C GLU E 852 -49.30 -13.78 70.18
N THR E 853 -50.49 -14.23 69.79
CA THR E 853 -50.98 -14.14 68.41
C THR E 853 -49.96 -14.71 67.44
N VAL E 854 -49.80 -16.04 67.53
CA VAL E 854 -48.82 -16.75 66.73
C VAL E 854 -49.04 -16.47 65.24
N TYR E 855 -47.96 -16.15 64.54
CA TYR E 855 -47.96 -15.96 63.09
C TYR E 855 -46.99 -16.91 62.44
N ASN E 856 -47.30 -17.30 61.20
CA ASN E 856 -46.32 -17.98 60.37
C ASN E 856 -45.42 -16.96 59.68
N LEU E 857 -44.31 -17.46 59.13
CA LEU E 857 -43.32 -16.56 58.53
C LEU E 857 -43.87 -15.84 57.29
N SER E 858 -44.75 -16.50 56.54
CA SER E 858 -45.25 -15.91 55.30
C SER E 858 -46.07 -14.66 55.55
N GLU E 859 -46.87 -14.64 56.62
CA GLU E 859 -47.66 -13.45 56.93
C GLU E 859 -46.77 -12.26 57.24
N VAL E 860 -45.71 -12.47 58.03
CA VAL E 860 -44.77 -11.41 58.33
C VAL E 860 -44.08 -10.95 57.04
N VAL E 861 -43.72 -11.91 56.18
CA VAL E 861 -43.11 -11.58 54.89
C VAL E 861 -44.01 -10.65 54.10
N THR E 862 -45.29 -11.01 53.99
CA THR E 862 -46.23 -10.20 53.21
C THR E 862 -46.44 -8.83 53.83
N ALA E 863 -46.55 -8.76 55.15
CA ALA E 863 -46.75 -7.48 55.82
C ALA E 863 -45.57 -6.56 55.60
N TYR E 864 -44.34 -7.08 55.76
CA TYR E 864 -43.17 -6.25 55.56
C TYR E 864 -43.03 -5.85 54.09
N ALA E 865 -43.40 -6.74 53.17
CA ALA E 865 -43.33 -6.42 51.75
C ALA E 865 -44.26 -5.27 51.41
N GLU E 866 -45.51 -5.33 51.89
CA GLU E 866 -46.44 -4.26 51.60
C GLU E 866 -46.04 -2.97 52.30
N TRP E 867 -45.47 -3.07 53.50
CA TRP E 867 -44.97 -1.87 54.17
C TRP E 867 -43.86 -1.22 53.36
N TYR E 868 -42.94 -2.03 52.84
CA TYR E 868 -41.86 -1.49 52.01
C TYR E 868 -42.41 -0.83 50.76
N ASN E 869 -43.37 -1.47 50.11
CA ASN E 869 -43.97 -0.90 48.90
C ASN E 869 -44.71 0.40 49.21
N ALA E 870 -45.26 0.54 50.42
CA ALA E 870 -46.05 1.73 50.73
C ALA E 870 -45.18 2.89 51.22
N ASN E 871 -44.21 2.62 52.08
CA ASN E 871 -43.52 3.67 52.82
C ASN E 871 -42.15 4.04 52.26
N ILE E 872 -41.40 3.09 51.70
CA ILE E 872 -40.03 3.38 51.30
C ILE E 872 -39.90 3.42 49.79
N ASN E 873 -40.16 2.30 49.13
CA ASN E 873 -39.96 2.21 47.69
C ASN E 873 -40.71 1.00 47.16
N VAL E 874 -41.13 1.11 45.89
CA VAL E 874 -41.82 0.01 45.21
C VAL E 874 -40.78 -0.91 44.59
N LYS E 875 -40.80 -2.18 44.99
CA LYS E 875 -39.85 -3.16 44.49
C LYS E 875 -40.45 -4.55 44.56
N ARG E 876 -40.08 -5.41 43.61
CA ARG E 876 -40.58 -6.78 43.57
C ARG E 876 -39.77 -7.63 44.53
N HIS E 877 -40.42 -8.09 45.60
CA HIS E 877 -39.73 -8.86 46.63
C HIS E 877 -39.59 -10.33 46.24
N ILE E 878 -38.42 -10.89 46.53
CA ILE E 878 -38.22 -12.34 46.49
C ILE E 878 -38.24 -12.85 47.92
N ALA E 879 -39.05 -13.86 48.19
CA ALA E 879 -39.28 -14.27 49.58
C ALA E 879 -38.07 -14.96 50.19
N LEU E 880 -37.12 -15.45 49.37
CA LEU E 880 -35.96 -16.15 49.91
C LEU E 880 -35.19 -15.27 50.88
N GLU E 881 -34.65 -14.16 50.38
CA GLU E 881 -33.79 -13.32 51.19
C GLU E 881 -34.58 -12.60 52.27
N LEU E 882 -35.86 -12.34 52.04
CA LEU E 882 -36.66 -11.68 53.07
C LEU E 882 -36.90 -12.61 54.26
N SER E 883 -37.23 -13.87 53.97
CA SER E 883 -37.33 -14.85 55.04
C SER E 883 -35.99 -15.04 55.74
N GLN E 884 -34.89 -15.02 54.98
CA GLN E 884 -33.57 -15.12 55.59
C GLN E 884 -33.30 -13.95 56.55
N GLU E 885 -33.65 -12.73 56.12
CA GLU E 885 -33.49 -11.56 56.99
C GLU E 885 -34.32 -11.68 58.25
N LEU E 886 -35.57 -12.15 58.12
CA LEU E 886 -36.40 -12.36 59.29
C LEU E 886 -35.78 -13.40 60.22
N GLU E 887 -35.16 -14.43 59.64
CA GLU E 887 -34.53 -15.49 60.43
C GLU E 887 -33.30 -15.01 61.18
N ASN E 888 -32.75 -13.85 60.83
CA ASN E 888 -31.58 -13.31 61.52
C ASN E 888 -31.84 -11.89 62.04
N SER E 889 -33.10 -11.49 62.12
CA SER E 889 -33.47 -10.18 62.63
C SER E 889 -33.52 -10.22 64.16
N VAL E 890 -34.08 -9.17 64.76
CA VAL E 890 -34.28 -9.15 66.20
C VAL E 890 -35.23 -10.25 66.65
N LEU E 891 -36.05 -10.78 65.73
CA LEU E 891 -36.94 -11.89 66.00
C LEU E 891 -36.24 -13.23 66.04
N GLU E 892 -34.89 -13.24 66.08
CA GLU E 892 -34.14 -14.49 66.05
C GLU E 892 -34.52 -15.39 67.21
N LYS E 893 -34.79 -14.81 68.38
CA LYS E 893 -35.20 -15.58 69.55
C LYS E 893 -36.70 -15.77 69.66
N TYR E 894 -37.49 -15.09 68.82
CA TYR E 894 -38.93 -15.26 68.84
C TYR E 894 -39.43 -16.32 67.86
N LEU E 895 -38.65 -16.62 66.82
CA LEU E 895 -39.03 -17.61 65.82
C LEU E 895 -38.66 -19.02 66.32
N GLN E 896 -39.39 -19.44 67.36
CA GLN E 896 -39.17 -20.76 67.93
C GLN E 896 -39.71 -21.85 67.02
N TRP E 897 -39.30 -23.08 67.30
CA TRP E 897 -39.68 -24.22 66.49
C TRP E 897 -41.17 -24.52 66.65
N SER E 898 -41.87 -24.66 65.53
CA SER E 898 -43.27 -25.05 65.52
C SER E 898 -43.40 -26.55 65.77
N PRO E 899 -44.59 -27.02 66.13
CA PRO E 899 -44.77 -28.48 66.28
C PRO E 899 -44.46 -29.26 65.01
N ASN E 900 -44.64 -28.62 63.85
CA ASN E 900 -44.33 -29.18 62.55
C ASN E 900 -42.83 -28.97 62.23
N LYS E 901 -41.98 -28.61 63.22
CA LYS E 901 -40.55 -28.33 63.04
C LYS E 901 -40.31 -27.21 62.03
N THR E 902 -41.22 -26.26 61.90
CA THR E 902 -41.04 -25.07 61.05
C THR E 902 -40.79 -23.89 61.99
N ARG E 903 -40.67 -22.69 61.45
CA ARG E 903 -40.44 -21.45 62.18
C ARG E 903 -41.71 -20.61 62.18
N ILE E 904 -42.14 -20.20 63.36
CA ILE E 904 -43.35 -19.39 63.53
C ILE E 904 -43.05 -18.27 64.53
N LEU E 905 -43.65 -17.11 64.28
CA LEU E 905 -43.49 -15.96 65.18
C LEU E 905 -44.47 -16.09 66.34
N LYS E 906 -43.96 -15.98 67.57
CA LYS E 906 -44.77 -16.05 68.77
C LYS E 906 -44.45 -14.88 69.70
N GLY E 907 -45.49 -14.31 70.29
CA GLY E 907 -45.32 -13.27 71.29
C GLY E 907 -45.47 -11.85 70.79
N CYS E 908 -45.78 -11.64 69.52
CA CYS E 908 -45.90 -10.31 68.95
C CYS E 908 -47.15 -10.22 68.08
N ARG E 909 -47.65 -8.99 67.94
CA ARG E 909 -48.83 -8.69 67.15
C ARG E 909 -48.48 -7.72 66.04
N ILE E 910 -49.04 -7.93 64.86
CA ILE E 910 -48.76 -7.10 63.69
C ILE E 910 -49.81 -6.01 63.60
N LEU E 911 -49.38 -4.75 63.66
CA LEU E 911 -50.27 -3.62 63.43
C LEU E 911 -50.46 -3.43 61.93
N HIS E 912 -51.68 -3.11 61.53
CA HIS E 912 -52.01 -3.00 60.12
C HIS E 912 -51.56 -1.66 59.56
N LYS E 913 -51.97 -1.40 58.30
CA LYS E 913 -51.47 -0.26 57.56
C LYS E 913 -51.85 1.06 58.22
N PHE E 914 -53.09 1.20 58.66
CA PHE E 914 -53.60 2.45 59.22
C PHE E 914 -53.60 2.46 60.74
N GLU E 915 -53.18 1.39 61.39
CA GLU E 915 -53.13 1.35 62.85
C GLU E 915 -51.92 2.12 63.36
N THR E 916 -52.10 2.75 64.52
CA THR E 916 -51.02 3.50 65.16
C THR E 916 -50.36 2.69 66.27
N LEU E 917 -51.13 2.26 67.26
CA LEU E 917 -50.62 1.43 68.35
C LEU E 917 -51.77 0.64 68.94
N GLN E 918 -51.42 -0.44 69.65
CA GLN E 918 -52.41 -1.26 70.34
C GLN E 918 -51.92 -1.54 71.76
N PRO E 919 -52.76 -1.29 72.76
CA PRO E 919 -52.35 -1.56 74.15
C PRO E 919 -52.09 -3.04 74.38
N GLY E 920 -51.13 -3.32 75.25
CA GLY E 920 -50.77 -4.69 75.58
C GLY E 920 -49.65 -5.23 74.72
N ILE E 937 -14.59 17.18 70.27
CA ILE E 937 -13.66 17.39 69.17
C ILE E 937 -12.32 17.84 69.73
N CYS E 938 -11.23 17.25 69.22
CA CYS E 938 -9.88 17.57 69.69
C CYS E 938 -9.59 19.06 69.44
N GLU E 939 -8.79 19.69 70.31
CA GLU E 939 -8.51 21.12 70.17
C GLU E 939 -7.66 21.43 68.92
N PRO E 940 -8.10 22.35 68.04
CA PRO E 940 -7.33 22.70 66.86
C PRO E 940 -6.33 23.80 67.19
N LYS E 941 -5.17 23.73 66.57
CA LYS E 941 -4.10 24.73 66.70
C LYS E 941 -3.91 25.45 65.36
N ASN E 942 -3.01 26.43 65.32
CA ASN E 942 -2.70 27.12 64.08
C ASN E 942 -2.08 26.16 63.06
N LYS E 943 -1.19 25.23 63.43
CA LYS E 943 -0.54 24.25 62.56
C LYS E 943 -1.30 22.94 62.72
N TRP E 944 -2.56 22.93 62.32
CA TRP E 944 -3.41 21.76 62.51
C TRP E 944 -2.95 20.53 61.74
N TRP E 945 -2.27 20.69 60.59
CA TRP E 945 -1.79 19.56 59.81
C TRP E 945 -0.65 18.80 60.49
N GLU E 946 -0.02 19.33 61.53
CA GLU E 946 0.98 18.61 62.33
C GLU E 946 0.33 17.75 63.43
N TRP E 947 -0.97 17.92 63.69
CA TRP E 947 -1.67 17.22 64.76
C TRP E 947 -1.68 15.71 64.56
N SER E 948 -1.30 14.98 65.61
CA SER E 948 -1.27 13.52 65.64
C SER E 948 -1.81 13.09 67.02
N PRO E 949 -2.46 11.91 67.17
CA PRO E 949 -3.01 11.46 68.44
C PRO E 949 -2.03 11.54 69.62
N ASN E 950 -2.59 11.74 70.82
CA ASN E 950 -1.78 11.91 72.05
C ASN E 950 -0.55 11.01 72.12
N PRO E 951 -0.61 9.67 72.00
CA PRO E 951 0.57 8.83 72.24
C PRO E 951 1.79 9.25 71.41
N SER E 952 1.62 10.02 70.33
CA SER E 952 2.71 10.50 69.46
C SER E 952 3.68 11.41 70.22
N HIS F 11 29.49 39.18 0.09
CA HIS F 11 30.16 39.15 -1.20
C HIS F 11 31.36 38.21 -1.19
N ASP F 12 32.22 38.36 -0.18
CA ASP F 12 33.44 37.57 -0.09
C ASP F 12 33.21 36.19 0.53
N THR F 13 32.01 35.91 1.03
CA THR F 13 31.76 34.58 1.61
C THR F 13 31.90 33.49 0.57
N ILE F 14 31.32 33.71 -0.63
CA ILE F 14 31.43 32.72 -1.69
C ILE F 14 32.87 32.59 -2.15
N GLN F 15 33.61 33.71 -2.18
CA GLN F 15 35.02 33.66 -2.56
C GLN F 15 35.84 32.85 -1.57
N LEU F 16 35.60 33.06 -0.28
CA LEU F 16 36.32 32.31 0.75
C LEU F 16 35.98 30.83 0.68
N THR F 17 34.71 30.51 0.42
CA THR F 17 34.35 29.11 0.22
C THR F 17 35.02 28.53 -1.02
N ALA F 18 35.21 29.36 -2.05
CA ALA F 18 35.78 28.87 -3.30
C ALA F 18 37.27 28.55 -3.16
N GLN F 19 38.04 29.46 -2.54
CA GLN F 19 39.47 29.22 -2.42
C GLN F 19 39.78 27.93 -1.67
N ARG F 20 38.97 27.60 -0.66
CA ARG F 20 39.20 26.37 0.08
C ARG F 20 39.04 25.13 -0.79
N LYS F 21 38.38 25.26 -1.95
CA LYS F 21 38.16 24.14 -2.85
C LYS F 21 39.09 24.14 -4.04
N TYR F 22 39.26 25.28 -4.72
CA TYR F 22 40.06 25.30 -5.95
C TYR F 22 41.52 25.68 -5.73
N LEU F 23 41.93 26.01 -4.51
CA LEU F 23 43.31 26.31 -4.20
C LEU F 23 43.84 25.29 -3.19
N ALA F 24 44.88 24.56 -3.58
CA ALA F 24 45.49 23.58 -2.68
C ALA F 24 46.37 24.23 -1.63
N GLU F 25 47.00 25.37 -1.94
CA GLU F 25 47.90 26.02 -1.01
C GLU F 25 47.13 26.74 0.11
N VAL F 26 45.94 27.30 -0.18
CA VAL F 26 45.08 27.80 0.89
C VAL F 26 44.66 26.65 1.79
N GLN F 27 44.37 25.48 1.19
CA GLN F 27 44.10 24.29 1.99
C GLN F 27 45.29 23.91 2.85
N ALA F 28 46.54 24.06 2.36
CA ALA F 28 47.74 23.77 3.15
C ALA F 28 47.86 24.76 4.33
N LEU F 29 47.55 26.04 4.11
CA LEU F 29 47.56 27.01 5.20
C LEU F 29 46.49 26.61 6.23
N GLU F 30 45.31 26.16 5.77
CA GLU F 30 44.25 25.75 6.69
C GLU F 30 44.66 24.53 7.50
N THR F 31 45.29 23.55 6.84
CA THR F 31 45.78 22.37 7.55
C THR F 31 46.82 22.74 8.59
N LEU F 32 47.73 23.66 8.27
CA LEU F 32 48.74 24.11 9.23
C LEU F 32 48.06 24.76 10.43
N LEU F 33 47.09 25.65 10.16
CA LEU F 33 46.34 26.35 11.19
C LEU F 33 45.54 25.39 12.10
N ALA F 34 44.99 24.30 11.56
CA ALA F 34 44.18 23.39 12.35
C ALA F 34 45.00 22.30 13.04
N ARG F 35 46.16 21.94 12.49
CA ARG F 35 46.94 20.83 13.05
C ARG F 35 48.07 21.34 13.94
N GLU F 36 48.88 22.26 13.44
CA GLU F 36 50.08 22.73 14.16
C GLU F 36 49.77 23.92 15.06
N LEU F 37 49.17 24.97 14.50
CA LEU F 37 48.91 26.19 15.25
C LEU F 37 47.77 26.06 16.28
N SER F 38 46.97 24.99 16.23
CA SER F 38 45.85 24.81 17.14
C SER F 38 46.32 24.67 18.59
N VAL F 39 47.50 24.07 18.80
CA VAL F 39 48.02 23.91 20.15
C VAL F 39 48.43 25.23 20.78
N PHE F 40 48.58 26.29 19.98
CA PHE F 40 48.97 27.61 20.44
C PHE F 40 47.77 28.53 20.63
N LEU F 41 46.55 27.98 20.73
CA LEU F 41 45.35 28.80 20.90
C LEU F 41 45.40 29.53 22.23
N THR F 42 44.89 30.77 22.23
CA THR F 42 44.86 31.60 23.42
C THR F 42 43.45 32.11 23.66
N GLU F 43 43.06 32.17 24.92
CA GLU F 43 41.76 32.73 25.28
C GLU F 43 41.78 34.25 25.09
N PRO F 44 40.61 34.87 24.94
CA PRO F 44 40.58 36.32 24.74
C PRO F 44 41.23 37.06 25.89
N GLY F 45 41.96 38.12 25.56
CA GLY F 45 42.67 38.91 26.54
C GLY F 45 44.00 38.35 26.99
N SER F 46 44.45 37.25 26.39
CA SER F 46 45.70 36.62 26.80
C SER F 46 46.90 37.51 26.45
N LYS F 47 47.85 37.58 27.37
CA LYS F 47 49.07 38.36 27.12
C LYS F 47 49.92 37.72 26.03
N LYS F 48 49.99 36.38 26.00
CA LYS F 48 50.85 35.69 25.05
C LYS F 48 50.37 35.85 23.61
N THR F 49 49.14 36.30 23.40
CA THR F 49 48.60 36.42 22.05
C THR F 49 49.43 37.38 21.21
N ASN F 50 49.80 36.94 20.01
CA ASN F 50 50.61 37.71 19.06
C ASN F 50 50.01 37.72 17.64
N ILE F 51 49.12 36.80 17.29
CA ILE F 51 48.46 36.78 15.96
C ILE F 51 46.94 36.64 16.14
N ILE F 52 46.15 37.33 15.33
CA ILE F 52 44.70 37.29 15.43
C ILE F 52 44.14 36.91 14.06
N ASN F 53 43.30 35.87 14.04
CA ASN F 53 42.58 35.46 12.83
C ASN F 53 41.11 35.81 13.05
N ARG F 54 40.74 37.04 12.68
CA ARG F 54 39.38 37.52 12.90
C ARG F 54 38.36 36.87 11.98
N ILE F 55 38.81 36.28 10.86
CA ILE F 55 37.88 35.62 9.95
C ILE F 55 37.17 34.48 10.66
N THR F 56 37.93 33.64 11.36
CA THR F 56 37.35 32.59 12.19
C THR F 56 37.21 33.02 13.65
N GLY F 57 37.64 34.22 14.00
CA GLY F 57 37.52 34.70 15.37
C GLY F 57 38.34 33.94 16.39
N LYS F 58 39.60 33.63 16.06
CA LYS F 58 40.49 32.89 16.95
C LYS F 58 41.82 33.61 17.06
N THR F 59 42.49 33.40 18.19
CA THR F 59 43.78 34.03 18.49
C THR F 59 44.78 32.96 18.86
N TYR F 60 46.06 33.24 18.61
CA TYR F 60 47.12 32.28 18.82
C TYR F 60 48.35 32.97 19.39
N ALA F 61 49.22 32.18 20.00
CA ALA F 61 50.52 32.62 20.51
C ALA F 61 51.59 31.83 19.77
N LEU F 62 52.06 32.30 18.61
CA LEU F 62 53.03 31.56 17.79
C LEU F 62 54.48 31.94 18.09
N PRO F 63 55.37 30.98 18.42
CA PRO F 63 56.78 31.30 18.65
C PRO F 63 57.45 31.71 17.33
N SER F 64 58.73 32.09 17.36
CA SER F 64 59.46 32.60 16.19
C SER F 64 59.49 31.65 14.98
N THR F 65 59.68 30.34 15.20
CA THR F 65 59.70 29.37 14.10
C THR F 65 58.35 29.26 13.39
N GLU F 66 57.27 29.03 14.12
CA GLU F 66 55.93 28.94 13.56
C GLU F 66 55.49 30.28 12.96
N LEU F 67 55.92 31.40 13.55
CA LEU F 67 55.65 32.74 13.05
C LEU F 67 56.30 32.96 11.68
N LEU F 68 57.55 32.52 11.48
CA LEU F 68 58.22 32.62 10.19
C LEU F 68 57.56 31.66 9.18
N ARG F 69 57.21 30.44 9.59
CA ARG F 69 56.51 29.48 8.70
C ARG F 69 55.17 30.07 8.26
N PHE F 70 54.47 30.69 9.21
CA PHE F 70 53.19 31.35 8.86
C PHE F 70 53.50 32.38 7.77
N TYR F 71 54.40 33.33 8.07
CA TYR F 71 54.68 34.39 7.06
C TYR F 71 54.81 33.75 5.69
N GLU F 72 55.68 32.74 5.57
CA GLU F 72 55.95 32.07 4.29
C GLU F 72 54.66 31.53 3.65
N HIS F 73 53.81 30.85 4.41
CA HIS F 73 52.56 30.32 3.87
C HIS F 73 51.60 31.45 3.47
N LEU F 74 51.50 32.51 4.28
CA LEU F 74 50.64 33.62 3.90
C LEU F 74 51.25 34.30 2.66
N GLU F 75 52.57 34.29 2.49
CA GLU F 75 53.22 34.82 1.29
C GLU F 75 52.83 33.99 0.07
N GLN F 76 52.81 32.65 0.11
CA GLN F 76 52.33 31.92 -1.06
C GLN F 76 50.83 32.20 -1.29
N CYS F 77 50.03 32.37 -0.23
CA CYS F 77 48.62 32.72 -0.40
C CYS F 77 48.51 34.11 -1.06
N ARG F 78 49.37 35.02 -0.61
CA ARG F 78 49.42 36.38 -1.22
C ARG F 78 49.82 36.23 -2.69
N LYS F 79 50.86 35.44 -2.96
CA LYS F 79 51.32 35.29 -4.34
C LYS F 79 50.19 34.84 -5.25
N GLN F 80 49.35 33.92 -4.78
CA GLN F 80 48.22 33.43 -5.56
C GLN F 80 47.04 34.40 -5.57
N GLY F 81 47.11 35.49 -4.80
CA GLY F 81 46.00 36.43 -4.74
C GLY F 81 44.85 36.00 -3.87
N ALA F 82 45.06 35.07 -2.96
CA ALA F 82 44.00 34.61 -2.07
C ALA F 82 43.67 35.67 -1.04
N LEU F 83 42.52 35.49 -0.38
CA LEU F 83 42.04 36.43 0.63
C LEU F 83 42.28 35.87 2.02
N MET F 84 42.68 36.75 2.94
CA MET F 84 42.92 36.38 4.32
C MET F 84 42.87 37.64 5.16
N TYR F 85 42.84 37.46 6.48
CA TYR F 85 42.88 38.59 7.41
C TYR F 85 43.58 38.13 8.68
N PHE F 86 44.88 38.36 8.75
CA PHE F 86 45.70 38.01 9.90
C PHE F 86 46.31 39.28 10.49
N LEU F 87 46.12 39.48 11.79
CA LEU F 87 46.58 40.66 12.51
C LEU F 87 47.69 40.27 13.46
N GLU F 88 48.88 40.83 13.25
CA GLU F 88 50.02 40.67 14.17
C GLU F 88 49.84 41.68 15.29
N ARG F 89 49.79 41.21 16.54
CA ARG F 89 49.69 42.13 17.66
C ARG F 89 51.04 42.80 17.89
N GLN F 90 51.04 44.13 17.97
CA GLN F 90 52.25 44.87 18.28
C GLN F 90 52.64 44.63 19.73
N GLY F 91 53.80 44.00 19.94
CA GLY F 91 54.23 43.63 21.27
C GLY F 91 54.76 44.81 22.05
N THR F 92 55.17 44.52 23.28
CA THR F 92 55.75 45.54 24.14
C THR F 92 57.02 46.12 23.54
N TYR F 93 57.79 45.30 22.81
CA TYR F 93 59.03 45.73 22.18
C TYR F 93 59.05 45.14 20.77
N SER F 94 58.62 45.92 19.78
CA SER F 94 58.52 45.45 18.41
C SER F 94 58.67 46.65 17.48
N GLY F 95 58.42 46.42 16.19
CA GLY F 95 58.59 47.47 15.20
C GLY F 95 57.56 48.57 15.35
N LEU F 96 57.93 49.76 14.88
CA LEU F 96 57.09 50.94 14.97
C LEU F 96 56.15 51.01 13.77
N MET F 97 54.97 51.59 13.99
CA MET F 97 53.92 51.62 12.98
C MET F 97 53.35 53.04 12.88
N LEU F 98 52.93 53.40 11.67
CA LEU F 98 52.25 54.67 11.42
C LEU F 98 51.01 54.39 10.58
N ASP F 99 49.87 54.92 11.02
CA ASP F 99 48.61 54.79 10.29
C ASP F 99 48.07 56.18 9.98
N TYR F 100 47.79 56.43 8.71
CA TYR F 100 47.30 57.73 8.25
C TYR F 100 45.89 57.59 7.70
N ASP F 101 44.99 58.45 8.18
CA ASP F 101 43.63 58.54 7.64
C ASP F 101 43.60 59.73 6.69
N LEU F 102 44.13 59.51 5.49
CA LEU F 102 44.35 60.59 4.52
C LEU F 102 43.04 61.01 3.89
N LYS F 103 42.45 62.09 4.37
CA LYS F 103 41.38 62.76 3.64
C LYS F 103 41.98 63.70 2.62
N LEU F 104 41.49 63.63 1.38
CA LEU F 104 42.11 64.29 0.25
C LEU F 104 41.26 65.43 -0.27
N ASN F 105 41.93 66.48 -0.77
CA ASN F 105 41.25 67.57 -1.43
C ASN F 105 40.75 67.20 -2.82
N THR F 106 41.31 66.15 -3.42
CA THR F 106 40.92 65.70 -4.74
C THR F 106 40.61 64.21 -4.71
N ASN F 107 39.80 63.76 -5.67
CA ASN F 107 39.43 62.36 -5.75
C ASN F 107 40.56 61.47 -6.26
N ALA F 108 41.63 62.06 -6.79
CA ALA F 108 42.73 61.29 -7.32
C ALA F 108 43.58 60.69 -6.20
N ALA F 109 44.13 59.51 -6.46
CA ALA F 109 45.02 58.84 -5.51
C ALA F 109 46.28 59.68 -5.34
N PRO F 110 46.75 59.91 -4.10
CA PRO F 110 47.99 60.68 -3.92
C PRO F 110 49.17 59.98 -4.54
N SER F 111 49.92 60.66 -5.40
CA SER F 111 51.03 59.99 -6.11
C SER F 111 52.10 59.44 -5.19
N LEU F 112 52.40 60.13 -4.08
CA LEU F 112 53.49 59.78 -3.17
C LEU F 112 54.80 59.58 -3.95
N GLU F 113 55.26 60.70 -4.51
CA GLU F 113 56.41 60.69 -5.39
C GLU F 113 57.65 60.19 -4.66
N SER F 114 58.57 59.54 -5.38
CA SER F 114 59.79 59.02 -4.73
C SER F 114 60.58 60.09 -4.00
N SER F 115 60.70 61.32 -4.53
CA SER F 115 61.32 62.37 -3.71
C SER F 115 60.57 62.65 -2.42
N VAL F 116 59.23 62.63 -2.46
CA VAL F 116 58.46 62.83 -1.25
C VAL F 116 58.67 61.69 -0.26
N LEU F 117 58.73 60.46 -0.76
CA LEU F 117 58.99 59.31 0.12
C LEU F 117 60.38 59.40 0.74
N SER F 118 61.37 59.81 -0.04
CA SER F 118 62.73 59.96 0.49
C SER F 118 62.79 61.04 1.57
N ARG F 119 62.13 62.18 1.32
CA ARG F 119 62.12 63.24 2.32
C ARG F 119 61.39 62.79 3.58
N LEU F 120 60.28 62.07 3.43
CA LEU F 120 59.57 61.54 4.58
C LEU F 120 60.44 60.55 5.36
N CYS F 121 61.19 59.72 4.65
CA CYS F 121 62.11 58.80 5.30
C CYS F 121 63.17 59.56 6.10
N HIS F 122 63.76 60.58 5.50
CA HIS F 122 64.77 61.38 6.18
C HIS F 122 64.20 62.02 7.44
N ARG F 123 63.01 62.62 7.31
CA ARG F 123 62.40 63.30 8.46
C ARG F 123 62.04 62.31 9.56
N ILE F 124 61.50 61.14 9.20
CA ILE F 124 61.15 60.14 10.20
C ILE F 124 62.40 59.65 10.93
N PHE F 125 63.48 59.40 10.20
CA PHE F 125 64.71 58.99 10.85
C PHE F 125 65.25 60.06 11.78
N VAL F 126 65.19 61.33 11.35
CA VAL F 126 65.65 62.42 12.20
C VAL F 126 64.83 62.49 13.48
N HIS F 127 63.51 62.37 13.35
CA HIS F 127 62.65 62.43 14.53
C HIS F 127 62.89 61.27 15.48
N ILE F 128 63.02 60.05 14.95
CA ILE F 128 63.24 58.90 15.83
C ILE F 128 64.60 58.97 16.48
N LYS F 129 65.62 59.49 15.78
CA LYS F 129 66.93 59.66 16.39
C LYS F 129 66.91 60.72 17.48
N ASN F 130 66.17 61.81 17.26
CA ASN F 130 66.13 62.89 18.25
C ASN F 130 65.30 62.52 19.47
N SER F 131 64.24 61.73 19.29
CA SER F 131 63.31 61.40 20.37
C SER F 131 63.58 60.03 20.97
N SER F 132 64.70 59.40 20.65
CA SER F 132 65.07 58.10 21.22
C SER F 132 66.58 57.96 21.15
N VAL F 133 67.07 56.78 21.52
CA VAL F 133 68.49 56.46 21.43
C VAL F 133 68.65 55.22 20.56
N LEU F 134 69.69 55.21 19.74
CA LEU F 134 69.94 54.15 18.79
C LEU F 134 71.19 53.36 19.17
N PRO F 135 71.27 52.08 18.82
CA PRO F 135 72.44 51.28 19.19
C PRO F 135 73.71 51.77 18.54
N GLU F 136 74.83 51.51 19.22
CA GLU F 136 76.13 51.97 18.74
C GLU F 136 76.51 51.26 17.45
N GLY F 137 77.35 51.92 16.67
CA GLY F 137 77.77 51.38 15.39
C GLY F 137 76.92 51.87 14.24
N SER F 138 77.14 51.25 13.08
CA SER F 138 76.44 51.59 11.86
C SER F 138 75.37 50.54 11.59
N HIS F 139 74.14 51.00 11.32
CA HIS F 139 73.02 50.10 11.07
C HIS F 139 72.24 50.61 9.85
N LYS F 140 71.50 49.70 9.24
CA LYS F 140 70.64 50.02 8.11
C LYS F 140 69.18 49.83 8.51
N ILE F 141 68.34 50.78 8.13
CA ILE F 141 66.92 50.78 8.48
C ILE F 141 66.12 50.79 7.18
N HIS F 142 65.15 49.89 7.08
CA HIS F 142 64.33 49.75 5.88
C HIS F 142 62.97 50.39 6.10
N PHE F 143 62.54 51.20 5.14
CA PHE F 143 61.26 51.90 5.20
C PHE F 143 60.34 51.39 4.10
N PHE F 144 59.12 51.02 4.48
CA PHE F 144 58.12 50.51 3.56
C PHE F 144 56.90 51.40 3.59
N PHE F 145 56.24 51.54 2.44
CA PHE F 145 55.06 52.40 2.31
C PHE F 145 53.96 51.63 1.59
N THR F 146 52.87 51.36 2.29
CA THR F 146 51.73 50.65 1.73
C THR F 146 50.63 51.64 1.37
N LEU F 147 49.92 51.34 0.28
CA LEU F 147 48.93 52.25 -0.27
C LEU F 147 47.61 51.53 -0.50
N LYS F 148 46.51 52.26 -0.33
CA LYS F 148 45.20 51.75 -0.70
C LYS F 148 45.09 51.69 -2.23
N PRO F 149 44.30 50.74 -2.76
CA PRO F 149 44.15 50.66 -4.22
C PRO F 149 43.55 51.91 -4.83
N GLU F 150 42.62 52.56 -4.15
CA GLU F 150 41.96 53.75 -4.68
C GLU F 150 41.32 54.51 -3.52
N ALA F 151 40.91 55.75 -3.82
CA ALA F 151 40.27 56.60 -2.84
C ALA F 151 38.81 56.20 -2.70
N VAL F 152 38.32 56.15 -1.46
CA VAL F 152 36.95 55.76 -1.17
C VAL F 152 36.26 56.95 -0.52
N GLN F 153 35.29 57.54 -1.24
CA GLN F 153 34.50 58.66 -0.73
C GLN F 153 35.37 59.83 -0.28
N GLY F 154 36.44 60.07 -1.03
CA GLY F 154 37.35 61.16 -0.72
C GLY F 154 38.34 60.87 0.40
N LYS F 155 38.33 59.65 0.94
CA LYS F 155 39.23 59.27 2.02
C LYS F 155 40.20 58.21 1.52
N TYR F 156 41.45 58.31 1.95
CA TYR F 156 42.52 57.43 1.47
C TYR F 156 43.27 56.84 2.65
N GLY F 157 43.79 55.63 2.45
CA GLY F 157 44.57 54.96 3.47
C GLY F 157 46.01 54.76 3.07
N PHE F 158 46.94 55.26 3.88
CA PHE F 158 48.36 55.14 3.61
C PHE F 158 49.08 54.89 4.93
N HIS F 159 50.08 54.02 4.90
CA HIS F 159 50.78 53.60 6.11
C HIS F 159 52.29 53.69 5.91
N VAL F 160 52.98 54.09 6.97
CA VAL F 160 54.44 54.03 7.04
C VAL F 160 54.79 53.04 8.13
N LEU F 161 55.61 52.04 7.79
CA LEU F 161 55.93 50.96 8.71
C LEU F 161 57.40 50.63 8.63
N ILE F 162 58.04 50.51 9.79
CA ILE F 162 59.46 50.17 9.89
C ILE F 162 59.61 48.94 10.77
N PRO F 163 59.62 47.74 10.19
CA PRO F 163 59.71 46.52 11.02
C PRO F 163 60.99 46.43 11.84
N GLY F 164 62.11 46.93 11.33
CA GLY F 164 63.38 46.76 12.01
C GLY F 164 63.56 47.61 13.25
N LEU F 165 62.81 48.71 13.36
CA LEU F 165 62.96 49.64 14.47
C LEU F 165 62.18 49.10 15.67
N LYS F 166 62.84 48.27 16.47
CA LYS F 166 62.22 47.66 17.64
C LYS F 166 62.13 48.70 18.76
N MET F 167 60.91 49.08 19.12
CA MET F 167 60.70 50.11 20.13
C MET F 167 59.56 49.72 21.05
N ALA F 168 59.44 50.46 22.15
CA ALA F 168 58.39 50.25 23.13
C ALA F 168 57.25 51.25 22.91
N ALA F 169 56.17 51.04 23.68
CA ALA F 169 54.96 51.83 23.47
C ALA F 169 55.19 53.32 23.74
N SER F 170 55.91 53.64 24.80
CA SER F 170 56.10 55.04 25.17
C SER F 170 56.91 55.79 24.12
N THR F 171 58.00 55.19 23.65
CA THR F 171 58.81 55.84 22.61
C THR F 171 58.03 55.95 21.31
N LYS F 172 57.24 54.93 20.98
CA LYS F 172 56.41 55.00 19.78
C LYS F 172 55.39 56.12 19.88
N LYS F 173 54.78 56.29 21.05
CA LYS F 173 53.83 57.39 21.24
C LYS F 173 54.52 58.74 21.11
N SER F 174 55.72 58.88 21.69
CA SER F 174 56.46 60.13 21.58
C SER F 174 56.82 60.43 20.13
N ILE F 175 57.26 59.42 19.39
CA ILE F 175 57.62 59.62 17.99
C ILE F 175 56.39 59.98 17.16
N ILE F 176 55.26 59.32 17.42
CA ILE F 176 54.03 59.65 16.70
C ILE F 176 53.60 61.08 16.98
N ALA F 177 53.68 61.51 18.24
CA ALA F 177 53.36 62.89 18.57
C ALA F 177 54.29 63.88 17.90
N SER F 178 55.59 63.59 17.89
CA SER F 178 56.55 64.48 17.24
C SER F 178 56.28 64.59 15.75
N LEU F 179 55.97 63.45 15.10
CA LEU F 179 55.68 63.49 13.67
C LEU F 179 54.38 64.24 13.38
N GLN F 180 53.38 64.08 14.25
CA GLN F 180 52.13 64.81 14.09
C GLN F 180 52.36 66.31 14.22
N HIS F 181 53.16 66.72 15.21
CA HIS F 181 53.46 68.14 15.39
C HIS F 181 54.44 68.65 14.33
N ASP F 182 55.14 67.76 13.65
CA ASP F 182 56.13 68.17 12.65
C ASP F 182 55.46 68.81 11.45
N ALA F 183 56.00 69.95 11.02
CA ALA F 183 55.49 70.63 9.84
C ALA F 183 55.94 69.96 8.54
N THR F 184 57.10 69.30 8.54
CA THR F 184 57.63 68.71 7.31
C THR F 184 56.73 67.58 6.81
N VAL F 185 56.30 66.70 7.72
CA VAL F 185 55.43 65.59 7.32
C VAL F 185 54.10 66.13 6.80
N GLN F 186 53.54 67.13 7.48
CA GLN F 186 52.28 67.71 7.05
C GLN F 186 52.42 68.36 5.67
N LYS F 187 53.52 69.07 5.44
CA LYS F 187 53.74 69.68 4.12
C LYS F 187 53.88 68.63 3.04
N ILE F 188 54.63 67.56 3.32
CA ILE F 188 54.82 66.49 2.34
C ILE F 188 53.47 65.85 2.00
N LEU F 189 52.66 65.57 3.02
CA LEU F 189 51.36 64.96 2.77
C LEU F 189 50.44 65.91 2.01
N HIS F 190 50.49 67.21 2.34
CA HIS F 190 49.66 68.18 1.64
C HIS F 190 50.06 68.28 0.17
N GLU F 191 51.35 68.16 -0.12
CA GLU F 191 51.79 68.17 -1.53
C GLU F 191 51.21 67.00 -2.31
N GLN F 192 50.85 65.90 -1.65
CA GLN F 192 50.13 64.82 -2.30
C GLN F 192 48.62 65.05 -2.32
N GLY F 193 48.14 66.14 -1.75
CA GLY F 193 46.72 66.48 -1.78
C GLY F 193 45.93 66.12 -0.55
N VAL F 194 46.59 65.75 0.55
CA VAL F 194 45.88 65.39 1.77
C VAL F 194 45.26 66.64 2.38
N ALA F 195 43.95 66.58 2.65
CA ALA F 195 43.23 67.72 3.20
C ALA F 195 43.51 67.96 4.67
N ASN F 196 43.86 66.92 5.43
CA ASN F 196 44.11 67.04 6.88
C ASN F 196 45.42 66.37 7.24
N PRO F 197 46.55 66.89 6.75
CA PRO F 197 47.84 66.27 7.08
C PRO F 197 48.21 66.38 8.55
N GLU F 198 47.64 67.35 9.27
CA GLU F 198 48.01 67.57 10.66
C GLU F 198 47.41 66.53 11.60
N SER F 199 46.26 65.94 11.24
CA SER F 199 45.58 64.99 12.12
C SER F 199 45.33 63.63 11.46
N CYS F 200 45.81 63.42 10.24
CA CYS F 200 45.59 62.14 9.56
C CYS F 200 46.29 61.00 10.28
N LEU F 201 47.50 61.24 10.77
CA LEU F 201 48.26 60.19 11.45
C LEU F 201 47.54 59.74 12.71
N ASP F 202 47.36 58.43 12.84
CA ASP F 202 46.61 57.87 13.96
C ASP F 202 47.53 57.68 15.16
N PRO F 203 47.26 58.34 16.29
CA PRO F 203 48.08 58.09 17.49
C PRO F 203 47.97 56.67 18.02
N HIS F 204 46.91 55.94 17.65
CA HIS F 204 46.76 54.55 18.09
C HIS F 204 47.71 53.59 17.37
N SER F 205 48.47 54.08 16.39
CA SER F 205 49.34 53.21 15.60
C SER F 205 50.40 52.53 16.46
N ALA F 206 50.68 53.04 17.66
CA ALA F 206 51.72 52.46 18.49
C ALA F 206 51.33 51.08 19.01
N SER F 207 50.03 50.82 19.19
CA SER F 207 49.58 49.58 19.82
C SER F 207 48.61 48.75 18.99
N VAL F 208 47.96 49.33 17.98
CA VAL F 208 46.98 48.58 17.19
C VAL F 208 47.70 47.50 16.38
N PRO F 209 47.06 46.36 16.13
CA PRO F 209 47.70 45.31 15.34
C PRO F 209 47.93 45.75 13.90
N SER F 210 48.93 45.13 13.28
CA SER F 210 49.31 45.42 11.91
C SER F 210 48.87 44.30 10.99
N LEU F 211 48.56 44.65 9.74
CA LEU F 211 48.15 43.66 8.76
C LEU F 211 49.36 42.98 8.15
N LEU F 212 49.34 41.64 8.15
CA LEU F 212 50.32 40.86 7.38
C LEU F 212 50.01 41.18 5.90
N TYR F 213 51.03 41.38 5.06
CA TYR F 213 50.86 41.88 3.70
C TYR F 213 49.91 40.97 2.91
N GLY F 214 48.89 41.56 2.31
CA GLY F 214 47.86 40.84 1.61
C GLY F 214 46.56 40.69 2.36
N SER F 215 46.56 40.91 3.68
CA SER F 215 45.35 40.77 4.47
C SER F 215 44.41 41.94 4.23
N SER F 216 43.12 41.70 4.45
CA SER F 216 42.11 42.73 4.26
C SER F 216 40.88 42.40 5.08
N LYS F 217 40.17 43.46 5.50
CA LYS F 217 38.92 43.29 6.21
C LYS F 217 37.85 42.73 5.27
N LEU F 218 36.78 42.20 5.85
CA LEU F 218 35.68 41.67 5.05
C LEU F 218 35.10 42.76 4.16
N ASN F 219 34.91 42.41 2.87
CA ASN F 219 34.43 43.34 1.85
C ASN F 219 35.36 44.55 1.71
N HIS F 220 36.66 44.34 1.92
CA HIS F 220 37.66 45.38 1.79
C HIS F 220 38.81 44.88 0.92
N ARG F 221 39.47 45.81 0.23
CA ARG F 221 40.61 45.42 -0.61
C ARG F 221 41.90 45.57 0.18
N PRO F 222 42.82 44.59 0.08
CA PRO F 222 44.06 44.68 0.83
C PRO F 222 44.95 45.82 0.36
N TYR F 223 45.75 46.34 1.29
CA TYR F 223 46.68 47.41 0.97
C TYR F 223 47.78 46.89 0.04
N GLN F 224 48.29 47.78 -0.80
CA GLN F 224 49.33 47.45 -1.77
C GLN F 224 50.58 48.24 -1.44
N LEU F 225 51.72 47.54 -1.35
CA LEU F 225 53.00 48.18 -1.10
C LEU F 225 53.51 48.82 -2.39
N LYS F 226 53.72 50.13 -2.36
CA LYS F 226 54.21 50.83 -3.55
C LYS F 226 55.69 50.49 -3.79
N THR F 227 56.56 50.84 -2.85
CA THR F 227 57.98 50.55 -2.96
C THR F 227 58.59 50.68 -1.57
N GLY F 228 59.80 50.13 -1.45
CA GLY F 228 60.54 50.19 -0.19
C GLY F 228 61.81 51.01 -0.34
N PHE F 229 62.21 51.64 0.76
CA PHE F 229 63.42 52.45 0.80
C PHE F 229 64.36 51.93 1.88
N GLU F 230 65.65 52.01 1.61
CA GLU F 230 66.69 51.57 2.55
C GLU F 230 67.47 52.77 3.04
N LEU F 231 67.63 52.88 4.35
CA LEU F 231 68.35 53.99 4.97
C LEU F 231 69.60 53.47 5.66
N VAL F 232 70.71 54.19 5.48
CA VAL F 232 71.98 53.83 6.07
C VAL F 232 72.40 54.94 7.03
N PHE F 233 72.77 54.57 8.25
CA PHE F 233 73.18 55.55 9.24
C PHE F 233 74.24 54.94 10.14
N ASP F 234 74.98 55.81 10.82
CA ASP F 234 76.03 55.40 11.75
C ASP F 234 75.88 56.17 13.04
N SER F 235 76.26 55.54 14.15
CA SER F 235 76.19 56.20 15.45
C SER F 235 77.18 57.35 15.54
N SER F 236 78.30 57.27 14.81
CA SER F 236 79.29 58.35 14.85
C SER F 236 78.81 59.57 14.08
N ASP F 237 77.95 59.39 13.08
CA ASP F 237 77.46 60.50 12.27
C ASP F 237 76.06 60.16 11.76
N PRO F 238 75.02 60.49 12.54
CA PRO F 238 73.65 60.27 12.08
C PRO F 238 73.07 61.43 11.25
N ASP F 239 73.79 62.54 11.13
CA ASP F 239 73.28 63.67 10.34
C ASP F 239 73.31 63.37 8.85
N TYR F 240 74.36 62.72 8.37
CA TYR F 240 74.45 62.33 6.98
C TYR F 240 73.56 61.12 6.73
N ILE F 241 72.56 61.30 5.86
CA ILE F 241 71.53 60.27 5.67
C ILE F 241 71.46 59.90 4.19
N PRO F 242 72.16 58.85 3.75
CA PRO F 242 71.93 58.33 2.40
C PRO F 242 70.71 57.41 2.37
N ILE F 243 69.91 57.56 1.32
CA ILE F 243 68.67 56.81 1.16
C ILE F 243 68.67 56.14 -0.21
N HIS F 244 68.36 54.85 -0.25
CA HIS F 244 68.29 54.09 -1.48
C HIS F 244 66.99 53.31 -1.52
N GLN F 245 66.50 53.09 -2.73
CA GLN F 245 65.31 52.25 -2.93
C GLN F 245 65.68 50.79 -2.84
N ILE F 246 64.83 50.00 -2.18
CA ILE F 246 65.09 48.58 -1.99
C ILE F 246 64.96 47.88 -3.35
N LYS F 247 66.08 47.46 -3.91
CA LYS F 247 66.10 46.81 -5.22
C LYS F 247 65.89 45.31 -5.08
N ASN F 248 65.30 44.71 -6.11
CA ASN F 248 65.02 43.28 -6.15
C ASN F 248 64.16 42.84 -4.97
N ILE F 249 63.22 43.72 -4.57
CA ILE F 249 62.36 43.42 -3.43
C ILE F 249 61.38 42.30 -3.74
N GLU F 250 61.08 42.06 -5.02
CA GLU F 250 60.12 41.03 -5.39
C GLU F 250 60.62 39.61 -5.14
N SER F 251 61.92 39.43 -4.87
CA SER F 251 62.50 38.12 -4.62
C SER F 251 62.65 37.82 -3.13
N TYR F 252 61.73 38.34 -2.31
CA TYR F 252 61.79 38.14 -0.87
C TYR F 252 60.38 37.92 -0.33
N ASN F 253 60.30 37.41 0.90
CA ASN F 253 59.04 37.17 1.59
C ASN F 253 58.43 38.51 2.04
N LEU F 254 57.69 39.20 1.19
CA LEU F 254 57.17 40.53 1.49
C LEU F 254 56.30 40.52 2.73
N VAL F 255 55.58 39.43 3.01
CA VAL F 255 54.77 39.32 4.24
C VAL F 255 55.66 39.37 5.48
N SER F 256 56.76 38.61 5.46
CA SER F 256 57.73 38.60 6.55
C SER F 256 58.44 39.93 6.63
N GLU F 257 58.84 40.50 5.49
CA GLU F 257 59.61 41.75 5.53
C GLU F 257 58.77 42.94 5.96
N LEU F 258 57.46 42.90 5.73
CA LEU F 258 56.59 43.98 6.16
C LEU F 258 56.03 43.78 7.56
N SER F 259 56.29 42.64 8.20
CA SER F 259 55.77 42.37 9.54
C SER F 259 56.62 43.01 10.62
N LEU F 260 56.01 43.83 11.47
CA LEU F 260 56.73 44.54 12.51
C LEU F 260 57.35 43.58 13.53
N THR F 261 56.66 42.47 13.82
CA THR F 261 57.09 41.49 14.82
C THR F 261 58.12 40.51 14.28
N ASN F 262 58.65 40.71 13.08
CA ASN F 262 59.65 39.81 12.51
C ASN F 262 61.03 40.02 13.16
N GLU F 263 61.53 39.05 13.93
CA GLU F 263 62.86 39.12 14.54
C GLU F 263 63.95 38.45 13.66
N GLN F 264 63.56 37.75 12.59
CA GLN F 264 64.46 37.01 11.71
C GLN F 264 64.19 37.23 10.21
N GLY F 265 63.99 38.48 9.81
CA GLY F 265 63.76 38.83 8.40
C GLY F 265 65.00 38.54 7.57
N SER F 266 64.85 38.01 6.35
CA SER F 266 65.98 37.74 5.47
C SER F 266 66.58 39.02 4.90
N LEU F 267 65.80 40.08 4.78
CA LEU F 267 66.29 41.37 4.31
C LEU F 267 66.18 42.47 5.35
N VAL F 268 65.13 42.46 6.17
CA VAL F 268 64.95 43.49 7.19
C VAL F 268 65.92 43.23 8.34
N ARG F 269 66.70 44.25 8.69
CA ARG F 269 67.65 44.14 9.79
C ARG F 269 67.03 44.74 11.04
N PRO F 270 66.83 43.96 12.10
CA PRO F 270 66.25 44.52 13.33
C PRO F 270 67.21 45.50 14.00
N VAL F 271 66.66 46.60 14.49
CA VAL F 271 67.42 47.62 15.20
C VAL F 271 67.04 47.53 16.67
N TYR F 272 68.00 47.13 17.51
CA TYR F 272 67.74 46.93 18.93
C TYR F 272 67.97 48.23 19.71
N CYS F 273 67.15 49.22 19.37
CA CYS F 273 67.20 50.53 20.01
C CYS F 273 66.39 50.50 21.32
N ALA F 274 66.08 51.69 21.84
CA ALA F 274 65.62 51.85 23.21
C ALA F 274 64.36 51.03 23.49
N ALA F 275 64.18 50.69 24.77
CA ALA F 275 62.99 50.02 25.27
C ALA F 275 62.54 50.71 26.55
N ASP F 276 61.25 50.61 26.85
CA ASP F 276 60.64 51.29 27.98
C ASP F 276 59.98 50.30 28.91
N ALA F 287 36.60 42.36 24.48
CA ALA F 287 35.72 41.60 23.60
C ALA F 287 34.26 41.77 23.95
N ASP F 288 33.91 42.78 24.74
CA ASP F 288 32.52 43.01 25.10
C ASP F 288 31.67 43.32 23.88
N ASP F 289 32.18 44.17 22.98
CA ASP F 289 31.46 44.46 21.75
C ASP F 289 31.47 43.28 20.80
N HIS F 290 32.52 42.46 20.84
CA HIS F 290 32.64 41.31 19.94
C HIS F 290 31.72 40.16 20.31
N SER F 291 31.05 40.22 21.46
CA SER F 291 30.06 39.20 21.78
C SER F 291 28.97 39.13 20.72
N LEU F 292 28.53 40.29 20.24
CA LEU F 292 27.62 40.32 19.10
C LEU F 292 28.25 39.67 17.87
N SER F 293 29.53 39.96 17.63
CA SER F 293 30.23 39.32 16.52
C SER F 293 30.37 37.82 16.74
N ILE F 294 30.56 37.41 17.99
CA ILE F 294 30.61 35.98 18.31
C ILE F 294 29.29 35.32 17.94
N LEU F 295 28.17 35.95 18.30
CA LEU F 295 26.86 35.43 17.92
C LEU F 295 26.71 35.42 16.40
N MET F 296 27.22 36.45 15.72
CA MET F 296 27.15 36.49 14.27
C MET F 296 27.88 35.30 13.65
N LEU F 297 29.07 35.00 14.16
CA LEU F 297 29.84 33.86 13.65
C LEU F 297 29.14 32.54 13.94
N HIS F 298 28.57 32.40 15.14
CA HIS F 298 27.93 31.13 15.48
C HIS F 298 26.58 30.98 14.77
N ASP F 299 25.79 32.05 14.69
CA ASP F 299 24.44 31.96 14.16
C ASP F 299 24.30 32.76 12.88
N PRO F 300 24.20 32.13 11.71
CA PRO F 300 23.98 32.89 10.48
C PRO F 300 22.69 33.69 10.48
N GLU F 301 21.63 33.17 11.12
CA GLU F 301 20.38 33.90 11.19
C GLU F 301 20.53 35.21 11.94
N ALA F 302 21.43 35.27 12.92
CA ALA F 302 21.70 36.53 13.59
C ALA F 302 22.27 37.55 12.61
N ARG F 303 23.20 37.12 11.75
CA ARG F 303 23.74 38.02 10.73
C ARG F 303 22.65 38.46 9.76
N TYR F 304 21.79 37.53 9.37
CA TYR F 304 20.75 37.87 8.40
C TYR F 304 19.76 38.87 8.99
N LEU F 305 19.37 38.68 10.26
CA LEU F 305 18.53 39.66 10.93
C LEU F 305 19.23 40.99 11.11
N HIS F 306 20.53 40.96 11.41
CA HIS F 306 21.30 42.20 11.54
C HIS F 306 21.26 43.00 10.24
N LYS F 307 21.43 42.32 9.11
CA LYS F 307 21.26 42.99 7.82
C LYS F 307 19.83 43.48 7.63
N ILE F 308 18.86 42.69 8.09
CA ILE F 308 17.46 43.09 7.95
C ILE F 308 17.13 44.26 8.87
N LEU F 309 17.62 44.22 10.11
CA LEU F 309 17.23 45.22 11.11
C LEU F 309 17.66 46.62 10.70
N ASN F 310 18.73 46.75 9.92
CA ASN F 310 19.19 48.07 9.51
C ASN F 310 18.20 48.76 8.58
N LEU F 311 17.29 48.02 7.96
CA LEU F 311 16.32 48.61 7.04
C LEU F 311 15.15 49.27 7.75
N LEU F 312 14.99 49.05 9.05
CA LEU F 312 13.86 49.62 9.77
C LEU F 312 14.00 51.14 9.85
N PRO F 313 12.92 51.89 9.67
CA PRO F 313 13.00 53.35 9.79
C PRO F 313 13.30 53.76 11.22
N PRO F 314 13.76 55.01 11.43
CA PRO F 314 14.25 55.40 12.76
C PRO F 314 13.24 55.29 13.88
N GLU F 315 11.94 55.37 13.59
CA GLU F 315 10.95 55.37 14.66
C GLU F 315 10.86 54.04 15.39
N TYR F 316 11.38 52.96 14.81
CA TYR F 316 11.28 51.65 15.47
C TYR F 316 12.24 51.52 16.65
N TYR F 317 13.19 52.43 16.83
CA TYR F 317 14.01 52.44 18.03
C TYR F 317 13.91 53.73 18.82
N VAL F 318 13.19 54.73 18.33
CA VAL F 318 12.97 55.96 19.08
C VAL F 318 11.61 55.95 19.77
N GLU F 319 10.60 55.42 19.11
CA GLU F 319 9.23 55.39 19.63
C GLU F 319 9.05 54.12 20.45
N TYR F 320 8.71 54.28 21.72
CA TYR F 320 8.89 53.19 22.69
C TYR F 320 8.07 51.94 22.39
N PRO F 321 6.77 52.01 22.07
CA PRO F 321 6.05 50.76 21.77
C PRO F 321 6.64 49.94 20.64
N LEU F 322 7.11 50.58 19.56
CA LEU F 322 7.71 49.83 18.47
C LEU F 322 9.01 49.17 18.90
N TRP F 323 9.82 49.88 19.69
CA TRP F 323 11.05 49.30 20.20
C TRP F 323 10.76 48.11 21.10
N SER F 324 9.73 48.21 21.94
CA SER F 324 9.33 47.10 22.79
C SER F 324 8.87 45.91 21.95
N ASN F 325 8.12 46.18 20.87
CA ASN F 325 7.69 45.11 19.98
C ASN F 325 8.88 44.40 19.35
N VAL F 326 9.86 45.18 18.89
CA VAL F 326 11.05 44.58 18.28
C VAL F 326 11.81 43.74 19.30
N VAL F 327 11.95 44.25 20.53
CA VAL F 327 12.66 43.51 21.57
C VAL F 327 11.93 42.21 21.89
N PHE F 328 10.60 42.26 22.00
CA PHE F 328 9.83 41.05 22.29
C PHE F 328 9.97 40.04 21.15
N ALA F 329 9.92 40.51 19.90
CA ALA F 329 10.08 39.60 18.78
C ALA F 329 11.46 38.94 18.79
N LEU F 330 12.51 39.72 19.06
CA LEU F 330 13.84 39.15 19.13
C LEU F 330 13.96 38.14 20.27
N ALA F 331 13.37 38.45 21.41
CA ALA F 331 13.43 37.52 22.54
C ALA F 331 12.69 36.23 22.25
N ASN F 332 11.52 36.32 21.61
CA ASN F 332 10.76 35.12 21.28
C ASN F 332 11.44 34.29 20.21
N THR F 333 12.10 34.94 19.24
CA THR F 333 12.79 34.20 18.20
C THR F 333 13.91 33.34 18.76
N SER F 334 14.70 33.90 19.69
CA SER F 334 15.79 33.16 20.31
C SER F 334 16.08 33.77 21.67
N ALA F 335 16.50 32.91 22.61
CA ALA F 335 16.80 33.36 23.96
C ALA F 335 18.17 34.02 24.07
N ASN F 336 19.02 33.86 23.06
CA ASN F 336 20.37 34.41 23.09
C ASN F 336 20.56 35.56 22.12
N TYR F 337 19.47 36.14 21.62
CA TYR F 337 19.56 37.31 20.74
C TYR F 337 19.66 38.62 21.50
N ARG F 338 19.99 38.57 22.78
CA ARG F 338 20.14 39.80 23.57
C ARG F 338 21.15 40.78 22.99
N PRO F 339 22.33 40.35 22.50
CA PRO F 339 23.23 41.33 21.87
C PRO F 339 22.61 42.06 20.71
N LEU F 340 21.77 41.38 19.91
CA LEU F 340 21.08 42.06 18.81
C LEU F 340 20.15 43.15 19.33
N ALA F 341 19.39 42.86 20.39
CA ALA F 341 18.52 43.86 20.98
C ALA F 341 19.32 45.02 21.54
N GLU F 342 20.45 44.73 22.19
CA GLU F 342 21.29 45.79 22.73
C GLU F 342 21.83 46.69 21.62
N TRP F 343 22.28 46.09 20.51
CA TRP F 343 22.76 46.88 19.39
C TRP F 343 21.65 47.72 18.80
N PHE F 344 20.45 47.14 18.63
CA PHE F 344 19.34 47.88 18.06
C PHE F 344 18.91 49.03 18.98
N SER F 345 18.92 48.80 20.29
CA SER F 345 18.59 49.86 21.23
C SER F 345 19.63 50.98 21.20
N GLN F 346 20.88 50.65 20.88
CA GLN F 346 21.93 51.66 20.81
C GLN F 346 21.83 52.55 19.58
N LYS F 347 20.91 52.25 18.65
CA LYS F 347 20.72 53.13 17.51
C LYS F 347 20.35 54.54 17.95
N CYS F 348 19.67 54.67 19.08
CA CYS F 348 19.35 55.98 19.67
C CYS F 348 20.15 56.10 20.97
N PRO F 349 21.38 56.60 20.92
CA PRO F 349 22.24 56.54 22.11
C PRO F 349 21.73 57.32 23.30
N GLU F 350 21.04 58.44 23.09
CA GLU F 350 20.57 59.23 24.22
C GLU F 350 19.53 58.47 25.04
N LYS F 351 18.57 57.82 24.38
CA LYS F 351 17.59 57.03 25.11
C LYS F 351 18.22 55.82 25.77
N TRP F 352 19.24 55.24 25.13
CA TRP F 352 19.97 54.14 25.75
C TRP F 352 20.61 54.58 27.05
N ASN F 353 21.37 55.69 27.01
CA ASN F 353 22.06 56.17 28.20
C ASN F 353 21.10 56.63 29.28
N THR F 354 19.96 57.22 28.89
CA THR F 354 18.98 57.72 29.87
C THR F 354 18.01 56.62 30.28
N GLY F 355 18.56 55.57 30.91
CA GLY F 355 17.77 54.51 31.47
C GLY F 355 17.35 53.42 30.51
N GLY F 356 17.77 53.48 29.25
CA GLY F 356 17.36 52.47 28.29
C GLY F 356 17.86 51.09 28.65
N LYS F 357 19.04 51.01 29.28
CA LYS F 357 19.58 49.72 29.70
C LYS F 357 18.67 49.04 30.70
N GLU F 358 18.13 49.79 31.67
CA GLU F 358 17.19 49.22 32.63
C GLU F 358 15.90 48.77 31.93
N LYS F 359 15.40 49.59 31.00
CA LYS F 359 14.19 49.22 30.26
C LYS F 359 14.41 47.95 29.45
N LEU F 360 15.55 47.87 28.76
CA LEU F 360 15.84 46.68 27.96
C LEU F 360 16.00 45.46 28.84
N GLU F 361 16.67 45.60 29.98
CA GLU F 361 16.83 44.48 30.91
C GLU F 361 15.48 43.99 31.42
N LYS F 362 14.60 44.93 31.81
CA LYS F 362 13.29 44.55 32.30
C LYS F 362 12.47 43.88 31.21
N LEU F 363 12.51 44.41 29.99
CA LEU F 363 11.74 43.81 28.90
C LEU F 363 12.25 42.41 28.57
N TRP F 364 13.57 42.23 28.54
CA TRP F 364 14.12 40.92 28.24
C TRP F 364 13.80 39.91 29.33
N ASN F 365 13.84 40.34 30.60
CA ASN F 365 13.46 39.43 31.68
C ASN F 365 11.98 39.08 31.61
N ASP F 366 11.13 40.05 31.29
CA ASP F 366 9.69 39.80 31.26
C ASP F 366 9.29 38.95 30.06
N ALA F 367 10.05 39.04 28.95
CA ALA F 367 9.71 38.27 27.77
C ALA F 367 9.78 36.77 28.02
N SER F 368 10.67 36.32 28.90
CA SER F 368 10.71 34.92 29.27
C SER F 368 9.54 34.52 30.16
N ARG F 369 8.87 35.49 30.78
CA ARG F 369 7.68 35.23 31.59
C ARG F 369 6.39 35.58 30.86
N HIS F 370 6.37 36.67 30.10
CA HIS F 370 5.16 37.09 29.41
C HIS F 370 4.86 36.17 28.23
N THR F 371 3.58 35.92 28.01
CA THR F 371 3.12 35.04 26.93
C THR F 371 1.99 35.68 26.13
N GLU F 372 1.78 36.99 26.27
CA GLU F 372 0.71 37.69 25.59
C GLU F 372 1.16 38.44 24.34
N LYS F 373 2.43 38.33 23.97
CA LYS F 373 3.00 39.06 22.85
C LYS F 373 3.71 38.09 21.90
N LYS F 374 2.98 37.05 21.50
CA LYS F 374 3.54 35.98 20.68
C LYS F 374 3.79 36.50 19.26
N ILE F 375 4.94 37.13 19.08
CA ILE F 375 5.42 37.57 17.78
C ILE F 375 6.87 37.10 17.64
N THR F 376 7.31 36.95 16.39
CA THR F 376 8.62 36.37 16.09
C THR F 376 9.27 37.20 14.99
N LYS F 377 10.34 36.64 14.41
CA LYS F 377 11.08 37.33 13.36
C LYS F 377 10.25 37.57 12.12
N ARG F 378 9.12 36.87 11.98
CA ARG F 378 8.26 37.07 10.82
C ARG F 378 7.76 38.51 10.76
N SER F 379 7.35 39.06 11.91
CA SER F 379 6.88 40.43 11.94
C SER F 379 8.00 41.41 11.59
N ILE F 380 9.22 41.15 12.08
CA ILE F 380 10.34 42.03 11.77
C ILE F 380 10.63 42.02 10.28
N MET F 381 10.63 40.84 9.68
CA MET F 381 10.88 40.73 8.24
C MET F 381 9.78 41.41 7.44
N TYR F 382 8.53 41.27 7.87
CA TYR F 382 7.44 41.92 7.18
C TYR F 382 7.58 43.44 7.27
N TRP F 383 7.92 43.97 8.46
CA TRP F 383 8.11 45.41 8.59
C TRP F 383 9.24 45.90 7.70
N ALA F 384 10.35 45.18 7.66
CA ALA F 384 11.47 45.57 6.82
C ALA F 384 11.09 45.55 5.34
N HIS F 385 10.36 44.52 4.91
CA HIS F 385 9.90 44.46 3.52
C HIS F 385 8.95 45.62 3.21
N LYS F 386 8.05 45.94 4.14
CA LYS F 386 7.12 47.03 3.92
C LYS F 386 7.84 48.37 3.79
N HIS F 387 8.83 48.61 4.65
CA HIS F 387 9.51 49.90 4.67
C HIS F 387 10.68 49.99 3.69
N ALA F 388 11.10 48.87 3.09
CA ALA F 388 12.19 48.88 2.13
C ALA F 388 12.11 47.64 1.24
N PRO F 389 11.30 47.66 0.20
CA PRO F 389 11.11 46.45 -0.62
C PRO F 389 12.36 46.00 -1.36
N GLN F 390 12.98 46.89 -2.13
CA GLN F 390 14.10 46.48 -2.98
C GLN F 390 15.31 46.05 -2.18
N GLN F 391 15.63 46.78 -1.11
CA GLN F 391 16.80 46.44 -0.30
C GLN F 391 16.59 45.11 0.43
N TYR F 392 15.39 44.89 0.98
CA TYR F 392 15.08 43.62 1.61
C TYR F 392 15.16 42.47 0.60
N LYS F 393 14.62 42.69 -0.60
CA LYS F 393 14.68 41.66 -1.64
C LYS F 393 16.12 41.32 -1.99
N GLU F 394 16.96 42.33 -2.17
CA GLU F 394 18.35 42.08 -2.52
C GLU F 394 19.08 41.34 -1.41
N ILE F 395 18.87 41.75 -0.16
CA ILE F 395 19.55 41.11 0.96
C ILE F 395 19.14 39.64 1.07
N VAL F 396 17.84 39.37 0.99
CA VAL F 396 17.38 38.00 1.16
C VAL F 396 17.78 37.13 -0.03
N GLU F 397 17.80 37.70 -1.25
CA GLU F 397 18.25 36.95 -2.41
C GLU F 397 19.74 36.61 -2.28
N GLN F 398 20.55 37.55 -1.78
CA GLN F 398 21.96 37.26 -1.56
C GLN F 398 22.12 36.16 -0.51
N GLY F 399 21.28 36.18 0.52
CA GLY F 399 21.31 35.11 1.50
C GLY F 399 21.01 33.75 0.90
N TYR F 400 19.96 33.67 0.08
CA TYR F 400 19.63 32.42 -0.60
C TYR F 400 20.79 31.95 -1.47
N PHE F 401 21.39 32.88 -2.22
CA PHE F 401 22.49 32.51 -3.11
C PHE F 401 23.67 31.98 -2.32
N SER F 402 24.01 32.62 -1.20
CA SER F 402 25.11 32.14 -0.38
C SER F 402 24.83 30.75 0.18
N ILE F 403 23.61 30.53 0.69
CA ILE F 403 23.27 29.24 1.26
C ILE F 403 23.36 28.14 0.21
N LEU F 404 22.87 28.40 -1.01
CA LEU F 404 22.95 27.38 -2.05
C LEU F 404 24.38 27.18 -2.53
N ALA F 405 25.16 28.25 -2.63
CA ALA F 405 26.52 28.14 -3.12
C ALA F 405 27.40 27.35 -2.16
N GLU F 406 27.15 27.47 -0.85
CA GLU F 406 27.91 26.65 0.11
C GLU F 406 27.74 25.16 -0.20
N TYR F 407 26.50 24.72 -0.39
CA TYR F 407 26.26 23.31 -0.71
C TYR F 407 26.82 22.94 -2.08
N VAL F 408 26.72 23.85 -3.05
CA VAL F 408 27.22 23.55 -4.39
C VAL F 408 28.73 23.32 -4.36
N TYR F 409 29.45 24.19 -3.66
CA TYR F 409 30.90 24.05 -3.59
C TYR F 409 31.33 22.88 -2.72
N SER F 410 30.58 22.60 -1.65
CA SER F 410 30.98 21.55 -0.72
C SER F 410 30.97 20.17 -1.38
N TYR F 411 29.96 19.89 -2.19
CA TYR F 411 29.76 18.55 -2.74
C TYR F 411 29.93 18.50 -4.26
N ASN F 412 30.62 19.48 -4.83
CA ASN F 412 31.00 19.47 -6.25
C ASN F 412 29.78 19.35 -7.16
N GLY F 413 28.72 20.09 -6.84
CA GLY F 413 27.58 20.21 -7.73
C GLY F 413 26.54 19.13 -7.60
N THR F 414 26.84 18.03 -6.91
CA THR F 414 25.88 16.94 -6.74
C THR F 414 24.93 17.32 -5.62
N LEU F 415 23.74 17.81 -5.98
CA LEU F 415 22.75 18.22 -4.99
C LEU F 415 21.77 17.08 -4.72
N GLU F 416 21.30 17.02 -3.48
CA GLU F 416 20.38 15.98 -3.04
C GLU F 416 19.22 16.62 -2.29
N HIS F 417 18.28 15.78 -1.85
CA HIS F 417 17.00 16.27 -1.36
C HIS F 417 17.15 17.25 -0.19
N TYR F 418 18.06 16.93 0.74
CA TYR F 418 18.15 17.74 1.96
C TYR F 418 18.66 19.14 1.68
N MET F 419 19.56 19.31 0.70
CA MET F 419 20.08 20.65 0.40
C MET F 419 18.98 21.56 -0.14
N ILE F 420 18.21 21.08 -1.12
CA ILE F 420 17.10 21.87 -1.64
C ILE F 420 16.05 22.08 -0.56
N ALA F 421 15.83 21.08 0.30
CA ALA F 421 14.89 21.28 1.41
C ALA F 421 15.34 22.40 2.33
N LYS F 422 16.63 22.45 2.65
CA LYS F 422 17.17 23.51 3.50
C LYS F 422 17.01 24.87 2.84
N VAL F 423 17.32 24.97 1.56
CA VAL F 423 17.19 26.26 0.89
C VAL F 423 15.72 26.68 0.78
N ILE F 424 14.82 25.71 0.54
CA ILE F 424 13.40 26.02 0.47
C ILE F 424 12.89 26.50 1.82
N TYR F 425 13.37 25.90 2.91
CA TYR F 425 13.00 26.40 4.23
C TYR F 425 13.54 27.81 4.45
N ALA F 426 14.76 28.07 4.01
CA ALA F 426 15.31 29.42 4.14
C ALA F 426 14.50 30.43 3.33
N MET F 427 13.90 29.99 2.23
CA MET F 427 13.15 30.89 1.37
C MET F 427 11.71 31.09 1.82
N MET F 428 11.07 30.06 2.37
CA MET F 428 9.65 30.12 2.72
C MET F 428 9.38 29.59 4.12
N GLY F 429 10.29 29.81 5.07
CA GLY F 429 10.10 29.31 6.41
C GLY F 429 9.04 30.03 7.20
N ASN F 430 8.69 31.25 6.79
CA ASN F 430 7.72 32.07 7.51
C ASN F 430 6.34 32.05 6.86
N LYS F 431 6.06 31.09 5.98
CA LYS F 431 4.78 30.99 5.32
C LYS F 431 4.11 29.63 5.44
N PHE F 432 4.87 28.56 5.71
CA PHE F 432 4.33 27.21 5.82
C PHE F 432 4.72 26.61 7.15
N VAL F 433 3.79 25.90 7.78
CA VAL F 433 4.02 25.21 9.03
C VAL F 433 3.38 23.83 8.94
N VAL F 434 4.12 22.81 9.37
CA VAL F 434 3.64 21.43 9.35
C VAL F 434 3.66 20.88 10.77
N ASP F 435 2.61 20.13 11.11
CA ASP F 435 2.51 19.51 12.42
C ASP F 435 1.81 18.17 12.29
N VAL F 436 2.02 17.31 13.28
CA VAL F 436 1.45 15.96 13.28
C VAL F 436 0.11 16.01 13.98
N ASP F 437 -0.93 15.56 13.29
CA ASP F 437 -2.27 15.54 13.87
C ASP F 437 -2.44 14.32 14.78
N SER F 438 -3.68 14.10 15.23
CA SER F 438 -3.97 12.96 16.10
C SER F 438 -3.85 11.63 15.39
N ASN F 439 -3.98 11.61 14.06
CA ASN F 439 -3.92 10.38 13.29
C ASN F 439 -2.49 9.96 12.97
N GLY F 440 -1.49 10.76 13.34
CA GLY F 440 -0.11 10.42 13.03
C GLY F 440 0.33 10.81 11.64
N LYS F 441 -0.34 11.77 11.01
CA LYS F 441 0.00 12.22 9.67
C LYS F 441 0.48 13.67 9.71
N TYR F 442 1.54 13.96 8.96
CA TYR F 442 2.05 15.32 8.88
C TYR F 442 1.11 16.16 8.02
N VAL F 443 0.67 17.29 8.55
CA VAL F 443 -0.32 18.14 7.90
C VAL F 443 0.29 19.50 7.65
N TRP F 444 0.22 19.96 6.40
CA TRP F 444 0.78 21.24 6.01
C TRP F 444 -0.24 22.36 6.19
N PHE F 445 0.23 23.50 6.69
CA PHE F 445 -0.60 24.69 6.85
C PHE F 445 0.06 25.85 6.12
N GLU F 446 -0.71 26.68 5.43
CA GLU F 446 -0.17 27.82 4.67
C GLU F 446 -0.84 29.12 5.08
N PHE F 447 -0.06 30.18 5.32
CA PHE F 447 -0.63 31.48 5.65
C PHE F 447 -1.04 32.14 4.34
N VAL F 448 -2.32 32.51 4.18
CA VAL F 448 -2.82 33.06 2.92
C VAL F 448 -2.72 34.59 2.84
N LEU F 449 -1.83 35.08 1.99
CA LEU F 449 -1.60 36.51 1.75
C LEU F 449 -2.54 37.04 0.66
N PRO F 450 -2.74 38.36 0.53
CA PRO F 450 -3.60 38.88 -0.52
C PRO F 450 -3.03 38.64 -1.91
N GLY F 451 -3.89 38.52 -2.91
CA GLY F 451 -3.48 38.34 -4.31
C GLY F 451 -3.09 36.94 -4.75
N GLN F 452 -3.56 35.87 -4.08
CA GLN F 452 -3.30 34.50 -4.49
C GLN F 452 -4.61 33.74 -4.50
N PRO F 453 -4.69 32.67 -5.32
CA PRO F 453 -5.90 31.87 -5.42
C PRO F 453 -6.28 31.31 -4.07
N MET F 454 -7.55 31.43 -3.72
CA MET F 454 -8.05 31.01 -2.42
C MET F 454 -9.56 30.92 -2.41
N ASN F 455 -10.11 30.26 -1.40
CA ASN F 455 -11.56 30.21 -1.24
C ASN F 455 -12.03 31.59 -0.77
N GLN F 456 -13.33 31.87 -0.86
CA GLN F 456 -13.82 33.17 -0.44
C GLN F 456 -13.80 33.28 1.09
N GLY F 457 -12.97 34.19 1.61
CA GLY F 457 -12.85 34.49 3.03
C GLY F 457 -11.67 33.87 3.77
N GLU F 458 -10.80 33.10 3.14
CA GLU F 458 -9.66 32.48 3.84
C GLU F 458 -8.41 33.37 3.91
N ILE F 459 -8.52 34.65 3.58
CA ILE F 459 -7.40 35.59 3.62
C ILE F 459 -6.93 35.86 5.05
N TRP F 460 -5.63 36.12 5.23
CA TRP F 460 -4.98 36.41 6.50
C TRP F 460 -5.09 35.28 7.54
N LYS F 461 -5.22 34.03 7.11
CA LYS F 461 -5.36 32.87 8.00
C LYS F 461 -4.57 31.67 7.50
N TRP F 462 -4.39 30.67 8.35
CA TRP F 462 -3.72 29.43 7.98
C TRP F 462 -4.73 28.45 7.37
N ARG F 463 -4.45 27.95 6.17
CA ARG F 463 -5.36 26.96 5.52
C ARG F 463 -4.79 25.55 5.62
N LYS F 464 -5.63 24.53 5.81
CA LYS F 464 -5.08 23.17 5.80
C LYS F 464 -4.88 22.70 4.37
N GLU F 465 -3.66 22.26 4.06
CA GLU F 465 -3.31 21.75 2.74
C GLU F 465 -3.01 20.26 2.85
N VAL F 466 -3.76 19.45 2.11
CA VAL F 466 -3.46 18.02 2.05
C VAL F 466 -2.12 17.80 1.35
N ASN F 467 -1.81 18.62 0.36
CA ASN F 467 -0.56 18.55 -0.39
C ASN F 467 -0.11 19.98 -0.69
N PRO F 468 1.12 20.36 -0.32
CA PRO F 468 1.53 21.76 -0.51
C PRO F 468 1.71 22.11 -1.97
N ASP F 469 0.61 22.43 -2.64
CA ASP F 469 0.63 22.73 -4.07
C ASP F 469 1.53 23.93 -4.35
N GLU F 470 1.38 24.98 -3.54
CA GLU F 470 2.19 26.19 -3.76
C GLU F 470 3.66 25.93 -3.56
N LEU F 471 4.02 25.09 -2.58
CA LEU F 471 5.43 24.72 -2.41
C LEU F 471 5.95 23.93 -3.60
N HIS F 472 5.11 23.02 -4.12
CA HIS F 472 5.50 22.26 -5.31
C HIS F 472 5.78 23.18 -6.49
N ILE F 473 4.91 24.18 -6.70
CA ILE F 473 5.14 25.14 -7.78
C ILE F 473 6.39 25.97 -7.51
N TYR F 474 6.56 26.42 -6.26
CA TYR F 474 7.68 27.29 -5.91
C TYR F 474 9.02 26.59 -6.08
N ILE F 475 9.07 25.27 -5.89
CA ILE F 475 10.32 24.54 -6.06
C ILE F 475 10.81 24.66 -7.50
N SER F 476 9.91 24.53 -8.46
CA SER F 476 10.31 24.51 -9.87
C SER F 476 10.22 25.87 -10.54
N GLU F 477 9.54 26.85 -9.93
CA GLU F 477 9.31 28.13 -10.59
C GLU F 477 10.22 29.24 -10.10
N ASN F 478 10.58 29.26 -8.82
CA ASN F 478 11.39 30.32 -8.26
C ASN F 478 12.80 29.88 -7.90
N PHE F 479 12.97 28.64 -7.42
CA PHE F 479 14.29 28.14 -7.10
C PHE F 479 15.16 27.98 -8.34
N SER F 480 14.54 27.85 -9.52
CA SER F 480 15.30 27.80 -10.75
C SER F 480 16.06 29.09 -11.00
N ARG F 481 15.57 30.22 -10.48
CA ARG F 481 16.29 31.47 -10.61
C ARG F 481 17.58 31.46 -9.79
N VAL F 482 17.53 30.90 -8.58
CA VAL F 482 18.75 30.75 -7.80
C VAL F 482 19.71 29.79 -8.48
N MET F 483 19.14 28.76 -9.10
CA MET F 483 19.95 27.79 -9.88
C MET F 483 20.65 28.58 -10.99
N ASP F 484 19.93 29.46 -11.70
CA ASP F 484 20.50 30.26 -12.79
C ASP F 484 21.58 31.19 -12.29
N ARG F 485 21.40 31.76 -11.09
CA ARG F 485 22.43 32.60 -10.51
C ARG F 485 23.71 31.80 -10.25
N ILE F 486 23.55 30.58 -9.74
CA ILE F 486 24.71 29.71 -9.51
C ILE F 486 25.41 29.42 -10.83
N THR F 487 24.63 29.12 -11.88
CA THR F 487 25.22 28.85 -13.19
C THR F 487 25.97 30.06 -13.72
N GLU F 488 25.40 31.26 -13.54
CA GLU F 488 26.07 32.47 -13.98
C GLU F 488 27.39 32.67 -13.24
N HIS F 489 27.39 32.42 -11.92
CA HIS F 489 28.62 32.52 -11.15
C HIS F 489 29.68 31.54 -11.66
N ILE F 490 29.27 30.29 -11.91
CA ILE F 490 30.22 29.29 -12.38
C ILE F 490 30.79 29.68 -13.74
N LYS F 491 29.93 30.16 -14.65
CA LYS F 491 30.41 30.56 -15.97
C LYS F 491 31.33 31.77 -15.89
N TYR F 492 31.00 32.72 -14.99
CA TYR F 492 31.85 33.89 -14.81
C TYR F 492 33.24 33.48 -14.33
N HIS F 493 33.31 32.56 -13.37
CA HIS F 493 34.62 32.08 -12.93
C HIS F 493 35.32 31.28 -14.03
N LEU F 494 34.55 30.54 -14.83
CA LEU F 494 35.15 29.75 -15.90
C LEU F 494 35.80 30.64 -16.96
N SER F 495 35.15 31.76 -17.28
CA SER F 495 35.71 32.68 -18.28
C SER F 495 36.85 33.52 -17.73
N GLN F 496 36.98 33.62 -16.41
CA GLN F 496 38.03 34.42 -15.81
C GLN F 496 39.39 33.77 -16.06
N PRO F 497 40.44 34.56 -16.26
CA PRO F 497 41.79 33.99 -16.43
C PRO F 497 42.25 33.31 -15.15
N HIS F 498 42.46 32.00 -15.21
CA HIS F 498 42.88 31.21 -14.07
C HIS F 498 43.90 30.17 -14.52
N GLU F 499 44.55 29.56 -13.54
CA GLU F 499 45.47 28.46 -13.84
C GLU F 499 44.67 27.27 -14.38
N THR F 500 45.33 26.48 -15.24
CA THR F 500 44.66 25.40 -15.94
C THR F 500 43.97 24.43 -14.99
N ASN F 501 44.58 24.18 -13.82
CA ASN F 501 43.97 23.29 -12.85
C ASN F 501 42.63 23.83 -12.36
N ILE F 502 42.59 25.13 -12.04
CA ILE F 502 41.35 25.74 -11.58
C ILE F 502 40.30 25.75 -12.69
N LEU F 503 40.73 26.00 -13.92
CA LEU F 503 39.79 25.98 -15.04
C LEU F 503 39.19 24.58 -15.23
N ASN F 504 40.02 23.54 -15.12
CA ASN F 504 39.51 22.18 -15.24
C ASN F 504 38.56 21.85 -14.10
N TYR F 505 38.90 22.29 -12.88
CA TYR F 505 38.01 22.05 -11.74
C TYR F 505 36.66 22.73 -11.95
N TYR F 506 36.67 23.97 -12.43
CA TYR F 506 35.42 24.68 -12.67
C TYR F 506 34.64 24.04 -13.81
N LYS F 507 35.31 23.54 -14.83
CA LYS F 507 34.61 22.84 -15.91
C LYS F 507 33.92 21.59 -15.40
N LYS F 508 34.62 20.81 -14.57
CA LYS F 508 34.01 19.63 -13.98
C LYS F 508 32.83 20.00 -13.08
N LEU F 509 32.98 21.07 -12.30
CA LEU F 509 31.90 21.52 -11.43
C LEU F 509 30.69 21.94 -12.24
N LEU F 510 30.91 22.66 -13.34
CA LEU F 510 29.81 23.07 -14.21
C LEU F 510 29.11 21.87 -14.82
N LYS F 511 29.88 20.88 -15.28
CA LYS F 511 29.27 19.68 -15.85
C LYS F 511 28.42 18.95 -14.82
N ALA F 512 28.94 18.78 -13.61
CA ALA F 512 28.18 18.10 -12.56
C ALA F 512 26.93 18.87 -12.20
N PHE F 513 27.03 20.21 -12.10
CA PHE F 513 25.88 21.02 -11.75
C PHE F 513 24.81 20.95 -12.84
N GLU F 514 25.22 20.99 -14.10
CA GLU F 514 24.26 20.85 -15.20
C GLU F 514 23.61 19.47 -15.18
N ARG F 515 24.35 18.44 -14.79
CA ARG F 515 23.75 17.13 -14.60
C ARG F 515 22.70 17.18 -13.49
N SER F 516 22.98 17.90 -12.41
CA SER F 516 22.07 17.98 -11.27
C SER F 516 21.07 19.12 -11.39
N LYS F 517 21.18 19.98 -12.40
CA LYS F 517 20.31 21.15 -12.48
C LYS F 517 18.88 20.76 -12.84
N SER F 518 18.71 19.78 -13.72
CA SER F 518 17.38 19.45 -14.23
C SER F 518 16.58 18.55 -13.30
N LYS F 519 17.17 18.09 -12.18
CA LYS F 519 16.45 17.19 -11.29
C LYS F 519 15.36 17.90 -10.49
N ILE F 520 15.40 19.23 -10.41
CA ILE F 520 14.40 19.96 -9.63
C ILE F 520 13.03 19.96 -10.30
N PHE F 521 12.93 19.47 -11.52
CA PHE F 521 11.64 19.40 -12.25
C PHE F 521 11.09 17.97 -12.18
N ASN F 522 11.76 17.07 -11.47
CA ASN F 522 11.35 15.68 -11.39
C ASN F 522 10.31 15.50 -10.30
N ASP F 523 9.32 14.64 -10.57
CA ASP F 523 8.26 14.40 -9.59
C ASP F 523 8.79 13.69 -8.37
N SER F 524 9.59 12.63 -8.56
CA SER F 524 10.14 11.88 -7.43
C SER F 524 11.09 12.75 -6.62
N PHE F 525 11.93 13.53 -7.29
CA PHE F 525 12.86 14.40 -6.59
C PHE F 525 12.13 15.45 -5.76
N LYS F 526 11.08 16.06 -6.32
CA LYS F 526 10.32 17.05 -5.57
C LYS F 526 9.57 16.40 -4.41
N LYS F 527 9.04 15.20 -4.61
CA LYS F 527 8.40 14.49 -3.52
C LYS F 527 9.38 14.22 -2.38
N GLY F 528 10.59 13.78 -2.71
CA GLY F 528 11.60 13.56 -1.69
C GLY F 528 12.01 14.84 -0.99
N VAL F 529 12.13 15.94 -1.75
CA VAL F 529 12.50 17.22 -1.16
C VAL F 529 11.44 17.66 -0.16
N ILE F 530 10.17 17.55 -0.54
CA ILE F 530 9.10 17.97 0.37
C ILE F 530 9.00 17.03 1.57
N ARG F 531 9.23 15.73 1.36
CA ARG F 531 9.22 14.80 2.48
C ARG F 531 10.33 15.13 3.47
N GLN F 532 11.51 15.51 2.98
CA GLN F 532 12.59 15.91 3.86
C GLN F 532 12.32 17.28 4.47
N ALA F 533 11.58 18.14 3.78
CA ALA F 533 11.26 19.46 4.32
C ALA F 533 10.24 19.40 5.44
N GLU F 534 9.50 18.29 5.57
CA GLU F 534 8.51 18.17 6.63
C GLU F 534 9.16 18.20 8.02
N PHE F 535 10.45 17.92 8.10
CA PHE F 535 11.16 17.97 9.37
C PHE F 535 11.66 19.36 9.71
N LEU F 536 12.01 20.16 8.70
CA LEU F 536 12.49 21.51 8.94
C LEU F 536 11.34 22.46 9.26
N PHE F 537 10.19 22.29 8.60
CA PHE F 537 9.05 23.14 8.84
C PHE F 537 8.25 22.73 10.08
N ARG F 538 8.61 21.63 10.72
CA ARG F 538 7.86 21.13 11.87
C ARG F 538 7.87 22.14 13.01
N GLN F 539 6.70 22.39 13.58
CA GLN F 539 6.54 23.27 14.74
C GLN F 539 5.74 22.51 15.78
N ARG F 540 6.36 22.23 16.93
CA ARG F 540 5.71 21.44 17.95
C ARG F 540 4.53 22.17 18.56
N SER F 541 3.45 21.43 18.81
CA SER F 541 2.25 21.94 19.48
C SER F 541 1.61 23.10 18.72
N PHE F 542 1.74 23.10 17.39
CA PHE F 542 1.07 24.13 16.60
C PHE F 542 -0.42 23.88 16.51
N ILE F 543 -0.82 22.62 16.30
CA ILE F 543 -2.25 22.29 16.18
C ILE F 543 -2.96 22.53 17.51
N GLN F 544 -2.30 22.23 18.62
CA GLN F 544 -2.92 22.38 19.93
C GLN F 544 -3.27 23.83 20.26
N THR F 545 -2.59 24.79 19.65
CA THR F 545 -2.85 26.20 19.91
C THR F 545 -3.77 26.85 18.89
N LEU F 546 -4.31 26.09 17.94
CA LEU F 546 -5.17 26.67 16.93
C LEU F 546 -6.55 27.01 17.52
N ASP F 547 -6.97 28.26 17.30
CA ASP F 547 -8.29 28.75 17.68
C ASP F 547 -8.54 28.63 19.18
N THR F 548 -7.49 28.54 20.00
CA THR F 548 -7.69 28.46 21.44
C THR F 548 -8.05 29.81 22.05
N ASN F 549 -7.62 30.90 21.44
CA ASN F 549 -7.92 32.23 21.97
C ASN F 549 -9.37 32.58 21.70
N PRO F 550 -10.19 32.81 22.74
CA PRO F 550 -11.60 33.13 22.50
C PRO F 550 -11.84 34.57 22.07
N TYR F 551 -10.88 35.47 22.28
CA TYR F 551 -11.05 36.87 21.94
C TYR F 551 -10.72 37.17 20.48
N LEU F 552 -10.32 36.17 19.71
CA LEU F 552 -10.04 36.33 18.29
C LEU F 552 -11.06 35.54 17.48
N LEU F 553 -11.72 36.21 16.54
CA LEU F 553 -12.79 35.60 15.76
C LEU F 553 -12.46 35.76 14.28
N GLY F 554 -12.36 34.67 13.53
CA GLY F 554 -12.00 34.72 12.11
C GLY F 554 -13.18 35.15 11.25
N VAL F 555 -13.01 36.13 10.39
CA VAL F 555 -14.08 36.68 9.55
C VAL F 555 -13.71 36.64 8.07
N GLY F 556 -14.64 36.98 7.19
CA GLY F 556 -14.40 36.92 5.75
C GLY F 556 -13.32 37.86 5.23
N ASN F 557 -13.21 39.08 5.77
CA ASN F 557 -12.25 40.09 5.34
C ASN F 557 -11.01 40.22 6.24
N GLY F 558 -10.69 39.22 7.05
CA GLY F 558 -9.54 39.27 7.97
C GLY F 558 -9.84 38.51 9.25
N VAL F 559 -9.50 39.09 10.40
CA VAL F 559 -9.79 38.55 11.74
C VAL F 559 -10.31 39.66 12.66
N LEU F 560 -11.38 39.39 13.43
CA LEU F 560 -11.94 40.37 14.36
C LEU F 560 -11.43 40.08 15.77
N SER F 561 -10.93 41.12 16.44
CA SER F 561 -10.43 41.01 17.80
C SER F 561 -11.37 41.75 18.74
N ILE F 562 -11.91 41.03 19.72
CA ILE F 562 -12.80 41.60 20.73
C ILE F 562 -12.11 41.71 22.08
N GLU F 563 -10.79 41.51 22.13
CA GLU F 563 -10.07 41.61 23.39
C GLU F 563 -10.01 43.03 23.93
N THR F 564 -10.28 44.02 23.09
CA THR F 564 -10.24 45.42 23.50
C THR F 564 -11.47 46.15 22.96
N ILE F 565 -11.82 47.24 23.62
CA ILE F 565 -12.96 48.07 23.26
C ILE F 565 -12.41 49.36 22.64
N PRO F 566 -12.84 49.73 21.42
CA PRO F 566 -13.79 49.00 20.59
C PRO F 566 -13.17 47.82 19.85
N ALA F 567 -14.01 46.98 19.25
CA ALA F 567 -13.50 45.84 18.49
C ALA F 567 -12.69 46.32 17.31
N LYS F 568 -11.63 45.57 17.00
CA LYS F 568 -10.68 45.95 15.95
C LYS F 568 -10.60 44.86 14.90
N LEU F 569 -10.60 45.28 13.63
CA LEU F 569 -10.46 44.36 12.51
C LEU F 569 -9.04 44.43 11.98
N ILE F 570 -8.39 43.29 11.75
CA ILE F 570 -7.00 43.21 11.25
C ILE F 570 -6.97 42.90 9.76
N ASN F 571 -6.37 43.78 8.96
CA ASN F 571 -6.24 43.65 7.51
C ASN F 571 -4.76 43.65 7.05
N HIS F 572 -3.85 43.26 7.92
CA HIS F 572 -2.41 43.22 7.64
C HIS F 572 -1.81 41.95 8.23
N PHE F 573 -0.49 41.78 8.11
CA PHE F 573 0.19 40.61 8.63
C PHE F 573 0.08 40.53 10.16
N HIS F 574 -0.05 39.31 10.68
CA HIS F 574 -0.19 38.99 12.10
C HIS F 574 0.26 37.54 12.33
N GLU F 575 0.46 37.14 13.58
CA GLU F 575 1.00 35.82 13.92
C GLU F 575 0.07 35.03 14.82
N HIS F 576 -1.21 35.37 14.85
CA HIS F 576 -2.16 34.63 15.66
C HIS F 576 -2.52 33.31 14.97
N PRO F 577 -2.47 32.18 15.67
CA PRO F 577 -2.80 30.88 15.05
C PRO F 577 -4.30 30.65 14.92
N ILE F 578 -4.83 31.17 13.82
CA ILE F 578 -6.24 31.10 13.49
C ILE F 578 -6.43 30.33 12.20
N HIS F 579 -7.28 29.32 12.26
CA HIS F 579 -7.61 28.46 11.14
C HIS F 579 -9.09 28.52 10.78
N GLN F 580 -9.98 28.32 11.75
CA GLN F 580 -11.43 28.37 11.52
C GLN F 580 -11.90 29.81 11.36
N TYR F 581 -12.97 30.01 10.62
CA TYR F 581 -13.55 31.34 10.39
C TYR F 581 -14.99 31.26 9.91
N THR F 582 -15.67 32.39 9.89
CA THR F 582 -17.02 32.52 9.37
C THR F 582 -16.96 33.39 8.14
N HIS F 583 -17.80 33.14 7.14
CA HIS F 583 -17.78 33.91 5.90
C HIS F 583 -18.36 35.31 6.08
N ILE F 584 -18.93 35.65 7.25
CA ILE F 584 -19.47 36.98 7.45
C ILE F 584 -18.33 37.99 7.48
N CYS F 585 -18.44 39.06 6.68
CA CYS F 585 -17.47 40.16 6.69
C CYS F 585 -17.92 41.17 7.75
N TYR F 586 -17.01 41.66 8.56
CA TYR F 586 -17.31 42.58 9.64
C TYR F 586 -17.32 44.03 9.14
N GLU F 587 -18.33 44.78 9.58
CA GLU F 587 -18.40 46.22 9.31
C GLU F 587 -18.79 46.94 10.59
N PRO F 588 -18.36 48.19 10.72
CA PRO F 588 -18.76 48.98 11.89
C PRO F 588 -20.27 49.18 11.94
N PHE F 589 -20.80 49.23 13.16
CA PHE F 589 -22.24 49.35 13.36
C PHE F 589 -22.72 50.71 12.89
N ASN F 590 -23.43 50.74 11.77
CA ASN F 590 -24.00 51.97 11.23
C ASN F 590 -25.50 51.95 11.42
N PRO F 591 -26.05 52.75 12.34
CA PRO F 591 -27.50 52.69 12.58
C PRO F 591 -28.34 53.16 11.41
N GLU F 592 -27.78 53.91 10.46
CA GLU F 592 -28.53 54.42 9.33
C GLU F 592 -28.46 53.52 8.11
N ASN F 593 -27.75 52.40 8.20
CA ASN F 593 -27.73 51.46 7.09
C ASN F 593 -29.13 50.86 6.89
N PRO F 594 -29.57 50.69 5.63
CA PRO F 594 -30.93 50.16 5.41
C PRO F 594 -31.18 48.81 6.06
N TRP F 595 -30.25 47.87 5.89
CA TRP F 595 -30.40 46.57 6.53
C TRP F 595 -30.33 46.69 8.05
N THR F 596 -29.44 47.54 8.56
CA THR F 596 -29.38 47.75 10.00
C THR F 596 -30.69 48.32 10.53
N LYS F 597 -31.26 49.29 9.81
CA LYS F 597 -32.55 49.86 10.22
C LYS F 597 -33.65 48.80 10.21
N LEU F 598 -33.68 47.97 9.16
CA LEU F 598 -34.70 46.94 9.06
C LEU F 598 -34.59 45.95 10.22
N LEU F 599 -33.37 45.48 10.49
CA LEU F 599 -33.17 44.54 11.60
C LEU F 599 -33.50 45.18 12.94
N LEU F 600 -33.12 46.44 13.14
CA LEU F 600 -33.44 47.11 14.41
C LEU F 600 -34.95 47.25 14.59
N ASN F 601 -35.67 47.61 13.52
CA ASN F 601 -37.12 47.75 13.62
C ASN F 601 -37.78 46.40 13.90
N ALA F 602 -37.33 45.35 13.19
CA ALA F 602 -37.91 44.02 13.43
C ALA F 602 -37.61 43.54 14.85
N LEU F 603 -36.41 43.81 15.35
CA LEU F 603 -36.04 43.39 16.69
C LEU F 603 -36.83 44.15 17.75
N GLN F 604 -37.08 45.44 17.52
CA GLN F 604 -37.94 46.20 18.41
C GLN F 604 -39.36 45.64 18.38
N ASP F 605 -39.83 45.23 17.21
CA ASP F 605 -41.15 44.61 17.11
C ASP F 605 -41.23 43.29 17.87
N ILE F 606 -40.13 42.52 17.84
CA ILE F 606 -40.15 41.20 18.45
C ILE F 606 -40.33 41.28 19.97
N ILE F 607 -39.57 42.13 20.64
CA ILE F 607 -39.58 42.24 22.08
C ILE F 607 -40.20 43.59 22.46
N PRO F 608 -41.43 43.59 22.99
CA PRO F 608 -42.05 44.88 23.36
C PRO F 608 -41.38 45.53 24.55
N GLU F 609 -41.04 44.78 25.60
CA GLU F 609 -40.45 45.36 26.79
C GLU F 609 -39.03 45.81 26.49
N LEU F 610 -38.68 47.05 26.89
CA LEU F 610 -37.35 47.62 26.66
C LEU F 610 -36.28 46.93 27.52
N ASP F 611 -36.53 46.76 28.81
CA ASP F 611 -35.58 46.09 29.70
C ASP F 611 -35.39 44.64 29.24
N ALA F 612 -36.48 43.96 28.87
CA ALA F 612 -36.35 42.59 28.38
C ALA F 612 -35.58 42.56 27.07
N ARG F 613 -35.81 43.52 26.19
CA ARG F 613 -35.07 43.59 24.93
C ARG F 613 -33.57 43.74 25.18
N LEU F 614 -33.18 44.68 26.04
CA LEU F 614 -31.77 44.88 26.35
C LEU F 614 -31.18 43.63 27.00
N TRP F 615 -31.88 43.00 27.93
CA TRP F 615 -31.36 41.80 28.57
C TRP F 615 -31.16 40.67 27.56
N ILE F 616 -32.13 40.49 26.67
CA ILE F 616 -32.05 39.42 25.68
C ILE F 616 -30.88 39.66 24.74
N MET F 617 -30.74 40.90 24.25
CA MET F 617 -29.64 41.18 23.34
C MET F 617 -28.28 41.06 24.03
N PHE F 618 -28.16 41.49 25.27
CA PHE F 618 -26.90 41.31 25.96
C PHE F 618 -26.61 39.83 26.15
N TYR F 619 -27.60 38.99 26.46
CA TYR F 619 -27.35 37.56 26.57
C TYR F 619 -26.93 36.97 25.22
N LEU F 620 -27.66 37.28 24.15
CA LEU F 620 -27.36 36.77 22.82
C LEU F 620 -26.01 37.26 22.30
N SER F 621 -25.56 38.45 22.67
CA SER F 621 -24.26 38.91 22.18
C SER F 621 -23.11 38.08 22.73
N THR F 622 -23.28 37.38 23.86
CA THR F 622 -22.22 36.53 24.41
C THR F 622 -21.92 35.33 23.52
N ALA F 623 -22.72 35.10 22.49
CA ALA F 623 -22.51 34.02 21.54
C ALA F 623 -21.22 34.18 20.72
N ILE F 624 -20.73 35.40 20.56
CA ILE F 624 -19.48 35.70 19.84
C ILE F 624 -18.28 35.13 20.61
N PHE F 625 -18.23 35.34 21.92
CA PHE F 625 -17.14 34.86 22.77
C PHE F 625 -17.16 33.33 22.89
N ARG F 626 -16.02 32.66 22.68
CA ARG F 626 -15.94 31.19 22.70
C ARG F 626 -15.36 30.55 23.97
N GLY F 627 -15.23 31.28 25.07
CA GLY F 627 -14.65 30.78 26.32
C GLY F 627 -15.69 30.40 27.37
N LEU F 628 -15.31 30.39 28.64
CA LEU F 628 -16.21 30.09 29.76
C LEU F 628 -17.06 31.31 30.12
N LYS F 629 -18.31 31.06 30.55
CA LYS F 629 -19.31 32.08 30.90
C LYS F 629 -20.38 31.51 31.84
N GLU F 630 -21.27 32.37 32.33
CA GLU F 630 -22.24 32.11 33.41
C GLU F 630 -23.22 30.95 33.16
N ALA F 631 -23.37 30.50 31.91
CA ALA F 631 -24.15 29.33 31.49
C ALA F 631 -25.63 29.31 31.93
N LEU F 632 -26.27 30.48 31.99
CA LEU F 632 -27.67 30.57 32.39
C LEU F 632 -28.57 30.19 31.21
N MET F 633 -29.35 29.13 31.35
CA MET F 633 -30.29 28.75 30.31
C MET F 633 -31.42 29.78 30.23
N LEU F 634 -31.81 30.19 29.03
CA LEU F 634 -32.92 31.11 28.82
C LEU F 634 -34.12 30.32 28.33
N LEU F 635 -35.23 30.36 29.08
CA LEU F 635 -36.46 29.67 28.67
C LEU F 635 -37.31 30.67 27.92
N TRP F 636 -37.06 30.82 26.63
CA TRP F 636 -37.79 31.75 25.78
C TRP F 636 -39.07 31.07 25.29
N LEU F 637 -40.19 31.33 25.97
CA LEU F 637 -41.48 30.78 25.60
C LEU F 637 -42.10 31.72 24.57
N GLY F 638 -42.18 31.25 23.33
CA GLY F 638 -42.70 32.06 22.25
C GLY F 638 -44.20 32.24 22.32
N GLY F 639 -44.67 33.02 23.29
CA GLY F 639 -46.08 33.30 23.42
C GLY F 639 -46.66 33.91 22.17
N GLY F 640 -47.74 33.31 21.67
CA GLY F 640 -48.34 33.75 20.42
C GLY F 640 -47.78 33.10 19.17
N CYS F 641 -46.86 32.15 19.30
CA CYS F 641 -46.24 31.47 18.17
C CYS F 641 -45.65 32.49 17.19
N ASN F 642 -44.63 33.19 17.69
CA ASN F 642 -44.10 34.38 17.01
C ASN F 642 -43.58 34.08 15.61
N GLY F 643 -43.13 32.86 15.37
CA GLY F 643 -42.29 32.61 14.20
C GLY F 643 -40.84 32.67 14.61
N LYS F 644 -40.51 31.85 15.60
CA LYS F 644 -39.24 31.93 16.33
C LYS F 644 -38.02 31.66 15.46
N THR F 645 -38.20 31.04 14.28
CA THR F 645 -37.06 30.59 13.50
C THR F 645 -36.17 31.74 13.07
N PHE F 646 -36.75 32.92 12.82
CA PHE F 646 -36.01 34.00 12.18
C PHE F 646 -34.78 34.39 12.99
N LEU F 647 -34.97 34.96 14.18
CA LEU F 647 -33.85 35.52 14.93
C LEU F 647 -32.88 34.42 15.39
N MET F 648 -33.40 33.31 15.91
CA MET F 648 -32.53 32.24 16.42
C MET F 648 -31.71 31.59 15.32
N ARG F 649 -32.28 31.33 14.14
CA ARG F 649 -31.50 30.77 13.04
C ARG F 649 -30.59 31.85 12.48
N LEU F 650 -30.95 33.12 12.56
CA LEU F 650 -30.06 34.17 12.06
C LEU F 650 -28.81 34.26 12.91
N VAL F 651 -28.89 34.07 14.23
CA VAL F 651 -27.71 34.07 15.11
C VAL F 651 -26.77 32.95 14.69
N ALA F 652 -27.29 31.74 14.47
CA ALA F 652 -26.47 30.64 14.04
C ALA F 652 -25.94 30.86 12.61
N MET F 653 -26.69 31.54 11.76
CA MET F 653 -26.24 31.79 10.39
C MET F 653 -25.07 32.77 10.37
N VAL F 654 -25.15 33.84 11.16
CA VAL F 654 -24.05 34.79 11.21
C VAL F 654 -22.85 34.21 11.95
N LEU F 655 -23.03 33.35 12.95
CA LEU F 655 -21.87 32.74 13.63
C LEU F 655 -21.33 31.59 12.78
N GLY F 656 -22.17 30.98 11.95
CA GLY F 656 -21.68 29.90 11.13
C GLY F 656 -21.70 28.55 11.83
N ASP F 657 -21.40 27.47 11.11
CA ASP F 657 -21.36 26.11 11.65
C ASP F 657 -20.14 25.85 12.54
N HIS F 658 -19.01 26.52 12.29
CA HIS F 658 -17.79 26.35 13.09
C HIS F 658 -17.97 26.90 14.50
N TYR F 659 -18.89 27.85 14.71
CA TYR F 659 -19.09 28.48 16.01
C TYR F 659 -20.50 28.32 16.60
N ALA F 660 -21.51 27.88 15.85
CA ALA F 660 -22.86 27.70 16.35
C ALA F 660 -23.39 26.29 16.04
N SER F 661 -24.19 25.73 16.94
CA SER F 661 -24.74 24.38 16.81
C SER F 661 -26.23 24.24 17.05
N LYS F 662 -26.90 23.49 16.17
CA LYS F 662 -28.33 23.16 16.25
C LYS F 662 -28.46 21.91 17.12
N LEU F 663 -29.33 21.92 18.14
CA LEU F 663 -29.48 20.79 19.07
C LEU F 663 -30.92 20.30 19.17
N ASN F 664 -31.11 19.00 19.43
CA ASN F 664 -32.45 18.40 19.48
C ASN F 664 -33.01 18.48 20.90
N ILE F 665 -34.29 18.78 21.03
CA ILE F 665 -34.94 18.89 22.33
C ILE F 665 -34.92 17.56 23.10
N SER F 666 -34.74 16.44 22.39
CA SER F 666 -34.67 15.09 22.96
C SER F 666 -33.52 14.97 23.95
N LEU F 667 -32.48 15.79 23.82
CA LEU F 667 -31.34 15.80 24.72
C LEU F 667 -31.74 16.20 26.15
N LEU F 668 -32.67 17.13 26.30
CA LEU F 668 -33.12 17.61 27.61
C LEU F 668 -34.26 16.80 28.20
N THR F 669 -35.12 16.20 27.38
CA THR F 669 -36.25 15.39 27.90
C THR F 669 -35.93 13.91 28.09
N SER F 670 -35.02 13.32 27.31
CA SER F 670 -34.65 11.91 27.46
C SER F 670 -33.89 11.64 28.76
N TYR F 671 -34.13 10.49 29.39
CA TYR F 671 -33.43 10.12 30.63
C TYR F 671 -31.94 9.89 30.36
N ARG F 672 -31.09 9.93 31.40
CA ARG F 672 -29.65 9.70 31.25
C ARG F 672 -29.39 8.32 30.63
N GLU F 673 -28.37 8.26 29.78
CA GLU F 673 -27.99 7.07 29.02
C GLU F 673 -27.49 5.89 29.87
N THR F 674 -27.33 4.73 29.22
CA THR F 674 -26.77 3.54 29.86
C THR F 674 -25.24 3.66 29.98
N ALA F 675 -24.59 2.73 30.68
CA ALA F 675 -23.14 2.76 30.92
C ALA F 675 -22.26 2.51 29.67
N GLU F 676 -22.86 2.09 28.55
CA GLU F 676 -22.17 1.83 27.29
C GLU F 676 -22.80 2.45 26.03
N LYS F 677 -24.06 2.92 26.08
CA LYS F 677 -24.74 3.46 24.89
C LYS F 677 -24.14 4.80 24.42
N PRO F 678 -23.74 4.91 23.14
CA PRO F 678 -23.21 6.16 22.59
C PRO F 678 -24.30 7.24 22.49
N ASN F 679 -23.95 8.51 22.72
CA ASN F 679 -24.87 9.64 22.59
C ASN F 679 -24.38 10.61 21.49
N SER F 680 -25.25 10.87 20.51
CA SER F 680 -24.92 11.71 19.35
C SER F 680 -24.87 13.22 19.58
N ALA F 681 -25.26 13.79 20.72
CA ALA F 681 -25.30 15.25 20.85
C ALA F 681 -24.00 15.97 21.27
N PHE F 682 -23.24 15.41 22.22
CA PHE F 682 -22.05 16.08 22.73
C PHE F 682 -20.88 16.16 21.75
N MET F 683 -20.75 15.27 20.77
CA MET F 683 -19.66 15.38 19.80
C MET F 683 -19.82 16.58 18.86
N ARG F 684 -21.07 17.00 18.57
CA ARG F 684 -21.40 18.20 17.77
C ARG F 684 -21.54 19.49 18.60
N LEU F 685 -21.34 19.39 19.92
CA LEU F 685 -21.47 20.50 20.86
C LEU F 685 -20.14 21.19 21.25
N LYS F 686 -19.02 20.47 21.16
CA LYS F 686 -17.68 20.96 21.55
C LYS F 686 -17.14 22.13 20.71
N GLY F 687 -16.41 23.03 21.39
CA GLY F 687 -15.75 24.20 20.80
C GLY F 687 -16.64 25.28 20.20
N ARG F 688 -17.93 25.27 20.57
CA ARG F 688 -18.92 26.22 19.99
C ARG F 688 -19.19 27.41 20.92
N GLY F 689 -19.61 28.54 20.36
CA GLY F 689 -19.98 29.73 21.15
C GLY F 689 -21.49 29.90 21.34
N TYR F 690 -22.33 29.15 20.63
CA TYR F 690 -23.80 29.21 20.66
C TYR F 690 -24.46 27.85 20.40
N GLY F 691 -25.56 27.57 21.09
CA GLY F 691 -26.33 26.35 20.98
C GLY F 691 -27.81 26.64 21.23
N TYR F 692 -28.71 26.14 20.38
CA TYR F 692 -30.14 26.43 20.51
C TYR F 692 -31.05 25.23 20.29
N PHE F 693 -32.14 25.23 21.05
CA PHE F 693 -33.23 24.26 21.02
C PHE F 693 -34.50 25.00 20.59
N GLU F 694 -35.34 24.44 19.72
CA GLU F 694 -36.42 25.20 19.09
C GLU F 694 -37.60 24.29 18.77
N GLU F 695 -38.76 24.92 18.63
CA GLU F 695 -39.96 24.31 18.04
C GLU F 695 -40.40 23.07 18.81
N THR F 696 -40.85 23.29 20.04
CA THR F 696 -41.50 22.21 20.79
C THR F 696 -42.98 22.15 20.43
N ASN F 697 -43.50 20.93 20.32
CA ASN F 697 -44.92 20.72 20.08
C ASN F 697 -45.53 19.64 20.96
N LYS F 698 -44.73 18.69 21.50
CA LYS F 698 -45.25 17.64 22.40
C LYS F 698 -45.39 18.15 23.84
N SER F 699 -44.96 19.39 24.14
CA SER F 699 -44.92 19.90 25.51
C SER F 699 -44.10 18.96 26.40
N GLU F 700 -42.88 18.64 25.97
CA GLU F 700 -42.03 17.66 26.66
C GLU F 700 -41.62 18.06 28.09
N ILE F 701 -41.55 17.08 28.98
CA ILE F 701 -41.11 17.29 30.37
C ILE F 701 -39.59 17.25 30.31
N LEU F 702 -38.88 18.21 30.90
CA LEU F 702 -37.41 18.20 30.86
C LEU F 702 -36.86 17.40 32.05
N ASN F 703 -35.64 16.87 31.91
CA ASN F 703 -34.98 16.06 32.92
C ASN F 703 -33.90 16.86 33.66
N THR F 704 -33.90 16.80 34.99
CA THR F 704 -32.93 17.53 35.81
C THR F 704 -31.49 17.07 35.58
N SER F 705 -31.23 15.77 35.40
CA SER F 705 -29.86 15.29 35.16
C SER F 705 -29.36 15.78 33.81
N ARG F 706 -30.22 15.93 32.81
CA ARG F 706 -29.82 16.47 31.52
C ARG F 706 -29.45 17.95 31.64
N LEU F 707 -30.12 18.71 32.51
CA LEU F 707 -29.69 20.09 32.78
C LEU F 707 -28.33 20.05 33.47
N LYS F 708 -28.17 19.27 34.53
CA LYS F 708 -26.89 19.13 35.23
C LYS F 708 -25.75 18.64 34.32
N GLU F 709 -26.06 17.89 33.29
CA GLU F 709 -25.09 17.39 32.30
C GLU F 709 -24.42 18.55 31.52
N MET F 710 -25.01 19.76 31.53
CA MET F 710 -24.49 20.92 30.78
C MET F 710 -24.55 22.30 31.47
N VAL F 711 -25.57 22.65 32.27
CA VAL F 711 -25.67 24.01 32.85
C VAL F 711 -24.58 24.34 33.86
N ASN F 712 -24.07 23.37 34.61
CA ASN F 712 -22.98 23.60 35.55
C ASN F 712 -21.64 23.65 34.78
N PRO F 713 -20.74 24.61 35.07
CA PRO F 713 -19.45 24.70 34.38
C PRO F 713 -18.55 23.50 34.71
N GLY F 714 -17.96 22.88 33.70
CA GLY F 714 -17.08 21.71 33.84
C GLY F 714 -17.05 20.81 32.61
N ASP F 715 -16.19 19.80 32.63
CA ASP F 715 -16.01 18.87 31.52
C ASP F 715 -17.17 17.86 31.37
N VAL F 716 -17.82 17.82 30.20
CA VAL F 716 -18.92 16.88 29.89
C VAL F 716 -18.31 15.51 29.52
N THR F 717 -18.96 14.40 29.90
CA THR F 717 -18.37 13.04 29.80
C THR F 717 -19.00 12.09 28.77
N ALA F 718 -20.30 12.17 28.49
CA ALA F 718 -20.92 11.28 27.50
C ALA F 718 -20.41 11.57 26.07
N ARG F 719 -20.16 10.53 25.28
CA ARG F 719 -19.67 10.66 23.91
C ARG F 719 -20.13 9.56 22.95
N GLU F 720 -19.55 9.56 21.75
CA GLU F 720 -19.82 8.60 20.67
C GLU F 720 -18.58 8.40 19.78
N GLN F 725 -15.45 6.61 24.65
CA GLN F 725 -15.81 7.79 25.43
C GLN F 725 -14.82 8.95 25.22
N GLU F 726 -15.28 10.20 25.35
CA GLU F 726 -14.47 11.42 25.19
C GLU F 726 -15.04 12.58 26.03
N SER F 727 -14.18 13.46 26.58
CA SER F 727 -14.59 14.57 27.46
C SER F 727 -14.00 15.95 27.07
N PHE F 728 -14.75 17.04 27.29
CA PHE F 728 -14.31 18.41 27.01
C PHE F 728 -15.14 19.48 27.74
N GLN F 729 -14.65 20.73 27.79
CA GLN F 729 -15.33 21.87 28.43
C GLN F 729 -16.57 22.37 27.65
N MET F 730 -17.46 23.10 28.35
CA MET F 730 -18.67 23.69 27.78
C MET F 730 -18.53 25.20 27.56
N THR F 731 -18.72 25.67 26.32
CA THR F 731 -18.55 27.09 25.93
C THR F 731 -19.72 27.69 25.13
N ALA F 732 -20.76 26.92 24.84
CA ALA F 732 -21.89 27.40 24.05
C ALA F 732 -22.90 28.21 24.87
N THR F 733 -23.37 29.32 24.30
CA THR F 733 -24.43 30.18 24.87
C THR F 733 -25.73 29.45 24.55
N MET F 734 -26.52 29.06 25.56
CA MET F 734 -27.74 28.27 25.33
C MET F 734 -29.06 29.00 25.39
N VAL F 735 -29.93 28.76 24.41
CA VAL F 735 -31.29 29.32 24.33
C VAL F 735 -32.29 28.20 24.08
N ALA F 736 -33.35 28.14 24.88
CA ALA F 736 -34.41 27.15 24.69
C ALA F 736 -35.68 27.88 24.26
N ALA F 737 -36.18 27.55 23.07
CA ALA F 737 -37.38 28.15 22.51
C ALA F 737 -38.58 27.22 22.64
N SER F 738 -39.67 27.72 23.22
CA SER F 738 -40.86 26.92 23.48
C SER F 738 -42.10 27.69 23.05
N ASN F 739 -43.06 26.96 22.48
CA ASN F 739 -44.40 27.52 22.33
C ASN F 739 -45.25 27.17 23.54
N TYR F 740 -45.11 25.94 24.04
CA TYR F 740 -45.95 25.40 25.11
C TYR F 740 -45.05 25.03 26.27
N ASN F 741 -45.46 25.42 27.48
CA ASN F 741 -44.55 25.45 28.62
C ASN F 741 -43.94 24.09 28.90
N PHE F 742 -42.66 24.10 29.24
CA PHE F 742 -41.99 22.90 29.74
C PHE F 742 -42.46 22.61 31.16
N ILE F 743 -42.16 21.40 31.62
CA ILE F 743 -42.48 20.97 32.98
C ILE F 743 -41.17 20.68 33.69
N ILE F 744 -40.90 21.43 34.76
CA ILE F 744 -39.69 21.24 35.55
C ILE F 744 -40.05 20.53 36.84
N ASP F 745 -39.90 19.21 36.87
CA ASP F 745 -40.29 18.35 37.98
C ASP F 745 -39.23 18.29 39.08
N THR F 746 -38.86 19.44 39.64
CA THR F 746 -37.92 19.51 40.75
C THR F 746 -38.14 20.76 41.57
N THR F 747 -37.77 20.65 42.85
CA THR F 747 -37.78 21.79 43.75
C THR F 747 -36.38 22.34 43.99
N ASP F 748 -35.33 21.66 43.49
CA ASP F 748 -33.92 22.03 43.68
C ASP F 748 -33.64 23.49 43.35
N HIS F 749 -33.29 24.27 44.38
CA HIS F 749 -32.93 25.65 44.13
C HIS F 749 -31.67 25.77 43.28
N GLY F 750 -30.81 24.75 43.26
CA GLY F 750 -29.60 24.75 42.43
C GLY F 750 -29.93 24.73 40.94
N THR F 751 -31.11 24.26 40.56
CA THR F 751 -31.55 24.25 39.16
C THR F 751 -32.22 25.56 38.84
N TRP F 752 -33.13 26.03 39.70
CA TRP F 752 -33.90 27.23 39.41
C TRP F 752 -33.00 28.47 39.34
N ARG F 753 -31.94 28.50 40.14
CA ARG F 753 -31.03 29.66 40.11
C ARG F 753 -30.28 29.77 38.80
N ARG F 754 -30.31 28.73 37.95
CA ARG F 754 -29.52 28.74 36.67
C ARG F 754 -30.45 28.87 35.44
N LEU F 755 -31.76 29.00 35.66
CA LEU F 755 -32.76 29.11 34.61
C LEU F 755 -33.35 30.52 34.59
N ARG F 756 -33.70 31.03 33.42
CA ARG F 756 -34.38 32.30 33.19
C ARG F 756 -35.52 32.08 32.22
N HIS F 757 -36.64 32.75 32.47
CA HIS F 757 -37.89 32.54 31.74
C HIS F 757 -38.39 33.85 31.15
N TYR F 758 -38.83 33.79 29.89
CA TYR F 758 -39.42 34.93 29.22
C TYR F 758 -40.52 34.46 28.28
N ARG F 759 -41.62 35.20 28.23
CA ARG F 759 -42.76 34.88 27.38
C ARG F 759 -43.02 36.04 26.42
N SER F 760 -43.10 35.74 25.12
CA SER F 760 -43.35 36.75 24.12
C SER F 760 -44.85 37.05 24.01
N LYS F 761 -45.18 38.11 23.27
CA LYS F 761 -46.56 38.55 23.13
C LYS F 761 -46.92 38.96 21.70
N VAL F 762 -46.07 38.68 20.72
CA VAL F 762 -46.27 39.18 19.36
C VAL F 762 -46.12 38.04 18.36
N LYS F 763 -46.99 38.04 17.35
CA LYS F 763 -46.89 37.14 16.22
C LYS F 763 -46.88 37.93 14.92
N PHE F 764 -46.13 37.41 13.94
CA PHE F 764 -46.10 37.95 12.58
C PHE F 764 -46.57 36.84 11.66
N CYS F 765 -47.80 36.94 11.16
CA CYS F 765 -48.40 35.82 10.45
C CYS F 765 -49.24 36.35 9.29
N HIS F 766 -49.82 35.42 8.55
CA HIS F 766 -50.65 35.74 7.39
C HIS F 766 -52.06 36.14 7.82
N ASN F 767 -52.59 37.15 7.13
CA ASN F 767 -53.91 37.72 7.37
C ASN F 767 -54.12 38.09 8.86
N PRO F 768 -53.33 39.01 9.39
CA PRO F 768 -53.55 39.46 10.77
C PRO F 768 -54.72 40.42 10.86
N ASP F 769 -55.26 40.54 12.06
CA ASP F 769 -56.31 41.53 12.29
C ASP F 769 -55.70 42.92 12.41
N PRO F 770 -56.19 43.89 11.64
CA PRO F 770 -55.65 45.26 11.74
C PRO F 770 -55.91 45.93 13.07
N ASN F 771 -56.84 45.41 13.87
CA ASN F 771 -57.25 46.06 15.11
C ASN F 771 -56.33 45.88 16.30
N ASN F 772 -55.30 45.04 16.21
CA ASN F 772 -54.38 44.84 17.30
C ASN F 772 -52.95 44.86 16.80
N SER F 773 -52.03 45.44 17.58
CA SER F 773 -50.62 45.46 17.15
C SER F 773 -49.92 44.12 17.28
N TYR F 774 -50.49 43.18 18.03
CA TYR F 774 -49.81 41.93 18.35
C TYR F 774 -49.90 40.89 17.24
N GLU F 775 -50.70 41.13 16.21
CA GLU F 775 -50.68 40.33 14.99
C GLU F 775 -50.28 41.22 13.84
N LYS F 776 -49.25 40.80 13.10
CA LYS F 776 -48.68 41.60 12.02
C LYS F 776 -48.59 40.75 10.76
N LYS F 777 -48.60 41.43 9.61
CA LYS F 777 -48.55 40.74 8.33
C LYS F 777 -47.21 40.04 8.17
N GLU F 778 -47.25 38.77 7.79
CA GLU F 778 -46.02 38.04 7.55
C GLU F 778 -45.42 38.44 6.21
N ASP F 779 -44.16 38.10 6.01
CA ASP F 779 -43.45 38.37 4.76
C ASP F 779 -42.52 37.19 4.49
N PRO F 780 -42.95 36.24 3.65
CA PRO F 780 -42.13 35.05 3.39
C PRO F 780 -40.76 35.37 2.79
N ARG F 781 -40.62 36.50 2.11
CA ARG F 781 -39.32 36.84 1.53
C ARG F 781 -38.26 37.02 2.60
N PHE F 782 -38.66 37.35 3.84
CA PHE F 782 -37.71 37.34 4.95
C PHE F 782 -36.94 36.03 5.00
N ILE F 783 -37.66 34.94 5.21
CA ILE F 783 -37.04 33.63 5.31
C ILE F 783 -36.43 33.18 3.99
N HIS F 784 -37.08 33.49 2.86
CA HIS F 784 -36.59 32.96 1.60
C HIS F 784 -35.34 33.66 1.07
N GLU F 785 -35.15 34.95 1.32
CA GLU F 785 -33.96 35.64 0.84
C GLU F 785 -33.13 36.32 1.93
N TYR F 786 -33.78 37.04 2.85
CA TYR F 786 -33.03 37.95 3.70
C TYR F 786 -32.04 37.23 4.60
N ILE F 787 -32.43 36.08 5.17
CA ILE F 787 -31.47 35.30 5.95
C ILE F 787 -30.37 34.76 5.08
N MET F 788 -30.60 34.63 3.77
CA MET F 788 -29.56 34.26 2.82
C MET F 788 -28.83 35.46 2.24
N ASP F 789 -29.32 36.68 2.51
CA ASP F 789 -28.67 37.87 1.98
C ASP F 789 -27.43 38.19 2.80
N PRO F 790 -26.25 38.27 2.18
CA PRO F 790 -25.05 38.58 2.97
C PRO F 790 -25.11 39.91 3.69
N ASN F 791 -25.75 40.92 3.09
CA ASN F 791 -25.82 42.23 3.73
C ASN F 791 -26.62 42.17 5.03
N CYS F 792 -27.75 41.47 5.04
CA CYS F 792 -28.52 41.31 6.27
C CYS F 792 -27.70 40.60 7.33
N GLN F 793 -26.98 39.53 6.93
CA GLN F 793 -26.19 38.77 7.88
C GLN F 793 -25.09 39.62 8.50
N ASN F 794 -24.37 40.38 7.68
CA ASN F 794 -23.27 41.18 8.23
C ASN F 794 -23.79 42.36 9.04
N ALA F 795 -24.96 42.90 8.67
CA ALA F 795 -25.58 43.93 9.51
C ALA F 795 -25.93 43.38 10.87
N PHE F 796 -26.51 42.17 10.92
CA PHE F 796 -26.83 41.56 12.21
C PHE F 796 -25.57 41.25 13.00
N PHE F 797 -24.49 40.85 12.31
CA PHE F 797 -23.23 40.61 13.00
C PHE F 797 -22.70 41.90 13.61
N SER F 798 -22.81 43.01 12.89
CA SER F 798 -22.40 44.31 13.44
C SER F 798 -23.24 44.67 14.65
N ILE F 799 -24.55 44.38 14.60
CA ILE F 799 -25.42 44.65 15.74
C ILE F 799 -24.98 43.83 16.94
N LEU F 800 -24.66 42.56 16.72
CA LEU F 800 -24.21 41.70 17.81
C LEU F 800 -22.90 42.21 18.41
N VAL F 801 -21.96 42.64 17.55
CA VAL F 801 -20.70 43.18 18.05
C VAL F 801 -20.93 44.44 18.87
N TYR F 802 -21.81 45.32 18.38
CA TYR F 802 -22.11 46.54 19.12
C TYR F 802 -22.72 46.23 20.48
N PHE F 803 -23.64 45.26 20.54
CA PHE F 803 -24.27 44.92 21.82
C PHE F 803 -23.26 44.29 22.77
N TRP F 804 -22.35 43.45 22.26
CA TRP F 804 -21.30 42.91 23.10
C TRP F 804 -20.42 44.01 23.66
N GLU F 805 -20.04 44.97 22.82
CA GLU F 805 -19.23 46.09 23.29
C GLU F 805 -19.96 46.90 24.35
N LYS F 806 -21.24 47.16 24.15
CA LYS F 806 -22.07 47.91 25.09
C LYS F 806 -22.16 47.16 26.43
N LEU F 807 -22.36 45.86 26.40
CA LEU F 807 -22.43 45.08 27.63
C LEU F 807 -21.10 45.10 28.37
N GLN F 808 -20.00 44.92 27.63
CA GLN F 808 -18.69 44.92 28.26
C GLN F 808 -18.36 46.26 28.88
N LYS F 809 -18.70 47.36 28.19
CA LYS F 809 -18.36 48.69 28.69
C LYS F 809 -19.32 49.17 29.78
N GLU F 810 -20.51 48.59 29.93
CA GLU F 810 -21.52 49.03 30.92
C GLU F 810 -21.57 48.15 32.18
N TYR F 811 -21.74 46.84 32.02
CA TYR F 811 -21.88 45.88 33.12
C TYR F 811 -20.72 44.88 33.24
N ASN F 812 -19.55 45.19 32.65
CA ASN F 812 -18.36 44.35 32.71
C ASN F 812 -18.60 42.95 32.16
N GLY F 813 -19.64 42.78 31.34
CA GLY F 813 -19.88 41.52 30.66
C GLY F 813 -20.62 40.47 31.45
N GLN F 814 -20.95 40.72 32.71
CA GLN F 814 -21.66 39.74 33.53
C GLN F 814 -23.15 39.88 33.30
N ILE F 815 -23.79 38.82 32.77
CA ILE F 815 -25.23 38.85 32.54
C ILE F 815 -26.00 38.63 33.84
N LYS F 816 -25.34 38.16 34.90
CA LYS F 816 -26.01 38.00 36.19
C LYS F 816 -26.49 39.34 36.74
N LYS F 817 -25.66 40.38 36.61
CA LYS F 817 -25.94 41.67 37.23
C LYS F 817 -26.75 42.59 36.33
N VAL F 818 -27.19 42.13 35.17
CA VAL F 818 -28.01 42.97 34.30
C VAL F 818 -29.40 43.09 34.91
N PHE F 819 -29.81 44.32 35.20
CA PHE F 819 -31.08 44.62 35.82
C PHE F 819 -32.22 44.50 34.81
N CYS F 820 -33.18 43.62 35.10
CA CYS F 820 -34.33 43.43 34.20
C CYS F 820 -35.50 42.92 35.03
N PRO F 821 -36.42 43.81 35.41
CA PRO F 821 -37.57 43.37 36.22
C PRO F 821 -38.44 42.33 35.52
N THR F 822 -38.59 42.45 34.19
CA THR F 822 -39.49 41.56 33.48
C THR F 822 -39.01 40.11 33.55
N ILE F 823 -37.72 39.89 33.34
CA ILE F 823 -37.18 38.53 33.38
C ILE F 823 -37.35 37.93 34.77
N GLU F 824 -37.02 38.71 35.81
CA GLU F 824 -37.14 38.20 37.18
C GLU F 824 -38.59 37.85 37.51
N SER F 825 -39.52 38.75 37.17
CA SER F 825 -40.93 38.51 37.48
C SER F 825 -41.47 37.30 36.74
N GLU F 826 -41.14 37.17 35.45
CA GLU F 826 -41.66 36.05 34.68
C GLU F 826 -41.00 34.74 35.09
N THR F 827 -39.74 34.77 35.53
CA THR F 827 -39.11 33.58 36.06
C THR F 827 -39.76 33.15 37.37
N GLU F 828 -40.07 34.11 38.24
CA GLU F 828 -40.78 33.78 39.47
C GLU F 828 -42.16 33.21 39.18
N ALA F 829 -42.86 33.78 38.18
CA ALA F 829 -44.20 33.30 37.85
C ALA F 829 -44.17 31.93 37.19
N TYR F 830 -43.11 31.62 36.43
CA TYR F 830 -43.04 30.33 35.76
C TYR F 830 -42.77 29.21 36.76
N ARG F 831 -41.86 29.44 37.72
CA ARG F 831 -41.65 28.48 38.79
C ARG F 831 -42.91 28.30 39.62
N LYS F 832 -43.75 29.34 39.69
CA LYS F 832 -45.02 29.23 40.40
C LYS F 832 -45.93 28.18 39.78
N SER F 833 -45.80 27.95 38.48
CA SER F 833 -46.61 26.94 37.80
C SER F 833 -45.93 25.58 37.72
N GLN F 834 -44.71 25.45 38.23
CA GLN F 834 -43.97 24.20 38.14
C GLN F 834 -43.62 23.61 39.49
N ASP F 835 -43.09 24.41 40.41
CA ASP F 835 -42.61 23.91 41.70
C ASP F 835 -43.76 24.00 42.70
N THR F 836 -44.31 22.84 43.07
CA THR F 836 -45.43 22.82 44.01
C THR F 836 -45.01 23.27 45.40
N LEU F 837 -43.83 22.89 45.87
CA LEU F 837 -43.38 23.35 47.18
C LEU F 837 -43.13 24.85 47.17
N HIS F 838 -42.66 25.39 46.04
CA HIS F 838 -42.58 26.83 45.90
C HIS F 838 -43.97 27.46 45.94
N ARG F 839 -44.98 26.78 45.39
CA ARG F 839 -46.35 27.26 45.51
C ARG F 839 -46.77 27.34 46.97
N PHE F 840 -46.45 26.30 47.74
CA PHE F 840 -46.79 26.31 49.16
C PHE F 840 -46.07 27.43 49.90
N ILE F 841 -44.77 27.60 49.62
CA ILE F 841 -43.97 28.62 50.28
C ILE F 841 -44.42 30.03 49.90
N THR F 842 -44.97 30.21 48.70
CA THR F 842 -45.43 31.52 48.27
C THR F 842 -46.88 31.82 48.63
N GLU F 843 -47.70 30.80 48.86
CA GLU F 843 -49.10 31.00 49.20
C GLU F 843 -49.37 30.93 50.70
N ARG F 844 -49.02 29.82 51.35
CA ARG F 844 -49.36 29.65 52.76
C ARG F 844 -48.11 29.63 53.65
N VAL F 845 -47.01 30.19 53.18
CA VAL F 845 -45.83 30.47 53.98
C VAL F 845 -45.38 31.89 53.67
N VAL F 846 -44.90 32.60 54.68
CA VAL F 846 -44.40 33.96 54.52
C VAL F 846 -43.11 34.11 55.31
N GLU F 847 -42.14 34.82 54.73
CA GLU F 847 -40.95 35.20 55.47
C GLU F 847 -41.32 36.28 56.48
N SER F 848 -41.42 35.89 57.76
CA SER F 848 -41.92 36.77 58.81
C SER F 848 -40.90 36.83 59.94
N PRO F 849 -39.89 37.70 59.80
CA PRO F 849 -38.95 37.89 60.93
C PRO F 849 -39.61 38.41 62.19
N SER F 850 -40.75 39.11 62.07
CA SER F 850 -41.44 39.61 63.25
C SER F 850 -41.97 38.47 64.12
N ALA F 851 -42.35 37.35 63.51
CA ALA F 851 -42.83 36.17 64.24
C ALA F 851 -42.13 34.96 63.65
N GLU F 852 -41.02 34.56 64.29
CA GLU F 852 -40.22 33.45 63.77
C GLU F 852 -41.01 32.16 63.75
N THR F 853 -41.60 31.79 64.89
CA THR F 853 -42.34 30.54 65.05
C THR F 853 -41.53 29.36 64.53
N VAL F 854 -40.39 29.11 65.18
CA VAL F 854 -39.45 28.08 64.74
C VAL F 854 -40.13 26.72 64.74
N TYR F 855 -40.25 26.13 63.56
CA TYR F 855 -40.86 24.82 63.40
C TYR F 855 -39.80 23.75 63.24
N ASN F 856 -40.11 22.55 63.72
CA ASN F 856 -39.29 21.39 63.39
C ASN F 856 -39.55 20.97 61.95
N LEU F 857 -38.64 20.18 61.41
CA LEU F 857 -38.74 19.78 60.00
C LEU F 857 -40.01 18.98 59.75
N SER F 858 -40.33 18.03 60.64
CA SER F 858 -41.48 17.15 60.43
C SER F 858 -42.79 17.93 60.42
N GLU F 859 -42.89 18.99 61.22
CA GLU F 859 -44.11 19.79 61.24
C GLU F 859 -44.38 20.41 59.87
N VAL F 860 -43.35 21.01 59.27
CA VAL F 860 -43.52 21.62 57.96
C VAL F 860 -43.72 20.55 56.89
N VAL F 861 -43.10 19.38 57.07
CA VAL F 861 -43.35 18.26 56.16
C VAL F 861 -44.82 17.90 56.16
N THR F 862 -45.41 17.75 57.35
CA THR F 862 -46.83 17.42 57.44
C THR F 862 -47.70 18.54 56.87
N ALA F 863 -47.33 19.79 57.14
CA ALA F 863 -48.10 20.92 56.63
C ALA F 863 -48.10 20.94 55.11
N TYR F 864 -46.94 20.70 54.49
CA TYR F 864 -46.87 20.66 53.03
C TYR F 864 -47.60 19.45 52.47
N ALA F 865 -47.56 18.32 53.18
CA ALA F 865 -48.31 17.14 52.73
C ALA F 865 -49.80 17.46 52.69
N GLU F 866 -50.32 18.07 53.75
CA GLU F 866 -51.73 18.46 53.77
C GLU F 866 -52.04 19.50 52.71
N TRP F 867 -51.10 20.43 52.48
CA TRP F 867 -51.30 21.44 51.44
C TRP F 867 -51.43 20.79 50.07
N TYR F 868 -50.54 19.84 49.76
CA TYR F 868 -50.58 19.19 48.46
C TYR F 868 -51.86 18.37 48.30
N ASN F 869 -52.26 17.67 49.37
CA ASN F 869 -53.47 16.87 49.29
C ASN F 869 -54.72 17.74 49.10
N ALA F 870 -54.79 18.87 49.82
CA ALA F 870 -55.98 19.70 49.77
C ALA F 870 -56.05 20.53 48.49
N ASN F 871 -54.92 21.03 47.99
CA ASN F 871 -54.93 22.01 46.92
C ASN F 871 -54.63 21.42 45.55
N ILE F 872 -53.64 20.53 45.44
CA ILE F 872 -53.15 20.06 44.15
C ILE F 872 -53.78 18.72 43.75
N ASN F 873 -53.53 17.67 44.52
CA ASN F 873 -54.00 16.34 44.18
C ASN F 873 -53.89 15.44 45.41
N VAL F 874 -54.73 14.40 45.43
CA VAL F 874 -54.70 13.43 46.52
C VAL F 874 -53.50 12.51 46.32
N LYS F 875 -52.60 12.48 47.31
CA LYS F 875 -51.39 11.69 47.21
C LYS F 875 -50.82 11.47 48.60
N ARG F 876 -50.22 10.30 48.81
CA ARG F 876 -49.50 10.02 50.05
C ARG F 876 -48.05 10.45 49.90
N HIS F 877 -47.50 11.07 50.95
CA HIS F 877 -46.18 11.67 50.92
C HIS F 877 -45.20 10.86 51.77
N ILE F 878 -44.03 10.61 51.21
CA ILE F 878 -42.92 10.07 52.00
C ILE F 878 -42.28 11.21 52.78
N ALA F 879 -42.14 11.02 54.09
CA ALA F 879 -41.60 12.07 54.94
C ALA F 879 -40.17 12.40 54.56
N LEU F 880 -39.36 11.37 54.26
CA LEU F 880 -37.97 11.60 53.88
C LEU F 880 -37.88 12.40 52.58
N GLU F 881 -38.71 12.05 51.58
CA GLU F 881 -38.68 12.76 50.31
C GLU F 881 -39.08 14.22 50.49
N LEU F 882 -40.12 14.47 51.30
CA LEU F 882 -40.53 15.84 51.55
C LEU F 882 -39.46 16.62 52.31
N SER F 883 -38.78 15.97 53.26
CA SER F 883 -37.68 16.62 53.95
C SER F 883 -36.57 16.98 52.97
N GLN F 884 -36.24 16.06 52.06
CA GLN F 884 -35.23 16.33 51.04
C GLN F 884 -35.62 17.50 50.15
N GLU F 885 -36.87 17.56 49.71
CA GLU F 885 -37.31 18.65 48.84
C GLU F 885 -37.45 19.97 49.58
N LEU F 886 -37.79 19.94 50.87
CA LEU F 886 -37.72 21.15 51.69
C LEU F 886 -36.27 21.64 51.80
N GLU F 887 -35.33 20.71 51.93
CA GLU F 887 -33.92 21.05 51.93
C GLU F 887 -33.41 21.42 50.53
N ASN F 888 -34.24 21.19 49.50
CA ASN F 888 -33.91 21.63 48.15
C ASN F 888 -34.33 23.07 47.87
N SER F 889 -35.45 23.51 48.44
CA SER F 889 -36.01 24.82 48.13
C SER F 889 -35.23 25.93 48.85
N VAL F 890 -35.79 27.13 48.81
CA VAL F 890 -35.17 28.28 49.47
C VAL F 890 -35.10 28.09 50.99
N LEU F 891 -35.87 27.14 51.53
CA LEU F 891 -35.77 26.82 52.94
C LEU F 891 -34.43 26.18 53.29
N GLU F 892 -33.65 25.78 52.28
CA GLU F 892 -32.35 25.15 52.52
C GLU F 892 -31.44 26.01 53.39
N LYS F 893 -31.51 27.33 53.24
CA LYS F 893 -30.70 28.22 54.05
C LYS F 893 -31.40 28.65 55.33
N TYR F 894 -32.71 28.88 55.27
CA TYR F 894 -33.46 29.27 56.47
C TYR F 894 -33.57 28.13 57.48
N LEU F 895 -33.39 26.89 57.04
CA LEU F 895 -33.35 25.75 57.95
C LEU F 895 -31.98 25.67 58.63
N GLN F 896 -31.80 26.42 59.71
CA GLN F 896 -30.50 26.53 60.34
C GLN F 896 -30.15 25.29 61.15
N TRP F 897 -28.90 25.23 61.58
CA TRP F 897 -28.39 24.12 62.40
C TRP F 897 -28.49 24.50 63.87
N SER F 898 -29.27 23.72 64.63
CA SER F 898 -29.33 23.90 66.06
C SER F 898 -28.08 23.33 66.72
N PRO F 899 -27.77 23.74 67.96
CA PRO F 899 -26.64 23.13 68.65
C PRO F 899 -26.75 21.63 68.82
N ASN F 900 -27.96 21.08 68.89
CA ASN F 900 -28.16 19.64 68.94
C ASN F 900 -28.01 18.98 67.58
N LYS F 901 -27.50 19.70 66.57
CA LYS F 901 -27.38 19.20 65.21
C LYS F 901 -28.72 18.72 64.67
N THR F 902 -29.77 19.50 64.97
CA THR F 902 -31.11 19.24 64.49
C THR F 902 -31.55 20.36 63.57
N ARG F 903 -32.23 20.00 62.49
CA ARG F 903 -32.63 20.96 61.47
C ARG F 903 -33.83 21.75 61.98
N ILE F 904 -33.67 23.06 62.14
CA ILE F 904 -34.70 23.93 62.68
C ILE F 904 -34.98 25.04 61.67
N LEU F 905 -36.25 25.30 61.41
CA LEU F 905 -36.69 26.27 60.41
C LEU F 905 -36.85 27.64 61.08
N LYS F 906 -36.08 28.61 60.61
CA LYS F 906 -36.14 29.96 61.17
C LYS F 906 -36.80 30.93 60.19
N GLY F 907 -37.63 31.82 60.73
CA GLY F 907 -38.15 32.95 59.98
C GLY F 907 -39.46 32.73 59.25
N CYS F 908 -39.60 31.59 58.58
CA CYS F 908 -40.77 31.34 57.75
C CYS F 908 -41.95 30.93 58.61
N ARG F 909 -43.09 31.61 58.43
CA ARG F 909 -44.30 31.35 59.20
C ARG F 909 -45.37 30.79 58.28
N ILE F 910 -45.98 29.68 58.71
CA ILE F 910 -46.96 28.99 57.88
C ILE F 910 -48.33 29.63 58.07
N LEU F 911 -49.22 29.41 57.10
CA LEU F 911 -50.55 30.00 57.09
C LEU F 911 -51.62 28.92 56.96
N HIS F 912 -51.54 27.93 57.85
CA HIS F 912 -52.36 26.71 57.77
C HIS F 912 -53.82 27.00 57.43
N LYS F 913 -54.39 26.14 56.59
CA LYS F 913 -55.81 26.11 56.25
C LYS F 913 -56.25 27.44 55.64
N PHE F 914 -55.68 27.73 54.47
CA PHE F 914 -56.14 28.83 53.60
C PHE F 914 -56.13 30.18 54.29
N GLU F 915 -55.16 30.42 55.18
CA GLU F 915 -55.03 31.73 55.79
C GLU F 915 -54.39 32.70 54.81
N THR F 916 -54.73 33.98 54.99
CA THR F 916 -54.20 35.03 54.13
C THR F 916 -52.78 35.40 54.56
N LEU F 917 -52.07 36.11 53.68
CA LEU F 917 -50.76 36.61 54.04
C LEU F 917 -50.88 37.66 55.14
N GLN F 918 -49.81 37.78 55.93
CA GLN F 918 -49.78 38.73 57.03
C GLN F 918 -48.50 39.55 56.95
N PRO F 919 -48.55 40.82 57.35
CA PRO F 919 -47.35 41.66 57.28
C PRO F 919 -46.27 41.23 58.26
N GLY F 920 -45.11 41.88 58.19
CA GLY F 920 -44.00 41.55 59.06
C GLY F 920 -42.82 40.95 58.31
N CYS F 938 -39.46 51.89 31.31
CA CYS F 938 -38.82 53.09 30.78
C CYS F 938 -39.15 53.35 29.30
N GLU F 939 -39.22 54.62 28.91
CA GLU F 939 -39.65 55.02 27.58
C GLU F 939 -38.45 55.23 26.66
N PRO F 940 -38.54 54.78 25.41
CA PRO F 940 -37.45 54.97 24.44
C PRO F 940 -37.47 56.37 23.80
N LYS F 941 -37.27 57.42 24.61
CA LYS F 941 -37.25 58.81 24.12
C LYS F 941 -36.09 59.06 23.13
N ASN F 942 -34.94 58.47 23.43
CA ASN F 942 -33.73 58.48 22.60
C ASN F 942 -33.73 57.21 21.71
N LYS F 943 -32.63 56.92 21.04
CA LYS F 943 -32.44 55.63 20.38
C LYS F 943 -32.37 54.54 21.44
N TRP F 944 -33.24 53.55 21.35
CA TRP F 944 -33.40 52.57 22.42
C TRP F 944 -32.14 51.75 22.71
N TRP F 945 -31.20 51.62 21.76
CA TRP F 945 -29.97 50.89 22.04
C TRP F 945 -29.05 51.66 23.01
N GLU F 946 -29.31 52.93 23.29
CA GLU F 946 -28.56 53.73 24.27
C GLU F 946 -29.12 53.51 25.68
N TRP F 947 -28.35 53.82 26.74
CA TRP F 947 -28.84 53.64 28.12
C TRP F 947 -28.20 54.59 29.15
N SER F 948 -28.92 54.85 30.24
CA SER F 948 -28.50 55.70 31.36
C SER F 948 -27.86 54.86 32.49
N PRO F 949 -26.99 55.41 33.36
CA PRO F 949 -26.40 54.64 34.45
C PRO F 949 -27.44 54.31 35.54
N ASN F 950 -28.04 53.12 35.45
CA ASN F 950 -29.05 52.59 36.38
C ASN F 950 -30.24 53.54 36.66
N PRO F 951 -31.03 53.95 35.64
CA PRO F 951 -32.16 54.87 35.80
C PRO F 951 -33.25 54.31 36.74
#